data_6R0J
#
_entry.id   6R0J
#
_entity_poly.entity_id   1
_entity_poly.type   'polypeptide(L)'
_entity_poly.pdbx_seq_one_letter_code
;MFLLEYTYWKIAAHLVNSGYGVIQAGESDEIWLEAPDKSSHDLVRLYKHDLDFRQEMVRDIEEQAERVERVRHQLGRRRM
KLLNVFFSTEAPVDDWEEIAKKTFEKGTVSVEPAIVRGTMLRDDLQAVFPSFRTEDCSEEHASFENAQMARERFLSLVLK
QEEQRKTEAAVFQNGKLERENLYFQ
;
_entity_poly.pdbx_strand_id   A
#
# COMPACT_ATOMS: atom_id res chain seq x y z
N MET A 1 5.30 4.36 -17.47
CA MET A 1 4.18 5.33 -17.67
C MET A 1 2.85 4.61 -17.68
N PHE A 2 2.28 4.38 -16.50
CA PHE A 2 1.02 3.64 -16.41
C PHE A 2 0.05 4.35 -15.48
N LEU A 3 -1.25 4.09 -15.64
CA LEU A 3 -2.26 4.72 -14.81
C LEU A 3 -2.09 4.28 -13.34
N LEU A 4 -1.86 2.99 -13.14
CA LEU A 4 -1.65 2.47 -11.79
C LEU A 4 -0.35 2.99 -11.19
N GLU A 5 0.65 3.18 -12.03
CA GLU A 5 1.94 3.70 -11.59
C GLU A 5 1.79 5.11 -10.99
N TYR A 6 0.84 5.88 -11.52
CA TYR A 6 0.56 7.22 -10.96
C TYR A 6 0.06 7.02 -9.55
N THR A 7 -0.94 6.16 -9.39
CA THR A 7 -1.55 5.87 -8.10
C THR A 7 -0.52 5.32 -7.10
N TYR A 8 0.33 4.43 -7.57
CA TYR A 8 1.39 3.82 -6.76
C TYR A 8 2.26 4.89 -6.08
N TRP A 9 2.72 5.88 -6.84
CA TRP A 9 3.53 6.95 -6.24
C TRP A 9 2.69 7.87 -5.35
N LYS A 10 1.43 8.07 -5.71
CA LYS A 10 0.55 8.94 -4.92
C LYS A 10 0.23 8.33 -3.56
N ILE A 11 0.10 7.00 -3.51
CA ILE A 11 -0.15 6.33 -2.24
C ILE A 11 1.10 6.39 -1.38
N ALA A 12 2.26 6.19 -1.98
CA ALA A 12 3.52 6.25 -1.24
C ALA A 12 3.63 7.62 -0.57
N ALA A 13 3.22 8.64 -1.32
CA ALA A 13 3.23 10.00 -0.82
C ALA A 13 2.29 10.17 0.37
N HIS A 14 1.05 9.70 0.24
CA HIS A 14 0.10 9.90 1.32
C HIS A 14 0.51 9.14 2.57
N LEU A 15 1.06 7.94 2.42
CA LEU A 15 1.46 7.15 3.57
C LEU A 15 2.64 7.76 4.31
N VAL A 16 3.68 8.12 3.59
CA VAL A 16 4.85 8.69 4.27
C VAL A 16 4.47 10.03 4.92
N ASN A 17 3.52 10.74 4.32
CA ASN A 17 3.04 12.02 4.85
C ASN A 17 2.07 11.81 6.02
N SER A 18 1.68 10.56 6.25
CA SER A 18 0.81 10.19 7.37
C SER A 18 1.68 9.59 8.48
N GLY A 19 2.99 9.70 8.32
CA GLY A 19 3.92 9.24 9.34
C GLY A 19 4.50 7.85 9.17
N TYR A 20 4.14 7.15 8.09
CA TYR A 20 4.70 5.83 7.85
C TYR A 20 6.18 6.00 7.52
N GLY A 21 7.03 5.22 8.15
CA GLY A 21 8.46 5.34 7.91
C GLY A 21 8.84 4.59 6.65
N VAL A 22 9.59 5.20 5.76
CA VAL A 22 10.00 4.51 4.54
C VAL A 22 11.16 3.56 4.86
N ILE A 23 10.84 2.27 4.88
CA ILE A 23 11.82 1.22 5.15
C ILE A 23 12.70 1.10 3.92
N GLN A 24 12.06 1.15 2.77
CA GLN A 24 12.73 1.00 1.49
C GLN A 24 11.95 1.83 0.50
N ALA A 25 12.59 2.86 -0.06
CA ALA A 25 11.96 3.72 -1.04
C ALA A 25 12.93 4.11 -2.14
N GLY A 26 12.62 3.68 -3.35
CA GLY A 26 13.43 4.06 -4.50
C GLY A 26 13.10 3.26 -5.74
N GLU A 27 12.71 2.02 -5.51
CA GLU A 27 12.32 1.11 -6.57
C GLU A 27 11.05 1.64 -7.23
N SER A 28 10.84 1.29 -8.49
CA SER A 28 9.69 1.80 -9.24
C SER A 28 8.51 0.85 -9.20
N ASP A 29 8.71 -0.26 -8.50
CA ASP A 29 7.71 -1.31 -8.37
C ASP A 29 7.38 -1.70 -6.92
N GLU A 30 8.32 -1.54 -5.99
CA GLU A 30 8.11 -1.95 -4.60
C GLU A 30 8.49 -0.86 -3.58
N ILE A 31 7.63 -0.57 -2.62
CA ILE A 31 7.95 0.39 -1.54
C ILE A 31 7.47 -0.21 -0.23
N TRP A 32 8.32 -0.18 0.79
CA TRP A 32 7.97 -0.70 2.12
C TRP A 32 7.78 0.46 3.09
N LEU A 33 6.65 0.45 3.79
CA LEU A 33 6.27 1.49 4.74
C LEU A 33 6.05 0.87 6.12
N GLU A 34 6.73 1.40 7.13
CA GLU A 34 6.58 0.93 8.51
C GLU A 34 5.26 1.49 9.04
N ALA A 35 4.45 0.66 9.67
CA ALA A 35 3.19 1.10 10.23
C ALA A 35 3.51 1.94 11.49
N PRO A 36 3.16 3.24 11.50
CA PRO A 36 3.56 4.04 12.66
C PRO A 36 2.79 3.73 13.93
N ASP A 37 1.59 3.19 13.75
CA ASP A 37 0.72 2.82 14.85
C ASP A 37 1.32 1.65 15.62
N LYS A 38 2.12 0.85 14.93
CA LYS A 38 2.74 -0.36 15.46
C LYS A 38 1.64 -1.26 16.03
N SER A 39 0.57 -1.23 15.24
CA SER A 39 -0.64 -2.01 15.41
C SER A 39 -0.34 -3.45 15.03
N SER A 40 -1.35 -4.30 15.04
CA SER A 40 -1.22 -5.70 14.61
C SER A 40 -0.48 -5.83 13.27
N HIS A 41 -0.60 -4.85 12.39
CA HIS A 41 0.19 -4.80 11.16
C HIS A 41 1.48 -4.04 11.47
N ASP A 42 2.61 -4.62 11.09
CA ASP A 42 3.90 -4.00 11.32
C ASP A 42 4.32 -3.11 10.16
N LEU A 43 3.99 -3.54 8.94
CA LEU A 43 4.41 -2.82 7.73
C LEU A 43 3.41 -3.00 6.60
N VAL A 44 3.56 -2.17 5.58
CA VAL A 44 2.74 -2.21 4.37
C VAL A 44 3.69 -2.27 3.17
N ARG A 45 3.40 -3.13 2.20
CA ARG A 45 4.19 -3.20 0.95
C ARG A 45 3.30 -2.77 -0.19
N LEU A 46 3.77 -1.80 -0.95
CA LEU A 46 3.09 -1.36 -2.17
C LEU A 46 3.79 -2.14 -3.25
N TYR A 47 3.04 -2.80 -4.12
CA TYR A 47 3.66 -3.57 -5.19
C TYR A 47 2.95 -3.37 -6.52
N LYS A 48 3.65 -2.75 -7.46
CA LYS A 48 3.11 -2.47 -8.79
C LYS A 48 3.36 -3.65 -9.72
N HIS A 49 2.36 -4.50 -9.86
CA HIS A 49 2.49 -5.69 -10.70
C HIS A 49 1.12 -6.07 -11.24
N ASP A 50 1.06 -6.47 -12.50
CA ASP A 50 -0.19 -6.90 -13.12
C ASP A 50 -0.26 -8.42 -12.96
N LEU A 51 -1.43 -8.94 -12.62
CA LEU A 51 -1.58 -10.37 -12.33
C LEU A 51 -2.61 -11.00 -13.25
N ASP A 52 -2.19 -11.98 -14.03
CA ASP A 52 -3.09 -12.68 -14.97
C ASP A 52 -3.94 -13.74 -14.24
N PHE A 53 -3.29 -14.57 -13.44
CA PHE A 53 -3.98 -15.65 -12.73
C PHE A 53 -3.85 -15.53 -11.23
N ARG A 54 -4.80 -16.13 -10.51
CA ARG A 54 -4.73 -16.20 -9.05
C ARG A 54 -3.52 -17.03 -8.62
N GLN A 55 -2.95 -17.78 -9.55
CA GLN A 55 -1.78 -18.60 -9.28
C GLN A 55 -0.61 -17.72 -8.96
N GLU A 56 -0.40 -16.68 -9.75
CA GLU A 56 0.72 -15.78 -9.56
C GLU A 56 0.45 -14.93 -8.33
N MET A 57 -0.82 -14.58 -8.14
CA MET A 57 -1.25 -13.81 -7.00
C MET A 57 -0.89 -14.50 -5.67
N VAL A 58 -1.18 -15.79 -5.52
CA VAL A 58 -0.81 -16.50 -4.28
C VAL A 58 0.69 -16.72 -4.21
N ARG A 59 1.29 -16.90 -5.36
CA ARG A 59 2.74 -17.19 -5.43
C ARG A 59 3.56 -16.04 -4.91
N ASP A 60 3.11 -14.83 -5.17
CA ASP A 60 3.79 -13.65 -4.70
C ASP A 60 3.85 -13.65 -3.18
N ILE A 61 2.75 -14.05 -2.54
CA ILE A 61 2.68 -14.05 -1.08
C ILE A 61 3.63 -15.07 -0.47
N GLU A 62 3.88 -16.17 -1.19
CA GLU A 62 4.81 -17.18 -0.70
C GLU A 62 6.19 -16.55 -0.54
N GLU A 63 6.55 -15.70 -1.48
CA GLU A 63 7.85 -15.02 -1.44
C GLU A 63 7.83 -13.90 -0.40
N GLN A 64 6.72 -13.15 -0.38
CA GLN A 64 6.58 -12.05 0.57
C GLN A 64 6.77 -12.54 1.98
N ALA A 65 6.18 -13.69 2.30
CA ALA A 65 6.31 -14.23 3.65
C ALA A 65 7.75 -14.58 4.02
N GLU A 66 8.52 -15.09 3.07
CA GLU A 66 9.92 -15.43 3.35
C GLU A 66 10.74 -14.15 3.48
N ARG A 67 10.40 -13.13 2.72
CA ARG A 67 11.03 -11.81 2.85
C ARG A 67 10.71 -11.27 4.25
N VAL A 68 9.48 -11.45 4.68
CA VAL A 68 9.00 -11.00 5.99
C VAL A 68 9.67 -11.79 7.13
N GLU A 69 10.01 -13.06 6.95
CA GLU A 69 10.69 -13.82 8.00
C GLU A 69 12.00 -13.14 8.39
N ARG A 70 12.67 -12.50 7.43
CA ARG A 70 13.90 -11.77 7.72
C ARG A 70 13.60 -10.54 8.57
N VAL A 71 12.50 -9.86 8.26
CA VAL A 71 12.09 -8.66 8.98
C VAL A 71 11.64 -9.05 10.40
N ARG A 72 10.99 -10.19 10.53
CA ARG A 72 10.54 -10.69 11.83
C ARG A 72 11.71 -10.80 12.80
N HIS A 73 12.86 -11.23 12.29
CA HIS A 73 14.03 -11.40 13.15
C HIS A 73 14.43 -10.07 13.80
N GLN A 74 14.56 -9.02 13.02
CA GLN A 74 14.93 -7.71 13.57
C GLN A 74 13.79 -7.03 14.35
N LEU A 75 12.54 -7.41 14.08
CA LEU A 75 11.39 -6.82 14.78
C LEU A 75 11.15 -7.49 16.13
N GLY A 76 11.70 -8.68 16.32
CA GLY A 76 11.57 -9.40 17.58
C GLY A 76 10.16 -9.88 17.94
N ARG A 77 9.19 -9.63 17.07
CA ARG A 77 7.80 -10.01 17.38
C ARG A 77 7.55 -11.51 17.24
N ARG A 78 6.57 -11.98 18.01
CA ARG A 78 6.15 -13.39 18.00
C ARG A 78 5.47 -13.79 16.69
N ARG A 79 4.94 -12.80 15.99
CA ARG A 79 4.30 -12.99 14.69
C ARG A 79 4.59 -11.71 13.94
N MET A 80 4.66 -11.75 12.62
CA MET A 80 4.91 -10.53 11.83
C MET A 80 3.70 -10.38 10.92
N LYS A 81 3.15 -9.19 10.77
CA LYS A 81 2.05 -9.01 9.82
C LYS A 81 2.26 -7.91 8.80
N LEU A 82 2.14 -8.29 7.53
CA LEU A 82 2.33 -7.39 6.40
C LEU A 82 1.02 -7.17 5.65
N LEU A 83 0.70 -5.93 5.32
CA LEU A 83 -0.40 -5.63 4.42
C LEU A 83 0.25 -5.50 3.05
N ASN A 84 -0.15 -6.33 2.08
CA ASN A 84 0.47 -6.27 0.75
C ASN A 84 -0.56 -5.83 -0.28
N VAL A 85 -0.34 -4.67 -0.86
CA VAL A 85 -1.29 -4.11 -1.83
C VAL A 85 -0.75 -4.15 -3.25
N PHE A 86 -1.35 -4.99 -4.07
CA PHE A 86 -1.00 -5.06 -5.49
C PHE A 86 -1.65 -3.88 -6.19
N PHE A 87 -0.94 -3.30 -7.15
CA PHE A 87 -1.47 -2.23 -7.98
C PHE A 87 -1.48 -2.80 -9.39
N SER A 88 -2.66 -3.18 -9.87
CA SER A 88 -2.80 -3.85 -11.16
C SER A 88 -3.84 -3.15 -12.03
N THR A 89 -3.69 -3.22 -13.35
CA THR A 89 -4.64 -2.56 -14.24
C THR A 89 -5.99 -3.29 -14.22
N GLU A 90 -5.94 -4.60 -13.96
CA GLU A 90 -7.14 -5.42 -13.93
C GLU A 90 -6.84 -6.51 -12.90
N ALA A 91 -7.89 -7.19 -12.46
CA ALA A 91 -7.76 -8.25 -11.49
C ALA A 91 -7.50 -9.57 -12.25
N PRO A 92 -6.90 -10.58 -11.59
CA PRO A 92 -6.75 -11.85 -12.31
C PRO A 92 -8.07 -12.40 -12.82
N VAL A 93 -8.02 -13.07 -13.96
CA VAL A 93 -9.22 -13.53 -14.65
C VAL A 93 -10.08 -14.59 -13.95
N ASP A 94 -9.55 -15.22 -12.91
CA ASP A 94 -10.31 -16.27 -12.21
C ASP A 94 -9.93 -16.42 -10.74
N ASP A 95 -10.92 -16.78 -9.92
CA ASP A 95 -10.82 -17.07 -8.48
C ASP A 95 -10.06 -16.10 -7.55
N TRP A 96 -9.60 -14.96 -8.04
CA TRP A 96 -8.80 -14.05 -7.24
C TRP A 96 -9.52 -13.58 -5.98
N GLU A 97 -10.85 -13.58 -6.00
CA GLU A 97 -11.63 -13.10 -4.86
C GLU A 97 -11.40 -13.95 -3.62
N GLU A 98 -11.14 -15.25 -3.79
CA GLU A 98 -10.87 -16.11 -2.63
C GLU A 98 -9.61 -15.63 -1.95
N ILE A 99 -8.69 -15.13 -2.75
CA ILE A 99 -7.38 -14.77 -2.27
C ILE A 99 -7.47 -13.55 -1.35
N ALA A 100 -8.27 -12.58 -1.72
CA ALA A 100 -8.44 -11.38 -0.88
C ALA A 100 -9.26 -11.68 0.37
N LYS A 101 -9.89 -12.85 0.41
CA LYS A 101 -10.73 -13.25 1.54
C LYS A 101 -9.97 -14.17 2.49
N LYS A 102 -8.71 -14.47 2.18
CA LYS A 102 -7.92 -15.38 3.02
C LYS A 102 -6.66 -14.73 3.54
N THR A 103 -6.37 -14.95 4.81
CA THR A 103 -5.12 -14.47 5.39
C THR A 103 -4.09 -15.52 5.03
N PHE A 104 -3.00 -15.09 4.44
CA PHE A 104 -1.93 -16.00 4.13
C PHE A 104 -1.06 -16.09 5.37
N GLU A 105 -0.94 -17.28 5.93
CA GLU A 105 -0.09 -17.46 7.12
C GLU A 105 0.93 -18.53 6.80
N LYS A 106 2.17 -18.21 7.12
CA LYS A 106 3.30 -19.10 6.85
C LYS A 106 4.24 -19.05 8.04
N GLY A 107 4.21 -20.09 8.86
CA GLY A 107 5.04 -20.12 10.05
C GLY A 107 4.50 -19.12 11.05
N THR A 108 5.26 -18.07 11.30
CA THR A 108 4.84 -17.00 12.21
C THR A 108 4.51 -15.72 11.44
N VAL A 109 4.47 -15.82 10.13
CA VAL A 109 4.14 -14.67 9.30
C VAL A 109 2.67 -14.71 8.97
N SER A 110 2.05 -13.54 8.97
CA SER A 110 0.66 -13.38 8.57
C SER A 110 0.69 -12.28 7.50
N VAL A 111 -0.03 -12.46 6.41
CA VAL A 111 -0.07 -11.45 5.35
C VAL A 111 -1.49 -11.25 4.92
N GLU A 112 -1.81 -9.99 4.80
CA GLU A 112 -3.11 -9.57 4.39
C GLU A 112 -3.03 -9.13 2.92
N PRO A 113 -3.48 -9.99 1.99
CA PRO A 113 -3.40 -9.57 0.59
C PRO A 113 -4.50 -8.58 0.22
N ALA A 114 -4.17 -7.64 -0.65
CA ALA A 114 -5.13 -6.67 -1.15
C ALA A 114 -4.68 -6.36 -2.56
N ILE A 115 -5.60 -5.94 -3.41
CA ILE A 115 -5.29 -5.62 -4.79
C ILE A 115 -6.21 -4.49 -5.19
N VAL A 116 -5.65 -3.43 -5.74
CA VAL A 116 -6.47 -2.33 -6.25
C VAL A 116 -6.36 -2.46 -7.77
N ARG A 117 -7.50 -2.62 -8.42
CA ARG A 117 -7.53 -2.84 -9.86
C ARG A 117 -8.06 -1.60 -10.55
N GLY A 118 -7.45 -1.28 -11.69
CA GLY A 118 -7.79 -0.08 -12.44
C GLY A 118 -9.26 0.03 -12.79
N THR A 119 -9.88 -1.11 -13.01
CA THR A 119 -11.30 -1.20 -13.40
C THR A 119 -12.28 -0.47 -12.50
N MET A 120 -11.97 -0.37 -11.22
CA MET A 120 -12.85 0.29 -10.26
C MET A 120 -12.03 1.10 -9.28
N LEU A 121 -10.87 1.53 -9.74
CA LEU A 121 -9.84 2.11 -8.89
C LEU A 121 -10.26 3.19 -7.91
N ARG A 122 -11.13 4.12 -8.28
CA ARG A 122 -11.48 5.19 -7.34
C ARG A 122 -12.09 4.64 -6.05
N ASP A 123 -12.98 3.67 -6.17
CA ASP A 123 -13.62 3.08 -4.99
C ASP A 123 -12.69 2.10 -4.30
N ASP A 124 -11.98 1.34 -5.12
CA ASP A 124 -11.08 0.30 -4.64
C ASP A 124 -9.96 0.87 -3.79
N LEU A 125 -9.43 2.00 -4.23
CA LEU A 125 -8.31 2.63 -3.55
C LEU A 125 -8.69 3.14 -2.18
N GLN A 126 -9.86 3.76 -2.05
CA GLN A 126 -10.28 4.30 -0.75
C GLN A 126 -10.76 3.18 0.17
N ALA A 127 -11.03 2.01 -0.39
CA ALA A 127 -11.44 0.86 0.40
C ALA A 127 -10.24 0.32 1.17
N VAL A 128 -9.06 0.39 0.54
CA VAL A 128 -7.82 -0.08 1.17
C VAL A 128 -7.16 1.07 1.93
N PHE A 129 -7.13 2.24 1.32
CA PHE A 129 -6.53 3.43 1.90
C PHE A 129 -7.58 4.55 2.04
N PRO A 130 -8.43 4.50 3.07
CA PRO A 130 -9.41 5.59 3.22
C PRO A 130 -8.74 6.91 3.63
N SER A 131 -7.47 6.84 3.97
CA SER A 131 -6.66 8.00 4.30
C SER A 131 -6.32 8.78 3.03
N PHE A 132 -6.50 8.17 1.88
CA PHE A 132 -6.22 8.81 0.61
C PHE A 132 -7.51 9.38 0.06
N ARG A 133 -7.46 10.63 -0.42
CA ARG A 133 -8.64 11.30 -0.94
C ARG A 133 -8.77 11.03 -2.42
N THR A 134 -9.94 10.61 -2.87
CA THR A 134 -10.13 10.30 -4.29
C THR A 134 -10.02 11.56 -5.15
N GLU A 135 -10.24 12.71 -4.55
CA GLU A 135 -10.11 14.00 -5.24
C GLU A 135 -8.66 14.24 -5.67
N ASP A 136 -7.72 13.65 -4.94
CA ASP A 136 -6.29 13.80 -5.23
C ASP A 136 -5.90 12.94 -6.44
N CYS A 137 -6.82 12.07 -6.83
CA CYS A 137 -6.62 11.19 -7.99
C CYS A 137 -7.72 11.53 -9.00
N SER A 138 -7.93 12.82 -9.19
CA SER A 138 -8.93 13.32 -10.14
C SER A 138 -8.61 12.79 -11.53
N GLU A 139 -9.63 12.47 -12.30
CA GLU A 139 -9.45 11.87 -13.63
C GLU A 139 -8.62 12.76 -14.57
N GLU A 140 -8.78 14.07 -14.43
CA GLU A 140 -8.05 15.04 -15.24
C GLU A 140 -6.56 15.10 -14.90
N HIS A 141 -6.17 14.46 -13.80
CA HIS A 141 -4.78 14.47 -13.33
C HIS A 141 -4.17 13.06 -13.34
N ALA A 142 -5.02 12.06 -13.21
CA ALA A 142 -4.57 10.67 -13.20
C ALA A 142 -4.37 10.16 -14.64
N SER A 143 -3.18 10.34 -15.18
CA SER A 143 -2.87 9.85 -16.53
C SER A 143 -1.56 9.08 -16.55
N PHE A 144 -1.35 8.34 -17.62
CA PHE A 144 -0.16 7.51 -17.79
C PHE A 144 1.11 8.35 -17.77
N GLU A 145 1.03 9.53 -18.36
CA GLU A 145 2.15 10.46 -18.43
C GLU A 145 2.41 11.10 -17.07
N ASN A 146 1.33 11.40 -16.35
CA ASN A 146 1.42 12.04 -15.05
C ASN A 146 2.16 11.18 -14.04
N ALA A 147 2.18 9.87 -14.26
CA ALA A 147 2.91 8.95 -13.38
C ALA A 147 4.38 9.36 -13.24
N GLN A 148 4.95 9.96 -14.28
CA GLN A 148 6.33 10.43 -14.24
C GLN A 148 6.44 11.56 -13.20
N MET A 149 5.51 12.51 -13.29
CA MET A 149 5.48 13.66 -12.40
C MET A 149 5.16 13.20 -10.98
N ALA A 150 4.32 12.18 -10.85
CA ALA A 150 3.95 11.66 -9.54
C ALA A 150 5.19 11.18 -8.78
N ARG A 151 6.14 10.57 -9.49
CA ARG A 151 7.38 10.13 -8.84
C ARG A 151 8.15 11.33 -8.37
N GLU A 152 8.27 12.34 -9.22
CA GLU A 152 9.01 13.55 -8.85
C GLU A 152 8.39 14.22 -7.64
N ARG A 153 7.06 14.32 -7.63
CA ARG A 153 6.37 14.96 -6.53
C ARG A 153 6.63 14.15 -5.29
N PHE A 154 6.55 12.83 -5.38
CA PHE A 154 6.84 11.98 -4.24
C PHE A 154 8.26 12.19 -3.70
N LEU A 155 9.23 12.30 -4.60
CA LEU A 155 10.62 12.49 -4.17
C LEU A 155 10.80 13.84 -3.45
N SER A 156 10.09 14.88 -3.88
CA SER A 156 10.14 16.16 -3.17
C SER A 156 9.31 16.08 -1.88
N LEU A 157 8.30 15.23 -1.89
CA LEU A 157 7.37 15.07 -0.78
C LEU A 157 8.03 14.37 0.40
N VAL A 158 8.79 13.31 0.15
CA VAL A 158 9.44 12.59 1.23
C VAL A 158 10.43 13.52 1.96
N LEU A 159 11.06 14.44 1.25
CA LEU A 159 11.94 15.41 1.90
C LEU A 159 11.10 16.44 2.68
N LYS A 160 10.01 16.89 2.08
CA LYS A 160 9.12 17.84 2.76
C LYS A 160 8.55 17.24 4.05
N GLN A 161 8.33 15.94 4.04
CA GLN A 161 7.80 15.23 5.19
C GLN A 161 8.69 15.45 6.41
N GLU A 162 9.98 15.68 6.22
CA GLU A 162 10.89 15.88 7.35
C GLU A 162 10.47 17.12 8.14
N GLU A 163 10.05 18.15 7.42
CA GLU A 163 9.60 19.39 8.05
C GLU A 163 8.19 19.20 8.61
N GLN A 164 7.37 18.46 7.88
CA GLN A 164 5.98 18.23 8.29
C GLN A 164 5.89 17.53 9.64
N ARG A 165 6.71 16.52 9.87
CA ARG A 165 6.62 15.76 11.14
C ARG A 165 6.99 16.59 12.36
N LYS A 166 7.68 17.71 12.15
CA LYS A 166 8.03 18.58 13.27
C LYS A 166 6.78 19.30 13.75
N THR A 167 6.02 19.87 12.82
CA THR A 167 4.77 20.56 13.16
C THR A 167 3.67 19.58 13.56
N GLU A 168 3.76 18.36 13.06
CA GLU A 168 2.79 17.29 13.34
C GLU A 168 2.66 16.99 14.82
N ALA A 169 3.75 17.21 15.57
CA ALA A 169 3.76 16.95 17.00
C ALA A 169 2.64 17.71 17.74
N ALA A 170 2.22 18.84 17.17
CA ALA A 170 1.12 19.62 17.74
C ALA A 170 -0.21 19.03 17.25
N VAL A 171 -0.49 17.79 17.61
CA VAL A 171 -1.71 17.11 17.18
C VAL A 171 -2.95 17.84 17.68
N PHE A 172 -3.97 17.89 16.84
CA PHE A 172 -5.20 18.63 17.15
C PHE A 172 -6.46 17.97 16.59
N GLN A 173 -6.31 16.80 15.97
CA GLN A 173 -7.42 16.13 15.31
C GLN A 173 -7.26 14.62 15.36
N ASN A 174 -8.37 13.91 15.40
CA ASN A 174 -8.39 12.45 15.42
C ASN A 174 -9.64 12.03 14.66
N GLY A 175 -9.70 10.78 14.21
CA GLY A 175 -10.86 10.29 13.50
C GLY A 175 -10.73 8.79 13.32
N LYS A 176 -11.79 8.14 12.85
CA LYS A 176 -11.79 6.68 12.62
C LYS A 176 -12.88 6.41 11.61
N LEU A 177 -12.93 5.18 11.09
CA LEU A 177 -13.92 4.81 10.06
C LEU A 177 -14.79 3.62 10.47
N GLU A 178 -14.20 2.67 11.18
CA GLU A 178 -14.91 1.46 11.66
C GLU A 178 -15.59 0.64 10.55
N ARG A 179 -14.98 0.63 9.36
CA ARG A 179 -15.52 -0.15 8.25
C ARG A 179 -15.27 -1.64 8.50
N GLU A 180 -16.35 -2.37 8.75
CA GLU A 180 -16.27 -3.81 8.96
C GLU A 180 -17.30 -4.42 8.02
N ASN A 181 -17.07 -5.65 7.57
CA ASN A 181 -17.98 -6.31 6.64
C ASN A 181 -17.93 -7.83 6.78
N LEU A 182 -16.72 -8.39 6.59
CA LEU A 182 -16.49 -9.84 6.66
C LEU A 182 -17.37 -10.56 5.61
N TYR A 183 -17.56 -11.86 5.78
CA TYR A 183 -18.40 -12.65 4.90
C TYR A 183 -18.74 -13.88 5.73
N PHE A 184 -19.80 -14.58 5.35
CA PHE A 184 -20.26 -15.76 6.07
C PHE A 184 -21.15 -16.51 5.10
N GLN A 185 -21.52 -17.73 5.46
CA GLN A 185 -22.37 -18.59 4.64
C GLN A 185 -23.24 -19.31 5.65
N MET A 1 1.24 1.16 -18.15
CA MET A 1 0.15 1.78 -17.35
C MET A 1 0.52 3.20 -16.99
N PHE A 2 -0.47 4.09 -16.82
CA PHE A 2 -0.15 5.50 -16.50
C PHE A 2 -0.98 6.05 -15.34
N LEU A 3 -2.30 5.90 -15.39
CA LEU A 3 -3.15 6.36 -14.29
C LEU A 3 -2.83 5.53 -13.04
N LEU A 4 -2.50 4.27 -13.26
CA LEU A 4 -2.09 3.39 -12.18
C LEU A 4 -0.80 3.90 -11.53
N GLU A 5 0.15 4.34 -12.35
CA GLU A 5 1.43 4.87 -11.83
C GLU A 5 1.16 6.14 -11.03
N TYR A 6 0.27 6.98 -11.54
CA TYR A 6 -0.07 8.22 -10.85
C TYR A 6 -0.58 7.90 -9.46
N THR A 7 -1.50 6.95 -9.38
CA THR A 7 -2.06 6.56 -8.10
C THR A 7 -1.01 5.90 -7.20
N TYR A 8 -0.21 5.02 -7.78
CA TYR A 8 0.83 4.30 -7.03
C TYR A 8 1.77 5.29 -6.31
N TRP A 9 2.30 6.26 -7.04
CA TRP A 9 3.21 7.23 -6.42
C TRP A 9 2.47 8.20 -5.49
N LYS A 10 1.21 8.51 -5.77
CA LYS A 10 0.43 9.39 -4.88
C LYS A 10 0.10 8.69 -3.57
N ILE A 11 -0.16 7.39 -3.61
CA ILE A 11 -0.44 6.63 -2.40
C ILE A 11 0.85 6.48 -1.61
N ALA A 12 1.97 6.28 -2.30
CA ALA A 12 3.24 6.21 -1.62
C ALA A 12 3.46 7.50 -0.83
N ALA A 13 3.18 8.63 -1.48
CA ALA A 13 3.29 9.92 -0.82
C ALA A 13 2.30 10.04 0.32
N HIS A 14 1.09 9.56 0.13
CA HIS A 14 0.02 9.65 1.14
C HIS A 14 0.41 8.95 2.44
N LEU A 15 0.88 7.72 2.37
CA LEU A 15 1.25 7.00 3.60
C LEU A 15 2.47 7.65 4.24
N VAL A 16 3.49 7.97 3.44
CA VAL A 16 4.67 8.65 3.98
C VAL A 16 4.24 9.97 4.66
N ASN A 17 3.34 10.71 4.02
CA ASN A 17 2.85 11.98 4.57
C ASN A 17 2.13 11.78 5.90
N SER A 18 1.58 10.59 6.10
CA SER A 18 0.88 10.25 7.35
C SER A 18 1.87 9.82 8.44
N GLY A 19 3.16 9.91 8.17
CA GLY A 19 4.19 9.60 9.16
C GLY A 19 4.89 8.27 8.97
N TYR A 20 4.50 7.50 7.95
CA TYR A 20 5.15 6.21 7.68
C TYR A 20 6.57 6.46 7.21
N GLY A 21 7.53 5.87 7.91
CA GLY A 21 8.91 6.01 7.52
C GLY A 21 9.14 5.09 6.34
N VAL A 22 9.72 5.60 5.26
CA VAL A 22 10.00 4.76 4.10
C VAL A 22 11.25 3.98 4.45
N ILE A 23 11.20 2.69 4.17
CA ILE A 23 12.30 1.78 4.45
C ILE A 23 13.09 1.63 3.15
N GLN A 24 12.32 1.51 2.07
CA GLN A 24 12.88 1.37 0.73
C GLN A 24 11.86 2.03 -0.19
N ALA A 25 12.28 2.73 -1.22
CA ALA A 25 11.34 3.39 -2.12
C ALA A 25 11.75 3.30 -3.59
N GLY A 26 11.07 2.44 -4.34
CA GLY A 26 11.31 2.35 -5.78
C GLY A 26 12.58 1.60 -6.11
N GLU A 27 12.84 0.50 -5.41
CA GLU A 27 14.02 -0.32 -5.67
C GLU A 27 13.97 -0.84 -7.10
N SER A 28 12.75 -1.12 -7.52
CA SER A 28 12.44 -1.51 -8.88
C SER A 28 10.96 -1.21 -9.07
N ASP A 29 10.13 -2.00 -8.39
CA ASP A 29 8.67 -1.87 -8.51
C ASP A 29 8.00 -1.91 -7.14
N GLU A 30 8.77 -1.77 -6.08
CA GLU A 30 8.24 -1.88 -4.73
C GLU A 30 8.69 -0.76 -3.78
N ILE A 31 7.85 -0.48 -2.80
CA ILE A 31 8.08 0.54 -1.78
C ILE A 31 7.69 -0.08 -0.43
N TRP A 32 8.55 0.08 0.57
CA TRP A 32 8.31 -0.46 1.91
C TRP A 32 8.14 0.69 2.90
N LEU A 33 7.15 0.57 3.77
CA LEU A 33 6.82 1.59 4.77
C LEU A 33 6.64 0.95 6.14
N GLU A 34 7.16 1.58 7.19
CA GLU A 34 6.98 1.07 8.55
C GLU A 34 5.77 1.78 9.16
N ALA A 35 4.91 1.02 9.84
CA ALA A 35 3.73 1.58 10.50
C ALA A 35 4.19 2.33 11.79
N PRO A 36 4.07 3.67 11.82
CA PRO A 36 4.62 4.38 12.99
C PRO A 36 3.79 4.21 14.27
N ASP A 37 2.51 3.94 14.09
CA ASP A 37 1.58 3.78 15.21
C ASP A 37 1.76 2.47 15.93
N LYS A 38 2.58 1.58 15.37
CA LYS A 38 2.76 0.21 15.88
C LYS A 38 1.38 -0.43 15.85
N SER A 39 0.72 -0.18 14.73
CA SER A 39 -0.65 -0.62 14.47
C SER A 39 -0.70 -2.14 14.31
N SER A 40 -1.89 -2.65 14.03
CA SER A 40 -2.11 -4.08 13.84
C SER A 40 -1.20 -4.65 12.75
N HIS A 41 -0.80 -3.82 11.80
CA HIS A 41 0.14 -4.23 10.76
C HIS A 41 1.46 -3.57 11.10
N ASP A 42 2.54 -4.32 11.05
CA ASP A 42 3.85 -3.79 11.37
C ASP A 42 4.40 -3.01 10.19
N LEU A 43 4.19 -3.54 8.99
CA LEU A 43 4.72 -2.97 7.75
C LEU A 43 3.69 -2.97 6.63
N VAL A 44 3.92 -2.13 5.63
CA VAL A 44 3.08 -2.06 4.44
C VAL A 44 4.01 -2.10 3.23
N ARG A 45 3.65 -2.86 2.21
CA ARG A 45 4.43 -2.91 0.96
C ARG A 45 3.53 -2.54 -0.19
N LEU A 46 4.01 -1.65 -1.04
CA LEU A 46 3.33 -1.27 -2.27
C LEU A 46 4.08 -1.98 -3.38
N TYR A 47 3.38 -2.78 -4.18
CA TYR A 47 4.00 -3.50 -5.30
C TYR A 47 3.08 -3.39 -6.51
N LYS A 48 3.63 -3.40 -7.72
CA LYS A 48 2.80 -3.31 -8.93
C LYS A 48 3.08 -4.46 -9.90
N HIS A 49 2.05 -5.24 -10.19
CA HIS A 49 2.16 -6.36 -11.13
C HIS A 49 0.80 -6.59 -11.79
N ASP A 50 0.78 -6.90 -13.07
CA ASP A 50 -0.48 -7.27 -13.75
C ASP A 50 -0.52 -8.78 -13.65
N LEU A 51 -1.47 -9.29 -12.87
CA LEU A 51 -1.57 -10.72 -12.61
C LEU A 51 -2.71 -11.31 -13.42
N ASP A 52 -2.44 -12.34 -14.20
CA ASP A 52 -3.47 -12.98 -15.04
C ASP A 52 -4.20 -14.06 -14.27
N PHE A 53 -3.48 -14.76 -13.39
CA PHE A 53 -4.06 -15.86 -12.62
C PHE A 53 -3.77 -15.74 -11.12
N ARG A 54 -4.67 -16.22 -10.26
CA ARG A 54 -4.44 -16.13 -8.82
C ARG A 54 -3.29 -17.00 -8.38
N GLN A 55 -2.96 -18.01 -9.17
CA GLN A 55 -1.83 -18.86 -8.83
C GLN A 55 -0.55 -18.00 -8.80
N GLU A 56 -0.53 -16.93 -9.58
CA GLU A 56 0.59 -16.00 -9.55
C GLU A 56 0.45 -15.10 -8.32
N MET A 57 -0.76 -14.61 -8.08
CA MET A 57 -1.04 -13.74 -6.92
C MET A 57 -0.60 -14.40 -5.61
N VAL A 58 -1.00 -15.65 -5.37
CA VAL A 58 -0.67 -16.32 -4.10
C VAL A 58 0.83 -16.45 -3.86
N ARG A 59 1.61 -16.59 -4.92
CA ARG A 59 3.06 -16.80 -4.79
C ARG A 59 3.75 -15.57 -4.25
N ASP A 60 3.24 -14.41 -4.64
CA ASP A 60 3.80 -13.16 -4.17
C ASP A 60 3.75 -13.10 -2.64
N ILE A 61 2.63 -13.54 -2.08
CA ILE A 61 2.46 -13.53 -0.62
C ILE A 61 3.29 -14.65 0.04
N GLU A 62 3.41 -15.79 -0.63
CA GLU A 62 4.22 -16.90 -0.11
C GLU A 62 5.65 -16.41 0.07
N GLU A 63 6.12 -15.65 -0.91
CA GLU A 63 7.47 -15.13 -0.87
C GLU A 63 7.55 -13.95 0.11
N GLN A 64 6.48 -13.18 0.21
CA GLN A 64 6.43 -12.08 1.16
C GLN A 64 6.63 -12.61 2.56
N ALA A 65 5.95 -13.68 2.91
CA ALA A 65 6.06 -14.27 4.22
C ALA A 65 7.47 -14.78 4.45
N GLU A 66 8.14 -15.25 3.41
CA GLU A 66 9.53 -15.69 3.54
C GLU A 66 10.39 -14.49 3.94
N ARG A 67 10.21 -13.36 3.27
CA ARG A 67 10.99 -12.16 3.61
C ARG A 67 10.68 -11.75 5.04
N VAL A 68 9.41 -11.83 5.42
CA VAL A 68 8.99 -11.45 6.76
C VAL A 68 9.65 -12.33 7.81
N GLU A 69 9.90 -13.61 7.54
CA GLU A 69 10.57 -14.47 8.54
C GLU A 69 11.91 -13.86 8.96
N ARG A 70 12.63 -13.28 8.01
CA ARG A 70 13.91 -12.63 8.31
C ARG A 70 13.69 -11.31 9.03
N VAL A 71 12.77 -10.50 8.52
CA VAL A 71 12.52 -9.17 9.11
C VAL A 71 11.96 -9.28 10.53
N ARG A 72 11.02 -10.17 10.78
CA ARG A 72 10.46 -10.33 12.12
C ARG A 72 11.55 -10.75 13.11
N HIS A 73 12.56 -11.47 12.61
CA HIS A 73 13.68 -11.86 13.45
C HIS A 73 14.52 -10.64 13.83
N GLN A 74 14.77 -9.76 12.86
CA GLN A 74 15.57 -8.55 13.12
C GLN A 74 14.83 -7.57 14.04
N LEU A 75 13.50 -7.58 13.96
CA LEU A 75 12.68 -6.71 14.81
C LEU A 75 12.44 -7.34 16.18
N GLY A 76 12.74 -8.63 16.30
CA GLY A 76 12.54 -9.36 17.55
C GLY A 76 11.08 -9.64 17.88
N ARG A 77 10.17 -9.16 17.04
CA ARG A 77 8.74 -9.32 17.28
C ARG A 77 8.37 -10.78 17.05
N ARG A 78 7.56 -11.35 17.94
CA ARG A 78 7.20 -12.77 17.86
C ARG A 78 6.41 -13.09 16.60
N ARG A 79 5.43 -12.25 16.31
CA ARG A 79 4.58 -12.42 15.11
C ARG A 79 4.77 -11.15 14.31
N MET A 80 4.43 -11.16 13.03
CA MET A 80 4.47 -9.93 12.25
C MET A 80 3.35 -9.91 11.23
N LYS A 81 2.72 -8.74 11.08
CA LYS A 81 1.67 -8.56 10.09
C LYS A 81 2.13 -7.59 9.03
N LEU A 82 1.72 -7.84 7.80
CA LEU A 82 2.10 -6.98 6.68
C LEU A 82 0.90 -6.82 5.76
N LEU A 83 0.67 -5.59 5.29
CA LEU A 83 -0.39 -5.32 4.31
C LEU A 83 0.29 -5.24 2.94
N ASN A 84 0.12 -6.26 2.12
CA ASN A 84 0.77 -6.29 0.80
C ASN A 84 -0.20 -5.80 -0.26
N VAL A 85 0.04 -4.61 -0.79
CA VAL A 85 -0.87 -4.01 -1.76
C VAL A 85 -0.35 -4.10 -3.19
N PHE A 86 -1.07 -4.84 -4.02
CA PHE A 86 -0.76 -4.93 -5.43
C PHE A 86 -1.42 -3.76 -6.15
N PHE A 87 -0.83 -3.33 -7.24
CA PHE A 87 -1.42 -2.32 -8.13
C PHE A 87 -1.40 -3.01 -9.47
N SER A 88 -2.53 -3.02 -10.17
CA SER A 88 -2.65 -3.76 -11.43
C SER A 88 -3.61 -3.05 -12.36
N THR A 89 -3.56 -3.39 -13.64
CA THR A 89 -4.53 -2.88 -14.60
C THR A 89 -5.88 -3.46 -14.25
N GLU A 90 -5.88 -4.77 -14.06
CA GLU A 90 -7.09 -5.49 -13.73
C GLU A 90 -6.62 -6.69 -12.92
N ALA A 91 -7.56 -7.34 -12.28
CA ALA A 91 -7.28 -8.47 -11.40
C ALA A 91 -7.42 -9.78 -12.17
N PRO A 92 -6.78 -10.88 -11.67
CA PRO A 92 -6.84 -12.16 -12.38
C PRO A 92 -8.23 -12.71 -12.68
N VAL A 93 -8.33 -13.39 -13.81
CA VAL A 93 -9.59 -14.03 -14.22
C VAL A 93 -9.83 -15.32 -13.45
N ASP A 94 -8.76 -15.86 -12.88
CA ASP A 94 -8.81 -17.09 -12.09
C ASP A 94 -9.13 -16.78 -10.64
N ASP A 95 -10.43 -16.69 -10.32
CA ASP A 95 -11.00 -16.47 -8.96
C ASP A 95 -10.10 -15.86 -7.86
N TRP A 96 -9.46 -14.74 -8.17
CA TRP A 96 -8.58 -14.05 -7.26
C TRP A 96 -9.29 -13.54 -6.00
N GLU A 97 -10.60 -13.39 -6.08
CA GLU A 97 -11.38 -12.87 -4.97
C GLU A 97 -11.22 -13.74 -3.73
N GLU A 98 -11.02 -15.03 -3.92
CA GLU A 98 -10.82 -15.93 -2.79
C GLU A 98 -9.55 -15.57 -2.04
N ILE A 99 -8.57 -15.04 -2.75
CA ILE A 99 -7.27 -14.71 -2.16
C ILE A 99 -7.37 -13.48 -1.27
N ALA A 100 -8.16 -12.51 -1.69
CA ALA A 100 -8.35 -11.28 -0.90
C ALA A 100 -9.05 -11.60 0.42
N LYS A 101 -9.78 -12.69 0.41
CA LYS A 101 -10.57 -13.14 1.56
C LYS A 101 -9.79 -14.21 2.32
N LYS A 102 -8.48 -14.21 2.13
CA LYS A 102 -7.59 -15.25 2.67
C LYS A 102 -6.27 -14.71 3.22
N THR A 103 -6.20 -14.52 4.53
CA THR A 103 -4.94 -14.10 5.16
C THR A 103 -3.97 -15.27 5.04
N PHE A 104 -2.79 -14.99 4.50
CA PHE A 104 -1.76 -15.99 4.37
C PHE A 104 -0.96 -16.03 5.66
N GLU A 105 -1.07 -17.12 6.39
CA GLU A 105 -0.31 -17.28 7.62
C GLU A 105 0.78 -18.31 7.43
N LYS A 106 1.98 -17.94 7.86
CA LYS A 106 3.15 -18.81 7.78
C LYS A 106 3.81 -18.86 9.15
N GLY A 107 3.30 -19.74 10.01
CA GLY A 107 3.84 -19.82 11.35
C GLY A 107 3.38 -18.62 12.14
N THR A 108 4.30 -17.73 12.45
CA THR A 108 3.99 -16.52 13.20
C THR A 108 3.80 -15.31 12.29
N VAL A 109 3.97 -15.49 10.99
CA VAL A 109 3.78 -14.41 10.02
C VAL A 109 2.32 -14.42 9.58
N SER A 110 1.70 -13.26 9.45
CA SER A 110 0.34 -13.16 8.90
C SER A 110 0.30 -12.02 7.88
N VAL A 111 0.12 -12.34 6.60
CA VAL A 111 0.09 -11.32 5.55
C VAL A 111 -1.24 -11.38 4.83
N GLU A 112 -1.89 -10.26 4.68
CA GLU A 112 -3.16 -10.23 3.94
C GLU A 112 -2.94 -9.43 2.66
N PRO A 113 -3.40 -9.96 1.52
CA PRO A 113 -3.22 -9.23 0.26
C PRO A 113 -4.28 -8.16 0.07
N ALA A 114 -3.97 -7.22 -0.80
CA ALA A 114 -4.89 -6.18 -1.21
C ALA A 114 -4.46 -5.91 -2.64
N ILE A 115 -5.37 -5.45 -3.49
CA ILE A 115 -5.04 -5.20 -4.89
C ILE A 115 -5.88 -4.02 -5.36
N VAL A 116 -5.25 -3.10 -6.07
CA VAL A 116 -5.94 -1.94 -6.62
C VAL A 116 -6.03 -2.11 -8.13
N ARG A 117 -7.26 -2.18 -8.61
CA ARG A 117 -7.56 -2.28 -10.04
C ARG A 117 -7.34 -0.94 -10.69
N GLY A 118 -6.89 -0.92 -11.93
CA GLY A 118 -6.80 0.31 -12.69
C GLY A 118 -8.16 0.63 -13.29
N THR A 119 -8.83 -0.39 -13.80
CA THR A 119 -10.13 -0.23 -14.48
C THR A 119 -11.28 0.24 -13.57
N MET A 120 -11.16 0.08 -12.26
CA MET A 120 -12.19 0.55 -11.33
C MET A 120 -11.54 1.23 -10.15
N LEU A 121 -10.41 1.86 -10.43
CA LEU A 121 -9.55 2.45 -9.41
C LEU A 121 -10.23 3.35 -8.40
N ARG A 122 -11.13 4.23 -8.82
CA ARG A 122 -11.78 5.16 -7.89
C ARG A 122 -12.45 4.43 -6.73
N ASP A 123 -13.27 3.44 -7.07
CA ASP A 123 -14.03 2.67 -6.09
C ASP A 123 -13.15 1.69 -5.33
N ASP A 124 -12.24 1.06 -6.05
CA ASP A 124 -11.38 0.02 -5.48
C ASP A 124 -10.36 0.56 -4.50
N LEU A 125 -9.91 1.78 -4.74
CA LEU A 125 -8.91 2.41 -3.88
C LEU A 125 -9.43 2.54 -2.45
N GLN A 126 -10.70 2.91 -2.29
CA GLN A 126 -11.26 3.14 -0.96
C GLN A 126 -11.31 1.86 -0.13
N ALA A 127 -11.28 0.70 -0.79
CA ALA A 127 -11.31 -0.57 -0.09
C ALA A 127 -9.97 -0.85 0.61
N VAL A 128 -8.91 -0.22 0.13
CA VAL A 128 -7.56 -0.41 0.68
C VAL A 128 -7.08 0.82 1.46
N PHE A 129 -7.33 2.00 0.91
CA PHE A 129 -6.91 3.25 1.51
C PHE A 129 -8.09 4.21 1.69
N PRO A 130 -8.99 3.95 2.65
CA PRO A 130 -10.13 4.86 2.81
C PRO A 130 -9.75 6.25 3.34
N SER A 131 -8.52 6.37 3.83
CA SER A 131 -8.01 7.65 4.33
C SER A 131 -7.54 8.57 3.21
N PHE A 132 -7.56 8.07 1.98
CA PHE A 132 -7.10 8.84 0.84
C PHE A 132 -8.28 9.35 0.04
N ARG A 133 -8.24 10.64 -0.31
CA ARG A 133 -9.28 11.23 -1.14
C ARG A 133 -9.17 10.69 -2.55
N THR A 134 -10.04 9.77 -2.91
CA THR A 134 -10.00 9.17 -4.24
C THR A 134 -10.39 10.22 -5.28
N GLU A 135 -11.02 11.29 -4.83
CA GLU A 135 -11.47 12.39 -5.69
C GLU A 135 -10.29 13.25 -6.14
N ASP A 136 -9.13 13.07 -5.52
CA ASP A 136 -7.92 13.81 -5.90
C ASP A 136 -7.28 13.11 -7.12
N CYS A 137 -7.98 12.13 -7.65
CA CYS A 137 -7.54 11.41 -8.84
C CYS A 137 -8.75 11.46 -9.78
N SER A 138 -8.53 11.71 -11.06
CA SER A 138 -9.65 11.82 -11.99
C SER A 138 -9.38 11.14 -13.31
N GLU A 139 -10.36 10.35 -13.74
CA GLU A 139 -10.32 9.65 -15.01
C GLU A 139 -10.41 10.65 -16.15
N GLU A 140 -11.22 11.69 -15.95
CA GLU A 140 -11.45 12.73 -16.95
C GLU A 140 -10.19 13.52 -17.26
N HIS A 141 -9.29 13.60 -16.29
CA HIS A 141 -8.06 14.35 -16.45
C HIS A 141 -6.93 13.46 -16.94
N ALA A 142 -7.18 12.15 -16.93
CA ALA A 142 -6.23 11.08 -17.32
C ALA A 142 -4.97 10.95 -16.44
N SER A 143 -4.34 12.07 -16.13
CA SER A 143 -3.13 12.14 -15.29
C SER A 143 -1.98 11.26 -15.79
N PHE A 144 -1.95 10.97 -17.09
CA PHE A 144 -0.92 10.10 -17.65
C PHE A 144 0.47 10.71 -17.53
N GLU A 145 0.62 11.96 -17.96
CA GLU A 145 1.91 12.66 -17.85
C GLU A 145 2.18 13.02 -16.39
N ASN A 146 1.10 13.22 -15.64
CA ASN A 146 1.19 13.62 -14.25
C ASN A 146 1.82 12.52 -13.41
N ALA A 147 1.73 11.28 -13.88
CA ALA A 147 2.35 10.14 -13.19
C ALA A 147 3.85 10.37 -12.98
N GLN A 148 4.53 10.93 -13.96
CA GLN A 148 5.95 11.18 -13.85
C GLN A 148 6.19 12.28 -12.81
N MET A 149 5.35 13.31 -12.86
CA MET A 149 5.46 14.44 -11.95
C MET A 149 5.21 13.98 -10.52
N ALA A 150 4.29 13.04 -10.35
CA ALA A 150 3.95 12.50 -9.04
C ALA A 150 5.13 11.76 -8.42
N ARG A 151 5.91 11.05 -9.23
CA ARG A 151 7.07 10.32 -8.72
C ARG A 151 8.08 11.31 -8.17
N GLU A 152 8.46 12.28 -8.97
CA GLU A 152 9.48 13.23 -8.54
C GLU A 152 9.00 14.05 -7.34
N ARG A 153 7.72 14.37 -7.32
CA ARG A 153 7.14 15.07 -6.18
C ARG A 153 7.22 14.20 -4.93
N PHE A 154 6.99 12.91 -5.08
CA PHE A 154 7.08 11.96 -3.96
C PHE A 154 8.53 11.83 -3.46
N LEU A 155 9.47 11.76 -4.39
CA LEU A 155 10.89 11.64 -4.04
C LEU A 155 11.32 12.87 -3.24
N SER A 156 10.77 14.02 -3.58
CA SER A 156 11.06 15.25 -2.83
C SER A 156 10.32 15.27 -1.48
N LEU A 157 9.11 14.74 -1.48
CA LEU A 157 8.26 14.74 -0.28
C LEU A 157 8.80 13.92 0.86
N VAL A 158 9.32 12.73 0.58
CA VAL A 158 9.80 11.84 1.66
C VAL A 158 10.87 12.52 2.52
N LEU A 159 11.79 13.25 1.90
CA LEU A 159 12.84 13.92 2.66
C LEU A 159 12.23 15.03 3.52
N LYS A 160 11.28 15.77 2.96
CA LYS A 160 10.65 16.86 3.72
C LYS A 160 9.81 16.32 4.87
N GLN A 161 9.25 15.13 4.71
CA GLN A 161 8.41 14.55 5.75
C GLN A 161 9.16 14.37 7.06
N GLU A 162 10.48 14.19 6.98
CA GLU A 162 11.31 14.05 8.17
C GLU A 162 11.16 15.28 9.06
N GLU A 163 11.03 16.45 8.46
CA GLU A 163 10.80 17.68 9.19
C GLU A 163 9.35 17.77 9.65
N GLN A 164 8.45 17.46 8.75
CA GLN A 164 7.01 17.59 9.01
C GLN A 164 6.48 16.75 10.16
N ARG A 165 6.74 15.45 10.20
CA ARG A 165 6.13 14.64 11.27
C ARG A 165 6.61 15.00 12.66
N LYS A 166 7.78 15.63 12.77
CA LYS A 166 8.26 16.08 14.10
C LYS A 166 7.40 17.24 14.56
N THR A 167 7.06 18.12 13.62
CA THR A 167 6.24 19.29 13.91
C THR A 167 4.79 18.88 14.18
N GLU A 168 4.26 18.03 13.31
CA GLU A 168 2.87 17.58 13.38
C GLU A 168 2.57 16.74 14.61
N ALA A 169 3.60 16.10 15.18
CA ALA A 169 3.45 15.32 16.41
C ALA A 169 2.94 16.19 17.57
N ALA A 170 3.16 17.50 17.49
CA ALA A 170 2.65 18.43 18.49
C ALA A 170 1.18 18.72 18.15
N VAL A 171 0.33 17.73 18.33
CA VAL A 171 -1.08 17.84 18.00
C VAL A 171 -1.83 18.85 18.88
N PHE A 172 -2.77 19.55 18.25
CA PHE A 172 -3.67 20.50 18.95
C PHE A 172 -4.92 20.72 18.11
N GLN A 173 -4.73 20.87 16.79
CA GLN A 173 -5.80 21.09 15.80
C GLN A 173 -6.92 22.05 16.29
N ASN A 174 -8.16 21.81 15.89
CA ASN A 174 -9.29 22.62 16.33
C ASN A 174 -10.55 21.77 16.26
N GLY A 175 -11.62 22.25 16.87
CA GLY A 175 -12.88 21.51 16.84
C GLY A 175 -13.66 21.74 15.57
N LYS A 176 -13.60 20.78 14.65
CA LYS A 176 -14.37 20.86 13.40
C LYS A 176 -14.63 19.44 12.94
N LEU A 177 -15.54 19.27 12.00
CA LEU A 177 -15.89 17.96 11.43
C LEU A 177 -16.43 18.25 10.05
N GLU A 178 -16.47 17.24 9.19
CA GLU A 178 -16.98 17.38 7.83
C GLU A 178 -17.83 16.15 7.56
N ARG A 179 -18.65 16.20 6.51
CA ARG A 179 -19.46 15.05 6.11
C ARG A 179 -19.83 15.22 4.64
N GLU A 180 -19.98 14.11 3.94
CA GLU A 180 -20.36 14.12 2.53
C GLU A 180 -21.00 12.75 2.31
N ASN A 181 -21.60 12.50 1.16
CA ASN A 181 -22.23 11.20 0.90
C ASN A 181 -22.15 10.84 -0.57
N LEU A 182 -21.85 9.59 -0.85
CA LEU A 182 -21.78 9.06 -2.22
C LEU A 182 -22.93 8.08 -2.49
N TYR A 183 -23.45 7.47 -1.43
CA TYR A 183 -24.46 6.44 -1.59
C TYR A 183 -25.86 7.01 -1.79
N PHE A 184 -26.33 6.91 -3.02
CA PHE A 184 -27.66 7.33 -3.39
C PHE A 184 -28.28 6.13 -4.09
N GLN A 185 -29.31 5.56 -3.49
CA GLN A 185 -29.96 4.36 -3.98
C GLN A 185 -31.41 4.46 -3.52
N MET A 1 5.34 6.21 -16.56
CA MET A 1 5.47 5.23 -17.67
C MET A 1 4.18 4.45 -17.88
N PHE A 2 3.50 4.03 -16.82
CA PHE A 2 2.24 3.29 -16.94
C PHE A 2 1.14 4.03 -16.15
N LEU A 3 -0.13 3.77 -16.44
CA LEU A 3 -1.22 4.48 -15.77
C LEU A 3 -1.34 4.14 -14.28
N LEU A 4 -1.26 2.87 -13.93
CA LEU A 4 -1.41 2.45 -12.52
C LEU A 4 -0.32 3.06 -11.63
N GLU A 5 0.84 3.24 -12.22
CA GLU A 5 2.00 3.83 -11.55
C GLU A 5 1.67 5.23 -10.97
N TYR A 6 0.72 5.92 -11.59
CA TYR A 6 0.27 7.24 -11.14
C TYR A 6 -0.29 7.13 -9.73
N THR A 7 -1.22 6.21 -9.55
CA THR A 7 -1.86 6.00 -8.26
C THR A 7 -0.87 5.41 -7.27
N TYR A 8 -0.05 4.48 -7.74
CA TYR A 8 0.93 3.79 -6.90
C TYR A 8 1.83 4.77 -6.12
N TRP A 9 2.55 5.63 -6.81
CA TRP A 9 3.48 6.54 -6.12
C TRP A 9 2.74 7.57 -5.27
N LYS A 10 1.52 7.91 -5.66
CA LYS A 10 0.72 8.86 -4.90
C LYS A 10 0.21 8.24 -3.60
N ILE A 11 -0.03 6.94 -3.59
CA ILE A 11 -0.43 6.28 -2.35
C ILE A 11 0.75 6.26 -1.40
N ALA A 12 1.94 5.98 -1.91
CA ALA A 12 3.13 5.99 -1.05
C ALA A 12 3.25 7.36 -0.39
N ALA A 13 3.00 8.40 -1.18
CA ALA A 13 3.04 9.76 -0.67
C ALA A 13 2.00 10.00 0.44
N HIS A 14 0.80 9.48 0.27
CA HIS A 14 -0.25 9.68 1.27
C HIS A 14 0.09 8.96 2.57
N LEU A 15 0.65 7.77 2.48
CA LEU A 15 1.01 7.04 3.70
C LEU A 15 2.12 7.78 4.41
N VAL A 16 3.11 8.23 3.65
CA VAL A 16 4.22 8.97 4.25
C VAL A 16 3.72 10.25 4.95
N ASN A 17 2.79 10.98 4.36
CA ASN A 17 2.28 12.20 5.02
C ASN A 17 1.26 11.88 6.12
N SER A 18 0.95 10.59 6.29
CA SER A 18 0.11 10.12 7.39
C SER A 18 1.02 9.58 8.50
N GLY A 19 2.33 9.80 8.33
CA GLY A 19 3.29 9.42 9.35
C GLY A 19 4.04 8.11 9.13
N TYR A 20 3.75 7.40 8.06
CA TYR A 20 4.41 6.12 7.81
C TYR A 20 5.87 6.34 7.45
N GLY A 21 6.75 5.68 8.20
CA GLY A 21 8.17 5.84 8.00
C GLY A 21 8.65 5.05 6.81
N VAL A 22 9.45 5.67 5.96
CA VAL A 22 9.98 4.98 4.79
C VAL A 22 11.13 4.09 5.23
N ILE A 23 10.95 2.79 5.05
CA ILE A 23 11.99 1.83 5.36
C ILE A 23 12.86 1.71 4.13
N GLN A 24 12.20 1.61 2.98
CA GLN A 24 12.90 1.46 1.72
C GLN A 24 12.11 2.08 0.59
N ALA A 25 12.74 3.01 -0.11
CA ALA A 25 12.19 3.59 -1.32
C ALA A 25 13.39 3.72 -2.25
N GLY A 26 13.25 3.19 -3.45
CA GLY A 26 14.34 3.29 -4.42
C GLY A 26 14.03 2.35 -5.56
N GLU A 27 13.49 1.20 -5.22
CA GLU A 27 13.06 0.24 -6.21
C GLU A 27 11.88 0.87 -6.93
N SER A 28 11.73 0.58 -8.20
CA SER A 28 10.65 1.17 -8.99
C SER A 28 9.33 0.47 -8.75
N ASP A 29 9.38 -0.72 -8.16
CA ASP A 29 8.20 -1.57 -8.01
C ASP A 29 7.75 -1.84 -6.58
N GLU A 30 8.62 -1.61 -5.60
CA GLU A 30 8.25 -1.86 -4.19
C GLU A 30 8.70 -0.74 -3.25
N ILE A 31 7.84 -0.42 -2.28
CA ILE A 31 8.15 0.60 -1.27
C ILE A 31 7.69 0.02 0.06
N TRP A 32 8.55 0.09 1.07
CA TRP A 32 8.24 -0.44 2.40
C TRP A 32 7.98 0.71 3.36
N LEU A 33 6.85 0.64 4.06
CA LEU A 33 6.41 1.66 5.00
C LEU A 33 6.18 1.02 6.37
N GLU A 34 6.70 1.64 7.41
CA GLU A 34 6.47 1.17 8.79
C GLU A 34 5.18 1.80 9.30
N ALA A 35 4.35 1.01 9.98
CA ALA A 35 3.07 1.49 10.50
C ALA A 35 3.23 2.17 11.88
N PRO A 36 3.11 3.51 11.94
CA PRO A 36 3.31 4.16 13.26
C PRO A 36 2.14 3.94 14.20
N ASP A 37 1.01 3.59 13.59
CA ASP A 37 -0.25 3.37 14.30
C ASP A 37 -0.20 2.15 15.19
N LYS A 38 0.68 1.21 14.84
CA LYS A 38 0.77 -0.10 15.51
C LYS A 38 -0.59 -0.77 15.34
N SER A 39 -1.10 -0.58 14.14
CA SER A 39 -2.38 -1.10 13.69
C SER A 39 -2.24 -2.59 13.40
N SER A 40 -3.30 -3.20 12.93
CA SER A 40 -3.35 -4.63 12.60
C SER A 40 -2.28 -5.15 11.61
N HIS A 41 -1.40 -4.30 11.11
CA HIS A 41 -0.30 -4.69 10.24
C HIS A 41 0.90 -3.92 10.75
N ASP A 42 2.03 -4.59 10.92
CA ASP A 42 3.22 -3.95 11.46
C ASP A 42 3.89 -3.09 10.40
N LEU A 43 3.82 -3.58 9.17
CA LEU A 43 4.41 -2.90 8.03
C LEU A 43 3.43 -2.93 6.87
N VAL A 44 3.65 -2.08 5.88
CA VAL A 44 2.86 -2.05 4.65
C VAL A 44 3.84 -2.14 3.49
N ARG A 45 3.55 -3.00 2.53
CA ARG A 45 4.37 -3.14 1.32
C ARG A 45 3.50 -2.77 0.13
N LEU A 46 3.88 -1.71 -0.54
CA LEU A 46 3.19 -1.29 -1.75
C LEU A 46 3.88 -1.99 -2.89
N TYR A 47 3.15 -2.76 -3.69
CA TYR A 47 3.76 -3.49 -4.80
C TYR A 47 2.90 -3.39 -6.06
N LYS A 48 3.53 -3.27 -7.22
CA LYS A 48 2.78 -3.25 -8.48
C LYS A 48 3.08 -4.54 -9.25
N HIS A 49 2.04 -5.32 -9.50
CA HIS A 49 2.19 -6.60 -10.19
C HIS A 49 0.89 -6.88 -10.93
N ASP A 50 0.97 -7.09 -12.23
CA ASP A 50 -0.22 -7.43 -13.02
C ASP A 50 -0.42 -8.93 -12.90
N LEU A 51 -1.58 -9.33 -12.39
CA LEU A 51 -1.88 -10.74 -12.15
C LEU A 51 -2.93 -11.23 -13.13
N ASP A 52 -2.53 -12.05 -14.09
CA ASP A 52 -3.45 -12.63 -15.07
C ASP A 52 -4.36 -13.67 -14.39
N PHE A 53 -3.74 -14.54 -13.61
CA PHE A 53 -4.46 -15.62 -12.94
C PHE A 53 -4.32 -15.49 -11.44
N ARG A 54 -5.27 -16.04 -10.68
CA ARG A 54 -5.19 -15.95 -9.22
C ARG A 54 -3.96 -16.64 -8.64
N GLN A 55 -3.39 -17.57 -9.38
CA GLN A 55 -2.17 -18.24 -8.92
C GLN A 55 -1.02 -17.24 -8.86
N GLU A 56 -1.02 -16.25 -9.75
CA GLU A 56 0.04 -15.25 -9.78
C GLU A 56 -0.03 -14.42 -8.51
N MET A 57 -1.23 -14.23 -7.99
CA MET A 57 -1.39 -13.49 -6.75
C MET A 57 -0.83 -14.28 -5.57
N VAL A 58 -1.20 -15.55 -5.44
CA VAL A 58 -0.76 -16.34 -4.27
C VAL A 58 0.76 -16.57 -4.24
N ARG A 59 1.37 -16.68 -5.40
CA ARG A 59 2.83 -16.96 -5.46
C ARG A 59 3.64 -15.76 -5.01
N ASP A 60 3.08 -14.57 -5.21
CA ASP A 60 3.77 -13.35 -4.82
C ASP A 60 3.83 -13.30 -3.30
N ILE A 61 2.78 -13.77 -2.65
CA ILE A 61 2.71 -13.77 -1.19
C ILE A 61 3.70 -14.77 -0.62
N GLU A 62 3.97 -15.85 -1.34
CA GLU A 62 4.94 -16.84 -0.89
C GLU A 62 6.31 -16.17 -0.77
N GLU A 63 6.67 -15.34 -1.73
CA GLU A 63 7.97 -14.64 -1.70
C GLU A 63 7.94 -13.60 -0.59
N GLN A 64 6.82 -12.91 -0.49
CA GLN A 64 6.65 -11.87 0.53
C GLN A 64 6.81 -12.46 1.91
N ALA A 65 6.33 -13.67 2.12
CA ALA A 65 6.42 -14.31 3.41
C ALA A 65 7.87 -14.55 3.78
N GLU A 66 8.68 -15.00 2.84
CA GLU A 66 10.11 -15.22 3.13
C GLU A 66 10.76 -13.90 3.47
N ARG A 67 10.38 -12.86 2.73
CA ARG A 67 10.92 -11.52 2.96
C ARG A 67 10.57 -11.07 4.39
N VAL A 68 9.32 -11.30 4.79
CA VAL A 68 8.86 -10.94 6.14
C VAL A 68 9.57 -11.80 7.19
N GLU A 69 9.74 -13.09 6.93
CA GLU A 69 10.37 -14.00 7.88
C GLU A 69 11.80 -13.50 8.20
N ARG A 70 12.47 -12.93 7.22
CA ARG A 70 13.80 -12.37 7.43
C ARG A 70 13.72 -11.06 8.23
N VAL A 71 12.80 -10.18 7.84
CA VAL A 71 12.65 -8.88 8.51
C VAL A 71 12.16 -9.02 9.96
N ARG A 72 11.18 -9.88 10.22
CA ARG A 72 10.66 -10.06 11.58
C ARG A 72 11.76 -10.50 12.53
N HIS A 73 12.74 -11.22 12.02
CA HIS A 73 13.85 -11.69 12.85
C HIS A 73 14.67 -10.50 13.35
N GLN A 74 14.83 -9.49 12.50
CA GLN A 74 15.56 -8.28 12.86
C GLN A 74 14.76 -7.48 13.89
N LEU A 75 13.45 -7.44 13.68
CA LEU A 75 12.54 -6.70 14.57
C LEU A 75 12.30 -7.44 15.90
N GLY A 76 12.80 -8.67 15.99
CA GLY A 76 12.62 -9.47 17.20
C GLY A 76 11.19 -9.92 17.42
N ARG A 77 10.35 -9.73 16.42
CA ARG A 77 8.93 -10.06 16.53
C ARG A 77 8.73 -11.56 16.43
N ARG A 78 7.85 -12.08 17.29
CA ARG A 78 7.54 -13.52 17.32
C ARG A 78 6.72 -13.89 16.10
N ARG A 79 5.93 -12.96 15.62
CA ARG A 79 5.14 -13.11 14.41
C ARG A 79 5.00 -11.70 13.87
N MET A 80 4.90 -11.51 12.57
CA MET A 80 4.71 -10.17 12.02
C MET A 80 3.58 -10.18 11.01
N LYS A 81 2.79 -9.10 10.97
CA LYS A 81 1.73 -8.96 9.98
C LYS A 81 2.13 -7.90 8.96
N LEU A 82 1.88 -8.21 7.70
CA LEU A 82 2.19 -7.29 6.59
C LEU A 82 0.95 -7.05 5.76
N LEU A 83 0.71 -5.80 5.37
CA LEU A 83 -0.35 -5.50 4.42
C LEU A 83 0.29 -5.46 3.05
N ASN A 84 -0.19 -6.30 2.14
CA ASN A 84 0.27 -6.29 0.75
C ASN A 84 -0.82 -5.56 -0.02
N VAL A 85 -0.43 -4.67 -0.92
CA VAL A 85 -1.40 -4.01 -1.79
C VAL A 85 -0.89 -4.05 -3.22
N PHE A 86 -1.57 -4.82 -4.06
CA PHE A 86 -1.24 -4.92 -5.47
C PHE A 86 -1.85 -3.76 -6.25
N PHE A 87 -1.20 -3.38 -7.32
CA PHE A 87 -1.71 -2.39 -8.26
C PHE A 87 -1.58 -3.05 -9.63
N SER A 88 -2.72 -3.29 -10.28
CA SER A 88 -2.75 -3.97 -11.57
C SER A 88 -3.72 -3.28 -12.52
N THR A 89 -3.59 -3.52 -13.82
CA THR A 89 -4.47 -2.88 -14.79
C THR A 89 -5.88 -3.46 -14.70
N GLU A 90 -5.99 -4.73 -14.34
CA GLU A 90 -7.28 -5.40 -14.20
C GLU A 90 -7.14 -6.52 -13.18
N ALA A 91 -8.26 -7.12 -12.80
CA ALA A 91 -8.26 -8.18 -11.79
C ALA A 91 -7.96 -9.50 -12.49
N PRO A 92 -7.42 -10.49 -11.74
CA PRO A 92 -7.23 -11.81 -12.40
C PRO A 92 -8.54 -12.38 -12.91
N VAL A 93 -8.45 -13.12 -14.00
CA VAL A 93 -9.65 -13.61 -14.69
C VAL A 93 -10.60 -14.54 -13.92
N ASP A 94 -10.13 -15.22 -12.87
CA ASP A 94 -11.01 -16.15 -12.15
C ASP A 94 -10.61 -16.40 -10.70
N ASP A 95 -11.63 -16.62 -9.87
CA ASP A 95 -11.54 -17.04 -8.44
C ASP A 95 -10.60 -16.28 -7.48
N TRP A 96 -10.04 -15.17 -7.92
CA TRP A 96 -9.07 -14.42 -7.12
C TRP A 96 -9.64 -13.85 -5.82
N GLU A 97 -10.94 -13.66 -5.75
CA GLU A 97 -11.54 -13.09 -4.55
C GLU A 97 -11.28 -13.96 -3.33
N GLU A 98 -11.18 -15.28 -3.49
CA GLU A 98 -10.88 -16.16 -2.34
C GLU A 98 -9.56 -15.75 -1.71
N ILE A 99 -8.65 -15.27 -2.54
CA ILE A 99 -7.31 -14.92 -2.09
C ILE A 99 -7.39 -13.69 -1.21
N ALA A 100 -8.24 -12.75 -1.58
CA ALA A 100 -8.38 -11.49 -0.85
C ALA A 100 -9.11 -11.66 0.49
N LYS A 101 -9.66 -12.84 0.73
CA LYS A 101 -10.38 -13.10 1.99
C LYS A 101 -9.63 -14.09 2.87
N LYS A 102 -8.46 -14.55 2.42
CA LYS A 102 -7.69 -15.53 3.19
C LYS A 102 -6.40 -14.94 3.73
N THR A 103 -6.12 -15.20 5.00
CA THR A 103 -4.88 -14.75 5.61
C THR A 103 -3.81 -15.73 5.17
N PHE A 104 -2.75 -15.23 4.57
CA PHE A 104 -1.65 -16.06 4.17
C PHE A 104 -0.73 -16.19 5.38
N GLU A 105 -0.49 -17.40 5.86
CA GLU A 105 0.34 -17.57 7.05
C GLU A 105 1.46 -18.56 6.85
N LYS A 106 2.61 -18.21 7.42
CA LYS A 106 3.81 -19.05 7.39
C LYS A 106 4.50 -18.96 8.73
N GLY A 107 3.96 -19.62 9.76
CA GLY A 107 4.61 -19.60 11.05
C GLY A 107 4.68 -18.19 11.64
N THR A 108 5.89 -17.66 11.71
CA THR A 108 6.17 -16.33 12.26
C THR A 108 5.73 -15.20 11.32
N VAL A 109 4.98 -15.52 10.29
CA VAL A 109 4.54 -14.55 9.30
C VAL A 109 3.05 -14.66 9.05
N SER A 110 2.39 -13.53 8.84
CA SER A 110 0.99 -13.47 8.45
C SER A 110 0.90 -12.29 7.46
N VAL A 111 0.27 -12.50 6.32
CA VAL A 111 0.16 -11.45 5.28
C VAL A 111 -1.24 -11.37 4.77
N GLU A 112 -1.66 -10.13 4.59
CA GLU A 112 -2.99 -9.82 4.12
C GLU A 112 -2.91 -9.24 2.71
N PRO A 113 -3.37 -9.98 1.69
CA PRO A 113 -3.32 -9.35 0.37
C PRO A 113 -4.48 -8.39 0.10
N ALA A 114 -4.28 -7.47 -0.82
CA ALA A 114 -5.30 -6.53 -1.24
C ALA A 114 -4.92 -6.15 -2.67
N ILE A 115 -5.87 -5.70 -3.47
CA ILE A 115 -5.59 -5.38 -4.88
C ILE A 115 -6.44 -4.21 -5.37
N VAL A 116 -5.77 -3.28 -6.04
CA VAL A 116 -6.43 -2.15 -6.68
C VAL A 116 -6.29 -2.42 -8.17
N ARG A 117 -7.40 -2.53 -8.88
CA ARG A 117 -7.35 -2.81 -10.31
C ARG A 117 -7.90 -1.62 -11.09
N GLY A 118 -7.21 -1.26 -12.15
CA GLY A 118 -7.54 -0.07 -12.93
C GLY A 118 -8.98 0.08 -13.40
N THR A 119 -9.63 -1.03 -13.75
CA THR A 119 -11.01 -1.00 -14.24
C THR A 119 -12.03 -0.38 -13.26
N MET A 120 -11.72 -0.37 -11.98
CA MET A 120 -12.63 0.20 -10.96
C MET A 120 -11.79 0.79 -9.84
N LEU A 121 -10.73 1.45 -10.26
CA LEU A 121 -9.70 1.96 -9.37
C LEU A 121 -10.19 2.75 -8.16
N ARG A 122 -11.00 3.79 -8.34
CA ARG A 122 -11.43 4.61 -7.19
C ARG A 122 -12.13 3.83 -6.09
N ASP A 123 -12.92 2.83 -6.45
CA ASP A 123 -13.67 2.06 -5.46
C ASP A 123 -12.72 1.14 -4.68
N ASP A 124 -11.79 0.51 -5.38
CA ASP A 124 -10.81 -0.35 -4.72
C ASP A 124 -9.93 0.48 -3.83
N LEU A 125 -9.59 1.65 -4.33
CA LEU A 125 -8.69 2.55 -3.64
C LEU A 125 -9.30 2.97 -2.31
N GLN A 126 -10.56 3.40 -2.31
CA GLN A 126 -11.18 3.85 -1.07
C GLN A 126 -11.49 2.68 -0.14
N ALA A 127 -11.47 1.46 -0.67
CA ALA A 127 -11.70 0.28 0.15
C ALA A 127 -10.45 -0.06 0.96
N VAL A 128 -9.27 0.15 0.37
CA VAL A 128 -8.00 -0.15 1.06
C VAL A 128 -7.51 1.09 1.82
N PHE A 129 -7.58 2.24 1.16
CA PHE A 129 -7.11 3.50 1.72
C PHE A 129 -8.17 4.60 1.63
N PRO A 130 -9.19 4.57 2.51
CA PRO A 130 -10.19 5.65 2.43
C PRO A 130 -9.63 7.02 2.80
N SER A 131 -8.47 7.03 3.43
CA SER A 131 -7.79 8.26 3.82
C SER A 131 -7.13 8.99 2.64
N PHE A 132 -7.07 8.33 1.49
CA PHE A 132 -6.42 8.93 0.33
C PHE A 132 -7.27 10.06 -0.24
N ARG A 133 -6.63 11.20 -0.44
CA ARG A 133 -7.33 12.39 -0.92
C ARG A 133 -7.45 12.37 -2.44
N THR A 134 -8.49 11.72 -2.93
CA THR A 134 -8.76 11.66 -4.37
C THR A 134 -9.12 13.03 -4.92
N GLU A 135 -9.41 13.98 -4.05
CA GLU A 135 -9.69 15.35 -4.47
C GLU A 135 -8.39 16.06 -4.91
N ASP A 136 -7.28 15.65 -4.30
CA ASP A 136 -5.96 16.21 -4.63
C ASP A 136 -5.33 15.41 -5.78
N CYS A 137 -5.71 14.14 -5.85
CA CYS A 137 -5.19 13.23 -6.86
C CYS A 137 -6.32 12.51 -7.58
N SER A 138 -7.11 13.27 -8.34
CA SER A 138 -8.25 12.70 -9.06
C SER A 138 -7.84 11.72 -10.14
N GLU A 139 -8.67 10.69 -10.32
CA GLU A 139 -8.43 9.66 -11.33
C GLU A 139 -8.59 10.27 -12.73
N GLU A 140 -9.35 11.36 -12.81
CA GLU A 140 -9.55 12.11 -14.06
C GLU A 140 -8.21 12.61 -14.61
N HIS A 141 -7.22 12.73 -13.73
CA HIS A 141 -5.91 13.24 -14.10
C HIS A 141 -4.87 12.12 -14.14
N ALA A 142 -5.32 10.88 -14.08
CA ALA A 142 -4.41 9.73 -14.13
C ALA A 142 -3.98 9.51 -15.58
N SER A 143 -2.69 9.63 -15.82
CA SER A 143 -2.14 9.42 -17.16
C SER A 143 -0.79 8.76 -17.01
N PHE A 144 -0.38 8.01 -18.01
CA PHE A 144 0.88 7.28 -17.94
C PHE A 144 2.08 8.22 -17.90
N GLU A 145 1.96 9.39 -18.53
CA GLU A 145 3.01 10.41 -18.47
C GLU A 145 3.05 11.05 -17.09
N ASN A 146 1.87 11.38 -16.57
CA ASN A 146 1.72 12.02 -15.27
C ASN A 146 2.26 11.12 -14.16
N ALA A 147 2.29 9.82 -14.40
CA ALA A 147 2.84 8.87 -13.44
C ALA A 147 4.33 9.14 -13.15
N GLN A 148 5.05 9.68 -14.12
CA GLN A 148 6.47 10.00 -13.90
C GLN A 148 6.56 11.17 -12.91
N MET A 149 5.65 12.12 -13.05
CA MET A 149 5.60 13.28 -12.17
C MET A 149 5.18 12.85 -10.76
N ALA A 150 4.41 11.79 -10.67
CA ALA A 150 3.97 11.26 -9.38
C ALA A 150 5.18 10.79 -8.55
N ARG A 151 6.20 10.25 -9.22
CA ARG A 151 7.40 9.82 -8.52
C ARG A 151 8.09 11.03 -7.94
N GLU A 152 8.28 12.04 -8.76
CA GLU A 152 8.96 13.25 -8.35
C GLU A 152 8.24 13.95 -7.20
N ARG A 153 6.91 14.01 -7.26
CA ARG A 153 6.13 14.61 -6.18
C ARG A 153 6.35 13.84 -4.89
N PHE A 154 6.40 12.52 -4.96
CA PHE A 154 6.63 11.68 -3.78
C PHE A 154 8.02 11.92 -3.19
N LEU A 155 9.04 12.00 -4.03
CA LEU A 155 10.40 12.23 -3.57
C LEU A 155 10.52 13.61 -2.92
N SER A 156 9.83 14.59 -3.48
CA SER A 156 9.82 15.93 -2.90
C SER A 156 9.04 15.93 -1.58
N LEU A 157 8.01 15.12 -1.52
CA LEU A 157 7.16 15.04 -0.33
C LEU A 157 7.90 14.48 0.87
N VAL A 158 8.66 13.40 0.72
CA VAL A 158 9.34 12.81 1.88
C VAL A 158 10.36 13.79 2.45
N LEU A 159 11.01 14.58 1.61
CA LEU A 159 11.98 15.55 2.10
C LEU A 159 11.24 16.57 2.94
N LYS A 160 10.13 17.08 2.42
CA LYS A 160 9.33 18.06 3.17
C LYS A 160 8.72 17.43 4.43
N GLN A 161 8.43 16.15 4.39
CA GLN A 161 7.90 15.49 5.57
C GLN A 161 8.88 15.65 6.72
N GLU A 162 10.16 15.76 6.44
CA GLU A 162 11.15 15.90 7.51
C GLU A 162 11.02 17.26 8.22
N GLU A 163 10.69 18.32 7.49
CA GLU A 163 10.51 19.62 8.14
C GLU A 163 9.15 19.62 8.85
N GLN A 164 8.18 18.92 8.26
CA GLN A 164 6.86 18.78 8.85
C GLN A 164 6.91 17.95 10.14
N ARG A 165 7.83 17.01 10.22
CA ARG A 165 7.96 16.11 11.37
C ARG A 165 8.07 16.86 12.69
N LYS A 166 8.60 18.07 12.62
CA LYS A 166 8.78 18.88 13.82
C LYS A 166 7.41 19.31 14.38
N THR A 167 6.51 19.76 13.54
CA THR A 167 5.15 20.11 13.97
C THR A 167 4.28 18.86 14.17
N GLU A 168 4.59 17.81 13.42
CA GLU A 168 3.85 16.53 13.46
C GLU A 168 3.87 15.89 14.85
N ALA A 169 4.88 16.22 15.64
CA ALA A 169 5.01 15.70 17.00
C ALA A 169 3.87 16.17 17.93
N ALA A 170 3.11 17.18 17.52
CA ALA A 170 2.00 17.68 18.31
C ALA A 170 0.82 16.71 18.26
N VAL A 171 0.36 16.27 19.42
CA VAL A 171 -0.78 15.36 19.49
C VAL A 171 -2.03 16.12 19.06
N PHE A 172 -2.73 15.60 18.05
CA PHE A 172 -3.90 16.27 17.52
C PHE A 172 -4.91 15.30 16.93
N GLN A 173 -6.11 15.80 16.66
CA GLN A 173 -7.17 15.03 16.04
C GLN A 173 -7.82 15.95 15.02
N ASN A 174 -8.40 15.39 13.96
CA ASN A 174 -9.03 16.20 12.92
C ASN A 174 -10.34 15.57 12.43
N GLY A 175 -11.40 15.77 13.19
CA GLY A 175 -12.70 15.22 12.85
C GLY A 175 -12.81 13.74 13.16
N LYS A 176 -13.87 13.12 12.66
CA LYS A 176 -14.10 11.68 12.84
C LYS A 176 -14.95 11.23 11.66
N LEU A 177 -15.18 9.93 11.56
CA LEU A 177 -16.01 9.35 10.51
C LEU A 177 -17.04 8.51 11.26
N GLU A 178 -18.30 8.57 10.86
CA GLU A 178 -19.36 7.81 11.51
C GLU A 178 -20.37 7.39 10.46
N ARG A 179 -20.95 6.20 10.59
CA ARG A 179 -21.97 5.72 9.64
C ARG A 179 -23.00 4.94 10.43
N GLU A 180 -24.28 5.19 10.16
CA GLU A 180 -25.37 4.49 10.83
C GLU A 180 -26.14 3.71 9.76
N ASN A 181 -26.71 2.57 10.12
CA ASN A 181 -27.48 1.78 9.16
C ASN A 181 -28.52 0.92 9.86
N LEU A 182 -29.72 0.91 9.31
CA LEU A 182 -30.84 0.08 9.80
C LEU A 182 -31.83 0.06 8.65
N TYR A 183 -32.81 -0.82 8.71
CA TYR A 183 -33.80 -0.95 7.64
C TYR A 183 -35.21 -0.61 8.13
N PHE A 184 -35.49 -0.92 9.39
CA PHE A 184 -36.79 -0.73 10.06
C PHE A 184 -37.90 -1.64 9.51
N GLN A 185 -38.86 -1.96 10.37
CA GLN A 185 -39.98 -2.81 10.03
C GLN A 185 -41.04 -2.46 11.07
N MET A 1 4.60 4.52 -16.84
CA MET A 1 3.68 5.61 -17.28
C MET A 1 2.26 5.08 -17.46
N PHE A 2 1.49 4.97 -16.37
CA PHE A 2 0.14 4.40 -16.44
C PHE A 2 -0.80 4.98 -15.37
N LEU A 3 -2.09 4.74 -15.49
CA LEU A 3 -3.10 5.25 -14.55
C LEU A 3 -2.82 4.83 -13.11
N LEU A 4 -2.50 3.56 -12.92
CA LEU A 4 -2.24 3.04 -11.58
C LEU A 4 -1.09 3.73 -10.91
N GLU A 5 -0.08 4.06 -11.71
CA GLU A 5 1.14 4.66 -11.19
C GLU A 5 0.87 6.02 -10.55
N TYR A 6 -0.07 6.78 -11.11
CA TYR A 6 -0.40 8.09 -10.55
C TYR A 6 -0.95 7.89 -9.14
N THR A 7 -1.89 6.96 -8.99
CA THR A 7 -2.50 6.67 -7.70
C THR A 7 -1.50 6.00 -6.74
N TYR A 8 -0.66 5.13 -7.28
CA TYR A 8 0.37 4.43 -6.52
C TYR A 8 1.29 5.44 -5.82
N TRP A 9 1.82 6.42 -6.56
CA TRP A 9 2.68 7.42 -5.93
C TRP A 9 1.87 8.33 -5.01
N LYS A 10 0.60 8.56 -5.32
CA LYS A 10 -0.26 9.36 -4.44
C LYS A 10 -0.52 8.65 -3.11
N ILE A 11 -0.67 7.33 -3.13
CA ILE A 11 -0.84 6.57 -1.90
C ILE A 11 0.47 6.54 -1.14
N ALA A 12 1.58 6.40 -1.85
CA ALA A 12 2.89 6.44 -1.20
C ALA A 12 3.00 7.77 -0.46
N ALA A 13 2.59 8.84 -1.11
CA ALA A 13 2.61 10.16 -0.49
C ALA A 13 1.66 10.24 0.70
N HIS A 14 0.46 9.68 0.55
CA HIS A 14 -0.54 9.67 1.61
C HIS A 14 -0.02 8.96 2.87
N LEU A 15 0.60 7.81 2.67
CA LEU A 15 1.15 7.05 3.80
C LEU A 15 2.29 7.81 4.45
N VAL A 16 3.20 8.33 3.64
CA VAL A 16 4.35 9.06 4.19
C VAL A 16 3.86 10.33 4.91
N ASN A 17 2.84 10.97 4.38
CA ASN A 17 2.26 12.16 5.02
C ASN A 17 1.64 11.78 6.38
N SER A 18 1.14 10.56 6.47
CA SER A 18 0.56 10.03 7.71
C SER A 18 1.66 9.56 8.68
N GLY A 19 2.91 9.86 8.36
CA GLY A 19 4.02 9.55 9.25
C GLY A 19 4.70 8.22 9.01
N TYR A 20 4.28 7.45 8.02
CA TYR A 20 4.91 6.15 7.75
C TYR A 20 6.35 6.37 7.30
N GLY A 21 7.26 5.72 7.99
CA GLY A 21 8.67 5.87 7.67
C GLY A 21 9.01 5.07 6.45
N VAL A 22 9.71 5.68 5.50
CA VAL A 22 10.12 4.97 4.29
C VAL A 22 11.30 4.09 4.65
N ILE A 23 11.11 2.79 4.51
CA ILE A 23 12.18 1.85 4.78
C ILE A 23 12.98 1.71 3.50
N GLN A 24 12.24 1.54 2.40
CA GLN A 24 12.86 1.37 1.10
C GLN A 24 11.95 1.93 0.02
N ALA A 25 12.48 2.86 -0.76
CA ALA A 25 11.81 3.41 -1.93
C ALA A 25 12.91 3.55 -2.96
N GLY A 26 12.93 2.66 -3.95
CA GLY A 26 13.97 2.69 -4.97
C GLY A 26 13.34 2.74 -6.33
N GLU A 27 12.90 1.57 -6.79
CA GLU A 27 12.25 1.48 -8.08
C GLU A 27 10.76 1.73 -7.95
N SER A 28 10.08 1.78 -9.08
CA SER A 28 8.65 2.04 -9.16
C SER A 28 7.82 0.79 -8.94
N ASP A 29 8.46 -0.27 -8.49
CA ASP A 29 7.78 -1.55 -8.32
C ASP A 29 7.27 -1.76 -6.90
N GLU A 30 8.09 -1.42 -5.91
CA GLU A 30 7.71 -1.61 -4.51
C GLU A 30 8.19 -0.49 -3.59
N ILE A 31 7.42 -0.26 -2.53
CA ILE A 31 7.79 0.72 -1.50
C ILE A 31 7.46 0.09 -0.15
N TRP A 32 8.42 0.07 0.76
CA TRP A 32 8.20 -0.48 2.11
C TRP A 32 8.04 0.67 3.09
N LEU A 33 6.99 0.59 3.89
CA LEU A 33 6.65 1.63 4.87
C LEU A 33 6.53 1.00 6.26
N GLU A 34 7.06 1.68 7.27
CA GLU A 34 6.95 1.23 8.66
C GLU A 34 5.72 1.87 9.30
N ALA A 35 4.94 1.09 10.03
CA ALA A 35 3.71 1.57 10.66
C ALA A 35 4.05 2.46 11.90
N PRO A 36 3.78 3.78 11.85
CA PRO A 36 4.23 4.62 12.98
C PRO A 36 3.37 4.50 14.23
N ASP A 37 2.10 4.15 14.06
CA ASP A 37 1.16 4.03 15.16
C ASP A 37 1.40 2.79 16.00
N LYS A 38 2.35 1.95 15.57
CA LYS A 38 2.63 0.65 16.22
C LYS A 38 1.33 -0.14 16.23
N SER A 39 0.67 -0.05 15.08
CA SER A 39 -0.64 -0.65 14.86
C SER A 39 -0.58 -2.17 14.80
N SER A 40 -1.73 -2.79 14.55
CA SER A 40 -1.80 -4.24 14.38
C SER A 40 -0.85 -4.71 13.28
N HIS A 41 -0.62 -3.88 12.28
CA HIS A 41 0.31 -4.20 11.21
C HIS A 41 1.66 -3.64 11.58
N ASP A 42 2.70 -4.46 11.40
CA ASP A 42 4.05 -4.04 11.71
C ASP A 42 4.55 -3.15 10.57
N LEU A 43 4.31 -3.61 9.35
CA LEU A 43 4.83 -2.96 8.14
C LEU A 43 3.78 -3.01 7.01
N VAL A 44 3.99 -2.19 5.99
CA VAL A 44 3.13 -2.15 4.80
C VAL A 44 4.02 -2.15 3.55
N ARG A 45 3.63 -2.90 2.53
CA ARG A 45 4.33 -2.88 1.24
C ARG A 45 3.36 -2.48 0.15
N LEU A 46 3.73 -1.49 -0.63
CA LEU A 46 2.94 -1.07 -1.79
C LEU A 46 3.62 -1.75 -2.96
N TYR A 47 2.87 -2.40 -3.83
CA TYR A 47 3.43 -3.16 -4.95
C TYR A 47 2.65 -2.89 -6.22
N LYS A 48 3.33 -2.77 -7.35
CA LYS A 48 2.68 -2.44 -8.63
C LYS A 48 2.98 -3.46 -9.72
N HIS A 49 2.11 -4.42 -9.92
CA HIS A 49 2.31 -5.42 -10.97
C HIS A 49 0.97 -5.97 -11.47
N ASP A 50 0.94 -6.28 -12.76
CA ASP A 50 -0.25 -6.85 -13.39
C ASP A 50 -0.19 -8.36 -13.21
N LEU A 51 -1.34 -9.02 -13.17
CA LEU A 51 -1.42 -10.47 -12.92
C LEU A 51 -2.45 -11.13 -13.83
N ASP A 52 -2.07 -12.20 -14.52
CA ASP A 52 -2.99 -12.91 -15.40
C ASP A 52 -3.69 -14.03 -14.65
N PHE A 53 -2.97 -14.69 -13.75
CA PHE A 53 -3.51 -15.82 -13.00
C PHE A 53 -3.29 -15.69 -11.49
N ARG A 54 -4.22 -16.23 -10.69
CA ARG A 54 -4.11 -16.11 -9.23
C ARG A 54 -2.92 -16.85 -8.69
N GLN A 55 -2.42 -17.82 -9.44
CA GLN A 55 -1.25 -18.56 -9.02
C GLN A 55 -0.06 -17.61 -8.92
N GLU A 56 -0.03 -16.58 -9.74
CA GLU A 56 1.04 -15.60 -9.69
C GLU A 56 0.86 -14.73 -8.45
N MET A 57 -0.38 -14.38 -8.15
CA MET A 57 -0.66 -13.55 -6.98
C MET A 57 -0.23 -14.27 -5.70
N VAL A 58 -0.65 -15.52 -5.52
CA VAL A 58 -0.30 -16.26 -4.29
C VAL A 58 1.21 -16.40 -4.14
N ARG A 59 1.92 -16.49 -5.26
CA ARG A 59 3.37 -16.66 -5.25
C ARG A 59 4.09 -15.42 -4.76
N ASP A 60 3.55 -14.25 -5.05
CA ASP A 60 4.13 -13.00 -4.57
C ASP A 60 4.07 -12.96 -3.05
N ILE A 61 2.95 -13.40 -2.48
CA ILE A 61 2.81 -13.37 -1.03
C ILE A 61 3.72 -14.42 -0.39
N GLU A 62 3.92 -15.55 -1.06
CA GLU A 62 4.82 -16.57 -0.55
C GLU A 62 6.22 -15.98 -0.49
N GLU A 63 6.52 -15.07 -1.42
CA GLU A 63 7.82 -14.39 -1.45
C GLU A 63 7.90 -13.49 -0.22
N GLN A 64 6.86 -12.69 -0.04
CA GLN A 64 6.79 -11.75 1.07
C GLN A 64 6.97 -12.47 2.40
N ALA A 65 6.40 -13.65 2.52
CA ALA A 65 6.47 -14.39 3.75
C ALA A 65 7.91 -14.73 4.14
N GLU A 66 8.75 -15.04 3.17
CA GLU A 66 10.16 -15.34 3.46
C GLU A 66 10.85 -14.06 3.94
N ARG A 67 10.56 -12.95 3.28
CA ARG A 67 11.16 -11.66 3.66
C ARG A 67 10.74 -11.30 5.08
N VAL A 68 9.48 -11.52 5.37
CA VAL A 68 8.91 -11.19 6.67
C VAL A 68 9.47 -12.11 7.78
N GLU A 69 9.57 -13.42 7.53
CA GLU A 69 10.08 -14.31 8.58
C GLU A 69 11.55 -14.01 8.86
N ARG A 70 12.29 -13.61 7.83
CA ARG A 70 13.69 -13.22 8.00
C ARG A 70 13.79 -12.07 9.00
N VAL A 71 12.88 -11.11 8.89
CA VAL A 71 12.84 -9.98 9.81
C VAL A 71 12.31 -10.42 11.17
N ARG A 72 11.32 -11.32 11.21
CA ARG A 72 10.78 -11.80 12.49
C ARG A 72 11.84 -12.50 13.31
N HIS A 73 12.75 -13.22 12.65
CA HIS A 73 13.83 -13.90 13.35
C HIS A 73 14.67 -12.87 14.13
N GLN A 74 14.89 -11.72 13.55
CA GLN A 74 15.66 -10.65 14.19
C GLN A 74 14.89 -9.95 15.31
N LEU A 75 13.57 -10.06 15.30
CA LEU A 75 12.72 -9.33 16.26
C LEU A 75 12.12 -10.20 17.36
N GLY A 76 12.12 -11.51 17.18
CA GLY A 76 11.60 -12.43 18.19
C GLY A 76 10.09 -12.40 18.40
N ARG A 77 9.37 -11.62 17.60
CA ARG A 77 7.92 -11.51 17.75
C ARG A 77 7.24 -12.75 17.17
N ARG A 78 6.27 -13.29 17.91
CA ARG A 78 5.59 -14.54 17.55
C ARG A 78 4.73 -14.50 16.29
N ARG A 79 4.31 -13.32 15.84
CA ARG A 79 3.48 -13.20 14.64
C ARG A 79 3.77 -11.83 14.05
N MET A 80 3.58 -11.66 12.75
CA MET A 80 3.77 -10.40 12.08
C MET A 80 2.52 -10.17 11.26
N LYS A 81 2.14 -8.92 11.02
CA LYS A 81 1.07 -8.65 10.06
C LYS A 81 1.62 -7.65 9.05
N LEU A 82 1.69 -8.06 7.79
CA LEU A 82 2.20 -7.24 6.70
C LEU A 82 1.07 -6.99 5.72
N LEU A 83 0.80 -5.75 5.40
CA LEU A 83 -0.22 -5.42 4.41
C LEU A 83 0.48 -5.36 3.06
N ASN A 84 0.03 -6.14 2.08
CA ASN A 84 0.64 -6.16 0.75
C ASN A 84 -0.41 -5.74 -0.27
N VAL A 85 -0.26 -4.55 -0.84
CA VAL A 85 -1.26 -4.01 -1.78
C VAL A 85 -0.79 -4.05 -3.23
N PHE A 86 -1.43 -4.88 -4.03
CA PHE A 86 -1.13 -4.99 -5.47
C PHE A 86 -1.87 -3.90 -6.23
N PHE A 87 -1.18 -3.21 -7.12
CA PHE A 87 -1.80 -2.27 -8.06
C PHE A 87 -1.73 -2.95 -9.41
N SER A 88 -2.87 -3.37 -9.93
CA SER A 88 -2.95 -4.14 -11.18
C SER A 88 -3.98 -3.51 -12.10
N THR A 89 -3.83 -3.67 -13.41
CA THR A 89 -4.78 -3.10 -14.37
C THR A 89 -6.11 -3.80 -14.23
N GLU A 90 -6.04 -5.11 -14.17
CA GLU A 90 -7.21 -5.93 -14.04
C GLU A 90 -6.71 -7.09 -13.24
N ALA A 91 -7.65 -7.80 -12.64
CA ALA A 91 -7.34 -8.89 -11.74
C ALA A 91 -7.36 -10.22 -12.51
N PRO A 92 -6.70 -11.27 -11.98
CA PRO A 92 -6.67 -12.56 -12.67
C PRO A 92 -8.02 -13.16 -13.03
N VAL A 93 -8.02 -13.94 -14.10
CA VAL A 93 -9.24 -14.55 -14.62
C VAL A 93 -9.74 -15.76 -13.84
N ASP A 94 -8.92 -16.29 -12.93
CA ASP A 94 -9.25 -17.52 -12.22
C ASP A 94 -9.33 -17.39 -10.68
N ASP A 95 -10.55 -17.32 -10.18
CA ASP A 95 -10.90 -17.35 -8.72
C ASP A 95 -10.01 -16.57 -7.72
N TRP A 96 -9.36 -15.50 -8.18
CA TRP A 96 -8.48 -14.70 -7.33
C TRP A 96 -9.20 -14.10 -6.12
N GLU A 97 -10.52 -13.99 -6.19
CA GLU A 97 -11.29 -13.35 -5.13
C GLU A 97 -11.13 -14.04 -3.79
N GLU A 98 -10.93 -15.35 -3.80
CA GLU A 98 -10.72 -16.07 -2.55
C GLU A 98 -9.40 -15.64 -1.91
N ILE A 99 -8.43 -15.33 -2.76
CA ILE A 99 -7.09 -15.00 -2.29
C ILE A 99 -7.06 -13.71 -1.49
N ALA A 100 -7.77 -12.69 -1.95
CA ALA A 100 -7.77 -11.40 -1.27
C ALA A 100 -8.61 -11.41 0.01
N LYS A 101 -9.24 -12.54 0.31
CA LYS A 101 -10.02 -12.70 1.54
C LYS A 101 -9.30 -13.69 2.44
N LYS A 102 -8.20 -14.23 1.94
CA LYS A 102 -7.44 -15.26 2.63
C LYS A 102 -6.18 -14.67 3.25
N THR A 103 -6.09 -14.70 4.57
CA THR A 103 -4.84 -14.31 5.22
C THR A 103 -3.84 -15.39 4.88
N PHE A 104 -2.70 -15.02 4.33
CA PHE A 104 -1.66 -15.99 4.06
C PHE A 104 -0.84 -16.07 5.33
N GLU A 105 -0.62 -17.26 5.86
CA GLU A 105 0.16 -17.40 7.08
C GLU A 105 1.29 -18.40 6.90
N LYS A 106 2.43 -18.05 7.49
CA LYS A 106 3.62 -18.90 7.44
C LYS A 106 4.32 -18.85 8.81
N GLY A 107 3.76 -19.55 9.78
CA GLY A 107 4.38 -19.56 11.11
C GLY A 107 4.25 -18.21 11.79
N THR A 108 5.38 -17.53 11.97
CA THR A 108 5.42 -16.23 12.62
C THR A 108 5.01 -15.09 11.69
N VAL A 109 4.44 -15.43 10.55
CA VAL A 109 4.06 -14.45 9.54
C VAL A 109 2.58 -14.53 9.18
N SER A 110 1.95 -13.37 9.04
CA SER A 110 0.61 -13.26 8.49
C SER A 110 0.69 -12.13 7.48
N VAL A 111 0.15 -12.32 6.30
CA VAL A 111 0.14 -11.28 5.27
C VAL A 111 -1.29 -11.05 4.87
N GLU A 112 -1.61 -9.77 4.70
CA GLU A 112 -2.92 -9.35 4.29
C GLU A 112 -2.83 -8.98 2.79
N PRO A 113 -3.27 -9.89 1.90
CA PRO A 113 -3.21 -9.56 0.47
C PRO A 113 -4.40 -8.72 0.00
N ALA A 114 -4.11 -7.53 -0.51
CA ALA A 114 -5.16 -6.63 -0.99
C ALA A 114 -4.76 -6.25 -2.41
N ILE A 115 -5.72 -6.07 -3.29
CA ILE A 115 -5.43 -5.76 -4.69
C ILE A 115 -6.40 -4.69 -5.16
N VAL A 116 -5.90 -3.74 -5.93
CA VAL A 116 -6.74 -2.73 -6.54
C VAL A 116 -6.66 -2.87 -8.06
N ARG A 117 -7.83 -2.84 -8.67
CA ARG A 117 -8.00 -2.91 -10.12
C ARG A 117 -7.76 -1.54 -10.70
N GLY A 118 -7.31 -1.47 -11.94
CA GLY A 118 -7.22 -0.20 -12.63
C GLY A 118 -8.58 0.14 -13.21
N THR A 119 -9.24 -0.87 -13.75
CA THR A 119 -10.55 -0.70 -14.39
C THR A 119 -11.64 -0.21 -13.43
N MET A 120 -11.51 -0.49 -12.13
CA MET A 120 -12.48 0.00 -11.15
C MET A 120 -11.77 0.65 -9.97
N LEU A 121 -10.65 1.27 -10.27
CA LEU A 121 -9.76 1.86 -9.28
C LEU A 121 -10.39 2.80 -8.27
N ARG A 122 -11.30 3.65 -8.71
CA ARG A 122 -11.88 4.63 -7.77
C ARG A 122 -12.57 3.94 -6.59
N ASP A 123 -13.32 2.89 -6.88
CA ASP A 123 -14.05 2.15 -5.84
C ASP A 123 -13.12 1.21 -5.06
N ASP A 124 -12.22 0.56 -5.77
CA ASP A 124 -11.30 -0.41 -5.16
C ASP A 124 -10.31 0.26 -4.22
N LEU A 125 -9.82 1.43 -4.61
CA LEU A 125 -8.83 2.13 -3.81
C LEU A 125 -9.37 2.52 -2.45
N GLN A 126 -10.60 3.03 -2.41
CA GLN A 126 -11.18 3.47 -1.15
C GLN A 126 -11.54 2.30 -0.25
N ALA A 127 -11.59 1.11 -0.81
CA ALA A 127 -11.87 -0.08 -0.02
C ALA A 127 -10.64 -0.44 0.82
N VAL A 128 -9.46 -0.15 0.29
CA VAL A 128 -8.20 -0.43 1.01
C VAL A 128 -7.77 0.79 1.82
N PHE A 129 -7.87 1.97 1.22
CA PHE A 129 -7.48 3.23 1.86
C PHE A 129 -8.65 4.23 1.85
N PRO A 130 -9.63 4.07 2.76
CA PRO A 130 -10.75 5.02 2.75
C PRO A 130 -10.39 6.44 3.20
N SER A 131 -9.19 6.60 3.76
CA SER A 131 -8.71 7.91 4.19
C SER A 131 -8.23 8.72 2.98
N PHE A 132 -8.03 8.06 1.84
CA PHE A 132 -7.55 8.73 0.65
C PHE A 132 -8.71 9.44 -0.05
N ARG A 133 -8.55 10.74 -0.28
CA ARG A 133 -9.60 11.52 -0.94
C ARG A 133 -9.55 11.25 -2.43
N THR A 134 -10.69 10.94 -3.02
CA THR A 134 -10.75 10.66 -4.46
C THR A 134 -10.44 11.89 -5.31
N GLU A 135 -10.57 13.06 -4.69
CA GLU A 135 -10.26 14.34 -5.33
C GLU A 135 -8.81 14.40 -5.81
N ASP A 136 -7.93 13.70 -5.11
CA ASP A 136 -6.51 13.68 -5.44
C ASP A 136 -6.21 13.00 -6.78
N CYS A 137 -7.13 12.22 -7.31
CA CYS A 137 -6.93 11.51 -8.58
C CYS A 137 -8.05 11.76 -9.58
N SER A 138 -8.10 12.96 -10.11
CA SER A 138 -9.09 13.31 -11.13
C SER A 138 -8.69 12.68 -12.48
N GLU A 139 -9.69 12.25 -13.25
CA GLU A 139 -9.44 11.61 -14.54
C GLU A 139 -8.78 12.57 -15.54
N GLU A 140 -9.09 13.85 -15.42
CA GLU A 140 -8.50 14.88 -16.29
C GLU A 140 -6.98 14.95 -16.10
N HIS A 141 -6.52 14.61 -14.90
CA HIS A 141 -5.09 14.64 -14.58
C HIS A 141 -4.40 13.33 -15.00
N ALA A 142 -5.18 12.33 -15.35
CA ALA A 142 -4.64 11.01 -15.68
C ALA A 142 -4.01 10.97 -17.09
N SER A 143 -2.73 11.25 -17.15
CA SER A 143 -1.98 11.20 -18.40
C SER A 143 -0.73 10.38 -18.14
N PHE A 144 -0.21 9.74 -19.17
CA PHE A 144 0.95 8.87 -19.05
C PHE A 144 2.16 9.64 -18.50
N GLU A 145 2.33 10.88 -18.93
CA GLU A 145 3.43 11.71 -18.47
C GLU A 145 3.20 12.18 -17.03
N ASN A 146 1.97 12.54 -16.69
CA ASN A 146 1.64 12.98 -15.34
C ASN A 146 1.87 11.87 -14.33
N ALA A 147 1.70 10.62 -14.77
CA ALA A 147 1.95 9.47 -13.91
C ALA A 147 3.43 9.41 -13.51
N GLN A 148 4.32 9.75 -14.42
CA GLN A 148 5.75 9.76 -14.13
C GLN A 148 6.03 10.93 -13.19
N MET A 149 5.44 12.08 -13.48
CA MET A 149 5.64 13.27 -12.66
C MET A 149 5.16 13.05 -11.22
N ALA A 150 4.20 12.16 -11.02
CA ALA A 150 3.73 11.82 -9.68
C ALA A 150 4.89 11.26 -8.83
N ARG A 151 5.82 10.54 -9.46
CA ARG A 151 6.99 10.01 -8.74
C ARG A 151 7.81 11.16 -8.24
N GLU A 152 8.03 12.14 -9.09
CA GLU A 152 8.83 13.30 -8.74
C GLU A 152 8.20 14.02 -7.55
N ARG A 153 6.89 14.17 -7.60
CA ARG A 153 6.18 14.87 -6.53
C ARG A 153 6.27 14.08 -5.24
N PHE A 154 6.17 12.76 -5.31
CA PHE A 154 6.33 11.94 -4.11
C PHE A 154 7.75 12.07 -3.53
N LEU A 155 8.76 12.07 -4.39
CA LEU A 155 10.14 12.21 -3.94
C LEU A 155 10.34 13.56 -3.27
N SER A 156 9.74 14.61 -3.82
CA SER A 156 9.84 15.94 -3.19
C SER A 156 9.01 15.99 -1.90
N LEU A 157 7.96 15.18 -1.83
CA LEU A 157 7.07 15.16 -0.68
C LEU A 157 7.73 14.51 0.53
N VAL A 158 8.43 13.40 0.36
CA VAL A 158 9.09 12.76 1.50
C VAL A 158 10.16 13.72 2.05
N LEU A 159 10.83 14.45 1.17
CA LEU A 159 11.82 15.42 1.60
C LEU A 159 11.13 16.54 2.37
N LYS A 160 9.98 16.98 1.89
CA LYS A 160 9.23 18.02 2.58
C LYS A 160 8.70 17.54 3.93
N GLN A 161 8.30 16.27 4.00
CA GLN A 161 7.79 15.69 5.23
C GLN A 161 8.89 15.68 6.28
N GLU A 162 10.14 15.58 5.83
CA GLU A 162 11.27 15.57 6.76
C GLU A 162 11.29 16.91 7.51
N GLU A 163 10.92 17.99 6.83
CA GLU A 163 10.83 19.30 7.49
C GLU A 163 9.55 19.39 8.34
N GLN A 164 8.44 18.90 7.79
CA GLN A 164 7.15 18.97 8.49
C GLN A 164 7.15 18.21 9.81
N ARG A 165 7.79 17.04 9.85
CA ARG A 165 7.79 16.21 11.05
C ARG A 165 8.47 16.89 12.23
N LYS A 166 9.27 17.92 11.96
CA LYS A 166 9.93 18.68 13.03
C LYS A 166 8.88 19.46 13.81
N THR A 167 7.95 20.09 13.12
CA THR A 167 6.87 20.83 13.79
C THR A 167 5.83 19.85 14.35
N GLU A 168 5.62 18.75 13.65
CA GLU A 168 4.66 17.71 14.05
C GLU A 168 5.03 17.08 15.39
N ALA A 169 6.30 17.14 15.75
CA ALA A 169 6.80 16.60 17.02
C ALA A 169 6.17 17.30 18.25
N ALA A 170 5.53 18.43 18.04
CA ALA A 170 4.87 19.15 19.13
C ALA A 170 3.69 18.32 19.66
N VAL A 171 3.37 18.48 20.93
CA VAL A 171 2.28 17.72 21.54
C VAL A 171 0.94 18.45 21.35
N PHE A 172 0.27 18.16 20.24
CA PHE A 172 -1.05 18.76 19.96
C PHE A 172 -2.10 17.71 19.58
N GLN A 173 -1.64 16.57 19.04
CA GLN A 173 -2.48 15.43 18.62
C GLN A 173 -3.48 15.66 17.46
N ASN A 174 -4.36 16.64 17.60
CA ASN A 174 -5.40 16.95 16.60
C ASN A 174 -6.33 15.75 16.28
N GLY A 175 -6.63 14.96 17.30
CA GLY A 175 -7.50 13.80 17.12
C GLY A 175 -6.72 12.56 16.74
N LYS A 176 -7.43 11.48 16.39
CA LYS A 176 -6.76 10.22 16.04
C LYS A 176 -7.63 9.41 15.09
N LEU A 177 -7.00 8.74 14.15
CA LEU A 177 -7.67 7.78 13.26
C LEU A 177 -7.25 6.43 13.82
N GLU A 178 -8.20 5.54 14.05
CA GLU A 178 -7.88 4.24 14.65
C GLU A 178 -8.82 3.16 14.14
N ARG A 179 -8.30 1.94 14.00
CA ARG A 179 -9.08 0.80 13.58
C ARG A 179 -8.57 -0.41 14.35
N GLU A 180 -9.49 -1.19 14.90
CA GLU A 180 -9.15 -2.40 15.64
C GLU A 180 -9.89 -3.54 14.95
N ASN A 181 -9.54 -4.78 15.30
CA ASN A 181 -10.17 -6.01 14.82
C ASN A 181 -10.12 -6.29 13.31
N LEU A 182 -9.51 -7.42 12.98
CA LEU A 182 -9.41 -7.89 11.61
C LEU A 182 -9.72 -9.38 11.71
N TYR A 183 -10.39 -9.91 10.71
CA TYR A 183 -10.78 -11.31 10.73
C TYR A 183 -9.61 -12.16 10.23
N PHE A 184 -9.61 -13.43 10.61
CA PHE A 184 -8.58 -14.37 10.20
C PHE A 184 -9.26 -15.72 10.04
N GLN A 185 -10.17 -15.79 9.08
CA GLN A 185 -10.99 -16.97 8.82
C GLN A 185 -11.45 -16.81 7.38
N MET A 1 0.17 -0.03 -17.77
CA MET A 1 -0.78 1.12 -17.69
C MET A 1 -0.21 2.19 -16.75
N PHE A 2 0.10 3.37 -17.27
CA PHE A 2 0.74 4.43 -16.47
C PHE A 2 -0.14 4.96 -15.34
N LEU A 3 -1.45 4.89 -15.49
CA LEU A 3 -2.38 5.33 -14.45
C LEU A 3 -2.16 4.55 -13.15
N LEU A 4 -1.73 3.31 -13.27
CA LEU A 4 -1.46 2.51 -12.07
C LEU A 4 -0.33 3.11 -11.28
N GLU A 5 0.77 3.45 -11.94
CA GLU A 5 1.91 3.99 -11.19
C GLU A 5 1.63 5.42 -10.74
N TYR A 6 0.81 6.14 -11.50
CA TYR A 6 0.37 7.49 -11.12
C TYR A 6 -0.30 7.38 -9.75
N THR A 7 -1.15 6.38 -9.60
CA THR A 7 -1.85 6.13 -8.34
C THR A 7 -0.89 5.59 -7.28
N TYR A 8 -0.06 4.64 -7.66
CA TYR A 8 0.90 3.98 -6.78
C TYR A 8 1.83 4.96 -6.07
N TRP A 9 2.47 5.84 -6.82
CA TRP A 9 3.38 6.80 -6.21
C TRP A 9 2.62 7.81 -5.36
N LYS A 10 1.38 8.13 -5.73
CA LYS A 10 0.55 9.04 -4.93
C LYS A 10 0.12 8.38 -3.62
N ILE A 11 -0.14 7.08 -3.63
CA ILE A 11 -0.49 6.36 -2.42
C ILE A 11 0.74 6.30 -1.52
N ALA A 12 1.90 6.05 -2.11
CA ALA A 12 3.13 6.02 -1.32
C ALA A 12 3.32 7.36 -0.62
N ALA A 13 3.05 8.44 -1.35
CA ALA A 13 3.14 9.79 -0.78
C ALA A 13 2.14 9.97 0.34
N HIS A 14 0.90 9.56 0.09
CA HIS A 14 -0.18 9.70 1.07
C HIS A 14 0.18 8.99 2.37
N LEU A 15 0.67 7.76 2.28
CA LEU A 15 1.02 7.01 3.49
C LEU A 15 2.24 7.60 4.18
N VAL A 16 3.29 7.93 3.44
CA VAL A 16 4.46 8.60 4.04
C VAL A 16 4.03 9.87 4.76
N ASN A 17 3.17 10.65 4.14
CA ASN A 17 2.71 11.91 4.72
C ASN A 17 1.75 11.70 5.90
N SER A 18 1.36 10.45 6.12
CA SER A 18 0.51 10.08 7.26
C SER A 18 1.38 9.54 8.39
N GLY A 19 2.70 9.66 8.24
CA GLY A 19 3.63 9.26 9.28
C GLY A 19 4.38 7.96 9.05
N TYR A 20 4.04 7.23 8.00
CA TYR A 20 4.74 5.98 7.69
C TYR A 20 6.18 6.28 7.31
N GLY A 21 7.09 5.50 7.89
CA GLY A 21 8.50 5.68 7.57
C GLY A 21 8.80 4.83 6.37
N VAL A 22 9.18 5.45 5.26
CA VAL A 22 9.49 4.68 4.06
C VAL A 22 10.82 3.97 4.34
N ILE A 23 10.84 2.67 4.07
CA ILE A 23 12.01 1.84 4.30
C ILE A 23 12.78 1.76 3.00
N GLN A 24 12.05 1.59 1.91
CA GLN A 24 12.64 1.53 0.58
C GLN A 24 11.62 2.12 -0.37
N ALA A 25 12.08 2.93 -1.32
CA ALA A 25 11.19 3.57 -2.27
C ALA A 25 11.61 3.21 -3.70
N GLY A 26 10.85 2.34 -4.34
CA GLY A 26 11.14 1.98 -5.70
C GLY A 26 12.29 1.01 -5.84
N GLU A 27 12.23 -0.12 -5.13
CA GLU A 27 13.26 -1.16 -5.24
C GLU A 27 13.30 -1.59 -6.71
N SER A 28 12.11 -1.61 -7.28
CA SER A 28 11.87 -1.85 -8.70
C SER A 28 10.42 -1.43 -8.90
N ASP A 29 9.54 -2.27 -8.40
CA ASP A 29 8.09 -2.05 -8.48
C ASP A 29 7.51 -2.17 -7.08
N GLU A 30 8.40 -2.11 -6.09
CA GLU A 30 8.07 -2.36 -4.69
C GLU A 30 8.47 -1.19 -3.76
N ILE A 31 7.61 -0.88 -2.80
CA ILE A 31 7.86 0.17 -1.79
C ILE A 31 7.45 -0.41 -0.43
N TRP A 32 8.31 -0.23 0.56
CA TRP A 32 8.02 -0.68 1.93
C TRP A 32 7.82 0.52 2.84
N LEU A 33 6.80 0.46 3.68
CA LEU A 33 6.46 1.52 4.63
C LEU A 33 6.26 0.91 6.01
N GLU A 34 6.91 1.47 7.00
CA GLU A 34 6.77 1.02 8.38
C GLU A 34 5.53 1.65 9.02
N ALA A 35 4.72 0.85 9.69
CA ALA A 35 3.53 1.36 10.37
C ALA A 35 4.01 2.13 11.62
N PRO A 36 3.72 3.44 11.72
CA PRO A 36 4.27 4.18 12.88
C PRO A 36 3.54 3.93 14.20
N ASP A 37 2.28 3.53 14.12
CA ASP A 37 1.43 3.31 15.28
C ASP A 37 1.75 2.02 16.03
N LYS A 38 2.45 1.13 15.34
CA LYS A 38 2.85 -0.18 15.89
C LYS A 38 1.63 -1.00 16.26
N SER A 39 0.64 -0.85 15.41
CA SER A 39 -0.62 -1.58 15.43
C SER A 39 -0.38 -3.07 15.20
N SER A 40 -1.46 -3.82 15.06
CA SER A 40 -1.38 -5.22 14.71
C SER A 40 -0.47 -5.36 13.48
N HIS A 41 -0.61 -4.46 12.51
CA HIS A 41 0.28 -4.40 11.35
C HIS A 41 1.58 -3.71 11.70
N ASP A 42 2.68 -4.27 11.21
CA ASP A 42 4.00 -3.66 11.38
C ASP A 42 4.44 -2.94 10.14
N LEU A 43 4.11 -3.51 8.98
CA LEU A 43 4.60 -3.00 7.69
C LEU A 43 3.53 -3.03 6.61
N VAL A 44 3.79 -2.29 5.54
CA VAL A 44 2.95 -2.26 4.34
C VAL A 44 3.87 -2.44 3.12
N ARG A 45 3.49 -3.30 2.18
CA ARG A 45 4.25 -3.50 0.93
C ARG A 45 3.36 -3.14 -0.25
N LEU A 46 3.73 -2.07 -0.95
CA LEU A 46 2.98 -1.65 -2.14
C LEU A 46 3.72 -2.27 -3.32
N TYR A 47 3.02 -3.03 -4.15
CA TYR A 47 3.65 -3.72 -5.27
C TYR A 47 2.80 -3.58 -6.53
N LYS A 48 3.41 -3.18 -7.65
CA LYS A 48 2.65 -3.02 -8.90
C LYS A 48 3.02 -4.14 -9.88
N HIS A 49 2.05 -4.99 -10.17
CA HIS A 49 2.24 -6.16 -11.01
C HIS A 49 0.93 -6.50 -11.73
N ASP A 50 0.99 -6.93 -12.97
CA ASP A 50 -0.19 -7.37 -13.70
C ASP A 50 -0.32 -8.89 -13.52
N LEU A 51 -1.18 -9.26 -12.58
CA LEU A 51 -1.39 -10.66 -12.20
C LEU A 51 -2.45 -11.31 -13.10
N ASP A 52 -2.00 -12.12 -14.06
CA ASP A 52 -2.93 -12.81 -14.97
C ASP A 52 -3.77 -13.88 -14.25
N PHE A 53 -3.11 -14.65 -13.38
CA PHE A 53 -3.78 -15.73 -12.65
C PHE A 53 -3.68 -15.54 -11.16
N ARG A 54 -4.60 -16.12 -10.41
CA ARG A 54 -4.55 -16.07 -8.95
C ARG A 54 -3.35 -16.85 -8.45
N GLN A 55 -2.78 -17.67 -9.32
CA GLN A 55 -1.60 -18.44 -8.98
C GLN A 55 -0.47 -17.45 -8.73
N GLU A 56 -0.40 -16.41 -9.54
CA GLU A 56 0.64 -15.41 -9.39
C GLU A 56 0.40 -14.61 -8.13
N MET A 57 -0.86 -14.35 -7.83
CA MET A 57 -1.21 -13.61 -6.63
C MET A 57 -0.74 -14.35 -5.37
N VAL A 58 -1.07 -15.63 -5.26
CA VAL A 58 -0.67 -16.38 -4.05
C VAL A 58 0.85 -16.60 -4.01
N ARG A 59 1.46 -16.74 -5.19
CA ARG A 59 2.92 -16.98 -5.26
C ARG A 59 3.69 -15.77 -4.78
N ASP A 60 3.19 -14.58 -5.04
CA ASP A 60 3.86 -13.38 -4.55
C ASP A 60 3.84 -13.38 -3.02
N ILE A 61 2.78 -13.91 -2.43
CA ILE A 61 2.72 -13.96 -0.96
C ILE A 61 3.69 -15.00 -0.40
N GLU A 62 3.94 -16.07 -1.16
CA GLU A 62 4.91 -17.07 -0.71
C GLU A 62 6.29 -16.41 -0.65
N GLU A 63 6.58 -15.57 -1.63
CA GLU A 63 7.85 -14.85 -1.69
C GLU A 63 7.93 -13.88 -0.50
N GLN A 64 6.83 -13.20 -0.25
CA GLN A 64 6.74 -12.27 0.87
C GLN A 64 6.91 -12.96 2.20
N ALA A 65 6.34 -14.14 2.39
CA ALA A 65 6.43 -14.83 3.67
C ALA A 65 7.88 -15.06 4.09
N GLU A 66 8.72 -15.44 3.13
CA GLU A 66 10.13 -15.66 3.42
C GLU A 66 10.81 -14.34 3.79
N ARG A 67 10.46 -13.29 3.07
CA ARG A 67 11.01 -11.95 3.34
C ARG A 67 10.59 -11.49 4.73
N VAL A 68 9.31 -11.65 5.01
CA VAL A 68 8.72 -11.18 6.24
C VAL A 68 9.32 -11.88 7.45
N GLU A 69 9.55 -13.18 7.41
CA GLU A 69 10.15 -13.82 8.58
C GLU A 69 11.60 -13.36 8.79
N ARG A 70 12.32 -13.04 7.70
CA ARG A 70 13.69 -12.55 7.85
C ARG A 70 13.64 -11.19 8.57
N VAL A 71 12.71 -10.35 8.16
CA VAL A 71 12.55 -9.02 8.78
C VAL A 71 12.01 -9.17 10.21
N ARG A 72 11.14 -10.15 10.44
CA ARG A 72 10.60 -10.41 11.78
C ARG A 72 11.71 -10.73 12.76
N HIS A 73 12.75 -11.40 12.28
CA HIS A 73 13.89 -11.74 13.13
C HIS A 73 14.56 -10.45 13.62
N GLN A 74 14.64 -9.46 12.76
CA GLN A 74 15.24 -8.17 13.09
C GLN A 74 14.34 -7.35 14.01
N LEU A 75 13.03 -7.38 13.74
CA LEU A 75 12.04 -6.62 14.52
C LEU A 75 11.80 -7.20 15.91
N GLY A 76 12.18 -8.46 16.11
CA GLY A 76 12.03 -9.11 17.40
C GLY A 76 10.61 -9.49 17.81
N ARG A 77 9.62 -9.16 17.00
CA ARG A 77 8.23 -9.52 17.32
C ARG A 77 8.07 -11.03 17.14
N ARG A 78 7.14 -11.62 17.88
CA ARG A 78 6.92 -13.07 17.81
C ARG A 78 6.24 -13.49 16.52
N ARG A 79 5.47 -12.58 15.93
CA ARG A 79 4.82 -12.79 14.63
C ARG A 79 4.92 -11.47 13.92
N MET A 80 4.79 -11.47 12.60
CA MET A 80 4.83 -10.24 11.81
C MET A 80 3.53 -10.14 11.02
N LYS A 81 2.98 -8.95 10.89
CA LYS A 81 1.76 -8.75 10.09
C LYS A 81 2.02 -7.72 8.99
N LEU A 82 1.70 -8.07 7.76
CA LEU A 82 2.00 -7.23 6.59
C LEU A 82 0.80 -6.99 5.68
N LEU A 83 0.48 -5.73 5.45
CA LEU A 83 -0.57 -5.37 4.50
C LEU A 83 0.07 -5.29 3.12
N ASN A 84 -0.24 -6.24 2.26
CA ASN A 84 0.28 -6.26 0.90
C ASN A 84 -0.78 -5.68 -0.04
N VAL A 85 -0.41 -4.70 -0.86
CA VAL A 85 -1.37 -4.08 -1.79
C VAL A 85 -0.85 -4.14 -3.23
N PHE A 86 -1.55 -4.92 -4.05
CA PHE A 86 -1.24 -5.05 -5.47
C PHE A 86 -1.88 -3.92 -6.26
N PHE A 87 -1.17 -3.44 -7.27
CA PHE A 87 -1.70 -2.45 -8.21
C PHE A 87 -1.64 -3.13 -9.57
N SER A 88 -2.79 -3.47 -10.12
CA SER A 88 -2.87 -4.26 -11.36
C SER A 88 -3.72 -3.57 -12.42
N THR A 89 -3.55 -3.97 -13.67
CA THR A 89 -4.35 -3.41 -14.77
C THR A 89 -5.78 -3.86 -14.57
N GLU A 90 -5.93 -5.14 -14.35
CA GLU A 90 -7.21 -5.77 -14.13
C GLU A 90 -6.86 -6.90 -13.21
N ALA A 91 -7.84 -7.36 -12.47
CA ALA A 91 -7.67 -8.43 -11.51
C ALA A 91 -7.50 -9.77 -12.27
N PRO A 92 -6.91 -10.80 -11.62
CA PRO A 92 -6.74 -12.09 -12.31
C PRO A 92 -8.02 -12.70 -12.86
N VAL A 93 -7.87 -13.52 -13.90
CA VAL A 93 -9.01 -14.09 -14.62
C VAL A 93 -9.96 -15.03 -13.85
N ASP A 94 -9.50 -15.68 -12.78
CA ASP A 94 -10.37 -16.63 -12.07
C ASP A 94 -10.04 -16.89 -10.59
N ASP A 95 -11.09 -17.09 -9.81
CA ASP A 95 -11.08 -17.48 -8.38
C ASP A 95 -10.11 -16.73 -7.44
N TRP A 96 -9.67 -15.55 -7.85
CA TRP A 96 -8.74 -14.77 -7.07
C TRP A 96 -9.42 -14.07 -5.89
N GLU A 97 -10.73 -13.86 -6.00
CA GLU A 97 -11.42 -13.06 -4.98
C GLU A 97 -11.28 -13.64 -3.58
N GLU A 98 -11.31 -14.95 -3.47
CA GLU A 98 -11.17 -15.59 -2.16
C GLU A 98 -9.76 -15.40 -1.57
N ILE A 99 -8.80 -15.06 -2.42
CA ILE A 99 -7.42 -14.85 -1.97
C ILE A 99 -7.35 -13.54 -1.19
N ALA A 100 -8.05 -12.52 -1.66
CA ALA A 100 -8.07 -11.21 -1.00
C ALA A 100 -8.94 -11.23 0.25
N LYS A 101 -9.52 -12.39 0.54
CA LYS A 101 -10.37 -12.57 1.72
C LYS A 101 -9.71 -13.49 2.72
N LYS A 102 -8.48 -13.92 2.44
CA LYS A 102 -7.78 -14.84 3.33
C LYS A 102 -6.45 -14.26 3.79
N THR A 103 -5.99 -14.72 4.93
CA THR A 103 -4.71 -14.31 5.48
C THR A 103 -3.74 -15.42 5.17
N PHE A 104 -2.63 -15.08 4.54
CA PHE A 104 -1.60 -16.03 4.24
C PHE A 104 -0.76 -16.14 5.50
N GLU A 105 -0.80 -17.29 6.15
CA GLU A 105 -0.07 -17.47 7.40
C GLU A 105 0.99 -18.56 7.31
N LYS A 106 2.22 -18.17 7.61
CA LYS A 106 3.36 -19.09 7.60
C LYS A 106 4.02 -19.04 8.97
N GLY A 107 3.39 -19.66 9.96
CA GLY A 107 3.98 -19.68 11.29
C GLY A 107 4.07 -18.28 11.87
N THR A 108 5.29 -17.79 12.04
CA THR A 108 5.54 -16.46 12.60
C THR A 108 5.20 -15.30 11.64
N VAL A 109 4.51 -15.61 10.56
CA VAL A 109 4.14 -14.62 9.54
C VAL A 109 2.66 -14.65 9.25
N SER A 110 2.06 -13.48 9.07
CA SER A 110 0.70 -13.35 8.57
C SER A 110 0.73 -12.19 7.57
N VAL A 111 0.27 -12.42 6.35
CA VAL A 111 0.23 -11.39 5.31
C VAL A 111 -1.17 -11.37 4.74
N GLU A 112 -1.76 -10.21 4.60
CA GLU A 112 -3.08 -10.10 3.99
C GLU A 112 -2.97 -9.37 2.65
N PRO A 113 -3.31 -10.05 1.54
CA PRO A 113 -3.26 -9.35 0.27
C PRO A 113 -4.47 -8.45 0.03
N ALA A 114 -4.28 -7.45 -0.81
CA ALA A 114 -5.34 -6.55 -1.22
C ALA A 114 -4.94 -6.20 -2.65
N ILE A 115 -5.89 -5.81 -3.49
CA ILE A 115 -5.60 -5.52 -4.89
C ILE A 115 -6.50 -4.40 -5.37
N VAL A 116 -5.91 -3.49 -6.14
CA VAL A 116 -6.67 -2.45 -6.82
C VAL A 116 -6.47 -2.76 -8.29
N ARG A 117 -7.51 -2.58 -9.10
CA ARG A 117 -7.40 -2.83 -10.53
C ARG A 117 -7.72 -1.50 -11.17
N GLY A 118 -7.16 -1.24 -12.34
CA GLY A 118 -7.36 0.04 -12.98
C GLY A 118 -8.82 0.28 -13.34
N THR A 119 -9.57 -0.81 -13.46
CA THR A 119 -10.97 -0.77 -13.86
C THR A 119 -11.92 -0.23 -12.80
N MET A 120 -11.60 -0.43 -11.53
CA MET A 120 -12.46 0.07 -10.44
C MET A 120 -11.65 0.85 -9.44
N LEU A 121 -10.50 1.30 -9.89
CA LEU A 121 -9.50 1.97 -9.06
C LEU A 121 -10.02 2.97 -8.02
N ARG A 122 -10.98 3.81 -8.39
CA ARG A 122 -11.50 4.80 -7.44
C ARG A 122 -12.17 4.13 -6.23
N ASP A 123 -12.92 3.06 -6.47
CA ASP A 123 -13.61 2.35 -5.41
C ASP A 123 -12.64 1.45 -4.66
N ASP A 124 -11.75 0.81 -5.42
CA ASP A 124 -10.75 -0.08 -4.83
C ASP A 124 -9.90 0.70 -3.84
N LEU A 125 -9.51 1.92 -4.20
CA LEU A 125 -8.67 2.72 -3.34
C LEU A 125 -9.32 3.05 -2.03
N GLN A 126 -10.59 3.43 -2.02
CA GLN A 126 -11.23 3.81 -0.76
C GLN A 126 -11.54 2.58 0.08
N ALA A 127 -11.48 1.40 -0.52
CA ALA A 127 -11.71 0.17 0.21
C ALA A 127 -10.49 -0.15 1.09
N VAL A 128 -9.30 0.08 0.56
CA VAL A 128 -8.06 -0.21 1.31
C VAL A 128 -7.51 1.05 2.03
N PHE A 129 -7.60 2.20 1.39
CA PHE A 129 -7.14 3.47 1.94
C PHE A 129 -8.28 4.51 1.94
N PRO A 130 -9.23 4.41 2.88
CA PRO A 130 -10.34 5.39 2.86
C PRO A 130 -9.92 6.82 3.21
N SER A 131 -8.68 6.99 3.63
CA SER A 131 -8.15 8.31 3.97
C SER A 131 -7.46 8.99 2.79
N PHE A 132 -7.45 8.34 1.63
CA PHE A 132 -6.81 8.92 0.45
C PHE A 132 -7.76 9.92 -0.22
N ARG A 133 -7.21 11.03 -0.69
CA ARG A 133 -8.02 12.04 -1.36
C ARG A 133 -8.19 11.65 -2.82
N THR A 134 -9.28 10.97 -3.13
CA THR A 134 -9.55 10.52 -4.49
C THR A 134 -9.70 11.67 -5.49
N GLU A 135 -10.01 12.87 -5.00
CA GLU A 135 -10.12 14.06 -5.85
C GLU A 135 -8.79 14.38 -6.54
N ASP A 136 -7.68 13.98 -5.92
CA ASP A 136 -6.36 14.22 -6.49
C ASP A 136 -6.15 13.37 -7.75
N CYS A 137 -7.00 12.37 -7.91
CA CYS A 137 -6.93 11.46 -9.07
C CYS A 137 -8.16 11.63 -9.97
N SER A 138 -8.77 12.81 -9.92
CA SER A 138 -9.91 13.10 -10.80
C SER A 138 -9.42 13.04 -12.24
N GLU A 139 -10.33 12.78 -13.18
CA GLU A 139 -9.96 12.66 -14.59
C GLU A 139 -9.30 13.93 -15.14
N GLU A 140 -9.65 15.08 -14.57
CA GLU A 140 -9.06 16.36 -14.95
C GLU A 140 -7.57 16.44 -14.59
N HIS A 141 -7.10 15.54 -13.73
CA HIS A 141 -5.72 15.55 -13.26
C HIS A 141 -5.01 14.26 -13.64
N ALA A 142 -5.73 13.35 -14.28
CA ALA A 142 -5.23 12.01 -14.59
C ALA A 142 -4.44 11.89 -15.91
N SER A 143 -3.69 12.93 -16.29
CA SER A 143 -2.88 12.84 -17.51
C SER A 143 -1.82 11.76 -17.33
N PHE A 144 -1.51 11.04 -18.39
CA PHE A 144 -0.53 9.96 -18.30
C PHE A 144 0.88 10.48 -18.03
N GLU A 145 1.19 11.69 -18.46
CA GLU A 145 2.53 12.27 -18.23
C GLU A 145 2.71 12.57 -16.74
N ASN A 146 1.60 12.80 -16.04
CA ASN A 146 1.63 13.11 -14.63
C ASN A 146 2.14 11.92 -13.83
N ALA A 147 2.10 10.72 -14.41
CA ALA A 147 2.63 9.54 -13.75
C ALA A 147 4.12 9.73 -13.43
N GLN A 148 4.85 10.34 -14.35
CA GLN A 148 6.28 10.61 -14.13
C GLN A 148 6.43 11.61 -13.00
N MET A 149 5.59 12.64 -13.03
CA MET A 149 5.61 13.67 -12.00
C MET A 149 5.27 13.07 -10.65
N ALA A 150 4.36 12.11 -10.61
CA ALA A 150 3.96 11.48 -9.34
C ALA A 150 5.18 10.86 -8.66
N ARG A 151 6.04 10.20 -9.43
CA ARG A 151 7.25 9.61 -8.87
C ARG A 151 8.17 10.70 -8.36
N GLU A 152 8.44 11.69 -9.18
CA GLU A 152 9.37 12.75 -8.79
C GLU A 152 8.88 13.51 -7.56
N ARG A 153 7.59 13.79 -7.52
CA ARG A 153 7.01 14.49 -6.39
C ARG A 153 7.07 13.62 -5.16
N PHE A 154 6.88 12.32 -5.28
CA PHE A 154 7.01 11.43 -4.13
C PHE A 154 8.42 11.47 -3.56
N LEU A 155 9.43 11.41 -4.40
CA LEU A 155 10.82 11.43 -3.91
C LEU A 155 11.07 12.75 -3.18
N SER A 156 10.52 13.83 -3.70
CA SER A 156 10.63 15.14 -3.04
C SER A 156 9.81 15.20 -1.74
N LEU A 157 8.67 14.52 -1.75
CA LEU A 157 7.75 14.48 -0.62
C LEU A 157 8.38 13.75 0.56
N VAL A 158 9.14 12.70 0.29
CA VAL A 158 9.84 11.97 1.35
C VAL A 158 10.73 12.93 2.13
N LEU A 159 11.51 13.75 1.44
CA LEU A 159 12.40 14.68 2.13
C LEU A 159 11.55 15.76 2.83
N LYS A 160 10.48 16.19 2.18
CA LYS A 160 9.61 17.21 2.76
C LYS A 160 8.93 16.73 4.05
N GLN A 161 8.68 15.44 4.17
CA GLN A 161 8.00 14.91 5.35
C GLN A 161 8.78 15.20 6.63
N GLU A 162 10.09 15.35 6.54
CA GLU A 162 10.92 15.63 7.72
C GLU A 162 10.50 16.98 8.33
N GLU A 163 10.22 17.94 7.49
CA GLU A 163 9.77 19.26 7.93
C GLU A 163 8.38 19.13 8.57
N GLN A 164 7.57 18.23 8.03
CA GLN A 164 6.20 18.03 8.54
C GLN A 164 6.19 17.34 9.91
N ARG A 165 7.16 16.48 10.18
CA ARG A 165 7.19 15.68 11.43
C ARG A 165 7.00 16.49 12.69
N LYS A 166 7.60 17.66 12.76
CA LYS A 166 7.55 18.50 13.97
C LYS A 166 6.14 18.97 14.34
N THR A 167 5.19 18.92 13.40
CA THR A 167 3.83 19.38 13.69
C THR A 167 3.10 18.46 14.67
N GLU A 168 3.60 17.25 14.87
CA GLU A 168 2.98 16.31 15.82
C GLU A 168 3.00 16.86 17.25
N ALA A 169 3.95 17.76 17.51
CA ALA A 169 4.10 18.41 18.81
C ALA A 169 2.85 19.18 19.26
N ALA A 170 1.91 19.42 18.35
CA ALA A 170 0.67 20.09 18.68
C ALA A 170 -0.35 19.14 19.33
N VAL A 171 0.04 17.88 19.48
CA VAL A 171 -0.72 16.85 20.19
C VAL A 171 -2.20 16.72 19.79
N PHE A 172 -2.45 16.46 18.51
CA PHE A 172 -3.82 16.24 18.06
C PHE A 172 -3.84 15.20 16.94
N GLN A 173 -4.94 14.49 16.84
CA GLN A 173 -5.14 13.48 15.79
C GLN A 173 -6.64 13.19 15.79
N ASN A 174 -7.11 12.49 14.76
CA ASN A 174 -8.54 12.15 14.64
C ASN A 174 -8.77 10.66 14.88
N GLY A 175 -7.73 9.96 15.32
CA GLY A 175 -7.83 8.53 15.51
C GLY A 175 -7.69 7.81 14.18
N LYS A 176 -7.97 6.52 14.16
CA LYS A 176 -7.91 5.73 12.94
C LYS A 176 -8.96 4.63 13.01
N LEU A 177 -9.25 4.02 11.88
CA LEU A 177 -10.22 2.93 11.80
C LEU A 177 -9.48 1.82 11.08
N GLU A 178 -9.96 0.59 11.21
CA GLU A 178 -9.35 -0.56 10.58
C GLU A 178 -10.51 -1.46 10.18
N ARG A 179 -10.27 -2.42 9.29
CA ARG A 179 -11.35 -3.29 8.80
C ARG A 179 -11.11 -4.78 9.06
N GLU A 180 -10.26 -5.09 10.03
CA GLU A 180 -9.95 -6.49 10.33
C GLU A 180 -11.22 -7.17 10.88
N ASN A 181 -11.66 -8.23 10.20
CA ASN A 181 -12.85 -8.96 10.58
C ASN A 181 -12.63 -10.47 10.44
N LEU A 182 -12.33 -11.10 11.57
CA LEU A 182 -12.02 -12.54 11.63
C LEU A 182 -10.75 -12.78 10.78
N TYR A 183 -10.51 -14.01 10.37
CA TYR A 183 -9.38 -14.36 9.53
C TYR A 183 -9.78 -15.66 8.86
N PHE A 184 -9.13 -15.99 7.77
CA PHE A 184 -9.39 -17.21 7.02
C PHE A 184 -8.03 -17.65 6.53
N GLN A 185 -7.82 -18.94 6.33
CA GLN A 185 -6.51 -19.45 5.91
C GLN A 185 -6.77 -20.69 5.06
N MET A 1 6.53 2.82 -15.96
CA MET A 1 5.63 3.89 -16.48
C MET A 1 4.22 3.34 -16.70
N PHE A 2 3.38 3.39 -15.66
CA PHE A 2 2.00 2.92 -15.77
C PHE A 2 1.07 3.91 -15.08
N LEU A 3 -0.21 3.89 -15.44
CA LEU A 3 -1.17 4.78 -14.78
C LEU A 3 -1.32 4.35 -13.33
N LEU A 4 -1.35 3.04 -13.08
CA LEU A 4 -1.46 2.51 -11.72
C LEU A 4 -0.25 2.88 -10.89
N GLU A 5 0.91 2.95 -11.52
CA GLU A 5 2.13 3.31 -10.84
C GLU A 5 2.02 4.74 -10.28
N TYR A 6 1.24 5.58 -10.95
CA TYR A 6 1.00 6.94 -10.48
C TYR A 6 0.31 6.86 -9.11
N THR A 7 -0.65 5.94 -8.97
CA THR A 7 -1.34 5.73 -7.69
C THR A 7 -0.40 5.13 -6.67
N TYR A 8 0.37 4.14 -7.07
CA TYR A 8 1.35 3.49 -6.19
C TYR A 8 2.26 4.54 -5.54
N TRP A 9 2.80 5.48 -6.32
CA TRP A 9 3.65 6.54 -5.77
C TRP A 9 2.91 7.53 -4.87
N LYS A 10 1.72 7.98 -5.26
CA LYS A 10 0.99 8.97 -4.44
C LYS A 10 0.40 8.34 -3.17
N ILE A 11 0.14 7.05 -3.18
CA ILE A 11 -0.31 6.37 -1.96
C ILE A 11 0.87 6.26 -1.01
N ALA A 12 2.05 5.99 -1.53
CA ALA A 12 3.24 5.92 -0.69
C ALA A 12 3.39 7.24 0.05
N ALA A 13 3.13 8.33 -0.68
CA ALA A 13 3.18 9.66 -0.09
C ALA A 13 2.15 9.82 1.03
N HIS A 14 0.95 9.32 0.84
CA HIS A 14 -0.10 9.47 1.85
C HIS A 14 0.20 8.67 3.13
N LEU A 15 0.83 7.50 2.99
CA LEU A 15 1.19 6.73 4.18
C LEU A 15 2.33 7.42 4.89
N VAL A 16 3.33 7.88 4.14
CA VAL A 16 4.39 8.72 4.72
C VAL A 16 3.80 9.94 5.45
N ASN A 17 2.79 10.58 4.86
CA ASN A 17 2.14 11.74 5.51
C ASN A 17 1.52 11.33 6.83
N SER A 18 1.08 10.08 6.93
CA SER A 18 0.46 9.55 8.14
C SER A 18 1.49 9.08 9.17
N GLY A 19 2.76 9.38 8.94
CA GLY A 19 3.80 9.07 9.90
C GLY A 19 4.55 7.76 9.66
N TYR A 20 4.21 7.05 8.60
CA TYR A 20 4.90 5.80 8.27
C TYR A 20 6.30 6.09 7.79
N GLY A 21 7.27 5.46 8.42
CA GLY A 21 8.66 5.66 8.04
C GLY A 21 8.89 4.82 6.80
N VAL A 22 9.16 5.47 5.67
CA VAL A 22 9.40 4.73 4.45
C VAL A 22 10.75 4.04 4.61
N ILE A 23 10.76 2.74 4.36
CA ILE A 23 11.94 1.91 4.54
C ILE A 23 12.78 1.96 3.27
N GLN A 24 12.09 1.96 2.13
CA GLN A 24 12.76 2.07 0.83
C GLN A 24 11.90 2.91 -0.09
N ALA A 25 12.53 3.82 -0.80
CA ALA A 25 11.85 4.70 -1.73
C ALA A 25 12.77 4.84 -2.93
N GLY A 26 12.19 4.86 -4.12
CA GLY A 26 12.95 4.98 -5.34
C GLY A 26 12.73 3.73 -6.15
N GLU A 27 12.50 2.64 -5.44
CA GLU A 27 12.15 1.38 -6.09
C GLU A 27 10.76 1.60 -6.67
N SER A 28 10.55 1.15 -7.90
CA SER A 28 9.30 1.41 -8.61
C SER A 28 8.36 0.23 -8.54
N ASP A 29 8.87 -0.94 -8.19
CA ASP A 29 8.04 -2.12 -8.07
C ASP A 29 7.45 -2.24 -6.66
N GLU A 30 8.28 -2.08 -5.63
CA GLU A 30 7.82 -2.21 -4.23
C GLU A 30 8.33 -1.11 -3.28
N ILE A 31 7.44 -0.62 -2.44
CA ILE A 31 7.78 0.38 -1.41
C ILE A 31 7.32 -0.19 -0.08
N TRP A 32 8.20 -0.14 0.91
CA TRP A 32 7.92 -0.67 2.23
C TRP A 32 7.82 0.49 3.22
N LEU A 33 6.86 0.40 4.12
CA LEU A 33 6.59 1.44 5.13
C LEU A 33 6.48 0.77 6.50
N GLU A 34 7.20 1.34 7.45
CA GLU A 34 7.23 0.85 8.83
C GLU A 34 6.02 1.40 9.58
N ALA A 35 5.27 0.55 10.28
CA ALA A 35 4.06 0.98 10.98
C ALA A 35 4.45 1.74 12.28
N PRO A 36 4.16 3.06 12.34
CA PRO A 36 4.59 3.80 13.55
C PRO A 36 3.73 3.50 14.78
N ASP A 37 2.55 2.97 14.53
CA ASP A 37 1.59 2.64 15.58
C ASP A 37 2.01 1.39 16.35
N LYS A 38 2.84 0.57 15.72
CA LYS A 38 3.33 -0.70 16.30
C LYS A 38 2.12 -1.58 16.58
N SER A 39 1.20 -1.51 15.64
CA SER A 39 -0.08 -2.20 15.68
C SER A 39 0.07 -3.70 15.45
N SER A 40 -1.05 -4.40 15.42
CA SER A 40 -1.07 -5.83 15.11
C SER A 40 -0.52 -6.13 13.71
N HIS A 41 -0.32 -5.08 12.91
CA HIS A 41 0.36 -5.19 11.63
C HIS A 41 1.68 -4.47 11.81
N ASP A 42 2.76 -5.10 11.39
CA ASP A 42 4.09 -4.56 11.61
C ASP A 42 4.58 -3.69 10.46
N LEU A 43 4.30 -4.12 9.23
CA LEU A 43 4.78 -3.42 8.03
C LEU A 43 3.73 -3.35 6.94
N VAL A 44 3.92 -2.45 6.00
CA VAL A 44 3.05 -2.30 4.82
C VAL A 44 3.93 -2.33 3.56
N ARG A 45 3.50 -3.07 2.54
CA ARG A 45 4.21 -3.18 1.25
C ARG A 45 3.28 -2.80 0.12
N LEU A 46 3.59 -1.73 -0.59
CA LEU A 46 2.83 -1.33 -1.76
C LEU A 46 3.55 -2.04 -2.89
N TYR A 47 2.82 -2.70 -3.78
CA TYR A 47 3.44 -3.42 -4.90
C TYR A 47 2.65 -3.18 -6.18
N LYS A 48 3.34 -2.92 -7.29
CA LYS A 48 2.64 -2.70 -8.57
C LYS A 48 2.79 -3.91 -9.49
N HIS A 49 1.69 -4.59 -9.76
CA HIS A 49 1.68 -5.77 -10.64
C HIS A 49 0.31 -5.87 -11.29
N ASP A 50 0.23 -6.40 -12.50
CA ASP A 50 -1.06 -6.63 -13.18
C ASP A 50 -1.25 -8.13 -13.15
N LEU A 51 -2.42 -8.59 -12.74
CA LEU A 51 -2.64 -10.01 -12.50
C LEU A 51 -3.84 -10.55 -13.31
N ASP A 52 -3.59 -11.53 -14.16
CA ASP A 52 -4.64 -12.14 -14.99
C ASP A 52 -5.33 -13.31 -14.27
N PHE A 53 -4.54 -14.09 -13.53
CA PHE A 53 -5.05 -15.24 -12.80
C PHE A 53 -4.58 -15.18 -11.36
N ARG A 54 -5.43 -15.63 -10.44
CA ARG A 54 -5.10 -15.59 -9.01
C ARG A 54 -3.91 -16.47 -8.66
N GLN A 55 -3.57 -17.40 -9.54
CA GLN A 55 -2.43 -18.26 -9.26
C GLN A 55 -1.17 -17.41 -9.14
N GLU A 56 -1.08 -16.32 -9.88
CA GLU A 56 0.09 -15.42 -9.78
C GLU A 56 -0.03 -14.56 -8.54
N MET A 57 -1.25 -14.17 -8.19
CA MET A 57 -1.51 -13.37 -7.00
C MET A 57 -1.06 -14.12 -5.75
N VAL A 58 -1.45 -15.39 -5.62
CA VAL A 58 -1.05 -16.20 -4.45
C VAL A 58 0.46 -16.44 -4.49
N ARG A 59 1.00 -16.53 -5.69
CA ARG A 59 2.43 -16.83 -5.90
C ARG A 59 3.29 -15.71 -5.37
N ASP A 60 2.85 -14.48 -5.57
CA ASP A 60 3.60 -13.33 -5.10
C ASP A 60 3.70 -13.40 -3.59
N ILE A 61 2.62 -13.82 -2.92
CA ILE A 61 2.63 -13.91 -1.47
C ILE A 61 3.57 -15.02 -0.97
N GLU A 62 3.70 -16.09 -1.73
CA GLU A 62 4.63 -17.16 -1.36
C GLU A 62 6.05 -16.60 -1.30
N GLU A 63 6.36 -15.73 -2.24
CA GLU A 63 7.68 -15.11 -2.32
C GLU A 63 7.82 -14.06 -1.21
N GLN A 64 6.78 -13.26 -1.03
CA GLN A 64 6.78 -12.21 -0.01
C GLN A 64 6.96 -12.80 1.35
N ALA A 65 6.35 -13.93 1.62
CA ALA A 65 6.43 -14.52 2.94
C ALA A 65 7.86 -14.86 3.31
N GLU A 66 8.65 -15.36 2.38
CA GLU A 66 10.04 -15.69 2.70
C GLU A 66 10.84 -14.40 2.89
N ARG A 67 10.52 -13.37 2.11
CA ARG A 67 11.14 -12.05 2.28
C ARG A 67 10.82 -11.53 3.68
N VAL A 68 9.56 -11.67 4.08
CA VAL A 68 9.09 -11.23 5.38
C VAL A 68 9.72 -12.05 6.49
N GLU A 69 9.88 -13.35 6.33
CA GLU A 69 10.48 -14.14 7.41
C GLU A 69 11.91 -13.69 7.70
N ARG A 70 12.65 -13.25 6.68
CA ARG A 70 13.99 -12.71 6.93
C ARG A 70 13.87 -11.50 7.86
N VAL A 71 12.91 -10.62 7.58
CA VAL A 71 12.68 -9.43 8.37
C VAL A 71 12.15 -9.80 9.76
N ARG A 72 11.31 -10.82 9.83
CA ARG A 72 10.75 -11.30 11.09
C ARG A 72 11.85 -11.75 12.03
N HIS A 73 12.85 -12.43 11.52
CA HIS A 73 13.99 -12.86 12.34
C HIS A 73 14.77 -11.64 12.82
N GLN A 74 14.94 -10.66 11.95
CA GLN A 74 15.66 -9.43 12.30
C GLN A 74 14.91 -8.65 13.40
N LEU A 75 13.59 -8.62 13.30
CA LEU A 75 12.74 -7.92 14.27
C LEU A 75 12.55 -8.71 15.56
N GLY A 76 12.92 -9.99 15.54
CA GLY A 76 12.82 -10.84 16.73
C GLY A 76 11.40 -11.21 17.15
N ARG A 77 10.41 -10.76 16.40
CA ARG A 77 9.01 -11.00 16.75
C ARG A 77 8.68 -12.49 16.59
N ARG A 78 7.66 -12.96 17.30
CA ARG A 78 7.27 -14.38 17.24
C ARG A 78 6.79 -14.73 15.82
N ARG A 79 6.06 -13.81 15.22
CA ARG A 79 5.57 -13.93 13.84
C ARG A 79 5.52 -12.50 13.35
N MET A 80 5.33 -12.27 12.06
CA MET A 80 5.22 -10.91 11.53
C MET A 80 3.98 -10.79 10.65
N LYS A 81 3.36 -9.61 10.65
CA LYS A 81 2.19 -9.33 9.82
C LYS A 81 2.51 -8.25 8.78
N LEU A 82 2.31 -8.57 7.51
CA LEU A 82 2.55 -7.60 6.42
C LEU A 82 1.26 -7.29 5.67
N LEU A 83 0.96 -6.00 5.51
CA LEU A 83 -0.17 -5.58 4.69
C LEU A 83 0.37 -5.36 3.29
N ASN A 84 -0.01 -6.20 2.35
CA ASN A 84 0.43 -6.07 0.97
C ASN A 84 -0.70 -5.47 0.16
N VAL A 85 -0.43 -4.42 -0.58
CA VAL A 85 -1.45 -3.81 -1.44
C VAL A 85 -0.98 -3.84 -2.89
N PHE A 86 -1.61 -4.68 -3.70
CA PHE A 86 -1.32 -4.74 -5.14
C PHE A 86 -1.98 -3.54 -5.81
N PHE A 87 -1.32 -2.98 -6.80
CA PHE A 87 -1.90 -1.93 -7.64
C PHE A 87 -1.90 -2.48 -9.05
N SER A 88 -3.09 -2.82 -9.53
CA SER A 88 -3.26 -3.53 -10.81
C SER A 88 -4.21 -2.82 -11.74
N THR A 89 -4.07 -3.05 -13.03
CA THR A 89 -4.98 -2.46 -14.02
C THR A 89 -6.36 -3.06 -13.82
N GLU A 90 -6.38 -4.38 -13.71
CA GLU A 90 -7.60 -5.10 -13.53
C GLU A 90 -7.19 -6.28 -12.68
N ALA A 91 -8.17 -6.84 -12.01
CA ALA A 91 -7.96 -7.94 -11.09
C ALA A 91 -8.16 -9.27 -11.84
N PRO A 92 -7.58 -10.37 -11.34
CA PRO A 92 -7.75 -11.65 -12.03
C PRO A 92 -9.17 -12.09 -12.29
N VAL A 93 -9.37 -12.73 -13.44
CA VAL A 93 -10.69 -13.25 -13.82
C VAL A 93 -11.00 -14.54 -13.06
N ASP A 94 -9.96 -15.19 -12.58
CA ASP A 94 -10.11 -16.43 -11.81
C ASP A 94 -10.21 -16.10 -10.31
N ASP A 95 -11.45 -15.93 -9.84
CA ASP A 95 -11.80 -15.66 -8.42
C ASP A 95 -10.67 -15.22 -7.47
N TRP A 96 -10.22 -14.01 -7.67
CA TRP A 96 -9.20 -13.41 -6.83
C TRP A 96 -9.81 -13.03 -5.49
N GLU A 97 -11.14 -12.96 -5.43
CA GLU A 97 -11.82 -12.51 -4.22
C GLU A 97 -11.55 -13.47 -3.08
N GLU A 98 -11.46 -14.76 -3.37
CA GLU A 98 -11.11 -15.75 -2.34
C GLU A 98 -9.73 -15.44 -1.74
N ILE A 99 -8.89 -14.75 -2.49
CA ILE A 99 -7.53 -14.47 -2.04
C ILE A 99 -7.53 -13.31 -1.05
N ALA A 100 -8.27 -12.25 -1.33
CA ALA A 100 -8.32 -11.10 -0.44
C ALA A 100 -9.17 -11.37 0.81
N LYS A 101 -9.74 -12.57 0.88
CA LYS A 101 -10.57 -12.99 2.01
C LYS A 101 -9.85 -14.03 2.85
N LYS A 102 -8.59 -14.31 2.50
CA LYS A 102 -7.79 -15.29 3.26
C LYS A 102 -6.49 -14.67 3.73
N THR A 103 -6.16 -14.86 5.01
CA THR A 103 -4.86 -14.41 5.49
C THR A 103 -3.89 -15.46 5.00
N PHE A 104 -2.87 -15.03 4.29
CA PHE A 104 -1.88 -15.97 3.81
C PHE A 104 -0.91 -16.19 4.95
N GLU A 105 -0.77 -17.42 5.40
CA GLU A 105 0.14 -17.73 6.50
C GLU A 105 1.09 -18.82 6.09
N LYS A 106 2.37 -18.54 6.28
CA LYS A 106 3.44 -19.48 5.92
C LYS A 106 4.47 -19.42 7.02
N GLY A 107 4.65 -20.52 7.74
CA GLY A 107 5.63 -20.52 8.82
C GLY A 107 5.29 -19.48 9.87
N THR A 108 6.25 -18.62 10.19
CA THR A 108 6.07 -17.59 11.19
C THR A 108 5.68 -16.25 10.55
N VAL A 109 5.02 -16.33 9.40
CA VAL A 109 4.59 -15.14 8.67
C VAL A 109 3.09 -15.14 8.42
N SER A 110 2.50 -13.96 8.43
CA SER A 110 1.11 -13.75 8.06
C SER A 110 1.10 -12.54 7.11
N VAL A 111 0.39 -12.63 6.00
CA VAL A 111 0.32 -11.53 5.03
C VAL A 111 -1.12 -11.31 4.61
N GLU A 112 -1.48 -10.04 4.49
CA GLU A 112 -2.80 -9.64 4.06
C GLU A 112 -2.70 -9.20 2.59
N PRO A 113 -3.25 -9.99 1.63
CA PRO A 113 -3.14 -9.70 0.19
C PRO A 113 -4.22 -8.78 -0.44
N ALA A 114 -4.26 -7.53 0.00
CA ALA A 114 -5.21 -6.56 -0.54
C ALA A 114 -4.81 -6.14 -1.97
N ILE A 115 -5.77 -5.68 -2.75
CA ILE A 115 -5.52 -5.27 -4.14
C ILE A 115 -6.44 -4.12 -4.54
N VAL A 116 -5.90 -3.19 -5.31
CA VAL A 116 -6.66 -2.09 -5.88
C VAL A 116 -6.61 -2.26 -7.41
N ARG A 117 -7.76 -2.40 -8.05
CA ARG A 117 -7.81 -2.51 -9.51
C ARG A 117 -8.20 -1.16 -10.11
N GLY A 118 -7.50 -0.78 -11.18
CA GLY A 118 -7.69 0.51 -11.82
C GLY A 118 -9.06 0.71 -12.45
N THR A 119 -9.61 -0.37 -12.99
CA THR A 119 -10.90 -0.35 -13.67
C THR A 119 -12.04 0.26 -12.82
N MET A 120 -11.92 0.19 -11.49
CA MET A 120 -12.92 0.78 -10.59
C MET A 120 -12.23 1.42 -9.41
N LEU A 121 -11.04 1.94 -9.68
CA LEU A 121 -10.17 2.52 -8.65
C LEU A 121 -10.82 3.46 -7.66
N ARG A 122 -11.77 4.27 -8.10
CA ARG A 122 -12.40 5.24 -7.19
C ARG A 122 -13.05 4.53 -5.99
N ASP A 123 -13.80 3.48 -6.25
CA ASP A 123 -14.43 2.69 -5.19
C ASP A 123 -13.44 1.73 -4.52
N ASP A 124 -12.57 1.15 -5.32
CA ASP A 124 -11.63 0.15 -4.83
C ASP A 124 -10.53 0.70 -3.92
N LEU A 125 -10.08 1.91 -4.21
CA LEU A 125 -9.00 2.51 -3.44
C LEU A 125 -9.49 2.89 -2.06
N GLN A 126 -10.69 3.43 -1.95
CA GLN A 126 -11.21 3.88 -0.66
C GLN A 126 -11.50 2.70 0.26
N ALA A 127 -11.58 1.51 -0.31
CA ALA A 127 -11.80 0.30 0.49
C ALA A 127 -10.55 -0.04 1.30
N VAL A 128 -9.39 0.31 0.75
CA VAL A 128 -8.10 0.05 1.42
C VAL A 128 -7.62 1.30 2.15
N PHE A 129 -7.72 2.45 1.49
CA PHE A 129 -7.26 3.73 2.03
C PHE A 129 -8.34 4.82 1.93
N PRO A 130 -9.34 4.80 2.84
CA PRO A 130 -10.38 5.85 2.77
C PRO A 130 -9.86 7.24 3.13
N SER A 131 -8.66 7.28 3.70
CA SER A 131 -8.02 8.52 4.09
C SER A 131 -7.40 9.26 2.90
N PHE A 132 -7.32 8.61 1.75
CA PHE A 132 -6.72 9.25 0.58
C PHE A 132 -7.79 9.90 -0.30
N ARG A 133 -7.63 11.17 -0.58
CA ARG A 133 -8.57 11.90 -1.44
C ARG A 133 -8.15 11.71 -2.87
N THR A 134 -8.99 11.09 -3.68
CA THR A 134 -8.68 10.86 -5.09
C THR A 134 -8.62 12.18 -5.86
N GLU A 135 -9.30 13.20 -5.34
CA GLU A 135 -9.32 14.53 -5.95
C GLU A 135 -7.94 15.18 -5.92
N ASP A 136 -7.15 14.89 -4.90
CA ASP A 136 -5.82 15.50 -4.72
C ASP A 136 -4.94 15.20 -5.94
N CYS A 137 -5.12 13.99 -6.48
CA CYS A 137 -4.43 13.56 -7.68
C CYS A 137 -5.07 12.24 -8.15
N SER A 138 -5.68 12.26 -9.33
CA SER A 138 -6.29 11.06 -9.91
C SER A 138 -5.56 10.66 -11.17
N GLU A 139 -5.70 9.41 -11.56
CA GLU A 139 -5.09 8.90 -12.80
C GLU A 139 -5.77 9.53 -14.02
N GLU A 140 -6.97 10.05 -13.78
CA GLU A 140 -7.76 10.74 -14.81
C GLU A 140 -7.08 12.05 -15.25
N HIS A 141 -6.07 12.47 -14.50
CA HIS A 141 -5.30 13.68 -14.80
C HIS A 141 -3.83 13.28 -15.02
N ALA A 142 -3.61 12.03 -15.40
CA ALA A 142 -2.26 11.50 -15.56
C ALA A 142 -2.10 10.73 -16.87
N SER A 143 -0.87 10.30 -17.11
CA SER A 143 -0.48 9.48 -18.24
C SER A 143 0.59 8.60 -17.65
N PHE A 144 1.07 7.61 -18.40
CA PHE A 144 2.09 6.69 -17.91
C PHE A 144 3.39 7.42 -17.56
N GLU A 145 3.66 8.54 -18.25
CA GLU A 145 4.85 9.35 -17.98
C GLU A 145 4.78 10.04 -16.61
N ASN A 146 3.56 10.37 -16.18
CA ASN A 146 3.35 11.09 -14.92
C ASN A 146 3.82 10.25 -13.74
N ALA A 147 3.86 8.93 -13.91
CA ALA A 147 4.33 8.06 -12.83
C ALA A 147 5.79 8.37 -12.49
N GLN A 148 6.61 8.65 -13.48
CA GLN A 148 8.01 8.99 -13.24
C GLN A 148 8.09 10.33 -12.51
N MET A 149 7.18 11.24 -12.82
CA MET A 149 7.14 12.52 -12.13
C MET A 149 6.63 12.33 -10.69
N ALA A 150 5.79 11.34 -10.48
CA ALA A 150 5.25 11.05 -9.16
C ALA A 150 6.35 10.44 -8.27
N ARG A 151 7.29 9.74 -8.89
CA ARG A 151 8.44 9.21 -8.15
C ARG A 151 9.21 10.38 -7.58
N GLU A 152 9.54 11.33 -8.43
CA GLU A 152 10.31 12.48 -7.99
C GLU A 152 9.52 13.29 -6.96
N ARG A 153 8.22 13.38 -7.16
CA ARG A 153 7.33 14.06 -6.21
C ARG A 153 7.41 13.38 -4.85
N PHE A 154 7.34 12.07 -4.80
CA PHE A 154 7.40 11.31 -3.55
C PHE A 154 8.76 11.44 -2.87
N LEU A 155 9.82 11.36 -3.64
CA LEU A 155 11.18 11.48 -3.11
C LEU A 155 11.35 12.87 -2.47
N SER A 156 10.76 13.89 -3.06
CA SER A 156 10.80 15.24 -2.50
C SER A 156 9.83 15.39 -1.31
N LEU A 157 8.72 14.69 -1.37
CA LEU A 157 7.65 14.76 -0.38
C LEU A 157 8.10 14.33 1.01
N VAL A 158 8.86 13.26 1.12
CA VAL A 158 9.25 12.76 2.45
C VAL A 158 10.01 13.85 3.23
N LEU A 159 10.86 14.62 2.57
CA LEU A 159 11.55 15.72 3.23
C LEU A 159 10.59 16.88 3.48
N LYS A 160 9.76 17.19 2.49
CA LYS A 160 8.82 18.31 2.59
C LYS A 160 7.85 18.15 3.75
N GLN A 161 7.50 16.91 4.08
CA GLN A 161 6.59 16.62 5.18
C GLN A 161 7.07 17.20 6.50
N GLU A 162 8.37 17.34 6.67
CA GLU A 162 8.91 17.87 7.92
C GLU A 162 8.33 19.25 8.21
N GLU A 163 8.18 20.05 7.16
CA GLU A 163 7.64 21.40 7.31
C GLU A 163 6.13 21.35 7.47
N GLN A 164 5.48 20.42 6.79
CA GLN A 164 4.01 20.32 6.84
C GLN A 164 3.55 19.93 8.23
N ARG A 165 4.13 18.88 8.78
CA ARG A 165 3.73 18.42 10.11
C ARG A 165 4.16 19.41 11.19
N LYS A 166 5.09 20.30 10.85
CA LYS A 166 5.51 21.35 11.80
C LYS A 166 4.36 22.33 11.98
N THR A 167 3.76 22.76 10.88
CA THR A 167 2.62 23.67 10.95
C THR A 167 1.36 22.96 11.45
N GLU A 168 1.22 21.69 11.11
CA GLU A 168 0.06 20.90 11.54
C GLU A 168 0.05 20.67 13.05
N ALA A 169 1.22 20.73 13.66
CA ALA A 169 1.37 20.57 15.12
C ALA A 169 0.67 21.67 15.93
N ALA A 170 0.27 22.76 15.26
CA ALA A 170 -0.44 23.84 15.94
C ALA A 170 -1.75 23.29 16.53
N VAL A 171 -2.19 23.89 17.63
CA VAL A 171 -3.39 23.40 18.31
C VAL A 171 -4.68 23.86 17.62
N PHE A 172 -5.21 22.98 16.77
CA PHE A 172 -6.49 23.20 16.10
C PHE A 172 -7.05 21.81 15.87
N GLN A 173 -8.34 21.70 15.55
CA GLN A 173 -8.95 20.40 15.31
C GLN A 173 -10.21 20.59 14.46
N ASN A 174 -10.71 19.51 13.90
CA ASN A 174 -11.93 19.51 13.11
C ASN A 174 -12.45 18.08 13.16
N GLY A 175 -13.71 17.87 12.79
CA GLY A 175 -14.27 16.52 12.79
C GLY A 175 -13.80 15.75 11.57
N LYS A 176 -13.62 14.44 11.74
CA LYS A 176 -13.19 13.53 10.69
C LYS A 176 -13.74 12.18 11.08
N LEU A 177 -13.80 11.24 10.16
CA LEU A 177 -14.20 9.87 10.46
C LEU A 177 -13.13 8.97 9.83
N GLU A 178 -13.40 8.45 8.64
CA GLU A 178 -12.44 7.61 7.88
C GLU A 178 -11.83 6.44 8.69
N ARG A 179 -12.62 5.85 9.58
CA ARG A 179 -12.17 4.71 10.39
C ARG A 179 -13.26 3.65 10.44
N GLU A 180 -12.86 2.41 10.26
CA GLU A 180 -13.77 1.26 10.38
C GLU A 180 -12.94 0.17 11.04
N ASN A 181 -13.57 -0.78 11.69
CA ASN A 181 -12.89 -1.87 12.38
C ASN A 181 -13.80 -3.09 12.47
N LEU A 182 -13.57 -4.10 11.64
CA LEU A 182 -14.39 -5.31 11.65
C LEU A 182 -13.49 -6.55 11.68
N TYR A 183 -13.95 -7.55 12.38
CA TYR A 183 -13.18 -8.76 12.62
C TYR A 183 -13.67 -9.94 11.80
N PHE A 184 -13.21 -10.04 10.56
CA PHE A 184 -13.56 -11.17 9.70
C PHE A 184 -12.90 -12.44 10.23
N GLN A 185 -11.68 -12.28 10.73
CA GLN A 185 -10.87 -13.36 11.32
C GLN A 185 -10.65 -14.54 10.37
N MET A 1 4.46 6.51 -16.42
CA MET A 1 3.77 5.65 -17.41
C MET A 1 2.69 4.84 -16.71
N PHE A 2 1.59 4.54 -17.41
CA PHE A 2 0.42 3.84 -16.87
C PHE A 2 -0.38 4.68 -15.87
N LEU A 3 -1.70 4.58 -15.92
CA LEU A 3 -2.55 5.35 -15.00
C LEU A 3 -2.40 4.84 -13.57
N LEU A 4 -2.19 3.54 -13.43
CA LEU A 4 -2.05 2.91 -12.11
C LEU A 4 -0.85 3.44 -11.36
N GLU A 5 0.23 3.72 -12.08
CA GLU A 5 1.45 4.21 -11.47
C GLU A 5 1.22 5.57 -10.82
N TYR A 6 0.27 6.33 -11.34
CA TYR A 6 -0.07 7.63 -10.76
C TYR A 6 -0.64 7.42 -9.37
N THR A 7 -1.62 6.52 -9.26
CA THR A 7 -2.24 6.21 -7.97
C THR A 7 -1.23 5.57 -7.03
N TYR A 8 -0.39 4.70 -7.58
CA TYR A 8 0.66 4.03 -6.83
C TYR A 8 1.58 5.03 -6.12
N TRP A 9 2.12 6.00 -6.83
CA TRP A 9 2.99 6.99 -6.20
C TRP A 9 2.20 7.96 -5.31
N LYS A 10 0.93 8.18 -5.60
CA LYS A 10 0.09 9.02 -4.73
C LYS A 10 -0.06 8.34 -3.38
N ILE A 11 -0.23 7.02 -3.37
CA ILE A 11 -0.35 6.27 -2.13
C ILE A 11 0.98 6.21 -1.41
N ALA A 12 2.07 6.06 -2.14
CA ALA A 12 3.39 6.08 -1.52
C ALA A 12 3.54 7.39 -0.75
N ALA A 13 3.14 8.49 -1.38
CA ALA A 13 3.19 9.80 -0.74
C ALA A 13 2.24 9.87 0.44
N HIS A 14 1.04 9.34 0.30
CA HIS A 14 0.03 9.36 1.36
C HIS A 14 0.53 8.67 2.62
N LEU A 15 1.11 7.49 2.47
CA LEU A 15 1.60 6.74 3.62
C LEU A 15 2.79 7.44 4.26
N VAL A 16 3.76 7.86 3.46
CA VAL A 16 4.89 8.64 4.01
C VAL A 16 4.38 9.91 4.70
N ASN A 17 3.39 10.56 4.13
CA ASN A 17 2.82 11.78 4.72
C ASN A 17 2.20 11.50 6.08
N SER A 18 1.79 10.25 6.30
CA SER A 18 1.22 9.82 7.58
C SER A 18 2.32 9.43 8.58
N GLY A 19 3.57 9.62 8.19
CA GLY A 19 4.70 9.36 9.08
C GLY A 19 5.48 8.08 8.81
N TYR A 20 5.04 7.30 7.83
CA TYR A 20 5.72 6.04 7.49
C TYR A 20 7.12 6.29 6.96
N GLY A 21 8.08 5.59 7.54
CA GLY A 21 9.47 5.75 7.14
C GLY A 21 9.74 4.95 5.89
N VAL A 22 10.42 5.54 4.94
CA VAL A 22 10.76 4.85 3.70
C VAL A 22 11.95 3.96 3.96
N ILE A 23 11.78 2.67 3.71
CA ILE A 23 12.87 1.71 3.85
C ILE A 23 13.54 1.65 2.49
N GLN A 24 12.72 1.56 1.45
CA GLN A 24 13.19 1.55 0.07
C GLN A 24 12.02 2.08 -0.77
N ALA A 25 12.31 2.80 -1.85
CA ALA A 25 11.25 3.31 -2.72
C ALA A 25 11.62 3.21 -4.20
N GLY A 26 11.02 2.25 -4.89
CA GLY A 26 11.24 2.11 -6.31
C GLY A 26 12.48 1.33 -6.64
N GLU A 27 12.69 0.22 -5.93
CA GLU A 27 13.83 -0.69 -6.18
C GLU A 27 13.74 -1.14 -7.63
N SER A 28 12.50 -1.40 -8.02
CA SER A 28 12.14 -1.77 -9.37
C SER A 28 10.68 -1.35 -9.52
N ASP A 29 9.80 -2.11 -8.90
CA ASP A 29 8.35 -1.86 -8.93
C ASP A 29 7.77 -1.94 -7.52
N GLU A 30 8.64 -1.89 -6.51
CA GLU A 30 8.20 -2.00 -5.12
C GLU A 30 8.72 -0.90 -4.19
N ILE A 31 7.93 -0.61 -3.16
CA ILE A 31 8.24 0.39 -2.13
C ILE A 31 7.94 -0.24 -0.77
N TRP A 32 8.83 -0.07 0.18
CA TRP A 32 8.66 -0.59 1.54
C TRP A 32 8.57 0.57 2.52
N LEU A 33 7.55 0.50 3.38
CA LEU A 33 7.28 1.53 4.39
C LEU A 33 7.15 0.90 5.77
N GLU A 34 7.82 1.48 6.74
CA GLU A 34 7.74 1.01 8.13
C GLU A 34 6.53 1.66 8.81
N ALA A 35 5.74 0.87 9.54
CA ALA A 35 4.56 1.39 10.25
C ALA A 35 4.99 2.07 11.56
N PRO A 36 4.90 3.42 11.64
CA PRO A 36 5.44 4.08 12.85
C PRO A 36 4.58 3.89 14.09
N ASP A 37 3.29 3.65 13.87
CA ASP A 37 2.33 3.48 14.95
C ASP A 37 2.46 2.12 15.62
N LYS A 38 3.36 1.29 15.07
CA LYS A 38 3.65 -0.07 15.57
C LYS A 38 2.37 -0.85 15.91
N SER A 39 1.41 -0.64 15.02
CA SER A 39 0.09 -1.26 15.04
C SER A 39 0.21 -2.75 14.78
N SER A 40 -0.93 -3.42 14.62
CA SER A 40 -0.93 -4.84 14.26
C SER A 40 -0.03 -5.08 13.04
N HIS A 41 0.01 -4.13 12.11
CA HIS A 41 0.94 -4.20 10.98
C HIS A 41 2.29 -3.65 11.40
N ASP A 42 3.34 -4.32 10.96
CA ASP A 42 4.69 -3.86 11.24
C ASP A 42 5.22 -3.09 10.03
N LEU A 43 4.87 -3.58 8.84
CA LEU A 43 5.37 -3.01 7.58
C LEU A 43 4.28 -3.03 6.52
N VAL A 44 4.48 -2.22 5.47
CA VAL A 44 3.58 -2.17 4.31
C VAL A 44 4.45 -2.22 3.05
N ARG A 45 4.05 -3.02 2.07
CA ARG A 45 4.75 -3.08 0.77
C ARG A 45 3.78 -2.73 -0.34
N LEU A 46 4.21 -1.82 -1.20
CA LEU A 46 3.44 -1.41 -2.37
C LEU A 46 4.13 -2.02 -3.58
N TYR A 47 3.40 -2.71 -4.43
CA TYR A 47 3.98 -3.36 -5.61
C TYR A 47 3.07 -3.13 -6.82
N LYS A 48 3.64 -2.93 -8.01
CA LYS A 48 2.82 -2.68 -9.21
C LYS A 48 3.10 -3.67 -10.35
N HIS A 49 2.25 -4.67 -10.49
CA HIS A 49 2.35 -5.65 -11.57
C HIS A 49 0.97 -6.18 -11.89
N ASP A 50 0.73 -6.55 -13.15
CA ASP A 50 -0.54 -7.13 -13.57
C ASP A 50 -0.46 -8.65 -13.43
N LEU A 51 -1.60 -9.30 -13.20
CA LEU A 51 -1.65 -10.74 -12.94
C LEU A 51 -2.75 -11.43 -13.76
N ASP A 52 -2.39 -12.44 -14.54
CA ASP A 52 -3.36 -13.17 -15.37
C ASP A 52 -4.25 -14.13 -14.57
N PHE A 53 -3.62 -14.86 -13.65
CA PHE A 53 -4.31 -15.90 -12.86
C PHE A 53 -3.91 -15.80 -11.41
N ARG A 54 -4.80 -16.20 -10.51
CA ARG A 54 -4.52 -16.13 -9.07
C ARG A 54 -3.39 -17.02 -8.64
N GLN A 55 -3.02 -18.00 -9.44
CA GLN A 55 -1.91 -18.89 -9.09
C GLN A 55 -0.63 -18.08 -8.94
N GLU A 56 -0.48 -17.02 -9.73
CA GLU A 56 0.69 -16.17 -9.62
C GLU A 56 0.52 -15.27 -8.39
N MET A 57 -0.69 -14.77 -8.20
CA MET A 57 -1.00 -13.89 -7.08
C MET A 57 -0.74 -14.56 -5.72
N VAL A 58 -1.09 -15.83 -5.57
CA VAL A 58 -0.86 -16.54 -4.30
C VAL A 58 0.63 -16.80 -4.09
N ARG A 59 1.35 -17.01 -5.18
CA ARG A 59 2.77 -17.36 -5.13
C ARG A 59 3.59 -16.17 -4.68
N ASP A 60 3.16 -14.98 -5.07
CA ASP A 60 3.83 -13.76 -4.63
C ASP A 60 3.79 -13.71 -3.12
N ILE A 61 2.67 -14.12 -2.52
CA ILE A 61 2.55 -14.08 -1.07
C ILE A 61 3.41 -15.13 -0.40
N GLU A 62 3.63 -16.26 -1.05
CA GLU A 62 4.49 -17.31 -0.49
C GLU A 62 5.90 -16.73 -0.38
N GLU A 63 6.28 -15.96 -1.39
CA GLU A 63 7.59 -15.32 -1.43
C GLU A 63 7.67 -14.25 -0.34
N GLN A 64 6.63 -13.43 -0.22
CA GLN A 64 6.61 -12.37 0.80
C GLN A 64 6.76 -12.98 2.17
N ALA A 65 6.04 -14.06 2.43
CA ALA A 65 6.04 -14.68 3.73
C ALA A 65 7.44 -15.16 4.15
N GLU A 66 8.28 -15.56 3.20
CA GLU A 66 9.63 -15.97 3.54
C GLU A 66 10.44 -14.75 3.99
N ARG A 67 10.32 -13.66 3.23
CA ARG A 67 11.04 -12.41 3.56
C ARG A 67 10.57 -11.91 4.92
N VAL A 68 9.27 -11.96 5.13
CA VAL A 68 8.64 -11.50 6.34
C VAL A 68 9.06 -12.38 7.53
N GLU A 69 9.29 -13.67 7.30
CA GLU A 69 9.75 -14.55 8.37
C GLU A 69 11.12 -14.09 8.87
N ARG A 70 12.00 -13.72 7.94
CA ARG A 70 13.33 -13.21 8.31
C ARG A 70 13.19 -11.93 9.11
N VAL A 71 12.35 -11.02 8.64
CA VAL A 71 12.12 -9.75 9.32
C VAL A 71 11.55 -10.00 10.71
N ARG A 72 10.64 -10.95 10.85
CA ARG A 72 10.06 -11.21 12.16
C ARG A 72 11.10 -11.77 13.13
N HIS A 73 11.96 -12.64 12.65
CA HIS A 73 12.95 -13.27 13.50
C HIS A 73 13.82 -12.25 14.24
N GLN A 74 14.31 -11.23 13.53
CA GLN A 74 15.16 -10.21 14.15
C GLN A 74 14.38 -9.25 15.06
N LEU A 75 13.05 -9.18 14.90
CA LEU A 75 12.24 -8.24 15.69
C LEU A 75 11.52 -8.89 16.89
N GLY A 76 11.54 -10.21 16.99
CA GLY A 76 11.02 -10.90 18.17
C GLY A 76 9.53 -10.88 18.52
N ARG A 77 8.70 -10.18 17.75
CA ARG A 77 7.25 -10.14 18.03
C ARG A 77 6.68 -11.53 17.78
N ARG A 78 5.58 -11.87 18.43
CA ARG A 78 4.97 -13.20 18.28
C ARG A 78 4.42 -13.48 16.88
N ARG A 79 3.98 -12.46 16.17
CA ARG A 79 3.45 -12.63 14.81
C ARG A 79 3.69 -11.36 14.02
N MET A 80 3.91 -11.47 12.72
CA MET A 80 4.10 -10.34 11.84
C MET A 80 2.82 -10.13 11.09
N LYS A 81 2.53 -8.89 10.72
CA LYS A 81 1.45 -8.62 9.78
C LYS A 81 2.00 -7.64 8.77
N LEU A 82 1.96 -8.03 7.50
CA LEU A 82 2.50 -7.22 6.41
C LEU A 82 1.37 -7.00 5.41
N LEU A 83 1.15 -5.76 5.01
CA LEU A 83 0.14 -5.45 4.00
C LEU A 83 0.85 -5.45 2.66
N ASN A 84 0.39 -6.28 1.73
CA ASN A 84 0.99 -6.35 0.39
C ASN A 84 -0.05 -5.91 -0.62
N VAL A 85 0.13 -4.73 -1.19
CA VAL A 85 -0.85 -4.18 -2.14
C VAL A 85 -0.34 -4.19 -3.57
N PHE A 86 -1.03 -4.94 -4.43
CA PHE A 86 -0.73 -4.96 -5.85
C PHE A 86 -1.46 -3.79 -6.51
N PHE A 87 -0.91 -3.26 -7.59
CA PHE A 87 -1.55 -2.23 -8.38
C PHE A 87 -1.50 -2.74 -9.81
N SER A 88 -2.65 -2.99 -10.41
CA SER A 88 -2.71 -3.59 -11.74
C SER A 88 -3.79 -2.96 -12.60
N THR A 89 -3.67 -3.09 -13.91
CA THR A 89 -4.68 -2.56 -14.81
C THR A 89 -5.93 -3.40 -14.65
N GLU A 90 -5.76 -4.71 -14.70
CA GLU A 90 -6.88 -5.62 -14.65
C GLU A 90 -6.60 -6.66 -13.57
N ALA A 91 -7.62 -7.45 -13.26
CA ALA A 91 -7.54 -8.44 -12.20
C ALA A 91 -7.55 -9.85 -12.80
N PRO A 92 -6.98 -10.84 -12.09
CA PRO A 92 -6.98 -12.20 -12.65
C PRO A 92 -8.37 -12.76 -12.94
N VAL A 93 -8.45 -13.56 -13.99
CA VAL A 93 -9.73 -14.13 -14.42
C VAL A 93 -10.14 -15.39 -13.64
N ASP A 94 -9.26 -15.87 -12.77
CA ASP A 94 -9.53 -17.06 -11.96
C ASP A 94 -9.63 -16.70 -10.49
N ASP A 95 -10.87 -16.61 -10.01
CA ASP A 95 -11.25 -16.32 -8.58
C ASP A 95 -10.14 -15.80 -7.65
N TRP A 96 -9.59 -14.64 -7.99
CA TRP A 96 -8.58 -14.02 -7.19
C TRP A 96 -9.24 -13.45 -5.93
N GLU A 97 -10.56 -13.29 -5.97
CA GLU A 97 -11.29 -12.70 -4.86
C GLU A 97 -11.15 -13.59 -3.64
N GLU A 98 -11.05 -14.90 -3.85
CA GLU A 98 -10.82 -15.84 -2.76
C GLU A 98 -9.50 -15.52 -2.06
N ILE A 99 -8.55 -14.95 -2.80
CA ILE A 99 -7.23 -14.66 -2.25
C ILE A 99 -7.28 -13.44 -1.34
N ALA A 100 -8.04 -12.42 -1.72
CA ALA A 100 -8.18 -11.23 -0.85
C ALA A 100 -9.03 -11.59 0.38
N LYS A 101 -9.75 -12.69 0.24
CA LYS A 101 -10.67 -13.20 1.25
C LYS A 101 -9.96 -14.13 2.25
N LYS A 102 -8.68 -14.40 2.03
CA LYS A 102 -7.93 -15.31 2.91
C LYS A 102 -6.65 -14.68 3.45
N THR A 103 -6.47 -14.78 4.76
CA THR A 103 -5.24 -14.31 5.36
C THR A 103 -4.18 -15.34 5.06
N PHE A 104 -3.08 -14.92 4.47
CA PHE A 104 -2.00 -15.83 4.20
C PHE A 104 -1.19 -15.94 5.48
N GLU A 105 -1.03 -17.14 6.02
CA GLU A 105 -0.28 -17.31 7.25
C GLU A 105 0.81 -18.36 7.10
N LYS A 106 1.95 -18.05 7.68
CA LYS A 106 3.13 -18.94 7.64
C LYS A 106 3.82 -18.91 9.01
N GLY A 107 3.31 -19.69 9.95
CA GLY A 107 3.94 -19.72 11.27
C GLY A 107 3.78 -18.40 12.00
N THR A 108 4.88 -17.70 12.20
CA THR A 108 4.89 -16.41 12.88
C THR A 108 4.61 -15.26 11.91
N VAL A 109 4.25 -15.59 10.67
CA VAL A 109 3.94 -14.60 9.65
C VAL A 109 2.45 -14.59 9.35
N SER A 110 1.91 -13.39 9.13
CA SER A 110 0.55 -13.21 8.65
C SER A 110 0.70 -12.13 7.57
N VAL A 111 0.04 -12.28 6.45
CA VAL A 111 0.10 -11.30 5.36
C VAL A 111 -1.28 -11.02 4.89
N GLU A 112 -1.53 -9.75 4.69
CA GLU A 112 -2.81 -9.29 4.24
C GLU A 112 -2.69 -8.90 2.76
N PRO A 113 -3.21 -9.75 1.86
CA PRO A 113 -3.12 -9.36 0.45
C PRO A 113 -4.18 -8.33 0.07
N ALA A 114 -3.83 -7.46 -0.86
CA ALA A 114 -4.75 -6.46 -1.38
C ALA A 114 -4.31 -6.19 -2.82
N ILE A 115 -5.23 -5.72 -3.65
CA ILE A 115 -4.93 -5.42 -5.04
C ILE A 115 -5.86 -4.28 -5.43
N VAL A 116 -5.35 -3.37 -6.24
CA VAL A 116 -6.13 -2.25 -6.76
C VAL A 116 -6.16 -2.41 -8.28
N ARG A 117 -7.30 -2.87 -8.80
CA ARG A 117 -7.45 -3.04 -10.24
C ARG A 117 -8.00 -1.74 -10.81
N GLY A 118 -7.46 -1.34 -11.96
CA GLY A 118 -7.87 -0.09 -12.59
C GLY A 118 -9.32 -0.07 -13.01
N THR A 119 -9.90 -1.24 -13.21
CA THR A 119 -11.29 -1.37 -13.68
C THR A 119 -12.31 -0.71 -12.77
N MET A 120 -12.02 -0.66 -11.48
CA MET A 120 -12.92 -0.04 -10.52
C MET A 120 -12.10 0.66 -9.44
N LEU A 121 -10.99 1.24 -9.89
CA LEU A 121 -9.99 1.85 -9.01
C LEU A 121 -10.53 2.73 -7.89
N ARG A 122 -11.54 3.54 -8.16
CA ARG A 122 -12.07 4.46 -7.15
C ARG A 122 -12.51 3.71 -5.89
N ASP A 123 -13.35 2.71 -6.08
CA ASP A 123 -13.88 1.92 -4.95
C ASP A 123 -12.85 0.93 -4.42
N ASP A 124 -12.05 0.39 -5.31
CA ASP A 124 -11.04 -0.60 -4.93
C ASP A 124 -9.95 -0.01 -4.06
N LEU A 125 -9.58 1.22 -4.34
CA LEU A 125 -8.54 1.89 -3.58
C LEU A 125 -8.98 2.17 -2.15
N GLN A 126 -10.21 2.65 -1.97
CA GLN A 126 -10.67 2.99 -0.63
C GLN A 126 -10.92 1.74 0.21
N ALA A 127 -10.98 0.59 -0.43
CA ALA A 127 -11.16 -0.66 0.27
C ALA A 127 -9.89 -1.03 1.04
N VAL A 128 -8.74 -0.54 0.58
CA VAL A 128 -7.46 -0.83 1.25
C VAL A 128 -6.91 0.43 1.95
N PHE A 129 -7.06 1.60 1.33
CA PHE A 129 -6.62 2.86 1.92
C PHE A 129 -7.76 3.87 2.01
N PRO A 130 -8.69 3.69 2.96
CA PRO A 130 -9.83 4.63 3.06
C PRO A 130 -9.46 6.02 3.57
N SER A 131 -8.22 6.21 4.01
CA SER A 131 -7.77 7.52 4.49
C SER A 131 -7.28 8.39 3.34
N PHE A 132 -7.22 7.83 2.14
CA PHE A 132 -6.78 8.56 0.96
C PHE A 132 -8.00 9.21 0.32
N ARG A 133 -7.91 10.51 0.02
CA ARG A 133 -9.04 11.20 -0.57
C ARG A 133 -9.00 11.03 -2.07
N THR A 134 -10.16 10.89 -2.69
CA THR A 134 -10.23 10.84 -4.15
C THR A 134 -9.80 12.20 -4.69
N GLU A 135 -9.94 13.21 -3.84
CA GLU A 135 -9.50 14.58 -4.13
C GLU A 135 -8.00 14.63 -4.42
N ASP A 136 -7.22 13.82 -3.70
CA ASP A 136 -5.77 13.81 -3.84
C ASP A 136 -5.38 13.29 -5.22
N CYS A 137 -6.26 12.52 -5.83
CA CYS A 137 -6.03 11.96 -7.16
C CYS A 137 -7.17 12.43 -8.06
N SER A 138 -7.34 13.75 -8.12
CA SER A 138 -8.40 14.35 -8.90
C SER A 138 -8.35 13.84 -10.34
N GLU A 139 -9.50 13.44 -10.86
CA GLU A 139 -9.58 12.77 -12.16
C GLU A 139 -9.19 13.65 -13.34
N GLU A 140 -9.43 14.95 -13.25
CA GLU A 140 -9.02 15.88 -14.31
C GLU A 140 -7.49 15.96 -14.41
N HIS A 141 -6.83 15.69 -13.30
CA HIS A 141 -5.38 15.78 -13.23
C HIS A 141 -4.73 14.40 -13.43
N ALA A 142 -5.54 13.36 -13.44
CA ALA A 142 -5.04 12.00 -13.56
C ALA A 142 -4.59 11.71 -14.99
N SER A 143 -3.33 11.35 -15.16
CA SER A 143 -2.79 11.02 -16.47
C SER A 143 -1.64 10.05 -16.30
N PHE A 144 -1.41 9.23 -17.32
CA PHE A 144 -0.33 8.25 -17.29
C PHE A 144 1.04 8.94 -17.28
N GLU A 145 1.11 10.12 -17.88
CA GLU A 145 2.36 10.89 -17.90
C GLU A 145 2.62 11.52 -16.54
N ASN A 146 1.54 11.92 -15.89
CA ASN A 146 1.61 12.55 -14.57
C ASN A 146 2.22 11.57 -13.56
N ALA A 147 2.13 10.28 -13.83
CA ALA A 147 2.75 9.26 -12.98
C ALA A 147 4.25 9.53 -12.77
N GLN A 148 4.93 10.02 -13.81
CA GLN A 148 6.36 10.32 -13.68
C GLN A 148 6.56 11.51 -12.76
N MET A 149 5.73 12.53 -12.93
CA MET A 149 5.80 13.74 -12.10
C MET A 149 5.47 13.39 -10.66
N ALA A 150 4.59 12.41 -10.47
CA ALA A 150 4.20 11.96 -9.14
C ALA A 150 5.39 11.34 -8.40
N ARG A 151 6.29 10.65 -9.12
CA ARG A 151 7.47 10.08 -8.48
C ARG A 151 8.39 11.18 -8.02
N GLU A 152 8.58 12.17 -8.88
CA GLU A 152 9.45 13.29 -8.52
C GLU A 152 8.86 14.08 -7.36
N ARG A 153 7.54 14.26 -7.38
CA ARG A 153 6.84 14.93 -6.29
C ARG A 153 6.99 14.12 -5.01
N PHE A 154 6.95 12.81 -5.12
CA PHE A 154 7.15 11.95 -3.95
C PHE A 154 8.56 12.08 -3.37
N LEU A 155 9.55 12.17 -4.23
CA LEU A 155 10.94 12.30 -3.78
C LEU A 155 11.15 13.62 -3.02
N SER A 156 10.50 14.69 -3.45
CA SER A 156 10.56 15.94 -2.70
C SER A 156 9.67 15.89 -1.44
N LEU A 157 8.57 15.15 -1.53
CA LEU A 157 7.61 15.01 -0.42
C LEU A 157 8.22 14.38 0.82
N VAL A 158 9.04 13.36 0.68
CA VAL A 158 9.60 12.68 1.87
C VAL A 158 10.41 13.66 2.74
N LEU A 159 11.17 14.57 2.12
CA LEU A 159 11.92 15.55 2.92
C LEU A 159 10.97 16.60 3.48
N LYS A 160 10.00 17.04 2.68
CA LYS A 160 9.03 18.03 3.13
C LYS A 160 8.25 17.52 4.34
N GLN A 161 8.08 16.21 4.43
CA GLN A 161 7.37 15.59 5.53
C GLN A 161 7.97 15.98 6.89
N GLU A 162 9.26 16.25 6.95
CA GLU A 162 9.88 16.68 8.22
C GLU A 162 9.33 18.04 8.65
N GLU A 163 9.13 18.94 7.70
CA GLU A 163 8.55 20.25 7.99
C GLU A 163 7.09 20.07 8.41
N GLN A 164 6.44 19.06 7.85
CA GLN A 164 5.06 18.78 8.22
C GLN A 164 5.01 18.24 9.64
N ARG A 165 5.93 17.35 10.01
CA ARG A 165 5.97 16.80 11.38
C ARG A 165 6.15 17.95 12.36
N LYS A 166 6.98 18.90 11.98
CA LYS A 166 7.26 20.09 12.80
C LYS A 166 6.03 20.99 12.92
N THR A 167 5.33 21.23 11.82
CA THR A 167 4.15 22.10 11.82
C THR A 167 2.92 21.47 12.50
N GLU A 168 2.59 20.25 12.11
CA GLU A 168 1.41 19.53 12.61
C GLU A 168 1.46 19.25 14.11
N ALA A 169 2.66 19.27 14.68
CA ALA A 169 2.85 19.08 16.12
C ALA A 169 2.04 20.09 16.97
N ALA A 170 1.61 21.18 16.34
CA ALA A 170 0.75 22.16 17.02
C ALA A 170 -0.65 21.55 17.15
N VAL A 171 -0.96 21.05 18.34
CA VAL A 171 -2.24 20.42 18.63
C VAL A 171 -3.38 21.38 18.33
N PHE A 172 -4.39 20.89 17.61
CA PHE A 172 -5.47 21.73 17.15
C PHE A 172 -6.82 21.01 17.16
N GLN A 173 -7.85 21.70 16.67
CA GLN A 173 -9.21 21.18 16.66
C GLN A 173 -9.96 21.69 15.44
N ASN A 174 -11.16 21.15 15.22
CA ASN A 174 -12.04 21.51 14.10
C ASN A 174 -11.41 21.12 12.75
N GLY A 175 -11.18 22.08 11.85
CA GLY A 175 -10.63 21.77 10.54
C GLY A 175 -11.67 21.35 9.52
N LYS A 176 -12.93 21.70 9.74
CA LYS A 176 -14.05 21.38 8.81
C LYS A 176 -14.15 19.87 8.55
N LEU A 177 -14.09 19.08 9.62
CA LEU A 177 -14.20 17.62 9.54
C LEU A 177 -15.68 17.19 9.51
N GLU A 178 -16.42 17.82 8.64
CA GLU A 178 -17.86 17.58 8.49
C GLU A 178 -18.07 16.37 7.57
N ARG A 179 -19.23 15.74 7.65
CA ARG A 179 -19.51 14.55 6.86
C ARG A 179 -21.02 14.34 6.74
N GLU A 180 -21.49 13.92 5.58
CA GLU A 180 -22.89 13.62 5.38
C GLU A 180 -22.98 12.33 4.56
N ASN A 181 -23.68 11.34 5.09
CA ASN A 181 -23.86 10.05 4.41
C ASN A 181 -24.99 9.33 5.14
N LEU A 182 -25.88 8.68 4.40
CA LEU A 182 -26.98 7.93 4.98
C LEU A 182 -27.42 6.89 3.96
N TYR A 183 -27.70 5.68 4.42
CA TYR A 183 -28.09 4.58 3.54
C TYR A 183 -28.77 3.54 4.41
N PHE A 184 -29.47 2.62 3.77
CA PHE A 184 -30.14 1.52 4.46
C PHE A 184 -29.98 0.30 3.58
N GLN A 185 -29.98 -0.88 4.19
CA GLN A 185 -29.83 -2.15 3.51
C GLN A 185 -30.34 -3.16 4.52
N MET A 1 3.67 1.02 -15.39
CA MET A 1 2.22 1.12 -15.72
C MET A 1 1.63 2.41 -15.15
N PHE A 2 1.72 3.50 -15.92
CA PHE A 2 1.34 4.85 -15.45
C PHE A 2 0.10 5.00 -14.57
N LEU A 3 -1.05 4.47 -14.97
CA LEU A 3 -2.28 4.64 -14.19
C LEU A 3 -2.12 4.13 -12.76
N LEU A 4 -1.53 2.97 -12.64
CA LEU A 4 -1.34 2.33 -11.35
C LEU A 4 -0.24 3.03 -10.59
N GLU A 5 0.79 3.45 -11.30
CA GLU A 5 1.93 4.12 -10.67
C GLU A 5 1.53 5.44 -10.05
N TYR A 6 0.58 6.14 -10.64
CA TYR A 6 0.14 7.40 -10.07
C TYR A 6 -0.38 7.14 -8.66
N THR A 7 -1.27 6.17 -8.54
CA THR A 7 -1.86 5.82 -7.25
C THR A 7 -0.79 5.25 -6.30
N TYR A 8 0.06 4.40 -6.83
CA TYR A 8 1.14 3.77 -6.06
C TYR A 8 2.06 4.81 -5.40
N TRP A 9 2.57 5.75 -6.18
CA TRP A 9 3.47 6.77 -5.63
C TRP A 9 2.70 7.75 -4.74
N LYS A 10 1.42 7.99 -5.04
CA LYS A 10 0.60 8.87 -4.20
C LYS A 10 0.29 8.23 -2.85
N ILE A 11 0.06 6.94 -2.81
CA ILE A 11 -0.21 6.25 -1.55
C ILE A 11 1.07 6.20 -0.73
N ALA A 12 2.21 6.03 -1.38
CA ALA A 12 3.47 6.04 -0.65
C ALA A 12 3.60 7.37 0.08
N ALA A 13 3.24 8.46 -0.60
CA ALA A 13 3.27 9.79 0.02
C ALA A 13 2.26 9.90 1.14
N HIS A 14 1.05 9.42 0.90
CA HIS A 14 -0.04 9.50 1.85
C HIS A 14 0.32 8.80 3.17
N LEU A 15 0.90 7.62 3.07
CA LEU A 15 1.26 6.86 4.25
C LEU A 15 2.41 7.50 5.03
N VAL A 16 3.49 7.89 4.35
CA VAL A 16 4.59 8.56 5.06
C VAL A 16 4.13 9.89 5.68
N ASN A 17 3.15 10.52 5.05
CA ASN A 17 2.58 11.77 5.57
C ASN A 17 1.74 11.48 6.81
N SER A 18 1.25 10.25 6.92
CA SER A 18 0.52 9.80 8.10
C SER A 18 1.49 9.23 9.16
N GLY A 19 2.79 9.40 8.93
CA GLY A 19 3.79 8.96 9.90
C GLY A 19 4.42 7.60 9.66
N TYR A 20 4.06 6.92 8.59
CA TYR A 20 4.64 5.61 8.27
C TYR A 20 6.08 5.79 7.80
N GLY A 21 7.02 5.31 8.59
CA GLY A 21 8.42 5.47 8.25
C GLY A 21 8.79 4.68 7.02
N VAL A 22 9.37 5.35 6.03
CA VAL A 22 9.79 4.67 4.80
C VAL A 22 11.06 3.92 5.12
N ILE A 23 11.02 2.61 4.92
CA ILE A 23 12.15 1.73 5.19
C ILE A 23 12.97 1.62 3.91
N GLN A 24 12.27 1.48 2.79
CA GLN A 24 12.87 1.32 1.48
C GLN A 24 11.87 1.87 0.47
N ALA A 25 12.35 2.50 -0.60
CA ALA A 25 11.46 3.05 -1.62
C ALA A 25 11.96 2.84 -3.04
N GLY A 26 11.22 2.09 -3.83
CA GLY A 26 11.59 1.86 -5.21
C GLY A 26 12.67 0.80 -5.32
N GLU A 27 12.54 -0.24 -4.51
CA GLU A 27 13.50 -1.37 -4.51
C GLU A 27 13.52 -2.00 -5.89
N SER A 28 12.32 -2.11 -6.45
CA SER A 28 12.07 -2.57 -7.81
C SER A 28 10.64 -2.16 -8.08
N ASP A 29 9.71 -2.90 -7.49
CA ASP A 29 8.29 -2.60 -7.60
C ASP A 29 7.73 -2.38 -6.20
N GLU A 30 8.63 -2.33 -5.22
CA GLU A 30 8.26 -2.23 -3.81
C GLU A 30 8.65 -0.94 -3.09
N ILE A 31 7.79 -0.57 -2.15
CA ILE A 31 8.06 0.49 -1.18
C ILE A 31 7.65 -0.15 0.15
N TRP A 32 8.53 -0.07 1.14
CA TRP A 32 8.29 -0.64 2.45
C TRP A 32 8.06 0.50 3.42
N LEU A 33 6.97 0.42 4.18
CA LEU A 33 6.61 1.44 5.17
C LEU A 33 6.31 0.77 6.50
N GLU A 34 6.84 1.32 7.57
CA GLU A 34 6.59 0.80 8.92
C GLU A 34 5.29 1.36 9.45
N ALA A 35 4.46 0.54 10.09
CA ALA A 35 3.17 0.98 10.60
C ALA A 35 3.30 1.48 12.07
N PRO A 36 3.25 2.81 12.30
CA PRO A 36 3.39 3.29 13.68
C PRO A 36 2.18 2.99 14.54
N ASP A 37 1.06 2.70 13.88
CA ASP A 37 -0.20 2.43 14.54
C ASP A 37 -0.23 1.09 15.25
N LYS A 38 0.73 0.22 14.93
CA LYS A 38 0.78 -1.16 15.47
C LYS A 38 -0.53 -1.85 15.08
N SER A 39 -0.93 -1.53 13.87
CA SER A 39 -2.18 -1.99 13.23
C SER A 39 -2.20 -3.52 13.05
N SER A 40 -3.27 -4.02 12.44
CA SER A 40 -3.41 -5.44 12.10
C SER A 40 -2.25 -5.94 11.24
N HIS A 41 -1.45 -5.01 10.73
CA HIS A 41 -0.23 -5.30 10.00
C HIS A 41 0.88 -4.49 10.67
N ASP A 42 2.12 -4.96 10.63
CA ASP A 42 3.24 -4.24 11.26
C ASP A 42 3.97 -3.40 10.22
N LEU A 43 3.97 -3.88 8.99
CA LEU A 43 4.62 -3.21 7.87
C LEU A 43 3.68 -3.23 6.68
N VAL A 44 3.93 -2.37 5.71
CA VAL A 44 3.16 -2.31 4.47
C VAL A 44 4.13 -2.47 3.29
N ARG A 45 3.77 -3.33 2.34
CA ARG A 45 4.53 -3.51 1.10
C ARG A 45 3.60 -3.10 -0.03
N LEU A 46 3.89 -1.96 -0.65
CA LEU A 46 3.12 -1.51 -1.79
C LEU A 46 3.79 -2.20 -2.97
N TYR A 47 3.02 -2.84 -3.83
CA TYR A 47 3.59 -3.61 -4.94
C TYR A 47 2.85 -3.32 -6.25
N LYS A 48 3.56 -2.87 -7.27
CA LYS A 48 2.93 -2.52 -8.56
C LYS A 48 3.17 -3.61 -9.61
N HIS A 49 2.21 -4.52 -9.74
CA HIS A 49 2.30 -5.62 -10.68
C HIS A 49 0.89 -6.01 -11.11
N ASP A 50 0.70 -6.31 -12.37
CA ASP A 50 -0.61 -6.72 -12.89
C ASP A 50 -0.69 -8.23 -12.85
N LEU A 51 -1.91 -8.75 -12.71
CA LEU A 51 -2.13 -10.17 -12.51
C LEU A 51 -3.26 -10.71 -13.39
N ASP A 52 -2.94 -11.66 -14.26
CA ASP A 52 -3.94 -12.29 -15.14
C ASP A 52 -4.63 -13.45 -14.43
N PHE A 53 -3.85 -14.19 -13.65
CA PHE A 53 -4.35 -15.36 -12.92
C PHE A 53 -3.99 -15.32 -11.45
N ARG A 54 -4.88 -15.84 -10.61
CA ARG A 54 -4.69 -15.86 -9.17
C ARG A 54 -3.54 -16.78 -8.80
N GLN A 55 -3.18 -17.69 -9.67
CA GLN A 55 -2.04 -18.56 -9.38
C GLN A 55 -0.76 -17.73 -9.29
N GLU A 56 -0.63 -16.65 -10.05
CA GLU A 56 0.54 -15.80 -9.91
C GLU A 56 0.38 -14.91 -8.68
N MET A 57 -0.86 -14.51 -8.41
CA MET A 57 -1.18 -13.69 -7.25
C MET A 57 -0.77 -14.39 -5.95
N VAL A 58 -1.15 -15.66 -5.78
CA VAL A 58 -0.79 -16.40 -4.56
C VAL A 58 0.71 -16.54 -4.39
N ARG A 59 1.44 -16.62 -5.50
CA ARG A 59 2.89 -16.85 -5.48
C ARG A 59 3.65 -15.66 -4.93
N ASP A 60 3.21 -14.46 -5.26
CA ASP A 60 3.89 -13.27 -4.76
C ASP A 60 3.86 -13.29 -3.23
N ILE A 61 2.72 -13.67 -2.65
CA ILE A 61 2.62 -13.70 -1.18
C ILE A 61 3.42 -14.86 -0.59
N GLU A 62 3.46 -15.99 -1.27
CA GLU A 62 4.20 -17.13 -0.75
C GLU A 62 5.69 -16.78 -0.73
N GLU A 63 6.12 -15.93 -1.66
CA GLU A 63 7.51 -15.47 -1.66
C GLU A 63 7.71 -14.41 -0.57
N GLN A 64 6.73 -13.51 -0.45
CA GLN A 64 6.78 -12.46 0.57
C GLN A 64 6.88 -13.05 1.95
N ALA A 65 6.25 -14.18 2.19
CA ALA A 65 6.30 -14.79 3.50
C ALA A 65 7.74 -15.12 3.92
N GLU A 66 8.56 -15.54 2.98
CA GLU A 66 9.97 -15.82 3.29
C GLU A 66 10.72 -14.49 3.50
N ARG A 67 10.34 -13.49 2.72
CA ARG A 67 10.93 -12.15 2.88
C ARG A 67 10.62 -11.63 4.28
N VAL A 68 9.39 -11.83 4.72
CA VAL A 68 8.95 -11.40 6.04
C VAL A 68 9.68 -12.21 7.10
N GLU A 69 9.90 -13.50 6.89
CA GLU A 69 10.65 -14.30 7.87
C GLU A 69 12.02 -13.70 8.12
N ARG A 70 12.69 -13.24 7.06
CA ARG A 70 14.01 -12.62 7.21
C ARG A 70 13.92 -11.35 8.07
N VAL A 71 12.90 -10.55 7.85
CA VAL A 71 12.71 -9.30 8.61
C VAL A 71 12.32 -9.65 10.06
N ARG A 72 11.38 -10.56 10.21
CA ARG A 72 10.88 -11.00 11.51
C ARG A 72 12.00 -11.53 12.38
N HIS A 73 12.93 -12.28 11.77
CA HIS A 73 14.04 -12.85 12.51
C HIS A 73 14.95 -11.77 13.10
N GLN A 74 15.38 -10.82 12.28
CA GLN A 74 16.29 -9.77 12.77
C GLN A 74 15.58 -8.78 13.70
N LEU A 75 14.26 -8.68 13.60
CA LEU A 75 13.48 -7.83 14.50
C LEU A 75 13.21 -8.56 15.83
N GLY A 76 13.61 -9.82 15.91
CA GLY A 76 13.43 -10.61 17.12
C GLY A 76 11.99 -10.94 17.45
N ARG A 77 11.09 -10.73 16.50
CA ARG A 77 9.67 -10.93 16.74
C ARG A 77 9.27 -12.38 16.69
N ARG A 78 8.31 -12.74 17.53
CA ARG A 78 7.75 -14.10 17.55
C ARG A 78 6.89 -14.33 16.32
N ARG A 79 6.22 -13.27 15.86
CA ARG A 79 5.39 -13.32 14.67
C ARG A 79 5.35 -11.92 14.07
N MET A 80 5.20 -11.80 12.75
CA MET A 80 5.08 -10.49 12.11
C MET A 80 3.89 -10.50 11.17
N LYS A 81 3.29 -9.33 10.99
CA LYS A 81 2.14 -9.15 10.10
C LYS A 81 2.53 -8.19 8.99
N LEU A 82 2.12 -8.45 7.76
CA LEU A 82 2.48 -7.59 6.63
C LEU A 82 1.25 -7.33 5.75
N LEU A 83 1.02 -6.08 5.41
CA LEU A 83 -0.06 -5.72 4.48
C LEU A 83 0.52 -5.66 3.10
N ASN A 84 -0.02 -6.46 2.18
CA ASN A 84 0.47 -6.49 0.81
C ASN A 84 -0.57 -5.89 -0.11
N VAL A 85 -0.30 -4.70 -0.64
CA VAL A 85 -1.24 -4.03 -1.54
C VAL A 85 -0.77 -4.12 -2.99
N PHE A 86 -1.42 -4.96 -3.76
CA PHE A 86 -1.16 -5.06 -5.19
C PHE A 86 -1.80 -3.85 -5.86
N PHE A 87 -1.15 -3.33 -6.89
CA PHE A 87 -1.74 -2.32 -7.76
C PHE A 87 -1.69 -2.98 -9.13
N SER A 88 -2.84 -3.44 -9.60
CA SER A 88 -2.93 -4.22 -10.84
C SER A 88 -3.90 -3.54 -11.81
N THR A 89 -3.78 -3.80 -13.10
CA THR A 89 -4.68 -3.17 -14.07
C THR A 89 -6.09 -3.70 -13.89
N GLU A 90 -6.20 -5.01 -13.90
CA GLU A 90 -7.47 -5.69 -13.84
C GLU A 90 -7.39 -6.65 -12.68
N ALA A 91 -8.46 -7.38 -12.47
CA ALA A 91 -8.50 -8.40 -11.43
C ALA A 91 -8.35 -9.75 -12.15
N PRO A 92 -7.62 -10.71 -11.57
CA PRO A 92 -7.51 -12.01 -12.27
C PRO A 92 -8.85 -12.67 -12.56
N VAL A 93 -8.93 -13.30 -13.72
CA VAL A 93 -10.19 -13.88 -14.22
C VAL A 93 -10.61 -15.21 -13.59
N ASP A 94 -9.71 -15.81 -12.82
CA ASP A 94 -9.92 -17.14 -12.26
C ASP A 94 -10.15 -17.19 -10.73
N ASP A 95 -11.15 -16.44 -10.27
CA ASP A 95 -11.58 -16.45 -8.83
C ASP A 95 -10.50 -15.98 -7.84
N TRP A 96 -9.95 -14.81 -8.10
CA TRP A 96 -8.99 -14.18 -7.21
C TRP A 96 -9.59 -13.79 -5.87
N GLU A 97 -10.91 -13.72 -5.79
CA GLU A 97 -11.58 -13.22 -4.60
C GLU A 97 -11.24 -14.04 -3.36
N GLU A 98 -11.11 -15.35 -3.52
CA GLU A 98 -10.76 -16.22 -2.40
C GLU A 98 -9.33 -15.95 -1.90
N ILE A 99 -8.51 -15.31 -2.71
CA ILE A 99 -7.13 -15.00 -2.31
C ILE A 99 -7.18 -13.87 -1.29
N ALA A 100 -8.09 -12.93 -1.49
CA ALA A 100 -8.24 -11.79 -0.57
C ALA A 100 -8.83 -12.26 0.77
N LYS A 101 -9.55 -13.37 0.71
CA LYS A 101 -10.19 -13.95 1.90
C LYS A 101 -9.23 -14.93 2.59
N LYS A 102 -8.02 -15.03 2.06
CA LYS A 102 -7.02 -15.97 2.53
C LYS A 102 -5.80 -15.24 3.08
N THR A 103 -5.73 -15.09 4.39
CA THR A 103 -4.54 -14.55 5.02
C THR A 103 -3.47 -15.62 4.83
N PHE A 104 -2.33 -15.27 4.26
CA PHE A 104 -1.27 -16.24 4.06
C PHE A 104 -0.44 -16.32 5.32
N GLU A 105 -0.58 -17.42 6.03
CA GLU A 105 0.11 -17.58 7.30
C GLU A 105 1.21 -18.62 7.25
N LYS A 106 2.44 -18.15 7.16
CA LYS A 106 3.62 -19.03 7.16
C LYS A 106 4.21 -19.05 8.56
N GLY A 107 3.58 -19.75 9.48
CA GLY A 107 4.15 -19.85 10.83
C GLY A 107 4.24 -18.50 11.51
N THR A 108 5.47 -18.03 11.65
CA THR A 108 5.81 -16.75 12.27
C THR A 108 5.42 -15.54 11.42
N VAL A 109 4.68 -15.76 10.35
CA VAL A 109 4.27 -14.71 9.43
C VAL A 109 2.76 -14.76 9.20
N SER A 110 2.17 -13.59 9.03
CA SER A 110 0.77 -13.45 8.65
C SER A 110 0.75 -12.34 7.58
N VAL A 111 0.31 -12.65 6.37
CA VAL A 111 0.25 -11.63 5.31
C VAL A 111 -1.15 -11.47 4.85
N GLU A 112 -1.52 -10.21 4.89
CA GLU A 112 -2.83 -9.78 4.57
C GLU A 112 -2.84 -9.23 3.13
N PRO A 113 -3.38 -9.98 2.18
CA PRO A 113 -3.39 -9.46 0.81
C PRO A 113 -4.52 -8.46 0.53
N ALA A 114 -4.24 -7.53 -0.37
CA ALA A 114 -5.22 -6.55 -0.82
C ALA A 114 -4.83 -6.25 -2.26
N ILE A 115 -5.78 -5.91 -3.11
CA ILE A 115 -5.49 -5.61 -4.51
C ILE A 115 -6.37 -4.48 -4.98
N VAL A 116 -5.73 -3.43 -5.47
CA VAL A 116 -6.43 -2.28 -6.01
C VAL A 116 -6.33 -2.42 -7.52
N ARG A 117 -7.44 -2.76 -8.16
CA ARG A 117 -7.45 -2.92 -9.61
C ARG A 117 -7.82 -1.59 -10.26
N GLY A 118 -7.10 -1.23 -11.30
CA GLY A 118 -7.27 0.06 -11.97
C GLY A 118 -8.64 0.28 -12.55
N THR A 119 -9.27 -0.78 -13.03
CA THR A 119 -10.59 -0.73 -13.64
C THR A 119 -11.69 -0.11 -12.73
N MET A 120 -11.50 -0.14 -11.42
CA MET A 120 -12.47 0.45 -10.48
C MET A 120 -11.72 1.14 -9.34
N LEU A 121 -10.60 1.72 -9.71
CA LEU A 121 -9.65 2.28 -8.76
C LEU A 121 -10.17 3.19 -7.65
N ARG A 122 -11.10 4.12 -7.91
CA ARG A 122 -11.49 5.05 -6.83
C ARG A 122 -12.11 4.30 -5.65
N ASP A 123 -13.08 3.46 -5.95
CA ASP A 123 -13.83 2.74 -4.93
C ASP A 123 -13.00 1.63 -4.31
N ASP A 124 -12.15 1.02 -5.11
CA ASP A 124 -11.29 -0.06 -4.63
C ASP A 124 -10.18 0.48 -3.73
N LEU A 125 -9.62 1.62 -4.10
CA LEU A 125 -8.54 2.22 -3.33
C LEU A 125 -9.04 2.71 -1.99
N GLN A 126 -10.20 3.36 -1.97
CA GLN A 126 -10.74 3.92 -0.74
C GLN A 126 -11.21 2.82 0.22
N ALA A 127 -11.33 1.60 -0.28
CA ALA A 127 -11.69 0.47 0.57
C ALA A 127 -10.47 0.07 1.43
N VAL A 128 -9.27 0.26 0.89
CA VAL A 128 -8.03 -0.06 1.60
C VAL A 128 -7.53 1.17 2.37
N PHE A 129 -7.57 2.32 1.71
CA PHE A 129 -7.12 3.58 2.30
C PHE A 129 -8.21 4.66 2.20
N PRO A 130 -9.21 4.65 3.08
CA PRO A 130 -10.29 5.64 2.98
C PRO A 130 -9.87 7.07 3.30
N SER A 131 -8.69 7.23 3.90
CA SER A 131 -8.16 8.55 4.24
C SER A 131 -7.45 9.20 3.07
N PHE A 132 -7.35 8.50 1.95
CA PHE A 132 -6.66 9.06 0.78
C PHE A 132 -7.53 10.08 0.06
N ARG A 133 -6.91 11.18 -0.34
CA ARG A 133 -7.62 12.24 -1.06
C ARG A 133 -7.90 11.79 -2.48
N THR A 134 -9.13 11.40 -2.75
CA THR A 134 -9.52 10.96 -4.09
C THR A 134 -9.49 12.14 -5.06
N GLU A 135 -9.51 13.35 -4.50
CA GLU A 135 -9.46 14.60 -5.27
C GLU A 135 -8.06 14.84 -5.84
N ASP A 136 -7.08 14.12 -5.32
CA ASP A 136 -5.68 14.25 -5.74
C ASP A 136 -5.45 13.56 -7.10
N CYS A 137 -6.54 13.10 -7.68
CA CYS A 137 -6.55 12.49 -9.00
C CYS A 137 -7.81 13.00 -9.68
N SER A 138 -7.69 13.49 -10.90
CA SER A 138 -8.82 14.04 -11.64
C SER A 138 -8.55 13.81 -13.12
N GLU A 139 -9.60 13.87 -13.92
CA GLU A 139 -9.50 13.64 -15.37
C GLU A 139 -8.59 14.66 -16.04
N GLU A 140 -8.65 15.90 -15.53
CA GLU A 140 -7.82 17.01 -16.03
C GLU A 140 -6.33 16.69 -15.86
N HIS A 141 -6.02 15.79 -14.94
CA HIS A 141 -4.64 15.46 -14.62
C HIS A 141 -4.33 13.98 -14.89
N ALA A 142 -5.14 13.34 -15.72
CA ALA A 142 -4.99 11.92 -16.02
C ALA A 142 -3.88 11.58 -17.04
N SER A 143 -3.00 12.54 -17.33
CA SER A 143 -1.95 12.32 -18.31
C SER A 143 -0.90 11.31 -17.80
N PHE A 144 -0.30 10.57 -18.72
CA PHE A 144 0.72 9.58 -18.36
C PHE A 144 1.94 10.28 -17.77
N GLU A 145 2.16 11.52 -18.20
CA GLU A 145 3.27 12.32 -17.71
C GLU A 145 3.10 12.61 -16.22
N ASN A 146 1.87 12.83 -15.79
CA ASN A 146 1.61 13.13 -14.38
C ASN A 146 2.00 11.95 -13.49
N ALA A 147 1.91 10.73 -14.04
CA ALA A 147 2.31 9.54 -13.30
C ALA A 147 3.83 9.49 -13.14
N GLN A 148 4.55 9.91 -14.16
CA GLN A 148 6.01 9.96 -14.08
C GLN A 148 6.38 10.98 -13.00
N MET A 149 5.73 12.13 -13.05
CA MET A 149 5.96 13.19 -12.08
C MET A 149 5.60 12.75 -10.66
N ALA A 150 4.65 11.84 -10.53
CA ALA A 150 4.25 11.38 -9.20
C ALA A 150 5.42 10.74 -8.44
N ARG A 151 6.31 10.07 -9.16
CA ARG A 151 7.48 9.46 -8.51
C ARG A 151 8.38 10.55 -7.98
N GLU A 152 8.63 11.56 -8.80
CA GLU A 152 9.52 12.64 -8.40
C GLU A 152 8.91 13.43 -7.26
N ARG A 153 7.60 13.63 -7.30
CA ARG A 153 6.89 14.31 -6.23
C ARG A 153 7.05 13.53 -4.95
N PHE A 154 6.91 12.21 -5.00
CA PHE A 154 7.07 11.40 -3.79
C PHE A 154 8.50 11.48 -3.25
N LEU A 155 9.49 11.42 -4.12
CA LEU A 155 10.88 11.46 -3.68
C LEU A 155 11.23 12.80 -3.02
N SER A 156 10.67 13.89 -3.51
CA SER A 156 10.87 15.19 -2.85
C SER A 156 10.01 15.27 -1.58
N LEU A 157 8.82 14.69 -1.63
CA LEU A 157 7.86 14.69 -0.50
C LEU A 157 8.42 14.01 0.73
N VAL A 158 9.11 12.89 0.59
CA VAL A 158 9.62 12.19 1.78
C VAL A 158 10.63 13.05 2.55
N LEU A 159 11.49 13.79 1.87
CA LEU A 159 12.43 14.70 2.55
C LEU A 159 11.65 15.89 3.08
N LYS A 160 10.70 16.37 2.28
CA LYS A 160 9.84 17.49 2.66
C LYS A 160 9.08 17.17 3.93
N GLN A 161 8.86 15.91 4.21
CA GLN A 161 8.16 15.49 5.42
C GLN A 161 8.82 16.06 6.68
N GLU A 162 10.13 16.31 6.63
CA GLU A 162 10.81 16.90 7.78
C GLU A 162 10.32 18.33 8.03
N GLU A 163 9.99 19.04 6.96
CA GLU A 163 9.42 20.38 7.05
C GLU A 163 7.94 20.23 7.44
N GLN A 164 7.27 19.25 6.86
CA GLN A 164 5.85 19.03 7.10
C GLN A 164 5.51 18.74 8.54
N ARG A 165 6.27 17.86 9.21
CA ARG A 165 5.96 17.49 10.59
C ARG A 165 5.99 18.71 11.52
N LYS A 166 6.73 19.73 11.12
CA LYS A 166 6.77 21.00 11.85
C LYS A 166 5.51 21.84 11.54
N THR A 167 5.18 21.99 10.26
CA THR A 167 4.04 22.82 9.84
C THR A 167 2.66 22.20 10.13
N GLU A 168 2.62 20.88 10.27
CA GLU A 168 1.39 20.11 10.51
C GLU A 168 0.57 20.55 11.71
N ALA A 169 1.21 21.27 12.64
CA ALA A 169 0.50 21.86 13.79
C ALA A 169 -0.72 22.71 13.35
N ALA A 170 -0.76 23.10 12.08
CA ALA A 170 -1.91 23.75 11.45
C ALA A 170 -2.46 24.97 12.20
N VAL A 171 -1.65 26.02 12.26
CA VAL A 171 -2.06 27.26 12.93
C VAL A 171 -3.26 27.93 12.24
N PHE A 172 -3.56 27.49 11.02
CA PHE A 172 -4.75 27.92 10.29
C PHE A 172 -5.10 26.77 9.37
N GLN A 173 -6.39 26.62 9.06
CA GLN A 173 -6.87 25.58 8.15
C GLN A 173 -8.27 25.99 7.72
N ASN A 174 -8.62 25.73 6.46
CA ASN A 174 -9.94 26.11 5.94
C ASN A 174 -10.22 25.41 4.60
N GLY A 175 -11.49 25.15 4.31
CA GLY A 175 -11.89 24.59 3.02
C GLY A 175 -11.81 23.08 2.86
N LYS A 176 -12.32 22.62 1.71
CA LYS A 176 -12.30 21.21 1.31
C LYS A 176 -12.33 21.23 -0.21
N LEU A 177 -11.73 20.24 -0.85
CA LEU A 177 -11.76 20.09 -2.30
C LEU A 177 -12.58 18.84 -2.59
N GLU A 178 -13.08 18.70 -3.82
CA GLU A 178 -13.80 17.51 -4.24
C GLU A 178 -13.43 17.27 -5.70
N ARG A 179 -13.71 16.07 -6.21
CA ARG A 179 -13.48 15.80 -7.63
C ARG A 179 -14.72 16.31 -8.38
N GLU A 180 -15.86 16.17 -7.71
CA GLU A 180 -17.16 16.64 -8.21
C GLU A 180 -17.47 16.31 -9.69
N ASN A 181 -17.15 15.10 -10.12
CA ASN A 181 -17.41 14.68 -11.49
C ASN A 181 -17.94 13.25 -11.52
N LEU A 182 -18.72 12.94 -12.53
CA LEU A 182 -19.35 11.62 -12.69
C LEU A 182 -18.40 10.70 -13.46
N TYR A 183 -18.47 9.40 -13.17
CA TYR A 183 -17.64 8.41 -13.87
C TYR A 183 -18.08 8.19 -15.33
N PHE A 184 -19.29 8.66 -15.64
CA PHE A 184 -19.84 8.72 -17.01
C PHE A 184 -19.83 7.43 -17.86
N GLN A 185 -20.03 6.29 -17.22
CA GLN A 185 -20.15 5.02 -17.94
C GLN A 185 -21.57 4.91 -18.50
N MET A 1 -4.48 2.28 -17.38
CA MET A 1 -4.26 3.77 -17.43
C MET A 1 -3.14 4.16 -16.49
N PHE A 2 -2.40 5.22 -16.81
CA PHE A 2 -1.27 5.65 -15.96
C PHE A 2 -1.74 6.18 -14.60
N LEU A 3 -3.03 6.46 -14.50
CA LEU A 3 -3.64 6.90 -13.24
C LEU A 3 -3.36 5.91 -12.11
N LEU A 4 -3.26 4.63 -12.45
CA LEU A 4 -2.95 3.60 -11.47
C LEU A 4 -1.59 3.86 -10.82
N GLU A 5 -0.59 4.13 -11.65
CA GLU A 5 0.76 4.37 -11.14
C GLU A 5 0.87 5.75 -10.48
N TYR A 6 0.07 6.69 -10.96
CA TYR A 6 -0.01 8.01 -10.34
C TYR A 6 -0.51 7.83 -8.91
N THR A 7 -1.51 6.99 -8.75
CA THR A 7 -2.06 6.68 -7.44
C THR A 7 -1.03 5.94 -6.61
N TYR A 8 -0.36 4.97 -7.21
CA TYR A 8 0.66 4.17 -6.52
C TYR A 8 1.72 5.04 -5.83
N TRP A 9 2.37 5.91 -6.58
CA TRP A 9 3.42 6.74 -5.98
C TRP A 9 2.86 7.77 -4.99
N LYS A 10 1.68 8.34 -5.24
CA LYS A 10 1.13 9.32 -4.29
C LYS A 10 0.58 8.66 -3.02
N ILE A 11 0.19 7.39 -3.09
CA ILE A 11 -0.25 6.67 -1.90
C ILE A 11 0.95 6.47 -1.00
N ALA A 12 2.10 6.15 -1.58
CA ALA A 12 3.31 5.99 -0.79
C ALA A 12 3.57 7.28 -0.02
N ALA A 13 3.36 8.41 -0.68
CA ALA A 13 3.53 9.71 -0.05
C ALA A 13 2.52 9.91 1.08
N HIS A 14 1.28 9.52 0.86
CA HIS A 14 0.24 9.65 1.88
C HIS A 14 0.57 8.80 3.10
N LEU A 15 1.05 7.58 2.89
CA LEU A 15 1.41 6.70 3.97
C LEU A 15 2.58 7.28 4.73
N VAL A 16 3.59 7.76 4.02
CA VAL A 16 4.75 8.37 4.67
C VAL A 16 4.33 9.59 5.51
N ASN A 17 3.40 10.39 4.98
CA ASN A 17 2.89 11.55 5.74
C ASN A 17 2.20 11.11 7.02
N SER A 18 1.61 9.92 6.98
CA SER A 18 0.90 9.34 8.13
C SER A 18 1.87 8.71 9.14
N GLY A 19 3.17 8.96 8.97
CA GLY A 19 4.17 8.49 9.91
C GLY A 19 4.81 7.16 9.56
N TYR A 20 4.47 6.59 8.41
CA TYR A 20 5.07 5.31 8.01
C TYR A 20 6.53 5.51 7.68
N GLY A 21 7.38 4.71 8.32
CA GLY A 21 8.80 4.79 8.10
C GLY A 21 9.18 4.05 6.83
N VAL A 22 10.02 4.65 6.01
CA VAL A 22 10.42 4.01 4.76
C VAL A 22 11.45 2.92 5.04
N ILE A 23 11.10 1.69 4.69
CA ILE A 23 12.03 0.57 4.80
C ILE A 23 12.76 0.51 3.46
N GLN A 24 12.00 0.63 2.39
CA GLN A 24 12.56 0.55 1.04
C GLN A 24 11.73 1.39 0.08
N ALA A 25 12.37 2.37 -0.54
CA ALA A 25 11.72 3.17 -1.58
C ALA A 25 12.76 3.39 -2.66
N GLY A 26 12.41 3.04 -3.89
CA GLY A 26 13.31 3.28 -5.01
C GLY A 26 13.10 2.27 -6.10
N GLU A 27 12.72 1.06 -5.70
CA GLU A 27 12.42 0.01 -6.67
C GLU A 27 11.20 0.49 -7.45
N SER A 28 11.17 0.23 -8.75
CA SER A 28 10.06 0.70 -9.57
C SER A 28 8.75 0.02 -9.25
N ASP A 29 8.81 -1.19 -8.72
CA ASP A 29 7.61 -1.99 -8.50
C ASP A 29 7.26 -2.30 -7.05
N GLU A 30 8.09 -1.94 -6.09
CA GLU A 30 7.74 -2.20 -4.68
C GLU A 30 8.22 -1.11 -3.72
N ILE A 31 7.41 -0.82 -2.73
CA ILE A 31 7.74 0.16 -1.69
C ILE A 31 7.34 -0.46 -0.35
N TRP A 32 8.26 -0.53 0.59
CA TRP A 32 7.98 -1.09 1.91
C TRP A 32 7.92 0.05 2.92
N LEU A 33 6.81 0.14 3.63
CA LEU A 33 6.57 1.18 4.62
C LEU A 33 6.23 0.50 5.94
N GLU A 34 6.91 0.88 7.01
CA GLU A 34 6.64 0.30 8.32
C GLU A 34 5.46 1.01 8.95
N ALA A 35 4.51 0.27 9.49
CA ALA A 35 3.34 0.85 10.13
C ALA A 35 3.83 1.44 11.46
N PRO A 36 3.62 2.74 11.71
CA PRO A 36 4.17 3.28 12.96
C PRO A 36 3.40 2.82 14.19
N ASP A 37 2.18 2.37 13.96
CA ASP A 37 1.26 1.93 15.00
C ASP A 37 1.72 0.66 15.73
N LYS A 38 2.39 -0.22 14.99
CA LYS A 38 2.87 -1.52 15.52
C LYS A 38 1.72 -2.34 16.09
N SER A 39 0.56 -2.04 15.51
CA SER A 39 -0.73 -2.67 15.76
C SER A 39 -0.71 -3.97 14.96
N SER A 40 -1.85 -4.65 14.92
CA SER A 40 -2.00 -5.93 14.21
C SER A 40 -1.33 -6.04 12.84
N HIS A 41 -1.11 -4.91 12.14
CA HIS A 41 -0.28 -4.90 10.94
C HIS A 41 1.01 -4.14 11.25
N ASP A 42 2.14 -4.77 10.97
CA ASP A 42 3.45 -4.19 11.28
C ASP A 42 4.01 -3.34 10.15
N LEU A 43 3.73 -3.72 8.91
CA LEU A 43 4.23 -3.01 7.72
C LEU A 43 3.27 -3.19 6.56
N VAL A 44 3.44 -2.39 5.51
CA VAL A 44 2.65 -2.48 4.29
C VAL A 44 3.62 -2.49 3.09
N ARG A 45 3.34 -3.37 2.13
CA ARG A 45 4.13 -3.46 0.89
C ARG A 45 3.23 -3.02 -0.24
N LEU A 46 3.53 -1.88 -0.82
CA LEU A 46 2.84 -1.42 -2.00
C LEU A 46 3.54 -2.18 -3.10
N TYR A 47 2.79 -2.87 -3.95
CA TYR A 47 3.40 -3.70 -4.99
C TYR A 47 2.72 -3.52 -6.33
N LYS A 48 3.45 -2.98 -7.29
CA LYS A 48 2.92 -2.74 -8.63
C LYS A 48 3.10 -3.99 -9.46
N HIS A 49 2.07 -4.83 -9.51
CA HIS A 49 2.10 -6.05 -10.32
C HIS A 49 0.69 -6.41 -10.76
N ASP A 50 0.58 -6.79 -12.02
CA ASP A 50 -0.66 -7.28 -12.61
C ASP A 50 -0.62 -8.80 -12.58
N LEU A 51 -1.78 -9.43 -12.44
CA LEU A 51 -1.88 -10.89 -12.36
C LEU A 51 -2.94 -11.34 -13.34
N ASP A 52 -2.66 -12.37 -14.12
CA ASP A 52 -3.64 -12.95 -15.06
C ASP A 52 -4.38 -14.07 -14.34
N PHE A 53 -3.65 -14.84 -13.56
CA PHE A 53 -4.21 -15.97 -12.83
C PHE A 53 -4.03 -15.84 -11.33
N ARG A 54 -5.00 -16.36 -10.58
CA ARG A 54 -4.93 -16.31 -9.12
C ARG A 54 -3.73 -17.03 -8.53
N GLN A 55 -3.15 -17.95 -9.28
CA GLN A 55 -1.97 -18.67 -8.81
C GLN A 55 -0.78 -17.71 -8.69
N GLU A 56 -0.72 -16.73 -9.57
CA GLU A 56 0.37 -15.76 -9.53
C GLU A 56 0.21 -14.91 -8.28
N MET A 57 -1.03 -14.60 -7.94
CA MET A 57 -1.30 -13.83 -6.74
C MET A 57 -0.82 -14.56 -5.49
N VAL A 58 -1.12 -15.85 -5.36
CA VAL A 58 -0.73 -16.58 -4.15
C VAL A 58 0.79 -16.73 -4.04
N ARG A 59 1.45 -16.95 -5.18
CA ARG A 59 2.92 -17.14 -5.15
C ARG A 59 3.65 -15.85 -4.84
N ASP A 60 3.04 -14.72 -5.16
CA ASP A 60 3.65 -13.44 -4.85
C ASP A 60 3.72 -13.32 -3.34
N ILE A 61 2.72 -13.86 -2.65
CA ILE A 61 2.73 -13.80 -1.19
C ILE A 61 3.78 -14.73 -0.59
N GLU A 62 4.07 -15.83 -1.25
CA GLU A 62 5.10 -16.76 -0.77
C GLU A 62 6.43 -16.02 -0.74
N GLU A 63 6.67 -15.21 -1.76
CA GLU A 63 7.89 -14.42 -1.85
C GLU A 63 7.90 -13.35 -0.77
N GLN A 64 6.77 -12.68 -0.60
CA GLN A 64 6.65 -11.63 0.40
C GLN A 64 6.88 -12.14 1.79
N ALA A 65 6.39 -13.34 2.07
CA ALA A 65 6.54 -13.92 3.39
C ALA A 65 8.02 -14.15 3.70
N GLU A 66 8.82 -14.47 2.70
CA GLU A 66 10.25 -14.64 2.90
C GLU A 66 10.90 -13.28 3.23
N ARG A 67 10.43 -12.22 2.58
CA ARG A 67 10.93 -10.86 2.88
C ARG A 67 10.55 -10.53 4.32
N VAL A 68 9.34 -10.88 4.68
CA VAL A 68 8.82 -10.62 6.01
C VAL A 68 9.65 -11.37 7.03
N GLU A 69 10.06 -12.59 6.76
CA GLU A 69 10.87 -13.34 7.72
C GLU A 69 12.15 -12.58 8.07
N ARG A 70 12.76 -11.88 7.10
CA ARG A 70 13.95 -11.09 7.39
C ARG A 70 13.62 -9.95 8.36
N VAL A 71 12.53 -9.25 8.11
CA VAL A 71 12.12 -8.12 8.95
C VAL A 71 11.65 -8.62 10.33
N ARG A 72 10.91 -9.72 10.33
CA ARG A 72 10.40 -10.34 11.54
C ARG A 72 11.55 -10.70 12.47
N HIS A 73 12.65 -11.18 11.91
CA HIS A 73 13.79 -11.59 12.72
C HIS A 73 14.39 -10.40 13.48
N GLN A 74 14.61 -9.29 12.79
CA GLN A 74 15.21 -8.12 13.43
C GLN A 74 14.22 -7.41 14.38
N LEU A 75 12.92 -7.59 14.14
CA LEU A 75 11.89 -7.02 15.02
C LEU A 75 11.65 -7.89 16.25
N GLY A 76 12.18 -9.11 16.24
CA GLY A 76 11.97 -10.03 17.34
C GLY A 76 10.53 -10.49 17.46
N ARG A 77 9.76 -10.30 16.40
CA ARG A 77 8.33 -10.62 16.41
C ARG A 77 8.10 -12.14 16.47
N ARG A 78 7.15 -12.54 17.30
CA ARG A 78 6.75 -13.96 17.42
C ARG A 78 6.00 -14.36 16.16
N ARG A 79 5.28 -13.40 15.60
CA ARG A 79 4.59 -13.55 14.33
C ARG A 79 4.56 -12.13 13.81
N MET A 80 4.67 -11.93 12.52
CA MET A 80 4.66 -10.58 11.94
C MET A 80 3.57 -10.55 10.89
N LYS A 81 2.87 -9.43 10.77
CA LYS A 81 1.80 -9.32 9.77
C LYS A 81 2.04 -8.18 8.78
N LEU A 82 1.95 -8.50 7.50
CA LEU A 82 2.22 -7.56 6.42
C LEU A 82 0.96 -7.35 5.59
N LEU A 83 0.65 -6.10 5.28
CA LEU A 83 -0.47 -5.78 4.39
C LEU A 83 0.12 -5.65 3.00
N ASN A 84 -0.40 -6.39 2.03
CA ASN A 84 0.10 -6.29 0.67
C ASN A 84 -0.98 -5.68 -0.22
N VAL A 85 -0.63 -4.65 -0.97
CA VAL A 85 -1.60 -4.03 -1.87
C VAL A 85 -1.07 -4.10 -3.30
N PHE A 86 -1.67 -4.98 -4.09
CA PHE A 86 -1.32 -5.11 -5.50
C PHE A 86 -1.93 -3.94 -6.24
N PHE A 87 -1.16 -3.34 -7.14
CA PHE A 87 -1.67 -2.30 -8.03
C PHE A 87 -1.65 -2.92 -9.42
N SER A 88 -2.82 -3.23 -9.93
CA SER A 88 -2.98 -3.92 -11.21
C SER A 88 -3.90 -3.12 -12.13
N THR A 89 -3.83 -3.35 -13.43
CA THR A 89 -4.71 -2.62 -14.34
C THR A 89 -6.09 -3.25 -14.36
N GLU A 90 -6.14 -4.55 -14.11
CA GLU A 90 -7.38 -5.30 -14.08
C GLU A 90 -7.10 -6.52 -13.19
N ALA A 91 -8.15 -7.21 -12.80
CA ALA A 91 -8.05 -8.34 -11.86
C ALA A 91 -7.83 -9.66 -12.61
N PRO A 92 -7.29 -10.70 -11.93
CA PRO A 92 -7.17 -12.01 -12.57
C PRO A 92 -8.51 -12.56 -13.06
N VAL A 93 -8.46 -13.40 -14.08
CA VAL A 93 -9.67 -13.92 -14.72
C VAL A 93 -10.60 -14.77 -13.85
N ASP A 94 -10.09 -15.49 -12.86
CA ASP A 94 -10.94 -16.37 -12.05
C ASP A 94 -10.42 -16.72 -10.66
N ASP A 95 -11.36 -16.97 -9.75
CA ASP A 95 -11.15 -17.46 -8.37
C ASP A 95 -10.11 -16.73 -7.49
N TRP A 96 -9.72 -15.53 -7.90
CA TRP A 96 -8.76 -14.75 -7.14
C TRP A 96 -9.42 -14.11 -5.93
N GLU A 97 -10.73 -13.90 -6.00
CA GLU A 97 -11.42 -13.19 -4.92
C GLU A 97 -11.32 -13.95 -3.61
N GLU A 98 -11.27 -15.27 -3.67
CA GLU A 98 -11.14 -16.09 -2.47
C GLU A 98 -9.75 -15.95 -1.86
N ILE A 99 -8.80 -15.45 -2.64
CA ILE A 99 -7.44 -15.24 -2.17
C ILE A 99 -7.45 -14.00 -1.28
N ALA A 100 -8.26 -13.02 -1.65
CA ALA A 100 -8.38 -11.78 -0.87
C ALA A 100 -9.09 -12.04 0.47
N LYS A 101 -9.78 -13.16 0.55
CA LYS A 101 -10.55 -13.50 1.76
C LYS A 101 -9.77 -14.42 2.70
N LYS A 102 -8.53 -14.74 2.34
CA LYS A 102 -7.72 -15.64 3.18
C LYS A 102 -6.44 -14.96 3.62
N THR A 103 -6.07 -15.17 4.87
CA THR A 103 -4.79 -14.68 5.36
C THR A 103 -3.79 -15.72 4.88
N PHE A 104 -2.76 -15.29 4.19
CA PHE A 104 -1.73 -16.20 3.75
C PHE A 104 -0.80 -16.33 4.93
N GLU A 105 -0.45 -17.55 5.32
CA GLU A 105 0.40 -17.74 6.48
C GLU A 105 1.59 -18.65 6.20
N LYS A 106 2.74 -18.24 6.69
CA LYS A 106 3.99 -19.01 6.53
C LYS A 106 4.65 -19.08 7.90
N GLY A 107 4.14 -19.93 8.79
CA GLY A 107 4.73 -20.06 10.10
C GLY A 107 4.63 -18.78 10.92
N THR A 108 5.78 -18.17 11.17
CA THR A 108 5.88 -16.93 11.96
C THR A 108 5.46 -15.68 11.12
N VAL A 109 4.78 -15.91 10.01
CA VAL A 109 4.33 -14.82 9.13
C VAL A 109 2.84 -14.96 8.79
N SER A 110 2.15 -13.83 8.73
CA SER A 110 0.78 -13.76 8.25
C SER A 110 0.74 -12.58 7.27
N VAL A 111 0.03 -12.70 6.17
CA VAL A 111 -0.07 -11.61 5.17
C VAL A 111 -1.45 -11.49 4.67
N GLU A 112 -1.87 -10.25 4.55
CA GLU A 112 -3.18 -9.93 4.04
C GLU A 112 -3.08 -9.37 2.63
N PRO A 113 -3.52 -10.14 1.61
CA PRO A 113 -3.48 -9.52 0.28
C PRO A 113 -4.65 -8.56 0.06
N ALA A 114 -4.46 -7.61 -0.82
CA ALA A 114 -5.49 -6.68 -1.23
C ALA A 114 -5.05 -6.31 -2.63
N ILE A 115 -5.96 -5.92 -3.50
CA ILE A 115 -5.63 -5.60 -4.88
C ILE A 115 -6.54 -4.50 -5.36
N VAL A 116 -5.96 -3.47 -5.95
CA VAL A 116 -6.74 -2.43 -6.58
C VAL A 116 -6.56 -2.67 -8.06
N ARG A 117 -7.67 -2.64 -8.78
CA ARG A 117 -7.63 -2.83 -10.23
C ARG A 117 -8.04 -1.52 -10.87
N GLY A 118 -7.32 -1.13 -11.91
CA GLY A 118 -7.51 0.15 -12.56
C GLY A 118 -8.92 0.42 -13.05
N THR A 119 -9.61 -0.62 -13.50
CA THR A 119 -10.97 -0.49 -14.04
C THR A 119 -12.01 0.05 -13.03
N MET A 120 -11.72 0.01 -11.74
CA MET A 120 -12.66 0.52 -10.72
C MET A 120 -11.89 1.23 -9.62
N LEU A 121 -10.71 1.72 -10.00
CA LEU A 121 -9.76 2.27 -9.05
C LEU A 121 -10.30 3.25 -8.01
N ARG A 122 -11.20 4.15 -8.36
CA ARG A 122 -11.69 5.14 -7.39
C ARG A 122 -12.33 4.47 -6.17
N ASP A 123 -13.25 3.56 -6.41
CA ASP A 123 -13.93 2.86 -5.32
C ASP A 123 -13.02 1.82 -4.66
N ASP A 124 -12.16 1.22 -5.47
CA ASP A 124 -11.26 0.18 -4.99
C ASP A 124 -10.22 0.74 -4.01
N LEU A 125 -9.72 1.92 -4.33
CA LEU A 125 -8.67 2.53 -3.52
C LEU A 125 -9.19 2.92 -2.15
N GLN A 126 -10.37 3.53 -2.09
CA GLN A 126 -10.89 3.98 -0.80
C GLN A 126 -11.31 2.81 0.07
N ALA A 127 -11.42 1.63 -0.51
CA ALA A 127 -11.75 0.44 0.24
C ALA A 127 -10.52 -0.03 1.05
N VAL A 128 -9.33 0.14 0.48
CA VAL A 128 -8.09 -0.27 1.17
C VAL A 128 -7.47 0.91 1.96
N PHE A 129 -7.55 2.11 1.41
CA PHE A 129 -7.03 3.31 2.08
C PHE A 129 -8.13 4.38 2.17
N PRO A 130 -9.09 4.23 3.09
CA PRO A 130 -10.13 5.27 3.20
C PRO A 130 -9.59 6.59 3.77
N SER A 131 -8.39 6.53 4.35
CA SER A 131 -7.72 7.71 4.90
C SER A 131 -7.12 8.58 3.80
N PHE A 132 -7.30 8.18 2.56
CA PHE A 132 -6.77 8.91 1.40
C PHE A 132 -7.92 9.39 0.54
N ARG A 133 -7.80 10.62 0.04
CA ARG A 133 -8.80 11.16 -0.87
C ARG A 133 -8.67 10.49 -2.22
N THR A 134 -9.47 9.47 -2.48
CA THR A 134 -9.42 8.79 -3.77
C THR A 134 -9.77 9.76 -4.90
N GLU A 135 -10.45 10.86 -4.56
CA GLU A 135 -10.85 11.87 -5.52
C GLU A 135 -9.67 12.73 -5.99
N ASP A 136 -8.55 12.67 -5.26
CA ASP A 136 -7.34 13.41 -5.66
C ASP A 136 -6.73 12.71 -6.89
N CYS A 137 -7.21 11.51 -7.18
CA CYS A 137 -6.77 10.77 -8.37
C CYS A 137 -7.74 11.08 -9.50
N SER A 138 -8.00 12.36 -9.69
CA SER A 138 -8.88 12.87 -10.73
C SER A 138 -8.33 12.50 -12.11
N GLU A 139 -9.20 12.40 -13.09
CA GLU A 139 -8.81 11.93 -14.44
C GLU A 139 -7.82 12.86 -15.15
N GLU A 140 -7.79 14.12 -14.75
CA GLU A 140 -6.83 15.08 -15.29
C GLU A 140 -5.40 14.63 -15.01
N HIS A 141 -5.24 13.83 -13.96
CA HIS A 141 -3.92 13.34 -13.56
C HIS A 141 -3.62 11.96 -14.15
N ALA A 142 -4.44 11.49 -15.08
CA ALA A 142 -4.23 10.18 -15.70
C ALA A 142 -3.08 10.18 -16.72
N SER A 143 -2.42 11.31 -16.87
CA SER A 143 -1.29 11.44 -17.80
C SER A 143 -0.07 10.70 -17.26
N PHE A 144 0.74 10.16 -18.17
CA PHE A 144 1.97 9.45 -17.80
C PHE A 144 2.94 10.43 -17.18
N GLU A 145 2.85 11.69 -17.60
CA GLU A 145 3.71 12.74 -17.08
C GLU A 145 3.43 12.92 -15.60
N ASN A 146 2.16 12.94 -15.23
CA ASN A 146 1.77 13.14 -13.84
C ASN A 146 2.24 11.95 -13.00
N ALA A 147 2.16 10.75 -13.57
CA ALA A 147 2.61 9.55 -12.88
C ALA A 147 4.11 9.62 -12.59
N GLN A 148 4.89 10.02 -13.58
CA GLN A 148 6.33 10.16 -13.42
C GLN A 148 6.66 11.23 -12.38
N MET A 149 5.99 12.37 -12.48
CA MET A 149 6.23 13.45 -11.54
C MET A 149 5.81 13.04 -10.13
N ALA A 150 4.82 12.16 -9.99
CA ALA A 150 4.41 11.69 -8.68
C ALA A 150 5.53 10.90 -7.99
N ARG A 151 6.31 10.16 -8.77
CA ARG A 151 7.43 9.39 -8.22
C ARG A 151 8.48 10.35 -7.69
N GLU A 152 8.81 11.34 -8.49
CA GLU A 152 9.82 12.30 -8.11
C GLU A 152 9.34 13.15 -6.92
N ARG A 153 8.06 13.50 -6.95
CA ARG A 153 7.45 14.24 -5.85
C ARG A 153 7.54 13.43 -4.58
N PHE A 154 7.26 12.14 -4.66
CA PHE A 154 7.34 11.28 -3.48
C PHE A 154 8.76 11.21 -2.90
N LEU A 155 9.74 11.07 -3.77
CA LEU A 155 11.13 10.99 -3.33
C LEU A 155 11.56 12.30 -2.65
N SER A 156 11.03 13.42 -3.11
CA SER A 156 11.29 14.71 -2.46
C SER A 156 10.47 14.86 -1.16
N LEU A 157 9.27 14.31 -1.18
CA LEU A 157 8.31 14.41 -0.08
C LEU A 157 8.80 13.77 1.21
N VAL A 158 9.40 12.59 1.12
CA VAL A 158 9.83 11.90 2.35
C VAL A 158 10.80 12.78 3.16
N LEU A 159 11.74 13.43 2.50
CA LEU A 159 12.67 14.31 3.22
C LEU A 159 11.96 15.59 3.63
N LYS A 160 11.11 16.13 2.76
CA LYS A 160 10.42 17.38 3.09
C LYS A 160 9.49 17.21 4.30
N GLN A 161 8.95 16.02 4.53
CA GLN A 161 8.09 15.81 5.69
C GLN A 161 8.84 16.12 6.98
N GLU A 162 10.14 15.96 7.01
CA GLU A 162 10.91 16.24 8.23
C GLU A 162 10.80 17.72 8.58
N GLU A 163 10.77 18.56 7.56
CA GLU A 163 10.58 19.99 7.73
C GLU A 163 9.11 20.27 8.01
N GLN A 164 8.25 19.72 7.16
CA GLN A 164 6.80 19.94 7.20
C GLN A 164 6.16 19.58 8.54
N ARG A 165 6.60 18.51 9.18
CA ARG A 165 6.04 18.10 10.48
C ARG A 165 6.12 19.20 11.54
N LYS A 166 7.09 20.10 11.43
CA LYS A 166 7.15 21.25 12.34
C LYS A 166 6.12 22.32 11.91
N THR A 167 6.07 22.57 10.61
CA THR A 167 5.23 23.62 10.02
C THR A 167 3.72 23.37 9.99
N GLU A 168 3.31 22.12 9.99
CA GLU A 168 1.89 21.75 9.89
C GLU A 168 0.98 22.38 10.96
N ALA A 169 1.56 22.75 12.09
CA ALA A 169 0.79 23.40 13.16
C ALA A 169 0.25 24.77 12.72
N ALA A 170 0.84 25.37 11.69
CA ALA A 170 0.41 26.68 11.19
C ALA A 170 -0.73 26.53 10.17
N VAL A 171 -1.81 25.91 10.60
CA VAL A 171 -2.97 25.69 9.75
C VAL A 171 -3.63 26.99 9.32
N PHE A 172 -3.94 27.10 8.03
CA PHE A 172 -4.59 28.31 7.52
C PHE A 172 -5.39 28.07 6.25
N GLN A 173 -6.38 28.92 6.01
CA GLN A 173 -7.19 28.87 4.80
C GLN A 173 -7.77 30.26 4.56
N ASN A 174 -8.22 30.53 3.34
CA ASN A 174 -8.81 31.83 3.00
C ASN A 174 -9.67 31.75 1.73
N GLY A 175 -10.96 31.48 1.90
CA GLY A 175 -11.87 31.42 0.77
C GLY A 175 -13.05 30.50 1.01
N LYS A 176 -13.92 30.35 0.02
CA LYS A 176 -15.07 29.46 0.11
C LYS A 176 -15.33 28.89 -1.29
N LEU A 177 -15.69 27.62 -1.34
CA LEU A 177 -16.08 26.96 -2.58
C LEU A 177 -17.58 27.19 -2.72
N GLU A 178 -18.26 26.45 -3.60
CA GLU A 178 -19.73 26.50 -3.70
C GLU A 178 -20.27 27.94 -3.91
N ARG A 179 -19.97 28.53 -5.07
CA ARG A 179 -20.50 29.87 -5.37
C ARG A 179 -21.96 29.79 -5.80
N GLU A 180 -22.26 28.79 -6.61
CA GLU A 180 -23.58 28.58 -7.26
C GLU A 180 -24.25 29.86 -7.79
N ASN A 181 -23.97 30.16 -9.05
CA ASN A 181 -24.46 31.39 -9.65
C ASN A 181 -24.81 31.15 -11.13
N LEU A 182 -25.39 30.00 -11.43
CA LEU A 182 -25.75 29.67 -12.80
C LEU A 182 -27.24 29.81 -13.04
N TYR A 183 -27.59 30.21 -14.25
CA TYR A 183 -28.97 30.46 -14.65
C TYR A 183 -28.96 30.45 -16.17
N PHE A 184 -30.13 30.37 -16.79
CA PHE A 184 -30.25 30.38 -18.24
C PHE A 184 -31.52 31.14 -18.59
N GLN A 185 -31.59 31.62 -19.81
CA GLN A 185 -32.76 32.35 -20.32
C GLN A 185 -32.65 32.22 -21.83
N MET A 1 3.66 7.26 -20.41
CA MET A 1 3.56 5.80 -20.13
C MET A 1 3.34 5.59 -18.64
N PHE A 2 3.15 4.35 -18.16
CA PHE A 2 3.00 4.06 -16.73
C PHE A 2 1.87 4.85 -16.05
N LEU A 3 0.74 4.98 -16.73
CA LEU A 3 -0.38 5.79 -16.21
C LEU A 3 -0.85 5.33 -14.81
N LEU A 4 -0.92 4.03 -14.60
CA LEU A 4 -1.34 3.44 -13.32
C LEU A 4 -0.50 3.95 -12.14
N GLU A 5 0.78 4.19 -12.41
CA GLU A 5 1.72 4.66 -11.39
C GLU A 5 1.28 5.96 -10.71
N TYR A 6 0.47 6.78 -11.38
CA TYR A 6 -0.03 8.02 -10.76
C TYR A 6 -0.66 7.72 -9.41
N THR A 7 -1.55 6.74 -9.39
CA THR A 7 -2.26 6.37 -8.17
C THR A 7 -1.30 5.73 -7.17
N TYR A 8 -0.40 4.92 -7.69
CA TYR A 8 0.61 4.24 -6.87
C TYR A 8 1.49 5.24 -6.10
N TRP A 9 2.15 6.14 -6.82
CA TRP A 9 3.05 7.09 -6.17
C TRP A 9 2.33 8.12 -5.33
N LYS A 10 1.12 8.52 -5.71
CA LYS A 10 0.41 9.50 -4.87
C LYS A 10 -0.01 8.84 -3.56
N ILE A 11 -0.37 7.55 -3.60
CA ILE A 11 -0.71 6.84 -2.36
C ILE A 11 0.53 6.76 -1.49
N ALA A 12 1.66 6.42 -2.08
CA ALA A 12 2.89 6.34 -1.32
C ALA A 12 3.15 7.70 -0.66
N ALA A 13 2.91 8.76 -1.41
CA ALA A 13 3.09 10.11 -0.88
C ALA A 13 2.14 10.41 0.28
N HIS A 14 0.89 9.99 0.19
CA HIS A 14 -0.07 10.24 1.27
C HIS A 14 0.40 9.54 2.53
N LEU A 15 0.80 8.28 2.40
CA LEU A 15 1.19 7.48 3.54
C LEU A 15 2.47 8.01 4.19
N VAL A 16 3.51 8.22 3.40
CA VAL A 16 4.76 8.77 3.93
C VAL A 16 4.50 10.11 4.63
N ASN A 17 3.70 10.97 4.04
CA ASN A 17 3.43 12.28 4.64
C ASN A 17 2.55 12.18 5.90
N SER A 18 1.86 11.05 6.04
CA SER A 18 1.02 10.77 7.21
C SER A 18 1.84 10.11 8.32
N GLY A 19 3.16 10.08 8.16
CA GLY A 19 4.03 9.54 9.19
C GLY A 19 4.51 8.12 8.99
N TYR A 20 4.11 7.46 7.91
CA TYR A 20 4.57 6.10 7.63
C TYR A 20 6.06 6.17 7.26
N GLY A 21 6.91 5.72 8.17
CA GLY A 21 8.34 5.80 7.93
C GLY A 21 8.77 4.93 6.77
N VAL A 22 9.58 5.48 5.88
CA VAL A 22 10.04 4.72 4.72
C VAL A 22 11.13 3.77 5.21
N ILE A 23 10.94 2.48 4.93
CA ILE A 23 11.92 1.46 5.31
C ILE A 23 12.83 1.26 4.12
N GLN A 24 12.23 1.14 2.95
CA GLN A 24 12.95 0.92 1.72
C GLN A 24 12.23 1.59 0.57
N ALA A 25 12.98 2.28 -0.24
CA ALA A 25 12.48 2.89 -1.46
C ALA A 25 13.64 2.64 -2.40
N GLY A 26 13.37 2.48 -3.68
CA GLY A 26 14.43 2.21 -4.64
C GLY A 26 14.60 0.72 -4.84
N GLU A 27 13.56 -0.03 -4.49
CA GLU A 27 13.52 -1.47 -4.74
C GLU A 27 13.23 -1.60 -6.25
N SER A 28 13.02 -2.82 -6.73
CA SER A 28 12.72 -3.04 -8.14
C SER A 28 11.54 -2.18 -8.58
N ASP A 29 10.43 -2.31 -7.87
CA ASP A 29 9.27 -1.46 -8.10
C ASP A 29 8.61 -1.03 -6.80
N GLU A 30 9.02 -1.64 -5.70
CA GLU A 30 8.29 -1.54 -4.43
C GLU A 30 8.69 -0.41 -3.50
N ILE A 31 7.81 -0.16 -2.53
CA ILE A 31 8.05 0.81 -1.47
C ILE A 31 7.62 0.16 -0.17
N TRP A 32 8.50 0.13 0.82
CA TRP A 32 8.20 -0.43 2.14
C TRP A 32 8.00 0.70 3.13
N LEU A 33 6.94 0.62 3.90
CA LEU A 33 6.57 1.63 4.88
C LEU A 33 6.21 0.96 6.20
N GLU A 34 6.53 1.58 7.33
CA GLU A 34 6.08 1.04 8.62
C GLU A 34 4.84 1.81 9.06
N ALA A 35 3.97 1.14 9.81
CA ALA A 35 2.74 1.74 10.28
C ALA A 35 3.07 2.70 11.45
N PRO A 36 2.65 3.99 11.37
CA PRO A 36 3.00 4.86 12.50
C PRO A 36 2.19 4.56 13.76
N ASP A 37 0.97 4.06 13.59
CA ASP A 37 0.10 3.70 14.71
C ASP A 37 0.57 2.43 15.37
N LYS A 38 1.39 1.66 14.63
CA LYS A 38 1.96 0.38 15.11
C LYS A 38 0.84 -0.54 15.59
N SER A 39 -0.21 -0.54 14.76
CA SER A 39 -1.40 -1.36 14.91
C SER A 39 -1.03 -2.81 14.64
N SER A 40 -2.00 -3.71 14.69
CA SER A 40 -1.77 -5.12 14.35
C SER A 40 -0.98 -5.27 13.05
N HIS A 41 -1.17 -4.36 12.10
CA HIS A 41 -0.35 -4.33 10.89
C HIS A 41 0.90 -3.55 11.25
N ASP A 42 2.03 -4.22 11.25
CA ASP A 42 3.29 -3.57 11.60
C ASP A 42 3.81 -2.76 10.41
N LEU A 43 3.77 -3.36 9.23
CA LEU A 43 4.35 -2.75 8.02
C LEU A 43 3.44 -2.90 6.78
N VAL A 44 3.76 -2.15 5.74
CA VAL A 44 3.01 -2.16 4.47
C VAL A 44 4.02 -2.21 3.29
N ARG A 45 3.72 -2.99 2.26
CA ARG A 45 4.52 -2.99 1.02
C ARG A 45 3.58 -2.60 -0.12
N LEU A 46 3.95 -1.55 -0.84
CA LEU A 46 3.22 -1.15 -2.03
C LEU A 46 3.91 -1.87 -3.17
N TYR A 47 3.14 -2.55 -4.01
CA TYR A 47 3.68 -3.36 -5.10
C TYR A 47 2.89 -3.12 -6.38
N LYS A 48 3.53 -3.04 -7.53
CA LYS A 48 2.81 -2.83 -8.80
C LYS A 48 3.17 -3.90 -9.83
N HIS A 49 2.25 -4.83 -10.01
CA HIS A 49 2.43 -5.95 -10.93
C HIS A 49 1.05 -6.34 -11.47
N ASP A 50 0.98 -6.63 -12.76
CA ASP A 50 -0.29 -7.05 -13.38
C ASP A 50 -0.39 -8.57 -13.24
N LEU A 51 -1.60 -9.08 -13.07
CA LEU A 51 -1.79 -10.49 -12.81
C LEU A 51 -2.82 -11.10 -13.75
N ASP A 52 -2.44 -12.17 -14.43
CA ASP A 52 -3.32 -12.86 -15.38
C ASP A 52 -4.13 -13.96 -14.68
N PHE A 53 -3.48 -14.65 -13.74
CA PHE A 53 -4.11 -15.74 -13.00
C PHE A 53 -3.84 -15.63 -11.50
N ARG A 54 -4.78 -16.15 -10.70
CA ARG A 54 -4.65 -16.10 -9.23
C ARG A 54 -3.49 -16.93 -8.72
N GLN A 55 -3.00 -17.84 -9.54
CA GLN A 55 -1.90 -18.69 -9.11
C GLN A 55 -0.66 -17.84 -8.85
N GLU A 56 -0.46 -16.76 -9.61
CA GLU A 56 0.68 -15.89 -9.36
C GLU A 56 0.47 -15.17 -8.04
N MET A 57 -0.76 -14.73 -7.79
CA MET A 57 -1.08 -14.01 -6.55
C MET A 57 -0.70 -14.84 -5.32
N VAL A 58 -1.07 -16.12 -5.30
CA VAL A 58 -0.75 -16.96 -4.13
C VAL A 58 0.75 -17.15 -3.97
N ARG A 59 1.48 -17.14 -5.07
CA ARG A 59 2.94 -17.35 -5.05
C ARG A 59 3.62 -16.13 -4.46
N ASP A 60 3.14 -14.96 -4.83
CA ASP A 60 3.72 -13.70 -4.35
C ASP A 60 3.70 -13.65 -2.83
N ILE A 61 2.58 -14.05 -2.24
CA ILE A 61 2.44 -13.95 -0.79
C ILE A 61 3.37 -14.91 -0.08
N GLU A 62 3.67 -16.05 -0.70
CA GLU A 62 4.54 -17.02 -0.08
C GLU A 62 5.98 -16.47 -0.03
N GLU A 63 6.38 -15.69 -1.02
CA GLU A 63 7.71 -15.07 -1.00
C GLU A 63 7.67 -13.94 0.02
N GLN A 64 6.61 -13.14 0.00
CA GLN A 64 6.43 -12.10 0.98
C GLN A 64 6.51 -12.63 2.40
N ALA A 65 5.96 -13.80 2.67
CA ALA A 65 6.03 -14.36 3.99
C ALA A 65 7.47 -14.65 4.39
N GLU A 66 8.28 -15.14 3.47
CA GLU A 66 9.69 -15.42 3.75
C GLU A 66 10.43 -14.09 3.97
N ARG A 67 10.13 -13.10 3.13
CA ARG A 67 10.71 -11.76 3.25
C ARG A 67 10.34 -11.20 4.62
N VAL A 68 9.10 -11.41 5.03
CA VAL A 68 8.62 -10.95 6.33
C VAL A 68 9.30 -11.71 7.46
N GLU A 69 9.58 -13.00 7.32
CA GLU A 69 10.27 -13.74 8.38
C GLU A 69 11.62 -13.07 8.67
N ARG A 70 12.32 -12.68 7.61
CA ARG A 70 13.62 -12.02 7.75
C ARG A 70 13.48 -10.65 8.41
N VAL A 71 12.54 -9.84 7.94
CA VAL A 71 12.32 -8.50 8.49
C VAL A 71 11.80 -8.59 9.94
N ARG A 72 10.98 -9.58 10.22
CA ARG A 72 10.47 -9.80 11.57
C ARG A 72 11.61 -10.03 12.54
N HIS A 73 12.58 -10.84 12.15
CA HIS A 73 13.74 -11.10 12.99
C HIS A 73 14.59 -9.85 13.12
N GLN A 74 14.73 -9.11 12.04
CA GLN A 74 15.51 -7.87 12.03
C GLN A 74 14.94 -6.85 13.03
N LEU A 75 13.61 -6.76 13.09
CA LEU A 75 12.94 -5.81 14.00
C LEU A 75 12.63 -6.44 15.36
N GLY A 76 12.99 -7.70 15.55
CA GLY A 76 12.76 -8.39 16.82
C GLY A 76 11.31 -8.59 17.20
N ARG A 77 10.39 -8.52 16.25
CA ARG A 77 8.96 -8.65 16.56
C ARG A 77 8.58 -10.10 16.78
N ARG A 78 7.68 -10.34 17.74
CA ARG A 78 7.24 -11.71 18.06
C ARG A 78 6.54 -12.37 16.88
N ARG A 79 5.71 -11.59 16.20
CA ARG A 79 4.96 -12.05 15.02
C ARG A 79 4.94 -10.81 14.16
N MET A 80 4.71 -10.93 12.86
CA MET A 80 4.60 -9.73 12.04
C MET A 80 3.42 -9.82 11.11
N LYS A 81 2.79 -8.68 10.86
CA LYS A 81 1.72 -8.60 9.89
C LYS A 81 2.04 -7.56 8.84
N LEU A 82 1.96 -7.95 7.57
CA LEU A 82 2.33 -7.10 6.44
C LEU A 82 1.14 -6.94 5.50
N LEU A 83 0.87 -5.71 5.09
CA LEU A 83 -0.18 -5.46 4.11
C LEU A 83 0.50 -5.44 2.74
N ASN A 84 0.05 -6.28 1.82
CA ASN A 84 0.64 -6.32 0.48
C ASN A 84 -0.39 -5.89 -0.54
N VAL A 85 -0.22 -4.70 -1.10
CA VAL A 85 -1.19 -4.16 -2.05
C VAL A 85 -0.68 -4.24 -3.48
N PHE A 86 -1.33 -5.06 -4.30
CA PHE A 86 -0.99 -5.17 -5.71
C PHE A 86 -1.67 -4.01 -6.46
N PHE A 87 -0.95 -3.35 -7.35
CA PHE A 87 -1.54 -2.35 -8.23
C PHE A 87 -1.47 -2.96 -9.63
N SER A 88 -2.64 -3.16 -10.23
CA SER A 88 -2.75 -3.81 -11.54
C SER A 88 -3.69 -2.98 -12.41
N THR A 89 -3.74 -3.26 -13.70
CA THR A 89 -4.65 -2.55 -14.61
C THR A 89 -5.97 -3.32 -14.71
N GLU A 90 -5.91 -4.63 -14.53
CA GLU A 90 -7.09 -5.48 -14.59
C GLU A 90 -6.85 -6.62 -13.60
N ALA A 91 -7.92 -7.28 -13.21
CA ALA A 91 -7.84 -8.35 -12.24
C ALA A 91 -7.66 -9.70 -12.96
N PRO A 92 -6.98 -10.67 -12.32
CA PRO A 92 -6.84 -11.98 -12.96
C PRO A 92 -8.18 -12.69 -13.14
N VAL A 93 -8.27 -13.52 -14.16
CA VAL A 93 -9.54 -14.11 -14.59
C VAL A 93 -10.12 -15.29 -13.79
N ASP A 94 -9.36 -15.90 -12.90
CA ASP A 94 -9.82 -17.13 -12.22
C ASP A 94 -9.91 -17.08 -10.68
N ASP A 95 -11.15 -16.91 -10.18
CA ASP A 95 -11.50 -16.98 -8.73
C ASP A 95 -10.58 -16.26 -7.73
N TRP A 96 -9.91 -15.20 -8.15
CA TRP A 96 -8.97 -14.50 -7.31
C TRP A 96 -9.58 -13.87 -6.06
N GLU A 97 -10.89 -13.62 -6.05
CA GLU A 97 -11.54 -12.97 -4.92
C GLU A 97 -11.40 -13.81 -3.65
N GLU A 98 -11.35 -15.12 -3.82
CA GLU A 98 -11.16 -16.03 -2.70
C GLU A 98 -9.78 -15.79 -2.08
N ILE A 99 -8.83 -15.32 -2.87
CA ILE A 99 -7.47 -15.08 -2.38
C ILE A 99 -7.45 -13.83 -1.51
N ALA A 100 -8.26 -12.83 -1.85
CA ALA A 100 -8.30 -11.57 -1.09
C ALA A 100 -8.77 -11.83 0.35
N LYS A 101 -9.61 -12.83 0.52
CA LYS A 101 -10.11 -13.19 1.85
C LYS A 101 -9.05 -13.88 2.67
N LYS A 102 -8.09 -14.49 2.00
CA LYS A 102 -7.10 -15.35 2.64
C LYS A 102 -5.91 -14.65 3.23
N THR A 103 -5.95 -14.43 4.53
CA THR A 103 -4.79 -13.93 5.25
C THR A 103 -3.83 -15.08 5.18
N PHE A 104 -2.66 -14.81 4.63
CA PHE A 104 -1.64 -15.80 4.45
C PHE A 104 -0.91 -15.91 5.76
N GLU A 105 -0.90 -17.08 6.35
CA GLU A 105 -0.22 -17.26 7.63
C GLU A 105 0.89 -18.28 7.50
N LYS A 106 2.06 -17.87 7.95
CA LYS A 106 3.26 -18.71 7.92
C LYS A 106 3.88 -18.66 9.31
N GLY A 107 3.28 -19.36 10.25
CA GLY A 107 3.80 -19.38 11.60
C GLY A 107 3.67 -18.02 12.24
N THR A 108 4.79 -17.37 12.49
CA THR A 108 4.82 -16.05 13.12
C THR A 108 4.64 -14.92 12.11
N VAL A 109 4.15 -15.24 10.92
CA VAL A 109 3.88 -14.24 9.88
C VAL A 109 2.42 -14.30 9.51
N SER A 110 1.82 -13.13 9.28
CA SER A 110 0.48 -13.04 8.73
C SER A 110 0.57 -11.96 7.65
N VAL A 111 -0.04 -12.17 6.50
CA VAL A 111 -0.01 -11.17 5.43
C VAL A 111 -1.38 -11.01 4.90
N GLU A 112 -1.79 -9.77 4.81
CA GLU A 112 -3.10 -9.44 4.33
C GLU A 112 -2.98 -9.04 2.86
N PRO A 113 -3.50 -9.88 1.94
CA PRO A 113 -3.39 -9.48 0.54
C PRO A 113 -4.46 -8.46 0.16
N ALA A 114 -4.14 -7.60 -0.79
CA ALA A 114 -5.09 -6.61 -1.28
C ALA A 114 -4.68 -6.31 -2.72
N ILE A 115 -5.62 -5.95 -3.56
CA ILE A 115 -5.34 -5.67 -4.97
C ILE A 115 -6.27 -4.56 -5.42
N VAL A 116 -5.71 -3.63 -6.17
CA VAL A 116 -6.50 -2.55 -6.76
C VAL A 116 -6.29 -2.74 -8.26
N ARG A 117 -7.35 -2.68 -9.05
CA ARG A 117 -7.25 -2.91 -10.48
C ARG A 117 -7.82 -1.72 -11.24
N GLY A 118 -7.11 -1.30 -12.27
CA GLY A 118 -7.47 -0.12 -13.05
C GLY A 118 -8.93 0.01 -13.45
N THR A 119 -9.55 -1.07 -13.91
CA THR A 119 -10.95 -1.05 -14.36
C THR A 119 -11.94 -0.46 -13.34
N MET A 120 -11.67 -0.59 -12.05
CA MET A 120 -12.58 -0.07 -11.02
C MET A 120 -11.76 0.54 -9.88
N LEU A 121 -10.62 1.06 -10.28
CA LEU A 121 -9.62 1.61 -9.36
C LEU A 121 -10.15 2.61 -8.36
N ARG A 122 -11.07 3.46 -8.77
CA ARG A 122 -11.60 4.49 -7.87
C ARG A 122 -12.23 3.88 -6.61
N ASP A 123 -12.95 2.78 -6.76
CA ASP A 123 -13.57 2.10 -5.63
C ASP A 123 -12.55 1.26 -4.86
N ASP A 124 -11.71 0.55 -5.61
CA ASP A 124 -10.71 -0.34 -5.01
C ASP A 124 -9.76 0.40 -4.11
N LEU A 125 -9.31 1.56 -4.57
CA LEU A 125 -8.31 2.31 -3.86
C LEU A 125 -8.85 2.80 -2.52
N GLN A 126 -10.09 3.27 -2.48
CA GLN A 126 -10.63 3.77 -1.21
C GLN A 126 -10.99 2.61 -0.28
N ALA A 127 -11.13 1.41 -0.83
CA ALA A 127 -11.42 0.24 -0.02
C ALA A 127 -10.16 -0.16 0.76
N VAL A 128 -9.00 -0.01 0.14
CA VAL A 128 -7.73 -0.35 0.79
C VAL A 128 -7.23 0.84 1.63
N PHE A 129 -7.38 2.04 1.08
CA PHE A 129 -6.96 3.26 1.76
C PHE A 129 -8.14 4.24 1.87
N PRO A 130 -9.02 4.07 2.87
CA PRO A 130 -10.19 4.98 2.96
C PRO A 130 -9.85 6.43 3.33
N SER A 131 -8.58 6.70 3.61
CA SER A 131 -8.13 8.07 3.88
C SER A 131 -7.92 8.82 2.56
N PHE A 132 -8.01 8.09 1.46
CA PHE A 132 -7.83 8.66 0.13
C PHE A 132 -9.13 9.24 -0.39
N ARG A 133 -9.12 10.50 -0.77
CA ARG A 133 -10.31 11.11 -1.36
C ARG A 133 -10.41 10.68 -2.80
N THR A 134 -11.22 9.66 -3.07
CA THR A 134 -11.46 9.23 -4.45
C THR A 134 -12.23 10.35 -5.16
N GLU A 135 -12.86 11.21 -4.37
CA GLU A 135 -13.59 12.38 -4.85
C GLU A 135 -12.66 13.36 -5.57
N ASP A 136 -11.43 13.45 -5.07
CA ASP A 136 -10.42 14.39 -5.58
C ASP A 136 -9.71 13.80 -6.78
N CYS A 137 -9.74 12.49 -6.87
CA CYS A 137 -9.03 11.76 -7.91
C CYS A 137 -9.91 11.47 -9.11
N SER A 138 -10.29 12.52 -9.83
CA SER A 138 -11.06 12.35 -11.05
C SER A 138 -10.16 11.63 -12.06
N GLU A 139 -10.76 10.99 -13.05
CA GLU A 139 -9.99 10.23 -14.04
C GLU A 139 -9.06 11.17 -14.83
N GLU A 140 -9.51 12.40 -15.04
CA GLU A 140 -8.74 13.42 -15.75
C GLU A 140 -7.46 13.80 -15.00
N HIS A 141 -7.46 13.59 -13.69
CA HIS A 141 -6.34 13.96 -12.82
C HIS A 141 -5.23 12.91 -12.91
N ALA A 142 -5.54 11.77 -13.52
CA ALA A 142 -4.61 10.66 -13.60
C ALA A 142 -3.93 10.51 -14.97
N SER A 143 -3.51 11.62 -15.58
CA SER A 143 -2.84 11.51 -16.87
C SER A 143 -1.46 10.86 -16.69
N PHE A 144 -0.90 10.34 -17.78
CA PHE A 144 0.41 9.69 -17.70
C PHE A 144 1.51 10.69 -17.32
N GLU A 145 1.32 11.95 -17.68
CA GLU A 145 2.32 12.97 -17.34
C GLU A 145 2.27 13.18 -15.84
N ASN A 146 1.06 13.21 -15.28
CA ASN A 146 0.89 13.36 -13.84
C ASN A 146 1.53 12.16 -13.14
N ALA A 147 1.46 10.99 -13.76
CA ALA A 147 2.08 9.80 -13.19
C ALA A 147 3.59 9.96 -13.07
N GLN A 148 4.20 10.48 -14.13
CA GLN A 148 5.64 10.69 -14.15
C GLN A 148 6.03 11.72 -13.08
N MET A 149 5.27 12.80 -12.98
CA MET A 149 5.55 13.84 -11.99
C MET A 149 5.27 13.37 -10.56
N ALA A 150 4.33 12.45 -10.40
CA ALA A 150 3.99 11.93 -9.07
C ALA A 150 5.21 11.23 -8.46
N ARG A 151 5.96 10.50 -9.28
CA ARG A 151 7.15 9.81 -8.79
C ARG A 151 8.18 10.81 -8.35
N GLU A 152 8.40 11.82 -9.18
CA GLU A 152 9.39 12.85 -8.87
C GLU A 152 9.02 13.56 -7.57
N ARG A 153 7.76 13.92 -7.44
CA ARG A 153 7.25 14.60 -6.26
C ARG A 153 7.35 13.72 -5.03
N PHE A 154 7.16 12.42 -5.20
CA PHE A 154 7.30 11.49 -4.08
C PHE A 154 8.72 11.45 -3.58
N LEU A 155 9.70 11.43 -4.47
CA LEU A 155 11.10 11.40 -4.05
C LEU A 155 11.41 12.64 -3.21
N SER A 156 10.88 13.77 -3.64
CA SER A 156 11.06 15.03 -2.91
C SER A 156 10.34 14.99 -1.55
N LEU A 157 9.20 14.33 -1.54
CA LEU A 157 8.38 14.22 -0.33
C LEU A 157 9.03 13.32 0.72
N VAL A 158 9.74 12.28 0.29
CA VAL A 158 10.41 11.40 1.23
C VAL A 158 11.39 12.23 2.06
N LEU A 159 12.13 13.12 1.43
CA LEU A 159 13.07 13.96 2.17
C LEU A 159 12.29 14.96 3.03
N LYS A 160 11.18 15.47 2.52
CA LYS A 160 10.32 16.39 3.29
C LYS A 160 9.83 15.73 4.58
N GLN A 161 9.68 14.41 4.61
CA GLN A 161 9.23 13.72 5.82
C GLN A 161 10.15 14.04 7.00
N GLU A 162 11.43 14.28 6.78
CA GLU A 162 12.33 14.62 7.88
C GLU A 162 11.88 15.89 8.61
N GLU A 163 11.52 16.93 7.87
CA GLU A 163 11.02 18.15 8.49
C GLU A 163 9.55 17.99 8.90
N GLN A 164 8.80 17.22 8.14
CA GLN A 164 7.38 17.00 8.43
C GLN A 164 7.20 16.33 9.79
N ARG A 165 8.08 15.39 10.13
CA ARG A 165 7.98 14.66 11.40
C ARG A 165 8.11 15.55 12.63
N LYS A 166 8.65 16.76 12.48
CA LYS A 166 8.80 17.69 13.63
C LYS A 166 7.44 18.07 14.21
N THR A 167 6.39 17.86 13.44
CA THR A 167 5.01 18.15 13.88
C THR A 167 4.58 17.32 15.09
N GLU A 168 5.32 16.27 15.43
CA GLU A 168 5.01 15.40 16.57
C GLU A 168 4.81 16.15 17.90
N ALA A 169 5.41 17.33 18.03
CA ALA A 169 5.27 18.15 19.23
C ALA A 169 3.83 18.67 19.43
N ALA A 170 3.01 18.60 18.40
CA ALA A 170 1.62 19.04 18.48
C ALA A 170 0.80 17.97 19.19
N VAL A 171 -0.10 18.39 20.06
CA VAL A 171 -0.94 17.45 20.81
C VAL A 171 -1.88 16.77 19.83
N PHE A 172 -1.81 15.45 19.77
CA PHE A 172 -2.60 14.67 18.82
C PHE A 172 -2.97 13.31 19.38
N GLN A 173 -3.61 12.48 18.56
CA GLN A 173 -4.04 11.15 18.94
C GLN A 173 -3.94 10.23 17.72
N ASN A 174 -3.92 8.92 17.96
CA ASN A 174 -3.75 7.92 16.90
C ASN A 174 -4.77 6.80 17.07
N GLY A 175 -4.88 5.93 16.09
CA GLY A 175 -5.81 4.81 16.18
C GLY A 175 -6.19 4.23 14.82
N LYS A 176 -6.78 3.05 14.82
CA LYS A 176 -7.22 2.38 13.59
C LYS A 176 -8.57 1.73 13.85
N LEU A 177 -9.51 1.94 12.95
CA LEU A 177 -10.81 1.26 13.01
C LEU A 177 -10.56 -0.07 12.32
N GLU A 178 -11.32 -1.10 12.67
CA GLU A 178 -11.18 -2.47 12.09
C GLU A 178 -9.88 -3.16 12.57
N ARG A 179 -9.90 -4.49 12.70
CA ARG A 179 -8.75 -5.23 13.22
C ARG A 179 -8.56 -6.61 12.57
N GLU A 180 -7.84 -6.62 11.46
CA GLU A 180 -7.42 -7.86 10.74
C GLU A 180 -8.59 -8.64 10.13
N ASN A 181 -8.29 -9.62 9.29
CA ASN A 181 -9.31 -10.42 8.60
C ASN A 181 -9.01 -11.92 8.63
N LEU A 182 -10.02 -12.72 8.36
CA LEU A 182 -9.91 -14.19 8.30
C LEU A 182 -10.82 -14.66 7.16
N TYR A 183 -10.37 -15.66 6.40
CA TYR A 183 -11.12 -16.13 5.23
C TYR A 183 -12.44 -16.83 5.56
N PHE A 184 -12.50 -17.44 6.74
CA PHE A 184 -13.67 -18.19 7.24
C PHE A 184 -14.00 -19.47 6.44
N GLN A 185 -14.57 -20.45 7.12
CA GLN A 185 -14.93 -21.72 6.51
C GLN A 185 -16.17 -22.20 7.27
N MET A 1 -2.62 4.29 -20.22
CA MET A 1 -1.16 4.13 -19.97
C MET A 1 -0.86 4.19 -18.48
N PHE A 2 -0.09 5.18 -18.02
CA PHE A 2 0.35 5.27 -16.61
C PHE A 2 -0.71 5.67 -15.56
N LEU A 3 -1.94 5.23 -15.71
CA LEU A 3 -3.00 5.57 -14.75
C LEU A 3 -2.73 4.90 -13.40
N LEU A 4 -2.30 3.64 -13.46
CA LEU A 4 -2.02 2.88 -12.24
C LEU A 4 -0.83 3.50 -11.54
N GLU A 5 0.14 3.92 -12.33
CA GLU A 5 1.37 4.51 -11.82
C GLU A 5 1.08 5.83 -11.10
N TYR A 6 0.14 6.60 -11.62
CA TYR A 6 -0.25 7.85 -10.97
C TYR A 6 -0.82 7.53 -9.60
N THR A 7 -1.70 6.55 -9.54
CA THR A 7 -2.34 6.16 -8.28
C THR A 7 -1.29 5.60 -7.31
N TYR A 8 -0.40 4.78 -7.82
CA TYR A 8 0.65 4.15 -7.04
C TYR A 8 1.53 5.21 -6.34
N TRP A 9 2.05 6.15 -7.10
CA TRP A 9 2.88 7.19 -6.51
C TRP A 9 2.06 8.16 -5.65
N LYS A 10 0.78 8.32 -5.94
CA LYS A 10 -0.06 9.18 -5.10
C LYS A 10 -0.35 8.54 -3.76
N ILE A 11 -0.52 7.24 -3.70
CA ILE A 11 -0.72 6.57 -2.42
C ILE A 11 0.57 6.66 -1.64
N ALA A 12 1.69 6.38 -2.29
CA ALA A 12 2.99 6.48 -1.62
C ALA A 12 3.12 7.88 -1.04
N ALA A 13 2.78 8.90 -1.83
CA ALA A 13 2.85 10.28 -1.38
C ALA A 13 1.96 10.56 -0.17
N HIS A 14 0.72 10.09 -0.18
CA HIS A 14 -0.19 10.41 0.91
C HIS A 14 0.25 9.71 2.20
N LEU A 15 0.80 8.51 2.07
CA LEU A 15 1.29 7.77 3.24
C LEU A 15 2.54 8.41 3.82
N VAL A 16 3.57 8.65 3.01
CA VAL A 16 4.80 9.25 3.54
C VAL A 16 4.54 10.63 4.16
N ASN A 17 3.58 11.37 3.61
CA ASN A 17 3.23 12.69 4.11
C ASN A 17 2.58 12.59 5.49
N SER A 18 2.00 11.43 5.77
CA SER A 18 1.36 11.15 7.06
C SER A 18 2.37 10.57 8.06
N GLY A 19 3.66 10.60 7.70
CA GLY A 19 4.70 10.14 8.60
C GLY A 19 5.17 8.71 8.38
N TYR A 20 4.63 8.03 7.38
CA TYR A 20 5.06 6.65 7.08
C TYR A 20 6.46 6.68 6.47
N GLY A 21 7.47 6.39 7.28
CA GLY A 21 8.85 6.45 6.82
C GLY A 21 9.14 5.43 5.73
N VAL A 22 9.81 5.85 4.68
CA VAL A 22 10.18 4.94 3.59
C VAL A 22 11.36 4.11 4.04
N ILE A 23 11.18 2.80 3.99
CA ILE A 23 12.23 1.86 4.36
C ILE A 23 13.04 1.56 3.10
N GLN A 24 12.32 1.35 2.01
CA GLN A 24 12.95 1.03 0.74
C GLN A 24 12.11 1.54 -0.41
N ALA A 25 12.74 2.29 -1.30
CA ALA A 25 12.13 2.69 -2.55
C ALA A 25 13.28 2.59 -3.54
N GLY A 26 13.05 1.95 -4.67
CA GLY A 26 14.09 1.84 -5.69
C GLY A 26 13.46 1.69 -7.05
N GLU A 27 13.18 0.45 -7.43
CA GLU A 27 12.51 0.18 -8.68
C GLU A 27 11.08 0.70 -8.52
N SER A 28 10.41 0.98 -9.63
CA SER A 28 9.06 1.54 -9.57
C SER A 28 8.02 0.49 -9.19
N ASP A 29 8.47 -0.75 -9.06
CA ASP A 29 7.60 -1.87 -8.76
C ASP A 29 7.23 -1.98 -7.29
N GLU A 30 8.15 -1.66 -6.37
CA GLU A 30 7.87 -1.81 -4.94
C GLU A 30 8.40 -0.70 -4.02
N ILE A 31 7.62 -0.41 -2.98
CA ILE A 31 8.00 0.57 -1.94
C ILE A 31 7.57 0.01 -0.58
N TRP A 32 8.47 0.04 0.39
CA TRP A 32 8.17 -0.38 1.77
C TRP A 32 8.02 0.85 2.66
N LEU A 33 6.99 0.88 3.48
CA LEU A 33 6.74 1.98 4.42
C LEU A 33 6.50 1.45 5.83
N GLU A 34 7.04 2.14 6.82
CA GLU A 34 6.83 1.79 8.23
C GLU A 34 5.55 2.48 8.70
N ALA A 35 4.73 1.80 9.51
CA ALA A 35 3.47 2.37 9.97
C ALA A 35 3.60 3.11 11.33
N PRO A 36 3.57 4.46 11.33
CA PRO A 36 3.70 5.18 12.61
C PRO A 36 2.44 5.09 13.47
N ASP A 37 1.34 4.72 12.84
CA ASP A 37 0.05 4.57 13.52
C ASP A 37 0.06 3.42 14.51
N LYS A 38 1.05 2.53 14.38
CA LYS A 38 1.20 1.36 15.27
C LYS A 38 -0.10 0.57 15.25
N SER A 39 -0.63 0.44 14.05
CA SER A 39 -1.86 -0.25 13.75
C SER A 39 -1.63 -1.76 13.87
N SER A 40 -2.65 -2.53 13.53
CA SER A 40 -2.53 -3.99 13.50
C SER A 40 -1.32 -4.42 12.67
N HIS A 41 -1.00 -3.63 11.64
CA HIS A 41 0.12 -3.89 10.76
C HIS A 41 1.31 -3.04 11.17
N ASP A 42 2.49 -3.64 11.20
CA ASP A 42 3.70 -2.90 11.55
C ASP A 42 4.23 -2.19 10.32
N LEU A 43 4.05 -2.81 9.16
CA LEU A 43 4.56 -2.28 7.89
C LEU A 43 3.50 -2.37 6.81
N VAL A 44 3.67 -1.54 5.78
CA VAL A 44 2.78 -1.51 4.61
C VAL A 44 3.68 -1.50 3.38
N ARG A 45 3.29 -2.20 2.32
CA ARG A 45 4.06 -2.15 1.07
C ARG A 45 3.13 -2.07 -0.13
N LEU A 46 3.64 -1.45 -1.17
CA LEU A 46 2.90 -1.29 -2.42
C LEU A 46 3.65 -2.09 -3.46
N TYR A 47 2.94 -2.84 -4.28
CA TYR A 47 3.57 -3.65 -5.33
C TYR A 47 2.79 -3.53 -6.63
N LYS A 48 3.46 -3.25 -7.73
CA LYS A 48 2.78 -3.10 -9.02
C LYS A 48 3.08 -4.33 -9.88
N HIS A 49 2.06 -5.12 -10.19
CA HIS A 49 2.23 -6.29 -11.03
C HIS A 49 0.94 -6.60 -11.77
N ASP A 50 1.04 -7.19 -12.96
CA ASP A 50 -0.12 -7.59 -13.75
C ASP A 50 0.04 -9.10 -13.87
N LEU A 51 -1.03 -9.87 -13.76
CA LEU A 51 -0.94 -11.33 -13.74
C LEU A 51 -2.20 -12.00 -14.28
N ASP A 52 -2.02 -13.12 -14.97
CA ASP A 52 -3.14 -13.85 -15.61
C ASP A 52 -3.91 -14.77 -14.67
N PHE A 53 -3.22 -15.39 -13.71
CA PHE A 53 -3.85 -16.38 -12.82
C PHE A 53 -3.48 -16.14 -11.36
N ARG A 54 -4.33 -16.59 -10.44
CA ARG A 54 -4.10 -16.35 -9.00
C ARG A 54 -2.86 -17.00 -8.46
N GLN A 55 -2.30 -17.97 -9.18
CA GLN A 55 -1.12 -18.67 -8.71
C GLN A 55 0.05 -17.69 -8.56
N GLU A 56 0.13 -16.67 -9.42
CA GLU A 56 1.20 -15.69 -9.29
C GLU A 56 0.93 -14.81 -8.08
N MET A 57 -0.34 -14.46 -7.86
CA MET A 57 -0.70 -13.61 -6.74
C MET A 57 -0.35 -14.28 -5.42
N VAL A 58 -0.67 -15.57 -5.26
CA VAL A 58 -0.36 -16.28 -4.01
C VAL A 58 1.16 -16.43 -3.86
N ARG A 59 1.85 -16.59 -4.98
CA ARG A 59 3.30 -16.77 -4.98
C ARG A 59 4.00 -15.53 -4.47
N ASP A 60 3.51 -14.38 -4.85
CA ASP A 60 4.09 -13.12 -4.38
C ASP A 60 4.06 -13.05 -2.87
N ILE A 61 2.95 -13.44 -2.25
CA ILE A 61 2.85 -13.36 -0.78
C ILE A 61 3.68 -14.45 -0.12
N GLU A 62 3.75 -15.63 -0.71
CA GLU A 62 4.56 -16.71 -0.15
C GLU A 62 6.00 -16.23 -0.03
N GLU A 63 6.42 -15.48 -1.05
CA GLU A 63 7.78 -14.95 -1.09
C GLU A 63 7.93 -13.75 -0.14
N GLN A 64 6.91 -12.90 -0.13
CA GLN A 64 6.90 -11.73 0.75
C GLN A 64 7.00 -12.16 2.20
N ALA A 65 6.26 -13.19 2.57
CA ALA A 65 6.25 -13.65 3.94
C ALA A 65 7.63 -14.15 4.34
N GLU A 66 8.37 -14.75 3.42
CA GLU A 66 9.72 -15.22 3.74
C GLU A 66 10.62 -14.04 4.11
N ARG A 67 10.49 -12.94 3.35
CA ARG A 67 11.26 -11.73 3.63
C ARG A 67 10.87 -11.18 5.00
N VAL A 68 9.58 -11.11 5.23
CA VAL A 68 9.02 -10.56 6.46
C VAL A 68 9.41 -11.43 7.67
N GLU A 69 9.42 -12.75 7.50
CA GLU A 69 9.80 -13.69 8.55
C GLU A 69 11.21 -13.38 9.04
N ARG A 70 12.12 -13.13 8.11
CA ARG A 70 13.50 -12.84 8.47
C ARG A 70 13.60 -11.55 9.28
N VAL A 71 12.86 -10.53 8.87
CA VAL A 71 12.86 -9.25 9.59
C VAL A 71 12.25 -9.44 10.97
N ARG A 72 11.21 -10.26 11.08
CA ARG A 72 10.57 -10.48 12.38
C ARG A 72 11.52 -11.12 13.37
N HIS A 73 12.25 -12.13 12.95
CA HIS A 73 13.20 -12.80 13.84
C HIS A 73 14.30 -11.87 14.29
N GLN A 74 14.68 -10.92 13.44
CA GLN A 74 15.72 -9.94 13.79
C GLN A 74 15.23 -9.00 14.91
N LEU A 75 13.91 -8.85 15.04
CA LEU A 75 13.32 -7.96 16.04
C LEU A 75 12.81 -8.69 17.28
N GLY A 76 12.62 -10.00 17.18
CA GLY A 76 12.11 -10.78 18.31
C GLY A 76 10.64 -10.51 18.63
N ARG A 77 9.99 -9.73 17.79
CA ARG A 77 8.58 -9.37 17.99
C ARG A 77 7.77 -10.64 17.70
N ARG A 78 6.72 -10.89 18.49
CA ARG A 78 5.99 -12.18 18.43
C ARG A 78 5.38 -12.58 17.08
N ARG A 79 4.68 -11.67 16.42
CA ARG A 79 4.10 -11.99 15.11
C ARG A 79 3.91 -10.74 14.28
N MET A 80 3.93 -10.89 12.98
CA MET A 80 3.80 -9.77 12.04
C MET A 80 2.41 -9.68 11.44
N LYS A 81 2.14 -8.52 10.85
CA LYS A 81 0.96 -8.26 10.04
C LYS A 81 1.49 -7.27 9.03
N LEU A 82 1.26 -7.52 7.76
CA LEU A 82 1.82 -6.73 6.69
C LEU A 82 0.74 -6.56 5.62
N LEU A 83 0.49 -5.33 5.23
CA LEU A 83 -0.48 -5.06 4.16
C LEU A 83 0.28 -5.04 2.84
N ASN A 84 -0.11 -5.90 1.92
CA ASN A 84 0.52 -5.97 0.59
C ASN A 84 -0.50 -5.58 -0.46
N VAL A 85 -0.34 -4.41 -1.05
CA VAL A 85 -1.30 -3.91 -2.04
C VAL A 85 -0.80 -4.09 -3.47
N PHE A 86 -1.46 -4.95 -4.22
CA PHE A 86 -1.14 -5.15 -5.63
C PHE A 86 -1.83 -4.05 -6.45
N PHE A 87 -1.18 -3.57 -7.50
CA PHE A 87 -1.81 -2.61 -8.42
C PHE A 87 -1.72 -3.23 -9.81
N SER A 88 -2.88 -3.49 -10.41
CA SER A 88 -2.96 -4.20 -11.68
C SER A 88 -3.94 -3.53 -12.64
N THR A 89 -3.80 -3.77 -13.92
CA THR A 89 -4.73 -3.22 -14.91
C THR A 89 -6.07 -3.89 -14.74
N GLU A 90 -6.02 -5.20 -14.67
CA GLU A 90 -7.19 -6.03 -14.55
C GLU A 90 -6.74 -7.15 -13.67
N ALA A 91 -7.69 -7.80 -13.04
CA ALA A 91 -7.41 -8.87 -12.11
C ALA A 91 -7.31 -10.21 -12.86
N PRO A 92 -6.58 -11.19 -12.28
CA PRO A 92 -6.50 -12.49 -12.95
C PRO A 92 -7.86 -13.20 -13.06
N VAL A 93 -7.99 -14.05 -14.05
CA VAL A 93 -9.27 -14.71 -14.37
C VAL A 93 -9.53 -16.02 -13.61
N ASP A 94 -8.71 -16.31 -12.62
CA ASP A 94 -8.76 -17.61 -11.92
C ASP A 94 -9.01 -17.50 -10.41
N ASP A 95 -10.28 -17.38 -10.01
CA ASP A 95 -10.75 -17.29 -8.59
C ASP A 95 -9.80 -16.63 -7.55
N TRP A 96 -9.22 -15.50 -7.91
CA TRP A 96 -8.33 -14.77 -7.03
C TRP A 96 -9.08 -14.15 -5.86
N GLU A 97 -10.40 -14.07 -5.96
CA GLU A 97 -11.21 -13.45 -4.89
C GLU A 97 -11.10 -14.29 -3.62
N GLU A 98 -10.89 -15.58 -3.78
CA GLU A 98 -10.66 -16.48 -2.65
C GLU A 98 -9.34 -16.16 -1.97
N ILE A 99 -8.46 -15.45 -2.66
CA ILE A 99 -7.14 -15.10 -2.11
C ILE A 99 -7.27 -13.79 -1.33
N ALA A 100 -8.07 -12.87 -1.84
CA ALA A 100 -8.22 -11.55 -1.20
C ALA A 100 -8.73 -11.66 0.24
N LYS A 101 -9.66 -12.57 0.46
CA LYS A 101 -10.27 -12.77 1.79
C LYS A 101 -9.49 -13.78 2.62
N LYS A 102 -8.38 -14.26 2.07
CA LYS A 102 -7.55 -15.26 2.73
C LYS A 102 -6.33 -14.64 3.37
N THR A 103 -6.33 -14.56 4.69
CA THR A 103 -5.17 -14.07 5.39
C THR A 103 -4.10 -15.13 5.19
N PHE A 104 -2.96 -14.74 4.65
CA PHE A 104 -1.87 -15.68 4.45
C PHE A 104 -1.10 -15.72 5.75
N GLU A 105 -0.91 -16.89 6.32
CA GLU A 105 -0.20 -17.03 7.57
C GLU A 105 0.92 -18.02 7.40
N LYS A 106 2.11 -17.59 7.77
CA LYS A 106 3.32 -18.40 7.64
C LYS A 106 4.22 -18.11 8.82
N GLY A 107 4.41 -19.09 9.70
CA GLY A 107 5.29 -18.88 10.84
C GLY A 107 4.90 -17.68 11.69
N THR A 108 5.86 -16.80 11.90
CA THR A 108 5.67 -15.60 12.71
C THR A 108 5.09 -14.46 11.87
N VAL A 109 4.55 -14.77 10.70
CA VAL A 109 3.99 -13.78 9.79
C VAL A 109 2.52 -14.01 9.52
N SER A 110 1.81 -12.91 9.29
CA SER A 110 0.42 -12.92 8.87
C SER A 110 0.43 -11.80 7.84
N VAL A 111 -0.26 -11.95 6.72
CA VAL A 111 -0.28 -10.95 5.65
C VAL A 111 -1.71 -10.76 5.17
N GLU A 112 -2.12 -9.52 5.03
CA GLU A 112 -3.42 -9.22 4.45
C GLU A 112 -3.19 -8.81 2.99
N PRO A 113 -3.64 -9.64 2.02
CA PRO A 113 -3.47 -9.19 0.64
C PRO A 113 -4.53 -8.16 0.25
N ALA A 114 -4.21 -7.32 -0.70
CA ALA A 114 -5.15 -6.33 -1.22
C ALA A 114 -4.76 -6.12 -2.67
N ILE A 115 -5.70 -5.77 -3.53
CA ILE A 115 -5.42 -5.54 -4.94
C ILE A 115 -6.35 -4.44 -5.46
N VAL A 116 -5.79 -3.54 -6.24
CA VAL A 116 -6.54 -2.46 -6.87
C VAL A 116 -6.44 -2.68 -8.38
N ARG A 117 -7.54 -3.11 -8.99
CA ARG A 117 -7.56 -3.31 -10.45
C ARG A 117 -8.09 -2.03 -11.08
N GLY A 118 -7.51 -1.65 -12.20
CA GLY A 118 -7.88 -0.41 -12.87
C GLY A 118 -9.32 -0.36 -13.35
N THR A 119 -9.94 -1.53 -13.49
CA THR A 119 -11.31 -1.62 -13.97
C THR A 119 -12.34 -0.95 -13.08
N MET A 120 -12.05 -0.89 -11.79
CA MET A 120 -12.94 -0.26 -10.82
C MET A 120 -12.09 0.42 -9.77
N LEU A 121 -11.02 1.03 -10.26
CA LEU A 121 -9.99 1.61 -9.41
C LEU A 121 -10.48 2.50 -8.27
N ARG A 122 -11.45 3.36 -8.51
CA ARG A 122 -11.90 4.28 -7.45
C ARG A 122 -12.48 3.52 -6.26
N ASP A 123 -13.30 2.54 -6.52
CA ASP A 123 -13.93 1.75 -5.45
C ASP A 123 -12.93 0.82 -4.78
N ASP A 124 -12.06 0.23 -5.58
CA ASP A 124 -11.03 -0.67 -5.05
C ASP A 124 -10.05 0.10 -4.17
N LEU A 125 -9.70 1.31 -4.59
CA LEU A 125 -8.73 2.12 -3.88
C LEU A 125 -9.23 2.48 -2.50
N GLN A 126 -10.45 2.97 -2.40
CA GLN A 126 -10.98 3.41 -1.11
C GLN A 126 -11.27 2.22 -0.18
N ALA A 127 -11.32 1.02 -0.74
CA ALA A 127 -11.52 -0.18 0.07
C ALA A 127 -10.22 -0.48 0.84
N VAL A 128 -9.08 -0.16 0.25
CA VAL A 128 -7.79 -0.39 0.89
C VAL A 128 -7.34 0.84 1.68
N PHE A 129 -7.50 2.00 1.06
CA PHE A 129 -7.09 3.27 1.67
C PHE A 129 -8.25 4.25 1.70
N PRO A 130 -9.19 4.09 2.67
CA PRO A 130 -10.30 5.05 2.73
C PRO A 130 -9.85 6.44 3.22
N SER A 131 -8.58 6.53 3.62
CA SER A 131 -8.00 7.79 4.07
C SER A 131 -7.41 8.59 2.91
N PHE A 132 -7.39 8.00 1.71
CA PHE A 132 -6.86 8.71 0.54
C PHE A 132 -7.91 9.69 0.03
N ARG A 133 -7.54 10.95 -0.06
CA ARG A 133 -8.46 11.97 -0.53
C ARG A 133 -8.46 12.05 -2.04
N THR A 134 -9.45 11.43 -2.66
CA THR A 134 -9.61 11.51 -4.10
C THR A 134 -9.98 12.93 -4.50
N GLU A 135 -10.56 13.67 -3.56
CA GLU A 135 -10.95 15.07 -3.79
C GLU A 135 -9.71 15.96 -3.94
N ASP A 136 -8.67 15.69 -3.16
CA ASP A 136 -7.42 16.48 -3.23
C ASP A 136 -6.75 16.19 -4.56
N CYS A 137 -6.91 14.95 -5.05
CA CYS A 137 -6.34 14.52 -6.31
C CYS A 137 -6.88 13.18 -6.78
N SER A 138 -7.37 13.14 -8.02
CA SER A 138 -7.88 11.92 -8.63
C SER A 138 -7.16 11.73 -9.95
N GLU A 139 -7.22 10.52 -10.48
CA GLU A 139 -6.61 10.24 -11.80
C GLU A 139 -7.43 10.92 -12.88
N GLU A 140 -8.70 11.15 -12.59
CA GLU A 140 -9.61 11.84 -13.50
C GLU A 140 -9.16 13.27 -13.76
N HIS A 141 -8.55 13.89 -12.76
CA HIS A 141 -8.05 15.26 -12.88
C HIS A 141 -6.55 15.24 -13.17
N ALA A 142 -6.08 14.15 -13.75
CA ALA A 142 -4.67 13.95 -14.06
C ALA A 142 -4.50 13.58 -15.53
N SER A 143 -3.33 13.06 -15.84
CA SER A 143 -2.98 12.63 -17.19
C SER A 143 -1.92 11.56 -16.98
N PHE A 144 -1.58 10.80 -18.01
CA PHE A 144 -0.55 9.79 -17.87
C PHE A 144 0.81 10.44 -17.61
N GLU A 145 0.99 11.65 -18.13
CA GLU A 145 2.24 12.41 -17.93
C GLU A 145 2.37 12.82 -16.47
N ASN A 146 1.22 13.07 -15.84
CA ASN A 146 1.16 13.46 -14.44
C ASN A 146 1.74 12.38 -13.53
N ALA A 147 1.75 11.12 -13.98
CA ALA A 147 2.32 10.03 -13.19
C ALA A 147 3.82 10.25 -12.96
N GLN A 148 4.53 10.64 -14.02
CA GLN A 148 5.96 10.89 -13.89
C GLN A 148 6.17 12.07 -12.96
N MET A 149 5.39 13.11 -13.15
CA MET A 149 5.50 14.29 -12.28
C MET A 149 5.16 13.93 -10.83
N ALA A 150 4.30 12.96 -10.62
CA ALA A 150 3.98 12.51 -9.26
C ALA A 150 5.20 11.85 -8.64
N ARG A 151 5.92 11.04 -9.43
CA ARG A 151 7.14 10.40 -8.96
C ARG A 151 8.21 11.44 -8.64
N GLU A 152 8.39 12.39 -9.54
CA GLU A 152 9.40 13.42 -9.34
C GLU A 152 9.12 14.21 -8.06
N ARG A 153 7.86 14.57 -7.85
CA ARG A 153 7.47 15.30 -6.63
C ARG A 153 7.56 14.41 -5.41
N PHE A 154 7.39 13.10 -5.58
CA PHE A 154 7.51 12.16 -4.47
C PHE A 154 8.96 12.12 -3.98
N LEU A 155 9.91 12.20 -4.90
CA LEU A 155 11.32 12.19 -4.52
C LEU A 155 11.64 13.43 -3.66
N SER A 156 11.00 14.55 -3.94
CA SER A 156 11.18 15.75 -3.11
C SER A 156 10.44 15.59 -1.77
N LEU A 157 9.27 14.97 -1.84
CA LEU A 157 8.42 14.77 -0.66
C LEU A 157 9.03 13.82 0.36
N VAL A 158 9.67 12.74 -0.05
CA VAL A 158 10.24 11.80 0.91
C VAL A 158 11.29 12.49 1.78
N LEU A 159 12.04 13.44 1.22
CA LEU A 159 12.99 14.18 2.04
C LEU A 159 12.23 15.12 2.97
N LYS A 160 11.18 15.76 2.45
CA LYS A 160 10.38 16.66 3.30
C LYS A 160 9.68 15.87 4.41
N GLN A 161 9.43 14.59 4.21
CA GLN A 161 8.81 13.78 5.24
C GLN A 161 9.58 13.84 6.56
N GLU A 162 10.88 14.07 6.50
CA GLU A 162 11.70 14.18 7.72
C GLU A 162 11.24 15.38 8.55
N GLU A 163 10.82 16.44 7.87
CA GLU A 163 10.27 17.60 8.56
C GLU A 163 8.85 17.28 9.02
N GLN A 164 8.07 16.64 8.16
CA GLN A 164 6.67 16.33 8.47
C GLN A 164 6.51 15.42 9.68
N ARG A 165 7.46 14.52 9.91
CA ARG A 165 7.40 13.58 11.04
C ARG A 165 7.28 14.23 12.41
N LYS A 166 7.59 15.51 12.51
CA LYS A 166 7.45 16.25 13.79
C LYS A 166 6.01 16.24 14.32
N THR A 167 5.05 15.90 13.46
CA THR A 167 3.65 15.80 13.87
C THR A 167 3.42 14.72 14.92
N GLU A 168 4.35 13.79 15.08
CA GLU A 168 4.23 12.72 16.10
C GLU A 168 4.14 13.30 17.51
N ALA A 169 4.64 14.52 17.69
CA ALA A 169 4.59 15.21 18.99
C ALA A 169 3.17 15.69 19.33
N ALA A 170 2.28 15.69 18.35
CA ALA A 170 0.90 16.16 18.55
C ALA A 170 -0.04 14.96 18.60
N VAL A 171 -0.98 14.98 19.52
CA VAL A 171 -1.90 13.85 19.72
C VAL A 171 -3.15 13.97 18.83
N PHE A 172 -3.09 13.35 17.66
CA PHE A 172 -4.24 13.28 16.76
C PHE A 172 -4.02 12.08 15.84
N GLN A 173 -5.09 11.61 15.20
CA GLN A 173 -5.03 10.49 14.25
C GLN A 173 -6.33 10.55 13.46
N ASN A 174 -7.42 10.38 14.21
CA ASN A 174 -8.80 10.52 13.71
C ASN A 174 -9.16 9.58 12.54
N GLY A 175 -8.40 8.51 12.37
CA GLY A 175 -8.67 7.56 11.31
C GLY A 175 -9.51 6.39 11.82
N LYS A 176 -10.04 5.61 10.90
CA LYS A 176 -10.85 4.43 11.25
C LYS A 176 -10.51 3.33 10.26
N LEU A 177 -10.29 2.13 10.76
CA LEU A 177 -9.96 0.97 9.93
C LEU A 177 -10.90 -0.13 10.41
N GLU A 178 -11.09 -1.15 9.59
CA GLU A 178 -11.91 -2.30 9.94
C GLU A 178 -11.32 -3.43 9.11
N ARG A 179 -11.54 -4.68 9.52
CA ARG A 179 -10.96 -5.83 8.83
C ARG A 179 -11.83 -7.04 9.12
N GLU A 180 -11.95 -7.94 8.17
CA GLU A 180 -12.71 -9.17 8.36
C GLU A 180 -11.93 -10.09 9.33
N ASN A 181 -12.64 -11.04 9.93
CA ASN A 181 -12.02 -11.96 10.87
C ASN A 181 -12.86 -13.24 10.88
N LEU A 182 -12.24 -14.37 11.21
CA LEU A 182 -12.94 -15.64 11.23
C LEU A 182 -12.26 -16.54 12.26
N TYR A 183 -13.04 -17.38 12.92
CA TYR A 183 -12.52 -18.30 13.94
C TYR A 183 -11.69 -19.44 13.32
N PHE A 184 -11.91 -19.65 12.02
CA PHE A 184 -11.21 -20.68 11.20
C PHE A 184 -11.54 -22.13 11.61
N GLN A 185 -11.16 -23.07 10.75
CA GLN A 185 -11.42 -24.48 10.97
C GLN A 185 -10.29 -25.24 10.28
N MET A 1 6.94 5.67 -16.30
CA MET A 1 5.97 6.62 -16.83
C MET A 1 4.70 5.91 -17.29
N PHE A 2 3.74 5.78 -16.38
CA PHE A 2 2.48 5.11 -16.70
C PHE A 2 1.34 5.69 -15.87
N LEU A 3 0.13 5.65 -16.41
CA LEU A 3 -1.04 6.17 -15.72
C LEU A 3 -1.20 5.52 -14.35
N LEU A 4 -0.99 4.21 -14.29
CA LEU A 4 -1.09 3.47 -13.04
C LEU A 4 -0.08 3.98 -12.02
N GLU A 5 1.10 4.36 -12.50
CA GLU A 5 2.15 4.86 -11.63
C GLU A 5 1.63 5.98 -10.75
N TYR A 6 0.81 6.85 -11.32
CA TYR A 6 0.24 7.97 -10.59
C TYR A 6 -0.41 7.51 -9.29
N THR A 7 -1.09 6.36 -9.35
CA THR A 7 -1.76 5.81 -8.18
C THR A 7 -0.75 5.28 -7.17
N TYR A 8 0.15 4.40 -7.63
CA TYR A 8 1.15 3.83 -6.75
C TYR A 8 1.92 4.92 -6.01
N TRP A 9 2.28 5.98 -6.73
CA TRP A 9 3.01 7.09 -6.14
C TRP A 9 2.12 7.91 -5.22
N LYS A 10 0.84 8.02 -5.60
CA LYS A 10 -0.13 8.78 -4.82
C LYS A 10 -0.15 8.29 -3.37
N ILE A 11 -0.38 7.00 -3.19
CA ILE A 11 -0.42 6.41 -1.85
C ILE A 11 0.90 6.62 -1.12
N ALA A 12 2.00 6.52 -1.86
CA ALA A 12 3.32 6.71 -1.27
C ALA A 12 3.40 7.99 -0.46
N ALA A 13 3.04 9.11 -1.10
CA ALA A 13 3.07 10.41 -0.45
C ALA A 13 2.15 10.43 0.77
N HIS A 14 1.03 9.73 0.67
CA HIS A 14 0.06 9.66 1.76
C HIS A 14 0.69 9.04 3.01
N LEU A 15 1.24 7.85 2.85
CA LEU A 15 1.88 7.14 3.96
C LEU A 15 2.98 8.00 4.59
N VAL A 16 3.92 8.44 3.77
CA VAL A 16 5.02 9.26 4.25
C VAL A 16 4.51 10.48 5.00
N ASN A 17 3.59 11.21 4.38
CA ASN A 17 3.01 12.40 5.00
C ASN A 17 2.34 12.06 6.33
N SER A 18 1.77 10.87 6.39
CA SER A 18 1.08 10.41 7.60
C SER A 18 2.07 10.19 8.73
N GLY A 19 3.35 10.10 8.39
CA GLY A 19 4.38 9.90 9.38
C GLY A 19 5.13 8.59 9.18
N TYR A 20 4.48 7.63 8.53
CA TYR A 20 5.09 6.33 8.28
C TYR A 20 6.46 6.49 7.63
N GLY A 21 7.50 6.29 8.44
CA GLY A 21 8.86 6.41 7.93
C GLY A 21 9.14 5.47 6.78
N VAL A 22 10.03 5.87 5.87
CA VAL A 22 10.38 5.06 4.72
C VAL A 22 11.55 4.15 5.04
N ILE A 23 11.27 2.86 5.20
CA ILE A 23 12.31 1.89 5.49
C ILE A 23 13.24 1.67 4.29
N GLN A 24 12.67 1.73 3.10
CA GLN A 24 13.44 1.55 1.88
C GLN A 24 12.69 2.11 0.67
N ALA A 25 13.28 3.10 0.01
CA ALA A 25 12.67 3.71 -1.16
C ALA A 25 13.71 4.00 -2.24
N GLY A 26 13.64 3.27 -3.34
CA GLY A 26 14.58 3.47 -4.43
C GLY A 26 15.15 2.17 -4.94
N GLU A 27 14.27 1.21 -5.23
CA GLU A 27 14.70 -0.09 -5.74
C GLU A 27 14.14 -0.33 -7.14
N SER A 28 12.83 -0.27 -7.27
CA SER A 28 12.18 -0.50 -8.56
C SER A 28 10.67 -0.36 -8.44
N ASP A 29 10.04 -1.36 -7.83
CA ASP A 29 8.58 -1.34 -7.65
C ASP A 29 8.22 -1.87 -6.27
N GLU A 30 9.05 -1.57 -5.28
CA GLU A 30 8.80 -2.01 -3.90
C GLU A 30 9.25 -0.94 -2.90
N ILE A 31 8.36 -0.60 -1.99
CA ILE A 31 8.67 0.40 -0.97
C ILE A 31 8.07 0.02 0.38
N TRP A 32 8.88 0.10 1.43
CA TRP A 32 8.43 -0.24 2.77
C TRP A 32 8.12 1.02 3.58
N LEU A 33 7.17 0.91 4.50
CA LEU A 33 6.78 2.04 5.34
C LEU A 33 6.52 1.59 6.77
N GLU A 34 7.32 2.09 7.70
CA GLU A 34 7.17 1.75 9.11
C GLU A 34 5.95 2.45 9.71
N ALA A 35 5.29 1.78 10.65
CA ALA A 35 4.13 2.33 11.32
C ALA A 35 4.47 2.83 12.72
N PRO A 36 4.58 4.15 12.86
CA PRO A 36 4.91 4.79 14.15
C PRO A 36 3.76 4.67 15.15
N ASP A 37 2.53 4.69 14.65
CA ASP A 37 1.36 4.58 15.50
C ASP A 37 1.40 3.30 16.33
N LYS A 38 2.08 2.30 15.82
CA LYS A 38 2.21 1.01 16.52
C LYS A 38 0.85 0.32 16.61
N SER A 39 0.11 0.31 15.51
CA SER A 39 -1.21 -0.31 15.48
C SER A 39 -1.09 -1.81 15.21
N SER A 40 -2.23 -2.48 15.09
CA SER A 40 -2.25 -3.92 14.85
C SER A 40 -1.33 -4.29 13.68
N HIS A 41 -1.24 -3.40 12.70
CA HIS A 41 -0.39 -3.63 11.54
C HIS A 41 1.05 -3.24 11.83
N ASP A 42 1.97 -4.12 11.48
CA ASP A 42 3.39 -3.87 11.70
C ASP A 42 3.94 -2.89 10.68
N LEU A 43 3.96 -3.31 9.41
CA LEU A 43 4.45 -2.46 8.34
C LEU A 43 3.56 -2.56 7.11
N VAL A 44 3.75 -1.65 6.17
CA VAL A 44 2.96 -1.64 4.94
C VAL A 44 3.86 -1.65 3.71
N ARG A 45 3.58 -2.58 2.79
CA ARG A 45 4.36 -2.71 1.57
C ARG A 45 3.51 -2.39 0.34
N LEU A 46 4.12 -1.81 -0.68
CA LEU A 46 3.43 -1.48 -1.91
C LEU A 46 4.10 -2.12 -3.12
N TYR A 47 3.42 -3.09 -3.72
CA TYR A 47 3.96 -3.79 -4.88
C TYR A 47 3.08 -3.56 -6.11
N LYS A 48 3.71 -3.39 -7.26
CA LYS A 48 2.97 -3.17 -8.50
C LYS A 48 3.40 -4.17 -9.57
N HIS A 49 2.57 -5.19 -9.77
CA HIS A 49 2.86 -6.22 -10.76
C HIS A 49 1.58 -6.70 -11.43
N ASP A 50 1.68 -7.10 -12.70
CA ASP A 50 0.54 -7.58 -13.45
C ASP A 50 0.21 -9.02 -13.08
N LEU A 51 -1.08 -9.35 -13.10
CA LEU A 51 -1.54 -10.70 -12.77
C LEU A 51 -2.55 -11.20 -13.78
N ASP A 52 -2.32 -12.40 -14.30
CA ASP A 52 -3.23 -13.00 -15.28
C ASP A 52 -4.02 -14.14 -14.65
N PHE A 53 -3.32 -15.08 -14.03
CA PHE A 53 -3.96 -16.22 -13.39
C PHE A 53 -4.09 -16.00 -11.89
N ARG A 54 -4.86 -16.87 -11.23
CA ARG A 54 -5.08 -16.77 -9.80
C ARG A 54 -3.90 -17.39 -9.04
N GLN A 55 -3.31 -18.44 -9.61
CA GLN A 55 -2.18 -19.12 -8.98
C GLN A 55 -1.06 -18.13 -8.68
N GLU A 56 -0.90 -17.14 -9.56
CA GLU A 56 0.14 -16.13 -9.39
C GLU A 56 -0.12 -15.28 -8.15
N MET A 57 -1.40 -15.05 -7.85
CA MET A 57 -1.79 -14.25 -6.71
C MET A 57 -1.23 -14.85 -5.41
N VAL A 58 -1.49 -16.13 -5.20
CA VAL A 58 -1.01 -16.82 -4.01
C VAL A 58 0.50 -16.98 -4.03
N ARG A 59 1.05 -17.16 -5.24
CA ARG A 59 2.49 -17.33 -5.41
C ARG A 59 3.24 -16.06 -4.98
N ASP A 60 2.56 -14.93 -5.07
CA ASP A 60 3.16 -13.65 -4.69
C ASP A 60 3.20 -13.49 -3.18
N ILE A 61 2.23 -14.10 -2.49
CA ILE A 61 2.16 -14.03 -1.05
C ILE A 61 3.23 -14.89 -0.40
N GLU A 62 3.42 -16.09 -0.93
CA GLU A 62 4.41 -17.01 -0.40
C GLU A 62 5.78 -16.34 -0.29
N GLU A 63 6.02 -15.37 -1.17
CA GLU A 63 7.29 -14.65 -1.16
C GLU A 63 7.34 -13.62 -0.03
N GLN A 64 6.19 -13.02 0.26
CA GLN A 64 6.10 -12.03 1.32
C GLN A 64 6.53 -12.62 2.65
N ALA A 65 5.95 -13.75 3.01
CA ALA A 65 6.27 -14.42 4.26
C ALA A 65 7.77 -14.62 4.41
N GLU A 66 8.44 -14.89 3.29
CA GLU A 66 9.88 -15.09 3.29
C GLU A 66 10.62 -13.84 3.77
N ARG A 67 10.18 -12.69 3.29
CA ARG A 67 10.79 -11.43 3.67
C ARG A 67 10.35 -11.00 5.07
N VAL A 68 9.10 -11.30 5.40
CA VAL A 68 8.55 -10.95 6.70
C VAL A 68 9.44 -11.46 7.83
N GLU A 69 10.02 -12.64 7.63
CA GLU A 69 10.90 -13.24 8.62
C GLU A 69 12.11 -12.35 8.89
N ARG A 70 12.60 -11.70 7.83
CA ARG A 70 13.76 -10.82 7.96
C ARG A 70 13.49 -9.69 8.94
N VAL A 71 12.33 -9.04 8.79
CA VAL A 71 11.95 -7.94 9.67
C VAL A 71 11.50 -8.46 11.03
N ARG A 72 10.74 -9.54 11.02
CA ARG A 72 10.24 -10.14 12.25
C ARG A 72 11.38 -10.37 13.23
N HIS A 73 12.54 -10.75 12.72
CA HIS A 73 13.71 -11.01 13.55
C HIS A 73 14.29 -9.72 14.09
N GLN A 74 14.23 -8.66 13.29
CA GLN A 74 14.75 -7.36 13.70
C GLN A 74 13.85 -6.72 14.75
N LEU A 75 12.55 -6.73 14.49
CA LEU A 75 11.58 -6.15 15.41
C LEU A 75 11.45 -7.00 16.67
N GLY A 76 11.86 -8.26 16.57
CA GLY A 76 11.79 -9.16 17.71
C GLY A 76 10.37 -9.42 18.15
N ARG A 77 9.45 -9.43 17.19
CA ARG A 77 8.04 -9.68 17.48
C ARG A 77 7.64 -11.10 17.11
N ARG A 78 6.39 -11.46 17.40
CA ARG A 78 5.89 -12.79 17.10
C ARG A 78 5.37 -12.86 15.67
N ARG A 79 4.47 -11.94 15.32
CA ARG A 79 3.90 -11.90 13.99
C ARG A 79 4.06 -10.51 13.37
N MET A 80 4.28 -10.47 12.05
CA MET A 80 4.44 -9.21 11.34
C MET A 80 3.32 -9.01 10.32
N LYS A 81 2.46 -8.04 10.58
CA LYS A 81 1.35 -7.75 9.69
C LYS A 81 1.81 -6.86 8.52
N LEU A 82 1.67 -7.38 7.31
CA LEU A 82 2.06 -6.64 6.11
C LEU A 82 0.95 -6.65 5.06
N LEU A 83 0.69 -5.49 4.48
CA LEU A 83 -0.35 -5.38 3.46
C LEU A 83 0.25 -5.40 2.06
N ASN A 84 0.05 -6.51 1.35
CA ASN A 84 0.57 -6.66 -0.01
C ASN A 84 -0.55 -6.52 -1.03
N VAL A 85 -0.54 -5.41 -1.76
CA VAL A 85 -1.54 -5.16 -2.79
C VAL A 85 -0.96 -5.34 -4.19
N PHE A 86 -1.79 -5.81 -5.10
CA PHE A 86 -1.37 -6.02 -6.48
C PHE A 86 -1.99 -4.99 -7.42
N PHE A 87 -1.19 -4.47 -8.34
CA PHE A 87 -1.65 -3.47 -9.29
C PHE A 87 -1.64 -4.03 -10.71
N SER A 88 -2.82 -4.37 -11.22
CA SER A 88 -2.94 -4.92 -12.56
C SER A 88 -4.04 -4.20 -13.34
N THR A 89 -4.09 -4.46 -14.64
CA THR A 89 -5.10 -3.84 -15.51
C THR A 89 -6.50 -4.33 -15.16
N GLU A 90 -6.60 -5.60 -14.79
CA GLU A 90 -7.88 -6.19 -14.43
C GLU A 90 -7.69 -7.48 -13.64
N ALA A 91 -8.79 -8.07 -13.19
CA ALA A 91 -8.74 -9.31 -12.43
C ALA A 91 -8.42 -10.50 -13.33
N PRO A 92 -7.97 -11.61 -12.71
CA PRO A 92 -7.61 -12.82 -13.44
C PRO A 92 -8.83 -13.53 -14.03
N VAL A 93 -8.59 -14.61 -14.76
CA VAL A 93 -9.67 -15.37 -15.37
C VAL A 93 -10.74 -15.73 -14.34
N ASP A 94 -10.30 -16.23 -13.19
CA ASP A 94 -11.22 -16.62 -12.13
C ASP A 94 -10.48 -17.35 -11.01
N ASP A 95 -11.24 -17.87 -10.05
CA ASP A 95 -10.66 -18.59 -8.93
C ASP A 95 -9.67 -17.71 -8.17
N TRP A 96 -10.00 -16.43 -8.03
CA TRP A 96 -9.14 -15.49 -7.33
C TRP A 96 -9.88 -14.88 -6.14
N GLU A 97 -11.19 -14.72 -6.27
CA GLU A 97 -12.00 -14.14 -5.20
C GLU A 97 -11.74 -14.86 -3.88
N GLU A 98 -11.51 -16.16 -3.96
CA GLU A 98 -11.25 -16.96 -2.77
C GLU A 98 -9.97 -16.52 -2.08
N ILE A 99 -8.95 -16.21 -2.88
CA ILE A 99 -7.66 -15.77 -2.35
C ILE A 99 -7.80 -14.43 -1.63
N ALA A 100 -8.45 -13.48 -2.28
CA ALA A 100 -8.65 -12.16 -1.71
C ALA A 100 -9.21 -12.25 -0.30
N LYS A 101 -9.99 -13.30 -0.04
CA LYS A 101 -10.59 -13.50 1.27
C LYS A 101 -9.70 -14.38 2.15
N LYS A 102 -9.08 -15.38 1.53
CA LYS A 102 -8.20 -16.29 2.26
C LYS A 102 -6.98 -15.55 2.80
N THR A 103 -6.58 -15.89 4.02
CA THR A 103 -5.43 -15.26 4.66
C THR A 103 -4.20 -16.16 4.58
N PHE A 104 -3.03 -15.55 4.41
CA PHE A 104 -1.78 -16.29 4.32
C PHE A 104 -1.07 -16.31 5.67
N GLU A 105 -1.13 -17.44 6.35
CA GLU A 105 -0.49 -17.59 7.65
C GLU A 105 0.66 -18.58 7.59
N LYS A 106 1.88 -18.06 7.51
CA LYS A 106 3.07 -18.90 7.44
C LYS A 106 3.76 -18.97 8.80
N GLY A 107 3.33 -19.92 9.63
CA GLY A 107 3.92 -20.08 10.95
C GLY A 107 3.71 -18.87 11.83
N THR A 108 4.80 -18.17 12.14
CA THR A 108 4.72 -16.99 12.98
C THR A 108 4.63 -15.72 12.15
N VAL A 109 4.03 -15.83 10.96
CA VAL A 109 3.87 -14.70 10.07
C VAL A 109 2.39 -14.41 9.80
N SER A 110 2.10 -13.14 9.52
CA SER A 110 0.72 -12.74 9.24
C SER A 110 0.67 -11.78 8.05
N VAL A 111 0.07 -12.24 6.96
CA VAL A 111 -0.04 -11.43 5.75
C VAL A 111 -1.38 -11.67 5.05
N GLU A 112 -1.99 -10.60 4.57
CA GLU A 112 -3.27 -10.69 3.88
C GLU A 112 -3.14 -10.25 2.43
N PRO A 113 -3.76 -11.03 1.52
CA PRO A 113 -3.73 -10.76 0.08
C PRO A 113 -4.54 -9.52 -0.29
N ALA A 114 -4.10 -8.82 -1.33
CA ALA A 114 -4.78 -7.61 -1.79
C ALA A 114 -4.57 -7.39 -3.28
N ILE A 115 -5.64 -7.03 -3.98
CA ILE A 115 -5.56 -6.79 -5.42
C ILE A 115 -6.38 -5.56 -5.81
N VAL A 116 -5.89 -4.81 -6.78
CA VAL A 116 -6.58 -3.61 -7.26
C VAL A 116 -6.83 -3.67 -8.76
N ARG A 117 -8.09 -3.53 -9.16
CA ARG A 117 -8.45 -3.57 -10.56
C ARG A 117 -7.95 -2.33 -11.30
N GLY A 118 -7.46 -2.53 -12.51
CA GLY A 118 -6.95 -1.41 -13.29
C GLY A 118 -8.07 -0.55 -13.87
N THR A 119 -9.19 -1.17 -14.19
CA THR A 119 -10.34 -0.46 -14.75
C THR A 119 -11.20 0.14 -13.65
N MET A 120 -11.28 -0.55 -12.51
CA MET A 120 -12.07 -0.09 -11.38
C MET A 120 -11.17 0.31 -10.22
N LEU A 121 -10.00 0.83 -10.54
CA LEU A 121 -9.04 1.25 -9.52
C LEU A 121 -9.69 2.20 -8.52
N ARG A 122 -10.59 3.05 -9.03
CA ARG A 122 -11.29 4.01 -8.18
C ARG A 122 -12.05 3.31 -7.06
N ASP A 123 -12.63 2.16 -7.39
CA ASP A 123 -13.40 1.38 -6.43
C ASP A 123 -12.47 0.69 -5.43
N ASP A 124 -11.31 0.24 -5.92
CA ASP A 124 -10.34 -0.43 -5.07
C ASP A 124 -9.66 0.56 -4.13
N LEU A 125 -9.39 1.75 -4.64
CA LEU A 125 -8.74 2.79 -3.83
C LEU A 125 -9.47 3.00 -2.51
N GLN A 126 -10.79 3.03 -2.58
CA GLN A 126 -11.62 3.23 -1.39
C GLN A 126 -11.76 1.93 -0.61
N ALA A 127 -11.81 0.81 -1.33
CA ALA A 127 -11.94 -0.50 -0.69
C ALA A 127 -10.73 -0.81 0.18
N VAL A 128 -9.56 -0.34 -0.25
CA VAL A 128 -8.33 -0.56 0.50
C VAL A 128 -7.94 0.66 1.31
N PHE A 129 -7.74 1.79 0.63
CA PHE A 129 -7.36 3.03 1.30
C PHE A 129 -8.48 4.06 1.17
N PRO A 130 -9.54 3.89 1.96
CA PRO A 130 -10.68 4.80 1.97
C PRO A 130 -10.35 6.16 2.56
N SER A 131 -9.41 6.17 3.50
CA SER A 131 -9.01 7.42 4.15
C SER A 131 -8.23 8.31 3.18
N PHE A 132 -7.78 7.72 2.08
CA PHE A 132 -7.02 8.45 1.08
C PHE A 132 -7.93 9.43 0.33
N ARG A 133 -7.41 10.62 0.05
CA ARG A 133 -8.16 11.63 -0.66
C ARG A 133 -8.42 11.22 -2.10
N THR A 134 -9.55 10.56 -2.34
CA THR A 134 -9.91 10.11 -3.67
C THR A 134 -10.90 11.05 -4.33
N GLU A 135 -11.02 12.26 -3.78
CA GLU A 135 -11.95 13.25 -4.31
C GLU A 135 -11.34 13.95 -5.52
N ASP A 136 -10.14 14.48 -5.35
CA ASP A 136 -9.46 15.18 -6.44
C ASP A 136 -9.27 14.26 -7.64
N CYS A 137 -9.02 12.98 -7.37
CA CYS A 137 -8.82 12.01 -8.43
C CYS A 137 -9.98 12.02 -9.41
N SER A 138 -9.68 12.29 -10.68
CA SER A 138 -10.69 12.34 -11.72
C SER A 138 -10.12 11.90 -13.06
N GLU A 139 -10.89 11.09 -13.79
CA GLU A 139 -10.46 10.59 -15.09
C GLU A 139 -10.08 11.74 -16.02
N GLU A 140 -10.84 12.83 -15.93
CA GLU A 140 -10.59 14.00 -16.77
C GLU A 140 -9.20 14.57 -16.50
N HIS A 141 -8.80 14.58 -15.23
CA HIS A 141 -7.49 15.09 -14.84
C HIS A 141 -6.49 13.95 -14.68
N ALA A 142 -6.73 12.85 -15.37
CA ALA A 142 -5.85 11.68 -15.30
C ALA A 142 -5.18 11.43 -16.64
N SER A 143 -3.87 11.21 -16.61
CA SER A 143 -3.10 10.95 -17.83
C SER A 143 -1.73 10.37 -17.50
N PHE A 144 -1.08 9.80 -18.50
CA PHE A 144 0.23 9.19 -18.31
C PHE A 144 1.25 10.25 -17.86
N GLU A 145 1.11 11.46 -18.39
CA GLU A 145 2.01 12.55 -18.04
C GLU A 145 1.84 12.96 -16.58
N ASN A 146 0.60 12.91 -16.11
CA ASN A 146 0.30 13.28 -14.73
C ASN A 146 1.12 12.45 -13.75
N ALA A 147 1.30 11.17 -14.08
CA ALA A 147 2.08 10.27 -13.23
C ALA A 147 3.49 10.80 -13.01
N GLN A 148 4.16 11.16 -14.10
CA GLN A 148 5.51 11.68 -14.02
C GLN A 148 5.59 12.88 -13.08
N MET A 149 4.54 13.70 -13.09
CA MET A 149 4.49 14.87 -12.24
C MET A 149 4.36 14.48 -10.77
N ALA A 150 3.52 13.48 -10.50
CA ALA A 150 3.31 13.00 -9.14
C ALA A 150 4.63 12.59 -8.49
N ARG A 151 5.49 11.96 -9.28
CA ARG A 151 6.79 11.51 -8.78
C ARG A 151 7.65 12.69 -8.35
N GLU A 152 7.82 13.66 -9.25
CA GLU A 152 8.62 14.84 -8.95
C GLU A 152 8.17 15.51 -7.66
N ARG A 153 6.85 15.61 -7.49
CA ARG A 153 6.28 16.23 -6.30
C ARG A 153 6.57 15.38 -5.06
N PHE A 154 6.49 14.07 -5.22
CA PHE A 154 6.74 13.14 -4.12
C PHE A 154 8.15 13.33 -3.56
N LEU A 155 9.12 13.41 -4.46
CA LEU A 155 10.52 13.58 -4.05
C LEU A 155 10.67 14.78 -3.12
N SER A 156 9.88 15.83 -3.37
CA SER A 156 9.93 17.03 -2.55
C SER A 156 9.22 16.81 -1.22
N LEU A 157 8.14 16.04 -1.26
CA LEU A 157 7.36 15.76 -0.05
C LEU A 157 8.20 14.99 0.96
N VAL A 158 8.77 13.87 0.53
CA VAL A 158 9.60 13.04 1.39
C VAL A 158 10.71 13.86 2.04
N LEU A 159 11.23 14.82 1.29
CA LEU A 159 12.30 15.68 1.79
C LEU A 159 11.82 16.53 2.97
N LYS A 160 10.80 17.35 2.72
CA LYS A 160 10.24 18.21 3.76
C LYS A 160 9.79 17.37 4.96
N GLN A 161 9.27 16.18 4.68
CA GLN A 161 8.80 15.30 5.73
C GLN A 161 9.88 15.05 6.77
N GLU A 162 11.14 14.99 6.31
CA GLU A 162 12.26 14.75 7.19
C GLU A 162 12.38 15.87 8.24
N GLU A 163 12.37 17.11 7.77
CA GLU A 163 12.48 18.25 8.66
C GLU A 163 11.22 18.40 9.51
N GLN A 164 10.07 18.09 8.92
CA GLN A 164 8.80 18.18 9.62
C GLN A 164 8.71 17.14 10.73
N ARG A 165 9.27 15.97 10.48
CA ARG A 165 9.26 14.89 11.46
C ARG A 165 9.78 15.37 12.81
N LYS A 166 10.80 16.23 12.77
CA LYS A 166 11.39 16.76 13.99
C LYS A 166 10.33 17.35 14.91
N THR A 167 9.34 18.01 14.30
CA THR A 167 8.26 18.62 15.07
C THR A 167 7.31 17.56 15.63
N GLU A 168 7.00 16.56 14.81
CA GLU A 168 6.11 15.48 15.22
C GLU A 168 6.56 14.89 16.55
N ALA A 169 7.87 14.84 16.76
CA ALA A 169 8.43 14.30 18.00
C ALA A 169 8.11 15.21 19.18
N ALA A 170 8.10 16.51 18.94
CA ALA A 170 7.82 17.49 19.99
C ALA A 170 6.36 17.43 20.41
N VAL A 171 5.46 17.80 19.50
CA VAL A 171 4.03 17.79 19.77
C VAL A 171 3.64 16.55 20.56
N PHE A 172 3.52 15.42 19.86
CA PHE A 172 3.14 14.16 20.50
C PHE A 172 2.95 13.06 19.46
N GLN A 173 1.92 13.20 18.63
CA GLN A 173 1.63 12.22 17.60
C GLN A 173 1.01 12.88 16.38
N ASN A 174 0.74 12.09 15.35
CA ASN A 174 0.14 12.60 14.12
C ASN A 174 -0.34 11.46 13.22
N GLY A 175 -1.47 11.66 12.58
CA GLY A 175 -2.01 10.63 11.69
C GLY A 175 -3.22 9.94 12.28
N LYS A 176 -3.98 9.26 11.44
CA LYS A 176 -5.17 8.54 11.88
C LYS A 176 -5.53 7.42 10.91
N LEU A 177 -6.56 6.66 11.26
CA LEU A 177 -7.01 5.54 10.42
C LEU A 177 -8.32 4.98 10.92
N GLU A 178 -8.94 4.11 10.11
CA GLU A 178 -10.20 3.49 10.48
C GLU A 178 -10.59 2.41 9.48
N ARG A 179 -11.74 1.77 9.72
CA ARG A 179 -12.21 0.71 8.83
C ARG A 179 -11.24 -0.46 8.82
N GLU A 180 -11.55 -1.48 9.61
CA GLU A 180 -10.70 -2.67 9.69
C GLU A 180 -11.31 -3.71 10.63
N ASN A 181 -12.09 -4.63 10.07
CA ASN A 181 -12.74 -5.67 10.86
C ASN A 181 -13.56 -6.59 9.97
N LEU A 182 -14.33 -7.48 10.59
CA LEU A 182 -15.17 -8.42 9.86
C LEU A 182 -14.31 -9.36 9.00
N TYR A 183 -14.91 -10.47 8.56
CA TYR A 183 -14.20 -11.44 7.75
C TYR A 183 -15.15 -12.54 7.28
N PHE A 184 -15.02 -12.92 6.01
CA PHE A 184 -15.87 -13.96 5.43
C PHE A 184 -15.01 -15.07 4.82
N GLN A 185 -15.04 -16.23 5.45
CA GLN A 185 -14.27 -17.38 4.97
C GLN A 185 -15.09 -18.66 5.06
N MET A 1 -0.20 0.75 -19.36
CA MET A 1 0.74 1.90 -19.15
C MET A 1 0.62 2.43 -17.73
N PHE A 2 1.45 3.40 -17.38
CA PHE A 2 1.54 3.96 -16.02
C PHE A 2 0.32 4.74 -15.48
N LEU A 3 -0.90 4.42 -15.89
CA LEU A 3 -2.08 5.14 -15.41
C LEU A 3 -2.26 4.87 -13.92
N LEU A 4 -2.22 3.60 -13.54
CA LEU A 4 -2.33 3.19 -12.14
C LEU A 4 -1.19 3.75 -11.32
N GLU A 5 -0.03 3.82 -11.94
CA GLU A 5 1.18 4.28 -11.28
C GLU A 5 1.03 5.73 -10.75
N TYR A 6 0.17 6.52 -11.39
CA TYR A 6 -0.09 7.87 -10.91
C TYR A 6 -0.68 7.78 -9.51
N THR A 7 -1.68 6.94 -9.36
CA THR A 7 -2.33 6.72 -8.06
C THR A 7 -1.38 6.05 -7.07
N TYR A 8 -0.60 5.12 -7.57
CA TYR A 8 0.37 4.37 -6.75
C TYR A 8 1.33 5.30 -5.99
N TRP A 9 2.01 6.20 -6.69
CA TRP A 9 2.95 7.09 -6.02
C TRP A 9 2.22 8.03 -5.06
N LYS A 10 0.99 8.40 -5.40
CA LYS A 10 0.20 9.29 -4.54
C LYS A 10 -0.26 8.60 -3.27
N ILE A 11 -0.55 7.31 -3.33
CA ILE A 11 -0.90 6.56 -2.12
C ILE A 11 0.33 6.48 -1.24
N ALA A 12 1.47 6.18 -1.84
CA ALA A 12 2.70 6.11 -1.07
C ALA A 12 2.94 7.44 -0.37
N ALA A 13 2.73 8.52 -1.10
CA ALA A 13 2.89 9.85 -0.55
C ALA A 13 1.90 10.11 0.59
N HIS A 14 0.65 9.71 0.38
CA HIS A 14 -0.39 9.88 1.39
C HIS A 14 -0.01 9.16 2.67
N LEU A 15 0.46 7.93 2.56
CA LEU A 15 0.85 7.15 3.73
C LEU A 15 2.06 7.77 4.41
N VAL A 16 3.14 8.01 3.68
CA VAL A 16 4.34 8.63 4.28
C VAL A 16 4.00 9.95 4.99
N ASN A 17 3.20 10.80 4.37
CA ASN A 17 2.87 12.09 4.99
C ASN A 17 2.00 11.94 6.25
N SER A 18 1.41 10.77 6.42
CA SER A 18 0.58 10.48 7.60
C SER A 18 1.44 9.88 8.72
N GLY A 19 2.74 9.75 8.49
CA GLY A 19 3.65 9.26 9.51
C GLY A 19 4.25 7.89 9.27
N TYR A 20 3.88 7.24 8.17
CA TYR A 20 4.45 5.92 7.84
C TYR A 20 5.92 6.08 7.49
N GLY A 21 6.75 5.43 8.28
CA GLY A 21 8.19 5.53 8.08
C GLY A 21 8.64 4.74 6.89
N VAL A 22 9.42 5.36 6.02
CA VAL A 22 9.89 4.68 4.81
C VAL A 22 11.00 3.71 5.16
N ILE A 23 10.88 2.49 4.68
CA ILE A 23 11.90 1.47 4.84
C ILE A 23 12.64 1.38 3.52
N GLN A 24 11.88 1.37 2.43
CA GLN A 24 12.41 1.28 1.07
C GLN A 24 11.40 2.01 0.20
N ALA A 25 11.82 2.82 -0.76
CA ALA A 25 10.87 3.58 -1.57
C ALA A 25 11.16 3.70 -3.07
N GLY A 26 10.40 2.95 -3.86
CA GLY A 26 10.39 3.17 -5.28
C GLY A 26 11.62 2.75 -6.04
N GLU A 27 12.16 1.59 -5.71
CA GLU A 27 13.31 1.05 -6.44
C GLU A 27 12.89 0.92 -7.91
N SER A 28 11.70 0.39 -8.09
CA SER A 28 11.09 0.23 -9.40
C SER A 28 9.58 0.16 -9.22
N ASP A 29 9.12 -0.97 -8.69
CA ASP A 29 7.69 -1.24 -8.51
C ASP A 29 7.31 -1.51 -7.07
N GLU A 30 8.24 -1.30 -6.15
CA GLU A 30 8.04 -1.70 -4.75
C GLU A 30 8.38 -0.61 -3.71
N ILE A 31 7.54 -0.49 -2.69
CA ILE A 31 7.71 0.47 -1.58
C ILE A 31 7.34 -0.24 -0.27
N TRP A 32 8.14 -0.02 0.78
CA TRP A 32 7.88 -0.58 2.10
C TRP A 32 7.74 0.55 3.13
N LEU A 33 6.71 0.46 3.96
CA LEU A 33 6.40 1.46 4.98
C LEU A 33 6.16 0.77 6.33
N GLU A 34 6.69 1.33 7.41
CA GLU A 34 6.40 0.81 8.76
C GLU A 34 5.12 1.49 9.22
N ALA A 35 4.22 0.73 9.84
CA ALA A 35 2.95 1.28 10.30
C ALA A 35 3.18 2.07 11.61
N PRO A 36 2.91 3.38 11.63
CA PRO A 36 3.16 4.11 12.88
C PRO A 36 2.10 3.83 13.93
N ASP A 37 0.91 3.48 13.45
CA ASP A 37 -0.25 3.19 14.27
C ASP A 37 -0.13 1.87 14.99
N LYS A 38 0.59 0.94 14.37
CA LYS A 38 0.85 -0.38 14.94
C LYS A 38 -0.45 -1.12 15.30
N SER A 39 -1.41 -0.93 14.41
CA SER A 39 -2.68 -1.65 14.38
C SER A 39 -2.34 -3.01 13.79
N SER A 40 -3.35 -3.82 13.51
CA SER A 40 -3.21 -5.19 12.96
C SER A 40 -2.19 -5.53 11.85
N HIS A 41 -1.44 -4.57 11.33
CA HIS A 41 -0.37 -4.83 10.35
C HIS A 41 0.84 -4.05 10.85
N ASP A 42 1.97 -4.71 11.03
CA ASP A 42 3.18 -4.06 11.53
C ASP A 42 3.79 -3.20 10.43
N LEU A 43 3.64 -3.67 9.21
CA LEU A 43 4.23 -3.04 8.03
C LEU A 43 3.23 -3.05 6.87
N VAL A 44 3.47 -2.19 5.89
CA VAL A 44 2.64 -2.10 4.68
C VAL A 44 3.57 -2.11 3.46
N ARG A 45 3.18 -2.83 2.42
CA ARG A 45 3.94 -2.88 1.16
C ARG A 45 3.04 -2.47 0.01
N LEU A 46 3.57 -1.64 -0.86
CA LEU A 46 2.88 -1.20 -2.05
C LEU A 46 3.63 -1.81 -3.23
N TYR A 47 2.95 -2.55 -4.09
CA TYR A 47 3.59 -3.22 -5.21
C TYR A 47 2.76 -3.05 -6.48
N LYS A 48 3.38 -2.73 -7.61
CA LYS A 48 2.65 -2.55 -8.88
C LYS A 48 3.09 -3.55 -9.94
N HIS A 49 2.30 -4.60 -10.11
CA HIS A 49 2.57 -5.64 -11.10
C HIS A 49 1.22 -6.23 -11.50
N ASP A 50 1.13 -6.71 -12.74
CA ASP A 50 -0.10 -7.32 -13.26
C ASP A 50 -0.11 -8.80 -12.91
N LEU A 51 -1.30 -9.37 -12.76
CA LEU A 51 -1.46 -10.78 -12.39
C LEU A 51 -2.59 -11.38 -13.24
N ASP A 52 -2.29 -12.41 -14.03
CA ASP A 52 -3.30 -13.03 -14.89
C ASP A 52 -4.05 -14.13 -14.14
N PHE A 53 -3.35 -14.82 -13.25
CA PHE A 53 -3.93 -15.94 -12.51
C PHE A 53 -3.70 -15.84 -11.00
N ARG A 54 -4.62 -16.36 -10.21
CA ARG A 54 -4.47 -16.30 -8.75
C ARG A 54 -3.30 -17.12 -8.27
N GLN A 55 -2.89 -18.10 -9.07
CA GLN A 55 -1.74 -18.91 -8.72
C GLN A 55 -0.49 -18.01 -8.65
N GLU A 56 -0.44 -16.98 -9.48
CA GLU A 56 0.68 -16.04 -9.44
C GLU A 56 0.54 -15.15 -8.21
N MET A 57 -0.68 -14.75 -7.91
CA MET A 57 -0.96 -13.91 -6.73
C MET A 57 -0.50 -14.59 -5.44
N VAL A 58 -0.86 -15.86 -5.25
CA VAL A 58 -0.47 -16.58 -4.01
C VAL A 58 1.04 -16.72 -3.90
N ARG A 59 1.71 -16.82 -5.03
CA ARG A 59 3.17 -17.03 -5.05
C ARG A 59 3.92 -15.79 -4.59
N ASP A 60 3.41 -14.61 -4.89
CA ASP A 60 4.03 -13.37 -4.39
C ASP A 60 3.99 -13.46 -2.88
N ILE A 61 2.88 -13.92 -2.31
CA ILE A 61 2.75 -13.99 -0.86
C ILE A 61 3.72 -15.01 -0.24
N GLU A 62 4.04 -16.06 -0.97
CA GLU A 62 4.99 -17.05 -0.47
C GLU A 62 6.35 -16.39 -0.29
N GLU A 63 6.72 -15.53 -1.23
CA GLU A 63 8.01 -14.84 -1.14
C GLU A 63 7.89 -13.73 -0.10
N GLN A 64 6.79 -13.00 -0.12
CA GLN A 64 6.56 -11.93 0.83
C GLN A 64 6.62 -12.40 2.26
N ALA A 65 6.13 -13.59 2.54
CA ALA A 65 6.24 -14.12 3.88
C ALA A 65 7.72 -14.26 4.25
N GLU A 66 8.55 -14.64 3.30
CA GLU A 66 10.00 -14.76 3.56
C GLU A 66 10.61 -13.36 3.75
N ARG A 67 10.14 -12.37 3.00
CA ARG A 67 10.63 -10.99 3.16
C ARG A 67 10.31 -10.53 4.57
N VAL A 68 9.07 -10.77 4.97
CA VAL A 68 8.60 -10.39 6.29
C VAL A 68 9.34 -11.17 7.34
N GLU A 69 9.58 -12.45 7.10
CA GLU A 69 10.31 -13.29 8.06
C GLU A 69 11.70 -12.70 8.31
N ARG A 70 12.37 -12.21 7.28
CA ARG A 70 13.68 -11.59 7.45
C ARG A 70 13.59 -10.32 8.30
N VAL A 71 12.60 -9.48 8.00
CA VAL A 71 12.39 -8.23 8.75
C VAL A 71 11.98 -8.53 10.19
N ARG A 72 11.17 -9.57 10.37
CA ARG A 72 10.70 -9.96 11.70
C ARG A 72 11.86 -10.30 12.61
N HIS A 73 12.83 -11.06 12.10
CA HIS A 73 14.00 -11.41 12.89
C HIS A 73 14.82 -10.16 13.18
N GLN A 74 14.95 -9.29 12.20
CA GLN A 74 15.72 -8.05 12.35
C GLN A 74 15.14 -7.14 13.44
N LEU A 75 13.82 -7.06 13.51
CA LEU A 75 13.15 -6.18 14.48
C LEU A 75 12.76 -6.91 15.77
N GLY A 76 13.07 -8.20 15.85
CA GLY A 76 12.79 -8.98 17.05
C GLY A 76 11.32 -9.21 17.38
N ARG A 77 10.43 -8.97 16.44
CA ARG A 77 8.99 -9.14 16.69
C ARG A 77 8.70 -10.64 16.77
N ARG A 78 7.80 -11.05 17.65
CA ARG A 78 7.52 -12.49 17.83
C ARG A 78 6.75 -13.10 16.65
N ARG A 79 5.87 -12.30 16.05
CA ARG A 79 5.09 -12.72 14.89
C ARG A 79 4.91 -11.42 14.13
N MET A 80 4.58 -11.45 12.84
CA MET A 80 4.38 -10.20 12.12
C MET A 80 3.24 -10.26 11.13
N LYS A 81 2.57 -9.13 10.92
CA LYS A 81 1.52 -9.00 9.92
C LYS A 81 1.95 -7.97 8.88
N LEU A 82 1.66 -8.21 7.62
CA LEU A 82 1.95 -7.27 6.54
C LEU A 82 0.70 -7.03 5.72
N LEU A 83 0.43 -5.78 5.39
CA LEU A 83 -0.63 -5.46 4.44
C LEU A 83 0.08 -5.36 3.08
N ASN A 84 -0.30 -6.20 2.13
CA ASN A 84 0.35 -6.22 0.81
C ASN A 84 -0.64 -5.79 -0.27
N VAL A 85 -0.46 -4.60 -0.84
CA VAL A 85 -1.41 -4.09 -1.83
C VAL A 85 -0.83 -4.09 -3.25
N PHE A 86 -1.49 -4.84 -4.13
CA PHE A 86 -1.12 -4.91 -5.54
C PHE A 86 -1.84 -3.81 -6.33
N PHE A 87 -1.18 -3.27 -7.33
CA PHE A 87 -1.79 -2.32 -8.27
C PHE A 87 -1.64 -2.99 -9.64
N SER A 88 -2.76 -3.31 -10.28
CA SER A 88 -2.76 -4.05 -11.54
C SER A 88 -3.75 -3.43 -12.53
N THR A 89 -3.60 -3.70 -13.82
CA THR A 89 -4.52 -3.15 -14.81
C THR A 89 -5.86 -3.90 -14.81
N GLU A 90 -5.83 -5.18 -14.46
CA GLU A 90 -7.03 -6.02 -14.45
C GLU A 90 -6.80 -7.06 -13.37
N ALA A 91 -7.86 -7.73 -12.95
CA ALA A 91 -7.80 -8.71 -11.89
C ALA A 91 -7.57 -10.11 -12.49
N PRO A 92 -6.95 -11.04 -11.72
CA PRO A 92 -6.78 -12.39 -12.26
C PRO A 92 -8.10 -13.07 -12.61
N VAL A 93 -8.06 -13.93 -13.61
CA VAL A 93 -9.28 -14.56 -14.14
C VAL A 93 -9.88 -15.72 -13.32
N ASP A 94 -9.12 -16.31 -12.41
CA ASP A 94 -9.59 -17.50 -11.67
C ASP A 94 -9.67 -17.37 -10.14
N ASP A 95 -10.89 -17.13 -9.64
CA ASP A 95 -11.21 -17.13 -8.18
C ASP A 95 -10.22 -16.41 -7.25
N TRP A 96 -9.57 -15.35 -7.72
CA TRP A 96 -8.59 -14.62 -6.93
C TRP A 96 -9.20 -13.99 -5.67
N GLU A 97 -10.51 -13.78 -5.68
CA GLU A 97 -11.20 -13.17 -4.55
C GLU A 97 -11.03 -13.98 -3.28
N GLU A 98 -10.91 -15.29 -3.43
CA GLU A 98 -10.69 -16.19 -2.29
C GLU A 98 -9.40 -15.77 -1.59
N ILE A 99 -8.40 -15.42 -2.37
CA ILE A 99 -7.09 -15.05 -1.85
C ILE A 99 -7.18 -13.79 -1.00
N ALA A 100 -8.00 -12.85 -1.43
CA ALA A 100 -8.17 -11.57 -0.71
C ALA A 100 -8.90 -11.74 0.63
N LYS A 101 -9.45 -12.92 0.87
CA LYS A 101 -10.16 -13.21 2.13
C LYS A 101 -9.35 -14.24 2.91
N LYS A 102 -8.19 -14.58 2.38
CA LYS A 102 -7.34 -15.62 2.93
C LYS A 102 -6.07 -15.05 3.54
N THR A 103 -6.00 -15.00 4.87
CA THR A 103 -4.76 -14.57 5.51
C THR A 103 -3.75 -15.66 5.23
N PHE A 104 -2.66 -15.27 4.61
CA PHE A 104 -1.59 -16.19 4.31
C PHE A 104 -0.73 -16.28 5.55
N GLU A 105 -0.54 -17.46 6.10
CA GLU A 105 0.32 -17.63 7.28
C GLU A 105 1.42 -18.63 6.97
N LYS A 106 2.63 -18.24 7.33
CA LYS A 106 3.83 -19.07 7.13
C LYS A 106 4.78 -18.77 8.28
N GLY A 107 5.22 -19.79 9.00
CA GLY A 107 6.09 -19.52 10.14
C GLY A 107 5.27 -18.78 11.18
N THR A 108 5.67 -17.56 11.52
CA THR A 108 4.89 -16.71 12.43
C THR A 108 4.51 -15.43 11.69
N VAL A 109 4.57 -15.49 10.37
CA VAL A 109 4.24 -14.37 9.51
C VAL A 109 2.82 -14.52 9.02
N SER A 110 2.08 -13.42 8.98
CA SER A 110 0.76 -13.39 8.39
C SER A 110 0.73 -12.27 7.36
N VAL A 111 0.10 -12.47 6.21
CA VAL A 111 0.02 -11.44 5.19
C VAL A 111 -1.39 -11.32 4.69
N GLU A 112 -1.79 -10.07 4.55
CA GLU A 112 -3.09 -9.72 4.07
C GLU A 112 -2.98 -9.17 2.65
N PRO A 113 -3.34 -9.98 1.64
CA PRO A 113 -3.27 -9.38 0.30
C PRO A 113 -4.46 -8.47 0.00
N ALA A 114 -4.24 -7.50 -0.86
CA ALA A 114 -5.29 -6.61 -1.33
C ALA A 114 -4.84 -6.24 -2.74
N ILE A 115 -5.77 -5.88 -3.61
CA ILE A 115 -5.43 -5.57 -5.00
C ILE A 115 -6.42 -4.55 -5.53
N VAL A 116 -5.91 -3.55 -6.23
CA VAL A 116 -6.76 -2.61 -6.92
C VAL A 116 -6.51 -2.89 -8.39
N ARG A 117 -7.57 -2.88 -9.19
CA ARG A 117 -7.47 -3.16 -10.61
C ARG A 117 -7.95 -1.94 -11.36
N GLY A 118 -7.29 -1.65 -12.48
CA GLY A 118 -7.59 -0.47 -13.27
C GLY A 118 -9.02 -0.38 -13.74
N THR A 119 -9.65 -1.53 -13.91
CA THR A 119 -11.03 -1.63 -14.39
C THR A 119 -12.04 -0.84 -13.56
N MET A 120 -11.79 -0.69 -12.28
CA MET A 120 -12.71 0.02 -11.39
C MET A 120 -11.95 0.88 -10.41
N LEU A 121 -10.75 1.27 -10.82
CA LEU A 121 -9.80 1.93 -9.93
C LEU A 121 -10.31 3.01 -8.98
N ARG A 122 -11.16 3.91 -9.44
CA ARG A 122 -11.63 4.99 -8.56
C ARG A 122 -12.38 4.46 -7.33
N ASP A 123 -13.24 3.47 -7.54
CA ASP A 123 -13.98 2.84 -6.45
C ASP A 123 -13.06 1.90 -5.66
N ASP A 124 -12.21 1.21 -6.39
CA ASP A 124 -11.29 0.24 -5.80
C ASP A 124 -10.32 0.88 -4.82
N LEU A 125 -9.86 2.07 -5.18
CA LEU A 125 -8.90 2.79 -4.38
C LEU A 125 -9.47 3.12 -3.00
N GLN A 126 -10.67 3.69 -2.97
CA GLN A 126 -11.27 4.09 -1.70
C GLN A 126 -11.72 2.89 -0.89
N ALA A 127 -11.82 1.73 -1.52
CA ALA A 127 -12.19 0.52 -0.81
C ALA A 127 -11.00 0.03 0.03
N VAL A 128 -9.79 0.23 -0.47
CA VAL A 128 -8.57 -0.18 0.25
C VAL A 128 -8.07 0.97 1.13
N PHE A 129 -8.11 2.18 0.59
CA PHE A 129 -7.65 3.37 1.28
C PHE A 129 -8.75 4.45 1.34
N PRO A 130 -9.76 4.29 2.22
CA PRO A 130 -10.78 5.34 2.31
C PRO A 130 -10.23 6.64 2.90
N SER A 131 -9.03 6.55 3.47
CA SER A 131 -8.33 7.70 4.04
C SER A 131 -7.72 8.59 2.97
N PHE A 132 -7.75 8.13 1.72
CA PHE A 132 -7.19 8.90 0.61
C PHE A 132 -8.30 9.73 -0.03
N ARG A 133 -8.02 11.01 -0.23
CA ARG A 133 -9.00 11.91 -0.85
C ARG A 133 -9.03 11.60 -2.33
N THR A 134 -10.16 11.09 -2.82
CA THR A 134 -10.26 10.73 -4.23
C THR A 134 -10.09 11.92 -5.18
N GLU A 135 -10.41 13.12 -4.72
CA GLU A 135 -10.27 14.33 -5.53
C GLU A 135 -8.80 14.65 -5.83
N ASP A 136 -7.89 14.18 -4.98
CA ASP A 136 -6.45 14.39 -5.18
C ASP A 136 -6.04 13.63 -6.45
N CYS A 137 -6.76 12.56 -6.72
CA CYS A 137 -6.51 11.71 -7.88
C CYS A 137 -7.70 11.80 -8.84
N SER A 138 -8.07 13.02 -9.20
CA SER A 138 -9.16 13.23 -10.16
C SER A 138 -8.83 12.47 -11.44
N GLU A 139 -9.87 11.95 -12.07
CA GLU A 139 -9.73 11.16 -13.30
C GLU A 139 -9.09 12.01 -14.41
N GLU A 140 -9.33 13.32 -14.34
CA GLU A 140 -8.77 14.28 -15.28
C GLU A 140 -7.24 14.37 -15.17
N HIS A 141 -6.75 14.12 -13.97
CA HIS A 141 -5.33 14.27 -13.65
C HIS A 141 -4.59 12.93 -13.76
N ALA A 142 -5.36 11.85 -13.82
CA ALA A 142 -4.80 10.49 -13.83
C ALA A 142 -4.25 10.06 -15.20
N SER A 143 -3.12 10.61 -15.60
CA SER A 143 -2.48 10.25 -16.87
C SER A 143 -1.15 9.57 -16.63
N PHE A 144 -0.75 8.73 -17.57
CA PHE A 144 0.53 8.01 -17.48
C PHE A 144 1.70 8.99 -17.50
N GLU A 145 1.51 10.14 -18.14
CA GLU A 145 2.53 11.17 -18.20
C GLU A 145 2.75 11.74 -16.81
N ASN A 146 1.66 12.08 -16.14
CA ASN A 146 1.74 12.68 -14.81
C ASN A 146 2.26 11.71 -13.77
N ALA A 147 2.10 10.41 -14.02
CA ALA A 147 2.62 9.39 -13.11
C ALA A 147 4.13 9.54 -12.90
N GLN A 148 4.83 9.91 -13.97
CA GLN A 148 6.28 10.11 -13.89
C GLN A 148 6.59 11.27 -12.95
N MET A 149 5.80 12.33 -13.04
CA MET A 149 5.96 13.50 -12.19
C MET A 149 5.59 13.14 -10.75
N ALA A 150 4.61 12.27 -10.60
CA ALA A 150 4.15 11.84 -9.29
C ALA A 150 5.26 11.09 -8.53
N ARG A 151 6.15 10.40 -9.25
CA ARG A 151 7.26 9.70 -8.61
C ARG A 151 8.17 10.71 -7.97
N GLU A 152 8.53 11.73 -8.71
CA GLU A 152 9.43 12.75 -8.20
C GLU A 152 8.76 13.52 -7.05
N ARG A 153 7.48 13.80 -7.23
CA ARG A 153 6.68 14.50 -6.22
C ARG A 153 6.64 13.70 -4.92
N PHE A 154 6.55 12.39 -5.04
CA PHE A 154 6.57 11.50 -3.88
C PHE A 154 7.95 11.50 -3.21
N LEU A 155 9.00 11.40 -3.99
CA LEU A 155 10.36 11.38 -3.44
C LEU A 155 10.64 12.69 -2.71
N SER A 156 10.18 13.79 -3.27
CA SER A 156 10.33 15.10 -2.66
C SER A 156 9.53 15.19 -1.36
N LEU A 157 8.38 14.52 -1.33
CA LEU A 157 7.53 14.50 -0.13
C LEU A 157 8.21 13.74 1.00
N VAL A 158 8.88 12.64 0.66
CA VAL A 158 9.58 11.83 1.66
C VAL A 158 10.61 12.69 2.37
N LEU A 159 11.45 13.40 1.61
CA LEU A 159 12.48 14.21 2.22
C LEU A 159 11.87 15.36 3.03
N LYS A 160 10.81 15.98 2.51
CA LYS A 160 10.11 17.04 3.24
C LYS A 160 9.64 16.53 4.59
N GLN A 161 9.16 15.30 4.63
CA GLN A 161 8.59 14.73 5.85
C GLN A 161 9.56 14.76 7.02
N GLU A 162 10.85 14.65 6.73
CA GLU A 162 11.87 14.65 7.77
C GLU A 162 11.91 16.01 8.47
N GLU A 163 11.76 17.08 7.72
CA GLU A 163 11.67 18.41 8.33
C GLU A 163 10.27 18.59 8.93
N GLN A 164 9.26 18.20 8.17
CA GLN A 164 7.86 18.42 8.56
C GLN A 164 7.51 17.85 9.92
N ARG A 165 8.06 16.69 10.24
CA ARG A 165 7.79 16.03 11.51
C ARG A 165 8.23 16.82 12.74
N LYS A 166 9.10 17.81 12.57
CA LYS A 166 9.57 18.64 13.70
C LYS A 166 8.40 19.30 14.48
N THR A 167 7.23 19.36 13.86
CA THR A 167 6.03 19.89 14.49
C THR A 167 5.63 19.05 15.72
N GLU A 168 6.14 17.84 15.82
CA GLU A 168 5.91 16.95 16.98
C GLU A 168 6.35 17.65 18.28
N ALA A 169 7.38 18.48 18.17
CA ALA A 169 7.93 19.19 19.32
C ALA A 169 6.95 20.21 19.92
N ALA A 170 5.88 20.54 19.21
CA ALA A 170 4.89 21.49 19.70
C ALA A 170 3.84 20.84 20.60
N VAL A 171 3.97 19.52 20.78
CA VAL A 171 3.13 18.75 21.72
C VAL A 171 1.63 19.09 21.66
N PHE A 172 0.99 18.70 20.57
CA PHE A 172 -0.44 18.96 20.39
C PHE A 172 -1.08 17.78 19.68
N GLN A 173 -2.41 17.76 19.65
CA GLN A 173 -3.15 16.70 18.98
C GLN A 173 -4.12 17.35 18.00
N ASN A 174 -4.35 16.71 16.87
CA ASN A 174 -5.27 17.22 15.85
C ASN A 174 -5.62 16.04 14.94
N GLY A 175 -6.52 16.24 14.00
CA GLY A 175 -6.92 15.19 13.08
C GLY A 175 -8.26 14.57 13.39
N LYS A 176 -8.67 13.64 12.54
CA LYS A 176 -9.95 12.93 12.66
C LYS A 176 -9.71 11.58 12.01
N LEU A 177 -10.19 10.50 12.61
CA LEU A 177 -10.00 9.16 12.05
C LEU A 177 -11.06 8.22 12.61
N GLU A 178 -11.79 7.58 11.71
CA GLU A 178 -12.79 6.58 12.06
C GLU A 178 -12.51 5.42 11.12
N ARG A 179 -12.81 4.20 11.52
CA ARG A 179 -12.57 3.05 10.64
C ARG A 179 -13.67 2.97 9.59
N GLU A 180 -14.88 3.33 9.99
CA GLU A 180 -16.08 3.35 9.14
C GLU A 180 -16.17 2.20 8.12
N ASN A 181 -16.10 0.97 8.61
CA ASN A 181 -16.14 -0.21 7.74
C ASN A 181 -16.89 -1.34 8.43
N LEU A 182 -17.42 -2.26 7.64
CA LEU A 182 -18.19 -3.40 8.13
C LEU A 182 -17.60 -4.66 7.50
N TYR A 183 -18.01 -5.83 7.99
CA TYR A 183 -17.53 -7.10 7.47
C TYR A 183 -18.68 -8.07 7.65
N PHE A 184 -18.60 -9.22 6.98
CA PHE A 184 -19.65 -10.23 7.06
C PHE A 184 -18.99 -11.59 7.25
N GLN A 185 -19.78 -12.58 7.62
CA GLN A 185 -19.30 -13.94 7.84
C GLN A 185 -20.54 -14.80 7.61
N MET A 1 -1.80 3.33 -20.68
CA MET A 1 -1.51 4.60 -19.95
C MET A 1 -0.93 4.29 -18.58
N PHE A 2 -0.27 5.25 -17.96
CA PHE A 2 0.40 5.01 -16.68
C PHE A 2 -0.46 5.49 -15.49
N LEU A 3 -1.77 5.32 -15.61
CA LEU A 3 -2.70 5.73 -14.56
C LEU A 3 -2.40 4.96 -13.26
N LEU A 4 -2.05 3.69 -13.41
CA LEU A 4 -1.74 2.85 -12.26
C LEU A 4 -0.50 3.38 -11.55
N GLU A 5 0.50 3.76 -12.34
CA GLU A 5 1.76 4.25 -11.78
C GLU A 5 1.53 5.59 -11.08
N TYR A 6 0.67 6.42 -11.67
CA TYR A 6 0.34 7.70 -11.04
C TYR A 6 -0.29 7.41 -9.68
N THR A 7 -1.28 6.55 -9.66
CA THR A 7 -2.00 6.20 -8.42
C THR A 7 -1.04 5.62 -7.38
N TYR A 8 -0.12 4.78 -7.83
CA TYR A 8 0.86 4.17 -6.96
C TYR A 8 1.74 5.20 -6.24
N TRP A 9 2.22 6.22 -6.96
CA TRP A 9 3.13 7.20 -6.35
C TRP A 9 2.34 8.12 -5.47
N LYS A 10 1.13 8.37 -5.93
CA LYS A 10 0.18 9.22 -5.27
C LYS A 10 -0.21 8.62 -3.91
N ILE A 11 -0.38 7.31 -3.86
CA ILE A 11 -0.66 6.62 -2.61
C ILE A 11 0.58 6.59 -1.75
N ALA A 12 1.74 6.37 -2.34
CA ALA A 12 2.99 6.36 -1.57
C ALA A 12 3.14 7.72 -0.87
N ALA A 13 2.83 8.79 -1.59
CA ALA A 13 2.90 10.14 -1.04
C ALA A 13 1.90 10.31 0.11
N HIS A 14 0.70 9.79 -0.08
CA HIS A 14 -0.35 9.86 0.94
C HIS A 14 0.09 9.12 2.20
N LEU A 15 0.62 7.91 2.05
CA LEU A 15 1.05 7.14 3.21
C LEU A 15 2.18 7.85 3.93
N VAL A 16 3.19 8.29 3.20
CA VAL A 16 4.34 8.93 3.83
C VAL A 16 3.93 10.25 4.51
N ASN A 17 3.00 11.02 3.94
CA ASN A 17 2.58 12.25 4.61
C ASN A 17 1.67 11.97 5.81
N SER A 18 1.23 10.72 5.95
CA SER A 18 0.43 10.29 7.09
C SER A 18 1.35 9.68 8.15
N GLY A 19 2.65 9.88 8.00
CA GLY A 19 3.62 9.43 9.00
C GLY A 19 4.23 8.07 8.78
N TYR A 20 3.89 7.39 7.68
CA TYR A 20 4.47 6.08 7.41
C TYR A 20 5.95 6.24 7.05
N GLY A 21 6.81 5.70 7.90
CA GLY A 21 8.24 5.83 7.70
C GLY A 21 8.71 4.97 6.54
N VAL A 22 9.52 5.54 5.67
CA VAL A 22 10.05 4.80 4.53
C VAL A 22 11.19 3.91 4.99
N ILE A 23 11.01 2.61 4.83
CA ILE A 23 12.05 1.64 5.18
C ILE A 23 12.92 1.43 3.96
N GLN A 24 12.26 1.28 2.82
CA GLN A 24 12.95 1.02 1.56
C GLN A 24 12.15 1.61 0.42
N ALA A 25 12.77 2.46 -0.37
CA ALA A 25 12.17 2.98 -1.59
C ALA A 25 13.30 3.00 -2.60
N GLY A 26 13.03 2.55 -3.81
CA GLY A 26 14.03 2.61 -4.85
C GLY A 26 13.45 2.37 -6.23
N GLU A 27 13.29 1.10 -6.57
CA GLU A 27 12.72 0.74 -7.86
C GLU A 27 11.23 1.10 -7.86
N SER A 28 10.68 1.25 -9.05
CA SER A 28 9.28 1.62 -9.26
C SER A 28 8.29 0.56 -8.79
N ASP A 29 8.80 -0.63 -8.51
CA ASP A 29 7.94 -1.76 -8.18
C ASP A 29 7.52 -1.86 -6.70
N GLU A 30 8.43 -1.61 -5.76
CA GLU A 30 8.07 -1.73 -4.33
C GLU A 30 8.55 -0.63 -3.41
N ILE A 31 7.74 -0.35 -2.40
CA ILE A 31 8.09 0.58 -1.33
C ILE A 31 7.66 -0.08 -0.01
N TRP A 32 8.57 -0.11 0.95
CA TRP A 32 8.28 -0.68 2.26
C TRP A 32 8.07 0.47 3.24
N LEU A 33 6.94 0.44 3.93
CA LEU A 33 6.57 1.47 4.89
C LEU A 33 6.33 0.85 6.26
N GLU A 34 6.73 1.54 7.32
CA GLU A 34 6.47 1.10 8.69
C GLU A 34 5.15 1.74 9.13
N ALA A 35 4.27 0.94 9.74
CA ALA A 35 2.97 1.44 10.19
C ALA A 35 3.17 2.30 11.47
N PRO A 36 2.89 3.62 11.40
CA PRO A 36 3.14 4.41 12.61
C PRO A 36 2.14 4.14 13.72
N ASP A 37 0.92 3.77 13.35
CA ASP A 37 -0.14 3.47 14.31
C ASP A 37 0.08 2.12 14.98
N LYS A 38 1.03 1.36 14.44
CA LYS A 38 1.38 0.02 14.94
C LYS A 38 0.14 -0.86 14.86
N SER A 39 -0.52 -0.64 13.72
CA SER A 39 -1.76 -1.26 13.27
C SER A 39 -1.82 -2.78 13.23
N SER A 40 -2.96 -3.28 12.77
CA SER A 40 -3.19 -4.70 12.53
C SER A 40 -2.05 -5.30 11.71
N HIS A 41 -1.39 -4.47 10.90
CA HIS A 41 -0.21 -4.87 10.15
C HIS A 41 0.93 -4.01 10.66
N ASP A 42 2.11 -4.58 10.83
CA ASP A 42 3.26 -3.85 11.36
C ASP A 42 3.91 -3.06 10.24
N LEU A 43 3.90 -3.65 9.05
CA LEU A 43 4.54 -3.06 7.87
C LEU A 43 3.60 -3.12 6.68
N VAL A 44 3.84 -2.28 5.70
CA VAL A 44 3.05 -2.25 4.46
C VAL A 44 4.02 -2.39 3.29
N ARG A 45 3.68 -3.24 2.32
CA ARG A 45 4.48 -3.43 1.11
C ARG A 45 3.63 -2.99 -0.07
N LEU A 46 3.91 -1.80 -0.58
CA LEU A 46 3.19 -1.28 -1.74
C LEU A 46 3.82 -1.95 -2.94
N TYR A 47 3.03 -2.55 -3.83
CA TYR A 47 3.59 -3.27 -4.96
C TYR A 47 2.89 -3.02 -6.29
N LYS A 48 3.67 -2.87 -7.35
CA LYS A 48 3.15 -2.63 -8.69
C LYS A 48 3.25 -3.91 -9.52
N HIS A 49 2.20 -4.70 -9.58
CA HIS A 49 2.22 -5.96 -10.32
C HIS A 49 0.83 -6.32 -10.83
N ASP A 50 0.74 -6.49 -12.14
CA ASP A 50 -0.48 -6.94 -12.81
C ASP A 50 -0.41 -8.47 -12.91
N LEU A 51 -1.52 -9.14 -12.58
CA LEU A 51 -1.53 -10.59 -12.45
C LEU A 51 -2.58 -11.28 -13.33
N ASP A 52 -2.17 -12.24 -14.13
CA ASP A 52 -3.10 -13.00 -14.98
C ASP A 52 -3.97 -13.97 -14.19
N PHE A 53 -3.36 -14.65 -13.23
CA PHE A 53 -4.04 -15.72 -12.49
C PHE A 53 -3.93 -15.57 -10.99
N ARG A 54 -4.93 -16.09 -10.28
CA ARG A 54 -4.96 -16.04 -8.82
C ARG A 54 -3.82 -16.82 -8.17
N GLN A 55 -3.22 -17.73 -8.90
CA GLN A 55 -2.10 -18.49 -8.36
C GLN A 55 -0.86 -17.61 -8.27
N GLU A 56 -0.70 -16.68 -9.19
CA GLU A 56 0.47 -15.79 -9.14
C GLU A 56 0.36 -14.89 -7.91
N MET A 57 -0.87 -14.61 -7.48
CA MET A 57 -1.08 -13.81 -6.27
C MET A 57 -0.51 -14.58 -5.07
N VAL A 58 -0.91 -15.83 -4.92
CA VAL A 58 -0.45 -16.61 -3.75
C VAL A 58 1.06 -16.84 -3.83
N ARG A 59 1.58 -16.96 -5.04
CA ARG A 59 3.02 -17.17 -5.26
C ARG A 59 3.81 -16.00 -4.70
N ASP A 60 3.35 -14.80 -4.97
CA ASP A 60 4.07 -13.61 -4.52
C ASP A 60 4.09 -13.56 -2.99
N ILE A 61 2.95 -13.79 -2.34
CA ILE A 61 2.90 -13.71 -0.89
C ILE A 61 3.71 -14.85 -0.27
N GLU A 62 3.75 -16.03 -0.89
CA GLU A 62 4.53 -17.13 -0.31
C GLU A 62 6.01 -16.76 -0.27
N GLU A 63 6.48 -15.96 -1.24
CA GLU A 63 7.86 -15.50 -1.22
C GLU A 63 8.00 -14.37 -0.17
N GLN A 64 7.03 -13.46 -0.17
CA GLN A 64 7.04 -12.35 0.78
C GLN A 64 7.09 -12.86 2.20
N ALA A 65 6.36 -13.92 2.49
CA ALA A 65 6.31 -14.47 3.84
C ALA A 65 7.71 -14.89 4.32
N GLU A 66 8.53 -15.42 3.42
CA GLU A 66 9.88 -15.81 3.79
C GLU A 66 10.74 -14.55 3.99
N ARG A 67 10.53 -13.56 3.13
CA ARG A 67 11.22 -12.27 3.25
C ARG A 67 10.85 -11.64 4.60
N VAL A 68 9.60 -11.80 4.99
CA VAL A 68 9.09 -11.28 6.26
C VAL A 68 9.68 -12.06 7.44
N GLU A 69 9.84 -13.39 7.35
CA GLU A 69 10.44 -14.13 8.49
C GLU A 69 11.86 -13.65 8.73
N ARG A 70 12.57 -13.29 7.66
CA ARG A 70 13.92 -12.73 7.82
C ARG A 70 13.85 -11.40 8.60
N VAL A 71 12.89 -10.55 8.25
CA VAL A 71 12.71 -9.27 8.94
C VAL A 71 12.25 -9.51 10.38
N ARG A 72 11.35 -10.46 10.56
CA ARG A 72 10.83 -10.82 11.89
C ARG A 72 11.97 -11.19 12.80
N HIS A 73 12.93 -11.95 12.28
CA HIS A 73 14.08 -12.36 13.06
C HIS A 73 14.96 -11.14 13.38
N GLN A 74 15.14 -10.27 12.40
CA GLN A 74 15.99 -9.08 12.56
C GLN A 74 15.54 -8.17 13.71
N LEU A 75 14.23 -7.94 13.88
CA LEU A 75 13.75 -7.09 14.98
C LEU A 75 13.23 -7.88 16.18
N GLY A 76 13.40 -9.20 16.14
CA GLY A 76 13.02 -10.06 17.26
C GLY A 76 11.54 -10.17 17.59
N ARG A 77 10.67 -9.72 16.70
CA ARG A 77 9.23 -9.75 16.94
C ARG A 77 8.76 -11.19 17.08
N ARG A 78 7.77 -11.45 17.93
CA ARG A 78 7.26 -12.82 18.11
C ARG A 78 6.53 -13.29 16.86
N ARG A 79 5.85 -12.36 16.19
CA ARG A 79 5.16 -12.62 14.93
C ARG A 79 5.23 -11.31 14.17
N MET A 80 5.04 -11.35 12.87
CA MET A 80 5.07 -10.15 12.04
C MET A 80 3.80 -10.11 11.21
N LYS A 81 3.17 -8.94 11.12
CA LYS A 81 1.96 -8.76 10.30
C LYS A 81 2.31 -7.83 9.16
N LEU A 82 1.84 -8.12 7.95
CA LEU A 82 2.14 -7.26 6.79
C LEU A 82 0.92 -7.06 5.89
N LEU A 83 0.75 -5.86 5.39
CA LEU A 83 -0.29 -5.57 4.39
C LEU A 83 0.40 -5.44 3.04
N ASN A 84 0.05 -6.31 2.10
CA ASN A 84 0.60 -6.24 0.74
C ASN A 84 -0.48 -5.74 -0.20
N VAL A 85 -0.19 -4.70 -0.97
CA VAL A 85 -1.18 -4.14 -1.88
C VAL A 85 -0.68 -4.16 -3.32
N PHE A 86 -1.31 -4.98 -4.16
CA PHE A 86 -0.98 -5.01 -5.58
C PHE A 86 -1.69 -3.87 -6.29
N PHE A 87 -1.07 -3.33 -7.33
CA PHE A 87 -1.72 -2.36 -8.21
C PHE A 87 -1.66 -3.01 -9.59
N SER A 88 -2.83 -3.31 -10.14
CA SER A 88 -2.95 -4.06 -11.39
C SER A 88 -3.90 -3.36 -12.36
N THR A 89 -3.80 -3.70 -13.64
CA THR A 89 -4.69 -3.14 -14.65
C THR A 89 -6.09 -3.64 -14.40
N GLU A 90 -6.18 -4.93 -14.18
CA GLU A 90 -7.45 -5.59 -13.97
C GLU A 90 -7.21 -6.75 -13.05
N ALA A 91 -8.28 -7.35 -12.62
CA ALA A 91 -8.21 -8.45 -11.66
C ALA A 91 -7.88 -9.74 -12.42
N PRO A 92 -7.24 -10.73 -11.76
CA PRO A 92 -7.01 -12.00 -12.44
C PRO A 92 -8.29 -12.64 -12.92
N VAL A 93 -8.19 -13.41 -13.99
CA VAL A 93 -9.37 -13.95 -14.69
C VAL A 93 -10.30 -14.87 -13.90
N ASP A 94 -9.84 -15.47 -12.80
CA ASP A 94 -10.70 -16.40 -12.04
C ASP A 94 -10.31 -16.54 -10.57
N ASP A 95 -11.33 -16.72 -9.73
CA ASP A 95 -11.26 -17.01 -8.29
C ASP A 95 -10.21 -16.28 -7.43
N TRP A 96 -9.86 -15.06 -7.83
CA TRP A 96 -8.90 -14.26 -7.10
C TRP A 96 -9.52 -13.72 -5.80
N GLU A 97 -10.84 -13.64 -5.74
CA GLU A 97 -11.51 -13.07 -4.58
C GLU A 97 -11.27 -13.91 -3.34
N GLU A 98 -11.14 -15.22 -3.50
CA GLU A 98 -10.82 -16.08 -2.36
C GLU A 98 -9.45 -15.73 -1.80
N ILE A 99 -8.58 -15.17 -2.63
CA ILE A 99 -7.23 -14.83 -2.20
C ILE A 99 -7.26 -13.61 -1.30
N ALA A 100 -8.04 -12.60 -1.65
CA ALA A 100 -8.14 -11.39 -0.84
C ALA A 100 -8.87 -11.71 0.47
N LYS A 101 -9.55 -12.84 0.49
CA LYS A 101 -10.34 -13.27 1.63
C LYS A 101 -9.58 -14.23 2.56
N LYS A 102 -8.30 -14.48 2.27
CA LYS A 102 -7.50 -15.40 3.10
C LYS A 102 -6.17 -14.80 3.60
N THR A 103 -6.06 -14.72 4.91
CA THR A 103 -4.81 -14.30 5.54
C THR A 103 -3.78 -15.39 5.29
N PHE A 104 -2.65 -15.00 4.74
CA PHE A 104 -1.58 -15.95 4.48
C PHE A 104 -0.74 -16.09 5.74
N GLU A 105 -0.79 -17.26 6.36
CA GLU A 105 -0.04 -17.51 7.58
C GLU A 105 1.09 -18.50 7.33
N LYS A 106 2.30 -18.11 7.68
CA LYS A 106 3.47 -18.98 7.55
C LYS A 106 4.35 -18.82 8.78
N GLY A 107 4.28 -19.77 9.70
CA GLY A 107 5.11 -19.70 10.87
C GLY A 107 4.83 -18.47 11.71
N THR A 108 5.79 -17.57 11.77
CA THR A 108 5.64 -16.35 12.55
C THR A 108 5.03 -15.19 11.76
N VAL A 109 4.53 -15.45 10.56
CA VAL A 109 4.01 -14.37 9.70
C VAL A 109 2.52 -14.46 9.41
N SER A 110 1.89 -13.29 9.35
CA SER A 110 0.50 -13.13 8.89
C SER A 110 0.52 -12.05 7.80
N VAL A 111 0.12 -12.38 6.57
CA VAL A 111 0.10 -11.40 5.48
C VAL A 111 -1.28 -11.26 4.93
N GLU A 112 -1.69 -10.02 4.81
CA GLU A 112 -2.96 -9.68 4.25
C GLU A 112 -2.77 -9.22 2.80
N PRO A 113 -3.24 -10.02 1.83
CA PRO A 113 -3.16 -9.53 0.45
C PRO A 113 -4.29 -8.56 0.11
N ALA A 114 -4.03 -7.63 -0.79
CA ALA A 114 -5.03 -6.69 -1.27
C ALA A 114 -4.62 -6.37 -2.70
N ILE A 115 -5.58 -5.99 -3.54
CA ILE A 115 -5.29 -5.71 -4.94
C ILE A 115 -6.22 -4.60 -5.43
N VAL A 116 -5.62 -3.56 -5.99
CA VAL A 116 -6.37 -2.45 -6.56
C VAL A 116 -6.33 -2.67 -8.05
N ARG A 117 -7.49 -2.80 -8.69
CA ARG A 117 -7.55 -3.02 -10.12
C ARG A 117 -8.04 -1.74 -10.78
N GLY A 118 -7.39 -1.38 -11.87
CA GLY A 118 -7.70 -0.15 -12.58
C GLY A 118 -9.13 -0.03 -13.06
N THR A 119 -9.79 -1.17 -13.21
CA THR A 119 -11.17 -1.23 -13.71
C THR A 119 -12.18 -0.48 -12.86
N MET A 120 -11.94 -0.42 -11.56
CA MET A 120 -12.86 0.22 -10.63
C MET A 120 -12.06 0.99 -9.61
N LEU A 121 -10.90 1.44 -10.04
CA LEU A 121 -9.90 2.05 -9.17
C LEU A 121 -10.41 3.11 -8.21
N ARG A 122 -11.32 3.99 -8.61
CA ARG A 122 -11.77 5.05 -7.71
C ARG A 122 -12.46 4.47 -6.48
N ASP A 123 -13.34 3.50 -6.68
CA ASP A 123 -14.06 2.84 -5.61
C ASP A 123 -13.16 1.90 -4.83
N ASP A 124 -12.31 1.21 -5.57
CA ASP A 124 -11.43 0.17 -5.03
C ASP A 124 -10.35 0.74 -4.10
N LEU A 125 -9.84 1.91 -4.44
CA LEU A 125 -8.78 2.53 -3.67
C LEU A 125 -9.22 2.84 -2.24
N GLN A 126 -10.47 3.23 -2.08
CA GLN A 126 -10.98 3.60 -0.74
C GLN A 126 -11.16 2.37 0.15
N ALA A 127 -11.18 1.18 -0.45
CA ALA A 127 -11.35 -0.03 0.33
C ALA A 127 -10.05 -0.37 1.04
N VAL A 128 -8.94 0.01 0.43
CA VAL A 128 -7.62 -0.26 0.99
C VAL A 128 -7.11 0.96 1.77
N PHE A 129 -7.36 2.14 1.21
CA PHE A 129 -6.92 3.40 1.80
C PHE A 129 -8.12 4.36 1.96
N PRO A 130 -8.98 4.15 2.98
CA PRO A 130 -10.14 5.03 3.10
C PRO A 130 -9.81 6.48 3.45
N SER A 131 -8.63 6.70 4.00
CA SER A 131 -8.18 8.05 4.36
C SER A 131 -7.65 8.83 3.16
N PHE A 132 -7.49 8.16 2.02
CA PHE A 132 -6.95 8.80 0.82
C PHE A 132 -7.90 9.89 0.31
N ARG A 133 -7.33 10.99 -0.13
CA ARG A 133 -8.12 12.10 -0.65
C ARG A 133 -8.26 11.99 -2.15
N THR A 134 -9.45 11.61 -2.59
CA THR A 134 -9.75 11.52 -4.02
C THR A 134 -9.89 12.95 -4.53
N GLU A 135 -10.16 13.86 -3.60
CA GLU A 135 -10.30 15.29 -3.88
C GLU A 135 -9.01 15.89 -4.42
N ASP A 136 -7.89 15.22 -4.18
CA ASP A 136 -6.58 15.69 -4.64
C ASP A 136 -6.38 15.43 -6.13
N CYS A 137 -7.41 14.95 -6.82
CA CYS A 137 -7.29 14.62 -8.24
C CYS A 137 -8.62 14.63 -8.98
N SER A 138 -8.55 14.31 -10.28
CA SER A 138 -9.72 14.17 -11.14
C SER A 138 -9.26 13.15 -12.17
N GLU A 139 -10.18 12.43 -12.79
CA GLU A 139 -9.80 11.44 -13.81
C GLU A 139 -9.24 12.17 -15.05
N GLU A 140 -9.62 13.42 -15.20
CA GLU A 140 -9.13 14.28 -16.30
C GLU A 140 -7.63 14.53 -16.15
N HIS A 141 -7.16 14.43 -14.92
CA HIS A 141 -5.78 14.74 -14.58
C HIS A 141 -4.81 13.56 -14.85
N ALA A 142 -5.36 12.43 -15.27
CA ALA A 142 -4.58 11.19 -15.49
C ALA A 142 -3.69 11.18 -16.75
N SER A 143 -2.99 12.27 -17.03
CA SER A 143 -2.08 12.33 -18.17
C SER A 143 -0.93 11.36 -17.94
N PHE A 144 -0.40 10.77 -19.00
CA PHE A 144 0.65 9.75 -18.85
C PHE A 144 1.95 10.33 -18.26
N GLU A 145 2.27 11.56 -18.61
CA GLU A 145 3.50 12.21 -18.12
C GLU A 145 3.37 12.51 -16.63
N ASN A 146 2.14 12.70 -16.18
CA ASN A 146 1.88 13.02 -14.79
C ASN A 146 2.34 11.91 -13.85
N ALA A 147 2.41 10.67 -14.33
CA ALA A 147 2.89 9.58 -13.51
C ALA A 147 4.36 9.79 -13.14
N GLN A 148 5.12 10.26 -14.12
CA GLN A 148 6.55 10.52 -13.92
C GLN A 148 6.70 11.71 -12.97
N MET A 149 5.85 12.70 -13.14
CA MET A 149 5.87 13.89 -12.28
C MET A 149 5.49 13.49 -10.85
N ALA A 150 4.56 12.56 -10.71
CA ALA A 150 4.13 12.09 -9.40
C ALA A 150 5.28 11.42 -8.67
N ARG A 151 6.16 10.73 -9.40
CA ARG A 151 7.33 10.10 -8.79
C ARG A 151 8.23 11.17 -8.24
N GLU A 152 8.48 12.21 -9.01
CA GLU A 152 9.35 13.27 -8.56
C GLU A 152 8.75 13.96 -7.33
N ARG A 153 7.46 14.21 -7.38
CA ARG A 153 6.77 14.84 -6.26
C ARG A 153 6.88 13.95 -5.04
N PHE A 154 6.73 12.65 -5.22
CA PHE A 154 6.88 11.71 -4.11
C PHE A 154 8.30 11.75 -3.53
N LEU A 155 9.31 11.82 -4.38
CA LEU A 155 10.68 11.85 -3.87
C LEU A 155 10.91 13.12 -3.03
N SER A 156 10.33 14.24 -3.45
CA SER A 156 10.42 15.46 -2.65
C SER A 156 9.59 15.35 -1.37
N LEU A 157 8.51 14.57 -1.43
CA LEU A 157 7.61 14.34 -0.29
C LEU A 157 8.37 13.62 0.82
N VAL A 158 9.13 12.60 0.45
CA VAL A 158 9.88 11.80 1.41
C VAL A 158 10.82 12.67 2.22
N LEU A 159 11.56 13.56 1.57
CA LEU A 159 12.47 14.43 2.30
C LEU A 159 11.68 15.47 3.10
N LYS A 160 10.60 15.97 2.52
CA LYS A 160 9.75 16.95 3.21
C LYS A 160 9.19 16.39 4.51
N GLN A 161 8.99 15.08 4.59
CA GLN A 161 8.47 14.47 5.82
C GLN A 161 9.36 14.82 7.03
N GLU A 162 10.66 15.02 6.83
CA GLU A 162 11.55 15.39 7.94
C GLU A 162 11.15 16.76 8.51
N GLU A 163 10.72 17.65 7.64
CA GLU A 163 10.22 18.96 8.06
C GLU A 163 8.78 18.82 8.61
N GLN A 164 7.98 18.00 7.93
CA GLN A 164 6.57 17.83 8.22
C GLN A 164 6.27 17.21 9.60
N ARG A 165 7.04 16.22 10.02
CA ARG A 165 6.85 15.56 11.33
C ARG A 165 6.90 16.52 12.51
N LYS A 166 7.45 17.71 12.30
CA LYS A 166 7.51 18.73 13.33
C LYS A 166 6.10 19.15 13.75
N THR A 167 5.24 19.41 12.79
CA THR A 167 3.85 19.78 13.08
C THR A 167 3.04 18.55 13.52
N GLU A 168 3.38 17.41 12.92
CA GLU A 168 2.70 16.14 13.17
C GLU A 168 2.82 15.66 14.62
N ALA A 169 3.80 16.21 15.33
CA ALA A 169 3.99 15.96 16.77
C ALA A 169 2.72 16.17 17.63
N ALA A 170 1.70 16.81 17.04
CA ALA A 170 0.37 16.97 17.65
C ALA A 170 0.36 17.82 18.93
N VAL A 171 0.77 19.07 18.78
CA VAL A 171 0.72 20.04 19.88
C VAL A 171 -0.72 20.53 20.09
N PHE A 172 -1.62 20.01 19.27
CA PHE A 172 -3.04 20.31 19.34
C PHE A 172 -3.68 18.98 19.01
N GLN A 173 -4.94 18.81 19.39
CA GLN A 173 -5.63 17.54 19.19
C GLN A 173 -7.12 17.80 19.27
N ASN A 174 -7.91 16.74 19.05
CA ASN A 174 -9.38 16.75 19.13
C ASN A 174 -10.04 17.64 18.08
N GLY A 175 -9.32 17.93 17.00
CA GLY A 175 -9.84 18.78 15.94
C GLY A 175 -10.47 18.03 14.78
N LYS A 176 -10.68 16.73 14.93
CA LYS A 176 -11.25 15.90 13.86
C LYS A 176 -12.04 14.75 14.47
N LEU A 177 -12.87 14.11 13.65
CA LEU A 177 -13.67 12.97 14.09
C LEU A 177 -13.73 11.93 12.97
N GLU A 178 -14.10 12.39 11.77
CA GLU A 178 -14.11 11.58 10.55
C GLU A 178 -14.91 10.26 10.69
N ARG A 179 -14.20 9.14 10.78
CA ARG A 179 -14.78 7.80 10.91
C ARG A 179 -15.61 7.38 9.69
N GLU A 180 -14.91 7.07 8.62
CA GLU A 180 -15.52 6.60 7.38
C GLU A 180 -16.34 5.34 7.65
N ASN A 181 -17.36 5.10 6.84
CA ASN A 181 -18.27 3.97 7.04
C ASN A 181 -18.52 3.23 5.72
N LEU A 182 -17.49 2.58 5.20
CA LEU A 182 -17.61 1.80 3.97
C LEU A 182 -18.26 0.46 4.32
N TYR A 183 -19.58 0.44 4.36
CA TYR A 183 -20.33 -0.77 4.71
C TYR A 183 -21.71 -0.71 4.09
N PHE A 184 -21.91 -1.47 3.02
CA PHE A 184 -23.19 -1.53 2.34
C PHE A 184 -23.67 -2.98 2.21
N GLN A 185 -22.85 -3.89 2.75
CA GLN A 185 -23.09 -5.34 2.70
C GLN A 185 -23.19 -5.80 1.24
N MET A 1 5.17 5.64 -17.91
CA MET A 1 4.02 6.54 -18.23
C MET A 1 2.76 5.73 -18.44
N PHE A 2 1.99 5.49 -17.39
CA PHE A 2 0.77 4.71 -17.48
C PHE A 2 -0.20 5.17 -16.40
N LEU A 3 -1.50 4.95 -16.63
CA LEU A 3 -2.54 5.42 -15.70
C LEU A 3 -2.34 4.94 -14.26
N LEU A 4 -2.04 3.65 -14.10
CA LEU A 4 -1.85 3.07 -12.75
C LEU A 4 -0.69 3.71 -12.00
N GLU A 5 0.34 4.17 -12.71
CA GLU A 5 1.48 4.81 -12.05
C GLU A 5 1.03 6.07 -11.32
N TYR A 6 0.07 6.79 -11.88
CA TYR A 6 -0.41 8.02 -11.25
C TYR A 6 -0.99 7.65 -9.89
N THR A 7 -1.84 6.65 -9.88
CA THR A 7 -2.46 6.16 -8.65
C THR A 7 -1.43 5.65 -7.65
N TYR A 8 -0.47 4.90 -8.16
CA TYR A 8 0.60 4.33 -7.34
C TYR A 8 1.41 5.42 -6.63
N TRP A 9 1.88 6.42 -7.36
CA TRP A 9 2.67 7.48 -6.75
C TRP A 9 1.80 8.36 -5.85
N LYS A 10 0.50 8.46 -6.12
CA LYS A 10 -0.40 9.23 -5.25
C LYS A 10 -0.53 8.57 -3.89
N ILE A 11 -0.66 7.27 -3.85
CA ILE A 11 -0.77 6.56 -2.57
C ILE A 11 0.58 6.59 -1.88
N ALA A 12 1.67 6.47 -2.62
CA ALA A 12 3.00 6.56 -2.02
C ALA A 12 3.12 7.89 -1.28
N ALA A 13 2.68 8.97 -1.91
CA ALA A 13 2.71 10.28 -1.28
C ALA A 13 1.80 10.34 -0.06
N HIS A 14 0.60 9.80 -0.21
CA HIS A 14 -0.39 9.81 0.86
C HIS A 14 0.14 9.14 2.13
N LEU A 15 0.75 7.98 1.96
CA LEU A 15 1.27 7.23 3.11
C LEU A 15 2.43 7.94 3.78
N VAL A 16 3.45 8.33 3.01
CA VAL A 16 4.63 8.94 3.65
C VAL A 16 4.26 10.29 4.30
N ASN A 17 3.28 10.99 3.74
CA ASN A 17 2.84 12.28 4.28
C ASN A 17 2.13 12.07 5.62
N SER A 18 1.78 10.83 5.93
CA SER A 18 1.16 10.48 7.20
C SER A 18 2.23 9.98 8.19
N GLY A 19 3.49 10.13 7.81
CA GLY A 19 4.61 9.75 8.68
C GLY A 19 5.22 8.41 8.40
N TYR A 20 4.67 7.66 7.44
CA TYR A 20 5.19 6.33 7.12
C TYR A 20 6.59 6.45 6.55
N GLY A 21 7.55 5.91 7.28
CA GLY A 21 8.94 6.01 6.91
C GLY A 21 9.25 5.16 5.70
N VAL A 22 10.04 5.69 4.79
CA VAL A 22 10.41 4.95 3.60
C VAL A 22 11.59 4.06 3.96
N ILE A 23 11.33 2.77 4.05
CA ILE A 23 12.38 1.80 4.34
C ILE A 23 13.23 1.71 3.09
N GLN A 24 12.56 1.58 1.96
CA GLN A 24 13.24 1.53 0.68
C GLN A 24 12.34 2.01 -0.45
N ALA A 25 12.88 2.90 -1.25
CA ALA A 25 12.27 3.33 -2.49
C ALA A 25 13.48 3.45 -3.40
N GLY A 26 13.38 2.96 -4.62
CA GLY A 26 14.49 3.03 -5.55
C GLY A 26 13.99 2.48 -6.86
N GLU A 27 13.58 1.22 -6.81
CA GLU A 27 12.92 0.62 -7.94
C GLU A 27 11.62 1.38 -8.10
N SER A 28 11.19 1.56 -9.33
CA SER A 28 9.98 2.34 -9.60
C SER A 28 8.74 1.53 -9.30
N ASP A 29 8.90 0.21 -9.20
CA ASP A 29 7.77 -0.69 -9.04
C ASP A 29 7.38 -1.06 -7.61
N GLU A 30 8.27 -0.88 -6.65
CA GLU A 30 7.92 -1.18 -5.25
C GLU A 30 8.48 -0.22 -4.22
N ILE A 31 7.75 -0.06 -3.11
CA ILE A 31 8.17 0.79 -1.98
C ILE A 31 7.75 0.09 -0.69
N TRP A 32 8.66 0.02 0.28
CA TRP A 32 8.36 -0.54 1.61
C TRP A 32 8.20 0.63 2.60
N LEU A 33 7.12 0.63 3.36
CA LEU A 33 6.88 1.69 4.36
C LEU A 33 6.67 1.07 5.73
N GLU A 34 7.19 1.73 6.75
CA GLU A 34 6.98 1.31 8.15
C GLU A 34 5.89 2.16 8.78
N ALA A 35 5.11 1.56 9.66
CA ALA A 35 4.00 2.25 10.31
C ALA A 35 4.40 2.87 11.66
N PRO A 36 4.56 4.22 11.74
CA PRO A 36 4.86 4.80 13.06
C PRO A 36 3.66 4.75 13.98
N ASP A 37 2.51 4.52 13.38
CA ASP A 37 1.25 4.45 14.07
C ASP A 37 1.21 3.31 15.08
N LYS A 38 1.99 2.27 14.81
CA LYS A 38 1.99 1.02 15.61
C LYS A 38 0.56 0.48 15.57
N SER A 39 -0.02 0.64 14.39
CA SER A 39 -1.37 0.23 14.05
C SER A 39 -1.41 -1.27 13.83
N SER A 40 -2.58 -1.77 13.45
CA SER A 40 -2.81 -3.20 13.20
C SER A 40 -1.86 -3.87 12.19
N HIS A 41 -1.03 -3.10 11.50
CA HIS A 41 -0.05 -3.66 10.57
C HIS A 41 1.26 -2.94 10.87
N ASP A 42 2.34 -3.69 10.93
CA ASP A 42 3.64 -3.12 11.29
C ASP A 42 4.26 -2.42 10.08
N LEU A 43 4.04 -3.00 8.91
CA LEU A 43 4.60 -2.50 7.66
C LEU A 43 3.55 -2.57 6.55
N VAL A 44 3.80 -1.84 5.46
CA VAL A 44 2.96 -1.91 4.26
C VAL A 44 3.90 -1.89 3.05
N ARG A 45 3.59 -2.71 2.04
CA ARG A 45 4.39 -2.76 0.82
C ARG A 45 3.49 -2.37 -0.34
N LEU A 46 3.99 -1.48 -1.17
CA LEU A 46 3.28 -1.04 -2.37
C LEU A 46 4.00 -1.72 -3.52
N TYR A 47 3.30 -2.49 -4.32
CA TYR A 47 3.92 -3.18 -5.45
C TYR A 47 3.04 -3.08 -6.70
N LYS A 48 3.55 -2.50 -7.79
CA LYS A 48 2.77 -2.44 -9.03
C LYS A 48 3.23 -3.54 -9.97
N HIS A 49 2.34 -4.48 -10.24
CA HIS A 49 2.68 -5.61 -11.11
C HIS A 49 1.48 -6.16 -11.84
N ASP A 50 1.72 -6.71 -13.01
CA ASP A 50 0.71 -7.39 -13.79
C ASP A 50 0.41 -8.73 -13.11
N LEU A 51 -0.82 -9.20 -13.21
CA LEU A 51 -1.20 -10.45 -12.58
C LEU A 51 -2.12 -11.19 -13.54
N ASP A 52 -1.62 -12.25 -14.15
CA ASP A 52 -2.40 -13.04 -15.11
C ASP A 52 -3.29 -14.05 -14.38
N PHE A 53 -2.75 -14.67 -13.34
CA PHE A 53 -3.47 -15.69 -12.57
C PHE A 53 -3.36 -15.45 -11.08
N ARG A 54 -4.32 -15.98 -10.32
CA ARG A 54 -4.27 -15.92 -8.86
C ARG A 54 -3.09 -16.71 -8.31
N GLN A 55 -2.52 -17.56 -9.16
CA GLN A 55 -1.37 -18.36 -8.78
C GLN A 55 -0.19 -17.44 -8.47
N GLU A 56 -0.07 -16.36 -9.23
CA GLU A 56 1.03 -15.44 -9.05
C GLU A 56 0.78 -14.58 -7.81
N MET A 57 -0.50 -14.33 -7.52
CA MET A 57 -0.84 -13.56 -6.32
C MET A 57 -0.42 -14.33 -5.08
N VAL A 58 -0.73 -15.61 -5.00
CA VAL A 58 -0.37 -16.39 -3.81
C VAL A 58 1.13 -16.61 -3.73
N ARG A 59 1.77 -16.69 -4.89
CA ARG A 59 3.23 -16.89 -4.96
C ARG A 59 3.93 -15.72 -4.30
N ASP A 60 3.45 -14.53 -4.58
CA ASP A 60 4.02 -13.31 -4.02
C ASP A 60 3.96 -13.33 -2.50
N ILE A 61 2.85 -13.77 -1.93
CA ILE A 61 2.69 -13.76 -0.47
C ILE A 61 3.68 -14.67 0.25
N GLU A 62 4.08 -15.76 -0.40
CA GLU A 62 5.07 -16.65 0.19
C GLU A 62 6.37 -15.85 0.39
N GLU A 63 6.70 -15.01 -0.58
CA GLU A 63 7.89 -14.18 -0.47
C GLU A 63 7.66 -13.06 0.54
N GLN A 64 6.46 -12.51 0.61
CA GLN A 64 6.18 -11.45 1.58
C GLN A 64 6.48 -11.98 2.97
N ALA A 65 5.97 -13.15 3.30
CA ALA A 65 6.19 -13.74 4.61
C ALA A 65 7.67 -14.02 4.85
N GLU A 66 8.39 -14.44 3.83
CA GLU A 66 9.82 -14.70 3.97
C GLU A 66 10.56 -13.40 4.32
N ARG A 67 10.20 -12.32 3.64
CA ARG A 67 10.81 -11.01 3.90
C ARG A 67 10.40 -10.52 5.28
N VAL A 68 9.14 -10.70 5.63
CA VAL A 68 8.62 -10.28 6.93
C VAL A 68 9.31 -11.04 8.05
N GLU A 69 9.62 -12.33 7.86
CA GLU A 69 10.32 -13.08 8.89
C GLU A 69 11.66 -12.43 9.21
N ARG A 70 12.36 -11.95 8.18
CA ARG A 70 13.66 -11.30 8.38
C ARG A 70 13.49 -10.03 9.19
N VAL A 71 12.45 -9.26 8.89
CA VAL A 71 12.19 -8.02 9.62
C VAL A 71 11.75 -8.32 11.05
N ARG A 72 10.87 -9.30 11.20
CA ARG A 72 10.31 -9.67 12.50
C ARG A 72 11.39 -10.04 13.50
N HIS A 73 12.40 -10.78 13.06
CA HIS A 73 13.50 -11.16 13.96
C HIS A 73 14.30 -9.94 14.41
N GLN A 74 14.50 -8.98 13.52
CA GLN A 74 15.23 -7.76 13.87
C GLN A 74 14.42 -6.90 14.86
N LEU A 75 13.13 -6.83 14.62
CA LEU A 75 12.22 -6.05 15.48
C LEU A 75 11.93 -6.76 16.81
N GLY A 76 12.29 -8.04 16.90
CA GLY A 76 12.08 -8.80 18.12
C GLY A 76 10.63 -9.11 18.43
N ARG A 77 9.74 -8.76 17.51
CA ARG A 77 8.31 -8.95 17.73
C ARG A 77 7.95 -10.43 17.63
N ARG A 78 7.05 -10.89 18.49
CA ARG A 78 6.63 -12.29 18.46
C ARG A 78 5.86 -12.59 17.18
N ARG A 79 5.05 -11.65 16.74
CA ARG A 79 4.24 -11.78 15.51
C ARG A 79 4.46 -10.52 14.70
N MET A 80 4.16 -10.55 13.40
CA MET A 80 4.22 -9.32 12.60
C MET A 80 3.13 -9.33 11.56
N LYS A 81 2.62 -8.15 11.20
CA LYS A 81 1.62 -8.02 10.15
C LYS A 81 2.11 -7.11 9.04
N LEU A 82 1.75 -7.44 7.81
CA LEU A 82 2.18 -6.71 6.62
C LEU A 82 1.01 -6.62 5.67
N LEU A 83 0.67 -5.40 5.26
CA LEU A 83 -0.36 -5.18 4.27
C LEU A 83 0.34 -5.10 2.92
N ASN A 84 -0.01 -5.97 1.99
CA ASN A 84 0.61 -5.95 0.66
C ASN A 84 -0.39 -5.51 -0.39
N VAL A 85 -0.19 -4.34 -0.98
CA VAL A 85 -1.15 -3.80 -1.94
C VAL A 85 -0.62 -3.90 -3.38
N PHE A 86 -1.26 -4.76 -4.15
CA PHE A 86 -0.92 -4.90 -5.56
C PHE A 86 -1.61 -3.77 -6.34
N PHE A 87 -0.89 -3.16 -7.27
CA PHE A 87 -1.46 -2.16 -8.17
C PHE A 87 -1.39 -2.79 -9.56
N SER A 88 -2.54 -3.08 -10.13
CA SER A 88 -2.60 -3.77 -11.42
C SER A 88 -3.57 -3.08 -12.37
N THR A 89 -3.42 -3.30 -13.66
CA THR A 89 -4.32 -2.66 -14.63
C THR A 89 -5.68 -3.35 -14.64
N GLU A 90 -5.69 -4.64 -14.30
CA GLU A 90 -6.90 -5.44 -14.28
C GLU A 90 -6.60 -6.55 -13.31
N ALA A 91 -7.61 -7.27 -12.87
CA ALA A 91 -7.46 -8.35 -11.92
C ALA A 91 -7.14 -9.64 -12.70
N PRO A 92 -6.46 -10.61 -12.05
CA PRO A 92 -6.23 -11.87 -12.78
C PRO A 92 -7.54 -12.60 -13.09
N VAL A 93 -7.50 -13.40 -14.14
CA VAL A 93 -8.71 -13.99 -14.72
C VAL A 93 -9.54 -15.01 -13.92
N ASP A 94 -9.04 -15.55 -12.81
CA ASP A 94 -9.79 -16.59 -12.11
C ASP A 94 -9.56 -16.68 -10.60
N ASP A 95 -10.67 -16.94 -9.88
CA ASP A 95 -10.74 -17.22 -8.42
C ASP A 95 -9.90 -16.37 -7.43
N TRP A 96 -9.39 -15.25 -7.87
CA TRP A 96 -8.55 -14.40 -7.04
C TRP A 96 -9.27 -13.83 -5.83
N GLU A 97 -10.59 -13.77 -5.87
CA GLU A 97 -11.37 -13.22 -4.76
C GLU A 97 -11.18 -14.02 -3.47
N GLU A 98 -10.92 -15.32 -3.57
CA GLU A 98 -10.64 -16.13 -2.38
C GLU A 98 -9.38 -15.62 -1.70
N ILE A 99 -8.45 -15.13 -2.51
CA ILE A 99 -7.13 -14.73 -2.02
C ILE A 99 -7.27 -13.48 -1.16
N ALA A 100 -8.11 -12.56 -1.59
CA ALA A 100 -8.32 -11.31 -0.85
C ALA A 100 -9.07 -11.55 0.47
N LYS A 101 -9.67 -12.71 0.61
CA LYS A 101 -10.46 -13.05 1.80
C LYS A 101 -9.70 -13.96 2.75
N LYS A 102 -8.45 -14.27 2.45
CA LYS A 102 -7.67 -15.16 3.32
C LYS A 102 -6.46 -14.46 3.90
N THR A 103 -6.29 -14.57 5.21
CA THR A 103 -5.09 -14.06 5.85
C THR A 103 -4.05 -15.13 5.62
N PHE A 104 -2.93 -14.74 5.04
CA PHE A 104 -1.84 -15.66 4.81
C PHE A 104 -1.07 -15.72 6.11
N GLU A 105 -0.86 -16.90 6.66
CA GLU A 105 -0.10 -17.02 7.91
C GLU A 105 1.07 -17.95 7.72
N LYS A 106 2.21 -17.51 8.25
CA LYS A 106 3.46 -18.27 8.15
C LYS A 106 4.12 -18.24 9.51
N GLY A 107 3.84 -19.24 10.33
CA GLY A 107 4.39 -19.25 11.67
C GLY A 107 3.67 -18.19 12.47
N THR A 108 4.36 -17.11 12.79
CA THR A 108 3.77 -16.01 13.53
C THR A 108 3.61 -14.76 12.65
N VAL A 109 3.89 -14.90 11.37
CA VAL A 109 3.68 -13.80 10.42
C VAL A 109 2.25 -13.91 9.93
N SER A 110 1.58 -12.77 9.79
CA SER A 110 0.26 -12.74 9.15
C SER A 110 0.39 -11.67 8.05
N VAL A 111 -0.16 -11.94 6.88
CA VAL A 111 -0.11 -10.99 5.76
C VAL A 111 -1.50 -10.89 5.18
N GLU A 112 -1.93 -9.67 4.91
CA GLU A 112 -3.22 -9.44 4.28
C GLU A 112 -3.00 -8.92 2.86
N PRO A 113 -3.40 -9.68 1.84
CA PRO A 113 -3.25 -9.14 0.48
C PRO A 113 -4.36 -8.15 0.13
N ALA A 114 -4.04 -7.20 -0.73
CA ALA A 114 -5.00 -6.24 -1.24
C ALA A 114 -4.62 -6.02 -2.69
N ILE A 115 -5.57 -5.66 -3.54
CA ILE A 115 -5.31 -5.44 -4.95
C ILE A 115 -6.23 -4.34 -5.44
N VAL A 116 -5.67 -3.37 -6.13
CA VAL A 116 -6.45 -2.30 -6.72
C VAL A 116 -6.27 -2.53 -8.23
N ARG A 117 -7.37 -2.59 -8.96
CA ARG A 117 -7.31 -2.91 -10.38
C ARG A 117 -7.95 -1.78 -11.18
N GLY A 118 -7.31 -1.40 -12.27
CA GLY A 118 -7.74 -0.26 -13.08
C GLY A 118 -9.21 -0.18 -13.44
N THR A 119 -9.83 -1.32 -13.75
CA THR A 119 -11.24 -1.37 -14.14
C THR A 119 -12.22 -0.77 -13.13
N MET A 120 -11.90 -0.80 -11.84
CA MET A 120 -12.80 -0.27 -10.80
C MET A 120 -11.96 0.42 -9.72
N LEU A 121 -10.86 0.98 -10.18
CA LEU A 121 -9.82 1.58 -9.34
C LEU A 121 -10.30 2.60 -8.31
N ARG A 122 -11.29 3.40 -8.67
CA ARG A 122 -11.80 4.44 -7.76
C ARG A 122 -12.33 3.81 -6.48
N ASP A 123 -13.17 2.81 -6.65
CA ASP A 123 -13.79 2.13 -5.52
C ASP A 123 -12.79 1.24 -4.80
N ASP A 124 -11.84 0.68 -5.55
CA ASP A 124 -10.80 -0.14 -4.95
C ASP A 124 -9.93 0.69 -4.02
N LEU A 125 -9.54 1.88 -4.46
CA LEU A 125 -8.67 2.72 -3.66
C LEU A 125 -9.27 3.10 -2.33
N GLN A 126 -10.54 3.49 -2.33
CA GLN A 126 -11.18 3.94 -1.10
C GLN A 126 -11.51 2.78 -0.17
N ALA A 127 -11.45 1.55 -0.67
CA ALA A 127 -11.71 0.38 0.16
C ALA A 127 -10.48 0.08 1.04
N VAL A 128 -9.30 0.17 0.45
CA VAL A 128 -8.05 -0.11 1.18
C VAL A 128 -7.53 1.17 1.87
N PHE A 129 -7.73 2.32 1.24
CA PHE A 129 -7.32 3.60 1.80
C PHE A 129 -8.51 4.57 1.83
N PRO A 130 -9.45 4.40 2.77
CA PRO A 130 -10.59 5.33 2.82
C PRO A 130 -10.18 6.75 3.21
N SER A 131 -8.94 6.90 3.67
CA SER A 131 -8.39 8.20 4.02
C SER A 131 -7.92 8.97 2.79
N PHE A 132 -7.89 8.31 1.64
CA PHE A 132 -7.43 8.95 0.41
C PHE A 132 -8.60 9.54 -0.35
N ARG A 133 -8.43 10.76 -0.85
CA ARG A 133 -9.48 11.43 -1.60
C ARG A 133 -9.39 11.04 -3.05
N THR A 134 -10.42 10.38 -3.54
CA THR A 134 -10.47 9.93 -4.93
C THR A 134 -10.48 11.12 -5.88
N GLU A 135 -10.80 12.30 -5.36
CA GLU A 135 -10.76 13.54 -6.15
C GLU A 135 -9.35 13.82 -6.67
N ASP A 136 -8.35 13.48 -5.87
CA ASP A 136 -6.95 13.73 -6.23
C ASP A 136 -6.48 12.74 -7.29
N CYS A 137 -7.31 11.73 -7.55
CA CYS A 137 -7.03 10.71 -8.55
C CYS A 137 -8.10 10.76 -9.64
N SER A 138 -8.59 11.96 -9.93
CA SER A 138 -9.60 12.13 -10.99
C SER A 138 -9.04 11.64 -12.32
N GLU A 139 -9.93 11.08 -13.13
CA GLU A 139 -9.57 10.44 -14.40
C GLU A 139 -8.81 11.37 -15.37
N GLU A 140 -9.21 12.63 -15.42
CA GLU A 140 -8.56 13.62 -16.28
C GLU A 140 -7.08 13.77 -15.91
N HIS A 141 -6.81 13.76 -14.61
CA HIS A 141 -5.47 13.98 -14.11
C HIS A 141 -4.64 12.71 -14.13
N ALA A 142 -5.27 11.57 -14.41
CA ALA A 142 -4.58 10.28 -14.44
C ALA A 142 -3.88 10.05 -15.81
N SER A 143 -3.60 11.14 -16.50
CA SER A 143 -2.96 11.12 -17.81
C SER A 143 -1.57 10.47 -17.71
N PHE A 144 -1.15 9.79 -18.76
CA PHE A 144 0.11 9.05 -18.75
C PHE A 144 1.35 9.92 -18.48
N GLU A 145 1.34 11.17 -18.93
CA GLU A 145 2.43 12.10 -18.64
C GLU A 145 2.38 12.53 -17.18
N ASN A 146 1.18 12.84 -16.71
CA ASN A 146 0.95 13.31 -15.35
C ASN A 146 1.39 12.24 -14.35
N ALA A 147 1.33 10.99 -14.76
CA ALA A 147 1.77 9.88 -13.93
C ALA A 147 3.23 10.06 -13.47
N GLN A 148 4.09 10.53 -14.36
CA GLN A 148 5.49 10.77 -14.00
C GLN A 148 5.62 12.07 -13.23
N MET A 149 4.77 13.05 -13.51
CA MET A 149 4.80 14.30 -12.74
C MET A 149 4.45 13.99 -11.29
N ALA A 150 3.56 13.02 -11.09
CA ALA A 150 3.20 12.58 -9.75
C ALA A 150 4.41 11.95 -9.04
N ARG A 151 5.28 11.28 -9.80
CA ARG A 151 6.50 10.68 -9.22
C ARG A 151 7.43 11.79 -8.79
N GLU A 152 7.60 12.80 -9.61
CA GLU A 152 8.51 13.89 -9.27
C GLU A 152 7.96 14.62 -8.04
N ARG A 153 6.65 14.81 -8.02
CA ARG A 153 5.97 15.45 -6.89
C ARG A 153 6.19 14.60 -5.64
N PHE A 154 6.09 13.29 -5.76
CA PHE A 154 6.31 12.38 -4.64
C PHE A 154 7.75 12.45 -4.13
N LEU A 155 8.71 12.50 -5.04
CA LEU A 155 10.12 12.56 -4.66
C LEU A 155 10.41 13.86 -3.91
N SER A 156 9.70 14.93 -4.25
CA SER A 156 9.84 16.19 -3.53
C SER A 156 9.11 16.12 -2.17
N LEU A 157 7.99 15.42 -2.16
CA LEU A 157 7.13 15.28 -0.99
C LEU A 157 7.79 14.46 0.13
N VAL A 158 8.57 13.44 -0.22
CA VAL A 158 9.23 12.60 0.79
C VAL A 158 10.03 13.39 1.83
N LEU A 159 10.55 14.57 1.50
CA LEU A 159 11.29 15.35 2.50
C LEU A 159 10.37 15.64 3.69
N LYS A 160 9.12 15.99 3.42
CA LYS A 160 8.18 16.32 4.50
C LYS A 160 7.94 15.11 5.41
N GLN A 161 8.04 13.92 4.88
CA GLN A 161 7.83 12.73 5.68
C GLN A 161 8.79 12.70 6.88
N GLU A 162 9.97 13.32 6.79
CA GLU A 162 10.91 13.24 7.93
C GLU A 162 10.36 13.96 9.17
N GLU A 163 9.72 15.11 8.98
CA GLU A 163 9.16 15.86 10.11
C GLU A 163 7.86 15.21 10.58
N GLN A 164 7.15 14.56 9.67
CA GLN A 164 5.95 13.82 10.04
C GLN A 164 6.29 12.54 10.84
N ARG A 165 7.33 11.85 10.43
CA ARG A 165 7.80 10.61 11.07
C ARG A 165 8.37 10.89 12.47
N LYS A 166 8.69 12.15 12.72
CA LYS A 166 9.22 12.59 14.03
C LYS A 166 8.29 12.25 15.19
N THR A 167 7.04 11.96 14.90
CA THR A 167 6.07 11.54 15.93
C THR A 167 6.53 10.27 16.66
N GLU A 168 7.38 9.46 16.02
CA GLU A 168 7.93 8.27 16.64
C GLU A 168 8.76 8.65 17.88
N ALA A 169 9.45 9.79 17.81
CA ALA A 169 10.29 10.25 18.91
C ALA A 169 9.44 10.72 20.10
N ALA A 170 8.15 10.93 19.87
CA ALA A 170 7.23 11.34 20.92
C ALA A 170 6.64 10.10 21.60
N VAL A 171 7.11 8.93 21.21
CA VAL A 171 6.71 7.65 21.80
C VAL A 171 5.19 7.49 21.76
N PHE A 172 4.59 7.85 20.63
CA PHE A 172 3.15 7.79 20.49
C PHE A 172 2.69 6.65 19.60
N GLN A 173 1.39 6.40 19.60
CA GLN A 173 0.77 5.34 18.82
C GLN A 173 -0.69 5.71 18.56
N ASN A 174 -1.31 5.09 17.57
CA ASN A 174 -2.71 5.36 17.24
C ASN A 174 -3.31 4.16 16.51
N GLY A 175 -4.55 4.29 16.05
CA GLY A 175 -5.21 3.23 15.30
C GLY A 175 -6.16 3.87 14.32
N LYS A 176 -6.62 3.11 13.33
CA LYS A 176 -7.51 3.64 12.29
C LYS A 176 -8.76 2.80 12.18
N LEU A 177 -9.82 3.39 11.65
CA LEU A 177 -11.07 2.68 11.43
C LEU A 177 -11.21 2.49 9.93
N GLU A 178 -11.31 1.25 9.50
CA GLU A 178 -11.42 0.93 8.07
C GLU A 178 -12.89 0.87 7.64
N ARG A 179 -13.68 0.07 8.36
CA ARG A 179 -15.13 -0.08 8.11
C ARG A 179 -15.39 -0.50 6.66
N GLU A 180 -16.56 -0.11 6.12
CA GLU A 180 -16.96 -0.34 4.73
C GLU A 180 -16.84 -1.77 4.15
N ASN A 181 -16.81 -2.77 5.02
CA ASN A 181 -16.82 -4.17 4.58
C ASN A 181 -18.25 -4.52 4.12
N LEU A 182 -18.50 -4.34 2.83
CA LEU A 182 -19.81 -4.58 2.25
C LEU A 182 -19.62 -5.10 0.82
N TYR A 183 -20.61 -5.82 0.32
CA TYR A 183 -20.56 -6.40 -1.01
C TYR A 183 -21.54 -5.64 -1.89
N PHE A 184 -21.19 -5.52 -3.16
CA PHE A 184 -21.98 -4.77 -4.12
C PHE A 184 -22.26 -5.68 -5.32
N GLN A 185 -22.54 -6.93 -5.00
CA GLN A 185 -22.81 -7.98 -5.97
C GLN A 185 -23.82 -8.87 -5.26
N MET A 1 5.82 5.27 -16.67
CA MET A 1 4.66 6.17 -16.94
C MET A 1 3.41 5.36 -17.30
N PHE A 2 2.61 5.01 -16.30
CA PHE A 2 1.39 4.22 -16.53
C PHE A 2 0.24 4.70 -15.63
N LEU A 3 -1.00 4.34 -15.97
CA LEU A 3 -2.18 4.79 -15.23
C LEU A 3 -2.20 4.31 -13.78
N LEU A 4 -1.92 3.03 -13.55
CA LEU A 4 -1.90 2.49 -12.19
C LEU A 4 -0.78 3.12 -11.41
N GLU A 5 0.31 3.39 -12.10
CA GLU A 5 1.49 3.99 -11.49
C GLU A 5 1.17 5.41 -10.96
N TYR A 6 0.26 6.11 -11.63
CA TYR A 6 -0.14 7.44 -11.18
C TYR A 6 -0.79 7.32 -9.80
N THR A 7 -1.76 6.43 -9.70
CA THR A 7 -2.45 6.20 -8.43
C THR A 7 -1.50 5.63 -7.36
N TYR A 8 -0.61 4.76 -7.79
CA TYR A 8 0.40 4.15 -6.91
C TYR A 8 1.25 5.23 -6.21
N TRP A 9 1.79 6.19 -6.96
CA TRP A 9 2.60 7.24 -6.32
C TRP A 9 1.72 8.19 -5.49
N LYS A 10 0.47 8.35 -5.87
CA LYS A 10 -0.45 9.21 -5.09
C LYS A 10 -0.72 8.58 -3.72
N ILE A 11 -0.93 7.27 -3.68
CA ILE A 11 -1.13 6.57 -2.42
C ILE A 11 0.15 6.56 -1.63
N ALA A 12 1.28 6.37 -2.30
CA ALA A 12 2.56 6.37 -1.61
C ALA A 12 2.71 7.70 -0.87
N ALA A 13 2.36 8.80 -1.53
CA ALA A 13 2.45 10.11 -0.93
C ALA A 13 1.51 10.22 0.28
N HIS A 14 0.31 9.69 0.15
CA HIS A 14 -0.67 9.71 1.23
C HIS A 14 -0.16 8.96 2.45
N LEU A 15 0.39 7.77 2.25
CA LEU A 15 0.89 6.97 3.37
C LEU A 15 2.07 7.66 4.05
N VAL A 16 3.00 8.15 3.25
CA VAL A 16 4.19 8.78 3.78
C VAL A 16 3.82 10.07 4.55
N ASN A 17 2.85 10.84 4.07
CA ASN A 17 2.43 12.04 4.79
C ASN A 17 1.52 11.72 5.98
N SER A 18 1.16 10.45 6.14
CA SER A 18 0.33 10.00 7.26
C SER A 18 1.23 9.46 8.39
N GLY A 19 2.50 9.82 8.35
CA GLY A 19 3.42 9.44 9.41
C GLY A 19 4.23 8.18 9.18
N TYR A 20 4.03 7.50 8.06
CA TYR A 20 4.80 6.29 7.76
C TYR A 20 6.20 6.66 7.32
N GLY A 21 7.18 5.95 7.85
CA GLY A 21 8.57 6.22 7.49
C GLY A 21 8.92 5.43 6.26
N VAL A 22 9.78 5.98 5.41
CA VAL A 22 10.17 5.27 4.20
C VAL A 22 11.38 4.41 4.48
N ILE A 23 11.24 3.11 4.26
CA ILE A 23 12.34 2.18 4.45
C ILE A 23 13.11 2.13 3.13
N GLN A 24 12.36 2.03 2.05
CA GLN A 24 12.91 2.04 0.69
C GLN A 24 11.72 2.38 -0.21
N ALA A 25 11.95 3.09 -1.31
CA ALA A 25 10.87 3.50 -2.20
C ALA A 25 11.26 3.39 -3.66
N GLY A 26 10.58 2.51 -4.38
CA GLY A 26 10.85 2.36 -5.81
C GLY A 26 12.17 1.66 -6.01
N GLU A 27 12.42 0.63 -5.20
CA GLU A 27 13.65 -0.16 -5.30
C GLU A 27 13.64 -0.82 -6.67
N SER A 28 12.46 -1.31 -7.03
CA SER A 28 12.18 -1.82 -8.36
C SER A 28 10.72 -1.49 -8.67
N ASP A 29 9.79 -2.08 -7.94
CA ASP A 29 8.35 -1.82 -8.15
C ASP A 29 7.58 -1.69 -6.82
N GLU A 30 8.32 -1.62 -5.71
CA GLU A 30 7.71 -1.58 -4.38
C GLU A 30 8.23 -0.48 -3.47
N ILE A 31 7.42 -0.16 -2.46
CA ILE A 31 7.77 0.82 -1.43
C ILE A 31 7.46 0.15 -0.11
N TRP A 32 8.38 0.20 0.83
CA TRP A 32 8.17 -0.37 2.15
C TRP A 32 8.07 0.78 3.15
N LEU A 33 7.02 0.73 3.95
CA LEU A 33 6.68 1.76 4.91
C LEU A 33 6.74 1.21 6.33
N GLU A 34 7.37 1.97 7.20
CA GLU A 34 7.47 1.65 8.62
C GLU A 34 6.22 2.20 9.30
N ALA A 35 5.48 1.36 10.01
CA ALA A 35 4.31 1.84 10.72
C ALA A 35 4.82 2.54 12.00
N PRO A 36 4.51 3.84 12.18
CA PRO A 36 5.10 4.51 13.35
C PRO A 36 4.54 4.02 14.68
N ASP A 37 3.35 3.45 14.62
CA ASP A 37 2.64 2.99 15.81
C ASP A 37 3.14 1.68 16.36
N LYS A 38 3.86 0.91 15.53
CA LYS A 38 4.34 -0.44 15.89
C LYS A 38 3.15 -1.36 16.20
N SER A 39 2.04 -1.02 15.55
CA SER A 39 0.75 -1.71 15.68
C SER A 39 0.86 -3.12 15.12
N SER A 40 -0.25 -3.87 15.11
CA SER A 40 -0.29 -5.22 14.55
C SER A 40 0.44 -5.23 13.21
N HIS A 41 0.14 -4.23 12.38
CA HIS A 41 0.91 -4.00 11.16
C HIS A 41 2.14 -3.23 11.60
N ASP A 42 3.29 -3.89 11.61
CA ASP A 42 4.53 -3.19 11.96
C ASP A 42 5.04 -2.56 10.66
N LEU A 43 4.63 -3.15 9.55
CA LEU A 43 5.03 -2.70 8.23
C LEU A 43 3.85 -2.73 7.25
N VAL A 44 3.96 -1.90 6.21
CA VAL A 44 2.98 -1.84 5.12
C VAL A 44 3.82 -1.77 3.85
N ARG A 45 3.39 -2.38 2.75
CA ARG A 45 4.11 -2.23 1.48
C ARG A 45 3.15 -2.04 0.31
N LEU A 46 3.63 -1.31 -0.69
CA LEU A 46 2.88 -1.04 -1.90
C LEU A 46 3.64 -1.71 -3.02
N TYR A 47 2.97 -2.46 -3.88
CA TYR A 47 3.64 -3.16 -4.96
C TYR A 47 2.88 -3.04 -6.28
N LYS A 48 3.54 -2.61 -7.34
CA LYS A 48 2.90 -2.54 -8.65
C LYS A 48 3.22 -3.82 -9.40
N HIS A 49 2.21 -4.63 -9.68
CA HIS A 49 2.41 -5.88 -10.40
C HIS A 49 1.13 -6.18 -11.18
N ASP A 50 1.28 -6.38 -12.47
CA ASP A 50 0.14 -6.67 -13.33
C ASP A 50 -0.08 -8.18 -13.30
N LEU A 51 -1.18 -8.60 -12.70
CA LEU A 51 -1.44 -10.02 -12.44
C LEU A 51 -2.51 -10.62 -13.35
N ASP A 52 -2.13 -11.64 -14.10
CA ASP A 52 -3.07 -12.35 -15.01
C ASP A 52 -3.76 -13.52 -14.31
N PHE A 53 -3.03 -14.21 -13.44
CA PHE A 53 -3.56 -15.39 -12.75
C PHE A 53 -3.38 -15.28 -11.24
N ARG A 54 -4.31 -15.83 -10.48
CA ARG A 54 -4.22 -15.78 -9.01
C ARG A 54 -3.03 -16.54 -8.46
N GLN A 55 -2.49 -17.48 -9.23
CA GLN A 55 -1.33 -18.23 -8.77
C GLN A 55 -0.16 -17.26 -8.58
N GLU A 56 -0.08 -16.23 -9.39
CA GLU A 56 1.01 -15.27 -9.26
C GLU A 56 0.77 -14.41 -8.03
N MET A 57 -0.49 -14.19 -7.69
CA MET A 57 -0.81 -13.40 -6.49
C MET A 57 -0.38 -14.15 -5.26
N VAL A 58 -0.78 -15.42 -5.13
CA VAL A 58 -0.44 -16.19 -3.92
C VAL A 58 1.07 -16.32 -3.76
N ARG A 59 1.77 -16.46 -4.88
CA ARG A 59 3.23 -16.64 -4.86
C ARG A 59 3.96 -15.41 -4.35
N ASP A 60 3.46 -14.24 -4.70
CA ASP A 60 4.08 -13.00 -4.23
C ASP A 60 4.04 -12.93 -2.71
N ILE A 61 2.93 -13.34 -2.10
CA ILE A 61 2.83 -13.30 -0.65
C ILE A 61 3.68 -14.40 -0.01
N GLU A 62 3.80 -15.55 -0.66
CA GLU A 62 4.63 -16.63 -0.13
C GLU A 62 6.06 -16.09 -0.01
N GLU A 63 6.46 -15.28 -0.97
CA GLU A 63 7.81 -14.71 -0.96
C GLU A 63 7.91 -13.61 0.09
N GLN A 64 6.89 -12.76 0.15
CA GLN A 64 6.88 -11.68 1.13
C GLN A 64 6.96 -12.23 2.54
N ALA A 65 6.29 -13.32 2.83
CA ALA A 65 6.27 -13.88 4.16
C ALA A 65 7.69 -14.26 4.59
N GLU A 66 8.51 -14.71 3.65
CA GLU A 66 9.89 -15.04 3.97
C GLU A 66 10.70 -13.75 4.21
N ARG A 67 10.48 -12.73 3.39
CA ARG A 67 11.15 -11.43 3.59
C ARG A 67 10.76 -10.85 4.96
N VAL A 68 9.48 -10.97 5.29
CA VAL A 68 8.94 -10.48 6.56
C VAL A 68 9.50 -11.30 7.72
N GLU A 69 9.62 -12.61 7.55
CA GLU A 69 10.15 -13.49 8.59
C GLU A 69 11.54 -13.05 9.03
N ARG A 70 12.37 -12.67 8.06
CA ARG A 70 13.73 -12.25 8.36
C ARG A 70 13.74 -10.96 9.17
N VAL A 71 12.86 -10.02 8.82
CA VAL A 71 12.76 -8.77 9.57
C VAL A 71 12.18 -9.05 10.95
N ARG A 72 11.21 -9.95 11.03
CA ARG A 72 10.61 -10.31 12.31
C ARG A 72 11.66 -10.89 13.24
N HIS A 73 12.55 -11.71 12.70
CA HIS A 73 13.64 -12.29 13.48
C HIS A 73 14.57 -11.20 14.02
N GLN A 74 14.87 -10.21 13.19
CA GLN A 74 15.74 -9.10 13.59
C GLN A 74 15.10 -8.31 14.74
N LEU A 75 13.80 -8.09 14.66
CA LEU A 75 13.08 -7.33 15.68
C LEU A 75 12.72 -8.16 16.91
N GLY A 76 12.81 -9.48 16.79
CA GLY A 76 12.44 -10.37 17.89
C GLY A 76 10.95 -10.38 18.15
N ARG A 77 10.18 -9.86 17.19
CA ARG A 77 8.73 -9.73 17.35
C ARG A 77 8.05 -11.11 17.32
N ARG A 78 7.04 -11.30 18.17
CA ARG A 78 6.37 -12.61 18.30
C ARG A 78 5.62 -13.07 17.05
N ARG A 79 4.95 -12.14 16.37
CA ARG A 79 4.23 -12.42 15.12
C ARG A 79 4.32 -11.15 14.32
N MET A 80 4.20 -11.23 13.01
CA MET A 80 4.29 -10.03 12.18
C MET A 80 3.16 -9.96 11.19
N LYS A 81 2.40 -8.85 11.19
CA LYS A 81 1.34 -8.65 10.20
C LYS A 81 1.87 -7.63 9.22
N LEU A 82 1.67 -7.87 7.94
CA LEU A 82 2.11 -6.97 6.88
C LEU A 82 0.93 -6.74 5.94
N LEU A 83 0.68 -5.48 5.60
CA LEU A 83 -0.37 -5.14 4.65
C LEU A 83 0.28 -5.03 3.27
N ASN A 84 -0.19 -5.80 2.29
CA ASN A 84 0.35 -5.78 0.93
C ASN A 84 -0.69 -5.38 -0.08
N VAL A 85 -0.52 -4.24 -0.72
CA VAL A 85 -1.49 -3.78 -1.73
C VAL A 85 -0.89 -3.81 -3.12
N PHE A 86 -1.47 -4.64 -3.98
CA PHE A 86 -1.07 -4.73 -5.38
C PHE A 86 -1.71 -3.60 -6.17
N PHE A 87 -1.05 -3.20 -7.25
CA PHE A 87 -1.61 -2.24 -8.21
C PHE A 87 -1.46 -2.92 -9.56
N SER A 88 -2.57 -3.23 -10.20
CA SER A 88 -2.59 -4.01 -11.45
C SER A 88 -3.56 -3.40 -12.45
N THR A 89 -3.31 -3.58 -13.74
CA THR A 89 -4.20 -3.04 -14.76
C THR A 89 -5.53 -3.76 -14.70
N GLU A 90 -5.46 -5.07 -14.69
CA GLU A 90 -6.64 -5.90 -14.71
C GLU A 90 -6.64 -6.75 -13.47
N ALA A 91 -7.77 -7.38 -13.23
CA ALA A 91 -7.91 -8.30 -12.13
C ALA A 91 -7.69 -9.69 -12.75
N PRO A 92 -6.99 -10.61 -12.05
CA PRO A 92 -6.78 -11.92 -12.65
C PRO A 92 -8.06 -12.66 -13.04
N VAL A 93 -7.97 -13.42 -14.12
CA VAL A 93 -9.13 -14.13 -14.68
C VAL A 93 -9.55 -15.40 -13.93
N ASP A 94 -8.79 -15.77 -12.92
CA ASP A 94 -9.03 -17.01 -12.16
C ASP A 94 -9.26 -16.73 -10.68
N ASP A 95 -10.53 -16.73 -10.28
CA ASP A 95 -11.02 -16.52 -8.88
C ASP A 95 -10.09 -15.77 -7.90
N TRP A 96 -9.60 -14.62 -8.31
CA TRP A 96 -8.69 -13.85 -7.49
C TRP A 96 -9.36 -13.31 -6.23
N GLU A 97 -10.68 -13.19 -6.24
CA GLU A 97 -11.40 -12.61 -5.11
C GLU A 97 -11.23 -13.45 -3.86
N GLU A 98 -11.07 -14.76 -4.06
CA GLU A 98 -10.85 -15.65 -2.93
C GLU A 98 -9.52 -15.30 -2.27
N ILE A 99 -8.54 -14.89 -3.07
CA ILE A 99 -7.19 -14.57 -2.57
C ILE A 99 -7.24 -13.39 -1.61
N ALA A 100 -8.08 -12.42 -1.92
CA ALA A 100 -8.21 -11.22 -1.08
C ALA A 100 -8.72 -11.58 0.31
N LYS A 101 -9.46 -12.68 0.42
CA LYS A 101 -10.02 -13.12 1.70
C LYS A 101 -9.09 -14.06 2.46
N LYS A 102 -7.95 -14.39 1.87
CA LYS A 102 -6.99 -15.29 2.51
C LYS A 102 -5.89 -14.53 3.23
N THR A 103 -5.99 -14.45 4.55
CA THR A 103 -4.85 -13.93 5.31
C THR A 103 -3.81 -15.02 5.15
N PHE A 104 -2.68 -14.68 4.56
CA PHE A 104 -1.65 -15.67 4.34
C PHE A 104 -0.84 -15.80 5.61
N GLU A 105 -0.98 -16.93 6.27
CA GLU A 105 -0.26 -17.16 7.52
C GLU A 105 0.84 -18.17 7.30
N LYS A 106 2.05 -17.71 7.61
CA LYS A 106 3.26 -18.53 7.47
C LYS A 106 3.86 -18.62 8.85
N GLY A 107 3.31 -19.49 9.69
CA GLY A 107 3.83 -19.63 11.03
C GLY A 107 3.60 -18.36 11.83
N THR A 108 4.66 -17.67 12.16
CA THR A 108 4.58 -16.43 12.93
C THR A 108 4.14 -15.24 12.08
N VAL A 109 4.27 -15.36 10.76
CA VAL A 109 3.93 -14.26 9.86
C VAL A 109 2.46 -14.33 9.44
N SER A 110 1.84 -13.19 9.23
CA SER A 110 0.51 -13.10 8.64
C SER A 110 0.55 -11.94 7.65
N VAL A 111 -0.08 -12.09 6.50
CA VAL A 111 -0.11 -11.04 5.50
C VAL A 111 -1.50 -10.83 5.02
N GLU A 112 -1.84 -9.57 4.89
CA GLU A 112 -3.13 -9.14 4.49
C GLU A 112 -3.07 -8.63 3.04
N PRO A 113 -3.54 -9.42 2.06
CA PRO A 113 -3.48 -8.96 0.67
C PRO A 113 -4.62 -8.04 0.27
N ALA A 114 -4.37 -7.17 -0.69
CA ALA A 114 -5.37 -6.29 -1.26
C ALA A 114 -4.87 -5.98 -2.68
N ILE A 115 -5.73 -5.58 -3.58
CA ILE A 115 -5.34 -5.30 -4.96
C ILE A 115 -6.23 -4.22 -5.55
N VAL A 116 -5.61 -3.20 -6.12
CA VAL A 116 -6.33 -2.13 -6.80
C VAL A 116 -6.21 -2.45 -8.29
N ARG A 117 -7.34 -2.72 -8.94
CA ARG A 117 -7.35 -3.03 -10.36
C ARG A 117 -7.86 -1.81 -11.13
N GLY A 118 -7.25 -1.53 -12.26
CA GLY A 118 -7.60 -0.36 -13.05
C GLY A 118 -9.03 -0.36 -13.55
N THR A 119 -9.59 -1.55 -13.73
CA THR A 119 -10.94 -1.72 -14.25
C THR A 119 -12.02 -0.95 -13.50
N MET A 120 -11.85 -0.81 -12.19
CA MET A 120 -12.83 -0.10 -11.37
C MET A 120 -12.11 0.74 -10.33
N LEU A 121 -10.93 1.20 -10.70
CA LEU A 121 -10.03 1.94 -9.81
C LEU A 121 -10.69 3.03 -8.98
N ARG A 122 -11.67 3.74 -9.54
CA ARG A 122 -12.33 4.81 -8.81
C ARG A 122 -12.92 4.35 -7.46
N ASP A 123 -13.69 3.27 -7.49
CA ASP A 123 -14.28 2.70 -6.28
C ASP A 123 -13.26 1.87 -5.51
N ASP A 124 -12.44 1.15 -6.26
CA ASP A 124 -11.46 0.22 -5.68
C ASP A 124 -10.45 0.95 -4.79
N LEU A 125 -10.06 2.13 -5.21
CA LEU A 125 -9.08 2.90 -4.46
C LEU A 125 -9.63 3.26 -3.09
N GLN A 126 -10.84 3.81 -3.04
CA GLN A 126 -11.42 4.24 -1.77
C GLN A 126 -11.83 3.05 -0.91
N ALA A 127 -11.93 1.88 -1.52
CA ALA A 127 -12.26 0.68 -0.78
C ALA A 127 -11.06 0.23 0.05
N VAL A 128 -9.86 0.43 -0.48
CA VAL A 128 -8.64 0.05 0.24
C VAL A 128 -8.12 1.24 1.06
N PHE A 129 -8.16 2.42 0.49
CA PHE A 129 -7.69 3.65 1.15
C PHE A 129 -8.78 4.72 1.17
N PRO A 130 -9.77 4.60 2.07
CA PRO A 130 -10.81 5.64 2.11
C PRO A 130 -10.30 6.98 2.63
N SER A 131 -9.10 6.98 3.18
CA SER A 131 -8.46 8.19 3.67
C SER A 131 -7.91 9.05 2.53
N PHE A 132 -7.84 8.49 1.33
CA PHE A 132 -7.33 9.22 0.18
C PHE A 132 -8.48 9.92 -0.53
N ARG A 133 -8.32 11.20 -0.82
CA ARG A 133 -9.35 11.94 -1.52
C ARG A 133 -9.22 11.57 -3.00
N THR A 134 -10.13 10.75 -3.51
CA THR A 134 -10.09 10.27 -4.90
C THR A 134 -10.10 11.41 -5.94
N GLU A 135 -10.50 12.59 -5.51
CA GLU A 135 -10.47 13.81 -6.34
C GLU A 135 -9.04 14.10 -6.83
N ASP A 136 -8.06 13.79 -6.00
CA ASP A 136 -6.64 14.02 -6.34
C ASP A 136 -6.16 13.04 -7.42
N CYS A 137 -7.02 12.10 -7.78
CA CYS A 137 -6.74 11.12 -8.83
C CYS A 137 -7.93 11.10 -9.79
N SER A 138 -8.53 12.26 -9.99
CA SER A 138 -9.69 12.40 -10.87
C SER A 138 -9.41 11.92 -12.29
N GLU A 139 -10.44 11.45 -12.96
CA GLU A 139 -10.36 10.95 -14.34
C GLU A 139 -9.84 12.02 -15.29
N GLU A 140 -10.09 13.28 -14.93
CA GLU A 140 -9.65 14.43 -15.72
C GLU A 140 -8.13 14.49 -15.81
N HIS A 141 -7.46 13.87 -14.85
CA HIS A 141 -6.01 13.88 -14.76
C HIS A 141 -5.46 12.46 -14.85
N ALA A 142 -6.28 11.53 -15.29
CA ALA A 142 -5.87 10.12 -15.43
C ALA A 142 -5.06 9.90 -16.72
N SER A 143 -3.87 10.48 -16.76
CA SER A 143 -2.96 10.30 -17.89
C SER A 143 -1.81 9.43 -17.44
N PHE A 144 -1.33 8.57 -18.32
CA PHE A 144 -0.21 7.69 -18.01
C PHE A 144 1.06 8.51 -17.81
N GLU A 145 1.15 9.64 -18.48
CA GLU A 145 2.33 10.51 -18.42
C GLU A 145 2.43 11.18 -17.05
N ASN A 146 1.27 11.51 -16.50
CA ASN A 146 1.17 12.18 -15.20
C ASN A 146 1.83 11.37 -14.09
N ALA A 147 1.93 10.06 -14.28
CA ALA A 147 2.56 9.19 -13.29
C ALA A 147 4.01 9.62 -12.98
N GLN A 148 4.73 10.09 -13.98
CA GLN A 148 6.12 10.53 -13.75
C GLN A 148 6.10 11.74 -12.84
N MET A 149 5.19 12.67 -13.11
CA MET A 149 5.06 13.89 -12.33
C MET A 149 4.66 13.53 -10.90
N ALA A 150 3.83 12.51 -10.75
CA ALA A 150 3.40 12.06 -9.43
C ALA A 150 4.60 11.49 -8.66
N ARG A 151 5.50 10.79 -9.34
CA ARG A 151 6.70 10.24 -8.70
C ARG A 151 7.59 11.37 -8.24
N GLU A 152 7.75 12.37 -9.08
CA GLU A 152 8.60 13.50 -8.76
C GLU A 152 8.02 14.26 -7.55
N ARG A 153 6.71 14.42 -7.54
CA ARG A 153 6.03 15.08 -6.43
C ARG A 153 6.20 14.26 -5.16
N PHE A 154 6.08 12.95 -5.29
CA PHE A 154 6.27 12.03 -4.16
C PHE A 154 7.68 12.09 -3.61
N LEU A 155 8.69 12.12 -4.46
CA LEU A 155 10.07 12.18 -4.00
C LEU A 155 10.31 13.47 -3.22
N SER A 156 9.70 14.55 -3.67
CA SER A 156 9.78 15.83 -2.96
C SER A 156 9.04 15.75 -1.62
N LEU A 157 7.97 14.98 -1.58
CA LEU A 157 7.15 14.78 -0.39
C LEU A 157 7.90 13.93 0.65
N VAL A 158 8.65 12.93 0.19
CA VAL A 158 9.44 12.07 1.09
C VAL A 158 10.39 12.93 1.91
N LEU A 159 11.03 13.91 1.28
CA LEU A 159 11.96 14.75 2.01
C LEU A 159 11.27 15.53 3.14
N LYS A 160 10.05 15.99 2.90
CA LYS A 160 9.31 16.69 3.95
C LYS A 160 9.02 15.75 5.12
N GLN A 161 8.73 14.50 4.84
CA GLN A 161 8.38 13.53 5.90
C GLN A 161 9.46 13.45 6.99
N GLU A 162 10.72 13.64 6.64
CA GLU A 162 11.81 13.62 7.64
C GLU A 162 11.56 14.67 8.73
N GLU A 163 11.19 15.87 8.30
CA GLU A 163 10.88 16.97 9.21
C GLU A 163 9.49 16.77 9.83
N GLN A 164 8.57 16.32 9.00
CA GLN A 164 7.18 16.19 9.41
C GLN A 164 6.98 15.21 10.55
N ARG A 165 7.49 13.99 10.48
CA ARG A 165 7.28 13.00 11.56
C ARG A 165 7.84 13.52 12.86
N LYS A 166 8.97 14.19 12.76
CA LYS A 166 9.67 14.73 13.90
C LYS A 166 8.81 15.76 14.63
N THR A 167 8.25 16.70 13.87
CA THR A 167 7.42 17.76 14.43
C THR A 167 6.04 17.25 14.87
N GLU A 168 5.44 16.41 14.03
CA GLU A 168 4.09 15.88 14.24
C GLU A 168 4.00 15.02 15.49
N ALA A 169 5.00 14.17 15.72
CA ALA A 169 5.00 13.33 16.90
C ALA A 169 5.14 14.17 18.16
N ALA A 170 6.05 15.14 18.10
CA ALA A 170 6.41 15.99 19.25
C ALA A 170 6.73 15.11 20.47
N VAL A 171 7.15 13.88 20.15
CA VAL A 171 7.47 12.80 21.08
C VAL A 171 6.24 12.26 21.83
N PHE A 172 5.55 13.14 22.56
CA PHE A 172 4.33 12.81 23.28
C PHE A 172 4.59 11.63 24.21
N GLN A 173 3.63 10.75 24.36
CA GLN A 173 3.78 9.56 25.15
C GLN A 173 3.03 8.46 24.43
N ASN A 174 3.25 7.22 24.83
CA ASN A 174 2.55 6.08 24.21
C ASN A 174 1.04 6.26 24.36
N GLY A 175 0.30 5.93 23.32
CA GLY A 175 -1.14 6.12 23.34
C GLY A 175 -1.76 5.56 22.07
N LYS A 176 -2.77 6.25 21.56
CA LYS A 176 -3.50 5.88 20.33
C LYS A 176 -4.14 4.49 20.35
N LEU A 177 -5.34 4.41 20.90
CA LEU A 177 -6.10 3.16 20.86
C LEU A 177 -6.48 2.97 19.39
N GLU A 178 -6.20 1.78 18.86
CA GLU A 178 -6.47 1.49 17.45
C GLU A 178 -7.26 0.18 17.37
N ARG A 179 -7.72 -0.18 16.18
CA ARG A 179 -8.49 -1.39 15.96
C ARG A 179 -8.15 -1.94 14.59
N GLU A 180 -8.55 -3.17 14.35
CA GLU A 180 -8.37 -3.81 13.04
C GLU A 180 -9.79 -4.01 12.50
N ASN A 181 -9.92 -4.43 11.24
CA ASN A 181 -11.25 -4.62 10.65
C ASN A 181 -11.81 -5.99 11.00
N LEU A 182 -13.13 -6.10 11.01
CA LEU A 182 -13.79 -7.37 11.24
C LEU A 182 -13.85 -8.11 9.91
N TYR A 183 -14.17 -9.39 9.96
CA TYR A 183 -14.30 -10.17 8.75
C TYR A 183 -15.60 -9.78 8.06
N PHE A 184 -15.54 -9.61 6.75
CA PHE A 184 -16.73 -9.25 5.97
C PHE A 184 -17.29 -10.49 5.30
N GLN A 185 -16.68 -11.63 5.64
CA GLN A 185 -17.02 -12.95 5.09
C GLN A 185 -16.82 -12.95 3.57
N MET A 1 2.39 0.73 -16.56
CA MET A 1 0.91 1.02 -16.66
C MET A 1 0.60 2.39 -16.05
N PHE A 2 0.62 3.43 -16.86
CA PHE A 2 0.55 4.81 -16.35
C PHE A 2 -0.61 5.16 -15.43
N LEU A 3 -1.80 4.62 -15.67
CA LEU A 3 -2.96 4.93 -14.81
C LEU A 3 -2.68 4.42 -13.40
N LEU A 4 -2.12 3.22 -13.31
CA LEU A 4 -1.79 2.63 -12.02
C LEU A 4 -0.57 3.33 -11.44
N GLU A 5 0.38 3.71 -12.28
CA GLU A 5 1.57 4.44 -11.80
C GLU A 5 1.15 5.75 -11.14
N TYR A 6 0.15 6.41 -11.72
CA TYR A 6 -0.35 7.66 -11.17
C TYR A 6 -0.87 7.42 -9.76
N THR A 7 -1.75 6.44 -9.62
CA THR A 7 -2.33 6.11 -8.32
C THR A 7 -1.25 5.63 -7.34
N TYR A 8 -0.35 4.80 -7.82
CA TYR A 8 0.73 4.23 -7.03
C TYR A 8 1.60 5.30 -6.39
N TRP A 9 2.07 6.26 -7.18
CA TRP A 9 2.93 7.30 -6.62
C TRP A 9 2.14 8.27 -5.74
N LYS A 10 0.85 8.45 -6.00
CA LYS A 10 0.03 9.30 -5.13
C LYS A 10 -0.15 8.62 -3.77
N ILE A 11 -0.27 7.30 -3.76
CA ILE A 11 -0.40 6.55 -2.51
C ILE A 11 0.94 6.52 -1.79
N ALA A 12 2.03 6.42 -2.53
CA ALA A 12 3.35 6.46 -1.93
C ALA A 12 3.47 7.79 -1.15
N ALA A 13 3.05 8.87 -1.78
CA ALA A 13 3.07 10.18 -1.14
C ALA A 13 2.12 10.21 0.07
N HIS A 14 0.95 9.62 -0.10
CA HIS A 14 -0.06 9.58 0.96
C HIS A 14 0.49 8.93 2.24
N LEU A 15 1.10 7.77 2.11
CA LEU A 15 1.62 7.07 3.29
C LEU A 15 2.81 7.81 3.89
N VAL A 16 3.77 8.16 3.06
CA VAL A 16 4.99 8.81 3.57
C VAL A 16 4.69 10.14 4.27
N ASN A 17 3.76 10.93 3.74
CA ASN A 17 3.42 12.21 4.39
C ASN A 17 2.64 12.00 5.69
N SER A 18 2.20 10.76 5.92
CA SER A 18 1.47 10.40 7.14
C SER A 18 2.43 9.80 8.17
N GLY A 19 3.73 9.91 7.91
CA GLY A 19 4.74 9.47 8.86
C GLY A 19 5.38 8.12 8.57
N TYR A 20 4.92 7.43 7.53
CA TYR A 20 5.51 6.13 7.18
C TYR A 20 6.94 6.34 6.71
N GLY A 21 7.88 5.64 7.32
CA GLY A 21 9.28 5.79 6.96
C GLY A 21 9.61 4.93 5.76
N VAL A 22 10.35 5.49 4.81
CA VAL A 22 10.73 4.72 3.62
C VAL A 22 11.91 3.82 3.96
N ILE A 23 11.74 2.53 3.72
CA ILE A 23 12.78 1.54 3.98
C ILE A 23 13.51 1.29 2.66
N GLN A 24 12.73 1.13 1.60
CA GLN A 24 13.25 0.90 0.26
C GLN A 24 12.23 1.53 -0.68
N ALA A 25 12.69 2.15 -1.76
CA ALA A 25 11.79 2.76 -2.73
C ALA A 25 12.29 2.53 -4.16
N GLY A 26 11.64 1.62 -4.87
CA GLY A 26 12.00 1.39 -6.26
C GLY A 26 13.17 0.47 -6.47
N GLU A 27 13.21 -0.66 -5.77
CA GLU A 27 14.26 -1.68 -6.00
C GLU A 27 14.00 -2.16 -7.43
N SER A 28 12.71 -2.25 -7.74
CA SER A 28 12.22 -2.47 -9.09
C SER A 28 10.84 -1.83 -9.23
N ASP A 29 9.87 -2.36 -8.48
CA ASP A 29 8.46 -1.94 -8.60
C ASP A 29 7.72 -1.80 -7.28
N GLU A 30 8.46 -1.77 -6.19
CA GLU A 30 7.86 -1.72 -4.85
C GLU A 30 8.47 -0.65 -3.95
N ILE A 31 7.72 -0.27 -2.93
CA ILE A 31 8.18 0.65 -1.90
C ILE A 31 7.81 0.00 -0.57
N TRP A 32 8.79 -0.15 0.30
CA TRP A 32 8.57 -0.72 1.63
C TRP A 32 8.48 0.44 2.60
N LEU A 33 7.44 0.43 3.41
CA LEU A 33 7.18 1.49 4.40
C LEU A 33 7.09 0.92 5.80
N GLU A 34 7.69 1.61 6.75
CA GLU A 34 7.58 1.27 8.16
C GLU A 34 6.27 1.84 8.66
N ALA A 35 5.45 1.04 9.34
CA ALA A 35 4.19 1.53 9.87
C ALA A 35 4.49 2.37 11.14
N PRO A 36 4.15 3.67 11.13
CA PRO A 36 4.53 4.46 12.31
C PRO A 36 3.68 4.19 13.54
N ASP A 37 2.48 3.65 13.33
CA ASP A 37 1.53 3.37 14.41
C ASP A 37 1.90 2.12 15.20
N LYS A 38 2.67 1.24 14.57
CA LYS A 38 3.21 0.02 15.21
C LYS A 38 2.09 -0.84 15.78
N SER A 39 0.99 -0.79 15.03
CA SER A 39 -0.22 -1.57 15.25
C SER A 39 0.07 -2.99 14.81
N SER A 40 -0.96 -3.84 14.78
CA SER A 40 -0.85 -5.19 14.22
C SER A 40 -0.04 -5.22 12.89
N HIS A 41 -0.06 -4.12 12.15
CA HIS A 41 0.75 -3.97 10.95
C HIS A 41 2.09 -3.33 11.33
N ASP A 42 3.19 -3.94 10.89
CA ASP A 42 4.54 -3.42 11.17
C ASP A 42 5.10 -2.80 9.89
N LEU A 43 4.88 -3.47 8.77
CA LEU A 43 5.37 -2.99 7.47
C LEU A 43 4.27 -3.03 6.41
N VAL A 44 4.42 -2.17 5.42
CA VAL A 44 3.50 -2.09 4.29
C VAL A 44 4.35 -2.14 3.02
N ARG A 45 3.91 -2.85 1.99
CA ARG A 45 4.61 -2.87 0.71
C ARG A 45 3.64 -2.49 -0.39
N LEU A 46 3.96 -1.41 -1.10
CA LEU A 46 3.16 -0.98 -2.24
C LEU A 46 3.89 -1.57 -3.44
N TYR A 47 3.24 -2.41 -4.23
CA TYR A 47 3.92 -3.10 -5.34
C TYR A 47 3.07 -3.06 -6.61
N LYS A 48 3.65 -2.63 -7.72
CA LYS A 48 2.89 -2.55 -8.97
C LYS A 48 3.23 -3.69 -9.93
N HIS A 49 2.30 -4.63 -10.04
CA HIS A 49 2.45 -5.77 -10.95
C HIS A 49 1.07 -6.24 -11.38
N ASP A 50 0.93 -6.43 -12.68
CA ASP A 50 -0.28 -6.96 -13.29
C ASP A 50 -0.21 -8.48 -13.17
N LEU A 51 -1.36 -9.14 -13.10
CA LEU A 51 -1.40 -10.59 -12.87
C LEU A 51 -2.38 -11.26 -13.82
N ASP A 52 -2.03 -12.45 -14.29
CA ASP A 52 -2.89 -13.22 -15.20
C ASP A 52 -3.71 -14.21 -14.36
N PHE A 53 -3.05 -14.90 -13.44
CA PHE A 53 -3.72 -15.90 -12.60
C PHE A 53 -3.48 -15.72 -11.11
N ARG A 54 -4.42 -16.20 -10.30
CA ARG A 54 -4.27 -16.16 -8.83
C ARG A 54 -3.10 -17.02 -8.38
N GLN A 55 -2.62 -17.87 -9.28
CA GLN A 55 -1.48 -18.73 -9.00
C GLN A 55 -0.23 -17.89 -8.79
N GLU A 56 -0.12 -16.78 -9.51
CA GLU A 56 1.00 -15.87 -9.33
C GLU A 56 0.74 -15.09 -8.06
N MET A 57 -0.51 -14.69 -7.88
CA MET A 57 -0.90 -13.88 -6.76
C MET A 57 -0.61 -14.54 -5.42
N VAL A 58 -0.96 -15.81 -5.23
CA VAL A 58 -0.68 -16.44 -3.93
C VAL A 58 0.83 -16.56 -3.69
N ARG A 59 1.56 -16.78 -4.76
CA ARG A 59 3.02 -16.97 -4.67
C ARG A 59 3.79 -15.71 -4.35
N ASP A 60 3.30 -14.56 -4.79
CA ASP A 60 3.97 -13.31 -4.44
C ASP A 60 3.97 -13.19 -2.93
N ILE A 61 2.86 -13.54 -2.29
CA ILE A 61 2.78 -13.47 -0.84
C ILE A 61 3.61 -14.55 -0.19
N GLU A 62 3.66 -15.76 -0.77
CA GLU A 62 4.44 -16.82 -0.14
C GLU A 62 5.92 -16.41 -0.09
N GLU A 63 6.39 -15.66 -1.08
CA GLU A 63 7.76 -15.13 -1.07
C GLU A 63 7.83 -13.97 -0.07
N GLN A 64 6.85 -13.08 -0.09
CA GLN A 64 6.83 -11.93 0.81
C GLN A 64 6.84 -12.38 2.27
N ALA A 65 6.15 -13.48 2.55
CA ALA A 65 6.10 -14.03 3.88
C ALA A 65 7.47 -14.60 4.27
N GLU A 66 8.11 -15.32 3.36
CA GLU A 66 9.44 -15.88 3.62
C GLU A 66 10.42 -14.74 3.93
N ARG A 67 10.34 -13.66 3.16
CA ARG A 67 11.20 -12.48 3.38
C ARG A 67 10.97 -11.82 4.71
N VAL A 68 9.72 -11.43 4.94
CA VAL A 68 9.36 -10.65 6.10
C VAL A 68 9.60 -11.45 7.38
N GLU A 69 9.46 -12.76 7.31
CA GLU A 69 9.68 -13.64 8.46
C GLU A 69 11.05 -13.43 9.10
N ARG A 70 12.08 -13.18 8.28
CA ARG A 70 13.43 -12.99 8.85
C ARG A 70 13.46 -11.75 9.72
N VAL A 71 12.83 -10.69 9.25
CA VAL A 71 12.80 -9.42 9.96
C VAL A 71 11.95 -9.57 11.24
N ARG A 72 10.87 -10.32 11.14
CA ARG A 72 9.96 -10.53 12.29
C ARG A 72 10.65 -11.24 13.43
N HIS A 73 11.44 -12.26 13.11
CA HIS A 73 12.17 -12.99 14.15
C HIS A 73 13.24 -12.10 14.78
N GLN A 74 13.86 -11.24 13.98
CA GLN A 74 14.89 -10.34 14.52
C GLN A 74 14.23 -9.34 15.50
N LEU A 75 12.97 -9.01 15.26
CA LEU A 75 12.22 -8.11 16.15
C LEU A 75 11.61 -8.86 17.34
N GLY A 76 11.67 -10.18 17.31
CA GLY A 76 11.03 -10.99 18.35
C GLY A 76 9.52 -10.89 18.28
N ARG A 77 9.01 -10.45 17.14
CA ARG A 77 7.58 -10.21 16.97
C ARG A 77 6.85 -11.54 16.78
N ARG A 78 5.89 -11.81 17.67
CA ARG A 78 5.16 -13.09 17.66
C ARG A 78 4.26 -13.31 16.43
N ARG A 79 3.65 -12.25 15.92
CA ARG A 79 2.89 -12.33 14.65
C ARG A 79 2.82 -10.92 14.10
N MET A 80 2.77 -10.77 12.79
CA MET A 80 2.86 -9.46 12.15
C MET A 80 2.04 -9.38 10.87
N LYS A 81 1.13 -8.42 10.74
CA LYS A 81 0.37 -8.29 9.48
C LYS A 81 1.10 -7.42 8.46
N LEU A 82 1.47 -8.00 7.33
CA LEU A 82 2.11 -7.24 6.26
C LEU A 82 1.00 -6.77 5.35
N LEU A 83 0.87 -5.47 5.15
CA LEU A 83 -0.13 -4.96 4.22
C LEU A 83 0.54 -4.96 2.85
N ASN A 84 0.24 -5.96 2.05
CA ASN A 84 0.84 -6.10 0.72
C ASN A 84 -0.19 -5.61 -0.29
N VAL A 85 0.08 -4.51 -0.97
CA VAL A 85 -0.88 -3.93 -1.89
C VAL A 85 -0.41 -3.99 -3.33
N PHE A 86 -1.08 -4.81 -4.13
CA PHE A 86 -0.78 -4.89 -5.55
C PHE A 86 -1.47 -3.73 -6.26
N PHE A 87 -0.83 -3.20 -7.29
CA PHE A 87 -1.43 -2.20 -8.16
C PHE A 87 -1.37 -2.86 -9.53
N SER A 88 -2.52 -3.13 -10.12
CA SER A 88 -2.59 -3.91 -11.36
C SER A 88 -3.55 -3.29 -12.36
N THR A 89 -3.30 -3.52 -13.66
CA THR A 89 -4.18 -2.99 -14.70
C THR A 89 -5.52 -3.67 -14.60
N GLU A 90 -5.47 -4.99 -14.51
CA GLU A 90 -6.65 -5.81 -14.48
C GLU A 90 -6.36 -6.86 -13.44
N ALA A 91 -7.42 -7.43 -12.93
CA ALA A 91 -7.32 -8.45 -11.90
C ALA A 91 -7.09 -9.79 -12.60
N PRO A 92 -6.44 -10.76 -11.92
CA PRO A 92 -6.27 -12.06 -12.57
C PRO A 92 -7.61 -12.77 -12.80
N VAL A 93 -7.66 -13.56 -13.86
CA VAL A 93 -8.91 -14.14 -14.37
C VAL A 93 -9.57 -15.30 -13.58
N ASP A 94 -8.90 -15.81 -12.55
CA ASP A 94 -9.40 -17.00 -11.84
C ASP A 94 -9.51 -16.83 -10.32
N ASP A 95 -10.76 -16.85 -9.82
CA ASP A 95 -11.14 -16.79 -8.38
C ASP A 95 -10.12 -16.24 -7.36
N TRP A 96 -9.51 -15.12 -7.69
CA TRP A 96 -8.53 -14.51 -6.83
C TRP A 96 -9.20 -13.89 -5.60
N GLU A 97 -10.50 -13.70 -5.64
CA GLU A 97 -11.22 -13.13 -4.51
C GLU A 97 -11.15 -14.05 -3.29
N GLU A 98 -11.07 -15.36 -3.50
CA GLU A 98 -10.88 -16.29 -2.38
C GLU A 98 -9.57 -15.92 -1.68
N ILE A 99 -8.59 -15.53 -2.47
CA ILE A 99 -7.27 -15.17 -1.95
C ILE A 99 -7.40 -13.89 -1.12
N ALA A 100 -8.19 -12.94 -1.61
CA ALA A 100 -8.37 -11.66 -0.93
C ALA A 100 -9.01 -11.83 0.45
N LYS A 101 -9.86 -12.84 0.57
CA LYS A 101 -10.58 -13.12 1.83
C LYS A 101 -9.75 -14.05 2.72
N LYS A 102 -8.56 -14.39 2.24
CA LYS A 102 -7.67 -15.33 2.93
C LYS A 102 -6.39 -14.65 3.42
N THR A 103 -6.30 -14.36 4.70
CA THR A 103 -5.06 -13.83 5.27
C THR A 103 -4.05 -14.96 5.18
N PHE A 104 -2.91 -14.68 4.59
CA PHE A 104 -1.85 -15.68 4.45
C PHE A 104 -1.06 -15.67 5.74
N GLU A 105 -1.04 -16.77 6.47
CA GLU A 105 -0.29 -16.83 7.73
C GLU A 105 0.84 -17.83 7.65
N LYS A 106 1.99 -17.42 8.15
CA LYS A 106 3.20 -18.21 8.14
C LYS A 106 4.01 -17.95 9.41
N GLY A 107 3.70 -18.66 10.49
CA GLY A 107 4.44 -18.48 11.73
C GLY A 107 4.26 -17.09 12.31
N THR A 108 5.34 -16.32 12.31
CA THR A 108 5.33 -14.95 12.86
C THR A 108 4.80 -13.93 11.84
N VAL A 109 4.24 -14.42 10.75
CA VAL A 109 3.76 -13.57 9.67
C VAL A 109 2.28 -13.79 9.38
N SER A 110 1.62 -12.70 9.02
CA SER A 110 0.26 -12.71 8.49
C SER A 110 0.40 -11.71 7.34
N VAL A 111 -0.27 -11.91 6.22
CA VAL A 111 -0.19 -10.97 5.11
C VAL A 111 -1.56 -10.77 4.52
N GLU A 112 -1.91 -9.53 4.26
CA GLU A 112 -3.19 -9.22 3.66
C GLU A 112 -2.90 -8.99 2.16
N PRO A 113 -3.43 -9.86 1.27
CA PRO A 113 -3.19 -9.73 -0.17
C PRO A 113 -4.10 -8.71 -0.87
N ALA A 114 -3.98 -7.46 -0.48
CA ALA A 114 -4.80 -6.39 -1.05
C ALA A 114 -4.35 -6.12 -2.49
N ILE A 115 -5.28 -5.76 -3.35
CA ILE A 115 -4.99 -5.50 -4.75
C ILE A 115 -5.92 -4.41 -5.27
N VAL A 116 -5.36 -3.49 -6.05
CA VAL A 116 -6.14 -2.44 -6.69
C VAL A 116 -6.13 -2.75 -8.18
N ARG A 117 -7.29 -3.07 -8.74
CA ARG A 117 -7.41 -3.33 -10.18
C ARG A 117 -7.87 -2.03 -10.82
N GLY A 118 -7.28 -1.68 -11.95
CA GLY A 118 -7.60 -0.43 -12.63
C GLY A 118 -9.03 -0.34 -13.11
N THR A 119 -9.67 -1.49 -13.27
CA THR A 119 -11.04 -1.58 -13.79
C THR A 119 -12.08 -0.83 -12.97
N MET A 120 -11.85 -0.76 -11.66
CA MET A 120 -12.77 -0.09 -10.75
C MET A 120 -11.96 0.66 -9.72
N LEU A 121 -10.82 1.15 -10.19
CA LEU A 121 -9.80 1.77 -9.34
C LEU A 121 -10.30 2.72 -8.25
N ARG A 122 -11.26 3.58 -8.54
CA ARG A 122 -11.70 4.56 -7.54
C ARG A 122 -12.26 3.90 -6.29
N ASP A 123 -13.19 2.99 -6.48
CA ASP A 123 -13.83 2.29 -5.37
C ASP A 123 -12.89 1.25 -4.75
N ASP A 124 -12.09 0.62 -5.59
CA ASP A 124 -11.17 -0.42 -5.15
C ASP A 124 -10.07 0.15 -4.27
N LEU A 125 -9.62 1.35 -4.59
CA LEU A 125 -8.56 2.00 -3.83
C LEU A 125 -9.05 2.38 -2.44
N GLN A 126 -10.26 2.93 -2.34
CA GLN A 126 -10.74 3.38 -1.03
C GLN A 126 -11.05 2.20 -0.13
N ALA A 127 -11.14 1.01 -0.71
CA ALA A 127 -11.37 -0.19 0.08
C ALA A 127 -10.10 -0.57 0.86
N VAL A 128 -8.94 -0.31 0.27
CA VAL A 128 -7.66 -0.63 0.95
C VAL A 128 -7.12 0.60 1.70
N PHE A 129 -7.30 1.79 1.13
CA PHE A 129 -6.86 3.03 1.77
C PHE A 129 -8.03 4.03 1.87
N PRO A 130 -8.94 3.83 2.85
CA PRO A 130 -10.07 4.76 2.96
C PRO A 130 -9.68 6.15 3.45
N SER A 131 -8.43 6.31 3.87
CA SER A 131 -7.90 7.60 4.31
C SER A 131 -7.43 8.46 3.14
N PHE A 132 -7.38 7.87 1.95
CA PHE A 132 -6.90 8.58 0.77
C PHE A 132 -7.99 9.46 0.16
N ARG A 133 -7.61 10.64 -0.30
CA ARG A 133 -8.55 11.58 -0.90
C ARG A 133 -8.74 11.30 -2.38
N THR A 134 -9.98 11.14 -2.80
CA THR A 134 -10.31 10.93 -4.21
C THR A 134 -9.94 12.16 -5.02
N GLU A 135 -9.84 13.30 -4.35
CA GLU A 135 -9.49 14.56 -4.98
C GLU A 135 -8.02 14.58 -5.42
N ASP A 136 -7.22 13.71 -4.82
CA ASP A 136 -5.80 13.62 -5.18
C ASP A 136 -5.63 12.56 -6.27
N CYS A 137 -6.74 12.04 -6.77
CA CYS A 137 -6.74 11.08 -7.86
C CYS A 137 -7.94 11.35 -8.77
N SER A 138 -8.22 12.63 -9.00
CA SER A 138 -9.33 13.03 -9.85
C SER A 138 -9.12 12.50 -11.26
N GLU A 139 -10.22 12.14 -11.92
CA GLU A 139 -10.19 11.57 -13.27
C GLU A 139 -9.58 12.51 -14.30
N GLU A 140 -9.84 13.79 -14.10
CA GLU A 140 -9.31 14.86 -14.96
C GLU A 140 -7.78 14.84 -14.95
N HIS A 141 -7.20 14.47 -13.82
CA HIS A 141 -5.77 14.49 -13.63
C HIS A 141 -5.13 13.11 -13.84
N ALA A 142 -5.88 12.15 -14.37
CA ALA A 142 -5.37 10.79 -14.57
C ALA A 142 -4.43 10.63 -15.79
N SER A 143 -4.01 11.73 -16.40
CA SER A 143 -3.13 11.68 -17.57
C SER A 143 -1.79 11.01 -17.28
N PHE A 144 -1.21 10.40 -18.31
CA PHE A 144 0.09 9.75 -18.21
C PHE A 144 1.18 10.78 -17.84
N GLU A 145 0.96 12.03 -18.23
CA GLU A 145 1.90 13.10 -17.91
C GLU A 145 1.91 13.29 -16.41
N ASN A 146 0.73 13.30 -15.81
CA ASN A 146 0.58 13.50 -14.38
C ASN A 146 1.09 12.29 -13.60
N ALA A 147 1.11 11.13 -14.23
CA ALA A 147 1.66 9.93 -13.59
C ALA A 147 3.15 10.16 -13.31
N GLN A 148 3.83 10.84 -14.23
CA GLN A 148 5.25 11.13 -14.08
C GLN A 148 5.43 12.22 -13.03
N MET A 149 4.56 13.22 -13.05
CA MET A 149 4.61 14.31 -12.07
C MET A 149 4.32 13.78 -10.66
N ALA A 150 3.50 12.74 -10.56
CA ALA A 150 3.19 12.14 -9.26
C ALA A 150 4.47 11.55 -8.65
N ARG A 151 5.31 10.96 -9.50
CA ARG A 151 6.60 10.41 -9.02
C ARG A 151 7.49 11.55 -8.58
N GLU A 152 7.56 12.59 -9.38
CA GLU A 152 8.43 13.72 -9.07
C GLU A 152 7.99 14.36 -7.74
N ARG A 153 6.69 14.50 -7.58
CA ARG A 153 6.10 15.02 -6.35
C ARG A 153 6.52 14.14 -5.18
N PHE A 154 6.45 12.83 -5.36
CA PHE A 154 6.83 11.90 -4.30
C PHE A 154 8.31 12.00 -3.91
N LEU A 155 9.19 12.15 -4.88
CA LEU A 155 10.63 12.24 -4.58
C LEU A 155 10.90 13.52 -3.76
N SER A 156 10.13 14.56 -4.01
CA SER A 156 10.24 15.79 -3.22
C SER A 156 9.59 15.60 -1.84
N LEU A 157 8.50 14.83 -1.83
CA LEU A 157 7.69 14.59 -0.64
C LEU A 157 8.43 13.83 0.45
N VAL A 158 9.28 12.86 0.11
CA VAL A 158 9.98 12.10 1.14
C VAL A 158 10.85 13.02 2.01
N LEU A 159 11.48 14.04 1.43
CA LEU A 159 12.25 14.98 2.24
C LEU A 159 11.30 15.86 3.03
N LYS A 160 10.20 16.23 2.40
CA LYS A 160 9.17 17.05 3.06
C LYS A 160 8.60 16.37 4.30
N GLN A 161 8.58 15.04 4.31
CA GLN A 161 8.07 14.28 5.45
C GLN A 161 8.81 14.69 6.74
N GLU A 162 10.05 15.13 6.64
CA GLU A 162 10.82 15.52 7.83
C GLU A 162 10.24 16.79 8.45
N GLU A 163 9.84 17.71 7.60
CA GLU A 163 9.21 18.94 8.07
C GLU A 163 7.86 18.61 8.69
N GLN A 164 7.15 17.67 8.08
CA GLN A 164 5.84 17.27 8.59
C GLN A 164 5.86 16.47 9.90
N ARG A 165 6.76 15.49 10.02
CA ARG A 165 6.74 14.60 11.19
C ARG A 165 7.07 15.29 12.52
N LYS A 166 7.74 16.43 12.47
CA LYS A 166 8.07 17.16 13.69
C LYS A 166 6.84 17.78 14.35
N THR A 167 5.75 17.90 13.61
CA THR A 167 4.53 18.56 14.10
C THR A 167 3.82 17.80 15.22
N GLU A 168 4.18 16.54 15.43
CA GLU A 168 3.58 15.72 16.50
C GLU A 168 3.71 16.38 17.89
N ALA A 169 4.71 17.25 18.04
CA ALA A 169 4.92 17.98 19.29
C ALA A 169 3.68 18.84 19.67
N ALA A 170 2.85 19.16 18.69
CA ALA A 170 1.61 19.88 18.91
C ALA A 170 0.49 18.87 18.68
N VAL A 171 -0.13 18.40 19.76
CA VAL A 171 -1.17 17.37 19.66
C VAL A 171 -2.39 17.83 18.86
N PHE A 172 -2.94 16.90 18.09
CA PHE A 172 -4.12 17.13 17.26
C PHE A 172 -4.85 15.80 17.17
N GLN A 173 -6.06 15.80 16.64
CA GLN A 173 -6.82 14.57 16.45
C GLN A 173 -7.64 14.70 15.16
N ASN A 174 -7.68 13.62 14.39
CA ASN A 174 -8.42 13.58 13.13
C ASN A 174 -8.71 12.12 12.81
N GLY A 175 -9.68 11.87 11.95
CA GLY A 175 -10.00 10.50 11.56
C GLY A 175 -11.47 10.36 11.23
N LYS A 176 -11.89 9.13 10.97
CA LYS A 176 -13.29 8.80 10.69
C LYS A 176 -13.40 7.33 11.07
N LEU A 177 -14.62 6.82 11.14
CA LEU A 177 -14.83 5.41 11.48
C LEU A 177 -15.87 4.85 10.53
N GLU A 178 -15.68 3.61 10.12
CA GLU A 178 -16.60 2.88 9.25
C GLU A 178 -16.48 1.42 9.67
N ARG A 179 -17.36 0.56 9.14
CA ARG A 179 -17.35 -0.86 9.49
C ARG A 179 -18.04 -1.63 8.38
N GLU A 180 -17.64 -2.88 8.20
CA GLU A 180 -18.24 -3.78 7.22
C GLU A 180 -18.58 -5.08 7.94
N ASN A 181 -19.34 -5.95 7.30
CA ASN A 181 -19.66 -7.26 7.84
C ASN A 181 -19.94 -8.18 6.67
N LEU A 182 -19.79 -9.48 6.88
CA LEU A 182 -20.07 -10.47 5.85
C LEU A 182 -20.75 -11.64 6.55
N TYR A 183 -21.56 -12.36 5.81
CA TYR A 183 -22.31 -13.49 6.32
C TYR A 183 -22.57 -14.36 5.12
N PHE A 184 -22.96 -15.61 5.32
CA PHE A 184 -23.24 -16.53 4.22
C PHE A 184 -24.61 -17.18 4.41
N GLN A 185 -25.15 -16.98 5.60
CA GLN A 185 -26.46 -17.48 5.98
C GLN A 185 -26.74 -16.64 7.23
N MET A 1 5.30 6.59 -14.64
CA MET A 1 5.22 6.34 -16.11
C MET A 1 3.89 5.71 -16.48
N PHE A 2 3.63 4.47 -16.07
CA PHE A 2 2.37 3.81 -16.39
C PHE A 2 1.28 4.53 -15.60
N LEU A 3 0.07 4.62 -16.14
CA LEU A 3 -1.01 5.40 -15.49
C LEU A 3 -1.26 5.04 -14.01
N LEU A 4 -1.18 3.76 -13.69
CA LEU A 4 -1.37 3.26 -12.32
C LEU A 4 -0.44 3.94 -11.32
N GLU A 5 0.77 4.24 -11.76
CA GLU A 5 1.78 4.85 -10.91
C GLU A 5 1.31 6.16 -10.28
N TYR A 6 0.37 6.85 -10.91
CA TYR A 6 -0.13 8.10 -10.35
C TYR A 6 -0.71 7.84 -8.95
N THR A 7 -1.57 6.83 -8.85
CA THR A 7 -2.16 6.47 -7.57
C THR A 7 -1.13 5.81 -6.65
N TYR A 8 -0.31 4.94 -7.23
CA TYR A 8 0.72 4.19 -6.48
C TYR A 8 1.67 5.12 -5.72
N TRP A 9 2.31 6.05 -6.42
CA TRP A 9 3.26 6.96 -5.78
C TRP A 9 2.53 7.91 -4.83
N LYS A 10 1.28 8.24 -5.12
CA LYS A 10 0.53 9.11 -4.22
C LYS A 10 0.21 8.41 -2.91
N ILE A 11 -0.13 7.14 -2.94
CA ILE A 11 -0.39 6.41 -1.71
C ILE A 11 0.87 6.39 -0.89
N ALA A 12 2.00 6.07 -1.52
CA ALA A 12 3.28 6.05 -0.81
C ALA A 12 3.50 7.42 -0.16
N ALA A 13 3.19 8.48 -0.91
CA ALA A 13 3.34 9.83 -0.40
C ALA A 13 2.42 10.11 0.78
N HIS A 14 1.16 9.71 0.73
CA HIS A 14 0.24 9.99 1.82
C HIS A 14 0.75 9.34 3.09
N LEU A 15 1.15 8.09 2.98
CA LEU A 15 1.59 7.32 4.12
C LEU A 15 2.89 7.89 4.68
N VAL A 16 3.90 8.09 3.84
CA VAL A 16 5.18 8.65 4.30
C VAL A 16 4.95 9.99 5.00
N ASN A 17 4.17 10.88 4.40
CA ASN A 17 3.95 12.21 5.00
C ASN A 17 3.23 12.12 6.35
N SER A 18 2.53 11.02 6.60
CA SER A 18 1.82 10.80 7.86
C SER A 18 2.73 10.16 8.91
N GLY A 19 3.98 9.91 8.56
CA GLY A 19 4.94 9.37 9.52
C GLY A 19 5.41 7.95 9.24
N TYR A 20 4.92 7.32 8.19
CA TYR A 20 5.38 5.97 7.84
C TYR A 20 6.83 6.05 7.39
N GLY A 21 7.69 5.31 8.07
CA GLY A 21 9.10 5.33 7.75
C GLY A 21 9.38 4.47 6.55
N VAL A 22 9.84 5.08 5.46
CA VAL A 22 10.16 4.31 4.26
C VAL A 22 11.43 3.50 4.52
N ILE A 23 11.26 2.20 4.57
CA ILE A 23 12.36 1.27 4.77
C ILE A 23 13.11 1.17 3.47
N GLN A 24 12.37 1.09 2.38
CA GLN A 24 12.95 0.91 1.07
C GLN A 24 12.14 1.71 0.07
N ALA A 25 12.78 2.69 -0.55
CA ALA A 25 12.15 3.52 -1.57
C ALA A 25 13.18 3.77 -2.66
N GLY A 26 12.95 3.23 -3.85
CA GLY A 26 13.87 3.42 -4.95
C GLY A 26 13.34 2.78 -6.20
N GLU A 27 12.96 1.52 -6.07
CA GLU A 27 12.36 0.79 -7.18
C GLU A 27 10.99 1.40 -7.49
N SER A 28 10.46 1.14 -8.67
CA SER A 28 9.13 1.62 -9.05
C SER A 28 8.18 0.45 -8.88
N ASP A 29 8.79 -0.68 -8.59
CA ASP A 29 8.11 -1.96 -8.47
C ASP A 29 7.63 -2.18 -7.05
N GLU A 30 8.48 -1.91 -6.06
CA GLU A 30 8.11 -2.10 -4.66
C GLU A 30 8.62 -0.98 -3.73
N ILE A 31 7.84 -0.73 -2.68
CA ILE A 31 8.17 0.25 -1.64
C ILE A 31 7.76 -0.34 -0.29
N TRP A 32 8.65 -0.29 0.71
CA TRP A 32 8.31 -0.77 2.06
C TRP A 32 8.16 0.41 3.01
N LEU A 33 7.13 0.37 3.84
CA LEU A 33 6.84 1.40 4.83
C LEU A 33 6.59 0.76 6.19
N GLU A 34 7.26 1.26 7.22
CA GLU A 34 7.01 0.79 8.59
C GLU A 34 5.75 1.47 9.12
N ALA A 35 4.88 0.72 9.79
CA ALA A 35 3.66 1.29 10.38
C ALA A 35 4.07 2.08 11.64
N PRO A 36 3.88 3.41 11.65
CA PRO A 36 4.33 4.15 12.85
C PRO A 36 3.40 3.97 14.03
N ASP A 37 2.14 3.69 13.73
CA ASP A 37 1.09 3.51 14.72
C ASP A 37 1.18 2.14 15.37
N LYS A 38 2.02 1.28 14.81
CA LYS A 38 2.21 -0.11 15.29
C LYS A 38 0.85 -0.79 15.25
N SER A 39 0.19 -0.57 14.11
CA SER A 39 -1.13 -1.07 13.78
C SER A 39 -1.20 -2.60 13.78
N SER A 40 -2.37 -3.13 13.45
CA SER A 40 -2.61 -4.57 13.37
C SER A 40 -1.60 -5.22 12.43
N HIS A 41 -1.14 -4.46 11.44
CA HIS A 41 -0.08 -4.89 10.54
C HIS A 41 1.13 -4.05 10.89
N ASP A 42 2.28 -4.69 10.95
CA ASP A 42 3.51 -4.05 11.37
C ASP A 42 4.13 -3.24 10.25
N LEU A 43 3.92 -3.70 9.03
CA LEU A 43 4.51 -3.08 7.84
C LEU A 43 3.48 -2.98 6.73
N VAL A 44 3.77 -2.14 5.76
CA VAL A 44 2.96 -2.00 4.55
C VAL A 44 3.94 -2.10 3.39
N ARG A 45 3.59 -2.86 2.36
CA ARG A 45 4.42 -2.95 1.15
C ARG A 45 3.52 -2.60 0.00
N LEU A 46 4.02 -1.76 -0.89
CA LEU A 46 3.29 -1.38 -2.08
C LEU A 46 3.99 -2.13 -3.20
N TYR A 47 3.24 -2.83 -4.04
CA TYR A 47 3.84 -3.61 -5.11
C TYR A 47 3.06 -3.44 -6.41
N LYS A 48 3.76 -3.18 -7.51
CA LYS A 48 3.09 -3.00 -8.80
C LYS A 48 3.32 -4.22 -9.68
N HIS A 49 2.26 -4.98 -9.93
CA HIS A 49 2.34 -6.16 -10.79
C HIS A 49 0.97 -6.36 -11.43
N ASP A 50 0.94 -6.83 -12.67
CA ASP A 50 -0.33 -7.12 -13.36
C ASP A 50 -0.44 -8.65 -13.40
N LEU A 51 -1.24 -9.21 -12.52
CA LEU A 51 -1.39 -10.67 -12.46
C LEU A 51 -2.40 -11.10 -13.54
N ASP A 52 -2.08 -12.16 -14.26
CA ASP A 52 -2.99 -12.73 -15.26
C ASP A 52 -3.81 -13.82 -14.57
N PHE A 53 -3.16 -14.55 -13.66
CA PHE A 53 -3.81 -15.64 -12.94
C PHE A 53 -3.66 -15.48 -11.44
N ARG A 54 -4.63 -15.98 -10.68
CA ARG A 54 -4.53 -15.95 -9.20
C ARG A 54 -3.38 -16.81 -8.72
N GLN A 55 -2.89 -17.66 -9.61
CA GLN A 55 -1.77 -18.52 -9.27
C GLN A 55 -0.55 -17.65 -8.99
N GLU A 56 -0.42 -16.57 -9.72
CA GLU A 56 0.70 -15.66 -9.55
C GLU A 56 0.49 -14.88 -8.27
N MET A 57 -0.75 -14.47 -8.01
CA MET A 57 -1.07 -13.74 -6.79
C MET A 57 -0.69 -14.55 -5.55
N VAL A 58 -1.07 -15.83 -5.48
CA VAL A 58 -0.74 -16.65 -4.30
C VAL A 58 0.77 -16.91 -4.18
N ARG A 59 1.43 -17.00 -5.33
CA ARG A 59 2.88 -17.26 -5.36
C ARG A 59 3.62 -16.08 -4.79
N ASP A 60 3.17 -14.88 -5.12
CA ASP A 60 3.79 -13.67 -4.62
C ASP A 60 3.73 -13.64 -3.10
N ILE A 61 2.64 -14.12 -2.51
CA ILE A 61 2.52 -14.10 -1.06
C ILE A 61 3.59 -14.97 -0.37
N GLU A 62 4.03 -16.04 -1.01
CA GLU A 62 5.09 -16.87 -0.43
C GLU A 62 6.36 -16.03 -0.32
N GLU A 63 6.59 -15.18 -1.31
CA GLU A 63 7.75 -14.28 -1.32
C GLU A 63 7.54 -13.18 -0.28
N GLN A 64 6.32 -12.68 -0.15
CA GLN A 64 6.03 -11.66 0.86
C GLN A 64 6.43 -12.24 2.20
N ALA A 65 5.97 -13.45 2.47
CA ALA A 65 6.24 -14.10 3.72
C ALA A 65 7.73 -14.44 3.92
N GLU A 66 8.47 -14.64 2.84
CA GLU A 66 9.93 -14.87 2.94
C GLU A 66 10.59 -13.61 3.49
N ARG A 67 10.21 -12.47 2.95
CA ARG A 67 10.78 -11.20 3.41
C ARG A 67 10.33 -10.95 4.84
N VAL A 68 9.06 -11.21 5.11
CA VAL A 68 8.49 -10.98 6.43
C VAL A 68 9.10 -11.90 7.49
N GLU A 69 9.34 -13.18 7.20
CA GLU A 69 9.94 -14.06 8.21
C GLU A 69 11.39 -13.65 8.49
N ARG A 70 12.07 -13.15 7.45
CA ARG A 70 13.44 -12.67 7.61
C ARG A 70 13.45 -11.46 8.55
N VAL A 71 12.49 -10.56 8.38
CA VAL A 71 12.35 -9.40 9.26
C VAL A 71 11.92 -9.86 10.66
N ARG A 72 11.00 -10.81 10.72
CA ARG A 72 10.49 -11.35 11.99
C ARG A 72 11.61 -11.90 12.85
N HIS A 73 12.55 -12.60 12.22
CA HIS A 73 13.68 -13.18 12.94
C HIS A 73 14.52 -12.08 13.60
N GLN A 74 14.73 -10.99 12.89
CA GLN A 74 15.55 -9.88 13.39
C GLN A 74 14.83 -9.09 14.49
N LEU A 75 13.55 -8.85 14.30
CA LEU A 75 12.75 -8.07 15.26
C LEU A 75 12.38 -8.87 16.50
N GLY A 76 12.48 -10.19 16.42
CA GLY A 76 12.17 -11.05 17.56
C GLY A 76 10.68 -11.11 17.88
N ARG A 77 9.86 -10.53 17.02
CA ARG A 77 8.41 -10.53 17.24
C ARG A 77 7.89 -11.94 17.15
N ARG A 78 6.95 -12.27 18.03
CA ARG A 78 6.39 -13.63 18.06
C ARG A 78 5.67 -13.99 16.77
N ARG A 79 5.07 -12.98 16.12
CA ARG A 79 4.39 -13.16 14.83
C ARG A 79 4.50 -11.81 14.13
N MET A 80 4.47 -11.79 12.80
CA MET A 80 4.53 -10.52 12.06
C MET A 80 3.31 -10.43 11.14
N LYS A 81 2.85 -9.21 10.86
CA LYS A 81 1.77 -8.99 9.89
C LYS A 81 2.20 -7.97 8.87
N LEU A 82 1.81 -8.16 7.61
CA LEU A 82 2.22 -7.29 6.52
C LEU A 82 1.08 -7.09 5.52
N LEU A 83 0.75 -5.82 5.26
CA LEU A 83 -0.27 -5.47 4.29
C LEU A 83 0.41 -5.27 2.93
N ASN A 84 0.21 -6.19 2.00
CA ASN A 84 0.80 -6.08 0.66
C ASN A 84 -0.23 -5.60 -0.34
N VAL A 85 -0.07 -4.38 -0.84
CA VAL A 85 -1.05 -3.81 -1.78
C VAL A 85 -0.57 -3.89 -3.23
N PHE A 86 -1.18 -4.78 -3.98
CA PHE A 86 -0.90 -4.91 -5.40
C PHE A 86 -1.58 -3.75 -6.15
N PHE A 87 -0.90 -3.20 -7.13
CA PHE A 87 -1.49 -2.20 -8.02
C PHE A 87 -1.45 -2.80 -9.41
N SER A 88 -2.63 -3.08 -9.95
CA SER A 88 -2.76 -3.80 -11.22
C SER A 88 -3.66 -3.08 -12.21
N THR A 89 -3.44 -3.34 -13.48
CA THR A 89 -4.25 -2.74 -14.55
C THR A 89 -5.66 -3.29 -14.46
N GLU A 90 -5.74 -4.59 -14.36
CA GLU A 90 -6.98 -5.31 -14.32
C GLU A 90 -6.71 -6.43 -13.36
N ALA A 91 -7.74 -7.15 -12.99
CA ALA A 91 -7.63 -8.22 -12.02
C ALA A 91 -7.35 -9.54 -12.77
N PRO A 92 -6.65 -10.49 -12.13
CA PRO A 92 -6.44 -11.78 -12.80
C PRO A 92 -7.75 -12.51 -13.07
N VAL A 93 -7.76 -13.32 -14.13
CA VAL A 93 -8.98 -13.89 -14.70
C VAL A 93 -9.86 -14.86 -13.89
N ASP A 94 -9.36 -15.48 -12.82
CA ASP A 94 -10.19 -16.47 -12.11
C ASP A 94 -9.92 -16.61 -10.61
N ASP A 95 -11.02 -16.73 -9.86
CA ASP A 95 -11.10 -16.96 -8.38
C ASP A 95 -10.07 -16.26 -7.47
N TRP A 96 -9.51 -15.16 -7.92
CA TRP A 96 -8.54 -14.42 -7.12
C TRP A 96 -9.21 -13.81 -5.90
N GLU A 97 -10.51 -13.62 -5.97
CA GLU A 97 -11.24 -13.01 -4.85
C GLU A 97 -11.12 -13.83 -3.58
N GLU A 98 -11.02 -15.16 -3.71
CA GLU A 98 -10.83 -16.00 -2.53
C GLU A 98 -9.55 -15.57 -1.82
N ILE A 99 -8.55 -15.20 -2.61
CA ILE A 99 -7.23 -14.87 -2.09
C ILE A 99 -7.28 -13.59 -1.25
N ALA A 100 -8.07 -12.61 -1.66
CA ALA A 100 -8.21 -11.37 -0.90
C ALA A 100 -9.09 -11.56 0.34
N LYS A 101 -9.82 -12.67 0.36
CA LYS A 101 -10.74 -12.98 1.46
C LYS A 101 -10.11 -13.96 2.43
N LYS A 102 -8.87 -14.32 2.21
CA LYS A 102 -8.16 -15.25 3.09
C LYS A 102 -6.87 -14.64 3.61
N THR A 103 -6.53 -14.96 4.84
CA THR A 103 -5.24 -14.56 5.38
C THR A 103 -4.27 -15.57 4.82
N PHE A 104 -3.04 -15.15 4.57
CA PHE A 104 -2.00 -16.07 4.18
C PHE A 104 -1.10 -16.16 5.39
N GLU A 105 -0.87 -17.36 5.90
CA GLU A 105 -0.01 -17.52 7.05
C GLU A 105 1.07 -18.53 6.73
N LYS A 106 2.30 -18.14 7.03
CA LYS A 106 3.47 -19.00 6.81
C LYS A 106 4.18 -19.15 8.15
N GLY A 107 3.60 -19.96 9.03
CA GLY A 107 4.21 -20.16 10.32
C GLY A 107 3.97 -18.97 11.22
N THR A 108 5.04 -18.26 11.54
CA THR A 108 4.98 -17.10 12.44
C THR A 108 4.81 -15.80 11.64
N VAL A 109 4.31 -15.94 10.43
CA VAL A 109 4.05 -14.81 9.54
C VAL A 109 2.59 -14.83 9.14
N SER A 110 1.99 -13.66 9.07
CA SER A 110 0.67 -13.48 8.51
C SER A 110 0.84 -12.38 7.48
N VAL A 111 0.17 -12.50 6.34
CA VAL A 111 0.20 -11.50 5.29
C VAL A 111 -1.24 -11.33 4.84
N GLU A 112 -1.64 -10.09 4.61
CA GLU A 112 -2.96 -9.80 4.10
C GLU A 112 -2.79 -9.20 2.70
N PRO A 113 -3.25 -9.90 1.66
CA PRO A 113 -3.13 -9.27 0.35
C PRO A 113 -4.21 -8.21 0.15
N ALA A 114 -3.93 -7.27 -0.74
CA ALA A 114 -4.89 -6.25 -1.10
C ALA A 114 -4.55 -5.95 -2.56
N ILE A 115 -5.52 -5.57 -3.38
CA ILE A 115 -5.25 -5.32 -4.80
C ILE A 115 -6.15 -4.21 -5.30
N VAL A 116 -5.58 -3.31 -6.08
CA VAL A 116 -6.30 -2.23 -6.70
C VAL A 116 -6.27 -2.49 -8.21
N ARG A 117 -7.42 -2.70 -8.83
CA ARG A 117 -7.47 -2.90 -10.27
C ARG A 117 -7.94 -1.57 -10.83
N GLY A 118 -7.38 -1.14 -11.95
CA GLY A 118 -7.71 0.16 -12.51
C GLY A 118 -9.18 0.30 -12.90
N THR A 119 -9.84 -0.82 -13.13
CA THR A 119 -11.23 -0.86 -13.55
C THR A 119 -12.20 -0.23 -12.56
N MET A 120 -11.89 -0.33 -11.28
CA MET A 120 -12.73 0.24 -10.24
C MET A 120 -11.83 0.80 -9.15
N LEU A 121 -10.76 1.42 -9.62
CA LEU A 121 -9.71 1.94 -8.76
C LEU A 121 -10.19 2.66 -7.50
N ARG A 122 -11.17 3.55 -7.63
CA ARG A 122 -11.65 4.31 -6.45
C ARG A 122 -12.20 3.42 -5.35
N ASP A 123 -12.90 2.35 -5.72
CA ASP A 123 -13.55 1.49 -4.73
C ASP A 123 -12.51 0.66 -4.00
N ASP A 124 -11.56 0.11 -4.74
CA ASP A 124 -10.51 -0.70 -4.12
C ASP A 124 -9.67 0.17 -3.22
N LEU A 125 -9.39 1.37 -3.69
CA LEU A 125 -8.53 2.27 -2.96
C LEU A 125 -9.15 2.66 -1.62
N GLN A 126 -10.45 2.96 -1.58
CA GLN A 126 -11.08 3.33 -0.31
C GLN A 126 -11.25 2.12 0.60
N ALA A 127 -11.20 0.91 0.03
CA ALA A 127 -11.35 -0.30 0.83
C ALA A 127 -10.05 -0.56 1.60
N VAL A 128 -8.92 -0.22 1.00
CA VAL A 128 -7.61 -0.43 1.63
C VAL A 128 -7.22 0.81 2.44
N PHE A 129 -7.47 1.97 1.87
CA PHE A 129 -7.13 3.24 2.51
C PHE A 129 -8.37 4.15 2.56
N PRO A 130 -9.28 3.92 3.54
CA PRO A 130 -10.49 4.76 3.58
C PRO A 130 -10.24 6.22 3.91
N SER A 131 -9.04 6.53 4.40
CA SER A 131 -8.66 7.89 4.72
C SER A 131 -8.15 8.66 3.49
N PHE A 132 -8.19 8.03 2.33
CA PHE A 132 -7.73 8.65 1.10
C PHE A 132 -8.66 9.78 0.68
N ARG A 133 -8.08 10.92 0.35
CA ARG A 133 -8.85 12.06 -0.14
C ARG A 133 -9.18 11.77 -1.59
N THR A 134 -10.43 11.43 -1.86
CA THR A 134 -10.86 11.11 -3.22
C THR A 134 -10.69 12.32 -4.15
N GLU A 135 -10.67 13.51 -3.57
CA GLU A 135 -10.45 14.75 -4.31
C GLU A 135 -9.05 14.83 -4.96
N ASP A 136 -8.11 14.05 -4.42
CA ASP A 136 -6.72 14.06 -4.92
C ASP A 136 -6.59 13.18 -6.16
N CYS A 137 -7.73 12.69 -6.65
CA CYS A 137 -7.79 11.85 -7.84
C CYS A 137 -8.85 12.43 -8.77
N SER A 138 -8.44 12.91 -9.93
CA SER A 138 -9.37 13.53 -10.88
C SER A 138 -8.96 13.10 -12.29
N GLU A 139 -9.89 13.19 -13.23
CA GLU A 139 -9.63 12.81 -14.63
C GLU A 139 -8.65 13.79 -15.27
N GLU A 140 -8.55 14.97 -14.65
CA GLU A 140 -7.62 16.03 -15.04
C GLU A 140 -6.17 15.51 -14.99
N HIS A 141 -5.94 14.53 -14.14
CA HIS A 141 -4.61 13.97 -13.93
C HIS A 141 -4.55 12.49 -14.33
N ALA A 142 -5.53 12.02 -15.07
CA ALA A 142 -5.60 10.62 -15.46
C ALA A 142 -4.72 10.30 -16.70
N SER A 143 -3.46 10.69 -16.67
CA SER A 143 -2.56 10.42 -17.80
C SER A 143 -1.23 9.83 -17.37
N PHE A 144 -0.54 9.25 -18.33
CA PHE A 144 0.76 8.64 -18.12
C PHE A 144 1.79 9.72 -17.76
N GLU A 145 1.58 10.94 -18.24
CA GLU A 145 2.51 12.03 -17.96
C GLU A 145 2.38 12.46 -16.50
N ASN A 146 1.16 12.53 -16.00
CA ASN A 146 0.93 12.89 -14.60
C ASN A 146 1.52 11.81 -13.71
N ALA A 147 1.47 10.58 -14.18
CA ALA A 147 2.03 9.45 -13.46
C ALA A 147 3.56 9.56 -13.32
N GLN A 148 4.24 10.19 -14.28
CA GLN A 148 5.68 10.40 -14.15
C GLN A 148 5.93 11.42 -13.04
N MET A 149 5.15 12.49 -13.06
CA MET A 149 5.29 13.57 -12.08
C MET A 149 5.00 13.05 -10.66
N ALA A 150 4.16 12.03 -10.55
CA ALA A 150 3.84 11.46 -9.25
C ALA A 150 5.09 10.87 -8.56
N ARG A 151 5.99 10.29 -9.33
CA ARG A 151 7.22 9.74 -8.75
C ARG A 151 8.08 10.85 -8.20
N GLU A 152 8.21 11.92 -8.98
CA GLU A 152 9.04 13.04 -8.58
C GLU A 152 8.44 13.70 -7.34
N ARG A 153 7.11 13.77 -7.32
CA ARG A 153 6.37 14.31 -6.20
C ARG A 153 6.69 13.51 -4.94
N PHE A 154 6.68 12.19 -5.04
CA PHE A 154 6.99 11.34 -3.89
C PHE A 154 8.45 11.44 -3.46
N LEU A 155 9.38 11.41 -4.40
CA LEU A 155 10.80 11.43 -4.03
C LEU A 155 11.14 12.72 -3.28
N SER A 156 10.58 13.83 -3.73
CA SER A 156 10.80 15.10 -3.02
C SER A 156 10.03 15.10 -1.69
N LEU A 157 8.86 14.48 -1.68
CA LEU A 157 8.02 14.39 -0.47
C LEU A 157 8.73 13.63 0.65
N VAL A 158 9.53 12.62 0.33
CA VAL A 158 10.24 11.87 1.37
C VAL A 158 11.11 12.81 2.22
N LEU A 159 11.87 13.69 1.59
CA LEU A 159 12.69 14.63 2.33
C LEU A 159 11.79 15.70 2.93
N LYS A 160 10.77 16.09 2.18
CA LYS A 160 9.79 17.06 2.65
C LYS A 160 9.12 16.60 3.95
N GLN A 161 9.08 15.31 4.20
CA GLN A 161 8.47 14.76 5.42
C GLN A 161 9.11 15.42 6.64
N GLU A 162 10.38 15.76 6.54
CA GLU A 162 11.08 16.39 7.66
C GLU A 162 10.42 17.73 8.00
N GLU A 163 9.98 18.43 6.97
CA GLU A 163 9.23 19.68 7.13
C GLU A 163 7.78 19.38 7.55
N GLN A 164 7.14 18.41 6.88
CA GLN A 164 5.74 18.06 7.13
C GLN A 164 5.48 17.72 8.59
N ARG A 165 6.38 16.98 9.22
CA ARG A 165 6.20 16.58 10.61
C ARG A 165 6.22 17.78 11.56
N LYS A 166 6.80 18.89 11.14
CA LYS A 166 6.79 20.11 11.96
C LYS A 166 5.41 20.76 11.85
N THR A 167 4.89 20.77 10.63
CA THR A 167 3.58 21.37 10.34
C THR A 167 2.43 20.54 10.88
N GLU A 168 2.67 19.25 11.07
CA GLU A 168 1.66 18.31 11.58
C GLU A 168 1.08 18.76 12.92
N ALA A 169 1.91 19.38 13.75
CA ALA A 169 1.48 19.89 15.05
C ALA A 169 0.37 20.95 14.94
N ALA A 170 0.15 21.49 13.75
CA ALA A 170 -0.86 22.53 13.53
C ALA A 170 -1.95 22.16 12.53
N VAL A 171 -2.05 20.90 12.09
CA VAL A 171 -3.09 20.56 11.11
C VAL A 171 -4.40 20.25 11.83
N PHE A 172 -5.50 20.67 11.23
CA PHE A 172 -6.83 20.45 11.80
C PHE A 172 -7.87 20.02 10.75
N GLN A 173 -7.65 20.41 9.49
CA GLN A 173 -8.51 20.09 8.33
C GLN A 173 -9.94 20.68 8.34
N ASN A 174 -10.62 20.61 9.47
CA ASN A 174 -11.97 21.17 9.68
C ASN A 174 -13.05 20.62 8.74
N GLY A 175 -12.85 19.41 8.24
CA GLY A 175 -13.82 18.79 7.36
C GLY A 175 -13.32 17.42 6.98
N LYS A 176 -14.13 16.65 6.26
CA LYS A 176 -13.75 15.30 5.83
C LYS A 176 -14.63 14.90 4.66
N LEU A 177 -14.22 13.85 3.96
CA LEU A 177 -15.00 13.25 2.89
C LEU A 177 -14.56 11.80 2.98
N GLU A 178 -15.50 10.87 2.98
CA GLU A 178 -15.20 9.46 3.13
C GLU A 178 -16.37 8.69 2.54
N ARG A 179 -16.12 7.43 2.15
CA ARG A 179 -17.14 6.54 1.58
C ARG A 179 -18.00 7.15 0.47
N GLU A 180 -17.57 7.02 -0.77
CA GLU A 180 -18.44 7.34 -1.90
C GLU A 180 -18.06 6.49 -3.10
N ASN A 181 -18.99 5.64 -3.50
CA ASN A 181 -18.80 4.68 -4.57
C ASN A 181 -20.17 4.14 -4.98
N LEU A 182 -20.23 3.54 -6.15
CA LEU A 182 -21.43 2.88 -6.63
C LEU A 182 -20.96 1.80 -7.58
N TYR A 183 -21.68 0.69 -7.63
CA TYR A 183 -21.32 -0.46 -8.45
C TYR A 183 -22.63 -1.02 -8.99
N PHE A 184 -22.53 -1.86 -10.01
CA PHE A 184 -23.69 -2.44 -10.67
C PHE A 184 -23.21 -3.71 -11.33
N GLN A 185 -24.15 -4.48 -11.88
CA GLN A 185 -23.85 -5.74 -12.57
C GLN A 185 -24.95 -5.89 -13.61
N MET A 1 5.34 6.86 -15.62
CA MET A 1 4.62 6.49 -16.87
C MET A 1 3.43 5.63 -16.53
N PHE A 2 2.59 5.31 -17.53
CA PHE A 2 1.37 4.49 -17.36
C PHE A 2 0.33 5.14 -16.42
N LEU A 3 -0.90 4.65 -16.48
CA LEU A 3 -1.97 5.17 -15.63
C LEU A 3 -1.76 4.74 -14.17
N LEU A 4 -1.40 3.47 -13.98
CA LEU A 4 -1.29 2.90 -12.64
C LEU A 4 -0.26 3.54 -11.73
N GLU A 5 0.87 4.00 -12.26
CA GLU A 5 1.87 4.65 -11.42
C GLU A 5 1.26 5.88 -10.77
N TYR A 6 0.31 6.54 -11.43
CA TYR A 6 -0.30 7.73 -10.86
C TYR A 6 -0.96 7.39 -9.54
N THR A 7 -1.79 6.36 -9.54
CA THR A 7 -2.47 5.93 -8.32
C THR A 7 -1.47 5.44 -7.29
N TYR A 8 -0.49 4.69 -7.75
CA TYR A 8 0.53 4.13 -6.89
C TYR A 8 1.31 5.21 -6.15
N TRP A 9 1.82 6.22 -6.86
CA TRP A 9 2.59 7.28 -6.20
C TRP A 9 1.69 8.20 -5.40
N LYS A 10 0.43 8.35 -5.80
CA LYS A 10 -0.53 9.16 -5.01
C LYS A 10 -0.76 8.52 -3.66
N ILE A 11 -0.94 7.21 -3.63
CA ILE A 11 -1.15 6.49 -2.37
C ILE A 11 0.14 6.45 -1.57
N ALA A 12 1.27 6.30 -2.24
CA ALA A 12 2.54 6.33 -1.54
C ALA A 12 2.64 7.66 -0.80
N ALA A 13 2.34 8.76 -1.49
CA ALA A 13 2.38 10.08 -0.88
C ALA A 13 1.37 10.19 0.27
N HIS A 14 0.16 9.73 0.01
CA HIS A 14 -0.94 9.80 0.98
C HIS A 14 -0.56 9.16 2.32
N LEU A 15 0.02 7.96 2.29
CA LEU A 15 0.41 7.30 3.52
C LEU A 15 1.64 7.98 4.11
N VAL A 16 2.64 8.27 3.30
CA VAL A 16 3.86 8.92 3.80
C VAL A 16 3.53 10.26 4.50
N ASN A 17 2.64 11.06 3.95
CA ASN A 17 2.30 12.35 4.60
C ASN A 17 1.49 12.17 5.88
N SER A 18 1.10 10.94 6.17
CA SER A 18 0.35 10.63 7.39
C SER A 18 1.31 10.11 8.46
N GLY A 19 2.60 10.30 8.22
CA GLY A 19 3.63 9.91 9.19
C GLY A 19 4.34 8.61 8.88
N TYR A 20 3.91 7.93 7.82
CA TYR A 20 4.52 6.65 7.47
C TYR A 20 5.93 6.89 6.95
N GLY A 21 6.89 6.25 7.62
CA GLY A 21 8.28 6.44 7.25
C GLY A 21 8.67 5.48 6.15
N VAL A 22 9.28 6.00 5.10
CA VAL A 22 9.72 5.15 4.00
C VAL A 22 10.94 4.38 4.45
N ILE A 23 10.88 3.07 4.29
CA ILE A 23 11.98 2.19 4.68
C ILE A 23 12.83 1.90 3.45
N GLN A 24 12.14 1.62 2.34
CA GLN A 24 12.79 1.25 1.09
C GLN A 24 11.87 1.75 0.00
N ALA A 25 12.38 2.41 -1.03
CA ALA A 25 11.53 2.89 -2.11
C ALA A 25 12.19 2.73 -3.47
N GLY A 26 11.47 2.10 -4.39
CA GLY A 26 11.94 2.02 -5.77
C GLY A 26 12.98 0.97 -6.00
N GLU A 27 12.97 -0.09 -5.20
CA GLU A 27 13.92 -1.21 -5.37
C GLU A 27 13.76 -1.78 -6.77
N SER A 28 12.52 -1.75 -7.23
CA SER A 28 12.14 -2.14 -8.58
C SER A 28 10.80 -1.49 -8.84
N ASP A 29 9.76 -2.01 -8.20
CA ASP A 29 8.40 -1.49 -8.37
C ASP A 29 7.65 -1.43 -7.04
N GLU A 30 8.40 -1.42 -5.94
CA GLU A 30 7.82 -1.48 -4.60
C GLU A 30 8.33 -0.42 -3.62
N ILE A 31 7.54 -0.17 -2.59
CA ILE A 31 7.88 0.76 -1.50
C ILE A 31 7.44 0.16 -0.15
N TRP A 32 8.33 0.16 0.83
CA TRP A 32 8.02 -0.29 2.19
C TRP A 32 7.79 0.94 3.06
N LEU A 33 6.76 0.89 3.88
CA LEU A 33 6.42 1.99 4.79
C LEU A 33 6.21 1.45 6.21
N GLU A 34 6.73 2.17 7.19
CA GLU A 34 6.53 1.83 8.60
C GLU A 34 5.24 2.50 9.09
N ALA A 35 4.43 1.79 9.86
CA ALA A 35 3.17 2.35 10.38
C ALA A 35 3.38 3.09 11.73
N PRO A 36 3.32 4.43 11.75
CA PRO A 36 3.53 5.17 13.00
C PRO A 36 2.40 5.00 13.98
N ASP A 37 1.27 4.52 13.47
CA ASP A 37 0.10 4.27 14.28
C ASP A 37 0.36 3.14 15.24
N LYS A 38 1.30 2.27 14.88
CA LYS A 38 1.59 1.05 15.64
C LYS A 38 0.28 0.26 15.62
N SER A 39 -0.30 0.26 14.43
CA SER A 39 -1.58 -0.37 14.08
C SER A 39 -1.53 -1.89 14.16
N SER A 40 -2.65 -2.52 13.81
CA SER A 40 -2.76 -3.97 13.80
C SER A 40 -1.67 -4.58 12.93
N HIS A 41 -1.29 -3.88 11.88
CA HIS A 41 -0.17 -4.25 11.02
C HIS A 41 0.93 -3.25 11.33
N ASP A 42 2.14 -3.75 11.32
CA ASP A 42 3.29 -2.96 11.72
C ASP A 42 3.90 -2.21 10.55
N LEU A 43 3.77 -2.79 9.37
CA LEU A 43 4.37 -2.23 8.15
C LEU A 43 3.36 -2.33 7.00
N VAL A 44 3.63 -1.60 5.93
CA VAL A 44 2.81 -1.63 4.71
C VAL A 44 3.77 -1.81 3.53
N ARG A 45 3.43 -2.65 2.57
CA ARG A 45 4.25 -2.86 1.37
C ARG A 45 3.41 -2.59 0.13
N LEU A 46 3.78 -1.54 -0.60
CA LEU A 46 3.08 -1.17 -1.83
C LEU A 46 3.85 -1.80 -2.97
N TYR A 47 3.17 -2.52 -3.86
CA TYR A 47 3.85 -3.15 -5.01
C TYR A 47 3.06 -2.97 -6.31
N LYS A 48 3.63 -2.31 -7.30
CA LYS A 48 2.92 -2.14 -8.57
C LYS A 48 3.19 -3.35 -9.46
N HIS A 49 2.30 -4.32 -9.43
CA HIS A 49 2.48 -5.56 -10.18
C HIS A 49 1.14 -6.12 -10.66
N ASP A 50 1.12 -6.54 -11.90
CA ASP A 50 -0.03 -7.17 -12.55
C ASP A 50 0.04 -8.68 -12.34
N LEU A 51 -1.11 -9.34 -12.32
CA LEU A 51 -1.18 -10.78 -12.06
C LEU A 51 -2.19 -11.41 -13.02
N ASP A 52 -1.89 -12.60 -13.54
CA ASP A 52 -2.75 -13.28 -14.52
C ASP A 52 -3.75 -14.25 -13.87
N PHE A 53 -3.28 -15.06 -12.92
CA PHE A 53 -4.12 -16.05 -12.25
C PHE A 53 -3.98 -15.91 -10.74
N ARG A 54 -4.93 -16.43 -9.96
CA ARG A 54 -4.81 -16.32 -8.50
C ARG A 54 -3.63 -17.08 -7.94
N GLN A 55 -3.15 -18.08 -8.68
CA GLN A 55 -1.96 -18.80 -8.23
C GLN A 55 -0.75 -17.86 -8.24
N GLU A 56 -0.71 -16.92 -9.17
CA GLU A 56 0.38 -15.96 -9.22
C GLU A 56 0.26 -15.03 -8.02
N MET A 57 -0.97 -14.72 -7.64
CA MET A 57 -1.20 -13.87 -6.47
C MET A 57 -0.69 -14.56 -5.21
N VAL A 58 -1.07 -15.81 -4.96
CA VAL A 58 -0.63 -16.48 -3.72
C VAL A 58 0.89 -16.64 -3.72
N ARG A 59 1.46 -16.82 -4.90
CA ARG A 59 2.91 -17.00 -5.04
C ARG A 59 3.63 -15.73 -4.67
N ASP A 60 3.05 -14.59 -5.02
CA ASP A 60 3.65 -13.31 -4.70
C ASP A 60 3.74 -13.16 -3.18
N ILE A 61 2.67 -13.45 -2.46
CA ILE A 61 2.70 -13.32 -1.00
C ILE A 61 3.62 -14.38 -0.38
N GLU A 62 3.70 -15.57 -0.94
CA GLU A 62 4.63 -16.59 -0.42
C GLU A 62 6.04 -16.01 -0.46
N GLU A 63 6.33 -15.31 -1.55
CA GLU A 63 7.63 -14.69 -1.76
C GLU A 63 7.82 -13.54 -0.77
N GLN A 64 6.79 -12.71 -0.61
CA GLN A 64 6.84 -11.59 0.31
C GLN A 64 7.06 -12.01 1.76
N ALA A 65 6.38 -13.07 2.20
CA ALA A 65 6.44 -13.53 3.57
C ALA A 65 7.86 -13.88 4.01
N GLU A 66 8.68 -14.34 3.08
CA GLU A 66 10.09 -14.66 3.40
C GLU A 66 10.82 -13.38 3.81
N ARG A 67 10.54 -12.30 3.10
CA ARG A 67 11.21 -11.03 3.39
C ARG A 67 10.62 -10.47 4.68
N VAL A 68 9.34 -10.71 4.90
CA VAL A 68 8.69 -10.25 6.14
C VAL A 68 9.30 -10.97 7.34
N GLU A 69 9.52 -12.27 7.27
CA GLU A 69 10.12 -12.98 8.41
C GLU A 69 11.58 -12.55 8.61
N ARG A 70 12.29 -12.23 7.53
CA ARG A 70 13.65 -11.73 7.64
C ARG A 70 13.66 -10.39 8.40
N VAL A 71 12.74 -9.49 8.05
CA VAL A 71 12.63 -8.21 8.76
C VAL A 71 12.17 -8.44 10.19
N ARG A 72 11.22 -9.35 10.38
CA ARG A 72 10.71 -9.70 11.71
C ARG A 72 11.85 -10.14 12.63
N HIS A 73 12.82 -10.86 12.07
CA HIS A 73 13.97 -11.31 12.87
C HIS A 73 14.77 -10.12 13.39
N GLN A 74 14.95 -9.10 12.57
CA GLN A 74 15.68 -7.90 12.98
C GLN A 74 14.93 -7.16 14.08
N LEU A 75 13.61 -7.11 13.95
CA LEU A 75 12.76 -6.42 14.92
C LEU A 75 12.56 -7.24 16.20
N GLY A 76 12.99 -8.50 16.20
CA GLY A 76 12.84 -9.35 17.37
C GLY A 76 11.40 -9.68 17.72
N ARG A 77 10.49 -9.42 16.80
CA ARG A 77 9.06 -9.60 17.07
C ARG A 77 8.66 -11.06 17.10
N ARG A 78 7.65 -11.36 17.92
CA ARG A 78 7.11 -12.73 17.98
C ARG A 78 6.35 -13.04 16.70
N ARG A 79 5.72 -12.02 16.13
CA ARG A 79 4.98 -12.16 14.86
C ARG A 79 4.95 -10.79 14.20
N MET A 80 4.87 -10.76 12.87
CA MET A 80 4.77 -9.52 12.12
C MET A 80 3.45 -9.55 11.37
N LYS A 81 2.76 -8.42 11.26
CA LYS A 81 1.53 -8.35 10.44
C LYS A 81 1.82 -7.28 9.40
N LEU A 82 1.56 -7.59 8.14
CA LEU A 82 1.94 -6.72 7.02
C LEU A 82 0.80 -6.52 6.04
N LEU A 83 0.48 -5.26 5.76
CA LEU A 83 -0.54 -4.93 4.76
C LEU A 83 0.15 -4.84 3.41
N ASN A 84 -0.31 -5.62 2.44
CA ASN A 84 0.27 -5.59 1.10
C ASN A 84 -0.78 -5.11 0.12
N VAL A 85 -0.46 -4.10 -0.69
CA VAL A 85 -1.41 -3.61 -1.68
C VAL A 85 -0.80 -3.65 -3.07
N PHE A 86 -1.38 -4.45 -3.95
CA PHE A 86 -0.95 -4.53 -5.33
C PHE A 86 -1.61 -3.41 -6.13
N PHE A 87 -0.89 -2.88 -7.10
CA PHE A 87 -1.45 -1.89 -8.03
C PHE A 87 -1.30 -2.51 -9.40
N SER A 88 -2.42 -2.86 -10.02
CA SER A 88 -2.42 -3.64 -11.24
C SER A 88 -3.29 -3.02 -12.33
N THR A 89 -2.98 -3.31 -13.58
CA THR A 89 -3.79 -2.82 -14.69
C THR A 89 -5.13 -3.51 -14.61
N GLU A 90 -5.08 -4.81 -14.46
CA GLU A 90 -6.25 -5.65 -14.43
C GLU A 90 -5.95 -6.68 -13.37
N ALA A 91 -6.99 -7.28 -12.86
CA ALA A 91 -6.89 -8.28 -11.82
C ALA A 91 -6.75 -9.65 -12.48
N PRO A 92 -6.20 -10.64 -11.75
CA PRO A 92 -6.15 -11.98 -12.33
C PRO A 92 -7.55 -12.51 -12.63
N VAL A 93 -7.66 -13.29 -13.69
CA VAL A 93 -8.95 -13.68 -14.25
C VAL A 93 -9.83 -14.67 -13.46
N ASP A 94 -9.31 -15.32 -12.43
CA ASP A 94 -10.11 -16.33 -11.72
C ASP A 94 -9.82 -16.48 -10.22
N ASP A 95 -10.91 -16.62 -9.46
CA ASP A 95 -10.96 -16.96 -8.02
C ASP A 95 -10.02 -16.22 -7.04
N TRP A 96 -9.43 -15.12 -7.46
CA TRP A 96 -8.50 -14.38 -6.64
C TRP A 96 -9.16 -13.69 -5.46
N GLU A 97 -10.46 -13.45 -5.53
CA GLU A 97 -11.16 -12.77 -4.44
C GLU A 97 -11.03 -13.52 -3.13
N GLU A 98 -10.92 -14.85 -3.20
CA GLU A 98 -10.74 -15.67 -2.01
C GLU A 98 -9.40 -15.32 -1.34
N ILE A 99 -8.43 -14.92 -2.14
CA ILE A 99 -7.09 -14.58 -1.64
C ILE A 99 -7.14 -13.28 -0.85
N ALA A 100 -7.89 -12.30 -1.34
CA ALA A 100 -8.03 -11.02 -0.65
C ALA A 100 -8.99 -11.15 0.53
N LYS A 101 -9.42 -12.38 0.80
CA LYS A 101 -10.32 -12.68 1.89
C LYS A 101 -9.59 -13.49 2.95
N LYS A 102 -8.33 -13.83 2.70
CA LYS A 102 -7.58 -14.68 3.61
C LYS A 102 -6.27 -14.06 4.05
N THR A 103 -5.98 -14.19 5.33
CA THR A 103 -4.71 -13.72 5.85
C THR A 103 -3.74 -14.84 5.56
N PHE A 104 -2.67 -14.53 4.84
CA PHE A 104 -1.67 -15.51 4.52
C PHE A 104 -0.77 -15.55 5.74
N GLU A 105 -0.69 -16.70 6.40
CA GLU A 105 0.08 -16.81 7.62
C GLU A 105 1.19 -17.83 7.47
N LYS A 106 2.40 -17.39 7.77
CA LYS A 106 3.60 -18.22 7.66
C LYS A 106 4.33 -18.16 8.99
N GLY A 107 3.82 -18.86 9.98
CA GLY A 107 4.48 -18.87 11.27
C GLY A 107 4.46 -17.49 11.91
N THR A 108 5.64 -16.91 12.04
CA THR A 108 5.81 -15.58 12.64
C THR A 108 5.43 -14.44 11.69
N VAL A 109 4.68 -14.73 10.64
CA VAL A 109 4.24 -13.74 9.65
C VAL A 109 2.75 -13.85 9.41
N SER A 110 2.09 -12.70 9.26
CA SER A 110 0.72 -12.61 8.81
C SER A 110 0.75 -11.54 7.72
N VAL A 111 0.13 -11.80 6.57
CA VAL A 111 0.07 -10.83 5.48
C VAL A 111 -1.37 -10.76 5.00
N GLU A 112 -1.89 -9.56 4.83
CA GLU A 112 -3.22 -9.37 4.30
C GLU A 112 -3.08 -8.69 2.93
N PRO A 113 -3.36 -9.42 1.84
CA PRO A 113 -3.23 -8.76 0.54
C PRO A 113 -4.45 -7.91 0.16
N ALA A 114 -4.22 -6.99 -0.76
CA ALA A 114 -5.26 -6.14 -1.30
C ALA A 114 -4.75 -5.84 -2.71
N ILE A 115 -5.62 -5.44 -3.61
CA ILE A 115 -5.23 -5.19 -5.00
C ILE A 115 -6.13 -4.10 -5.56
N VAL A 116 -5.54 -3.19 -6.33
CA VAL A 116 -6.28 -2.13 -6.99
C VAL A 116 -6.18 -2.37 -8.50
N ARG A 117 -7.27 -2.78 -9.12
CA ARG A 117 -7.30 -2.99 -10.57
C ARG A 117 -7.77 -1.71 -11.22
N GLY A 118 -7.11 -1.31 -12.29
CA GLY A 118 -7.45 -0.07 -12.98
C GLY A 118 -8.84 -0.09 -13.59
N THR A 119 -9.34 -1.28 -13.85
CA THR A 119 -10.65 -1.47 -14.50
C THR A 119 -11.83 -0.86 -13.77
N MET A 120 -11.72 -0.76 -12.45
CA MET A 120 -12.80 -0.20 -11.64
C MET A 120 -12.18 0.60 -10.51
N LEU A 121 -11.05 1.21 -10.84
CA LEU A 121 -10.21 1.91 -9.89
C LEU A 121 -10.92 2.83 -8.90
N ARG A 122 -11.93 3.58 -9.34
CA ARG A 122 -12.58 4.51 -8.41
C ARG A 122 -13.23 3.80 -7.22
N ASP A 123 -13.83 2.64 -7.45
CA ASP A 123 -14.43 1.85 -6.36
C ASP A 123 -13.34 1.10 -5.60
N ASP A 124 -12.41 0.53 -6.36
CA ASP A 124 -11.38 -0.32 -5.80
C ASP A 124 -10.42 0.42 -4.88
N LEU A 125 -10.07 1.64 -5.25
CA LEU A 125 -9.12 2.42 -4.47
C LEU A 125 -9.74 2.82 -3.14
N GLN A 126 -10.98 3.25 -3.16
CA GLN A 126 -11.63 3.69 -1.92
C GLN A 126 -11.98 2.50 -1.03
N ALA A 127 -11.94 1.31 -1.60
CA ALA A 127 -12.21 0.11 -0.83
C ALA A 127 -11.02 -0.21 0.09
N VAL A 128 -9.81 0.12 -0.35
CA VAL A 128 -8.60 -0.12 0.46
C VAL A 128 -8.16 1.15 1.20
N PHE A 129 -8.28 2.30 0.54
CA PHE A 129 -7.91 3.59 1.13
C PHE A 129 -9.04 4.62 0.98
N PRO A 130 -10.10 4.53 1.80
CA PRO A 130 -11.21 5.50 1.66
C PRO A 130 -10.84 6.92 2.08
N SER A 131 -9.71 7.07 2.76
CA SER A 131 -9.23 8.37 3.19
C SER A 131 -8.68 9.19 2.02
N PHE A 132 -8.52 8.55 0.86
CA PHE A 132 -8.03 9.23 -0.33
C PHE A 132 -9.19 9.53 -1.27
N ARG A 133 -9.35 10.78 -1.65
CA ARG A 133 -10.39 11.16 -2.60
C ARG A 133 -9.99 10.63 -3.96
N THR A 134 -10.70 9.63 -4.46
CA THR A 134 -10.39 9.03 -5.76
C THR A 134 -10.55 10.05 -6.91
N GLU A 135 -11.15 11.19 -6.62
CA GLU A 135 -11.28 12.28 -7.59
C GLU A 135 -9.90 12.78 -8.01
N ASP A 136 -8.95 12.72 -7.08
CA ASP A 136 -7.57 13.15 -7.30
C ASP A 136 -6.85 12.17 -8.23
N CYS A 137 -7.51 11.06 -8.52
CA CYS A 137 -7.02 10.03 -9.43
C CYS A 137 -8.08 9.69 -10.48
N SER A 138 -8.87 10.68 -10.87
CA SER A 138 -9.87 10.48 -11.92
C SER A 138 -9.16 10.07 -13.20
N GLU A 139 -9.79 9.23 -14.02
CA GLU A 139 -9.15 8.70 -15.23
C GLU A 139 -8.61 9.78 -16.16
N GLU A 140 -9.36 10.85 -16.34
CA GLU A 140 -8.95 11.96 -17.20
C GLU A 140 -7.65 12.61 -16.69
N HIS A 141 -7.53 12.71 -15.38
CA HIS A 141 -6.38 13.36 -14.77
C HIS A 141 -5.21 12.39 -14.60
N ALA A 142 -5.49 11.10 -14.67
CA ALA A 142 -4.50 10.05 -14.49
C ALA A 142 -3.65 9.80 -15.76
N SER A 143 -3.28 10.87 -16.43
CA SER A 143 -2.46 10.78 -17.63
C SER A 143 -1.09 10.20 -17.28
N PHE A 144 -0.49 9.50 -18.23
CA PHE A 144 0.80 8.83 -18.00
C PHE A 144 1.92 9.80 -17.60
N GLU A 145 1.84 11.03 -18.08
CA GLU A 145 2.80 12.08 -17.72
C GLU A 145 2.58 12.56 -16.28
N ASN A 146 1.33 12.59 -15.85
CA ASN A 146 1.00 13.05 -14.49
C ASN A 146 1.52 12.02 -13.49
N ALA A 147 1.61 10.78 -13.92
CA ALA A 147 2.18 9.73 -13.09
C ALA A 147 3.63 10.07 -12.73
N GLN A 148 4.35 10.68 -13.65
CA GLN A 148 5.73 11.07 -13.40
C GLN A 148 5.74 12.27 -12.45
N MET A 149 4.83 13.21 -12.66
CA MET A 149 4.74 14.40 -11.81
C MET A 149 4.43 13.98 -10.36
N ALA A 150 3.58 12.97 -10.20
CA ALA A 150 3.25 12.44 -8.89
C ALA A 150 4.49 11.84 -8.22
N ARG A 151 5.30 11.13 -9.00
CA ARG A 151 6.54 10.53 -8.50
C ARG A 151 7.50 11.60 -8.07
N GLU A 152 7.65 12.63 -8.89
CA GLU A 152 8.56 13.70 -8.58
C GLU A 152 8.12 14.42 -7.30
N ARG A 153 6.82 14.67 -7.20
CA ARG A 153 6.26 15.33 -6.02
C ARG A 153 6.45 14.47 -4.78
N PHE A 154 6.38 13.16 -4.94
CA PHE A 154 6.59 12.22 -3.84
C PHE A 154 8.01 12.31 -3.29
N LEU A 155 8.99 12.48 -4.17
CA LEU A 155 10.39 12.59 -3.73
C LEU A 155 10.56 13.86 -2.89
N SER A 156 9.88 14.94 -3.26
CA SER A 156 9.94 16.16 -2.47
C SER A 156 9.20 15.98 -1.14
N LEU A 157 8.13 15.21 -1.17
CA LEU A 157 7.30 14.99 0.01
C LEU A 157 7.99 14.15 1.08
N VAL A 158 8.69 13.09 0.68
CA VAL A 158 9.37 12.24 1.65
C VAL A 158 10.45 13.03 2.38
N LEU A 159 11.07 14.00 1.70
CA LEU A 159 12.07 14.82 2.37
C LEU A 159 11.39 15.58 3.51
N LYS A 160 10.22 16.17 3.26
CA LYS A 160 9.53 16.87 4.34
C LYS A 160 9.10 15.91 5.44
N GLN A 161 8.80 14.68 5.09
CA GLN A 161 8.41 13.69 6.10
C GLN A 161 9.53 13.46 7.11
N GLU A 162 10.80 13.63 6.75
CA GLU A 162 11.89 13.41 7.71
C GLU A 162 11.77 14.38 8.90
N GLU A 163 11.30 15.58 8.63
CA GLU A 163 11.09 16.60 9.65
C GLU A 163 10.01 16.12 10.60
N GLN A 164 8.95 15.58 10.03
CA GLN A 164 7.80 15.10 10.79
C GLN A 164 8.14 13.82 11.57
N ARG A 165 9.02 12.99 11.02
CA ARG A 165 9.45 11.76 11.72
C ARG A 165 10.28 12.07 12.94
N LYS A 166 10.90 13.25 12.99
CA LYS A 166 11.65 13.64 14.18
C LYS A 166 10.68 13.85 15.32
N THR A 167 9.51 14.41 15.04
CA THR A 167 8.47 14.56 16.05
C THR A 167 7.83 13.22 16.40
N GLU A 168 7.74 12.31 15.44
CA GLU A 168 7.19 10.95 15.66
C GLU A 168 8.01 10.17 16.69
N ALA A 169 9.28 10.54 16.85
CA ALA A 169 10.15 9.90 17.83
C ALA A 169 9.68 10.15 19.28
N ALA A 170 8.77 11.10 19.47
CA ALA A 170 8.21 11.37 20.78
C ALA A 170 7.37 10.16 21.20
N VAL A 171 7.27 9.92 22.49
CA VAL A 171 6.50 8.78 22.99
C VAL A 171 5.01 9.10 22.89
N PHE A 172 4.40 8.69 21.79
CA PHE A 172 2.99 8.96 21.54
C PHE A 172 2.30 7.81 20.84
N GLN A 173 0.97 7.88 20.79
CA GLN A 173 0.14 6.87 20.15
C GLN A 173 -0.89 7.59 19.31
N ASN A 174 -1.12 7.13 18.09
CA ASN A 174 -2.08 7.78 17.18
C ASN A 174 -3.37 6.97 17.10
N GLY A 175 -3.42 5.91 17.90
CA GLY A 175 -4.55 4.99 17.88
C GLY A 175 -4.11 3.73 17.16
N LYS A 176 -4.86 2.64 17.29
CA LYS A 176 -4.49 1.38 16.66
C LYS A 176 -5.73 0.52 16.47
N LEU A 177 -5.61 -0.52 15.65
CA LEU A 177 -6.71 -1.41 15.34
C LEU A 177 -6.50 -2.80 15.93
N GLU A 178 -7.59 -3.57 16.00
CA GLU A 178 -7.55 -4.94 16.49
C GLU A 178 -6.91 -5.83 15.43
N ARG A 179 -6.22 -6.90 15.84
CA ARG A 179 -5.53 -7.78 14.89
C ARG A 179 -6.49 -8.88 14.42
N GLU A 180 -7.33 -8.55 13.47
CA GLU A 180 -8.28 -9.50 12.91
C GLU A 180 -7.56 -10.48 11.97
N ASN A 181 -8.13 -11.67 11.81
CA ASN A 181 -7.56 -12.72 10.96
C ASN A 181 -8.72 -13.54 10.41
N LEU A 182 -8.58 -13.98 9.16
CA LEU A 182 -9.55 -14.89 8.55
C LEU A 182 -8.72 -15.81 7.67
N TYR A 183 -9.17 -17.04 7.49
CA TYR A 183 -8.40 -18.03 6.75
C TYR A 183 -9.35 -19.08 6.21
N PHE A 184 -8.88 -19.86 5.27
CA PHE A 184 -9.63 -20.95 4.68
C PHE A 184 -8.63 -22.07 4.52
N GLN A 185 -9.09 -23.30 4.67
CA GLN A 185 -8.23 -24.49 4.60
C GLN A 185 -9.15 -25.64 4.26
N MET A 1 4.08 7.09 -18.48
CA MET A 1 2.60 7.02 -18.46
C MET A 1 2.12 6.01 -17.41
N PHE A 2 1.05 5.29 -17.71
CA PHE A 2 0.42 4.27 -16.82
C PHE A 2 -0.32 4.90 -15.64
N LEU A 3 -1.65 4.87 -15.71
CA LEU A 3 -2.49 5.48 -14.67
C LEU A 3 -2.28 4.82 -13.31
N LEU A 4 -1.98 3.53 -13.30
CA LEU A 4 -1.75 2.81 -12.04
C LEU A 4 -0.55 3.38 -11.30
N GLU A 5 0.49 3.80 -12.02
CA GLU A 5 1.66 4.39 -11.38
C GLU A 5 1.27 5.70 -10.71
N TYR A 6 0.31 6.42 -11.26
CA TYR A 6 -0.13 7.67 -10.65
C TYR A 6 -0.71 7.34 -9.29
N THR A 7 -1.65 6.41 -9.25
CA THR A 7 -2.28 6.00 -8.00
C THR A 7 -1.25 5.46 -7.02
N TYR A 8 -0.32 4.66 -7.52
CA TYR A 8 0.75 4.07 -6.73
C TYR A 8 1.58 5.13 -5.99
N TRP A 9 2.13 6.10 -6.73
CA TRP A 9 2.96 7.12 -6.11
C TRP A 9 2.13 8.09 -5.27
N LYS A 10 0.86 8.31 -5.62
CA LYS A 10 -0.01 9.18 -4.81
C LYS A 10 -0.34 8.50 -3.48
N ILE A 11 -0.49 7.19 -3.49
CA ILE A 11 -0.74 6.46 -2.25
C ILE A 11 0.51 6.49 -1.41
N ALA A 12 1.68 6.30 -2.03
CA ALA A 12 2.93 6.36 -1.29
C ALA A 12 3.03 7.72 -0.59
N ALA A 13 2.70 8.77 -1.31
CA ALA A 13 2.72 10.12 -0.76
C ALA A 13 1.72 10.27 0.39
N HIS A 14 0.52 9.77 0.19
CA HIS A 14 -0.53 9.85 1.20
C HIS A 14 -0.10 9.16 2.48
N LEU A 15 0.40 7.95 2.37
CA LEU A 15 0.80 7.20 3.56
C LEU A 15 1.94 7.87 4.29
N VAL A 16 3.00 8.23 3.57
CA VAL A 16 4.17 8.83 4.20
C VAL A 16 3.78 10.13 4.90
N ASN A 17 2.94 10.96 4.28
CA ASN A 17 2.55 12.22 4.90
C ASN A 17 1.53 12.03 6.03
N SER A 18 1.09 10.80 6.23
CA SER A 18 0.17 10.45 7.33
C SER A 18 0.92 9.76 8.47
N GLY A 19 2.26 9.74 8.38
CA GLY A 19 3.07 9.16 9.45
C GLY A 19 3.71 7.82 9.17
N TYR A 20 3.50 7.25 7.99
CA TYR A 20 4.14 5.98 7.64
C TYR A 20 5.62 6.20 7.39
N GLY A 21 6.46 5.57 8.19
CA GLY A 21 7.90 5.73 8.06
C GLY A 21 8.41 4.94 6.87
N VAL A 22 9.27 5.54 6.06
CA VAL A 22 9.82 4.85 4.90
C VAL A 22 10.91 3.90 5.34
N ILE A 23 10.79 2.64 4.96
CA ILE A 23 11.78 1.62 5.27
C ILE A 23 12.66 1.46 4.03
N GLN A 24 12.01 1.32 2.89
CA GLN A 24 12.67 1.16 1.60
C GLN A 24 11.73 1.79 0.59
N ALA A 25 12.24 2.54 -0.39
CA ALA A 25 11.38 3.16 -1.39
C ALA A 25 11.98 3.11 -2.79
N GLY A 26 11.25 2.50 -3.71
CA GLY A 26 11.68 2.48 -5.10
C GLY A 26 12.85 1.56 -5.33
N GLU A 27 12.83 0.40 -4.68
CA GLU A 27 13.86 -0.62 -4.83
C GLU A 27 13.91 -1.00 -6.31
N SER A 28 12.72 -1.19 -6.85
CA SER A 28 12.52 -1.48 -8.26
C SER A 28 11.12 -0.99 -8.58
N ASP A 29 10.13 -1.68 -8.01
CA ASP A 29 8.72 -1.34 -8.21
C ASP A 29 7.94 -1.48 -6.89
N GLU A 30 8.68 -1.48 -5.79
CA GLU A 30 8.10 -1.64 -4.46
C GLU A 30 8.56 -0.58 -3.44
N ILE A 31 7.71 -0.37 -2.43
CA ILE A 31 7.99 0.56 -1.32
C ILE A 31 7.50 -0.12 -0.05
N TRP A 32 8.32 -0.12 1.00
CA TRP A 32 7.94 -0.65 2.30
C TRP A 32 7.77 0.52 3.26
N LEU A 33 6.62 0.57 3.91
CA LEU A 33 6.29 1.62 4.87
C LEU A 33 5.93 0.99 6.21
N GLU A 34 6.36 1.62 7.29
CA GLU A 34 6.03 1.19 8.64
C GLU A 34 4.67 1.77 9.00
N ALA A 35 3.74 0.93 9.42
CA ALA A 35 2.42 1.42 9.79
C ALA A 35 2.57 2.07 11.17
N PRO A 36 2.20 3.35 11.32
CA PRO A 36 2.41 3.92 12.66
C PRO A 36 1.43 3.39 13.70
N ASP A 37 0.23 3.01 13.25
CA ASP A 37 -0.80 2.49 14.14
C ASP A 37 -0.48 1.11 14.67
N LYS A 38 0.22 0.33 13.83
CA LYS A 38 0.57 -1.07 14.12
C LYS A 38 -0.72 -1.86 14.36
N SER A 39 -1.67 -1.45 13.52
CA SER A 39 -2.99 -2.01 13.27
C SER A 39 -2.87 -3.44 12.76
N SER A 40 -3.97 -4.05 12.34
CA SER A 40 -3.99 -5.43 11.82
C SER A 40 -2.81 -5.78 10.88
N HIS A 41 -2.23 -4.80 10.21
CA HIS A 41 -0.93 -5.00 9.55
C HIS A 41 0.11 -4.07 10.25
N ASP A 42 1.33 -4.57 10.45
CA ASP A 42 2.38 -3.81 11.13
C ASP A 42 3.12 -2.95 10.13
N LEU A 43 3.20 -3.44 8.90
CA LEU A 43 3.91 -2.76 7.82
C LEU A 43 3.08 -2.94 6.57
N VAL A 44 3.37 -2.16 5.54
CA VAL A 44 2.69 -2.30 4.25
C VAL A 44 3.71 -2.25 3.11
N ARG A 45 3.56 -3.12 2.12
CA ARG A 45 4.39 -3.11 0.91
C ARG A 45 3.47 -2.72 -0.23
N LEU A 46 3.86 -1.68 -0.95
CA LEU A 46 3.12 -1.26 -2.15
C LEU A 46 3.87 -1.92 -3.28
N TYR A 47 3.17 -2.70 -4.10
CA TYR A 47 3.81 -3.47 -5.17
C TYR A 47 2.99 -3.34 -6.45
N LYS A 48 3.59 -2.92 -7.56
CA LYS A 48 2.83 -2.74 -8.81
C LYS A 48 3.15 -3.82 -9.84
N HIS A 49 2.28 -4.80 -9.91
CA HIS A 49 2.43 -5.92 -10.82
C HIS A 49 1.06 -6.38 -11.27
N ASP A 50 0.97 -6.91 -12.48
CA ASP A 50 -0.29 -7.40 -13.04
C ASP A 50 -0.24 -8.91 -13.04
N LEU A 51 -1.37 -9.55 -12.80
CA LEU A 51 -1.45 -11.01 -12.73
C LEU A 51 -2.42 -11.52 -13.79
N ASP A 52 -2.03 -12.54 -14.54
CA ASP A 52 -2.93 -13.15 -15.54
C ASP A 52 -3.82 -14.18 -14.86
N PHE A 53 -3.22 -14.93 -13.93
CA PHE A 53 -3.93 -15.97 -13.18
C PHE A 53 -3.62 -15.81 -11.71
N ARG A 54 -4.47 -16.32 -10.84
CA ARG A 54 -4.26 -16.18 -9.39
C ARG A 54 -3.01 -16.89 -8.90
N GLN A 55 -2.50 -17.83 -9.66
CA GLN A 55 -1.30 -18.54 -9.26
C GLN A 55 -0.13 -17.55 -9.16
N GLU A 56 -0.13 -16.53 -10.01
CA GLU A 56 0.93 -15.52 -9.96
C GLU A 56 0.76 -14.68 -8.69
N MET A 57 -0.48 -14.48 -8.25
CA MET A 57 -0.68 -13.73 -7.02
C MET A 57 -0.28 -14.55 -5.80
N VAL A 58 -0.72 -15.81 -5.69
CA VAL A 58 -0.42 -16.61 -4.49
C VAL A 58 1.08 -16.76 -4.24
N ARG A 59 1.87 -16.89 -5.30
CA ARG A 59 3.31 -17.08 -5.13
C ARG A 59 4.00 -15.81 -4.64
N ASP A 60 3.47 -14.66 -5.00
CA ASP A 60 4.05 -13.40 -4.53
C ASP A 60 3.92 -13.32 -3.01
N ILE A 61 2.80 -13.77 -2.48
CA ILE A 61 2.60 -13.75 -1.02
C ILE A 61 3.42 -14.83 -0.32
N GLU A 62 3.52 -16.00 -0.93
CA GLU A 62 4.28 -17.08 -0.31
C GLU A 62 5.76 -16.69 -0.27
N GLU A 63 6.16 -15.88 -1.23
CA GLU A 63 7.54 -15.36 -1.27
C GLU A 63 7.65 -14.24 -0.24
N GLN A 64 6.59 -13.44 -0.13
CA GLN A 64 6.54 -12.34 0.82
C GLN A 64 6.77 -12.85 2.23
N ALA A 65 6.31 -14.05 2.51
CA ALA A 65 6.47 -14.64 3.82
C ALA A 65 7.94 -14.72 4.23
N GLU A 66 8.87 -14.94 3.30
CA GLU A 66 10.29 -14.98 3.66
C GLU A 66 10.75 -13.57 4.03
N ARG A 67 10.37 -12.58 3.23
CA ARG A 67 10.74 -11.18 3.51
C ARG A 67 10.24 -10.83 4.90
N VAL A 68 9.01 -11.23 5.18
CA VAL A 68 8.39 -10.93 6.47
C VAL A 68 9.05 -11.75 7.59
N GLU A 69 9.49 -12.98 7.34
CA GLU A 69 10.21 -13.76 8.37
C GLU A 69 11.52 -13.08 8.73
N ARG A 70 12.22 -12.58 7.70
CA ARG A 70 13.49 -11.89 7.91
C ARG A 70 13.26 -10.64 8.75
N VAL A 71 12.23 -9.88 8.40
CA VAL A 71 11.86 -8.67 9.15
C VAL A 71 11.39 -9.03 10.56
N ARG A 72 10.64 -10.12 10.68
CA ARG A 72 10.14 -10.58 11.99
C ARG A 72 11.29 -10.83 12.93
N HIS A 73 12.32 -11.49 12.44
CA HIS A 73 13.48 -11.79 13.27
C HIS A 73 14.19 -10.49 13.66
N GLN A 74 14.37 -9.60 12.68
CA GLN A 74 15.04 -8.33 12.89
C GLN A 74 14.32 -7.44 13.91
N LEU A 75 13.00 -7.38 13.85
CA LEU A 75 12.20 -6.52 14.74
C LEU A 75 11.82 -7.23 16.03
N GLY A 76 12.11 -8.53 16.13
CA GLY A 76 11.83 -9.29 17.33
C GLY A 76 10.36 -9.50 17.68
N ARG A 77 9.47 -9.14 16.78
CA ARG A 77 8.03 -9.22 17.05
C ARG A 77 7.59 -10.67 17.17
N ARG A 78 6.60 -10.93 18.03
CA ARG A 78 6.11 -12.30 18.25
C ARG A 78 5.52 -12.88 16.96
N ARG A 79 4.88 -12.02 16.19
CA ARG A 79 4.35 -12.36 14.87
C ARG A 79 4.46 -11.05 14.13
N MET A 80 4.68 -11.08 12.84
CA MET A 80 4.77 -9.87 12.03
C MET A 80 3.58 -9.88 11.10
N LYS A 81 2.95 -8.73 10.91
CA LYS A 81 1.80 -8.62 10.02
C LYS A 81 2.16 -7.69 8.87
N LEU A 82 1.88 -8.09 7.63
CA LEU A 82 2.24 -7.26 6.48
C LEU A 82 1.10 -7.17 5.49
N LEU A 83 0.72 -5.95 5.14
CA LEU A 83 -0.30 -5.71 4.12
C LEU A 83 0.44 -5.63 2.78
N ASN A 84 0.06 -6.44 1.82
CA ASN A 84 0.70 -6.40 0.51
C ASN A 84 -0.31 -5.93 -0.51
N VAL A 85 -0.16 -4.71 -1.00
CA VAL A 85 -1.11 -4.14 -1.92
C VAL A 85 -0.61 -4.23 -3.35
N PHE A 86 -1.27 -5.06 -4.15
CA PHE A 86 -0.95 -5.21 -5.56
C PHE A 86 -1.64 -4.07 -6.31
N PHE A 87 -0.92 -3.41 -7.18
CA PHE A 87 -1.48 -2.36 -8.05
C PHE A 87 -1.44 -2.94 -9.45
N SER A 88 -2.59 -3.27 -9.99
CA SER A 88 -2.68 -3.94 -11.29
C SER A 88 -3.60 -3.21 -12.26
N THR A 89 -3.40 -3.41 -13.54
CA THR A 89 -4.28 -2.86 -14.56
C THR A 89 -5.59 -3.60 -14.52
N GLU A 90 -5.49 -4.92 -14.47
CA GLU A 90 -6.66 -5.77 -14.52
C GLU A 90 -6.48 -6.89 -13.54
N ALA A 91 -7.59 -7.47 -13.14
CA ALA A 91 -7.58 -8.57 -12.19
C ALA A 91 -7.40 -9.89 -12.96
N PRO A 92 -6.70 -10.88 -12.36
CA PRO A 92 -6.54 -12.16 -13.05
C PRO A 92 -7.85 -12.90 -13.27
N VAL A 93 -7.92 -13.68 -14.33
CA VAL A 93 -9.17 -14.34 -14.75
C VAL A 93 -9.56 -15.62 -13.99
N ASP A 94 -8.69 -16.12 -13.14
CA ASP A 94 -8.93 -17.37 -12.41
C ASP A 94 -9.21 -17.14 -10.92
N ASP A 95 -10.50 -17.11 -10.56
CA ASP A 95 -11.02 -16.95 -9.16
C ASP A 95 -10.06 -16.48 -8.06
N TRP A 96 -9.45 -15.34 -8.29
CA TRP A 96 -8.47 -14.78 -7.37
C TRP A 96 -9.12 -14.22 -6.12
N GLU A 97 -10.42 -14.05 -6.12
CA GLU A 97 -11.12 -13.46 -4.98
C GLU A 97 -10.92 -14.29 -3.71
N GLU A 98 -10.77 -15.60 -3.85
CA GLU A 98 -10.48 -16.46 -2.71
C GLU A 98 -9.12 -16.08 -2.10
N ILE A 99 -8.20 -15.64 -2.94
CA ILE A 99 -6.83 -15.31 -2.51
C ILE A 99 -6.86 -14.09 -1.61
N ALA A 100 -7.72 -13.14 -1.91
CA ALA A 100 -7.82 -11.91 -1.12
C ALA A 100 -8.29 -12.22 0.31
N LYS A 101 -9.11 -13.25 0.45
CA LYS A 101 -9.64 -13.65 1.75
C LYS A 101 -8.71 -14.62 2.45
N LYS A 102 -7.70 -15.08 1.73
CA LYS A 102 -6.74 -16.04 2.24
C LYS A 102 -5.58 -15.30 2.93
N THR A 103 -5.66 -15.15 4.24
CA THR A 103 -4.55 -14.59 4.98
C THR A 103 -3.46 -15.64 4.90
N PHE A 104 -2.29 -15.26 4.42
CA PHE A 104 -1.21 -16.21 4.32
C PHE A 104 -0.46 -16.21 5.62
N GLU A 105 -0.63 -17.29 6.35
CA GLU A 105 0.03 -17.44 7.64
C GLU A 105 1.17 -18.42 7.54
N LYS A 106 2.33 -17.99 8.00
CA LYS A 106 3.52 -18.85 8.04
C LYS A 106 4.13 -18.72 9.42
N GLY A 107 3.51 -19.36 10.39
CA GLY A 107 4.03 -19.30 11.75
C GLY A 107 3.97 -17.88 12.29
N THR A 108 5.13 -17.29 12.51
CA THR A 108 5.25 -15.93 13.03
C THR A 108 5.03 -14.86 11.95
N VAL A 109 4.36 -15.22 10.87
CA VAL A 109 4.04 -14.31 9.77
C VAL A 109 2.56 -14.37 9.48
N SER A 110 1.97 -13.21 9.20
CA SER A 110 0.58 -13.11 8.76
C SER A 110 0.57 -12.06 7.64
N VAL A 111 0.28 -12.46 6.41
CA VAL A 111 0.23 -11.51 5.30
C VAL A 111 -1.17 -11.33 4.83
N GLU A 112 -1.49 -10.07 4.75
CA GLU A 112 -2.79 -9.58 4.40
C GLU A 112 -2.74 -9.13 2.92
N PRO A 113 -3.23 -9.97 1.99
CA PRO A 113 -3.16 -9.47 0.61
C PRO A 113 -4.28 -8.49 0.28
N ALA A 114 -4.02 -7.59 -0.65
CA ALA A 114 -5.02 -6.64 -1.15
C ALA A 114 -4.62 -6.34 -2.58
N ILE A 115 -5.58 -6.03 -3.44
CA ILE A 115 -5.29 -5.74 -4.84
C ILE A 115 -6.24 -4.65 -5.30
N VAL A 116 -5.68 -3.66 -5.99
CA VAL A 116 -6.47 -2.60 -6.58
C VAL A 116 -6.28 -2.78 -8.08
N ARG A 117 -7.37 -2.86 -8.82
CA ARG A 117 -7.29 -3.11 -10.27
C ARG A 117 -7.93 -1.96 -11.02
N GLY A 118 -7.26 -1.52 -12.08
CA GLY A 118 -7.67 -0.34 -12.84
C GLY A 118 -9.14 -0.24 -13.21
N THR A 119 -9.75 -1.35 -13.59
CA THR A 119 -11.16 -1.39 -13.99
C THR A 119 -12.15 -0.77 -12.99
N MET A 120 -11.91 -0.96 -11.70
CA MET A 120 -12.81 -0.45 -10.65
C MET A 120 -11.96 0.17 -9.54
N LEU A 121 -10.86 0.75 -9.97
CA LEU A 121 -9.83 1.27 -9.09
C LEU A 121 -10.28 2.18 -7.96
N ARG A 122 -11.25 3.07 -8.21
CA ARG A 122 -11.67 4.01 -7.17
C ARG A 122 -12.30 3.27 -5.99
N ASP A 123 -13.11 2.28 -6.28
CA ASP A 123 -13.80 1.51 -5.24
C ASP A 123 -12.80 0.64 -4.52
N ASP A 124 -11.84 0.09 -5.25
CA ASP A 124 -10.79 -0.74 -4.66
C ASP A 124 -9.91 0.08 -3.74
N LEU A 125 -9.60 1.29 -4.17
CA LEU A 125 -8.71 2.16 -3.43
C LEU A 125 -9.28 2.49 -2.07
N GLN A 126 -10.54 2.90 -2.02
CA GLN A 126 -11.15 3.29 -0.75
C GLN A 126 -11.41 2.06 0.14
N ALA A 127 -11.35 0.87 -0.44
CA ALA A 127 -11.53 -0.35 0.34
C ALA A 127 -10.26 -0.66 1.14
N VAL A 128 -9.10 -0.38 0.56
CA VAL A 128 -7.82 -0.67 1.23
C VAL A 128 -7.29 0.57 1.99
N PHE A 129 -7.47 1.74 1.41
CA PHE A 129 -7.05 3.00 2.02
C PHE A 129 -8.18 4.03 2.01
N PRO A 130 -9.19 3.88 2.90
CA PRO A 130 -10.27 4.87 2.93
C PRO A 130 -9.81 6.24 3.41
N SER A 131 -8.62 6.29 3.99
CA SER A 131 -8.02 7.53 4.46
C SER A 131 -7.47 8.38 3.32
N PHE A 132 -7.46 7.84 2.11
CA PHE A 132 -6.94 8.57 0.96
C PHE A 132 -7.98 9.58 0.47
N ARG A 133 -7.57 10.84 0.40
CA ARG A 133 -8.45 11.88 -0.13
C ARG A 133 -8.48 11.74 -1.64
N THR A 134 -9.54 11.14 -2.15
CA THR A 134 -9.68 10.87 -3.58
C THR A 134 -9.75 12.15 -4.42
N GLU A 135 -10.05 13.27 -3.79
CA GLU A 135 -10.07 14.57 -4.47
C GLU A 135 -8.67 14.96 -4.98
N ASP A 136 -7.63 14.44 -4.34
CA ASP A 136 -6.25 14.70 -4.73
C ASP A 136 -5.97 13.99 -6.05
N CYS A 137 -6.71 12.90 -6.28
CA CYS A 137 -6.57 12.09 -7.49
C CYS A 137 -7.71 12.45 -8.45
N SER A 138 -7.93 13.75 -8.62
CA SER A 138 -8.96 14.24 -9.53
C SER A 138 -8.63 13.79 -10.95
N GLU A 139 -9.64 13.63 -11.79
CA GLU A 139 -9.47 13.07 -13.13
C GLU A 139 -8.45 13.82 -14.01
N GLU A 140 -8.44 15.14 -13.93
CA GLU A 140 -7.49 15.93 -14.73
C GLU A 140 -6.06 15.67 -14.28
N HIS A 141 -5.87 15.48 -12.98
CA HIS A 141 -4.54 15.25 -12.44
C HIS A 141 -4.14 13.79 -12.65
N ALA A 142 -5.12 12.92 -12.81
CA ALA A 142 -4.89 11.50 -13.03
C ALA A 142 -4.53 11.18 -14.50
N SER A 143 -4.23 12.23 -15.28
CA SER A 143 -3.82 12.06 -16.67
C SER A 143 -2.62 11.09 -16.73
N PHE A 144 -2.61 10.23 -17.74
CA PHE A 144 -1.61 9.16 -17.83
C PHE A 144 -0.15 9.56 -17.63
N GLU A 145 0.30 10.64 -18.26
CA GLU A 145 1.69 11.06 -18.14
C GLU A 145 2.02 11.64 -16.76
N ASN A 146 1.02 12.20 -16.09
CA ASN A 146 1.21 12.78 -14.75
C ASN A 146 1.80 11.73 -13.80
N ALA A 147 1.60 10.46 -14.10
CA ALA A 147 2.17 9.37 -13.31
C ALA A 147 3.70 9.49 -13.19
N GLN A 148 4.35 9.95 -14.25
CA GLN A 148 5.80 10.13 -14.23
C GLN A 148 6.16 11.21 -13.20
N MET A 149 5.43 12.31 -13.24
CA MET A 149 5.66 13.43 -12.34
C MET A 149 5.27 13.06 -10.90
N ALA A 150 4.32 12.16 -10.74
CA ALA A 150 3.89 11.72 -9.41
C ALA A 150 5.05 11.10 -8.62
N ARG A 151 5.99 10.45 -9.32
CA ARG A 151 7.15 9.87 -8.63
C ARG A 151 7.99 10.98 -8.05
N GLU A 152 8.18 12.04 -8.83
CA GLU A 152 8.98 13.16 -8.36
C GLU A 152 8.23 13.89 -7.26
N ARG A 153 6.92 13.98 -7.40
CA ARG A 153 6.06 14.60 -6.40
C ARG A 153 6.21 13.89 -5.06
N PHE A 154 6.25 12.55 -5.10
CA PHE A 154 6.48 11.75 -3.91
C PHE A 154 7.89 11.94 -3.35
N LEU A 155 8.89 12.03 -4.21
CA LEU A 155 10.26 12.24 -3.73
C LEU A 155 10.38 13.61 -3.06
N SER A 156 9.70 14.61 -3.60
CA SER A 156 9.66 15.93 -3.00
C SER A 156 8.87 15.90 -1.68
N LEU A 157 7.87 15.01 -1.63
CA LEU A 157 7.03 14.86 -0.45
C LEU A 157 7.79 14.22 0.70
N VAL A 158 8.55 13.16 0.44
CA VAL A 158 9.32 12.52 1.51
C VAL A 158 10.40 13.49 2.00
N LEU A 159 10.94 14.32 1.10
CA LEU A 159 11.92 15.32 1.53
C LEU A 159 11.22 16.35 2.44
N LYS A 160 9.99 16.73 2.11
CA LYS A 160 9.22 17.64 2.96
C LYS A 160 9.03 16.99 4.32
N GLN A 161 8.88 15.68 4.35
CA GLN A 161 8.66 14.96 5.60
C GLN A 161 9.81 15.16 6.58
N GLU A 162 11.01 15.41 6.09
CA GLU A 162 12.15 15.65 6.97
C GLU A 162 12.01 16.99 7.71
N GLU A 163 11.46 17.98 7.02
CA GLU A 163 11.20 19.28 7.65
C GLU A 163 9.94 19.15 8.53
N GLN A 164 9.01 18.33 8.09
CA GLN A 164 7.77 18.10 8.83
C GLN A 164 8.06 17.45 10.18
N ARG A 165 8.80 16.35 10.21
CA ARG A 165 9.09 15.64 11.46
C ARG A 165 9.94 16.50 12.40
N LYS A 166 10.66 17.45 11.82
CA LYS A 166 11.47 18.39 12.59
C LYS A 166 10.56 19.44 13.25
N THR A 167 9.64 20.00 12.48
CA THR A 167 8.69 21.01 13.00
C THR A 167 7.63 20.39 13.91
N GLU A 168 7.47 19.07 13.83
CA GLU A 168 6.52 18.31 14.67
C GLU A 168 6.80 18.50 16.16
N ALA A 169 8.04 18.85 16.49
CA ALA A 169 8.44 19.13 17.86
C ALA A 169 7.59 20.25 18.51
N ALA A 170 6.91 21.05 17.69
CA ALA A 170 5.98 22.05 18.20
C ALA A 170 4.74 21.30 18.68
N VAL A 171 4.60 21.20 20.00
CA VAL A 171 3.51 20.43 20.61
C VAL A 171 2.13 20.92 20.20
N PHE A 172 1.48 20.16 19.33
CA PHE A 172 0.16 20.48 18.84
C PHE A 172 -0.57 19.21 18.47
N GLN A 173 -1.85 19.34 18.14
CA GLN A 173 -2.65 18.20 17.71
C GLN A 173 -3.34 18.55 16.41
N ASN A 174 -2.98 17.83 15.35
CA ASN A 174 -3.56 18.05 14.03
C ASN A 174 -3.69 16.65 13.43
N GLY A 175 -4.39 16.52 12.32
CA GLY A 175 -4.57 15.20 11.73
C GLY A 175 -5.55 14.42 12.59
N LYS A 176 -5.25 13.15 12.86
CA LYS A 176 -6.07 12.29 13.72
C LYS A 176 -7.55 12.30 13.30
N LEU A 177 -7.78 12.05 12.02
CA LEU A 177 -9.14 12.00 11.48
C LEU A 177 -9.85 10.78 12.05
N GLU A 178 -11.18 10.85 12.09
CA GLU A 178 -11.99 9.73 12.56
C GLU A 178 -11.82 8.56 11.59
N ARG A 179 -11.98 7.35 12.10
CA ARG A 179 -11.72 6.15 11.32
C ARG A 179 -12.40 4.95 11.94
N GLU A 180 -12.43 3.84 11.21
CA GLU A 180 -12.94 2.56 11.68
C GLU A 180 -14.38 2.69 12.22
N ASN A 181 -14.78 1.81 13.14
CA ASN A 181 -16.13 1.80 13.72
C ASN A 181 -17.18 1.53 12.62
N LEU A 182 -18.45 1.72 12.98
CA LEU A 182 -19.60 1.52 12.08
C LEU A 182 -19.72 0.07 11.58
N TYR A 183 -20.66 -0.15 10.68
CA TYR A 183 -20.91 -1.45 10.08
C TYR A 183 -21.74 -1.14 8.84
N PHE A 184 -21.88 -2.09 7.94
CA PHE A 184 -22.67 -1.90 6.74
C PHE A 184 -23.56 -3.12 6.58
N GLN A 185 -24.73 -2.94 5.99
CA GLN A 185 -25.71 -4.00 5.77
C GLN A 185 -26.62 -3.49 4.67
N MET A 1 5.49 4.77 -17.59
CA MET A 1 4.55 5.91 -17.76
C MET A 1 3.11 5.41 -17.89
N PHE A 2 2.51 5.02 -16.77
CA PHE A 2 1.17 4.45 -16.77
C PHE A 2 0.33 5.09 -15.67
N LEU A 3 -0.99 5.09 -15.83
CA LEU A 3 -1.88 5.69 -14.82
C LEU A 3 -1.72 4.99 -13.46
N LEU A 4 -1.43 3.70 -13.49
CA LEU A 4 -1.23 2.93 -12.27
C LEU A 4 -0.06 3.45 -11.45
N GLU A 5 0.99 3.90 -12.13
CA GLU A 5 2.19 4.41 -11.45
C GLU A 5 1.89 5.73 -10.76
N TYR A 6 0.94 6.49 -11.29
CA TYR A 6 0.58 7.76 -10.68
C TYR A 6 0.04 7.46 -9.30
N THR A 7 -0.88 6.51 -9.23
CA THR A 7 -1.48 6.12 -7.97
C THR A 7 -0.45 5.48 -7.05
N TYR A 8 0.41 4.65 -7.59
CA TYR A 8 1.46 3.98 -6.82
C TYR A 8 2.30 4.99 -6.05
N TRP A 9 2.82 5.99 -6.75
CA TRP A 9 3.65 7.01 -6.10
C TRP A 9 2.82 7.97 -5.25
N LYS A 10 1.56 8.20 -5.61
CA LYS A 10 0.68 9.05 -4.79
C LYS A 10 0.35 8.39 -3.47
N ILE A 11 0.18 7.08 -3.46
CA ILE A 11 -0.09 6.36 -2.21
C ILE A 11 1.16 6.39 -1.35
N ALA A 12 2.34 6.23 -1.96
CA ALA A 12 3.57 6.31 -1.21
C ALA A 12 3.63 7.66 -0.50
N ALA A 13 3.29 8.72 -1.22
CA ALA A 13 3.27 10.06 -0.67
C ALA A 13 2.21 10.21 0.44
N HIS A 14 1.03 9.65 0.21
CA HIS A 14 -0.06 9.73 1.18
C HIS A 14 0.30 9.06 2.49
N LEU A 15 0.94 7.89 2.43
CA LEU A 15 1.32 7.19 3.65
C LEU A 15 2.44 7.94 4.35
N VAL A 16 3.46 8.36 3.62
CA VAL A 16 4.51 9.22 4.21
C VAL A 16 3.89 10.46 4.86
N ASN A 17 2.93 11.08 4.20
CA ASN A 17 2.22 12.25 4.72
C ASN A 17 1.50 11.91 6.03
N SER A 18 1.01 10.69 6.12
CA SER A 18 0.34 10.20 7.33
C SER A 18 1.33 9.77 8.42
N GLY A 19 2.61 10.08 8.23
CA GLY A 19 3.61 9.82 9.25
C GLY A 19 4.41 8.53 9.10
N TYR A 20 4.12 7.75 8.07
CA TYR A 20 4.83 6.48 7.84
C TYR A 20 6.27 6.76 7.45
N GLY A 21 7.19 6.05 8.10
CA GLY A 21 8.60 6.25 7.81
C GLY A 21 9.02 5.40 6.64
N VAL A 22 9.75 5.99 5.70
CA VAL A 22 10.23 5.24 4.55
C VAL A 22 11.37 4.36 5.00
N ILE A 23 11.23 3.06 4.82
CA ILE A 23 12.29 2.12 5.16
C ILE A 23 13.21 2.06 3.94
N GLN A 24 12.59 1.95 2.77
CA GLN A 24 13.32 1.95 1.50
C GLN A 24 12.33 2.29 0.38
N ALA A 25 12.72 3.22 -0.48
CA ALA A 25 11.96 3.58 -1.66
C ALA A 25 12.99 3.80 -2.76
N GLY A 26 12.70 3.40 -3.99
CA GLY A 26 13.62 3.64 -5.08
C GLY A 26 13.03 3.24 -6.41
N GLU A 27 13.09 1.96 -6.69
CA GLU A 27 12.53 1.40 -7.91
C GLU A 27 11.02 1.48 -7.83
N SER A 28 10.36 1.45 -8.97
CA SER A 28 8.89 1.50 -9.02
C SER A 28 8.29 0.16 -8.65
N ASP A 29 9.14 -0.81 -8.33
CA ASP A 29 8.69 -2.15 -8.00
C ASP A 29 8.23 -2.28 -6.56
N GLU A 30 9.00 -1.75 -5.61
CA GLU A 30 8.61 -1.85 -4.21
C GLU A 30 9.03 -0.69 -3.32
N ILE A 31 8.15 -0.37 -2.38
CA ILE A 31 8.39 0.68 -1.37
C ILE A 31 7.92 0.12 -0.04
N TRP A 32 8.73 0.28 0.99
CA TRP A 32 8.39 -0.20 2.34
C TRP A 32 8.18 0.99 3.27
N LEU A 33 7.09 0.95 4.03
CA LEU A 33 6.71 2.01 4.97
C LEU A 33 6.45 1.41 6.34
N GLU A 34 7.03 2.02 7.36
CA GLU A 34 6.85 1.59 8.74
C GLU A 34 5.53 2.14 9.26
N ALA A 35 4.72 1.31 9.91
CA ALA A 35 3.42 1.75 10.43
C ALA A 35 3.61 2.50 11.77
N PRO A 36 3.40 3.82 11.80
CA PRO A 36 3.62 4.51 13.09
C PRO A 36 2.51 4.24 14.09
N ASP A 37 1.38 3.79 13.56
CA ASP A 37 0.20 3.45 14.35
C ASP A 37 0.45 2.20 15.18
N LYS A 38 1.34 1.35 14.69
CA LYS A 38 1.69 0.07 15.34
C LYS A 38 0.41 -0.74 15.46
N SER A 39 -0.32 -0.64 14.35
CA SER A 39 -1.60 -1.27 14.12
C SER A 39 -1.54 -2.79 14.11
N SER A 40 -2.69 -3.39 13.84
CA SER A 40 -2.80 -4.85 13.69
C SER A 40 -1.76 -5.38 12.70
N HIS A 41 -1.37 -4.54 11.75
CA HIS A 41 -0.30 -4.87 10.82
C HIS A 41 0.93 -4.03 11.19
N ASP A 42 2.10 -4.64 11.03
CA ASP A 42 3.36 -4.06 11.49
C ASP A 42 3.98 -3.12 10.45
N LEU A 43 3.85 -3.47 9.18
CA LEU A 43 4.43 -2.70 8.08
C LEU A 43 3.48 -2.66 6.89
N VAL A 44 3.71 -1.74 5.98
CA VAL A 44 2.95 -1.63 4.73
C VAL A 44 3.98 -1.72 3.60
N ARG A 45 3.69 -2.52 2.59
CA ARG A 45 4.59 -2.65 1.44
C ARG A 45 3.77 -2.50 0.17
N LEU A 46 4.22 -1.60 -0.70
CA LEU A 46 3.57 -1.36 -1.98
C LEU A 46 4.34 -2.19 -2.99
N TYR A 47 3.64 -2.98 -3.79
CA TYR A 47 4.26 -3.85 -4.78
C TYR A 47 3.47 -3.74 -6.08
N LYS A 48 4.11 -3.93 -7.24
CA LYS A 48 3.36 -3.99 -8.50
C LYS A 48 3.50 -5.39 -9.08
N HIS A 49 2.39 -5.99 -9.48
CA HIS A 49 2.42 -7.33 -10.06
C HIS A 49 1.27 -7.54 -11.04
N ASP A 50 1.54 -8.22 -12.13
CA ASP A 50 0.53 -8.60 -13.11
C ASP A 50 0.04 -10.01 -12.75
N LEU A 51 -1.26 -10.17 -12.57
CA LEU A 51 -1.83 -11.43 -12.11
C LEU A 51 -2.95 -11.92 -13.03
N ASP A 52 -2.63 -12.87 -13.89
CA ASP A 52 -3.59 -13.43 -14.85
C ASP A 52 -4.59 -14.36 -14.15
N PHE A 53 -4.07 -15.19 -13.24
CA PHE A 53 -4.89 -16.16 -12.50
C PHE A 53 -4.63 -16.03 -11.01
N ARG A 54 -5.59 -16.46 -10.19
CA ARG A 54 -5.45 -16.36 -8.74
C ARG A 54 -4.33 -17.23 -8.22
N GLN A 55 -3.94 -18.22 -9.01
CA GLN A 55 -2.82 -19.06 -8.62
C GLN A 55 -1.56 -18.20 -8.53
N GLU A 56 -1.44 -17.17 -9.36
CA GLU A 56 -0.29 -16.29 -9.32
C GLU A 56 -0.39 -15.41 -8.08
N MET A 57 -1.62 -15.03 -7.71
CA MET A 57 -1.81 -14.22 -6.51
C MET A 57 -1.41 -15.01 -5.26
N VAL A 58 -1.85 -16.26 -5.13
CA VAL A 58 -1.47 -17.05 -3.95
C VAL A 58 0.04 -17.33 -3.93
N ARG A 59 0.64 -17.44 -5.10
CA ARG A 59 2.09 -17.69 -5.22
C ARG A 59 2.87 -16.48 -4.74
N ASP A 60 2.36 -15.30 -5.02
CA ASP A 60 3.02 -14.06 -4.60
C ASP A 60 3.15 -14.07 -3.08
N ILE A 61 2.09 -14.44 -2.38
CA ILE A 61 2.11 -14.42 -0.91
C ILE A 61 3.12 -15.40 -0.32
N GLU A 62 3.34 -16.52 -1.00
CA GLU A 62 4.34 -17.48 -0.52
C GLU A 62 5.71 -16.80 -0.53
N GLU A 63 5.97 -16.00 -1.56
CA GLU A 63 7.24 -15.29 -1.65
C GLU A 63 7.28 -14.18 -0.60
N GLN A 64 6.16 -13.49 -0.42
CA GLN A 64 6.08 -12.42 0.58
C GLN A 64 6.44 -12.98 1.94
N ALA A 65 5.85 -14.10 2.32
CA ALA A 65 6.11 -14.67 3.62
C ALA A 65 7.57 -15.08 3.78
N GLU A 66 8.18 -15.63 2.75
CA GLU A 66 9.59 -16.02 2.83
C GLU A 66 10.48 -14.78 2.98
N ARG A 67 10.13 -13.72 2.25
CA ARG A 67 10.84 -12.44 2.35
C ARG A 67 10.72 -11.92 3.78
N VAL A 68 9.53 -12.04 4.34
CA VAL A 68 9.27 -11.57 5.71
C VAL A 68 9.98 -12.43 6.75
N GLU A 69 10.05 -13.74 6.57
CA GLU A 69 10.73 -14.61 7.54
C GLU A 69 12.18 -14.16 7.73
N ARG A 70 12.84 -13.78 6.65
CA ARG A 70 14.23 -13.33 6.74
C ARG A 70 14.34 -12.04 7.56
N VAL A 71 13.33 -11.19 7.48
CA VAL A 71 13.32 -9.94 8.26
C VAL A 71 12.96 -10.27 9.71
N ARG A 72 11.95 -11.12 9.91
CA ARG A 72 11.53 -11.51 11.25
C ARG A 72 12.60 -12.20 12.06
N HIS A 73 13.45 -12.98 11.41
CA HIS A 73 14.56 -13.65 12.09
C HIS A 73 15.46 -12.60 12.75
N GLN A 74 15.68 -11.48 12.08
CA GLN A 74 16.50 -10.41 12.60
C GLN A 74 15.77 -9.65 13.71
N LEU A 75 14.48 -9.45 13.54
CA LEU A 75 13.67 -8.69 14.51
C LEU A 75 13.37 -9.44 15.81
N GLY A 76 13.51 -10.75 15.81
CA GLY A 76 13.26 -11.56 17.00
C GLY A 76 11.83 -11.60 17.53
N ARG A 77 10.94 -10.83 16.92
CA ARG A 77 9.55 -10.74 17.34
C ARG A 77 8.83 -12.02 16.92
N ARG A 78 7.91 -12.51 17.75
CA ARG A 78 7.26 -13.81 17.51
C ARG A 78 6.43 -13.93 16.22
N ARG A 79 5.75 -12.87 15.80
CA ARG A 79 4.98 -12.93 14.56
C ARG A 79 4.88 -11.60 13.85
N MET A 80 4.62 -11.64 12.55
CA MET A 80 4.51 -10.48 11.70
C MET A 80 3.12 -10.41 11.08
N LYS A 81 2.73 -9.22 10.67
CA LYS A 81 1.49 -8.97 9.94
C LYS A 81 1.88 -7.88 8.96
N LEU A 82 1.53 -8.03 7.69
CA LEU A 82 1.97 -7.07 6.67
C LEU A 82 0.90 -6.80 5.62
N LEU A 83 0.60 -5.53 5.41
CA LEU A 83 -0.34 -5.13 4.36
C LEU A 83 0.43 -5.06 3.04
N ASN A 84 0.24 -6.06 2.20
CA ASN A 84 0.92 -6.14 0.89
C ASN A 84 -0.06 -5.72 -0.19
N VAL A 85 0.16 -4.55 -0.76
CA VAL A 85 -0.75 -3.99 -1.76
C VAL A 85 -0.22 -4.20 -3.17
N PHE A 86 -0.89 -5.04 -3.94
CA PHE A 86 -0.49 -5.33 -5.32
C PHE A 86 -1.15 -4.40 -6.32
N PHE A 87 -0.39 -3.47 -6.86
CA PHE A 87 -0.90 -2.59 -7.90
C PHE A 87 -0.86 -3.41 -9.18
N SER A 88 -1.99 -3.49 -9.88
CA SER A 88 -2.15 -4.33 -11.05
C SER A 88 -2.98 -3.63 -12.11
N THR A 89 -2.94 -4.11 -13.34
CA THR A 89 -3.78 -3.56 -14.40
C THR A 89 -5.23 -3.91 -14.12
N GLU A 90 -5.46 -5.18 -13.84
CA GLU A 90 -6.80 -5.71 -13.65
C GLU A 90 -6.69 -6.92 -12.75
N ALA A 91 -7.83 -7.50 -12.42
CA ALA A 91 -7.90 -8.61 -11.48
C ALA A 91 -7.90 -9.96 -12.20
N PRO A 92 -7.39 -11.02 -11.53
CA PRO A 92 -7.48 -12.36 -12.15
C PRO A 92 -8.93 -12.80 -12.41
N VAL A 93 -9.10 -13.60 -13.44
CA VAL A 93 -10.43 -14.03 -13.88
C VAL A 93 -11.08 -15.18 -13.08
N ASP A 94 -10.30 -15.84 -12.23
CA ASP A 94 -10.73 -17.04 -11.52
C ASP A 94 -10.80 -16.96 -9.98
N ASP A 95 -11.82 -16.28 -9.46
CA ASP A 95 -12.09 -16.21 -8.00
C ASP A 95 -10.90 -15.74 -7.13
N TRP A 96 -10.29 -14.65 -7.53
CA TRP A 96 -9.21 -14.05 -6.77
C TRP A 96 -9.77 -13.47 -5.46
N GLU A 97 -11.07 -13.24 -5.42
CA GLU A 97 -11.71 -12.65 -4.24
C GLU A 97 -11.59 -13.51 -3.00
N GLU A 98 -11.61 -14.83 -3.18
CA GLU A 98 -11.43 -15.74 -2.04
C GLU A 98 -10.07 -15.43 -1.41
N ILE A 99 -9.10 -15.07 -2.24
CA ILE A 99 -7.75 -14.81 -1.77
C ILE A 99 -7.68 -13.54 -0.96
N ALA A 100 -8.31 -12.48 -1.44
CA ALA A 100 -8.26 -11.19 -0.76
C ALA A 100 -8.99 -11.23 0.57
N LYS A 101 -9.97 -12.09 0.65
CA LYS A 101 -10.81 -12.21 1.83
C LYS A 101 -10.29 -13.29 2.80
N LYS A 102 -9.12 -13.87 2.49
CA LYS A 102 -8.50 -14.86 3.37
C LYS A 102 -7.12 -14.41 3.86
N THR A 103 -6.78 -14.74 5.09
CA THR A 103 -5.46 -14.39 5.64
C THR A 103 -4.48 -15.49 5.30
N PHE A 104 -3.36 -15.10 4.72
CA PHE A 104 -2.30 -16.05 4.43
C PHE A 104 -1.45 -16.17 5.69
N GLU A 105 -1.19 -17.37 6.15
CA GLU A 105 -0.36 -17.57 7.34
C GLU A 105 0.69 -18.62 7.08
N LYS A 106 1.92 -18.27 7.38
CA LYS A 106 3.06 -19.15 7.17
C LYS A 106 4.13 -18.86 8.21
N GLY A 107 4.39 -19.81 9.10
CA GLY A 107 5.44 -19.61 10.10
C GLY A 107 5.22 -18.40 10.99
N THR A 108 6.25 -17.55 11.07
CA THR A 108 6.21 -16.34 11.90
C THR A 108 5.50 -15.21 11.18
N VAL A 109 4.81 -15.50 10.09
CA VAL A 109 4.15 -14.48 9.30
C VAL A 109 2.66 -14.72 9.13
N SER A 110 1.95 -13.61 9.00
CA SER A 110 0.55 -13.59 8.64
C SER A 110 0.54 -12.42 7.66
N VAL A 111 -0.21 -12.54 6.58
CA VAL A 111 -0.24 -11.48 5.55
C VAL A 111 -1.67 -11.23 5.11
N GLU A 112 -2.02 -9.96 4.97
CA GLU A 112 -3.30 -9.61 4.38
C GLU A 112 -3.02 -9.09 2.97
N PRO A 113 -3.48 -9.81 1.93
CA PRO A 113 -3.25 -9.25 0.59
C PRO A 113 -4.21 -8.11 0.29
N ALA A 114 -3.84 -7.26 -0.65
CA ALA A 114 -4.69 -6.19 -1.12
C ALA A 114 -4.29 -6.02 -2.57
N ILE A 115 -5.20 -5.55 -3.41
CA ILE A 115 -4.92 -5.41 -4.84
C ILE A 115 -5.63 -4.17 -5.34
N VAL A 116 -4.95 -3.40 -6.18
CA VAL A 116 -5.51 -2.18 -6.76
C VAL A 116 -5.54 -2.40 -8.26
N ARG A 117 -6.72 -2.34 -8.84
CA ARG A 117 -6.93 -2.52 -10.26
C ARG A 117 -6.72 -1.17 -10.88
N GLY A 118 -6.39 -1.11 -12.16
CA GLY A 118 -6.41 0.16 -12.85
C GLY A 118 -7.87 0.41 -13.21
N THR A 119 -8.61 -0.67 -13.36
CA THR A 119 -10.02 -0.64 -13.77
C THR A 119 -10.99 -0.05 -12.74
N MET A 120 -10.82 -0.38 -11.47
CA MET A 120 -11.70 0.12 -10.40
C MET A 120 -10.85 0.71 -9.30
N LEU A 121 -9.79 1.36 -9.73
CA LEU A 121 -8.79 1.97 -8.85
C LEU A 121 -9.36 2.76 -7.69
N ARG A 122 -10.38 3.57 -7.94
CA ARG A 122 -10.95 4.41 -6.89
C ARG A 122 -11.70 3.60 -5.83
N ASP A 123 -12.29 2.48 -6.22
CA ASP A 123 -12.99 1.63 -5.25
C ASP A 123 -11.95 0.94 -4.38
N ASP A 124 -10.88 0.48 -5.02
CA ASP A 124 -9.80 -0.19 -4.30
C ASP A 124 -9.13 0.76 -3.34
N LEU A 125 -8.91 1.99 -3.78
CA LEU A 125 -8.26 2.97 -2.92
C LEU A 125 -9.04 3.25 -1.67
N GLN A 126 -10.36 3.39 -1.73
CA GLN A 126 -11.11 3.67 -0.50
C GLN A 126 -11.26 2.44 0.38
N ALA A 127 -11.00 1.26 -0.16
CA ALA A 127 -11.09 0.03 0.63
C ALA A 127 -9.79 -0.22 1.40
N VAL A 128 -8.67 0.06 0.75
CA VAL A 128 -7.35 -0.19 1.35
C VAL A 128 -6.85 1.06 2.08
N PHE A 129 -7.06 2.22 1.46
CA PHE A 129 -6.64 3.50 2.02
C PHE A 129 -7.81 4.50 2.05
N PRO A 130 -8.82 4.28 2.92
CA PRO A 130 -9.93 5.24 2.96
C PRO A 130 -9.52 6.65 3.37
N SER A 131 -8.32 6.77 3.93
CA SER A 131 -7.77 8.07 4.34
C SER A 131 -7.09 8.80 3.18
N PHE A 132 -7.10 8.22 2.00
CA PHE A 132 -6.49 8.86 0.83
C PHE A 132 -7.37 10.00 0.36
N ARG A 133 -6.76 11.12 0.03
CA ARG A 133 -7.51 12.30 -0.42
C ARG A 133 -7.81 12.18 -1.91
N THR A 134 -9.09 12.16 -2.23
CA THR A 134 -9.54 12.00 -3.62
C THR A 134 -9.21 13.21 -4.48
N GLU A 135 -8.83 14.30 -3.83
CA GLU A 135 -8.43 15.53 -4.52
C GLU A 135 -7.27 15.24 -5.46
N ASP A 136 -6.38 14.39 -4.98
CA ASP A 136 -5.15 14.01 -5.69
C ASP A 136 -5.42 13.10 -6.88
N CYS A 137 -6.65 12.63 -7.00
CA CYS A 137 -7.01 11.68 -8.04
C CYS A 137 -8.22 12.15 -8.86
N SER A 138 -8.30 13.46 -9.09
CA SER A 138 -9.38 13.98 -9.92
C SER A 138 -9.15 13.46 -11.34
N GLU A 139 -10.18 12.92 -11.97
CA GLU A 139 -10.05 12.31 -13.29
C GLU A 139 -9.73 13.31 -14.40
N GLU A 140 -10.12 14.56 -14.23
CA GLU A 140 -9.85 15.61 -15.21
C GLU A 140 -8.33 15.82 -15.36
N HIS A 141 -7.60 15.61 -14.28
CA HIS A 141 -6.15 15.81 -14.27
C HIS A 141 -5.39 14.49 -14.49
N ALA A 142 -6.11 13.45 -14.85
CA ALA A 142 -5.49 12.13 -15.06
C ALA A 142 -4.72 12.12 -16.39
N SER A 143 -3.40 12.09 -16.31
CA SER A 143 -2.55 12.03 -17.49
C SER A 143 -1.40 11.08 -17.22
N PHE A 144 -0.95 10.39 -18.26
CA PHE A 144 0.13 9.41 -18.10
C PHE A 144 1.45 10.09 -17.73
N GLU A 145 1.67 11.31 -18.21
CA GLU A 145 2.89 12.06 -17.89
C GLU A 145 2.88 12.44 -16.41
N ASN A 146 1.69 12.65 -15.86
CA ASN A 146 1.57 13.03 -14.45
C ASN A 146 2.13 11.91 -13.57
N ALA A 147 2.11 10.67 -14.07
CA ALA A 147 2.67 9.54 -13.35
C ALA A 147 4.19 9.67 -13.20
N GLN A 148 4.84 10.12 -14.26
CA GLN A 148 6.29 10.29 -14.24
C GLN A 148 6.63 11.40 -13.24
N MET A 149 5.82 12.46 -13.27
CA MET A 149 5.99 13.58 -12.35
C MET A 149 5.67 13.20 -10.90
N ALA A 150 4.79 12.22 -10.70
CA ALA A 150 4.42 11.80 -9.35
C ALA A 150 5.60 11.25 -8.58
N ARG A 151 6.53 10.58 -9.26
CA ARG A 151 7.71 10.05 -8.59
C ARG A 151 8.52 11.21 -8.08
N GLU A 152 8.73 12.20 -8.94
CA GLU A 152 9.51 13.36 -8.53
C GLU A 152 8.84 14.07 -7.37
N ARG A 153 7.53 14.26 -7.48
CA ARG A 153 6.78 14.97 -6.44
C ARG A 153 6.87 14.23 -5.12
N PHE A 154 6.89 12.92 -5.15
CA PHE A 154 7.04 12.12 -3.94
C PHE A 154 8.41 12.34 -3.30
N LEU A 155 9.46 12.40 -4.12
CA LEU A 155 10.82 12.60 -3.62
C LEU A 155 10.95 13.99 -2.99
N SER A 156 10.28 14.96 -3.57
CA SER A 156 10.25 16.31 -2.98
C SER A 156 9.43 16.29 -1.69
N LEU A 157 8.31 15.59 -1.72
CA LEU A 157 7.40 15.53 -0.58
C LEU A 157 8.02 14.87 0.64
N VAL A 158 8.71 13.74 0.50
CA VAL A 158 9.24 13.05 1.66
C VAL A 158 10.20 13.93 2.48
N LEU A 159 11.04 14.72 1.83
CA LEU A 159 11.93 15.59 2.58
C LEU A 159 11.14 16.76 3.18
N LYS A 160 10.21 17.33 2.42
CA LYS A 160 9.39 18.43 2.94
C LYS A 160 8.58 17.96 4.14
N GLN A 161 8.20 16.70 4.12
CA GLN A 161 7.42 16.11 5.18
C GLN A 161 8.15 16.22 6.51
N GLU A 162 9.46 16.30 6.52
CA GLU A 162 10.17 16.40 7.81
C GLU A 162 9.76 17.64 8.57
N GLU A 163 9.54 18.73 7.84
CA GLU A 163 9.07 19.97 8.42
C GLU A 163 7.56 19.87 8.70
N GLN A 164 6.81 19.44 7.70
CA GLN A 164 5.36 19.41 7.79
C GLN A 164 4.81 18.41 8.80
N ARG A 165 5.45 17.26 8.97
CA ARG A 165 4.95 16.22 9.89
C ARG A 165 4.89 16.68 11.33
N LYS A 166 5.58 17.76 11.68
CA LYS A 166 5.55 18.26 13.04
C LYS A 166 4.12 18.77 13.29
N THR A 167 3.61 19.60 12.39
CA THR A 167 2.25 20.10 12.48
C THR A 167 1.20 19.07 12.03
N GLU A 168 1.54 18.25 11.04
CA GLU A 168 0.62 17.25 10.49
C GLU A 168 0.21 16.22 11.54
N ALA A 169 1.05 16.03 12.55
CA ALA A 169 0.74 15.11 13.64
C ALA A 169 -0.51 15.53 14.43
N ALA A 170 -0.95 16.78 14.24
CA ALA A 170 -2.11 17.31 14.94
C ALA A 170 -3.40 17.28 14.10
N VAL A 171 -3.39 16.71 12.91
CA VAL A 171 -4.62 16.69 12.10
C VAL A 171 -5.60 15.74 12.78
N PHE A 172 -6.87 16.05 12.67
CA PHE A 172 -7.91 15.24 13.31
C PHE A 172 -9.15 15.21 12.43
N GLN A 173 -10.06 14.32 12.77
CA GLN A 173 -11.31 14.13 12.06
C GLN A 173 -12.28 13.63 13.13
N ASN A 174 -13.55 13.49 12.78
CA ASN A 174 -14.56 13.00 13.72
C ASN A 174 -15.29 11.81 13.11
N GLY A 175 -14.52 10.90 12.53
CA GLY A 175 -15.08 9.72 11.89
C GLY A 175 -14.33 9.36 10.63
N LYS A 176 -14.67 8.23 10.05
CA LYS A 176 -14.05 7.74 8.82
C LYS A 176 -15.16 7.20 7.96
N LEU A 177 -15.02 7.32 6.65
CA LEU A 177 -15.99 6.77 5.71
C LEU A 177 -15.21 5.73 4.92
N GLU A 178 -15.82 4.58 4.69
CA GLU A 178 -15.16 3.46 4.04
C GLU A 178 -16.25 2.73 3.27
N ARG A 179 -15.96 2.25 2.07
CA ARG A 179 -16.98 1.60 1.21
C ARG A 179 -16.34 0.58 0.28
N GLU A 180 -17.18 -0.25 -0.31
CA GLU A 180 -16.79 -1.23 -1.31
C GLU A 180 -17.97 -1.19 -2.29
N ASN A 181 -17.71 -1.30 -3.58
CA ASN A 181 -18.77 -1.27 -4.60
C ASN A 181 -18.50 -2.41 -5.60
N LEU A 182 -18.19 -3.57 -5.07
CA LEU A 182 -17.87 -4.72 -5.90
C LEU A 182 -19.12 -5.38 -6.45
N TYR A 183 -19.61 -4.91 -7.59
CA TYR A 183 -20.67 -5.61 -8.31
C TYR A 183 -20.79 -5.08 -9.73
N PHE A 184 -20.80 -6.01 -10.67
CA PHE A 184 -20.79 -5.68 -12.09
C PHE A 184 -21.64 -6.68 -12.86
N GLN A 185 -22.76 -7.06 -12.26
CA GLN A 185 -23.69 -8.03 -12.83
C GLN A 185 -25.07 -7.57 -12.39
N MET A 1 4.84 5.69 -16.95
CA MET A 1 3.68 6.62 -16.91
C MET A 1 2.37 5.85 -17.02
N PHE A 2 2.23 4.79 -16.24
CA PHE A 2 1.02 3.96 -16.29
C PHE A 2 -0.04 4.53 -15.36
N LEU A 3 -1.31 4.21 -15.61
CA LEU A 3 -2.41 4.66 -14.74
C LEU A 3 -2.17 4.19 -13.30
N LEU A 4 -1.61 2.99 -13.19
CA LEU A 4 -1.33 2.37 -11.90
C LEU A 4 -0.39 3.21 -11.05
N GLU A 5 0.55 3.87 -11.72
CA GLU A 5 1.57 4.66 -11.03
C GLU A 5 0.97 5.89 -10.36
N TYR A 6 -0.15 6.38 -10.87
CA TYR A 6 -0.80 7.54 -10.29
C TYR A 6 -1.17 7.24 -8.85
N THR A 7 -1.87 6.14 -8.63
CA THR A 7 -2.26 5.74 -7.29
C THR A 7 -1.07 5.24 -6.49
N TYR A 8 -0.21 4.45 -7.12
CA TYR A 8 0.95 3.86 -6.47
C TYR A 8 1.85 4.93 -5.84
N TRP A 9 2.25 5.94 -6.60
CA TRP A 9 3.13 6.97 -6.05
C TRP A 9 2.38 7.93 -5.12
N LYS A 10 1.11 8.20 -5.37
CA LYS A 10 0.36 9.08 -4.45
C LYS A 10 0.12 8.40 -3.11
N ILE A 11 -0.08 7.09 -3.10
CA ILE A 11 -0.25 6.37 -1.85
C ILE A 11 1.09 6.27 -1.14
N ALA A 12 2.18 6.16 -1.87
CA ALA A 12 3.50 6.16 -1.24
C ALA A 12 3.64 7.45 -0.44
N ALA A 13 3.22 8.56 -1.04
CA ALA A 13 3.27 9.86 -0.38
C ALA A 13 2.29 9.91 0.81
N HIS A 14 1.11 9.35 0.63
CA HIS A 14 0.08 9.32 1.67
C HIS A 14 0.61 8.57 2.90
N LEU A 15 1.22 7.42 2.69
CA LEU A 15 1.76 6.65 3.80
C LEU A 15 2.88 7.44 4.47
N VAL A 16 3.75 8.03 3.67
CA VAL A 16 4.86 8.81 4.24
C VAL A 16 4.33 9.98 5.10
N ASN A 17 3.31 10.70 4.65
CA ASN A 17 2.77 11.81 5.46
C ASN A 17 1.92 11.29 6.63
N SER A 18 1.61 10.01 6.62
CA SER A 18 0.92 9.37 7.75
C SER A 18 1.97 8.85 8.74
N GLY A 19 3.23 9.16 8.48
CA GLY A 19 4.31 8.82 9.39
C GLY A 19 5.04 7.51 9.10
N TYR A 20 4.64 6.79 8.07
CA TYR A 20 5.28 5.52 7.75
C TYR A 20 6.71 5.75 7.30
N GLY A 21 7.62 4.99 7.89
CA GLY A 21 9.03 5.15 7.58
C GLY A 21 9.40 4.36 6.35
N VAL A 22 10.10 4.98 5.42
CA VAL A 22 10.52 4.31 4.19
C VAL A 22 11.67 3.37 4.53
N ILE A 23 11.51 2.11 4.17
CA ILE A 23 12.55 1.11 4.40
C ILE A 23 13.41 1.03 3.14
N GLN A 24 12.75 0.92 1.99
CA GLN A 24 13.43 0.92 0.69
C GLN A 24 12.48 1.53 -0.33
N ALA A 25 12.98 2.51 -1.08
CA ALA A 25 12.25 3.12 -2.18
C ALA A 25 13.21 3.37 -3.33
N GLY A 26 13.12 2.57 -4.38
CA GLY A 26 13.99 2.76 -5.54
C GLY A 26 13.74 1.72 -6.60
N GLU A 27 13.25 0.58 -6.16
CA GLU A 27 12.96 -0.57 -7.02
C GLU A 27 11.86 -0.23 -8.03
N SER A 28 11.06 0.78 -7.69
CA SER A 28 9.98 1.34 -8.54
C SER A 28 8.79 0.43 -8.74
N ASP A 29 8.97 -0.87 -8.59
CA ASP A 29 7.87 -1.82 -8.66
C ASP A 29 7.36 -2.07 -7.24
N GLU A 30 8.25 -1.96 -6.26
CA GLU A 30 7.86 -2.14 -4.86
C GLU A 30 8.43 -1.05 -3.95
N ILE A 31 7.71 -0.78 -2.86
CA ILE A 31 8.15 0.17 -1.82
C ILE A 31 7.76 -0.45 -0.49
N TRP A 32 8.67 -0.44 0.48
CA TRP A 32 8.38 -0.96 1.81
C TRP A 32 8.28 0.19 2.81
N LEU A 33 7.23 0.16 3.59
CA LEU A 33 6.92 1.18 4.60
C LEU A 33 6.75 0.48 5.95
N GLU A 34 7.34 1.04 7.00
CA GLU A 34 7.15 0.49 8.34
C GLU A 34 6.02 1.26 9.02
N ALA A 35 5.10 0.53 9.64
CA ALA A 35 3.97 1.14 10.32
C ALA A 35 4.52 1.93 11.52
N PRO A 36 4.17 3.22 11.67
CA PRO A 36 4.76 3.95 12.80
C PRO A 36 4.12 3.63 14.15
N ASP A 37 2.84 3.28 14.12
CA ASP A 37 2.06 2.98 15.31
C ASP A 37 2.37 1.59 15.87
N LYS A 38 2.76 0.70 14.96
CA LYS A 38 3.13 -0.68 15.29
C LYS A 38 2.05 -1.46 16.05
N SER A 39 0.82 -1.23 15.61
CA SER A 39 -0.34 -2.08 15.92
C SER A 39 -0.06 -3.42 15.25
N SER A 40 -1.02 -4.34 15.25
CA SER A 40 -0.81 -5.64 14.60
C SER A 40 -0.08 -5.53 13.24
N HIS A 41 -0.38 -4.53 12.43
CA HIS A 41 0.39 -4.28 11.20
C HIS A 41 1.72 -3.64 11.56
N ASP A 42 2.80 -4.27 11.15
CA ASP A 42 4.14 -3.73 11.39
C ASP A 42 4.67 -3.15 10.09
N LEU A 43 4.19 -3.67 8.97
CA LEU A 43 4.67 -3.25 7.65
C LEU A 43 3.58 -3.13 6.59
N VAL A 44 3.85 -2.30 5.60
CA VAL A 44 2.98 -2.11 4.44
C VAL A 44 3.88 -2.19 3.21
N ARG A 45 3.45 -2.90 2.18
CA ARG A 45 4.18 -3.04 0.93
C ARG A 45 3.27 -2.61 -0.21
N LEU A 46 3.79 -1.73 -1.05
CA LEU A 46 3.06 -1.32 -2.26
C LEU A 46 3.73 -2.09 -3.37
N TYR A 47 2.96 -2.73 -4.22
CA TYR A 47 3.52 -3.59 -5.27
C TYR A 47 2.85 -3.40 -6.62
N LYS A 48 3.51 -2.69 -7.52
CA LYS A 48 3.00 -2.46 -8.87
C LYS A 48 3.33 -3.72 -9.68
N HIS A 49 2.37 -4.61 -9.78
CA HIS A 49 2.58 -5.91 -10.40
C HIS A 49 1.28 -6.42 -11.00
N ASP A 50 1.31 -6.70 -12.29
CA ASP A 50 0.14 -7.23 -13.00
C ASP A 50 0.04 -8.73 -12.74
N LEU A 51 -1.17 -9.27 -12.78
CA LEU A 51 -1.41 -10.66 -12.42
C LEU A 51 -2.40 -11.36 -13.34
N ASP A 52 -1.93 -12.29 -14.15
CA ASP A 52 -2.78 -13.03 -15.08
C ASP A 52 -3.69 -14.05 -14.37
N PHE A 53 -3.13 -14.74 -13.37
CA PHE A 53 -3.84 -15.82 -12.67
C PHE A 53 -3.69 -15.71 -11.16
N ARG A 54 -4.64 -16.27 -10.42
CA ARG A 54 -4.56 -16.26 -8.95
C ARG A 54 -3.36 -17.04 -8.44
N GLN A 55 -2.84 -17.97 -9.22
CA GLN A 55 -1.69 -18.74 -8.75
C GLN A 55 -0.48 -17.82 -8.62
N GLU A 56 -0.31 -16.91 -9.56
CA GLU A 56 0.81 -15.97 -9.47
C GLU A 56 0.55 -15.04 -8.29
N MET A 57 -0.71 -14.69 -8.10
CA MET A 57 -1.09 -13.82 -6.99
C MET A 57 -0.73 -14.44 -5.65
N VAL A 58 -1.14 -15.69 -5.40
CA VAL A 58 -0.83 -16.32 -4.10
C VAL A 58 0.68 -16.50 -3.91
N ARG A 59 1.38 -16.72 -5.01
CA ARG A 59 2.84 -16.93 -4.95
C ARG A 59 3.54 -15.67 -4.52
N ASP A 60 3.07 -14.53 -4.97
CA ASP A 60 3.67 -13.27 -4.57
C ASP A 60 3.58 -13.11 -3.06
N ILE A 61 2.47 -13.49 -2.44
CA ILE A 61 2.35 -13.36 -0.98
C ILE A 61 3.17 -14.41 -0.26
N GLU A 62 3.29 -15.61 -0.82
CA GLU A 62 4.10 -16.64 -0.18
C GLU A 62 5.55 -16.15 -0.16
N GLU A 63 5.95 -15.43 -1.20
CA GLU A 63 7.28 -14.82 -1.24
C GLU A 63 7.35 -13.72 -0.19
N GLN A 64 6.31 -12.89 -0.09
CA GLN A 64 6.33 -11.81 0.90
C GLN A 64 6.50 -12.38 2.29
N ALA A 65 5.83 -13.48 2.60
CA ALA A 65 5.92 -14.07 3.93
C ALA A 65 7.32 -14.61 4.19
N GLU A 66 7.91 -15.28 3.20
CA GLU A 66 9.26 -15.82 3.35
C GLU A 66 10.27 -14.67 3.51
N ARG A 67 10.16 -13.68 2.65
CA ARG A 67 11.02 -12.51 2.66
C ARG A 67 10.92 -11.78 3.99
N VAL A 68 9.70 -11.52 4.43
CA VAL A 68 9.48 -10.74 5.62
C VAL A 68 9.82 -11.50 6.90
N GLU A 69 9.64 -12.80 6.93
CA GLU A 69 9.92 -13.56 8.15
C GLU A 69 11.40 -13.51 8.49
N ARG A 70 12.25 -13.61 7.48
CA ARG A 70 13.70 -13.60 7.70
C ARG A 70 14.14 -12.29 8.35
N VAL A 71 13.47 -11.21 7.97
CA VAL A 71 13.76 -9.90 8.53
C VAL A 71 13.13 -9.73 9.92
N ARG A 72 11.85 -10.05 10.02
CA ARG A 72 11.07 -9.80 11.24
C ARG A 72 11.38 -10.68 12.42
N HIS A 73 11.81 -11.92 12.20
CA HIS A 73 12.18 -12.79 13.32
C HIS A 73 13.28 -12.14 14.17
N GLN A 74 14.10 -11.32 13.54
CA GLN A 74 15.19 -10.63 14.23
C GLN A 74 14.69 -9.62 15.27
N LEU A 75 13.44 -9.17 15.14
CA LEU A 75 12.86 -8.23 16.08
C LEU A 75 12.32 -8.97 17.31
N GLY A 76 12.22 -10.29 17.21
CA GLY A 76 11.70 -11.10 18.30
C GLY A 76 10.20 -10.91 18.51
N ARG A 77 9.53 -10.25 17.57
CA ARG A 77 8.09 -10.01 17.68
C ARG A 77 7.38 -11.36 17.57
N ARG A 78 6.38 -11.58 18.41
CA ARG A 78 5.70 -12.88 18.47
C ARG A 78 4.98 -13.28 17.20
N ARG A 79 4.39 -12.31 16.50
CA ARG A 79 3.76 -12.56 15.21
C ARG A 79 3.80 -11.28 14.40
N MET A 80 3.73 -11.39 13.09
CA MET A 80 3.79 -10.26 12.20
C MET A 80 2.50 -10.09 11.42
N LYS A 81 2.21 -8.87 10.99
CA LYS A 81 1.14 -8.66 10.01
C LYS A 81 1.62 -7.65 8.97
N LEU A 82 1.56 -8.05 7.72
CA LEU A 82 1.98 -7.24 6.59
C LEU A 82 0.75 -6.91 5.76
N LEU A 83 0.69 -5.73 5.17
CA LEU A 83 -0.37 -5.38 4.23
C LEU A 83 0.30 -5.34 2.85
N ASN A 84 -0.17 -6.16 1.91
CA ASN A 84 0.43 -6.20 0.57
C ASN A 84 -0.57 -5.74 -0.47
N VAL A 85 -0.34 -4.55 -1.03
CA VAL A 85 -1.27 -3.96 -1.99
C VAL A 85 -0.75 -4.05 -3.43
N PHE A 86 -1.37 -4.93 -4.21
CA PHE A 86 -1.03 -5.06 -5.62
C PHE A 86 -1.66 -3.90 -6.40
N PHE A 87 -1.00 -3.47 -7.45
CA PHE A 87 -1.56 -2.51 -8.41
C PHE A 87 -1.40 -3.19 -9.76
N SER A 88 -2.51 -3.51 -10.40
CA SER A 88 -2.52 -4.28 -11.64
C SER A 88 -3.45 -3.62 -12.65
N THR A 89 -3.30 -3.94 -13.92
CA THR A 89 -4.15 -3.39 -14.96
C THR A 89 -5.49 -4.09 -14.92
N GLU A 90 -5.43 -5.41 -14.91
CA GLU A 90 -6.62 -6.24 -14.95
C GLU A 90 -6.55 -7.15 -13.75
N ALA A 91 -7.70 -7.65 -13.38
CA ALA A 91 -7.79 -8.58 -12.27
C ALA A 91 -7.50 -9.97 -12.86
N PRO A 92 -6.93 -10.90 -12.06
CA PRO A 92 -6.67 -12.24 -12.60
C PRO A 92 -7.93 -12.93 -13.12
N VAL A 93 -7.77 -13.73 -14.16
CA VAL A 93 -8.92 -14.35 -14.84
C VAL A 93 -9.58 -15.51 -14.09
N ASP A 94 -8.95 -16.02 -13.04
CA ASP A 94 -9.53 -17.12 -12.28
C ASP A 94 -9.46 -16.87 -10.77
N ASP A 95 -10.56 -17.21 -10.10
CA ASP A 95 -10.77 -17.11 -8.62
C ASP A 95 -9.77 -16.28 -7.79
N TRP A 96 -9.65 -15.00 -8.09
CA TRP A 96 -8.77 -14.14 -7.34
C TRP A 96 -9.52 -13.57 -6.14
N GLU A 97 -10.84 -13.49 -6.21
CA GLU A 97 -11.61 -12.85 -5.14
C GLU A 97 -11.50 -13.56 -3.82
N GLU A 98 -11.41 -14.88 -3.83
CA GLU A 98 -11.27 -15.62 -2.58
C GLU A 98 -9.87 -15.42 -2.02
N ILE A 99 -8.91 -15.04 -2.87
CA ILE A 99 -7.53 -14.77 -2.45
C ILE A 99 -7.51 -13.50 -1.62
N ALA A 100 -8.28 -12.50 -2.02
CA ALA A 100 -8.32 -11.23 -1.30
C ALA A 100 -8.87 -11.40 0.12
N LYS A 101 -9.72 -12.40 0.29
CA LYS A 101 -10.33 -12.71 1.58
C LYS A 101 -9.44 -13.67 2.38
N LYS A 102 -8.32 -14.04 1.79
CA LYS A 102 -7.42 -15.06 2.35
C LYS A 102 -6.18 -14.47 3.02
N THR A 103 -6.19 -14.39 4.34
CA THR A 103 -4.98 -13.97 5.03
C THR A 103 -4.00 -15.11 4.87
N PHE A 104 -2.84 -14.82 4.31
CA PHE A 104 -1.82 -15.82 4.15
C PHE A 104 -1.07 -15.88 5.45
N GLU A 105 -1.00 -17.05 6.08
CA GLU A 105 -0.27 -17.19 7.34
C GLU A 105 0.78 -18.26 7.19
N LYS A 106 2.00 -17.88 7.55
CA LYS A 106 3.15 -18.78 7.46
C LYS A 106 4.09 -18.50 8.61
N GLY A 107 4.37 -19.52 9.40
CA GLY A 107 5.27 -19.35 10.54
C GLY A 107 4.68 -18.37 11.53
N THR A 108 5.32 -17.22 11.67
CA THR A 108 4.84 -16.18 12.58
C THR A 108 4.21 -15.02 11.80
N VAL A 109 4.22 -15.08 10.48
CA VAL A 109 3.71 -13.98 9.67
C VAL A 109 2.29 -14.19 9.21
N SER A 110 1.50 -13.12 9.24
CA SER A 110 0.19 -13.09 8.63
C SER A 110 0.27 -11.98 7.58
N VAL A 111 -0.31 -12.16 6.41
CA VAL A 111 -0.29 -11.14 5.37
C VAL A 111 -1.64 -10.96 4.80
N GLU A 112 -2.03 -9.71 4.73
CA GLU A 112 -3.31 -9.34 4.22
C GLU A 112 -3.15 -8.85 2.78
N PRO A 113 -3.62 -9.64 1.79
CA PRO A 113 -3.51 -9.15 0.42
C PRO A 113 -4.61 -8.15 0.06
N ALA A 114 -4.33 -7.30 -0.90
CA ALA A 114 -5.29 -6.35 -1.42
C ALA A 114 -4.84 -6.10 -2.84
N ILE A 115 -5.75 -5.77 -3.75
CA ILE A 115 -5.38 -5.56 -5.15
C ILE A 115 -6.23 -4.45 -5.76
N VAL A 116 -5.55 -3.56 -6.45
CA VAL A 116 -6.18 -2.48 -7.18
C VAL A 116 -6.09 -2.91 -8.63
N ARG A 117 -7.21 -2.94 -9.35
CA ARG A 117 -7.18 -3.26 -10.78
C ARG A 117 -7.56 -1.97 -11.47
N GLY A 118 -6.96 -1.69 -12.61
CA GLY A 118 -7.19 -0.43 -13.30
C GLY A 118 -8.62 -0.22 -13.73
N THR A 119 -9.37 -1.30 -13.83
CA THR A 119 -10.77 -1.26 -14.25
C THR A 119 -11.66 -0.46 -13.31
N MET A 120 -11.27 -0.41 -12.05
CA MET A 120 -12.02 0.36 -11.06
C MET A 120 -11.01 0.91 -10.06
N LEU A 121 -9.93 1.42 -10.61
CA LEU A 121 -8.78 1.91 -9.85
C LEU A 121 -9.15 2.75 -8.61
N ARG A 122 -10.02 3.74 -8.79
CA ARG A 122 -10.40 4.63 -7.68
C ARG A 122 -11.21 3.90 -6.60
N ASP A 123 -12.04 2.97 -7.01
CA ASP A 123 -12.95 2.26 -6.11
C ASP A 123 -12.17 1.27 -5.26
N ASP A 124 -11.19 0.61 -5.85
CA ASP A 124 -10.34 -0.30 -5.10
C ASP A 124 -9.47 0.50 -4.14
N LEU A 125 -9.00 1.65 -4.59
CA LEU A 125 -8.12 2.47 -3.79
C LEU A 125 -8.79 2.89 -2.49
N GLN A 126 -10.01 3.42 -2.58
CA GLN A 126 -10.69 3.89 -1.38
C GLN A 126 -11.16 2.72 -0.50
N ALA A 127 -11.16 1.52 -1.04
CA ALA A 127 -11.52 0.35 -0.25
C ALA A 127 -10.35 -0.06 0.66
N VAL A 128 -9.13 0.07 0.16
CA VAL A 128 -7.95 -0.31 0.96
C VAL A 128 -7.42 0.89 1.77
N PHE A 129 -7.48 2.08 1.19
CA PHE A 129 -7.06 3.31 1.87
C PHE A 129 -8.15 4.38 1.78
N PRO A 130 -9.23 4.26 2.59
CA PRO A 130 -10.28 5.28 2.55
C PRO A 130 -9.81 6.64 3.09
N SER A 131 -8.68 6.64 3.79
CA SER A 131 -8.10 7.86 4.32
C SER A 131 -7.41 8.68 3.22
N PHE A 132 -7.28 8.11 2.04
CA PHE A 132 -6.65 8.83 0.94
C PHE A 132 -7.60 9.91 0.44
N ARG A 133 -7.06 11.08 0.15
CA ARG A 133 -7.86 12.20 -0.32
C ARG A 133 -8.28 12.04 -1.78
N THR A 134 -9.35 11.29 -1.99
CA THR A 134 -9.94 11.13 -3.32
C THR A 134 -10.59 12.45 -3.75
N GLU A 135 -10.93 13.26 -2.76
CA GLU A 135 -11.51 14.59 -2.96
C GLU A 135 -10.54 15.53 -3.69
N ASP A 136 -9.24 15.27 -3.54
CA ASP A 136 -8.18 16.08 -4.16
C ASP A 136 -7.90 15.56 -5.58
N CYS A 137 -8.72 14.63 -6.04
CA CYS A 137 -8.51 13.99 -7.33
C CYS A 137 -9.77 14.03 -8.20
N SER A 138 -9.57 13.77 -9.48
CA SER A 138 -10.64 13.68 -10.45
C SER A 138 -10.10 12.68 -11.46
N GLU A 139 -10.94 12.10 -12.30
CA GLU A 139 -10.48 11.12 -13.29
C GLU A 139 -9.47 11.75 -14.24
N GLU A 140 -9.66 13.02 -14.57
CA GLU A 140 -8.76 13.74 -15.46
C GLU A 140 -7.38 13.94 -14.83
N HIS A 141 -7.33 13.93 -13.51
CA HIS A 141 -6.07 14.17 -12.81
C HIS A 141 -5.22 12.91 -12.82
N ALA A 142 -5.82 11.78 -13.18
CA ALA A 142 -5.12 10.50 -13.24
C ALA A 142 -4.37 10.33 -14.57
N SER A 143 -4.17 11.44 -15.29
CA SER A 143 -3.46 11.42 -16.56
C SER A 143 -2.06 10.80 -16.43
N PHE A 144 -1.59 10.23 -17.52
CA PHE A 144 -0.28 9.56 -17.56
C PHE A 144 0.85 10.52 -17.16
N GLU A 145 0.69 11.80 -17.45
CA GLU A 145 1.72 12.78 -17.11
C GLU A 145 1.74 13.02 -15.60
N ASN A 146 0.57 12.98 -14.97
CA ASN A 146 0.48 13.19 -13.53
C ASN A 146 1.07 11.97 -12.86
N ALA A 147 0.81 10.81 -13.43
CA ALA A 147 1.34 9.56 -12.90
C ALA A 147 2.87 9.57 -12.94
N GLN A 148 3.43 10.13 -14.00
CA GLN A 148 4.88 10.24 -14.14
C GLN A 148 5.43 11.24 -13.12
N MET A 149 4.84 12.42 -13.05
CA MET A 149 5.30 13.46 -12.14
C MET A 149 5.14 13.04 -10.68
N ALA A 150 4.14 12.22 -10.40
CA ALA A 150 3.89 11.77 -9.03
C ALA A 150 5.12 11.10 -8.41
N ARG A 151 5.92 10.42 -9.22
CA ARG A 151 7.13 9.80 -8.70
C ARG A 151 8.09 10.86 -8.21
N GLU A 152 8.29 11.89 -9.01
CA GLU A 152 9.23 12.94 -8.66
C GLU A 152 8.72 13.73 -7.47
N ARG A 153 7.41 13.98 -7.44
CA ARG A 153 6.82 14.72 -6.34
C ARG A 153 6.94 13.91 -5.06
N PHE A 154 6.77 12.61 -5.13
CA PHE A 154 6.93 11.74 -3.96
C PHE A 154 8.36 11.76 -3.44
N LEU A 155 9.32 11.69 -4.35
CA LEU A 155 10.73 11.71 -3.98
C LEU A 155 11.10 13.04 -3.32
N SER A 156 10.46 14.12 -3.75
CA SER A 156 10.66 15.42 -3.12
C SER A 156 9.93 15.51 -1.77
N LEU A 157 8.77 14.89 -1.71
CA LEU A 157 7.91 14.93 -0.52
C LEU A 157 8.52 14.25 0.69
N VAL A 158 9.16 13.11 0.52
CA VAL A 158 9.70 12.38 1.66
C VAL A 158 10.69 13.25 2.45
N LEU A 159 11.52 14.03 1.76
CA LEU A 159 12.45 14.92 2.45
C LEU A 159 11.68 16.11 3.02
N LYS A 160 10.72 16.63 2.27
CA LYS A 160 9.95 17.77 2.75
C LYS A 160 9.19 17.43 4.04
N GLN A 161 8.81 16.17 4.18
CA GLN A 161 8.11 15.74 5.38
C GLN A 161 8.92 16.07 6.63
N GLU A 162 10.24 16.12 6.52
CA GLU A 162 11.09 16.39 7.70
C GLU A 162 10.86 17.80 8.24
N GLU A 163 10.72 18.77 7.34
CA GLU A 163 10.49 20.14 7.78
C GLU A 163 9.04 20.33 8.23
N GLN A 164 8.11 19.69 7.51
CA GLN A 164 6.69 19.83 7.79
C GLN A 164 6.28 19.18 9.10
N ARG A 165 6.87 18.03 9.43
CA ARG A 165 6.50 17.29 10.64
C ARG A 165 6.62 18.07 11.94
N LYS A 166 7.37 19.16 11.93
CA LYS A 166 7.45 20.03 13.11
C LYS A 166 6.07 20.61 13.41
N THR A 167 5.51 21.35 12.46
CA THR A 167 4.19 21.94 12.63
C THR A 167 3.07 20.90 12.55
N GLU A 168 3.29 19.89 11.73
CA GLU A 168 2.28 18.84 11.49
C GLU A 168 1.95 18.06 12.77
N ALA A 169 2.88 17.99 13.70
CA ALA A 169 2.67 17.28 14.96
C ALA A 169 1.52 17.84 15.81
N ALA A 170 1.08 19.05 15.50
CA ALA A 170 -0.02 19.68 16.21
C ALA A 170 -1.36 19.07 15.83
N VAL A 171 -1.43 18.56 14.61
CA VAL A 171 -2.68 18.13 14.05
C VAL A 171 -2.66 16.65 13.73
N PHE A 172 -3.82 16.08 13.81
CA PHE A 172 -4.00 14.66 13.52
C PHE A 172 -5.38 14.42 12.95
N GLN A 173 -5.58 13.23 12.41
CA GLN A 173 -6.85 12.78 11.86
C GLN A 173 -6.98 11.36 12.39
N ASN A 174 -8.15 10.76 12.29
CA ASN A 174 -8.35 9.41 12.80
C ASN A 174 -9.32 8.65 11.93
N GLY A 175 -9.31 7.33 12.07
CA GLY A 175 -10.18 6.45 11.30
C GLY A 175 -9.59 5.07 11.46
N LYS A 176 -10.24 4.05 10.90
CA LYS A 176 -9.76 2.67 11.00
C LYS A 176 -10.39 1.88 9.88
N LEU A 177 -9.90 0.68 9.66
CA LEU A 177 -10.46 -0.26 8.70
C LEU A 177 -11.06 -1.34 9.57
N GLU A 178 -12.18 -1.90 9.14
CA GLU A 178 -12.85 -2.96 9.88
C GLU A 178 -13.04 -4.09 8.88
N ARG A 179 -13.22 -5.31 9.35
CA ARG A 179 -13.34 -6.46 8.46
C ARG A 179 -14.38 -7.44 8.98
N GLU A 180 -15.28 -7.83 8.08
CA GLU A 180 -16.30 -8.83 8.39
C GLU A 180 -15.89 -10.15 7.74
N ASN A 181 -16.63 -11.21 8.04
CA ASN A 181 -16.33 -12.53 7.50
C ASN A 181 -17.52 -13.12 6.73
N LEU A 182 -17.22 -13.85 5.67
CA LEU A 182 -18.26 -14.49 4.86
C LEU A 182 -18.66 -15.82 5.51
N TYR A 183 -17.72 -16.75 5.56
CA TYR A 183 -17.91 -18.07 6.16
C TYR A 183 -16.54 -18.66 6.45
N PHE A 184 -15.95 -19.31 5.43
CA PHE A 184 -14.62 -19.94 5.56
C PHE A 184 -14.57 -20.91 6.73
N GLN A 185 -15.55 -21.82 6.74
CA GLN A 185 -15.69 -22.85 7.76
C GLN A 185 -15.74 -24.17 7.03
N MET A 1 3.75 5.36 -17.27
CA MET A 1 3.03 6.66 -17.36
C MET A 1 1.52 6.46 -17.39
N PHE A 2 1.02 5.35 -16.85
CA PHE A 2 -0.41 5.06 -16.86
C PHE A 2 -1.00 5.43 -15.49
N LEU A 3 -2.32 5.52 -15.43
CA LEU A 3 -3.06 5.95 -14.24
C LEU A 3 -2.78 5.12 -12.99
N LEU A 4 -2.51 3.83 -13.17
CA LEU A 4 -2.22 2.95 -12.05
C LEU A 4 -1.03 3.46 -11.23
N GLU A 5 0.01 3.90 -11.93
CA GLU A 5 1.21 4.41 -11.26
C GLU A 5 0.92 5.69 -10.52
N TYR A 6 -0.04 6.48 -10.98
CA TYR A 6 -0.36 7.72 -10.30
C TYR A 6 -0.79 7.37 -8.89
N THR A 7 -1.79 6.52 -8.77
CA THR A 7 -2.33 6.13 -7.47
C THR A 7 -1.26 5.46 -6.61
N TYR A 8 -0.45 4.62 -7.21
CA TYR A 8 0.63 3.94 -6.51
C TYR A 8 1.60 4.92 -5.81
N TRP A 9 1.99 6.00 -6.49
CA TRP A 9 2.96 6.94 -5.90
C TRP A 9 2.25 7.83 -4.91
N LYS A 10 1.02 8.12 -5.27
CA LYS A 10 0.15 9.01 -4.52
C LYS A 10 -0.18 8.44 -3.14
N ILE A 11 -0.40 7.14 -3.04
CA ILE A 11 -0.65 6.52 -1.74
C ILE A 11 0.64 6.53 -0.93
N ALA A 12 1.77 6.31 -1.59
CA ALA A 12 3.04 6.34 -0.87
C ALA A 12 3.21 7.72 -0.22
N ALA A 13 2.88 8.75 -0.97
CA ALA A 13 2.95 10.11 -0.46
C ALA A 13 1.96 10.33 0.69
N HIS A 14 0.76 9.80 0.52
CA HIS A 14 -0.29 9.90 1.55
C HIS A 14 0.20 9.27 2.85
N LEU A 15 0.80 8.09 2.77
CA LEU A 15 1.30 7.41 3.94
C LEU A 15 2.49 8.14 4.56
N VAL A 16 3.48 8.49 3.74
CA VAL A 16 4.68 9.16 4.26
C VAL A 16 4.32 10.47 4.96
N ASN A 17 3.42 11.26 4.37
CA ASN A 17 3.05 12.55 4.98
C ASN A 17 2.21 12.37 6.25
N SER A 18 1.75 11.15 6.49
CA SER A 18 0.99 10.82 7.70
C SER A 18 1.92 10.25 8.77
N GLY A 19 3.23 10.28 8.50
CA GLY A 19 4.22 9.83 9.47
C GLY A 19 4.80 8.45 9.24
N TYR A 20 4.35 7.74 8.21
CA TYR A 20 4.90 6.41 7.93
C TYR A 20 6.35 6.55 7.48
N GLY A 21 7.26 5.95 8.24
CA GLY A 21 8.66 6.03 7.89
C GLY A 21 8.90 5.18 6.66
N VAL A 22 9.52 5.75 5.64
CA VAL A 22 9.75 5.00 4.41
C VAL A 22 11.03 4.18 4.58
N ILE A 23 10.94 2.90 4.24
CA ILE A 23 12.04 1.96 4.39
C ILE A 23 12.68 1.71 3.03
N GLN A 24 11.83 1.58 2.02
CA GLN A 24 12.25 1.37 0.64
C GLN A 24 11.29 2.21 -0.17
N ALA A 25 11.77 2.88 -1.20
CA ALA A 25 10.88 3.71 -2.01
C ALA A 25 11.12 3.57 -3.50
N GLY A 26 10.20 2.88 -4.16
CA GLY A 26 10.18 2.79 -5.60
C GLY A 26 11.50 2.49 -6.28
N GLU A 27 12.21 1.46 -5.84
CA GLU A 27 13.49 1.09 -6.48
C GLU A 27 13.19 0.67 -7.91
N SER A 28 12.02 0.09 -8.09
CA SER A 28 11.49 -0.32 -9.37
C SER A 28 10.00 -0.59 -9.21
N ASP A 29 9.65 -1.49 -8.30
CA ASP A 29 8.26 -1.92 -8.12
C ASP A 29 7.66 -1.88 -6.71
N GLU A 30 8.45 -1.80 -5.65
CA GLU A 30 7.88 -1.80 -4.28
C GLU A 30 8.20 -0.58 -3.40
N ILE A 31 7.36 -0.37 -2.39
CA ILE A 31 7.54 0.69 -1.40
C ILE A 31 7.19 0.07 -0.06
N TRP A 32 8.08 0.18 0.92
CA TRP A 32 7.85 -0.35 2.27
C TRP A 32 7.72 0.82 3.22
N LEU A 33 6.69 0.76 4.05
CA LEU A 33 6.39 1.83 5.01
C LEU A 33 6.24 1.23 6.41
N GLU A 34 6.90 1.82 7.40
CA GLU A 34 6.75 1.38 8.79
C GLU A 34 5.52 2.05 9.38
N ALA A 35 4.70 1.28 10.08
CA ALA A 35 3.49 1.81 10.69
C ALA A 35 3.85 2.69 11.91
N PRO A 36 3.56 4.01 11.85
CA PRO A 36 4.04 4.85 12.96
C PRO A 36 3.24 4.67 14.24
N ASP A 37 1.98 4.31 14.12
CA ASP A 37 1.12 4.12 15.29
C ASP A 37 1.40 2.80 15.98
N LYS A 38 2.21 1.96 15.32
CA LYS A 38 2.51 0.59 15.79
C LYS A 38 1.17 -0.15 15.81
N SER A 39 0.43 0.17 14.75
CA SER A 39 -0.91 -0.27 14.46
C SER A 39 -1.07 -1.76 14.15
N SER A 40 -2.31 -2.13 13.84
CA SER A 40 -2.69 -3.48 13.47
C SER A 40 -1.76 -4.18 12.47
N HIS A 41 -1.09 -3.42 11.62
CA HIS A 41 -0.07 -3.98 10.71
C HIS A 41 1.26 -3.38 11.15
N ASP A 42 2.32 -4.18 11.12
CA ASP A 42 3.65 -3.69 11.54
C ASP A 42 4.22 -2.82 10.43
N LEU A 43 3.95 -3.23 9.20
CA LEU A 43 4.45 -2.56 8.01
C LEU A 43 3.34 -2.57 6.98
N VAL A 44 3.47 -1.71 5.97
CA VAL A 44 2.55 -1.67 4.83
C VAL A 44 3.44 -1.75 3.59
N ARG A 45 3.05 -2.56 2.61
CA ARG A 45 3.82 -2.69 1.38
C ARG A 45 2.95 -2.36 0.17
N LEU A 46 3.45 -1.48 -0.68
CA LEU A 46 2.77 -1.13 -1.92
C LEU A 46 3.63 -1.73 -3.02
N TYR A 47 3.05 -2.60 -3.83
CA TYR A 47 3.82 -3.30 -4.86
C TYR A 47 3.04 -3.33 -6.16
N LYS A 48 3.68 -3.00 -7.27
CA LYS A 48 2.98 -3.02 -8.57
C LYS A 48 3.44 -4.21 -9.41
N HIS A 49 2.52 -5.09 -9.74
CA HIS A 49 2.83 -6.30 -10.50
C HIS A 49 1.65 -6.79 -11.33
N ASP A 50 1.97 -7.43 -12.45
CA ASP A 50 0.98 -8.05 -13.32
C ASP A 50 0.68 -9.46 -12.82
N LEU A 51 -0.57 -9.89 -12.93
CA LEU A 51 -0.98 -11.22 -12.45
C LEU A 51 -2.04 -11.78 -13.41
N ASP A 52 -1.64 -12.71 -14.27
CA ASP A 52 -2.56 -13.30 -15.25
C ASP A 52 -3.46 -14.38 -14.61
N PHE A 53 -2.88 -15.17 -13.72
CA PHE A 53 -3.61 -16.27 -13.08
C PHE A 53 -3.46 -16.19 -11.57
N ARG A 54 -4.43 -16.70 -10.83
CA ARG A 54 -4.35 -16.66 -9.36
C ARG A 54 -3.20 -17.48 -8.84
N GLN A 55 -2.69 -18.41 -9.62
CA GLN A 55 -1.57 -19.20 -9.15
C GLN A 55 -0.36 -18.29 -8.97
N GLU A 56 -0.23 -17.26 -9.79
CA GLU A 56 0.88 -16.32 -9.62
C GLU A 56 0.61 -15.46 -8.39
N MET A 57 -0.66 -15.18 -8.14
CA MET A 57 -1.03 -14.40 -6.96
C MET A 57 -0.71 -15.18 -5.69
N VAL A 58 -1.14 -16.43 -5.57
CA VAL A 58 -0.82 -17.21 -4.37
C VAL A 58 0.70 -17.40 -4.21
N ARG A 59 1.41 -17.53 -5.33
CA ARG A 59 2.87 -17.72 -5.31
C ARG A 59 3.56 -16.50 -4.75
N ASP A 60 3.04 -15.33 -5.07
CA ASP A 60 3.64 -14.09 -4.59
C ASP A 60 3.59 -14.11 -3.07
N ILE A 61 2.47 -14.52 -2.49
CA ILE A 61 2.34 -14.50 -1.03
C ILE A 61 3.28 -15.50 -0.36
N GLU A 62 3.59 -16.60 -1.03
CA GLU A 62 4.53 -17.59 -0.47
C GLU A 62 5.90 -16.92 -0.34
N GLU A 63 6.25 -16.12 -1.35
CA GLU A 63 7.52 -15.40 -1.34
C GLU A 63 7.46 -14.32 -0.26
N GLN A 64 6.35 -13.59 -0.19
CA GLN A 64 6.20 -12.53 0.81
C GLN A 64 6.36 -13.10 2.20
N ALA A 65 5.74 -14.24 2.45
CA ALA A 65 5.78 -14.84 3.76
C ALA A 65 7.21 -15.12 4.20
N GLU A 66 8.03 -15.65 3.32
CA GLU A 66 9.42 -15.96 3.70
C GLU A 66 10.22 -14.66 3.92
N ARG A 67 9.95 -13.64 3.12
CA ARG A 67 10.63 -12.34 3.29
C ARG A 67 10.25 -11.74 4.63
N VAL A 68 8.97 -11.78 4.94
CA VAL A 68 8.43 -11.24 6.18
C VAL A 68 8.97 -12.04 7.36
N GLU A 69 9.10 -13.35 7.20
CA GLU A 69 9.64 -14.21 8.26
C GLU A 69 11.06 -13.80 8.61
N ARG A 70 11.87 -13.49 7.60
CA ARG A 70 13.26 -13.07 7.85
C ARG A 70 13.29 -11.77 8.64
N VAL A 71 12.45 -10.82 8.24
CA VAL A 71 12.40 -9.53 8.93
C VAL A 71 11.94 -9.74 10.37
N ARG A 72 10.97 -10.61 10.59
CA ARG A 72 10.50 -10.86 11.95
C ARG A 72 11.57 -11.56 12.80
N HIS A 73 12.27 -12.51 12.22
CA HIS A 73 13.31 -13.23 12.95
C HIS A 73 14.39 -12.26 13.43
N GLN A 74 14.68 -11.26 12.61
CA GLN A 74 15.70 -10.26 12.92
C GLN A 74 15.43 -9.46 14.21
N LEU A 75 14.15 -9.24 14.54
CA LEU A 75 13.79 -8.44 15.73
C LEU A 75 12.95 -9.18 16.79
N GLY A 76 12.79 -10.48 16.63
CA GLY A 76 12.18 -11.33 17.66
C GLY A 76 10.72 -11.16 18.06
N ARG A 77 9.95 -10.31 17.39
CA ARG A 77 8.52 -10.15 17.75
C ARG A 77 7.81 -11.46 17.40
N ARG A 78 6.80 -11.85 18.17
CA ARG A 78 6.14 -13.16 17.97
C ARG A 78 5.46 -13.34 16.62
N ARG A 79 4.75 -12.34 16.12
CA ARG A 79 4.11 -12.47 14.81
C ARG A 79 4.07 -11.14 14.10
N MET A 80 4.05 -11.20 12.79
CA MET A 80 4.03 -10.04 11.93
C MET A 80 2.60 -9.87 11.47
N LYS A 81 2.30 -8.69 10.94
CA LYS A 81 1.01 -8.37 10.34
C LYS A 81 1.45 -7.45 9.20
N LEU A 82 1.11 -7.77 7.96
CA LEU A 82 1.62 -7.00 6.82
C LEU A 82 0.56 -6.86 5.73
N LEU A 83 0.13 -5.63 5.50
CA LEU A 83 -0.82 -5.35 4.43
C LEU A 83 -0.04 -5.26 3.13
N ASN A 84 -0.33 -6.16 2.20
CA ASN A 84 0.36 -6.18 0.90
C ASN A 84 -0.61 -5.79 -0.22
N VAL A 85 -0.41 -4.60 -0.79
CA VAL A 85 -1.33 -4.11 -1.82
C VAL A 85 -0.74 -4.24 -3.21
N PHE A 86 -1.33 -5.11 -4.02
CA PHE A 86 -0.91 -5.31 -5.40
C PHE A 86 -1.59 -4.30 -6.32
N PHE A 87 -0.79 -3.48 -6.97
CA PHE A 87 -1.30 -2.54 -7.96
C PHE A 87 -1.13 -3.27 -9.30
N SER A 88 -2.24 -3.63 -9.92
CA SER A 88 -2.21 -4.40 -11.16
C SER A 88 -2.93 -3.66 -12.27
N THR A 89 -2.57 -3.96 -13.52
CA THR A 89 -3.27 -3.37 -14.66
C THR A 89 -4.67 -3.92 -14.69
N GLU A 90 -4.75 -5.23 -14.56
CA GLU A 90 -6.00 -5.95 -14.61
C GLU A 90 -5.77 -7.14 -13.70
N ALA A 91 -6.86 -7.71 -13.25
CA ALA A 91 -6.82 -8.81 -12.29
C ALA A 91 -6.78 -10.16 -13.01
N PRO A 92 -6.33 -11.23 -12.31
CA PRO A 92 -6.29 -12.55 -12.96
C PRO A 92 -7.62 -13.05 -13.51
N VAL A 93 -7.54 -13.80 -14.59
CA VAL A 93 -8.73 -14.35 -15.26
C VAL A 93 -9.22 -15.66 -14.63
N ASP A 94 -8.46 -16.16 -13.67
CA ASP A 94 -8.77 -17.44 -13.01
C ASP A 94 -9.09 -17.24 -11.53
N ASP A 95 -10.39 -17.18 -11.22
CA ASP A 95 -10.98 -17.05 -9.85
C ASP A 95 -10.03 -16.65 -8.70
N TRP A 96 -9.49 -15.45 -8.78
CA TRP A 96 -8.57 -14.94 -7.79
C TRP A 96 -9.28 -14.35 -6.58
N GLU A 97 -10.56 -14.05 -6.71
CA GLU A 97 -11.28 -13.36 -5.65
C GLU A 97 -11.25 -14.07 -4.30
N GLU A 98 -11.30 -15.40 -4.29
CA GLU A 98 -11.24 -16.13 -3.02
C GLU A 98 -9.89 -15.96 -2.35
N ILE A 99 -8.85 -15.66 -3.12
CA ILE A 99 -7.48 -15.54 -2.61
C ILE A 99 -7.39 -14.33 -1.69
N ALA A 100 -8.10 -13.26 -2.04
CA ALA A 100 -8.05 -12.02 -1.26
C ALA A 100 -8.53 -12.20 0.18
N LYS A 101 -9.33 -13.22 0.42
CA LYS A 101 -9.86 -13.49 1.76
C LYS A 101 -8.97 -14.43 2.57
N LYS A 102 -7.84 -14.82 2.00
CA LYS A 102 -6.93 -15.77 2.67
C LYS A 102 -5.73 -15.04 3.27
N THR A 103 -5.79 -14.77 4.56
CA THR A 103 -4.64 -14.19 5.24
C THR A 103 -3.58 -15.29 5.25
N PHE A 104 -2.40 -14.97 4.77
CA PHE A 104 -1.33 -15.94 4.71
C PHE A 104 -0.66 -15.99 6.06
N GLU A 105 -0.88 -17.10 6.73
CA GLU A 105 -0.38 -17.31 8.09
C GLU A 105 0.69 -18.37 8.06
N LYS A 106 1.89 -17.95 8.39
CA LYS A 106 3.06 -18.85 8.38
C LYS A 106 3.89 -18.67 9.64
N GLY A 107 3.48 -19.28 10.74
CA GLY A 107 4.30 -19.19 11.94
C GLY A 107 4.31 -17.79 12.55
N THR A 108 5.45 -17.13 12.41
CA THR A 108 5.65 -15.78 12.93
C THR A 108 5.18 -14.73 11.90
N VAL A 109 4.48 -15.17 10.86
CA VAL A 109 4.04 -14.31 9.76
C VAL A 109 2.52 -14.28 9.60
N SER A 110 1.98 -13.11 9.30
CA SER A 110 0.60 -12.94 8.88
C SER A 110 0.64 -11.88 7.79
N VAL A 111 0.07 -12.17 6.64
CA VAL A 111 0.04 -11.23 5.52
C VAL A 111 -1.36 -11.20 4.96
N GLU A 112 -1.96 -10.02 4.90
CA GLU A 112 -3.28 -9.89 4.32
C GLU A 112 -3.12 -9.29 2.91
N PRO A 113 -3.50 -10.05 1.86
CA PRO A 113 -3.35 -9.44 0.54
C PRO A 113 -4.48 -8.47 0.19
N ALA A 114 -4.20 -7.57 -0.72
CA ALA A 114 -5.19 -6.65 -1.26
C ALA A 114 -4.72 -6.42 -2.68
N ILE A 115 -5.63 -6.12 -3.59
CA ILE A 115 -5.25 -5.88 -4.99
C ILE A 115 -6.19 -4.83 -5.53
N VAL A 116 -5.66 -3.96 -6.36
CA VAL A 116 -6.44 -2.97 -7.06
C VAL A 116 -6.12 -3.20 -8.54
N ARG A 117 -7.13 -3.14 -9.40
CA ARG A 117 -6.92 -3.32 -10.83
C ARG A 117 -7.20 -1.96 -11.45
N GLY A 118 -6.43 -1.59 -12.46
CA GLY A 118 -6.57 -0.28 -13.07
C GLY A 118 -7.92 -0.05 -13.72
N THR A 119 -8.62 -1.14 -14.01
CA THR A 119 -9.93 -1.08 -14.68
C THR A 119 -11.01 -0.37 -13.88
N MET A 120 -10.95 -0.49 -12.56
CA MET A 120 -11.95 0.12 -11.68
C MET A 120 -11.24 0.73 -10.49
N LEU A 121 -10.06 1.26 -10.77
CA LEU A 121 -9.15 1.77 -9.76
C LEU A 121 -9.72 2.72 -8.72
N ARG A 122 -10.65 3.59 -9.10
CA ARG A 122 -11.21 4.55 -8.14
C ARG A 122 -11.96 3.83 -7.02
N ASP A 123 -12.80 2.91 -7.40
CA ASP A 123 -13.63 2.16 -6.46
C ASP A 123 -12.78 1.16 -5.70
N ASP A 124 -11.78 0.62 -6.36
CA ASP A 124 -10.86 -0.32 -5.75
C ASP A 124 -9.99 0.34 -4.69
N LEU A 125 -9.50 1.54 -4.98
CA LEU A 125 -8.62 2.22 -4.06
C LEU A 125 -9.31 2.50 -2.74
N GLN A 126 -10.51 3.04 -2.78
CA GLN A 126 -11.23 3.39 -1.55
C GLN A 126 -11.64 2.14 -0.77
N ALA A 127 -11.58 0.98 -1.41
CA ALA A 127 -11.89 -0.27 -0.73
C ALA A 127 -10.71 -0.72 0.16
N VAL A 128 -9.49 -0.42 -0.25
CA VAL A 128 -8.30 -0.79 0.53
C VAL A 128 -7.84 0.39 1.42
N PHE A 129 -7.92 1.60 0.89
CA PHE A 129 -7.55 2.80 1.64
C PHE A 129 -8.70 3.82 1.62
N PRO A 130 -9.75 3.60 2.42
CA PRO A 130 -10.85 4.58 2.45
C PRO A 130 -10.43 5.91 3.07
N SER A 131 -9.27 5.91 3.75
CA SER A 131 -8.71 7.11 4.35
C SER A 131 -8.20 8.07 3.29
N PHE A 132 -8.08 7.60 2.05
CA PHE A 132 -7.66 8.42 0.94
C PHE A 132 -8.88 8.73 0.08
N ARG A 133 -9.09 10.01 -0.20
CA ARG A 133 -10.23 10.42 -1.01
C ARG A 133 -9.94 10.38 -2.51
N THR A 134 -10.86 9.84 -3.28
CA THR A 134 -10.69 9.78 -4.73
C THR A 134 -10.72 11.20 -5.32
N GLU A 135 -11.27 12.13 -4.56
CA GLU A 135 -11.36 13.55 -4.95
C GLU A 135 -10.00 14.23 -5.10
N ASP A 136 -8.95 13.61 -4.58
CA ASP A 136 -7.62 14.22 -4.57
C ASP A 136 -6.96 14.28 -5.96
N CYS A 137 -7.69 13.81 -6.97
CA CYS A 137 -7.27 13.93 -8.36
C CYS A 137 -8.51 14.02 -9.24
N SER A 138 -8.85 15.24 -9.66
CA SER A 138 -10.00 15.44 -10.55
C SER A 138 -9.73 14.70 -11.86
N GLU A 139 -10.78 14.27 -12.54
CA GLU A 139 -10.65 13.58 -13.82
C GLU A 139 -10.00 14.51 -14.84
N GLU A 140 -10.30 15.79 -14.73
CA GLU A 140 -9.72 16.82 -15.59
C GLU A 140 -8.19 16.88 -15.41
N HIS A 141 -7.75 16.58 -14.20
CA HIS A 141 -6.34 16.65 -13.83
C HIS A 141 -5.64 15.29 -13.98
N ALA A 142 -6.41 14.27 -14.32
CA ALA A 142 -5.89 12.89 -14.44
C ALA A 142 -5.13 12.63 -15.76
N SER A 143 -4.38 13.61 -16.23
CA SER A 143 -3.59 13.44 -17.45
C SER A 143 -2.47 12.45 -17.17
N PHE A 144 -2.04 11.72 -18.20
CA PHE A 144 -1.00 10.70 -18.03
C PHE A 144 0.34 11.25 -17.53
N GLU A 145 0.64 12.50 -17.84
CA GLU A 145 1.88 13.12 -17.36
C GLU A 145 1.88 13.22 -15.84
N ASN A 146 0.69 13.29 -15.24
CA ASN A 146 0.57 13.41 -13.80
C ASN A 146 1.06 12.14 -13.12
N ALA A 147 0.96 11.01 -13.81
CA ALA A 147 1.42 9.73 -13.27
C ALA A 147 2.94 9.77 -13.08
N GLN A 148 3.63 10.43 -13.99
CA GLN A 148 5.09 10.57 -13.90
C GLN A 148 5.41 11.56 -12.80
N MET A 149 4.69 12.67 -12.81
CA MET A 149 4.86 13.73 -11.81
C MET A 149 4.61 13.21 -10.42
N ALA A 150 3.72 12.24 -10.27
CA ALA A 150 3.42 11.67 -8.97
C ALA A 150 4.67 11.07 -8.32
N ARG A 151 5.54 10.43 -9.10
CA ARG A 151 6.77 9.86 -8.55
C ARG A 151 7.68 10.98 -8.11
N GLU A 152 7.86 11.96 -8.98
CA GLU A 152 8.77 13.06 -8.71
C GLU A 152 8.33 13.85 -7.48
N ARG A 153 7.03 14.10 -7.38
CA ARG A 153 6.48 14.82 -6.24
C ARG A 153 6.56 13.97 -4.98
N PHE A 154 6.41 12.66 -5.10
CA PHE A 154 6.55 11.78 -3.94
C PHE A 154 7.98 11.78 -3.44
N LEU A 155 8.94 11.68 -4.34
CA LEU A 155 10.35 11.69 -3.95
C LEU A 155 10.69 13.02 -3.28
N SER A 156 10.15 14.10 -3.81
CA SER A 156 10.35 15.42 -3.22
C SER A 156 9.66 15.50 -1.85
N LEU A 157 8.50 14.89 -1.73
CA LEU A 157 7.73 14.89 -0.49
C LEU A 157 8.46 14.16 0.61
N VAL A 158 9.13 13.07 0.29
CA VAL A 158 9.87 12.31 1.30
C VAL A 158 10.92 13.21 1.95
N LEU A 159 11.68 13.94 1.15
CA LEU A 159 12.70 14.82 1.71
C LEU A 159 12.05 16.01 2.41
N LYS A 160 10.98 16.54 1.84
CA LYS A 160 10.25 17.66 2.43
C LYS A 160 9.65 17.29 3.79
N GLN A 161 9.30 16.04 3.97
CA GLN A 161 8.76 15.56 5.24
C GLN A 161 9.75 15.89 6.37
N GLU A 162 11.04 15.91 6.07
CA GLU A 162 12.04 16.19 7.10
C GLU A 162 11.98 17.66 7.52
N GLU A 163 11.69 18.53 6.58
CA GLU A 163 11.53 19.96 6.87
C GLU A 163 10.26 20.14 7.72
N GLN A 164 9.22 19.40 7.36
CA GLN A 164 7.93 19.49 8.06
C GLN A 164 7.96 18.89 9.46
N ARG A 165 8.67 17.78 9.64
CA ARG A 165 8.64 17.00 10.89
C ARG A 165 9.05 17.72 12.16
N LYS A 166 9.75 18.85 12.07
CA LYS A 166 10.03 19.63 13.27
C LYS A 166 8.73 20.02 14.00
N THR A 167 7.62 20.02 13.26
CA THR A 167 6.31 20.33 13.84
C THR A 167 5.78 19.19 14.72
N GLU A 168 6.26 17.97 14.50
CA GLU A 168 5.83 16.79 15.26
C GLU A 168 6.24 16.92 16.73
N ALA A 169 7.26 17.72 16.97
CA ALA A 169 7.76 17.98 18.33
C ALA A 169 6.74 18.74 19.19
N ALA A 170 5.72 19.34 18.57
CA ALA A 170 4.70 20.06 19.31
C ALA A 170 3.87 19.07 20.13
N VAL A 171 3.48 19.47 21.33
CA VAL A 171 2.67 18.61 22.19
C VAL A 171 1.24 18.62 21.68
N PHE A 172 0.92 17.65 20.84
CA PHE A 172 -0.41 17.57 20.23
C PHE A 172 -0.76 16.13 19.93
N GLN A 173 -1.99 15.91 19.48
CA GLN A 173 -2.46 14.59 19.10
C GLN A 173 -3.46 14.76 17.95
N ASN A 174 -3.52 13.78 17.07
CA ASN A 174 -4.43 13.79 15.94
C ASN A 174 -4.68 12.35 15.51
N GLY A 175 -5.91 12.06 15.08
CA GLY A 175 -6.26 10.71 14.67
C GLY A 175 -6.41 9.77 15.86
N LYS A 176 -6.85 8.55 15.59
CA LYS A 176 -7.00 7.53 16.64
C LYS A 176 -7.14 6.17 15.97
N LEU A 177 -6.31 5.21 16.40
CA LEU A 177 -6.38 3.84 15.91
C LEU A 177 -6.36 2.95 17.14
N GLU A 178 -7.00 1.79 17.04
CA GLU A 178 -7.06 0.77 18.10
C GLU A 178 -7.89 -0.39 17.58
N ARG A 179 -7.64 -1.59 18.08
CA ARG A 179 -8.31 -2.82 17.62
C ARG A 179 -7.98 -2.97 16.13
N GLU A 180 -9.00 -3.00 15.27
CA GLU A 180 -8.82 -3.09 13.80
C GLU A 180 -7.90 -4.25 13.42
N ASN A 181 -8.00 -5.36 14.14
CA ASN A 181 -7.12 -6.50 13.93
C ASN A 181 -7.83 -7.82 14.12
N LEU A 182 -7.25 -8.86 13.52
CA LEU A 182 -7.72 -10.26 13.57
C LEU A 182 -9.06 -10.46 12.85
N TYR A 183 -9.42 -11.72 12.65
CA TYR A 183 -10.65 -12.09 11.97
C TYR A 183 -11.04 -13.43 12.55
N PHE A 184 -12.32 -13.78 12.44
CA PHE A 184 -12.82 -15.05 12.95
C PHE A 184 -14.05 -15.51 12.15
N GLN A 185 -14.37 -14.76 11.09
CA GLN A 185 -15.54 -14.99 10.24
C GLN A 185 -16.83 -14.97 11.05
N MET A 1 0.20 -0.24 -17.77
CA MET A 1 0.61 1.11 -18.25
C MET A 1 0.79 2.06 -17.07
N PHE A 2 1.37 3.23 -17.31
CA PHE A 2 1.64 4.21 -16.24
C PHE A 2 0.40 4.86 -15.63
N LEU A 3 -0.78 4.53 -16.14
CA LEU A 3 -2.03 5.05 -15.58
C LEU A 3 -2.08 4.66 -14.09
N LEU A 4 -1.74 3.40 -13.82
CA LEU A 4 -1.74 2.86 -12.47
C LEU A 4 -0.66 3.50 -11.63
N GLU A 5 0.46 3.79 -12.26
CA GLU A 5 1.63 4.33 -11.57
C GLU A 5 1.31 5.70 -10.98
N TYR A 6 0.46 6.48 -11.64
CA TYR A 6 0.09 7.78 -11.12
C TYR A 6 -0.57 7.62 -9.76
N THR A 7 -1.53 6.71 -9.66
CA THR A 7 -2.23 6.46 -8.41
C THR A 7 -1.30 5.80 -7.38
N TYR A 8 -0.48 4.87 -7.85
CA TYR A 8 0.45 4.14 -6.98
C TYR A 8 1.35 5.08 -6.16
N TRP A 9 2.01 6.02 -6.82
CA TRP A 9 2.88 6.95 -6.10
C TRP A 9 2.07 7.92 -5.23
N LYS A 10 0.83 8.21 -5.63
CA LYS A 10 -0.03 9.08 -4.81
C LYS A 10 -0.41 8.38 -3.51
N ILE A 11 -0.63 7.08 -3.56
CA ILE A 11 -0.93 6.33 -2.35
C ILE A 11 0.29 6.32 -1.46
N ALA A 12 1.46 6.07 -2.03
CA ALA A 12 2.68 6.07 -1.23
C ALA A 12 2.82 7.41 -0.52
N ALA A 13 2.52 8.49 -1.24
CA ALA A 13 2.60 9.84 -0.68
C ALA A 13 1.63 10.03 0.50
N HIS A 14 0.40 9.55 0.37
CA HIS A 14 -0.59 9.74 1.44
C HIS A 14 -0.21 8.94 2.68
N LEU A 15 0.36 7.76 2.50
CA LEU A 15 0.78 6.96 3.64
C LEU A 15 1.97 7.64 4.31
N VAL A 16 2.95 8.04 3.53
CA VAL A 16 4.11 8.75 4.09
C VAL A 16 3.70 10.03 4.83
N ASN A 17 2.77 10.81 4.32
CA ASN A 17 2.36 12.03 5.03
C ASN A 17 1.47 11.72 6.24
N SER A 18 1.08 10.46 6.40
CA SER A 18 0.35 10.01 7.58
C SER A 18 1.35 9.50 8.64
N GLY A 19 2.63 9.74 8.39
CA GLY A 19 3.68 9.39 9.34
C GLY A 19 4.46 8.12 9.04
N TYR A 20 4.07 7.40 8.01
CA TYR A 20 4.76 6.15 7.64
C TYR A 20 6.17 6.44 7.16
N GLY A 21 7.14 5.80 7.79
CA GLY A 21 8.53 6.02 7.44
C GLY A 21 8.90 5.13 6.27
N VAL A 22 9.52 5.69 5.25
CA VAL A 22 9.93 4.91 4.10
C VAL A 22 11.13 4.05 4.48
N ILE A 23 10.99 2.76 4.22
CA ILE A 23 12.06 1.80 4.47
C ILE A 23 12.85 1.66 3.18
N GLN A 24 12.12 1.58 2.09
CA GLN A 24 12.72 1.37 0.78
C GLN A 24 11.89 2.04 -0.30
N ALA A 25 12.50 2.95 -1.04
CA ALA A 25 11.89 3.53 -2.22
C ALA A 25 13.01 3.65 -3.23
N GLY A 26 12.85 3.05 -4.40
CA GLY A 26 13.86 3.15 -5.43
C GLY A 26 13.40 2.45 -6.68
N GLU A 27 13.02 1.20 -6.54
CA GLU A 27 12.47 0.44 -7.64
C GLU A 27 11.11 1.07 -7.92
N SER A 28 10.76 1.21 -9.18
CA SER A 28 9.53 1.91 -9.55
C SER A 28 8.27 1.11 -9.29
N ASP A 29 8.45 -0.15 -8.95
CA ASP A 29 7.33 -1.07 -8.75
C ASP A 29 7.11 -1.50 -7.30
N GLU A 30 8.05 -1.18 -6.42
CA GLU A 30 7.94 -1.59 -5.01
C GLU A 30 8.43 -0.54 -4.01
N ILE A 31 7.59 -0.25 -3.01
CA ILE A 31 7.93 0.71 -1.95
C ILE A 31 7.51 0.13 -0.60
N TRP A 32 8.40 0.17 0.39
CA TRP A 32 8.11 -0.32 1.74
C TRP A 32 7.97 0.85 2.73
N LEU A 33 6.99 0.73 3.61
CA LEU A 33 6.67 1.74 4.61
C LEU A 33 6.50 1.09 5.98
N GLU A 34 7.03 1.71 7.02
CA GLU A 34 6.83 1.23 8.39
C GLU A 34 5.54 1.82 8.92
N ALA A 35 4.68 1.01 9.55
CA ALA A 35 3.48 1.55 10.17
C ALA A 35 4.02 2.25 11.43
N PRO A 36 3.80 3.57 11.56
CA PRO A 36 4.46 4.22 12.70
C PRO A 36 3.85 3.83 14.03
N ASP A 37 2.60 3.40 13.98
CA ASP A 37 1.85 2.96 15.15
C ASP A 37 2.27 1.64 15.76
N LYS A 38 2.70 0.72 14.90
CA LYS A 38 2.93 -0.68 15.29
C LYS A 38 1.64 -1.25 15.86
N SER A 39 0.60 -0.86 15.14
CA SER A 39 -0.78 -1.31 15.28
C SER A 39 -0.82 -2.71 14.66
N SER A 40 -2.00 -3.28 14.54
CA SER A 40 -2.19 -4.62 13.97
C SER A 40 -1.35 -4.96 12.73
N HIS A 41 -0.96 -3.96 11.92
CA HIS A 41 -0.01 -4.17 10.82
C HIS A 41 1.30 -3.52 11.21
N ASP A 42 2.39 -4.23 11.01
CA ASP A 42 3.72 -3.75 11.38
C ASP A 42 4.33 -2.93 10.26
N LEU A 43 4.22 -3.45 9.04
CA LEU A 43 4.80 -2.80 7.86
C LEU A 43 3.77 -2.87 6.74
N VAL A 44 3.95 -2.03 5.74
CA VAL A 44 3.10 -1.99 4.56
C VAL A 44 4.02 -1.99 3.35
N ARG A 45 3.71 -2.78 2.34
CA ARG A 45 4.48 -2.76 1.09
C ARG A 45 3.49 -2.53 -0.04
N LEU A 46 3.87 -1.64 -0.94
CA LEU A 46 3.04 -1.29 -2.09
C LEU A 46 3.70 -1.94 -3.29
N TYR A 47 2.92 -2.66 -4.10
CA TYR A 47 3.48 -3.38 -5.24
C TYR A 47 2.69 -3.10 -6.52
N LYS A 48 3.39 -2.64 -7.55
CA LYS A 48 2.73 -2.32 -8.82
C LYS A 48 3.03 -3.45 -9.78
N HIS A 49 2.14 -4.42 -9.86
CA HIS A 49 2.34 -5.61 -10.67
C HIS A 49 1.00 -6.11 -11.18
N ASP A 50 0.98 -6.42 -12.47
CA ASP A 50 -0.17 -6.98 -13.15
C ASP A 50 -0.25 -8.46 -12.81
N LEU A 51 -1.47 -8.99 -12.69
CA LEU A 51 -1.68 -10.39 -12.31
C LEU A 51 -2.76 -10.99 -13.21
N ASP A 52 -2.37 -11.89 -14.09
CA ASP A 52 -3.31 -12.54 -15.03
C ASP A 52 -4.04 -13.71 -14.35
N PHE A 53 -3.31 -14.46 -13.54
CA PHE A 53 -3.87 -15.62 -12.85
C PHE A 53 -3.60 -15.53 -11.35
N ARG A 54 -4.49 -16.10 -10.54
CA ARG A 54 -4.34 -16.04 -9.09
C ARG A 54 -3.14 -16.82 -8.64
N GLN A 55 -2.64 -17.72 -9.46
CA GLN A 55 -1.46 -18.47 -9.09
C GLN A 55 -0.29 -17.50 -8.92
N GLU A 56 -0.24 -16.43 -9.71
CA GLU A 56 0.84 -15.45 -9.57
C GLU A 56 0.63 -14.66 -8.27
N MET A 57 -0.63 -14.37 -7.97
CA MET A 57 -0.97 -13.64 -6.74
C MET A 57 -0.51 -14.42 -5.51
N VAL A 58 -0.85 -15.70 -5.41
CA VAL A 58 -0.48 -16.52 -4.22
C VAL A 58 1.03 -16.68 -4.12
N ARG A 59 1.69 -16.71 -5.27
CA ARG A 59 3.15 -16.91 -5.33
C ARG A 59 3.85 -15.70 -4.79
N ASP A 60 3.35 -14.53 -5.16
CA ASP A 60 3.92 -13.27 -4.70
C ASP A 60 3.88 -13.26 -3.17
N ILE A 61 2.78 -13.71 -2.57
CA ILE A 61 2.69 -13.69 -1.10
C ILE A 61 3.61 -14.71 -0.47
N GLU A 62 3.81 -15.84 -1.13
CA GLU A 62 4.67 -16.87 -0.55
C GLU A 62 6.12 -16.38 -0.54
N GLU A 63 6.48 -15.56 -1.51
CA GLU A 63 7.81 -14.95 -1.54
C GLU A 63 7.88 -13.88 -0.46
N GLN A 64 6.85 -13.05 -0.38
CA GLN A 64 6.79 -11.97 0.62
C GLN A 64 6.91 -12.53 2.03
N ALA A 65 6.36 -13.71 2.26
CA ALA A 65 6.41 -14.32 3.56
C ALA A 65 7.86 -14.57 4.00
N GLU A 66 8.74 -14.89 3.06
CA GLU A 66 10.16 -15.10 3.40
C GLU A 66 10.79 -13.75 3.77
N ARG A 67 10.42 -12.70 3.07
CA ARG A 67 10.94 -11.35 3.35
C ARG A 67 10.52 -10.97 4.76
N VAL A 68 9.27 -11.25 5.08
CA VAL A 68 8.72 -10.95 6.41
C VAL A 68 9.43 -11.78 7.47
N GLU A 69 9.65 -13.07 7.22
CA GLU A 69 10.33 -13.92 8.19
C GLU A 69 11.71 -13.34 8.48
N ARG A 70 12.42 -12.96 7.42
CA ARG A 70 13.78 -12.45 7.57
C ARG A 70 13.84 -11.16 8.40
N VAL A 71 12.91 -10.23 8.19
CA VAL A 71 12.92 -8.99 8.98
C VAL A 71 12.35 -9.20 10.38
N ARG A 72 11.30 -10.01 10.52
CA ARG A 72 10.68 -10.21 11.85
C ARG A 72 11.61 -10.95 12.79
N HIS A 73 12.48 -11.80 12.26
CA HIS A 73 13.42 -12.55 13.07
C HIS A 73 14.29 -11.60 13.88
N GLN A 74 14.70 -10.51 13.25
CA GLN A 74 15.57 -9.52 13.88
C GLN A 74 14.83 -8.80 15.02
N LEU A 75 13.55 -8.51 14.79
CA LEU A 75 12.73 -7.83 15.79
C LEU A 75 12.22 -8.79 16.87
N GLY A 76 12.44 -10.08 16.68
CA GLY A 76 12.01 -11.08 17.64
C GLY A 76 10.50 -11.21 17.77
N ARG A 77 9.76 -10.73 16.78
CA ARG A 77 8.29 -10.75 16.85
C ARG A 77 7.74 -12.17 16.81
N ARG A 78 6.70 -12.40 17.61
CA ARG A 78 6.04 -13.71 17.65
C ARG A 78 5.35 -13.98 16.32
N ARG A 79 4.81 -12.91 15.73
CA ARG A 79 4.19 -12.95 14.40
C ARG A 79 4.30 -11.53 13.90
N MET A 80 4.45 -11.34 12.59
CA MET A 80 4.51 -10.03 12.01
C MET A 80 3.39 -9.96 10.99
N LYS A 81 2.70 -8.82 10.91
CA LYS A 81 1.64 -8.67 9.92
C LYS A 81 2.00 -7.61 8.89
N LEU A 82 2.03 -8.03 7.63
CA LEU A 82 2.40 -7.17 6.52
C LEU A 82 1.18 -6.89 5.65
N LEU A 83 0.93 -5.63 5.34
CA LEU A 83 -0.14 -5.28 4.41
C LEU A 83 0.50 -5.20 3.05
N ASN A 84 0.03 -6.00 2.10
CA ASN A 84 0.55 -5.97 0.74
C ASN A 84 -0.59 -5.53 -0.15
N VAL A 85 -0.36 -4.52 -0.98
CA VAL A 85 -1.40 -4.06 -1.88
C VAL A 85 -0.89 -4.05 -3.32
N PHE A 86 -1.49 -4.90 -4.14
CA PHE A 86 -1.16 -4.98 -5.56
C PHE A 86 -1.88 -3.86 -6.29
N PHE A 87 -1.27 -3.32 -7.32
CA PHE A 87 -1.91 -2.34 -8.20
C PHE A 87 -1.83 -2.91 -9.60
N SER A 88 -2.98 -3.28 -10.15
CA SER A 88 -3.07 -3.93 -11.46
C SER A 88 -4.20 -3.28 -12.25
N THR A 89 -4.22 -3.42 -13.56
CA THR A 89 -5.25 -2.78 -14.38
C THR A 89 -6.58 -3.53 -14.24
N GLU A 90 -6.49 -4.83 -13.97
CA GLU A 90 -7.65 -5.66 -13.76
C GLU A 90 -7.15 -6.78 -12.85
N ALA A 91 -8.04 -7.56 -12.29
CA ALA A 91 -7.68 -8.60 -11.35
C ALA A 91 -7.66 -9.94 -12.09
N PRO A 92 -6.98 -10.97 -11.54
CA PRO A 92 -6.92 -12.26 -12.24
C PRO A 92 -8.26 -12.87 -12.61
N VAL A 93 -8.28 -13.61 -13.69
CA VAL A 93 -9.50 -14.21 -14.22
C VAL A 93 -10.00 -15.45 -13.45
N ASP A 94 -9.16 -16.05 -12.62
CA ASP A 94 -9.52 -17.31 -11.94
C ASP A 94 -9.54 -17.24 -10.40
N ASP A 95 -10.73 -17.08 -9.82
CA ASP A 95 -10.98 -17.19 -8.37
C ASP A 95 -10.01 -16.50 -7.39
N TRP A 96 -9.38 -15.41 -7.81
CA TRP A 96 -8.46 -14.66 -6.95
C TRP A 96 -9.17 -14.13 -5.72
N GLU A 97 -10.48 -13.98 -5.80
CA GLU A 97 -11.25 -13.43 -4.70
C GLU A 97 -11.15 -14.32 -3.48
N GLU A 98 -11.01 -15.62 -3.68
CA GLU A 98 -10.84 -16.57 -2.57
C GLU A 98 -9.57 -16.19 -1.80
N ILE A 99 -8.58 -15.72 -2.54
CA ILE A 99 -7.27 -15.38 -1.99
C ILE A 99 -7.43 -14.17 -1.09
N ALA A 100 -8.25 -13.22 -1.51
CA ALA A 100 -8.49 -12.02 -0.72
C ALA A 100 -9.26 -12.30 0.58
N LYS A 101 -9.88 -13.47 0.69
CA LYS A 101 -10.62 -13.82 1.91
C LYS A 101 -9.77 -14.65 2.85
N LYS A 102 -8.52 -14.93 2.47
CA LYS A 102 -7.63 -15.75 3.28
C LYS A 102 -6.34 -15.02 3.60
N THR A 103 -6.13 -14.76 4.88
CA THR A 103 -4.88 -14.14 5.33
C THR A 103 -3.83 -15.18 5.09
N PHE A 104 -2.77 -14.80 4.41
CA PHE A 104 -1.72 -15.71 4.08
C PHE A 104 -0.81 -15.79 5.28
N GLU A 105 -0.86 -16.91 5.97
CA GLU A 105 -0.10 -17.09 7.20
C GLU A 105 0.91 -18.21 7.07
N LYS A 106 2.10 -17.94 7.59
CA LYS A 106 3.19 -18.92 7.62
C LYS A 106 3.84 -18.85 8.99
N GLY A 107 3.20 -19.40 10.02
CA GLY A 107 3.80 -19.38 11.34
C GLY A 107 3.94 -17.97 11.88
N THR A 108 5.18 -17.53 11.98
CA THR A 108 5.55 -16.20 12.48
C THR A 108 5.23 -15.06 11.50
N VAL A 109 4.52 -15.38 10.44
CA VAL A 109 4.18 -14.41 9.39
C VAL A 109 2.69 -14.40 9.11
N SER A 110 2.15 -13.22 8.82
CA SER A 110 0.77 -13.07 8.35
C SER A 110 0.79 -11.92 7.33
N VAL A 111 0.18 -12.13 6.17
CA VAL A 111 0.15 -11.11 5.11
C VAL A 111 -1.23 -11.04 4.48
N GLU A 112 -1.72 -9.83 4.20
CA GLU A 112 -3.01 -9.70 3.52
C GLU A 112 -2.77 -9.47 2.02
N PRO A 113 -3.33 -10.34 1.14
CA PRO A 113 -3.18 -10.17 -0.31
C PRO A 113 -4.20 -9.18 -0.92
N ALA A 114 -4.09 -7.93 -0.53
CA ALA A 114 -5.01 -6.90 -0.99
C ALA A 114 -4.61 -6.48 -2.41
N ILE A 115 -5.56 -5.99 -3.18
CA ILE A 115 -5.33 -5.60 -4.57
C ILE A 115 -6.27 -4.46 -4.93
N VAL A 116 -5.78 -3.52 -5.73
CA VAL A 116 -6.59 -2.45 -6.28
C VAL A 116 -6.58 -2.66 -7.79
N ARG A 117 -7.73 -3.01 -8.36
CA ARG A 117 -7.83 -3.22 -9.81
C ARG A 117 -8.31 -1.95 -10.48
N GLY A 118 -7.67 -1.61 -11.59
CA GLY A 118 -7.97 -0.37 -12.32
C GLY A 118 -9.39 -0.24 -12.81
N THR A 119 -9.97 -1.33 -13.26
CA THR A 119 -11.33 -1.33 -13.81
C THR A 119 -12.43 -0.80 -12.86
N MET A 120 -12.15 -0.73 -11.57
CA MET A 120 -13.10 -0.17 -10.60
C MET A 120 -12.31 0.53 -9.51
N LEU A 121 -11.18 1.07 -9.90
CA LEU A 121 -10.22 1.66 -8.98
C LEU A 121 -10.80 2.61 -7.94
N ARG A 122 -11.77 3.43 -8.31
CA ARG A 122 -12.31 4.40 -7.37
C ARG A 122 -12.91 3.72 -6.13
N ASP A 123 -13.76 2.73 -6.35
CA ASP A 123 -14.38 1.98 -5.26
C ASP A 123 -13.40 1.03 -4.58
N ASP A 124 -12.55 0.40 -5.39
CA ASP A 124 -11.61 -0.59 -4.88
C ASP A 124 -10.54 0.03 -3.99
N LEU A 125 -10.14 1.25 -4.32
CA LEU A 125 -9.11 1.94 -3.56
C LEU A 125 -9.63 2.34 -2.19
N GLN A 126 -10.86 2.85 -2.11
CA GLN A 126 -11.37 3.33 -0.82
C GLN A 126 -11.64 2.18 0.16
N ALA A 127 -11.71 0.98 -0.36
CA ALA A 127 -11.90 -0.20 0.48
C ALA A 127 -10.62 -0.50 1.27
N VAL A 128 -9.48 -0.09 0.72
CA VAL A 128 -8.18 -0.31 1.37
C VAL A 128 -7.68 0.98 2.04
N PHE A 129 -7.86 2.10 1.35
CA PHE A 129 -7.42 3.41 1.83
C PHE A 129 -8.58 4.43 1.80
N PRO A 130 -9.50 4.36 2.77
CA PRO A 130 -10.63 5.31 2.72
C PRO A 130 -10.26 6.77 3.01
N SER A 131 -9.09 6.98 3.60
CA SER A 131 -8.62 8.32 3.93
C SER A 131 -7.90 9.01 2.77
N PHE A 132 -7.80 8.33 1.64
CA PHE A 132 -7.05 8.87 0.50
C PHE A 132 -7.78 10.02 -0.18
N ARG A 133 -7.04 11.08 -0.48
CA ARG A 133 -7.59 12.23 -1.18
C ARG A 133 -7.61 11.97 -2.68
N THR A 134 -8.77 11.56 -3.16
CA THR A 134 -8.96 11.28 -4.58
C THR A 134 -8.89 12.58 -5.38
N GLU A 135 -9.06 13.71 -4.70
CA GLU A 135 -8.96 15.03 -5.34
C GLU A 135 -7.56 15.27 -5.88
N ASP A 136 -6.54 14.78 -5.17
CA ASP A 136 -5.14 14.95 -5.59
C ASP A 136 -4.82 14.01 -6.74
N CYS A 137 -5.70 13.06 -6.96
CA CYS A 137 -5.52 12.02 -7.97
C CYS A 137 -6.78 11.88 -8.82
N SER A 138 -7.27 13.00 -9.33
CA SER A 138 -8.46 12.98 -10.18
C SER A 138 -8.15 12.20 -11.46
N GLU A 139 -9.19 11.67 -12.09
CA GLU A 139 -9.04 10.85 -13.29
C GLU A 139 -8.37 11.61 -14.43
N GLU A 140 -8.64 12.90 -14.52
CA GLU A 140 -8.08 13.74 -15.57
C GLU A 140 -6.58 13.97 -15.35
N HIS A 141 -6.17 13.97 -14.09
CA HIS A 141 -4.78 14.25 -13.74
C HIS A 141 -3.89 13.02 -13.93
N ALA A 142 -4.50 11.87 -14.15
CA ALA A 142 -3.79 10.60 -14.27
C ALA A 142 -3.10 10.36 -15.64
N SER A 143 -2.60 11.42 -16.26
CA SER A 143 -1.91 11.30 -17.54
C SER A 143 -0.62 10.49 -17.35
N PHE A 144 -0.17 9.79 -18.39
CA PHE A 144 0.97 8.89 -18.28
C PHE A 144 2.28 9.60 -17.94
N GLU A 145 2.47 10.79 -18.50
CA GLU A 145 3.67 11.59 -18.22
C GLU A 145 3.60 12.12 -16.80
N ASN A 146 2.38 12.36 -16.32
CA ASN A 146 2.16 12.87 -14.98
C ASN A 146 2.53 11.82 -13.94
N ALA A 147 2.50 10.55 -14.33
CA ALA A 147 2.92 9.47 -13.43
C ALA A 147 4.40 9.60 -13.11
N GLN A 148 5.21 9.99 -14.09
CA GLN A 148 6.63 10.18 -13.86
C GLN A 148 6.80 11.35 -12.88
N MET A 149 6.03 12.40 -13.08
CA MET A 149 6.06 13.56 -12.19
C MET A 149 5.60 13.18 -10.78
N ALA A 150 4.73 12.18 -10.67
CA ALA A 150 4.27 11.72 -9.36
C ALA A 150 5.43 11.13 -8.57
N ARG A 151 6.43 10.57 -9.24
CA ARG A 151 7.60 10.04 -8.55
C ARG A 151 8.39 11.20 -7.95
N GLU A 152 8.58 12.22 -8.76
CA GLU A 152 9.32 13.42 -8.35
C GLU A 152 8.60 14.10 -7.19
N ARG A 153 7.28 14.13 -7.29
CA ARG A 153 6.41 14.67 -6.23
C ARG A 153 6.64 13.90 -4.94
N PHE A 154 6.68 12.57 -5.04
CA PHE A 154 6.88 11.73 -3.86
C PHE A 154 8.27 11.88 -3.26
N LEU A 155 9.31 11.96 -4.09
CA LEU A 155 10.67 12.12 -3.57
C LEU A 155 10.78 13.44 -2.82
N SER A 156 10.14 14.47 -3.34
CA SER A 156 10.12 15.76 -2.66
C SER A 156 9.28 15.70 -1.38
N LEU A 157 8.18 14.95 -1.45
CA LEU A 157 7.25 14.81 -0.34
C LEU A 157 7.90 14.11 0.86
N VAL A 158 8.57 12.99 0.64
CA VAL A 158 9.17 12.25 1.77
C VAL A 158 10.23 13.10 2.46
N LEU A 159 11.03 13.85 1.70
CA LEU A 159 12.05 14.67 2.33
C LEU A 159 11.40 15.85 3.05
N LYS A 160 10.39 16.47 2.46
CA LYS A 160 9.73 17.58 3.13
C LYS A 160 9.03 17.12 4.40
N GLN A 161 8.55 15.89 4.40
CA GLN A 161 7.89 15.34 5.58
C GLN A 161 8.80 15.39 6.79
N GLU A 162 10.11 15.33 6.58
CA GLU A 162 11.05 15.38 7.70
C GLU A 162 10.92 16.69 8.44
N GLU A 163 10.70 17.77 7.71
CA GLU A 163 10.55 19.09 8.30
C GLU A 163 9.16 19.24 8.93
N GLN A 164 8.14 18.92 8.16
CA GLN A 164 6.76 19.12 8.59
C GLN A 164 6.40 18.35 9.86
N ARG A 165 6.79 17.08 9.92
CA ARG A 165 6.43 16.25 11.08
C ARG A 165 7.03 16.72 12.41
N LYS A 166 8.05 17.56 12.38
CA LYS A 166 8.63 18.05 13.65
C LYS A 166 7.62 18.96 14.32
N THR A 167 7.02 19.83 13.52
CA THR A 167 6.01 20.77 14.01
C THR A 167 4.70 20.03 14.32
N GLU A 168 4.31 19.17 13.39
CA GLU A 168 3.05 18.43 13.47
C GLU A 168 2.96 17.46 14.66
N ALA A 169 4.12 17.03 15.16
CA ALA A 169 4.17 16.09 16.28
C ALA A 169 3.42 16.57 17.53
N ALA A 170 3.33 17.88 17.71
CA ALA A 170 2.61 18.49 18.85
C ALA A 170 2.85 17.74 20.16
N VAL A 171 4.12 17.64 20.50
CA VAL A 171 4.59 16.86 21.64
C VAL A 171 3.88 17.15 22.97
N PHE A 172 2.99 16.25 23.33
CA PHE A 172 2.23 16.33 24.58
C PHE A 172 1.87 14.90 24.94
N GLN A 173 1.46 14.66 26.17
CA GLN A 173 1.07 13.30 26.59
C GLN A 173 -0.26 12.91 25.95
N ASN A 174 -1.06 13.93 25.61
CA ASN A 174 -2.36 13.76 24.95
C ASN A 174 -3.34 12.88 25.76
N GLY A 175 -4.44 12.49 25.13
CA GLY A 175 -5.44 11.66 25.79
C GLY A 175 -6.67 11.50 24.90
N LYS A 176 -6.79 10.34 24.26
CA LYS A 176 -7.91 10.07 23.33
C LYS A 176 -8.30 8.60 23.47
N LEU A 177 -9.59 8.34 23.62
CA LEU A 177 -10.09 6.98 23.73
C LEU A 177 -11.49 6.94 23.12
N GLU A 178 -11.63 6.23 22.03
CA GLU A 178 -12.90 6.12 21.30
C GLU A 178 -12.81 4.88 20.43
N ARG A 179 -13.92 4.43 19.88
CA ARG A 179 -13.94 3.26 19.01
C ARG A 179 -14.97 3.45 17.91
N GLU A 180 -14.52 3.38 16.67
CA GLU A 180 -15.41 3.48 15.51
C GLU A 180 -16.19 2.17 15.39
N ASN A 181 -17.34 2.21 14.72
CA ASN A 181 -18.16 1.02 14.53
C ASN A 181 -18.84 1.08 13.16
N LEU A 182 -18.27 0.40 12.19
CA LEU A 182 -18.82 0.39 10.83
C LEU A 182 -18.33 -0.88 10.15
N TYR A 183 -18.98 -1.25 9.07
CA TYR A 183 -18.62 -2.44 8.30
C TYR A 183 -18.97 -2.15 6.84
N PHE A 184 -18.27 -2.82 5.94
CA PHE A 184 -18.51 -2.71 4.50
C PHE A 184 -18.12 -4.07 3.91
N GLN A 185 -18.48 -5.10 4.66
CA GLN A 185 -18.15 -6.49 4.33
C GLN A 185 -19.37 -7.32 4.68
N MET A 1 4.50 4.08 -18.66
CA MET A 1 3.77 4.74 -17.55
C MET A 1 2.38 4.15 -17.41
N PHE A 2 1.81 4.19 -16.21
CA PHE A 2 0.46 3.65 -15.98
C PHE A 2 -0.37 4.57 -15.09
N LEU A 3 -1.68 4.50 -15.21
CA LEU A 3 -2.57 5.24 -14.29
C LEU A 3 -2.39 4.65 -12.90
N LEU A 4 -2.11 3.35 -12.89
CA LEU A 4 -1.85 2.62 -11.65
C LEU A 4 -0.63 3.19 -10.96
N GLU A 5 0.38 3.53 -11.74
CA GLU A 5 1.63 4.09 -11.22
C GLU A 5 1.39 5.48 -10.64
N TYR A 6 0.54 6.25 -11.30
CA TYR A 6 0.18 7.58 -10.82
C TYR A 6 -0.44 7.44 -9.43
N THR A 7 -1.36 6.49 -9.31
CA THR A 7 -2.04 6.24 -8.04
C THR A 7 -1.08 5.65 -7.00
N TYR A 8 -0.21 4.74 -7.43
CA TYR A 8 0.77 4.08 -6.57
C TYR A 8 1.65 5.09 -5.82
N TRP A 9 2.26 6.02 -6.54
CA TRP A 9 3.14 6.99 -5.90
C TRP A 9 2.35 7.95 -5.01
N LYS A 10 1.09 8.21 -5.34
CA LYS A 10 0.24 9.06 -4.49
C LYS A 10 -0.08 8.34 -3.20
N ILE A 11 -0.29 7.04 -3.24
CA ILE A 11 -0.55 6.26 -2.02
C ILE A 11 0.67 6.33 -1.14
N ALA A 12 1.85 6.14 -1.71
CA ALA A 12 3.08 6.21 -0.95
C ALA A 12 3.14 7.57 -0.24
N ALA A 13 2.78 8.62 -0.95
CA ALA A 13 2.76 9.96 -0.38
C ALA A 13 1.76 10.11 0.76
N HIS A 14 0.55 9.56 0.61
CA HIS A 14 -0.46 9.70 1.67
C HIS A 14 0.02 9.03 2.94
N LEU A 15 0.55 7.83 2.81
CA LEU A 15 0.98 7.05 3.96
C LEU A 15 2.14 7.74 4.66
N VAL A 16 3.12 8.17 3.89
CA VAL A 16 4.28 8.86 4.45
C VAL A 16 3.80 10.10 5.21
N ASN A 17 2.87 10.83 4.62
CA ASN A 17 2.37 12.06 5.22
C ASN A 17 1.34 11.80 6.34
N SER A 18 1.12 10.54 6.66
CA SER A 18 0.23 10.14 7.76
C SER A 18 1.05 9.61 8.93
N GLY A 19 2.37 9.81 8.86
CA GLY A 19 3.24 9.39 9.95
C GLY A 19 3.85 8.02 9.81
N TYR A 20 3.66 7.36 8.67
CA TYR A 20 4.27 6.06 8.45
C TYR A 20 5.77 6.24 8.30
N GLY A 21 6.53 5.46 9.06
CA GLY A 21 7.98 5.57 9.00
C GLY A 21 8.48 4.93 7.72
N VAL A 22 9.36 5.59 6.99
CA VAL A 22 9.87 5.04 5.75
C VAL A 22 11.02 4.10 6.07
N ILE A 23 10.81 2.83 5.78
CA ILE A 23 11.84 1.82 5.98
C ILE A 23 12.65 1.74 4.70
N GLN A 24 11.95 1.73 3.57
CA GLN A 24 12.59 1.72 2.26
C GLN A 24 11.69 2.44 1.27
N ALA A 25 12.24 3.34 0.49
CA ALA A 25 11.52 3.97 -0.60
C ALA A 25 12.50 4.07 -1.75
N GLY A 26 12.09 3.68 -2.95
CA GLY A 26 12.97 3.81 -4.10
C GLY A 26 12.32 3.59 -5.45
N GLU A 27 11.79 2.39 -5.65
CA GLU A 27 11.19 2.00 -6.91
C GLU A 27 9.83 1.36 -6.60
N SER A 28 8.97 1.23 -7.59
CA SER A 28 7.65 0.62 -7.42
C SER A 28 7.71 -0.86 -7.05
N ASP A 29 8.91 -1.43 -7.11
CA ASP A 29 9.11 -2.83 -6.72
C ASP A 29 8.84 -2.97 -5.23
N GLU A 30 9.42 -2.12 -4.41
CA GLU A 30 9.10 -2.16 -2.98
C GLU A 30 9.22 -0.83 -2.24
N ILE A 31 8.13 -0.43 -1.58
CA ILE A 31 8.18 0.69 -0.63
C ILE A 31 7.64 0.10 0.65
N TRP A 32 8.45 0.14 1.70
CA TRP A 32 8.08 -0.42 2.99
C TRP A 32 7.81 0.73 3.95
N LEU A 33 6.60 0.74 4.48
CA LEU A 33 6.15 1.78 5.40
C LEU A 33 5.77 1.14 6.73
N GLU A 34 6.31 1.68 7.81
CA GLU A 34 6.03 1.21 9.17
C GLU A 34 4.76 1.89 9.67
N ALA A 35 3.80 1.11 10.12
CA ALA A 35 2.54 1.64 10.61
C ALA A 35 2.79 2.47 11.88
N PRO A 36 2.18 3.67 11.99
CA PRO A 36 2.42 4.40 13.24
C PRO A 36 1.70 3.76 14.45
N ASP A 37 0.63 3.04 14.17
CA ASP A 37 -0.16 2.35 15.21
C ASP A 37 0.54 1.09 15.74
N LYS A 38 1.33 0.47 14.88
CA LYS A 38 2.11 -0.73 15.20
C LYS A 38 1.25 -1.88 15.70
N SER A 39 0.10 -2.00 15.06
CA SER A 39 -0.88 -3.06 15.29
C SER A 39 -0.28 -4.42 14.93
N SER A 40 -1.08 -5.48 15.04
CA SER A 40 -0.65 -6.82 14.63
C SER A 40 -0.12 -6.76 13.19
N HIS A 41 -0.74 -5.88 12.40
CA HIS A 41 -0.24 -5.53 11.07
C HIS A 41 0.67 -4.35 11.34
N ASP A 42 1.96 -4.55 11.13
CA ASP A 42 2.95 -3.53 11.45
C ASP A 42 3.50 -2.87 10.20
N LEU A 43 3.64 -3.62 9.11
CA LEU A 43 4.24 -3.08 7.90
C LEU A 43 3.36 -3.31 6.68
N VAL A 44 3.53 -2.47 5.68
CA VAL A 44 2.82 -2.61 4.40
C VAL A 44 3.87 -2.47 3.29
N ARG A 45 3.79 -3.32 2.28
CA ARG A 45 4.67 -3.22 1.11
C ARG A 45 3.79 -2.98 -0.10
N LEU A 46 3.95 -1.80 -0.68
CA LEU A 46 3.18 -1.42 -1.85
C LEU A 46 3.84 -2.11 -3.05
N TYR A 47 3.05 -2.75 -3.90
CA TYR A 47 3.58 -3.53 -5.01
C TYR A 47 2.81 -3.30 -6.32
N LYS A 48 3.49 -3.43 -7.46
CA LYS A 48 2.84 -3.29 -8.77
C LYS A 48 3.12 -4.53 -9.60
N HIS A 49 2.10 -5.34 -9.83
CA HIS A 49 2.23 -6.55 -10.64
C HIS A 49 0.86 -6.79 -11.26
N ASP A 50 0.82 -7.40 -12.44
CA ASP A 50 -0.43 -7.74 -13.11
C ASP A 50 -0.48 -9.26 -13.12
N LEU A 51 -1.62 -9.85 -12.78
CA LEU A 51 -1.74 -11.30 -12.68
C LEU A 51 -2.80 -11.83 -13.63
N ASP A 52 -2.49 -12.90 -14.35
CA ASP A 52 -3.49 -13.53 -15.25
C ASP A 52 -4.37 -14.51 -14.48
N PHE A 53 -3.77 -15.20 -13.52
CA PHE A 53 -4.45 -16.22 -12.73
C PHE A 53 -4.13 -16.08 -11.24
N ARG A 54 -4.89 -16.71 -10.38
CA ARG A 54 -4.62 -16.64 -8.93
C ARG A 54 -3.29 -17.26 -8.55
N GLN A 55 -2.77 -18.17 -9.36
CA GLN A 55 -1.53 -18.83 -9.00
C GLN A 55 -0.38 -17.83 -9.03
N GLU A 56 -0.42 -16.85 -9.92
CA GLU A 56 0.62 -15.82 -9.92
C GLU A 56 0.49 -15.03 -8.61
N MET A 57 -0.75 -14.74 -8.22
CA MET A 57 -1.00 -13.98 -6.99
C MET A 57 -0.50 -14.71 -5.75
N VAL A 58 -0.86 -15.98 -5.55
CA VAL A 58 -0.43 -16.72 -4.35
C VAL A 58 1.08 -16.84 -4.29
N ARG A 59 1.70 -16.90 -5.45
CA ARG A 59 3.16 -17.05 -5.56
C ARG A 59 3.85 -15.79 -5.08
N ASP A 60 3.29 -14.65 -5.39
CA ASP A 60 3.86 -13.40 -4.92
C ASP A 60 3.73 -13.34 -3.41
N ILE A 61 2.64 -13.89 -2.86
CA ILE A 61 2.47 -13.88 -1.40
C ILE A 61 3.50 -14.78 -0.72
N GLU A 62 3.86 -15.87 -1.37
CA GLU A 62 4.85 -16.78 -0.80
C GLU A 62 6.22 -16.09 -0.80
N GLU A 63 6.45 -15.19 -1.74
CA GLU A 63 7.67 -14.38 -1.75
C GLU A 63 7.62 -13.39 -0.59
N GLN A 64 6.45 -12.77 -0.37
CA GLN A 64 6.30 -11.82 0.73
C GLN A 64 6.64 -12.50 2.04
N ALA A 65 6.21 -13.74 2.19
CA ALA A 65 6.45 -14.49 3.40
C ALA A 65 7.94 -14.65 3.70
N GLU A 66 8.75 -14.82 2.67
CA GLU A 66 10.20 -14.94 2.86
C GLU A 66 10.70 -13.60 3.41
N ARG A 67 10.23 -12.51 2.81
CA ARG A 67 10.62 -11.17 3.25
C ARG A 67 10.21 -10.94 4.70
N VAL A 68 9.00 -11.36 5.06
CA VAL A 68 8.50 -11.16 6.42
C VAL A 68 9.28 -12.03 7.40
N GLU A 69 9.76 -13.18 6.97
CA GLU A 69 10.61 -14.01 7.84
C GLU A 69 11.89 -13.25 8.19
N ARG A 70 12.40 -12.43 7.26
CA ARG A 70 13.56 -11.57 7.57
C ARG A 70 13.12 -10.45 8.51
N VAL A 71 12.01 -9.80 8.17
CA VAL A 71 11.48 -8.66 8.95
C VAL A 71 11.21 -9.02 10.40
N ARG A 72 10.55 -10.14 10.66
CA ARG A 72 10.23 -10.53 12.03
C ARG A 72 11.51 -10.69 12.85
N HIS A 73 12.61 -11.07 12.21
CA HIS A 73 13.88 -11.18 12.90
C HIS A 73 14.45 -9.78 13.20
N GLN A 74 14.31 -8.87 12.25
CA GLN A 74 14.84 -7.51 12.37
C GLN A 74 14.17 -6.69 13.47
N LEU A 75 12.84 -6.68 13.52
CA LEU A 75 12.12 -5.89 14.53
C LEU A 75 11.70 -6.75 15.74
N GLY A 76 12.14 -7.99 15.75
CA GLY A 76 11.94 -8.88 16.90
C GLY A 76 10.53 -9.35 17.25
N ARG A 77 9.52 -8.91 16.53
CA ARG A 77 8.15 -9.32 16.85
C ARG A 77 8.03 -10.84 16.62
N ARG A 78 7.44 -11.52 17.60
CA ARG A 78 7.32 -12.98 17.60
C ARG A 78 6.44 -13.51 16.46
N ARG A 79 5.55 -12.67 15.99
CA ARG A 79 4.65 -13.00 14.88
C ARG A 79 4.46 -11.68 14.17
N MET A 80 4.27 -11.71 12.87
CA MET A 80 4.13 -10.48 12.08
C MET A 80 3.01 -10.58 11.09
N LYS A 81 2.37 -9.45 10.79
CA LYS A 81 1.38 -9.40 9.72
C LYS A 81 1.77 -8.27 8.77
N LEU A 82 1.74 -8.57 7.48
CA LEU A 82 2.15 -7.64 6.43
C LEU A 82 1.03 -7.50 5.41
N LEU A 83 0.71 -6.28 5.02
CA LEU A 83 -0.29 -6.02 3.99
C LEU A 83 0.45 -5.89 2.66
N ASN A 84 0.06 -6.66 1.66
CA ASN A 84 0.68 -6.60 0.35
C ASN A 84 -0.37 -6.14 -0.66
N VAL A 85 -0.23 -4.92 -1.15
CA VAL A 85 -1.22 -4.35 -2.06
C VAL A 85 -0.69 -4.31 -3.48
N PHE A 86 -1.31 -5.06 -4.37
CA PHE A 86 -0.97 -5.07 -5.78
C PHE A 86 -1.67 -3.91 -6.49
N PHE A 87 -1.10 -3.50 -7.61
CA PHE A 87 -1.72 -2.51 -8.49
C PHE A 87 -1.69 -3.15 -9.87
N SER A 88 -2.86 -3.50 -10.39
CA SER A 88 -2.98 -4.24 -11.63
C SER A 88 -3.97 -3.58 -12.58
N THR A 89 -3.87 -3.88 -13.86
CA THR A 89 -4.77 -3.31 -14.86
C THR A 89 -6.16 -3.84 -14.64
N GLU A 90 -6.24 -5.13 -14.47
CA GLU A 90 -7.49 -5.80 -14.27
C GLU A 90 -7.19 -6.98 -13.38
N ALA A 91 -8.22 -7.67 -12.98
CA ALA A 91 -8.08 -8.75 -12.02
C ALA A 91 -7.92 -10.10 -12.74
N PRO A 92 -7.13 -11.02 -12.19
CA PRO A 92 -7.00 -12.34 -12.80
C PRO A 92 -8.33 -13.10 -12.87
N VAL A 93 -8.51 -13.89 -13.92
CA VAL A 93 -9.79 -14.56 -14.17
C VAL A 93 -10.00 -15.87 -13.37
N ASP A 94 -8.92 -16.48 -12.92
CA ASP A 94 -9.02 -17.76 -12.19
C ASP A 94 -9.26 -17.52 -10.69
N ASP A 95 -10.51 -17.30 -10.32
CA ASP A 95 -10.96 -17.04 -8.91
C ASP A 95 -9.89 -16.67 -7.89
N TRP A 96 -9.49 -15.42 -7.95
CA TRP A 96 -8.51 -14.85 -7.05
C TRP A 96 -9.21 -14.28 -5.84
N GLU A 97 -10.52 -14.12 -5.91
CA GLU A 97 -11.26 -13.55 -4.78
C GLU A 97 -11.16 -14.52 -3.63
N GLU A 98 -11.07 -15.80 -3.94
CA GLU A 98 -10.83 -16.81 -2.93
C GLU A 98 -9.51 -16.52 -2.21
N ILE A 99 -8.53 -16.00 -2.92
CA ILE A 99 -7.21 -15.67 -2.32
C ILE A 99 -7.37 -14.46 -1.41
N ALA A 100 -8.17 -13.49 -1.84
CA ALA A 100 -8.42 -12.31 -1.03
C ALA A 100 -9.21 -12.65 0.24
N LYS A 101 -9.92 -13.78 0.21
CA LYS A 101 -10.70 -14.23 1.36
C LYS A 101 -9.88 -15.09 2.33
N LYS A 102 -8.60 -15.31 2.04
CA LYS A 102 -7.77 -16.13 2.92
C LYS A 102 -6.49 -15.43 3.37
N THR A 103 -6.26 -15.45 4.66
CA THR A 103 -5.01 -14.92 5.20
C THR A 103 -3.96 -15.96 4.85
N PHE A 104 -2.88 -15.51 4.25
CA PHE A 104 -1.79 -16.38 3.93
C PHE A 104 -0.98 -16.49 5.20
N GLU A 105 -0.75 -17.70 5.69
CA GLU A 105 0.05 -17.89 6.90
C GLU A 105 1.13 -18.92 6.63
N LYS A 106 2.34 -18.53 6.98
CA LYS A 106 3.52 -19.41 6.79
C LYS A 106 4.47 -19.22 7.95
N GLY A 107 4.79 -20.30 8.66
CA GLY A 107 5.70 -20.17 9.79
C GLY A 107 5.02 -19.31 10.84
N THR A 108 5.57 -18.12 11.07
CA THR A 108 5.00 -17.17 12.03
C THR A 108 4.70 -15.84 11.32
N VAL A 109 4.54 -15.89 10.00
CA VAL A 109 4.15 -14.71 9.23
C VAL A 109 2.69 -14.84 8.87
N SER A 110 2.10 -13.69 8.61
CA SER A 110 0.72 -13.59 8.20
C SER A 110 0.74 -12.52 7.11
N VAL A 111 0.19 -12.80 5.94
CA VAL A 111 0.16 -11.82 4.87
C VAL A 111 -1.22 -11.71 4.34
N GLU A 112 -1.60 -10.45 4.14
CA GLU A 112 -2.92 -10.14 3.67
C GLU A 112 -2.85 -9.57 2.25
N PRO A 113 -3.43 -10.30 1.27
CA PRO A 113 -3.38 -9.71 -0.07
C PRO A 113 -4.44 -8.64 -0.27
N ALA A 114 -4.16 -7.69 -1.15
CA ALA A 114 -5.12 -6.67 -1.54
C ALA A 114 -4.68 -6.34 -2.95
N ILE A 115 -5.60 -5.95 -3.81
CA ILE A 115 -5.25 -5.68 -5.21
C ILE A 115 -6.16 -4.60 -5.76
N VAL A 116 -5.57 -3.53 -6.24
CA VAL A 116 -6.33 -2.45 -6.84
C VAL A 116 -6.31 -2.69 -8.33
N ARG A 117 -7.46 -3.05 -8.89
CA ARG A 117 -7.56 -3.29 -10.33
C ARG A 117 -8.09 -2.00 -10.94
N GLY A 118 -7.49 -1.60 -12.05
CA GLY A 118 -7.86 -0.35 -12.70
C GLY A 118 -9.32 -0.27 -13.11
N THR A 119 -9.93 -1.44 -13.32
CA THR A 119 -11.32 -1.54 -13.76
C THR A 119 -12.32 -0.87 -12.84
N MET A 120 -12.03 -0.83 -11.55
CA MET A 120 -12.94 -0.26 -10.57
C MET A 120 -12.19 0.56 -9.55
N LEU A 121 -11.02 1.04 -9.99
CA LEU A 121 -10.08 1.74 -9.13
C LEU A 121 -10.68 2.80 -8.20
N ARG A 122 -11.69 3.54 -8.65
CA ARG A 122 -12.28 4.58 -7.79
C ARG A 122 -12.78 4.00 -6.45
N ASP A 123 -13.55 2.92 -6.52
CA ASP A 123 -14.08 2.27 -5.33
C ASP A 123 -13.02 1.39 -4.67
N ASP A 124 -12.24 0.72 -5.52
CA ASP A 124 -11.24 -0.23 -5.07
C ASP A 124 -10.13 0.41 -4.23
N LEU A 125 -9.74 1.61 -4.61
CA LEU A 125 -8.68 2.30 -3.90
C LEU A 125 -9.14 2.65 -2.49
N GLN A 126 -10.32 3.24 -2.35
CA GLN A 126 -10.79 3.67 -1.04
C GLN A 126 -11.12 2.48 -0.13
N ALA A 127 -11.27 1.31 -0.73
CA ALA A 127 -11.56 0.10 0.03
C ALA A 127 -10.33 -0.35 0.83
N VAL A 128 -9.14 0.00 0.35
CA VAL A 128 -7.88 -0.38 1.03
C VAL A 128 -7.21 0.86 1.66
N PHE A 129 -7.28 2.00 0.99
CA PHE A 129 -6.70 3.25 1.50
C PHE A 129 -7.72 4.39 1.43
N PRO A 130 -8.64 4.48 2.42
CA PRO A 130 -9.63 5.57 2.40
C PRO A 130 -9.06 6.95 2.71
N SER A 131 -7.76 7.03 2.95
CA SER A 131 -7.07 8.30 3.21
C SER A 131 -6.74 9.01 1.90
N PHE A 132 -7.04 8.37 0.79
CA PHE A 132 -6.77 8.94 -0.53
C PHE A 132 -7.70 10.11 -0.82
N ARG A 133 -7.12 11.28 -1.06
CA ARG A 133 -7.91 12.46 -1.38
C ARG A 133 -8.21 12.43 -2.88
N THR A 134 -9.43 12.04 -3.24
CA THR A 134 -9.85 11.96 -4.64
C THR A 134 -9.80 13.33 -5.31
N GLU A 135 -9.88 14.38 -4.52
CA GLU A 135 -9.80 15.76 -5.02
C GLU A 135 -8.41 16.06 -5.62
N ASP A 136 -7.39 15.38 -5.12
CA ASP A 136 -6.01 15.56 -5.60
C ASP A 136 -5.81 14.73 -6.88
N CYS A 137 -6.86 14.02 -7.26
CA CYS A 137 -6.81 13.11 -8.41
C CYS A 137 -8.01 13.30 -9.33
N SER A 138 -8.27 14.54 -9.73
CA SER A 138 -9.36 14.81 -10.65
C SER A 138 -9.00 14.20 -12.01
N GLU A 139 -9.99 14.02 -12.87
CA GLU A 139 -9.76 13.39 -14.18
C GLU A 139 -8.77 14.17 -15.04
N GLU A 140 -8.68 15.47 -14.82
CA GLU A 140 -7.73 16.32 -15.56
C GLU A 140 -6.29 15.90 -15.27
N HIS A 141 -6.08 15.38 -14.07
CA HIS A 141 -4.75 15.00 -13.62
C HIS A 141 -4.50 13.51 -13.86
N ALA A 142 -5.50 12.81 -14.35
CA ALA A 142 -5.40 11.36 -14.58
C ALA A 142 -4.71 11.00 -15.92
N SER A 143 -3.77 11.82 -16.38
CA SER A 143 -3.04 11.52 -17.61
C SER A 143 -1.90 10.55 -17.31
N PHE A 144 -1.53 9.74 -18.30
CA PHE A 144 -0.46 8.77 -18.15
C PHE A 144 0.90 9.45 -17.94
N GLU A 145 1.08 10.63 -18.53
CA GLU A 145 2.37 11.33 -18.42
C GLU A 145 2.60 11.83 -16.98
N ASN A 146 1.51 12.06 -16.27
CA ASN A 146 1.58 12.53 -14.89
C ASN A 146 2.14 11.45 -13.96
N ALA A 147 2.03 10.19 -14.37
CA ALA A 147 2.50 9.08 -13.54
C ALA A 147 3.97 9.21 -13.12
N GLN A 148 4.84 9.59 -14.04
CA GLN A 148 6.26 9.72 -13.70
C GLN A 148 6.47 10.96 -12.81
N MET A 149 5.65 11.98 -13.00
CA MET A 149 5.72 13.19 -12.19
C MET A 149 5.26 12.90 -10.78
N ALA A 150 4.36 11.94 -10.61
CA ALA A 150 3.90 11.56 -9.28
C ALA A 150 5.05 10.98 -8.46
N ARG A 151 5.99 10.33 -9.12
CA ARG A 151 7.17 9.80 -8.43
C ARG A 151 8.00 10.94 -7.92
N GLU A 152 8.19 11.95 -8.75
CA GLU A 152 8.98 13.12 -8.39
C GLU A 152 8.29 13.86 -7.25
N ARG A 153 6.97 13.95 -7.35
CA ARG A 153 6.12 14.59 -6.33
C ARG A 153 6.32 13.87 -5.00
N PHE A 154 6.33 12.55 -5.02
CA PHE A 154 6.54 11.76 -3.81
C PHE A 154 7.95 11.89 -3.24
N LEU A 155 8.95 11.84 -4.10
CA LEU A 155 10.34 11.95 -3.66
C LEU A 155 10.59 13.32 -3.01
N SER A 156 9.93 14.34 -3.51
CA SER A 156 10.02 15.66 -2.89
C SER A 156 9.23 15.68 -1.58
N LEU A 157 8.09 15.02 -1.57
CA LEU A 157 7.20 15.00 -0.42
C LEU A 157 7.79 14.32 0.82
N VAL A 158 8.52 13.23 0.66
CA VAL A 158 9.06 12.54 1.85
C VAL A 158 9.97 13.46 2.67
N LEU A 159 10.84 14.22 2.03
CA LEU A 159 11.70 15.14 2.78
C LEU A 159 10.86 16.31 3.29
N LYS A 160 9.84 16.69 2.56
CA LYS A 160 8.94 17.75 3.02
C LYS A 160 8.21 17.31 4.31
N GLN A 161 7.85 16.04 4.40
CA GLN A 161 7.20 15.50 5.60
C GLN A 161 8.21 15.53 6.74
N GLU A 162 9.47 15.29 6.42
CA GLU A 162 10.52 15.33 7.43
C GLU A 162 10.72 16.78 7.91
N GLU A 163 10.58 17.73 6.99
CA GLU A 163 10.67 19.15 7.33
C GLU A 163 9.47 19.52 8.22
N GLN A 164 8.32 18.95 7.94
CA GLN A 164 7.13 19.19 8.76
C GLN A 164 7.40 18.69 10.16
N ARG A 165 7.95 17.49 10.30
CA ARG A 165 8.25 16.91 11.62
C ARG A 165 9.16 17.81 12.44
N LYS A 166 10.08 18.50 11.79
CA LYS A 166 10.96 19.44 12.48
C LYS A 166 10.17 20.63 13.03
N THR A 167 9.38 21.28 12.18
CA THR A 167 8.60 22.45 12.62
C THR A 167 7.41 22.09 13.51
N GLU A 168 6.97 20.85 13.47
CA GLU A 168 5.84 20.35 14.29
C GLU A 168 6.10 20.49 15.78
N ALA A 169 7.38 20.52 16.16
CA ALA A 169 7.76 20.72 17.57
C ALA A 169 7.29 22.09 18.12
N ALA A 170 6.90 23.01 17.24
CA ALA A 170 6.38 24.30 17.67
C ALA A 170 4.97 24.08 18.23
N VAL A 171 4.60 24.87 19.23
CA VAL A 171 3.29 24.73 19.85
C VAL A 171 2.21 25.28 18.91
N PHE A 172 1.59 24.38 18.15
CA PHE A 172 0.58 24.74 17.17
C PHE A 172 -0.44 23.63 17.01
N GLN A 173 -1.42 23.84 16.15
CA GLN A 173 -2.45 22.84 15.87
C GLN A 173 -2.94 23.02 14.43
N ASN A 174 -3.56 21.98 13.88
CA ASN A 174 -4.11 22.03 12.52
C ASN A 174 -5.21 20.97 12.42
N GLY A 175 -6.27 21.29 11.69
CA GLY A 175 -7.36 20.34 11.47
C GLY A 175 -8.16 20.75 10.24
N LYS A 176 -7.50 21.43 9.31
CA LYS A 176 -8.16 21.97 8.13
C LYS A 176 -8.33 20.90 7.03
N LEU A 177 -9.41 20.14 7.12
CA LEU A 177 -9.71 19.10 6.14
C LEU A 177 -10.05 19.69 4.76
N GLU A 178 -10.80 20.78 4.78
CA GLU A 178 -11.21 21.51 3.58
C GLU A 178 -11.91 20.65 2.51
N ARG A 179 -12.67 19.65 2.95
CA ARG A 179 -13.46 18.82 2.02
C ARG A 179 -14.83 18.59 2.63
N GLU A 180 -15.81 19.28 2.11
CA GLU A 180 -17.19 19.22 2.61
C GLU A 180 -18.12 19.26 1.40
N ASN A 181 -19.42 19.38 1.66
CA ASN A 181 -20.46 19.49 0.61
C ASN A 181 -20.47 18.32 -0.38
N LEU A 182 -20.22 17.11 0.11
CA LEU A 182 -20.31 15.93 -0.72
C LEU A 182 -21.75 15.44 -0.63
N TYR A 183 -22.15 14.55 -1.52
CA TYR A 183 -23.52 14.10 -1.59
C TYR A 183 -23.57 12.66 -2.08
N PHE A 184 -24.71 12.02 -1.89
CA PHE A 184 -24.97 10.67 -2.34
C PHE A 184 -26.48 10.58 -2.38
N GLN A 185 -27.01 9.54 -3.01
CA GLN A 185 -28.45 9.31 -3.12
C GLN A 185 -28.59 7.87 -3.56
N MET A 1 4.84 6.51 -16.81
CA MET A 1 4.09 6.21 -18.05
C MET A 1 2.77 5.53 -17.75
N PHE A 2 2.78 4.43 -17.01
CA PHE A 2 1.55 3.71 -16.72
C PHE A 2 0.70 4.54 -15.78
N LEU A 3 -0.60 4.57 -16.03
CA LEU A 3 -1.54 5.36 -15.21
C LEU A 3 -1.45 4.93 -13.75
N LEU A 4 -1.15 3.65 -13.53
CA LEU A 4 -1.01 3.10 -12.18
C LEU A 4 -0.03 3.88 -11.32
N GLU A 5 1.04 4.39 -11.93
CA GLU A 5 2.07 5.13 -11.19
C GLU A 5 1.47 6.38 -10.53
N TYR A 6 0.43 6.94 -11.12
CA TYR A 6 -0.21 8.14 -10.60
C TYR A 6 -0.72 7.86 -9.19
N THR A 7 -1.54 6.82 -9.08
CA THR A 7 -2.11 6.44 -7.80
C THR A 7 -1.08 5.82 -6.87
N TYR A 8 -0.21 4.99 -7.42
CA TYR A 8 0.81 4.29 -6.66
C TYR A 8 1.70 5.24 -5.87
N TRP A 9 2.33 6.19 -6.54
CA TRP A 9 3.26 7.09 -5.86
C TRP A 9 2.56 8.06 -4.91
N LYS A 10 1.34 8.47 -5.21
CA LYS A 10 0.64 9.37 -4.28
C LYS A 10 0.14 8.64 -3.04
N ILE A 11 -0.11 7.34 -3.12
CA ILE A 11 -0.48 6.58 -1.93
C ILE A 11 0.78 6.43 -1.09
N ALA A 12 1.91 6.20 -1.73
CA ALA A 12 3.17 6.10 -0.99
C ALA A 12 3.37 7.41 -0.22
N ALA A 13 3.09 8.52 -0.88
CA ALA A 13 3.20 9.83 -0.25
C ALA A 13 2.25 9.92 0.93
N HIS A 14 1.00 9.53 0.72
CA HIS A 14 -0.04 9.57 1.75
C HIS A 14 0.36 8.76 2.99
N LEU A 15 0.91 7.57 2.77
CA LEU A 15 1.34 6.72 3.89
C LEU A 15 2.50 7.38 4.63
N VAL A 16 3.45 7.91 3.89
CA VAL A 16 4.59 8.60 4.51
C VAL A 16 4.09 9.82 5.31
N ASN A 17 3.11 10.54 4.76
CA ASN A 17 2.57 11.71 5.46
C ASN A 17 1.85 11.29 6.74
N SER A 18 1.31 10.07 6.73
CA SER A 18 0.61 9.52 7.90
C SER A 18 1.59 9.07 8.98
N GLY A 19 2.89 9.29 8.75
CA GLY A 19 3.90 8.97 9.75
C GLY A 19 4.60 7.65 9.54
N TYR A 20 4.24 6.91 8.50
CA TYR A 20 4.89 5.63 8.24
C TYR A 20 6.33 5.87 7.85
N GLY A 21 7.24 5.22 8.56
CA GLY A 21 8.65 5.39 8.28
C GLY A 21 8.96 4.63 7.01
N VAL A 22 9.52 5.30 6.03
CA VAL A 22 9.86 4.64 4.78
C VAL A 22 11.12 3.81 5.06
N ILE A 23 11.03 2.52 4.77
CA ILE A 23 12.12 1.59 5.02
C ILE A 23 12.99 1.53 3.78
N GLN A 24 12.35 1.51 2.63
CA GLN A 24 13.04 1.40 1.35
C GLN A 24 12.31 2.15 0.27
N ALA A 25 13.00 3.08 -0.36
CA ALA A 25 12.49 3.82 -1.51
C ALA A 25 13.66 3.96 -2.49
N GLY A 26 13.38 3.82 -3.77
CA GLY A 26 14.41 3.95 -4.79
C GLY A 26 14.07 2.98 -5.89
N GLU A 27 13.46 1.88 -5.48
CA GLU A 27 12.96 0.87 -6.39
C GLU A 27 11.82 1.52 -7.18
N SER A 28 11.56 1.02 -8.38
CA SER A 28 10.54 1.61 -9.23
C SER A 28 9.15 1.02 -9.01
N ASP A 29 9.09 -0.16 -8.40
CA ASP A 29 7.82 -0.87 -8.28
C ASP A 29 7.51 -1.43 -6.89
N GLU A 30 8.36 -1.16 -5.91
CA GLU A 30 8.12 -1.63 -4.55
C GLU A 30 8.53 -0.57 -3.52
N ILE A 31 7.73 -0.38 -2.48
CA ILE A 31 8.07 0.56 -1.40
C ILE A 31 7.66 -0.09 -0.08
N TRP A 32 8.54 -0.06 0.91
CA TRP A 32 8.24 -0.63 2.23
C TRP A 32 8.06 0.48 3.27
N LEU A 33 7.03 0.34 4.08
CA LEU A 33 6.65 1.33 5.09
C LEU A 33 6.46 0.62 6.44
N GLU A 34 6.96 1.22 7.52
CA GLU A 34 6.78 0.66 8.87
C GLU A 34 5.67 1.41 9.59
N ALA A 35 4.80 0.68 10.29
CA ALA A 35 3.74 1.29 11.09
C ALA A 35 4.31 1.69 12.47
N PRO A 36 4.52 3.00 12.72
CA PRO A 36 5.14 3.34 14.01
C PRO A 36 4.25 3.09 15.23
N ASP A 37 2.95 3.19 15.03
CA ASP A 37 1.97 3.01 16.10
C ASP A 37 1.75 1.56 16.45
N LYS A 38 2.41 0.64 15.74
CA LYS A 38 2.22 -0.81 15.92
C LYS A 38 0.75 -1.12 15.69
N SER A 39 0.24 -0.50 14.64
CA SER A 39 -1.14 -0.59 14.20
C SER A 39 -1.53 -1.99 13.75
N SER A 40 -2.78 -2.11 13.30
CA SER A 40 -3.35 -3.36 12.77
C SER A 40 -2.42 -4.19 11.87
N HIS A 41 -1.48 -3.55 11.18
CA HIS A 41 -0.46 -4.25 10.42
C HIS A 41 0.88 -3.65 10.84
N ASP A 42 1.87 -4.49 11.07
CA ASP A 42 3.19 -4.04 11.51
C ASP A 42 3.91 -3.31 10.38
N LEU A 43 3.73 -3.84 9.17
CA LEU A 43 4.39 -3.30 7.98
C LEU A 43 3.42 -3.24 6.83
N VAL A 44 3.70 -2.39 5.87
CA VAL A 44 2.91 -2.26 4.65
C VAL A 44 3.89 -2.24 3.49
N ARG A 45 3.59 -2.95 2.41
CA ARG A 45 4.41 -2.86 1.19
C ARG A 45 3.49 -2.60 0.02
N LEU A 46 3.91 -1.68 -0.82
CA LEU A 46 3.18 -1.30 -2.02
C LEU A 46 3.89 -2.00 -3.15
N TYR A 47 3.16 -2.65 -4.04
CA TYR A 47 3.79 -3.37 -5.14
C TYR A 47 3.07 -3.16 -6.48
N LYS A 48 3.75 -2.54 -7.44
CA LYS A 48 3.14 -2.29 -8.75
C LYS A 48 3.37 -3.51 -9.64
N HIS A 49 2.39 -4.39 -9.72
CA HIS A 49 2.53 -5.64 -10.48
C HIS A 49 1.21 -6.07 -11.09
N ASP A 50 1.26 -6.34 -12.37
CA ASP A 50 0.17 -6.87 -13.17
C ASP A 50 0.04 -8.37 -12.89
N LEU A 51 -1.17 -8.90 -12.93
CA LEU A 51 -1.41 -10.30 -12.62
C LEU A 51 -2.52 -10.87 -13.53
N ASP A 52 -2.18 -11.86 -14.35
CA ASP A 52 -3.15 -12.48 -15.28
C ASP A 52 -3.92 -13.63 -14.60
N PHE A 53 -3.20 -14.45 -13.86
CA PHE A 53 -3.78 -15.60 -13.18
C PHE A 53 -3.40 -15.55 -11.71
N ARG A 54 -4.27 -16.06 -10.85
CA ARG A 54 -4.01 -16.02 -9.41
C ARG A 54 -2.83 -16.86 -8.99
N GLN A 55 -2.36 -17.76 -9.83
CA GLN A 55 -1.19 -18.55 -9.48
C GLN A 55 0.02 -17.63 -9.30
N GLU A 56 0.10 -16.56 -10.07
CA GLU A 56 1.20 -15.60 -9.90
C GLU A 56 0.92 -14.71 -8.68
N MET A 57 -0.36 -14.46 -8.42
CA MET A 57 -0.76 -13.66 -7.28
C MET A 57 -0.36 -14.36 -5.98
N VAL A 58 -0.71 -15.64 -5.82
CA VAL A 58 -0.35 -16.37 -4.60
C VAL A 58 1.16 -16.47 -4.42
N ARG A 59 1.87 -16.61 -5.52
CA ARG A 59 3.33 -16.77 -5.51
C ARG A 59 4.00 -15.55 -4.92
N ASP A 60 3.46 -14.39 -5.23
CA ASP A 60 4.02 -13.15 -4.74
C ASP A 60 3.97 -13.16 -3.21
N ILE A 61 2.85 -13.58 -2.63
CA ILE A 61 2.71 -13.59 -1.16
C ILE A 61 3.54 -14.70 -0.53
N GLU A 62 3.65 -15.83 -1.22
CA GLU A 62 4.46 -16.93 -0.72
C GLU A 62 5.88 -16.44 -0.54
N GLU A 63 6.31 -15.56 -1.45
CA GLU A 63 7.65 -14.98 -1.39
C GLU A 63 7.73 -13.90 -0.31
N GLN A 64 6.73 -13.03 -0.27
CA GLN A 64 6.66 -11.95 0.72
C GLN A 64 6.76 -12.52 2.11
N ALA A 65 6.08 -13.62 2.36
CA ALA A 65 6.06 -14.23 3.66
C ALA A 65 7.46 -14.69 4.08
N GLU A 66 8.28 -15.12 3.14
CA GLU A 66 9.65 -15.51 3.48
C GLU A 66 10.45 -14.24 3.80
N ARG A 67 10.16 -13.17 3.06
CA ARG A 67 10.81 -11.88 3.34
C ARG A 67 10.45 -11.46 4.75
N VAL A 68 9.19 -11.60 5.12
CA VAL A 68 8.71 -11.24 6.46
C VAL A 68 9.29 -12.19 7.51
N GLU A 69 9.44 -13.48 7.19
CA GLU A 69 10.05 -14.43 8.14
C GLU A 69 11.48 -13.99 8.48
N ARG A 70 12.20 -13.51 7.47
CA ARG A 70 13.57 -13.03 7.67
C ARG A 70 13.56 -11.74 8.52
N VAL A 71 12.53 -10.92 8.36
CA VAL A 71 12.39 -9.70 9.15
C VAL A 71 11.99 -10.00 10.60
N ARG A 72 10.97 -10.84 10.80
CA ARG A 72 10.49 -11.15 12.17
C ARG A 72 11.56 -11.81 13.01
N HIS A 73 12.45 -12.56 12.37
CA HIS A 73 13.54 -13.21 13.09
C HIS A 73 14.39 -12.16 13.79
N GLN A 74 14.71 -11.09 13.06
CA GLN A 74 15.51 -9.99 13.59
C GLN A 74 14.73 -9.11 14.58
N LEU A 75 13.48 -8.82 14.24
CA LEU A 75 12.65 -7.90 15.03
C LEU A 75 12.05 -8.51 16.30
N GLY A 76 12.01 -9.84 16.37
CA GLY A 76 11.52 -10.52 17.56
C GLY A 76 10.03 -10.41 17.84
N ARG A 77 9.25 -9.88 16.91
CA ARG A 77 7.80 -9.72 17.13
C ARG A 77 7.14 -11.10 17.12
N ARG A 78 6.16 -11.29 18.00
CA ARG A 78 5.50 -12.59 18.19
C ARG A 78 4.79 -13.08 16.94
N ARG A 79 4.23 -12.14 16.19
CA ARG A 79 3.57 -12.43 14.92
C ARG A 79 3.94 -11.21 14.11
N MET A 80 3.81 -11.28 12.80
CA MET A 80 4.14 -10.15 11.95
C MET A 80 3.07 -9.97 10.90
N LYS A 81 2.30 -8.89 10.98
CA LYS A 81 1.28 -8.62 9.96
C LYS A 81 1.86 -7.73 8.88
N LEU A 82 1.64 -8.11 7.64
CA LEU A 82 2.13 -7.34 6.49
C LEU A 82 0.96 -7.11 5.55
N LEU A 83 0.67 -5.84 5.28
CA LEU A 83 -0.37 -5.49 4.32
C LEU A 83 0.31 -5.41 2.97
N ASN A 84 -0.15 -6.21 2.02
CA ASN A 84 0.41 -6.24 0.67
C ASN A 84 -0.59 -5.70 -0.31
N VAL A 85 -0.29 -4.55 -0.92
CA VAL A 85 -1.23 -3.93 -1.86
C VAL A 85 -0.66 -3.94 -3.28
N PHE A 86 -1.21 -4.82 -4.10
CA PHE A 86 -0.84 -4.87 -5.51
C PHE A 86 -1.46 -3.68 -6.22
N PHE A 87 -0.84 -3.22 -7.29
CA PHE A 87 -1.41 -2.19 -8.15
C PHE A 87 -1.34 -2.73 -9.57
N SER A 88 -2.49 -3.07 -10.14
CA SER A 88 -2.58 -3.64 -11.48
C SER A 88 -3.65 -2.91 -12.26
N THR A 89 -3.68 -3.06 -13.58
CA THR A 89 -4.69 -2.39 -14.40
C THR A 89 -6.02 -3.14 -14.27
N GLU A 90 -5.95 -4.44 -14.03
CA GLU A 90 -7.12 -5.28 -13.89
C GLU A 90 -6.75 -6.46 -13.00
N ALA A 91 -7.75 -7.17 -12.51
CA ALA A 91 -7.52 -8.29 -11.59
C ALA A 91 -7.45 -9.59 -12.39
N PRO A 92 -6.77 -10.63 -11.87
CA PRO A 92 -6.70 -11.90 -12.61
C PRO A 92 -8.04 -12.52 -12.94
N VAL A 93 -8.11 -13.17 -14.10
CA VAL A 93 -9.35 -13.81 -14.55
C VAL A 93 -9.58 -15.14 -13.83
N ASP A 94 -8.51 -15.71 -13.30
CA ASP A 94 -8.57 -16.98 -12.57
C ASP A 94 -8.79 -16.71 -11.08
N ASP A 95 -10.04 -16.84 -10.64
CA ASP A 95 -10.51 -16.70 -9.22
C ASP A 95 -9.56 -16.05 -8.19
N TRP A 96 -9.16 -14.82 -8.46
CA TRP A 96 -8.29 -14.08 -7.57
C TRP A 96 -9.02 -13.75 -6.26
N GLU A 97 -10.33 -13.82 -6.30
CA GLU A 97 -11.15 -13.48 -5.15
C GLU A 97 -10.87 -14.41 -3.99
N GLU A 98 -10.62 -15.67 -4.29
CA GLU A 98 -10.28 -16.65 -3.24
C GLU A 98 -9.04 -16.16 -2.49
N ILE A 99 -8.11 -15.57 -3.22
CA ILE A 99 -6.86 -15.09 -2.65
C ILE A 99 -7.13 -13.93 -1.69
N ALA A 100 -8.05 -13.05 -2.04
CA ALA A 100 -8.38 -11.90 -1.19
C ALA A 100 -9.07 -12.36 0.10
N LYS A 101 -9.67 -13.54 0.04
CA LYS A 101 -10.36 -14.14 1.20
C LYS A 101 -9.41 -15.08 1.93
N LYS A 102 -8.15 -15.11 1.50
CA LYS A 102 -7.14 -16.00 2.04
C LYS A 102 -5.96 -15.26 2.68
N THR A 103 -6.00 -15.08 3.98
CA THR A 103 -4.89 -14.48 4.70
C THR A 103 -3.77 -15.51 4.62
N PHE A 104 -2.61 -15.10 4.13
CA PHE A 104 -1.51 -16.04 3.99
C PHE A 104 -0.74 -16.11 5.29
N GLU A 105 -0.91 -17.22 5.97
CA GLU A 105 -0.27 -17.44 7.25
C GLU A 105 0.96 -18.31 7.04
N LYS A 106 2.11 -17.81 7.46
CA LYS A 106 3.39 -18.51 7.30
C LYS A 106 4.09 -18.52 8.65
N GLY A 107 3.62 -19.37 9.54
CA GLY A 107 4.20 -19.43 10.87
C GLY A 107 3.74 -18.24 11.68
N THR A 108 4.66 -17.35 12.00
CA THR A 108 4.32 -16.15 12.77
C THR A 108 3.77 -15.06 11.84
N VAL A 109 4.07 -15.15 10.56
CA VAL A 109 3.64 -14.16 9.58
C VAL A 109 2.16 -14.27 9.24
N SER A 110 1.50 -13.14 9.10
CA SER A 110 0.13 -13.06 8.59
C SER A 110 0.14 -12.00 7.48
N VAL A 111 -0.08 -12.39 6.24
CA VAL A 111 -0.12 -11.41 5.16
C VAL A 111 -1.52 -11.20 4.69
N GLU A 112 -1.88 -9.94 4.63
CA GLU A 112 -3.18 -9.54 4.17
C GLU A 112 -3.07 -9.13 2.71
N PRO A 113 -3.53 -9.99 1.77
CA PRO A 113 -3.42 -9.56 0.38
C PRO A 113 -4.51 -8.57 -0.01
N ALA A 114 -4.15 -7.61 -0.84
CA ALA A 114 -5.08 -6.63 -1.33
C ALA A 114 -4.60 -6.27 -2.72
N ILE A 115 -5.49 -5.83 -3.59
CA ILE A 115 -5.12 -5.52 -4.97
C ILE A 115 -5.96 -4.37 -5.47
N VAL A 116 -5.30 -3.34 -5.92
CA VAL A 116 -5.96 -2.21 -6.54
C VAL A 116 -5.99 -2.56 -8.02
N ARG A 117 -7.17 -2.52 -8.62
CA ARG A 117 -7.32 -2.77 -10.04
C ARG A 117 -7.92 -1.49 -10.61
N GLY A 118 -7.39 -1.05 -11.74
CA GLY A 118 -7.84 0.21 -12.34
C GLY A 118 -9.29 0.21 -12.78
N THR A 119 -9.82 -0.98 -12.99
CA THR A 119 -11.20 -1.17 -13.48
C THR A 119 -12.28 -0.54 -12.60
N MET A 120 -11.99 -0.41 -11.32
CA MET A 120 -12.96 0.14 -10.37
C MET A 120 -12.23 1.03 -9.38
N LEU A 121 -11.15 1.64 -9.85
CA LEU A 121 -10.21 2.38 -9.01
C LEU A 121 -10.84 3.33 -7.98
N ARG A 122 -11.87 4.07 -8.35
CA ARG A 122 -12.48 5.02 -7.40
C ARG A 122 -12.99 4.33 -6.13
N ASP A 123 -13.77 3.28 -6.30
CA ASP A 123 -14.35 2.54 -5.17
C ASP A 123 -13.30 1.66 -4.50
N ASP A 124 -12.38 1.16 -5.31
CA ASP A 124 -11.35 0.22 -4.85
C ASP A 124 -10.27 0.87 -3.98
N LEU A 125 -9.83 2.05 -4.37
CA LEU A 125 -8.74 2.70 -3.64
C LEU A 125 -9.15 3.05 -2.22
N GLN A 126 -10.38 3.54 -2.07
CA GLN A 126 -10.88 3.94 -0.75
C GLN A 126 -11.25 2.72 0.10
N ALA A 127 -11.34 1.56 -0.53
CA ALA A 127 -11.63 0.34 0.21
C ALA A 127 -10.37 -0.12 0.94
N VAL A 128 -9.21 0.15 0.33
CA VAL A 128 -7.92 -0.21 0.94
C VAL A 128 -7.38 0.96 1.78
N PHE A 129 -7.55 2.16 1.26
CA PHE A 129 -7.07 3.38 1.92
C PHE A 129 -8.24 4.36 2.13
N PRO A 130 -9.10 4.12 3.14
CA PRO A 130 -10.25 5.02 3.33
C PRO A 130 -9.86 6.42 3.80
N SER A 131 -8.62 6.59 4.24
CA SER A 131 -8.12 7.89 4.65
C SER A 131 -7.75 8.77 3.45
N PHE A 132 -7.80 8.18 2.25
CA PHE A 132 -7.44 8.91 1.05
C PHE A 132 -8.70 9.40 0.32
N ARG A 133 -8.69 10.66 -0.08
CA ARG A 133 -9.82 11.25 -0.79
C ARG A 133 -9.72 10.93 -2.27
N THR A 134 -10.55 10.02 -2.73
CA THR A 134 -10.53 9.59 -4.12
C THR A 134 -11.00 10.66 -5.11
N GLU A 135 -11.84 11.58 -4.65
CA GLU A 135 -12.31 12.66 -5.52
C GLU A 135 -11.22 13.70 -5.77
N ASP A 136 -10.26 13.79 -4.86
CA ASP A 136 -9.14 14.72 -4.99
C ASP A 136 -8.22 14.34 -6.15
N CYS A 137 -8.16 13.05 -6.41
CA CYS A 137 -7.25 12.50 -7.40
C CYS A 137 -7.91 11.40 -8.23
N SER A 138 -9.08 11.69 -8.77
CA SER A 138 -9.83 10.71 -9.55
C SER A 138 -9.09 10.32 -10.84
N GLU A 139 -9.46 9.18 -11.40
CA GLU A 139 -8.79 8.64 -12.58
C GLU A 139 -8.90 9.58 -13.78
N GLU A 140 -10.02 10.26 -13.93
CA GLU A 140 -10.22 11.21 -15.03
C GLU A 140 -9.28 12.43 -14.95
N HIS A 141 -8.61 12.62 -13.82
CA HIS A 141 -7.65 13.71 -13.64
C HIS A 141 -6.21 13.21 -13.87
N ALA A 142 -6.07 11.91 -14.07
CA ALA A 142 -4.76 11.32 -14.27
C ALA A 142 -4.29 11.49 -15.72
N SER A 143 -3.02 11.22 -15.95
CA SER A 143 -2.42 11.30 -17.29
C SER A 143 -1.15 10.47 -17.25
N PHE A 144 -0.71 9.98 -18.40
CA PHE A 144 0.51 9.18 -18.49
C PHE A 144 1.69 9.99 -17.96
N GLU A 145 1.67 11.29 -18.25
CA GLU A 145 2.72 12.20 -17.82
C GLU A 145 2.63 12.48 -16.33
N ASN A 146 1.42 12.76 -15.86
CA ASN A 146 1.21 13.07 -14.44
C ASN A 146 1.63 11.88 -13.58
N ALA A 147 1.45 10.69 -14.13
CA ALA A 147 1.82 9.46 -13.45
C ALA A 147 3.32 9.34 -13.19
N GLN A 148 4.15 9.65 -14.17
CA GLN A 148 5.60 9.54 -13.97
C GLN A 148 6.12 10.71 -13.14
N MET A 149 5.47 11.86 -13.27
CA MET A 149 5.84 13.02 -12.46
C MET A 149 5.54 12.71 -10.99
N ALA A 150 4.55 11.86 -10.74
CA ALA A 150 4.20 11.48 -9.38
C ALA A 150 5.38 10.79 -8.67
N ARG A 151 6.24 10.09 -9.42
CA ARG A 151 7.41 9.45 -8.80
C ARG A 151 8.36 10.51 -8.28
N GLU A 152 8.71 11.46 -9.13
CA GLU A 152 9.66 12.50 -8.74
C GLU A 152 9.08 13.27 -7.57
N ARG A 153 7.78 13.55 -7.67
CA ARG A 153 7.04 14.26 -6.64
C ARG A 153 7.11 13.51 -5.32
N PHE A 154 7.02 12.18 -5.33
CA PHE A 154 7.13 11.40 -4.10
C PHE A 154 8.51 11.49 -3.49
N LEU A 155 9.57 11.43 -4.28
CA LEU A 155 10.92 11.52 -3.71
C LEU A 155 11.12 12.89 -3.07
N SER A 156 10.63 13.93 -3.73
CA SER A 156 10.70 15.28 -3.18
C SER A 156 9.85 15.41 -1.92
N LEU A 157 8.69 14.77 -1.95
CA LEU A 157 7.76 14.77 -0.82
C LEU A 157 8.38 14.16 0.41
N VAL A 158 9.05 13.01 0.28
CA VAL A 158 9.66 12.35 1.42
C VAL A 158 10.63 13.29 2.12
N LEU A 159 11.52 13.91 1.35
CA LEU A 159 12.50 14.81 1.93
C LEU A 159 11.82 16.04 2.54
N LYS A 160 10.78 16.55 1.88
CA LYS A 160 10.08 17.71 2.39
C LYS A 160 9.37 17.43 3.71
N GLN A 161 8.88 16.22 3.89
CA GLN A 161 8.20 15.90 5.14
C GLN A 161 9.11 16.05 6.33
N GLU A 162 10.42 15.98 6.13
CA GLU A 162 11.36 16.16 7.26
C GLU A 162 11.23 17.59 7.80
N GLU A 163 11.06 18.54 6.90
CA GLU A 163 10.86 19.94 7.28
C GLU A 163 9.49 20.09 7.93
N GLN A 164 8.50 19.47 7.31
CA GLN A 164 7.11 19.58 7.77
C GLN A 164 6.84 18.94 9.13
N ARG A 165 7.19 17.68 9.30
CA ARG A 165 6.86 16.95 10.54
C ARG A 165 7.60 17.49 11.73
N LYS A 166 8.76 18.07 11.50
CA LYS A 166 9.53 18.70 12.55
C LYS A 166 8.72 19.88 13.09
N THR A 167 8.17 20.66 12.18
CA THR A 167 7.39 21.83 12.53
C THR A 167 6.02 21.47 13.12
N GLU A 168 5.34 20.53 12.48
CA GLU A 168 3.98 20.11 12.87
C GLU A 168 3.91 19.41 14.22
N ALA A 169 5.02 18.83 14.65
CA ALA A 169 5.08 18.16 15.96
C ALA A 169 5.16 19.14 17.11
N ALA A 170 5.45 20.39 16.82
CA ALA A 170 5.42 21.38 17.86
C ALA A 170 3.94 21.62 18.16
N VAL A 171 3.62 21.87 19.42
CA VAL A 171 2.28 22.31 19.87
C VAL A 171 0.98 21.87 19.17
N PHE A 172 0.70 20.59 19.23
CA PHE A 172 -0.49 20.04 18.57
C PHE A 172 -1.49 19.50 19.57
N GLN A 173 -1.30 19.87 20.83
CA GLN A 173 -2.11 19.37 21.94
C GLN A 173 -1.93 17.85 22.05
N ASN A 174 -3.01 17.11 22.26
CA ASN A 174 -2.95 15.65 22.35
C ASN A 174 -4.28 15.05 21.92
N GLY A 175 -4.24 13.83 21.40
CA GLY A 175 -5.45 13.14 21.00
C GLY A 175 -5.14 12.06 19.97
N LYS A 176 -5.61 10.84 20.22
CA LYS A 176 -5.40 9.73 19.29
C LYS A 176 -6.45 8.68 19.59
N LEU A 177 -6.82 7.90 18.59
CA LEU A 177 -7.76 6.80 18.74
C LEU A 177 -7.43 5.84 17.61
N GLU A 178 -7.90 4.61 17.71
CA GLU A 178 -7.69 3.60 16.67
C GLU A 178 -8.95 2.74 16.73
N ARG A 179 -9.21 1.93 15.70
CA ARG A 179 -10.42 1.12 15.64
C ARG A 179 -10.08 -0.27 15.13
N GLU A 180 -10.64 -1.28 15.78
CA GLU A 180 -10.50 -2.67 15.36
C GLU A 180 -11.82 -3.34 15.72
N ASN A 181 -11.99 -4.58 15.31
CA ASN A 181 -13.14 -5.38 15.70
C ASN A 181 -12.67 -6.83 15.70
N LEU A 182 -13.19 -7.62 16.62
CA LEU A 182 -12.77 -9.02 16.75
C LEU A 182 -13.99 -9.81 17.20
N TYR A 183 -14.04 -11.08 16.84
CA TYR A 183 -15.14 -11.97 17.18
C TYR A 183 -14.53 -13.36 17.15
N PHE A 184 -15.28 -14.35 17.60
CA PHE A 184 -14.84 -15.74 17.62
C PHE A 184 -16.09 -16.56 17.48
N GLN A 185 -15.96 -17.78 17.00
CA GLN A 185 -17.10 -18.67 16.77
C GLN A 185 -16.66 -20.06 17.23
N MET A 1 -2.28 5.66 -20.15
CA MET A 1 -1.22 4.64 -19.89
C MET A 1 -0.58 4.87 -18.54
N PHE A 2 -0.14 3.81 -17.87
CA PHE A 2 0.47 3.88 -16.53
C PHE A 2 -0.46 4.61 -15.55
N LEU A 3 -1.76 4.41 -15.73
CA LEU A 3 -2.77 5.07 -14.90
C LEU A 3 -2.64 4.67 -13.43
N LEU A 4 -2.20 3.44 -13.21
CA LEU A 4 -2.02 2.91 -11.87
C LEU A 4 -0.81 3.50 -11.19
N GLU A 5 0.25 3.75 -11.94
CA GLU A 5 1.49 4.25 -11.35
C GLU A 5 1.26 5.65 -10.76
N TYR A 6 0.34 6.40 -11.34
CA TYR A 6 -0.02 7.71 -10.83
C TYR A 6 -0.59 7.58 -9.41
N THR A 7 -1.48 6.60 -9.25
CA THR A 7 -2.10 6.31 -7.97
C THR A 7 -1.09 5.71 -6.99
N TYR A 8 -0.25 4.82 -7.49
CA TYR A 8 0.79 4.14 -6.72
C TYR A 8 1.70 5.15 -6.02
N TRP A 9 2.24 6.12 -6.74
CA TRP A 9 3.09 7.13 -6.12
C TRP A 9 2.29 8.08 -5.23
N LYS A 10 1.02 8.33 -5.56
CA LYS A 10 0.18 9.17 -4.71
C LYS A 10 -0.08 8.51 -3.37
N ILE A 11 -0.25 7.19 -3.37
CA ILE A 11 -0.46 6.47 -2.12
C ILE A 11 0.83 6.42 -1.33
N ALA A 12 1.95 6.24 -2.00
CA ALA A 12 3.23 6.24 -1.31
C ALA A 12 3.37 7.56 -0.56
N ALA A 13 3.03 8.66 -1.22
CA ALA A 13 3.07 9.96 -0.60
C ALA A 13 2.08 10.07 0.55
N HIS A 14 0.85 9.64 0.32
CA HIS A 14 -0.20 9.71 1.33
C HIS A 14 0.21 9.01 2.62
N LEU A 15 0.77 7.83 2.50
CA LEU A 15 1.19 7.08 3.68
C LEU A 15 2.38 7.72 4.37
N VAL A 16 3.42 8.08 3.64
CA VAL A 16 4.56 8.79 4.24
C VAL A 16 4.06 10.09 4.92
N ASN A 17 3.13 10.79 4.29
CA ASN A 17 2.57 12.02 4.83
C ASN A 17 1.81 11.76 6.13
N SER A 18 1.29 10.55 6.26
CA SER A 18 0.57 10.13 7.47
C SER A 18 1.53 9.57 8.54
N GLY A 19 2.82 9.75 8.32
CA GLY A 19 3.82 9.37 9.31
C GLY A 19 4.50 8.03 9.09
N TYR A 20 4.15 7.31 8.04
CA TYR A 20 4.79 6.02 7.75
C TYR A 20 6.24 6.24 7.37
N GLY A 21 7.12 5.50 8.04
CA GLY A 21 8.54 5.61 7.76
C GLY A 21 8.84 4.78 6.53
N VAL A 22 9.14 5.43 5.41
CA VAL A 22 9.46 4.68 4.21
C VAL A 22 10.82 4.01 4.43
N ILE A 23 10.85 2.71 4.18
CA ILE A 23 12.03 1.89 4.38
C ILE A 23 12.79 1.80 3.07
N GLN A 24 12.04 1.53 2.01
CA GLN A 24 12.61 1.34 0.68
C GLN A 24 11.62 1.96 -0.27
N ALA A 25 12.09 2.66 -1.29
CA ALA A 25 11.19 3.31 -2.25
C ALA A 25 11.71 3.12 -3.67
N GLY A 26 10.87 2.56 -4.53
CA GLY A 26 11.26 2.36 -5.92
C GLY A 26 12.38 1.34 -6.03
N GLU A 27 12.29 0.29 -5.23
CA GLU A 27 13.31 -0.77 -5.21
C GLU A 27 13.41 -1.40 -6.60
N SER A 28 12.26 -1.47 -7.23
CA SER A 28 12.11 -1.92 -8.61
C SER A 28 10.68 -1.48 -8.91
N ASP A 29 9.75 -2.13 -8.23
CA ASP A 29 8.33 -1.78 -8.30
C ASP A 29 7.73 -1.88 -6.89
N GLU A 30 8.61 -1.92 -5.89
CA GLU A 30 8.21 -2.06 -4.49
C GLU A 30 8.52 -0.81 -3.66
N ILE A 31 7.62 -0.53 -2.72
CA ILE A 31 7.82 0.54 -1.72
C ILE A 31 7.41 -0.08 -0.39
N TRP A 32 8.28 0.03 0.60
CA TRP A 32 8.04 -0.53 1.93
C TRP A 32 7.86 0.62 2.91
N LEU A 33 6.83 0.53 3.74
CA LEU A 33 6.50 1.58 4.72
C LEU A 33 6.25 0.95 6.08
N GLU A 34 6.91 1.49 7.09
CA GLU A 34 6.75 1.03 8.47
C GLU A 34 5.49 1.66 9.05
N ALA A 35 4.64 0.86 9.70
CA ALA A 35 3.44 1.39 10.33
C ALA A 35 3.90 2.17 11.58
N PRO A 36 3.64 3.49 11.64
CA PRO A 36 4.17 4.20 12.80
C PRO A 36 3.43 3.88 14.08
N ASP A 37 2.17 3.50 13.92
CA ASP A 37 1.28 3.14 15.03
C ASP A 37 1.66 1.81 15.65
N LYS A 38 2.28 0.96 14.83
CA LYS A 38 2.70 -0.40 15.23
C LYS A 38 1.46 -1.16 15.68
N SER A 39 0.44 -0.93 14.87
CA SER A 39 -0.87 -1.54 14.95
C SER A 39 -0.75 -2.99 14.53
N SER A 40 -1.88 -3.69 14.50
CA SER A 40 -1.94 -5.07 14.05
C SER A 40 -1.17 -5.32 12.75
N HIS A 41 -1.00 -4.30 11.90
CA HIS A 41 -0.17 -4.41 10.69
C HIS A 41 1.15 -3.73 11.00
N ASP A 42 2.26 -4.41 10.79
CA ASP A 42 3.57 -3.85 11.10
C ASP A 42 4.16 -3.08 9.92
N LEU A 43 3.94 -3.59 8.72
CA LEU A 43 4.49 -2.98 7.51
C LEU A 43 3.45 -2.97 6.40
N VAL A 44 3.69 -2.13 5.40
CA VAL A 44 2.86 -2.05 4.20
C VAL A 44 3.79 -2.18 3.00
N ARG A 45 3.42 -3.00 2.01
CA ARG A 45 4.22 -3.18 0.78
C ARG A 45 3.35 -2.85 -0.42
N LEU A 46 3.70 -1.78 -1.12
CA LEU A 46 3.03 -1.41 -2.35
C LEU A 46 3.79 -2.14 -3.43
N TYR A 47 3.11 -2.84 -4.32
CA TYR A 47 3.78 -3.55 -5.41
C TYR A 47 3.06 -3.36 -6.74
N LYS A 48 3.72 -2.69 -7.67
CA LYS A 48 3.14 -2.47 -9.00
C LYS A 48 3.41 -3.73 -9.82
N HIS A 49 2.43 -4.62 -9.84
CA HIS A 49 2.60 -5.92 -10.48
C HIS A 49 1.25 -6.41 -10.97
N ASP A 50 1.22 -6.95 -12.17
CA ASP A 50 -0.02 -7.43 -12.77
C ASP A 50 -0.16 -8.93 -12.55
N LEU A 51 -1.40 -9.40 -12.38
CA LEU A 51 -1.68 -10.80 -12.10
C LEU A 51 -2.72 -11.31 -13.10
N ASP A 52 -2.36 -12.33 -13.88
CA ASP A 52 -3.29 -12.93 -14.86
C ASP A 52 -4.25 -13.89 -14.14
N PHE A 53 -3.69 -14.68 -13.24
CA PHE A 53 -4.45 -15.67 -12.50
C PHE A 53 -4.20 -15.48 -11.02
N ARG A 54 -5.03 -16.07 -10.16
CA ARG A 54 -4.78 -16.02 -8.72
C ARG A 54 -3.51 -16.75 -8.37
N GLN A 55 -3.01 -17.55 -9.30
CA GLN A 55 -1.78 -18.29 -9.07
C GLN A 55 -0.67 -17.28 -8.87
N GLU A 56 -0.67 -16.23 -9.67
CA GLU A 56 0.35 -15.19 -9.55
C GLU A 56 0.17 -14.47 -8.21
N MET A 57 -1.09 -14.25 -7.84
CA MET A 57 -1.40 -13.54 -6.60
C MET A 57 -0.90 -14.31 -5.38
N VAL A 58 -1.24 -15.60 -5.25
CA VAL A 58 -0.80 -16.38 -4.08
C VAL A 58 0.71 -16.61 -4.08
N ARG A 59 1.32 -16.72 -5.25
CA ARG A 59 2.76 -16.99 -5.35
C ARG A 59 3.55 -15.80 -4.86
N ASP A 60 3.04 -14.61 -5.13
CA ASP A 60 3.70 -13.39 -4.68
C ASP A 60 3.81 -13.43 -3.15
N ILE A 61 2.74 -13.87 -2.50
CA ILE A 61 2.72 -13.91 -1.04
C ILE A 61 3.71 -14.92 -0.47
N GLU A 62 3.96 -16.00 -1.19
CA GLU A 62 4.90 -17.00 -0.71
C GLU A 62 6.27 -16.38 -0.47
N GLU A 63 6.70 -15.48 -1.36
CA GLU A 63 8.00 -14.82 -1.19
C GLU A 63 7.86 -13.76 -0.12
N GLN A 64 6.78 -13.00 -0.16
CA GLN A 64 6.59 -11.93 0.82
C GLN A 64 6.62 -12.45 2.23
N ALA A 65 6.09 -13.64 2.47
CA ALA A 65 6.11 -14.20 3.80
C ALA A 65 7.55 -14.45 4.28
N GLU A 66 8.40 -14.94 3.41
CA GLU A 66 9.79 -15.17 3.80
C GLU A 66 10.52 -13.83 3.85
N ARG A 67 10.12 -12.87 3.03
CA ARG A 67 10.67 -11.52 3.10
C ARG A 67 10.37 -10.95 4.49
N VAL A 68 9.17 -11.20 4.97
CA VAL A 68 8.73 -10.78 6.29
C VAL A 68 9.56 -11.50 7.36
N GLU A 69 9.86 -12.78 7.18
CA GLU A 69 10.65 -13.52 8.18
C GLU A 69 11.97 -12.83 8.49
N ARG A 70 12.62 -12.24 7.49
CA ARG A 70 13.89 -11.55 7.75
C ARG A 70 13.67 -10.38 8.72
N VAL A 71 12.65 -9.57 8.45
CA VAL A 71 12.36 -8.40 9.28
C VAL A 71 11.82 -8.81 10.65
N ARG A 72 10.95 -9.81 10.66
CA ARG A 72 10.36 -10.31 11.90
C ARG A 72 11.46 -10.82 12.82
N HIS A 73 12.43 -11.53 12.27
CA HIS A 73 13.56 -12.03 13.06
C HIS A 73 14.37 -10.87 13.62
N GLN A 74 14.64 -9.88 12.77
CA GLN A 74 15.42 -8.71 13.16
C GLN A 74 14.77 -7.94 14.32
N LEU A 75 13.45 -7.79 14.27
CA LEU A 75 12.71 -7.06 15.31
C LEU A 75 12.37 -7.97 16.51
N GLY A 76 12.72 -9.24 16.42
CA GLY A 76 12.46 -10.18 17.51
C GLY A 76 10.98 -10.42 17.76
N ARG A 77 10.14 -10.12 16.77
CA ARG A 77 8.70 -10.25 16.96
C ARG A 77 8.28 -11.70 16.97
N ARG A 78 7.24 -11.99 17.74
CA ARG A 78 6.72 -13.35 17.85
C ARG A 78 6.08 -13.73 16.52
N ARG A 79 5.42 -12.78 15.89
CA ARG A 79 4.91 -12.93 14.53
C ARG A 79 4.80 -11.52 13.99
N MET A 80 4.76 -11.35 12.67
CA MET A 80 4.69 -10.02 12.08
C MET A 80 3.62 -10.00 10.99
N LYS A 81 2.95 -8.87 10.81
CA LYS A 81 1.92 -8.76 9.78
C LYS A 81 2.26 -7.74 8.70
N LEU A 82 2.03 -8.11 7.45
CA LEU A 82 2.27 -7.24 6.30
C LEU A 82 0.97 -6.98 5.52
N LEU A 83 0.74 -5.73 5.18
CA LEU A 83 -0.39 -5.36 4.31
C LEU A 83 0.17 -5.26 2.90
N ASN A 84 -0.19 -6.19 2.03
CA ASN A 84 0.32 -6.16 0.66
C ASN A 84 -0.72 -5.52 -0.26
N VAL A 85 -0.32 -4.51 -1.03
CA VAL A 85 -1.22 -3.85 -1.95
C VAL A 85 -0.70 -3.93 -3.39
N PHE A 86 -1.37 -4.73 -4.21
CA PHE A 86 -1.03 -4.84 -5.62
C PHE A 86 -1.64 -3.67 -6.37
N PHE A 87 -1.00 -3.30 -7.47
CA PHE A 87 -1.54 -2.33 -8.41
C PHE A 87 -1.46 -3.04 -9.75
N SER A 88 -2.62 -3.44 -10.26
CA SER A 88 -2.70 -4.26 -11.48
C SER A 88 -3.65 -3.61 -12.50
N THR A 89 -3.51 -3.96 -13.76
CA THR A 89 -4.31 -3.37 -14.83
C THR A 89 -5.75 -3.80 -14.64
N GLU A 90 -5.93 -5.08 -14.38
CA GLU A 90 -7.25 -5.63 -14.22
C GLU A 90 -7.16 -6.74 -13.19
N ALA A 91 -8.30 -7.31 -12.88
CA ALA A 91 -8.37 -8.33 -11.85
C ALA A 91 -8.17 -9.70 -12.51
N PRO A 92 -7.49 -10.64 -11.82
CA PRO A 92 -7.28 -11.97 -12.41
C PRO A 92 -8.55 -12.71 -12.82
N VAL A 93 -8.45 -13.49 -13.88
CA VAL A 93 -9.61 -14.22 -14.41
C VAL A 93 -9.95 -15.53 -13.66
N ASP A 94 -9.06 -15.97 -12.78
CA ASP A 94 -9.26 -17.22 -12.04
C ASP A 94 -9.48 -16.96 -10.55
N ASP A 95 -10.74 -16.90 -10.14
CA ASP A 95 -11.21 -16.73 -8.74
C ASP A 95 -10.18 -16.25 -7.71
N TRP A 96 -9.75 -15.02 -7.87
CA TRP A 96 -8.79 -14.41 -6.99
C TRP A 96 -9.46 -13.82 -5.76
N GLU A 97 -10.77 -13.68 -5.79
CA GLU A 97 -11.46 -13.02 -4.68
C GLU A 97 -11.37 -13.83 -3.40
N GLU A 98 -11.32 -15.15 -3.50
CA GLU A 98 -11.14 -15.97 -2.31
C GLU A 98 -9.76 -15.72 -1.70
N ILE A 99 -8.82 -15.20 -2.50
CA ILE A 99 -7.46 -14.89 -2.03
C ILE A 99 -7.53 -13.66 -1.15
N ALA A 100 -8.34 -12.69 -1.56
CA ALA A 100 -8.52 -11.45 -0.80
C ALA A 100 -9.34 -11.69 0.46
N LYS A 101 -9.82 -12.92 0.62
CA LYS A 101 -10.63 -13.30 1.78
C LYS A 101 -9.88 -14.27 2.67
N LYS A 102 -8.63 -14.57 2.33
CA LYS A 102 -7.82 -15.49 3.14
C LYS A 102 -6.47 -14.87 3.53
N THR A 103 -6.18 -14.91 4.81
CA THR A 103 -4.90 -14.42 5.29
C THR A 103 -3.87 -15.49 5.01
N PHE A 104 -2.81 -15.10 4.33
CA PHE A 104 -1.70 -15.99 4.04
C PHE A 104 -0.84 -16.02 5.28
N GLU A 105 -0.82 -17.13 5.96
CA GLU A 105 -0.04 -17.27 7.18
C GLU A 105 1.02 -18.33 7.02
N LYS A 106 2.26 -17.91 7.19
CA LYS A 106 3.40 -18.84 7.09
C LYS A 106 4.07 -18.87 8.45
N GLY A 107 3.44 -19.57 9.38
CA GLY A 107 3.99 -19.68 10.72
C GLY A 107 3.97 -18.35 11.46
N THR A 108 5.14 -17.81 11.71
CA THR A 108 5.31 -16.56 12.44
C THR A 108 5.12 -15.34 11.52
N VAL A 109 4.37 -15.51 10.44
CA VAL A 109 4.12 -14.45 9.48
C VAL A 109 2.64 -14.41 9.12
N SER A 110 2.11 -13.22 8.97
CA SER A 110 0.72 -13.01 8.53
C SER A 110 0.75 -11.98 7.40
N VAL A 111 0.18 -12.29 6.25
CA VAL A 111 0.11 -11.32 5.16
C VAL A 111 -1.28 -11.42 4.59
N GLU A 112 -1.91 -10.29 4.31
CA GLU A 112 -3.22 -10.32 3.68
C GLU A 112 -3.13 -9.46 2.41
N PRO A 113 -3.61 -10.00 1.27
CA PRO A 113 -3.49 -9.24 0.04
C PRO A 113 -4.62 -8.24 -0.17
N ALA A 114 -4.30 -7.21 -0.95
CA ALA A 114 -5.27 -6.21 -1.37
C ALA A 114 -4.81 -5.90 -2.79
N ILE A 115 -5.71 -5.52 -3.66
CA ILE A 115 -5.35 -5.27 -5.05
C ILE A 115 -6.20 -4.13 -5.59
N VAL A 116 -5.56 -3.11 -6.11
CA VAL A 116 -6.26 -2.01 -6.76
C VAL A 116 -6.17 -2.35 -8.23
N ARG A 117 -7.32 -2.60 -8.86
CA ARG A 117 -7.33 -2.95 -10.28
C ARG A 117 -7.75 -1.72 -11.04
N GLY A 118 -7.10 -1.47 -12.17
CA GLY A 118 -7.35 -0.27 -12.96
C GLY A 118 -8.79 -0.11 -13.41
N THR A 119 -9.50 -1.21 -13.51
CA THR A 119 -10.89 -1.22 -13.99
C THR A 119 -11.87 -0.42 -13.16
N MET A 120 -11.58 -0.25 -11.88
CA MET A 120 -12.48 0.48 -10.99
C MET A 120 -11.68 1.29 -9.99
N LEU A 121 -10.42 1.50 -10.34
CA LEU A 121 -9.40 2.08 -9.47
C LEU A 121 -9.78 3.26 -8.60
N ARG A 122 -10.52 4.23 -9.12
CA ARG A 122 -10.79 5.44 -8.33
C ARG A 122 -11.54 5.13 -7.04
N ASP A 123 -12.63 4.40 -7.13
CA ASP A 123 -13.38 3.98 -5.94
C ASP A 123 -12.75 2.80 -5.22
N ASP A 124 -12.13 1.90 -5.99
CA ASP A 124 -11.49 0.69 -5.44
C ASP A 124 -10.41 1.05 -4.42
N LEU A 125 -9.79 2.19 -4.66
CA LEU A 125 -8.72 2.67 -3.81
C LEU A 125 -9.16 2.88 -2.36
N GLN A 126 -10.39 3.32 -2.15
CA GLN A 126 -10.86 3.61 -0.79
C GLN A 126 -11.17 2.36 0.01
N ALA A 127 -11.28 1.22 -0.67
CA ALA A 127 -11.54 -0.04 0.02
C ALA A 127 -10.25 -0.45 0.73
N VAL A 128 -9.12 -0.03 0.18
CA VAL A 128 -7.82 -0.33 0.75
C VAL A 128 -7.35 0.83 1.64
N PHE A 129 -7.57 2.04 1.17
CA PHE A 129 -7.17 3.25 1.88
C PHE A 129 -8.35 4.21 2.06
N PRO A 130 -9.22 3.96 3.06
CA PRO A 130 -10.36 4.88 3.24
C PRO A 130 -9.92 6.28 3.69
N SER A 131 -8.68 6.39 4.14
CA SER A 131 -8.09 7.66 4.54
C SER A 131 -7.71 8.52 3.33
N PHE A 132 -7.84 7.97 2.13
CA PHE A 132 -7.48 8.69 0.92
C PHE A 132 -8.72 9.27 0.25
N ARG A 133 -8.62 10.52 -0.17
CA ARG A 133 -9.72 11.22 -0.83
C ARG A 133 -10.00 10.65 -2.21
N THR A 134 -11.21 10.15 -2.44
CA THR A 134 -11.55 9.60 -3.76
C THR A 134 -11.67 10.72 -4.79
N GLU A 135 -11.87 11.94 -4.34
CA GLU A 135 -11.93 13.10 -5.23
C GLU A 135 -10.52 13.58 -5.61
N ASP A 136 -9.51 13.06 -4.94
CA ASP A 136 -8.11 13.40 -5.26
C ASP A 136 -7.66 12.47 -6.39
N CYS A 137 -8.31 11.33 -6.49
CA CYS A 137 -8.03 10.35 -7.53
C CYS A 137 -8.88 10.70 -8.75
N SER A 138 -8.24 10.88 -9.90
CA SER A 138 -8.93 11.29 -11.13
C SER A 138 -8.31 10.61 -12.33
N GLU A 139 -9.14 10.03 -13.19
CA GLU A 139 -8.68 9.34 -14.39
C GLU A 139 -8.09 10.33 -15.39
N GLU A 140 -8.64 11.54 -15.39
CA GLU A 140 -8.21 12.61 -16.29
C GLU A 140 -6.76 13.00 -16.05
N HIS A 141 -6.23 12.61 -14.90
CA HIS A 141 -4.85 12.90 -14.52
C HIS A 141 -4.07 11.60 -14.36
N ALA A 142 -4.63 10.48 -14.78
CA ALA A 142 -3.99 9.18 -14.62
C ALA A 142 -3.22 8.81 -15.90
N SER A 143 -2.16 9.55 -16.17
CA SER A 143 -1.34 9.34 -17.36
C SER A 143 0.12 9.14 -16.95
N PHE A 144 0.97 8.78 -17.91
CA PHE A 144 2.38 8.52 -17.60
C PHE A 144 3.11 9.78 -17.18
N GLU A 145 2.80 10.89 -17.83
CA GLU A 145 3.44 12.16 -17.52
C GLU A 145 3.09 12.56 -16.09
N ASN A 146 1.85 12.31 -15.72
CA ASN A 146 1.38 12.61 -14.37
C ASN A 146 1.97 11.62 -13.37
N ALA A 147 2.16 10.37 -13.78
CA ALA A 147 2.78 9.37 -12.92
C ALA A 147 4.24 9.75 -12.66
N GLN A 148 4.91 10.25 -13.67
CA GLN A 148 6.30 10.66 -13.54
C GLN A 148 6.43 11.79 -12.54
N MET A 149 5.64 12.85 -12.72
CA MET A 149 5.70 13.96 -11.79
C MET A 149 5.24 13.53 -10.40
N ALA A 150 4.36 12.54 -10.30
CA ALA A 150 3.94 12.03 -8.99
C ALA A 150 5.11 11.37 -8.27
N ARG A 151 5.97 10.67 -9.01
CA ARG A 151 7.15 10.03 -8.44
C ARG A 151 8.10 11.10 -7.94
N GLU A 152 8.30 12.11 -8.76
CA GLU A 152 9.21 13.19 -8.43
C GLU A 152 8.68 13.98 -7.22
N ARG A 153 7.37 14.18 -7.20
CA ARG A 153 6.70 14.88 -6.11
C ARG A 153 6.82 14.08 -4.83
N PHE A 154 6.69 12.76 -4.92
CA PHE A 154 6.87 11.89 -3.77
C PHE A 154 8.30 11.96 -3.22
N LEU A 155 9.28 12.00 -4.11
CA LEU A 155 10.68 12.08 -3.68
C LEU A 155 10.93 13.41 -2.98
N SER A 156 10.24 14.46 -3.42
CA SER A 156 10.33 15.76 -2.75
C SER A 156 9.54 15.74 -1.43
N LEU A 157 8.44 15.00 -1.43
CA LEU A 157 7.54 14.90 -0.28
C LEU A 157 8.22 14.21 0.90
N VAL A 158 8.95 13.12 0.66
CA VAL A 158 9.61 12.45 1.79
C VAL A 158 10.62 13.39 2.43
N LEU A 159 11.32 14.20 1.65
CA LEU A 159 12.26 15.14 2.24
C LEU A 159 11.46 16.12 3.07
N LYS A 160 10.41 16.71 2.51
CA LYS A 160 9.63 17.68 3.26
C LYS A 160 9.01 17.09 4.51
N GLN A 161 8.70 15.80 4.48
CA GLN A 161 8.10 15.13 5.61
C GLN A 161 8.94 15.25 6.87
N GLU A 162 10.25 15.38 6.76
CA GLU A 162 11.08 15.47 7.98
C GLU A 162 10.74 16.80 8.67
N GLU A 163 10.52 17.84 7.89
CA GLU A 163 10.12 19.14 8.42
C GLU A 163 8.71 19.04 8.97
N GLN A 164 7.85 18.30 8.27
CA GLN A 164 6.48 18.12 8.74
C GLN A 164 6.49 17.46 10.11
N ARG A 165 7.32 16.43 10.31
CA ARG A 165 7.36 15.72 11.59
C ARG A 165 7.94 16.59 12.72
N LYS A 166 8.90 17.44 12.41
CA LYS A 166 9.44 18.35 13.43
C LYS A 166 8.34 19.32 13.86
N THR A 167 7.52 19.75 12.91
CA THR A 167 6.41 20.65 13.20
C THR A 167 5.29 19.91 13.96
N GLU A 168 5.06 18.66 13.57
CA GLU A 168 4.02 17.78 14.14
C GLU A 168 4.21 17.56 15.64
N ALA A 169 5.44 17.71 16.12
CA ALA A 169 5.75 17.57 17.54
C ALA A 169 5.06 18.65 18.39
N ALA A 170 4.55 19.70 17.74
CA ALA A 170 3.87 20.79 18.42
C ALA A 170 2.45 21.04 17.92
N VAL A 171 2.25 20.95 16.61
CA VAL A 171 0.96 21.32 16.04
C VAL A 171 -0.03 20.17 15.94
N PHE A 172 -1.28 20.56 15.96
CA PHE A 172 -2.40 19.63 15.78
C PHE A 172 -3.44 20.39 14.97
N GLN A 173 -4.40 19.67 14.41
CA GLN A 173 -5.45 20.31 13.59
C GLN A 173 -6.84 19.78 13.90
N ASN A 174 -6.92 18.63 14.58
CA ASN A 174 -8.18 17.97 14.92
C ASN A 174 -9.03 17.78 13.65
N GLY A 175 -10.33 18.05 13.74
CA GLY A 175 -11.21 17.92 12.58
C GLY A 175 -11.74 16.50 12.44
N LYS A 176 -12.57 16.30 11.43
CA LYS A 176 -13.19 14.99 11.17
C LYS A 176 -13.56 14.91 9.69
N LEU A 177 -13.29 13.77 9.08
CA LEU A 177 -13.65 13.50 7.69
C LEU A 177 -13.80 11.99 7.58
N GLU A 178 -14.79 11.53 6.82
CA GLU A 178 -15.02 10.09 6.62
C GLU A 178 -15.87 9.97 5.36
N ARG A 179 -16.01 8.75 4.84
CA ARG A 179 -16.82 8.49 3.65
C ARG A 179 -17.28 7.05 3.72
N GLU A 180 -18.41 6.76 3.10
CA GLU A 180 -18.97 5.42 2.99
C GLU A 180 -19.48 5.35 1.56
N ASN A 181 -19.40 4.19 0.93
CA ASN A 181 -19.86 4.03 -0.46
C ASN A 181 -20.32 2.60 -0.74
N LEU A 182 -21.64 2.42 -0.87
CA LEU A 182 -22.20 1.13 -1.19
C LEU A 182 -23.24 1.32 -2.28
N TYR A 183 -23.33 0.35 -3.17
CA TYR A 183 -24.18 0.43 -4.34
C TYR A 183 -24.57 -0.99 -4.68
N PHE A 184 -25.62 -1.15 -5.47
CA PHE A 184 -26.13 -2.46 -5.85
C PHE A 184 -26.36 -2.46 -7.35
N GLN A 185 -25.49 -1.71 -8.03
CA GLN A 185 -25.55 -1.45 -9.48
C GLN A 185 -26.87 -0.73 -9.80
N MET A 1 1.41 1.16 -17.71
CA MET A 1 0.34 1.27 -16.67
C MET A 1 0.36 2.65 -16.02
N PHE A 2 0.39 3.72 -16.80
CA PHE A 2 0.59 5.06 -16.22
C PHE A 2 -0.44 5.54 -15.19
N LEU A 3 -1.72 5.23 -15.37
CA LEU A 3 -2.72 5.67 -14.39
C LEU A 3 -2.43 4.99 -13.05
N LEU A 4 -2.18 3.68 -13.11
CA LEU A 4 -1.87 2.92 -11.91
C LEU A 4 -0.55 3.38 -11.32
N GLU A 5 0.38 3.77 -12.17
CA GLU A 5 1.68 4.27 -11.72
C GLU A 5 1.50 5.58 -10.97
N TYR A 6 0.65 6.47 -11.48
CA TYR A 6 0.39 7.73 -10.78
C TYR A 6 -0.17 7.38 -9.41
N THR A 7 -1.17 6.51 -9.41
CA THR A 7 -1.85 6.11 -8.18
C THR A 7 -0.87 5.47 -7.19
N TYR A 8 0.00 4.62 -7.68
CA TYR A 8 0.99 3.93 -6.87
C TYR A 8 1.87 4.94 -6.14
N TRP A 9 2.44 5.89 -6.87
CA TRP A 9 3.31 6.88 -6.25
C TRP A 9 2.52 7.85 -5.35
N LYS A 10 1.28 8.17 -5.71
CA LYS A 10 0.47 9.07 -4.88
C LYS A 10 0.06 8.39 -3.56
N ILE A 11 -0.11 7.08 -3.57
CA ILE A 11 -0.44 6.36 -2.34
C ILE A 11 0.80 6.22 -1.50
N ALA A 12 1.94 5.95 -2.13
CA ALA A 12 3.19 5.87 -1.38
C ALA A 12 3.37 7.19 -0.63
N ALA A 13 3.09 8.30 -1.33
CA ALA A 13 3.17 9.62 -0.72
C ALA A 13 2.15 9.80 0.39
N HIS A 14 0.91 9.38 0.16
CA HIS A 14 -0.16 9.49 1.14
C HIS A 14 0.24 8.79 2.43
N LEU A 15 0.75 7.57 2.33
CA LEU A 15 1.12 6.81 3.51
C LEU A 15 2.31 7.44 4.24
N VAL A 16 3.38 7.74 3.51
CA VAL A 16 4.56 8.37 4.14
C VAL A 16 4.20 9.69 4.82
N ASN A 17 3.39 10.52 4.19
CA ASN A 17 3.01 11.81 4.80
C ASN A 17 2.17 11.61 6.07
N SER A 18 1.57 10.44 6.21
CA SER A 18 0.78 10.09 7.39
C SER A 18 1.66 9.50 8.50
N GLY A 19 2.97 9.56 8.31
CA GLY A 19 3.91 9.10 9.34
C GLY A 19 4.48 7.71 9.15
N TYR A 20 4.11 7.03 8.06
CA TYR A 20 4.66 5.69 7.79
C TYR A 20 6.11 5.82 7.37
N GLY A 21 7.00 5.37 8.25
CA GLY A 21 8.42 5.48 8.01
C GLY A 21 8.84 4.60 6.84
N VAL A 22 9.65 5.16 5.96
CA VAL A 22 10.13 4.43 4.79
C VAL A 22 11.22 3.47 5.23
N ILE A 23 11.03 2.19 4.90
CA ILE A 23 12.04 1.18 5.18
C ILE A 23 12.91 1.10 3.93
N GLN A 24 12.26 1.12 2.77
CA GLN A 24 12.97 1.15 1.49
C GLN A 24 12.09 1.79 0.43
N ALA A 25 12.62 2.79 -0.25
CA ALA A 25 11.92 3.42 -1.37
C ALA A 25 12.95 3.71 -2.46
N GLY A 26 12.65 3.29 -3.68
CA GLY A 26 13.54 3.58 -4.79
C GLY A 26 13.30 2.63 -5.93
N GLU A 27 12.94 1.40 -5.57
CA GLU A 27 12.60 0.40 -6.56
C GLU A 27 11.33 0.87 -7.27
N SER A 28 11.19 0.55 -8.53
CA SER A 28 10.02 0.98 -9.31
C SER A 28 8.83 0.07 -9.07
N ASP A 29 9.08 -1.06 -8.43
CA ASP A 29 8.05 -2.08 -8.25
C ASP A 29 7.54 -2.22 -6.83
N GLU A 30 8.40 -2.12 -5.82
CA GLU A 30 7.94 -2.22 -4.44
C GLU A 30 8.54 -1.18 -3.48
N ILE A 31 7.74 -0.78 -2.50
CA ILE A 31 8.14 0.21 -1.49
C ILE A 31 7.69 -0.34 -0.15
N TRP A 32 8.55 -0.28 0.85
CA TRP A 32 8.24 -0.80 2.19
C TRP A 32 8.09 0.34 3.20
N LEU A 33 7.06 0.23 4.02
CA LEU A 33 6.69 1.23 5.02
C LEU A 33 6.43 0.53 6.35
N GLU A 34 6.82 1.16 7.46
CA GLU A 34 6.59 0.60 8.79
C GLU A 34 5.41 1.34 9.43
N ALA A 35 4.51 0.60 10.06
CA ALA A 35 3.32 1.20 10.67
C ALA A 35 3.70 1.98 11.95
N PRO A 36 3.52 3.32 11.96
CA PRO A 36 3.95 4.05 13.15
C PRO A 36 3.02 3.83 14.34
N ASP A 37 1.79 3.47 14.04
CA ASP A 37 0.77 3.19 15.04
C ASP A 37 0.99 1.82 15.66
N LYS A 38 1.67 0.94 14.91
CA LYS A 38 1.94 -0.44 15.34
C LYS A 38 0.61 -1.17 15.48
N SER A 39 -0.23 -0.90 14.49
CA SER A 39 -1.57 -1.43 14.33
C SER A 39 -1.65 -2.96 14.22
N SER A 40 -2.86 -3.44 14.02
CA SER A 40 -3.10 -4.86 13.76
C SER A 40 -2.24 -5.35 12.58
N HIS A 41 -1.92 -4.45 11.66
CA HIS A 41 -0.96 -4.75 10.60
C HIS A 41 0.36 -4.12 11.04
N ASP A 42 1.46 -4.81 10.81
CA ASP A 42 2.77 -4.40 11.32
C ASP A 42 3.58 -3.64 10.26
N LEU A 43 3.57 -4.14 9.03
CA LEU A 43 4.27 -3.49 7.92
C LEU A 43 3.33 -3.36 6.75
N VAL A 44 3.64 -2.42 5.87
CA VAL A 44 2.86 -2.18 4.66
C VAL A 44 3.84 -2.21 3.50
N ARG A 45 3.49 -2.87 2.40
CA ARG A 45 4.32 -2.79 1.20
C ARG A 45 3.42 -2.64 -0.01
N LEU A 46 3.82 -1.72 -0.87
CA LEU A 46 3.08 -1.41 -2.09
C LEU A 46 3.76 -2.18 -3.19
N TYR A 47 3.00 -2.80 -4.07
CA TYR A 47 3.57 -3.65 -5.11
C TYR A 47 2.94 -3.43 -6.49
N LYS A 48 3.68 -2.82 -7.40
CA LYS A 48 3.19 -2.55 -8.75
C LYS A 48 3.34 -3.85 -9.56
N HIS A 49 2.27 -4.63 -9.61
CA HIS A 49 2.33 -5.94 -10.27
C HIS A 49 0.97 -6.34 -10.84
N ASP A 50 0.94 -6.52 -12.15
CA ASP A 50 -0.21 -6.99 -12.89
C ASP A 50 -0.16 -8.52 -12.89
N LEU A 51 -1.31 -9.16 -12.97
CA LEU A 51 -1.42 -10.62 -12.82
C LEU A 51 -2.44 -11.21 -13.80
N ASP A 52 -2.17 -12.39 -14.34
CA ASP A 52 -3.12 -13.07 -15.23
C ASP A 52 -3.93 -14.11 -14.46
N PHE A 53 -3.26 -14.83 -13.55
CA PHE A 53 -3.92 -15.89 -12.78
C PHE A 53 -3.61 -15.83 -11.29
N ARG A 54 -4.53 -16.31 -10.46
CA ARG A 54 -4.32 -16.28 -9.00
C ARG A 54 -3.15 -17.14 -8.57
N GLN A 55 -2.74 -18.10 -9.37
CA GLN A 55 -1.61 -18.94 -9.01
C GLN A 55 -0.36 -18.06 -8.87
N GLU A 56 -0.26 -16.99 -9.66
CA GLU A 56 0.85 -16.06 -9.54
C GLU A 56 0.65 -15.26 -8.26
N MET A 57 -0.58 -14.80 -8.07
CA MET A 57 -0.96 -13.98 -6.93
C MET A 57 -0.62 -14.66 -5.60
N VAL A 58 -1.00 -15.92 -5.41
CA VAL A 58 -0.67 -16.63 -4.17
C VAL A 58 0.84 -16.82 -3.99
N ARG A 59 1.54 -17.04 -5.10
CA ARG A 59 2.98 -17.29 -5.09
C ARG A 59 3.78 -16.06 -4.74
N ASP A 60 3.28 -14.90 -5.15
CA ASP A 60 3.93 -13.65 -4.79
C ASP A 60 3.97 -13.58 -3.26
N ILE A 61 2.91 -14.04 -2.60
CA ILE A 61 2.85 -13.99 -1.14
C ILE A 61 3.81 -14.98 -0.49
N GLU A 62 4.07 -16.10 -1.14
CA GLU A 62 5.00 -17.09 -0.60
C GLU A 62 6.38 -16.44 -0.43
N GLU A 63 6.76 -15.62 -1.40
CA GLU A 63 8.06 -14.93 -1.33
C GLU A 63 7.98 -13.78 -0.33
N GLN A 64 6.88 -13.03 -0.35
CA GLN A 64 6.72 -11.91 0.58
C GLN A 64 6.81 -12.39 2.01
N ALA A 65 6.16 -13.50 2.31
CA ALA A 65 6.15 -14.04 3.65
C ALA A 65 7.54 -14.54 4.04
N GLU A 66 8.26 -15.17 3.13
CA GLU A 66 9.61 -15.63 3.44
C GLU A 66 10.51 -14.44 3.70
N ARG A 67 10.48 -13.45 2.82
CA ARG A 67 11.33 -12.28 2.96
C ARG A 67 11.00 -11.46 4.20
N VAL A 68 9.72 -11.30 4.50
CA VAL A 68 9.33 -10.52 5.67
C VAL A 68 9.63 -11.28 6.96
N GLU A 69 9.51 -12.61 6.95
CA GLU A 69 9.84 -13.40 8.14
C GLU A 69 11.34 -13.29 8.38
N ARG A 70 12.10 -13.27 7.29
CA ARG A 70 13.56 -13.25 7.37
C ARG A 70 14.03 -12.00 8.10
N VAL A 71 13.45 -10.86 7.79
CA VAL A 71 13.84 -9.61 8.46
C VAL A 71 13.21 -9.51 9.86
N ARG A 72 11.98 -9.98 10.06
CA ARG A 72 11.34 -9.86 11.37
C ARG A 72 11.95 -10.77 12.42
N HIS A 73 12.48 -11.92 12.02
CA HIS A 73 13.11 -12.84 12.97
C HIS A 73 14.25 -12.18 13.73
N GLN A 74 14.96 -11.24 13.10
CA GLN A 74 16.11 -10.61 13.75
C GLN A 74 15.72 -9.72 14.95
N LEU A 75 14.47 -9.29 15.03
CA LEU A 75 13.99 -8.49 16.17
C LEU A 75 13.13 -9.34 17.10
N GLY A 76 13.11 -10.65 16.85
CA GLY A 76 12.39 -11.59 17.70
C GLY A 76 10.90 -11.37 17.82
N ARG A 77 10.27 -10.83 16.77
CA ARG A 77 8.84 -10.58 16.84
C ARG A 77 8.10 -11.92 16.82
N ARG A 78 7.20 -12.12 17.78
CA ARG A 78 6.48 -13.40 17.92
C ARG A 78 5.59 -13.75 16.74
N ARG A 79 4.95 -12.75 16.15
CA ARG A 79 4.11 -12.94 14.96
C ARG A 79 4.17 -11.67 14.15
N MET A 80 4.04 -11.80 12.84
CA MET A 80 4.17 -10.70 11.91
C MET A 80 2.88 -10.56 11.13
N LYS A 81 2.52 -9.34 10.73
CA LYS A 81 1.32 -9.10 9.92
C LYS A 81 1.69 -8.13 8.81
N LEU A 82 1.59 -8.55 7.57
CA LEU A 82 1.98 -7.71 6.44
C LEU A 82 0.79 -7.31 5.58
N LEU A 83 0.66 -6.01 5.34
CA LEU A 83 -0.37 -5.51 4.43
C LEU A 83 0.28 -5.38 3.06
N ASN A 84 -0.03 -6.31 2.18
CA ASN A 84 0.49 -6.28 0.82
C ASN A 84 -0.61 -5.76 -0.08
N VAL A 85 -0.32 -4.76 -0.88
CA VAL A 85 -1.32 -4.25 -1.82
C VAL A 85 -0.77 -4.30 -3.25
N PHE A 86 -1.32 -5.21 -4.05
CA PHE A 86 -0.96 -5.30 -5.46
C PHE A 86 -1.61 -4.10 -6.14
N PHE A 87 -0.91 -3.51 -7.10
CA PHE A 87 -1.44 -2.44 -7.93
C PHE A 87 -1.42 -2.98 -9.35
N SER A 88 -2.57 -3.37 -9.86
CA SER A 88 -2.68 -3.97 -11.19
C SER A 88 -3.63 -3.18 -12.07
N THR A 89 -3.52 -3.31 -13.37
CA THR A 89 -4.40 -2.57 -14.28
C THR A 89 -5.78 -3.22 -14.27
N GLU A 90 -5.82 -4.52 -14.03
CA GLU A 90 -7.06 -5.29 -13.94
C GLU A 90 -6.72 -6.49 -13.08
N ALA A 91 -7.74 -7.21 -12.61
CA ALA A 91 -7.52 -8.34 -11.71
C ALA A 91 -7.34 -9.64 -12.50
N PRO A 92 -6.57 -10.61 -11.95
CA PRO A 92 -6.45 -11.87 -12.69
C PRO A 92 -7.77 -12.62 -12.78
N VAL A 93 -7.99 -13.31 -13.90
CA VAL A 93 -9.28 -13.94 -14.20
C VAL A 93 -9.57 -15.24 -13.45
N ASP A 94 -8.54 -15.87 -12.92
CA ASP A 94 -8.68 -17.16 -12.23
C ASP A 94 -9.06 -16.95 -10.76
N ASP A 95 -10.36 -16.84 -10.48
CA ASP A 95 -10.95 -16.72 -9.12
C ASP A 95 -10.09 -16.07 -8.01
N TRP A 96 -9.50 -14.93 -8.30
CA TRP A 96 -8.65 -14.22 -7.37
C TRP A 96 -9.38 -13.78 -6.10
N GLU A 97 -10.70 -13.69 -6.15
CA GLU A 97 -11.47 -13.25 -4.98
C GLU A 97 -11.26 -14.21 -3.82
N GLU A 98 -11.03 -15.48 -4.13
CA GLU A 98 -10.76 -16.49 -3.11
C GLU A 98 -9.50 -16.09 -2.33
N ILE A 99 -8.56 -15.48 -3.03
CA ILE A 99 -7.27 -15.11 -2.45
C ILE A 99 -7.42 -13.93 -1.50
N ALA A 100 -8.19 -12.92 -1.89
CA ALA A 100 -8.35 -11.73 -1.04
C ALA A 100 -9.12 -12.05 0.24
N LYS A 101 -9.82 -13.17 0.24
CA LYS A 101 -10.62 -13.61 1.39
C LYS A 101 -9.85 -14.69 2.14
N LYS A 102 -8.55 -14.75 1.87
CA LYS A 102 -7.66 -15.76 2.42
C LYS A 102 -6.40 -15.13 2.98
N THR A 103 -6.30 -15.01 4.30
CA THR A 103 -5.08 -14.52 4.91
C THR A 103 -4.04 -15.59 4.65
N PHE A 104 -2.94 -15.19 4.07
CA PHE A 104 -1.85 -16.10 3.78
C PHE A 104 -1.05 -16.24 5.06
N GLU A 105 -0.80 -17.45 5.53
CA GLU A 105 -0.02 -17.63 6.75
C GLU A 105 1.14 -18.56 6.52
N LYS A 106 2.30 -18.12 7.00
CA LYS A 106 3.54 -18.90 6.91
C LYS A 106 4.31 -18.69 8.20
N GLY A 107 4.42 -19.72 9.00
CA GLY A 107 5.16 -19.63 10.24
C GLY A 107 4.59 -18.56 11.17
N THR A 108 5.38 -17.54 11.43
CA THR A 108 4.97 -16.45 12.30
C THR A 108 4.22 -15.36 11.55
N VAL A 109 4.26 -15.40 10.22
CA VAL A 109 3.68 -14.33 9.40
C VAL A 109 2.25 -14.59 8.95
N SER A 110 1.46 -13.52 8.95
CA SER A 110 0.16 -13.49 8.30
C SER A 110 0.27 -12.36 7.27
N VAL A 111 -0.26 -12.55 6.08
CA VAL A 111 -0.20 -11.50 5.05
C VAL A 111 -1.57 -11.34 4.44
N GLU A 112 -2.01 -10.11 4.29
CA GLU A 112 -3.30 -9.86 3.65
C GLU A 112 -2.98 -9.56 2.17
N PRO A 113 -3.42 -10.42 1.22
CA PRO A 113 -3.12 -10.23 -0.20
C PRO A 113 -4.07 -9.28 -0.93
N ALA A 114 -4.14 -8.06 -0.46
CA ALA A 114 -5.04 -7.06 -1.03
C ALA A 114 -4.56 -6.67 -2.44
N ILE A 115 -5.48 -6.24 -3.27
CA ILE A 115 -5.17 -5.85 -4.65
C ILE A 115 -6.12 -4.73 -5.06
N VAL A 116 -5.58 -3.70 -5.69
CA VAL A 116 -6.41 -2.65 -6.27
C VAL A 116 -6.22 -2.81 -7.76
N ARG A 117 -7.33 -2.79 -8.48
CA ARG A 117 -7.31 -3.00 -9.92
C ARG A 117 -7.89 -1.77 -10.59
N GLY A 118 -7.30 -1.38 -11.70
CA GLY A 118 -7.70 -0.17 -12.41
C GLY A 118 -9.16 -0.12 -12.81
N THR A 119 -9.75 -1.29 -12.99
CA THR A 119 -11.15 -1.41 -13.38
C THR A 119 -12.14 -0.69 -12.48
N MET A 120 -11.81 -0.56 -11.20
CA MET A 120 -12.70 0.08 -10.25
C MET A 120 -11.90 0.91 -9.25
N LEU A 121 -10.73 1.37 -9.71
CA LEU A 121 -9.74 2.00 -8.84
C LEU A 121 -10.18 3.04 -7.82
N ARG A 122 -11.14 3.90 -8.14
CA ARG A 122 -11.56 4.93 -7.17
C ARG A 122 -12.22 4.27 -5.96
N ASP A 123 -13.08 3.30 -6.21
CA ASP A 123 -13.75 2.57 -5.13
C ASP A 123 -12.77 1.62 -4.44
N ASP A 124 -11.88 1.07 -5.25
CA ASP A 124 -10.87 0.14 -4.74
C ASP A 124 -9.95 0.83 -3.74
N LEU A 125 -9.53 2.04 -4.05
CA LEU A 125 -8.65 2.79 -3.17
C LEU A 125 -9.27 3.07 -1.83
N GLN A 126 -10.52 3.48 -1.79
CA GLN A 126 -11.15 3.84 -0.52
C GLN A 126 -11.52 2.59 0.28
N ALA A 127 -11.51 1.43 -0.36
CA ALA A 127 -11.79 0.19 0.32
C ALA A 127 -10.58 -0.27 1.15
N VAL A 128 -9.39 -0.12 0.59
CA VAL A 128 -8.15 -0.52 1.30
C VAL A 128 -7.55 0.66 2.10
N PHE A 129 -7.72 1.87 1.58
CA PHE A 129 -7.24 3.09 2.24
C PHE A 129 -8.39 4.09 2.34
N PRO A 130 -9.27 3.93 3.35
CA PRO A 130 -10.43 4.85 3.43
C PRO A 130 -10.05 6.31 3.72
N SER A 131 -8.80 6.55 4.11
CA SER A 131 -8.31 7.90 4.33
C SER A 131 -7.99 8.62 3.01
N PHE A 132 -8.14 7.92 1.89
CA PHE A 132 -7.85 8.50 0.59
C PHE A 132 -8.95 9.45 0.12
N ARG A 133 -8.57 10.66 -0.23
CA ARG A 133 -9.53 11.65 -0.72
C ARG A 133 -9.69 11.51 -2.21
N THR A 134 -10.72 10.81 -2.65
CA THR A 134 -10.96 10.65 -4.08
C THR A 134 -11.67 11.89 -4.65
N GLU A 135 -12.24 12.72 -3.79
CA GLU A 135 -12.93 13.95 -4.25
C GLU A 135 -11.93 15.03 -4.68
N ASP A 136 -10.80 15.13 -4.00
CA ASP A 136 -9.77 16.16 -4.28
C ASP A 136 -9.25 16.08 -5.71
N CYS A 137 -9.25 14.88 -6.26
CA CYS A 137 -8.70 14.58 -7.59
C CYS A 137 -7.19 14.88 -7.67
N SER A 138 -6.57 14.59 -8.80
CA SER A 138 -5.15 14.84 -9.00
C SER A 138 -4.89 15.02 -10.49
N GLU A 139 -3.67 15.38 -10.84
CA GLU A 139 -3.27 15.57 -12.25
C GLU A 139 -3.50 14.33 -13.13
N GLU A 140 -3.64 13.17 -12.50
CA GLU A 140 -3.90 11.92 -13.23
C GLU A 140 -5.20 12.00 -14.05
N HIS A 141 -6.10 12.89 -13.64
CA HIS A 141 -7.39 13.06 -14.31
C HIS A 141 -7.25 13.93 -15.56
N ALA A 142 -6.06 14.51 -15.76
CA ALA A 142 -5.80 15.37 -16.91
C ALA A 142 -5.02 14.63 -17.99
N SER A 143 -3.89 14.03 -17.64
CA SER A 143 -3.09 13.28 -18.61
C SER A 143 -2.30 12.14 -17.97
N PHE A 144 -2.07 11.09 -18.75
CA PHE A 144 -1.30 9.94 -18.28
C PHE A 144 0.16 10.29 -18.01
N GLU A 145 0.68 11.28 -18.73
CA GLU A 145 2.08 11.71 -18.62
C GLU A 145 2.40 12.22 -17.23
N ASN A 146 1.38 12.72 -16.55
CA ASN A 146 1.50 13.21 -15.18
C ASN A 146 2.05 12.17 -14.21
N ALA A 147 1.94 10.89 -14.53
CA ALA A 147 2.47 9.82 -13.68
C ALA A 147 3.97 10.03 -13.38
N GLN A 148 4.70 10.60 -14.32
CA GLN A 148 6.12 10.90 -14.13
C GLN A 148 6.28 11.90 -12.97
N MET A 149 5.40 12.89 -12.95
CA MET A 149 5.43 13.93 -11.92
C MET A 149 5.00 13.35 -10.58
N ALA A 150 4.15 12.33 -10.58
CA ALA A 150 3.73 11.71 -9.32
C ALA A 150 4.92 11.07 -8.64
N ARG A 151 5.80 10.43 -9.41
CA ARG A 151 7.00 9.81 -8.85
C ARG A 151 7.86 10.90 -8.26
N GLU A 152 8.05 11.97 -9.02
CA GLU A 152 8.85 13.08 -8.56
C GLU A 152 8.28 13.66 -7.26
N ARG A 153 6.96 13.80 -7.23
CA ARG A 153 6.27 14.34 -6.06
C ARG A 153 6.56 13.49 -4.84
N PHE A 154 6.51 12.17 -4.99
CA PHE A 154 6.80 11.27 -3.88
C PHE A 154 8.25 11.36 -3.44
N LEU A 155 9.18 11.35 -4.38
CA LEU A 155 10.60 11.39 -4.05
C LEU A 155 10.91 12.64 -3.25
N SER A 156 10.31 13.75 -3.66
CA SER A 156 10.50 15.02 -2.97
C SER A 156 9.82 15.01 -1.60
N LEU A 157 8.67 14.35 -1.52
CA LEU A 157 7.88 14.31 -0.28
C LEU A 157 8.56 13.59 0.87
N VAL A 158 9.26 12.49 0.60
CA VAL A 158 9.84 11.68 1.69
C VAL A 158 10.73 12.52 2.62
N LEU A 159 11.71 13.23 2.09
CA LEU A 159 12.59 14.03 2.93
C LEU A 159 11.84 15.27 3.42
N LYS A 160 11.04 15.85 2.55
CA LYS A 160 10.28 17.06 2.91
C LYS A 160 9.36 16.82 4.10
N GLN A 161 8.90 15.60 4.28
CA GLN A 161 7.99 15.26 5.36
C GLN A 161 8.60 15.65 6.70
N GLU A 162 9.93 15.62 6.79
CA GLU A 162 10.61 15.97 8.03
C GLU A 162 10.40 17.45 8.36
N GLU A 163 10.41 18.31 7.36
CA GLU A 163 10.17 19.72 7.57
C GLU A 163 8.67 19.95 7.78
N GLN A 164 7.84 19.18 7.10
CA GLN A 164 6.38 19.33 7.25
C GLN A 164 5.97 19.05 8.70
N ARG A 165 6.51 18.00 9.31
CA ARG A 165 6.19 17.69 10.71
C ARG A 165 6.83 18.71 11.66
N LYS A 166 7.89 19.37 11.22
CA LYS A 166 8.60 20.39 12.03
C LYS A 166 7.74 21.67 12.16
N THR A 167 6.81 21.84 11.25
CA THR A 167 5.84 22.96 11.28
C THR A 167 4.89 22.96 12.48
N GLU A 168 4.87 21.91 13.27
CA GLU A 168 3.95 21.76 14.41
C GLU A 168 3.85 22.99 15.37
N ALA A 169 4.92 23.76 15.49
CA ALA A 169 4.89 24.96 16.35
C ALA A 169 3.91 26.02 15.83
N ALA A 170 3.59 25.95 14.54
CA ALA A 170 2.63 26.87 13.94
C ALA A 170 1.24 26.26 14.14
N VAL A 171 0.55 26.71 15.17
CA VAL A 171 -0.77 26.20 15.50
C VAL A 171 -1.77 26.56 14.41
N PHE A 172 -2.05 25.60 13.54
CA PHE A 172 -2.92 25.84 12.40
C PHE A 172 -3.64 24.58 11.95
N GLN A 173 -4.59 24.76 11.06
CA GLN A 173 -5.35 23.64 10.49
C GLN A 173 -5.93 24.00 9.12
N ASN A 174 -6.30 25.26 8.93
CA ASN A 174 -6.90 25.77 7.69
C ASN A 174 -8.25 25.11 7.33
N GLY A 175 -8.90 24.51 8.32
CA GLY A 175 -10.18 23.86 8.08
C GLY A 175 -10.02 22.52 7.39
N LYS A 176 -11.08 22.07 6.73
CA LYS A 176 -11.06 20.80 5.99
C LYS A 176 -12.03 20.76 4.82
N LEU A 177 -13.14 21.49 4.94
CA LEU A 177 -14.19 21.59 3.89
C LEU A 177 -14.93 20.28 3.57
N GLU A 178 -14.64 19.21 4.32
CA GLU A 178 -15.33 17.94 4.13
C GLU A 178 -16.82 18.11 4.42
N ARG A 179 -17.64 17.67 3.48
CA ARG A 179 -19.10 17.83 3.56
C ARG A 179 -19.77 16.79 2.66
N GLU A 180 -20.05 15.61 3.19
CA GLU A 180 -20.69 14.57 2.40
C GLU A 180 -21.70 13.79 3.24
N ASN A 181 -22.67 13.20 2.56
CA ASN A 181 -23.69 12.36 3.17
C ASN A 181 -24.47 11.67 2.05
N LEU A 182 -24.55 10.35 2.08
CA LEU A 182 -25.29 9.60 1.08
C LEU A 182 -25.70 8.25 1.67
N TYR A 183 -26.78 7.71 1.17
CA TYR A 183 -27.31 6.43 1.60
C TYR A 183 -28.22 5.99 0.47
N PHE A 184 -28.68 4.75 0.52
CA PHE A 184 -29.61 4.24 -0.48
C PHE A 184 -30.64 3.44 0.29
N GLN A 185 -31.86 3.39 -0.22
CA GLN A 185 -32.96 2.68 0.41
C GLN A 185 -33.91 2.35 -0.74
N MET A 1 4.15 6.10 -16.35
CA MET A 1 3.81 5.32 -17.56
C MET A 1 2.54 4.51 -17.36
N PHE A 2 2.46 3.67 -16.35
CA PHE A 2 1.25 2.87 -16.14
C PHE A 2 0.18 3.76 -15.50
N LEU A 3 -1.08 3.47 -15.75
CA LEU A 3 -2.18 4.20 -15.09
C LEU A 3 -2.12 3.89 -13.60
N LEU A 4 -1.78 2.65 -13.27
CA LEU A 4 -1.67 2.21 -11.88
C LEU A 4 -0.54 2.92 -11.17
N GLU A 5 0.54 3.19 -11.89
CA GLU A 5 1.71 3.87 -11.33
C GLU A 5 1.31 5.25 -10.82
N TYR A 6 0.33 5.87 -11.46
CA TYR A 6 -0.17 7.17 -11.03
C TYR A 6 -0.77 7.03 -9.64
N THR A 7 -1.71 6.12 -9.49
CA THR A 7 -2.39 5.88 -8.22
C THR A 7 -1.40 5.38 -7.16
N TYR A 8 -0.47 4.54 -7.57
CA TYR A 8 0.56 3.99 -6.70
C TYR A 8 1.35 5.12 -6.03
N TRP A 9 1.87 6.06 -6.80
CA TRP A 9 2.63 7.17 -6.20
C TRP A 9 1.70 8.13 -5.44
N LYS A 10 0.43 8.24 -5.85
CA LYS A 10 -0.53 9.08 -5.13
C LYS A 10 -0.76 8.52 -3.73
N ILE A 11 -0.92 7.20 -3.64
CA ILE A 11 -1.12 6.54 -2.36
C ILE A 11 0.15 6.61 -1.54
N ALA A 12 1.30 6.46 -2.17
CA ALA A 12 2.57 6.57 -1.44
C ALA A 12 2.62 7.93 -0.74
N ALA A 13 2.24 8.98 -1.45
CA ALA A 13 2.22 10.32 -0.89
C ALA A 13 1.19 10.44 0.24
N HIS A 14 0.02 9.87 0.02
CA HIS A 14 -1.06 9.90 0.99
C HIS A 14 -0.62 9.24 2.30
N LEU A 15 -0.01 8.07 2.20
CA LEU A 15 0.45 7.35 3.39
C LEU A 15 1.54 8.12 4.10
N VAL A 16 2.59 8.48 3.37
CA VAL A 16 3.74 9.12 3.99
C VAL A 16 3.35 10.43 4.67
N ASN A 17 2.52 11.26 4.03
CA ASN A 17 2.12 12.53 4.64
C ASN A 17 1.20 12.34 5.86
N SER A 18 0.66 11.14 6.03
CA SER A 18 -0.19 10.82 7.17
C SER A 18 0.65 10.30 8.34
N GLY A 19 1.96 10.24 8.14
CA GLY A 19 2.86 9.82 9.20
C GLY A 19 3.57 8.50 8.98
N TYR A 20 3.27 7.81 7.90
CA TYR A 20 3.94 6.53 7.61
C TYR A 20 5.41 6.80 7.31
N GLY A 21 6.28 6.24 8.13
CA GLY A 21 7.70 6.45 7.96
C GLY A 21 8.24 5.62 6.82
N VAL A 22 9.05 6.23 5.96
CA VAL A 22 9.62 5.51 4.84
C VAL A 22 10.77 4.64 5.31
N ILE A 23 10.75 3.39 4.86
CA ILE A 23 11.83 2.45 5.10
C ILE A 23 12.58 2.31 3.79
N GLN A 24 11.82 2.12 2.71
CA GLN A 24 12.37 1.97 1.37
C GLN A 24 11.41 2.69 0.42
N ALA A 25 11.86 3.75 -0.25
CA ALA A 25 11.01 4.46 -1.20
C ALA A 25 11.80 4.88 -2.44
N GLY A 26 11.27 4.55 -3.61
CA GLY A 26 11.89 4.96 -4.87
C GLY A 26 12.16 3.80 -5.79
N GLU A 27 12.14 2.59 -5.23
CA GLU A 27 12.39 1.37 -6.00
C GLU A 27 11.36 1.19 -7.11
N SER A 28 10.20 1.83 -6.94
CA SER A 28 9.09 1.87 -7.92
C SER A 28 8.29 0.58 -8.03
N ASP A 29 8.96 -0.54 -7.78
CA ASP A 29 8.30 -1.83 -7.71
C ASP A 29 7.68 -1.91 -6.32
N GLU A 30 8.51 -1.70 -5.31
CA GLU A 30 8.08 -1.70 -3.90
C GLU A 30 8.24 -0.34 -3.21
N ILE A 31 7.40 -0.09 -2.21
CA ILE A 31 7.62 1.00 -1.25
C ILE A 31 7.26 0.39 0.11
N TRP A 32 8.17 0.48 1.07
CA TRP A 32 7.94 -0.05 2.40
C TRP A 32 7.74 1.10 3.37
N LEU A 33 6.62 1.05 4.07
CA LEU A 33 6.22 2.08 5.03
C LEU A 33 6.01 1.46 6.39
N GLU A 34 6.53 2.12 7.42
CA GLU A 34 6.31 1.68 8.80
C GLU A 34 4.98 2.27 9.25
N ALA A 35 4.13 1.46 9.86
CA ALA A 35 2.83 1.94 10.31
C ALA A 35 3.04 2.88 11.51
N PRO A 36 2.53 4.12 11.46
CA PRO A 36 2.76 4.98 12.62
C PRO A 36 1.88 4.60 13.81
N ASP A 37 0.77 3.94 13.52
CA ASP A 37 -0.18 3.53 14.53
C ASP A 37 0.42 2.45 15.42
N LYS A 38 1.19 1.56 14.79
CA LYS A 38 1.81 0.38 15.44
C LYS A 38 0.71 -0.52 16.03
N SER A 39 -0.42 -0.39 15.36
CA SER A 39 -1.65 -1.15 15.52
C SER A 39 -1.46 -2.52 14.86
N SER A 40 -2.54 -3.29 14.79
CA SER A 40 -2.53 -4.66 14.30
C SER A 40 -1.68 -4.96 13.05
N HIS A 41 -1.47 -4.01 12.14
CA HIS A 41 -0.49 -4.19 11.07
C HIS A 41 0.72 -3.31 11.35
N ASP A 42 1.88 -3.95 11.24
CA ASP A 42 3.16 -3.35 11.63
C ASP A 42 3.77 -2.55 10.48
N LEU A 43 3.65 -3.09 9.26
CA LEU A 43 4.22 -2.45 8.07
C LEU A 43 3.21 -2.47 6.93
N VAL A 44 3.46 -1.65 5.92
CA VAL A 44 2.66 -1.62 4.69
C VAL A 44 3.62 -1.74 3.50
N ARG A 45 3.24 -2.55 2.52
CA ARG A 45 4.04 -2.76 1.31
C ARG A 45 3.20 -2.36 0.11
N LEU A 46 3.64 -1.35 -0.60
CA LEU A 46 2.98 -0.93 -1.83
C LEU A 46 3.72 -1.66 -2.94
N TYR A 47 3.00 -2.33 -3.82
CA TYR A 47 3.62 -3.16 -4.86
C TYR A 47 2.96 -2.95 -6.22
N LYS A 48 3.73 -2.59 -7.24
CA LYS A 48 3.16 -2.37 -8.58
C LYS A 48 3.52 -3.52 -9.50
N HIS A 49 2.62 -4.49 -9.60
CA HIS A 49 2.82 -5.63 -10.48
C HIS A 49 1.48 -6.02 -11.07
N ASP A 50 1.51 -6.41 -12.34
CA ASP A 50 0.29 -6.77 -13.04
C ASP A 50 0.20 -8.30 -13.05
N LEU A 51 -0.99 -8.81 -12.79
CA LEU A 51 -1.19 -10.26 -12.65
C LEU A 51 -2.22 -10.72 -13.68
N ASP A 52 -2.04 -11.93 -14.19
CA ASP A 52 -2.99 -12.53 -15.15
C ASP A 52 -3.77 -13.64 -14.43
N PHE A 53 -3.07 -14.39 -13.59
CA PHE A 53 -3.67 -15.47 -12.82
C PHE A 53 -3.44 -15.23 -11.34
N ARG A 54 -4.23 -15.89 -10.50
CA ARG A 54 -4.08 -15.78 -9.04
C ARG A 54 -2.76 -16.37 -8.61
N GLN A 55 -2.15 -17.15 -9.50
CA GLN A 55 -0.90 -17.80 -9.19
C GLN A 55 0.14 -16.76 -8.85
N GLU A 56 0.20 -15.68 -9.61
CA GLU A 56 1.17 -14.63 -9.33
C GLU A 56 0.91 -14.04 -7.95
N MET A 57 -0.35 -13.74 -7.65
CA MET A 57 -0.68 -13.16 -6.35
C MET A 57 -0.22 -14.06 -5.21
N VAL A 58 -0.57 -15.34 -5.23
CA VAL A 58 -0.21 -16.23 -4.10
C VAL A 58 1.29 -16.43 -4.02
N ARG A 59 1.95 -16.41 -5.17
CA ARG A 59 3.41 -16.62 -5.21
C ARG A 59 4.10 -15.44 -4.56
N ASP A 60 3.62 -14.25 -4.88
CA ASP A 60 4.20 -13.04 -4.32
C ASP A 60 4.15 -13.06 -2.80
N ILE A 61 3.01 -13.43 -2.22
CA ILE A 61 2.91 -13.40 -0.76
C ILE A 61 3.68 -14.55 -0.11
N GLU A 62 3.73 -15.70 -0.77
CA GLU A 62 4.49 -16.84 -0.26
C GLU A 62 5.93 -16.37 -0.09
N GLU A 63 6.37 -15.55 -1.03
CA GLU A 63 7.73 -15.02 -0.97
C GLU A 63 7.84 -13.90 0.07
N GLN A 64 6.88 -12.98 0.04
CA GLN A 64 6.89 -11.85 0.96
C GLN A 64 6.95 -12.31 2.39
N ALA A 65 6.19 -13.33 2.77
CA ALA A 65 6.17 -13.77 4.16
C ALA A 65 7.57 -14.19 4.61
N GLU A 66 8.34 -14.85 3.76
CA GLU A 66 9.68 -15.25 4.16
C GLU A 66 10.61 -14.05 4.19
N ARG A 67 10.37 -13.06 3.34
CA ARG A 67 11.16 -11.82 3.38
C ARG A 67 10.82 -11.06 4.68
N VAL A 68 9.55 -11.07 5.05
CA VAL A 68 9.06 -10.42 6.26
C VAL A 68 9.64 -11.14 7.47
N GLU A 69 9.78 -12.46 7.43
CA GLU A 69 10.36 -13.22 8.56
C GLU A 69 11.72 -12.66 8.96
N ARG A 70 12.54 -12.27 7.98
CA ARG A 70 13.88 -11.76 8.29
C ARG A 70 13.76 -10.42 9.02
N VAL A 71 12.87 -9.57 8.55
CA VAL A 71 12.63 -8.26 9.15
C VAL A 71 12.03 -8.45 10.54
N ARG A 72 11.09 -9.36 10.66
CA ARG A 72 10.44 -9.68 11.93
C ARG A 72 11.47 -10.11 12.95
N HIS A 73 12.42 -10.95 12.54
CA HIS A 73 13.46 -11.42 13.44
C HIS A 73 14.37 -10.27 13.86
N GLN A 74 14.72 -9.41 12.90
CA GLN A 74 15.57 -8.25 13.16
C GLN A 74 14.91 -7.29 14.15
N LEU A 75 13.60 -7.08 13.99
CA LEU A 75 12.84 -6.18 14.85
C LEU A 75 12.40 -6.85 16.17
N GLY A 76 12.76 -8.10 16.37
CA GLY A 76 12.42 -8.82 17.60
C GLY A 76 10.94 -9.07 17.77
N ARG A 77 10.20 -9.06 16.67
CA ARG A 77 8.74 -9.23 16.74
C ARG A 77 8.37 -10.68 16.97
N ARG A 78 7.35 -10.92 17.80
CA ARG A 78 6.90 -12.29 18.09
C ARG A 78 6.12 -12.84 16.89
N ARG A 79 5.38 -11.95 16.24
CA ARG A 79 4.61 -12.25 15.03
C ARG A 79 4.59 -10.92 14.31
N MET A 80 4.30 -10.91 13.02
CA MET A 80 4.20 -9.65 12.28
C MET A 80 2.99 -9.70 11.37
N LYS A 81 2.43 -8.54 11.06
CA LYS A 81 1.30 -8.44 10.13
C LYS A 81 1.69 -7.37 9.11
N LEU A 82 1.47 -7.67 7.83
CA LEU A 82 1.90 -6.79 6.74
C LEU A 82 0.74 -6.55 5.77
N LEU A 83 0.44 -5.29 5.52
CA LEU A 83 -0.60 -4.94 4.55
C LEU A 83 0.06 -4.83 3.18
N ASN A 84 -0.18 -5.79 2.30
CA ASN A 84 0.38 -5.76 0.95
C ASN A 84 -0.68 -5.31 -0.02
N VAL A 85 -0.39 -4.31 -0.83
CA VAL A 85 -1.35 -3.83 -1.82
C VAL A 85 -0.79 -3.94 -3.24
N PHE A 86 -1.34 -4.87 -4.02
CA PHE A 86 -0.99 -5.04 -5.43
C PHE A 86 -1.62 -3.89 -6.23
N PHE A 87 -0.98 -3.47 -7.30
CA PHE A 87 -1.55 -2.47 -8.22
C PHE A 87 -1.46 -3.05 -9.63
N SER A 88 -2.58 -3.52 -10.17
CA SER A 88 -2.61 -4.17 -11.49
C SER A 88 -3.69 -3.58 -12.39
N THR A 89 -3.47 -3.62 -13.70
CA THR A 89 -4.44 -3.05 -14.65
C THR A 89 -5.75 -3.80 -14.70
N GLU A 90 -5.71 -5.10 -14.43
CA GLU A 90 -6.91 -5.94 -14.48
C GLU A 90 -6.83 -6.86 -13.28
N ALA A 91 -7.93 -7.52 -12.99
CA ALA A 91 -7.98 -8.47 -11.91
C ALA A 91 -7.68 -9.85 -12.52
N PRO A 92 -6.97 -10.74 -11.81
CA PRO A 92 -6.69 -12.05 -12.39
C PRO A 92 -7.92 -12.86 -12.80
N VAL A 93 -7.76 -13.68 -13.83
CA VAL A 93 -8.88 -14.42 -14.40
C VAL A 93 -9.38 -15.65 -13.63
N ASP A 94 -8.61 -16.18 -12.67
CA ASP A 94 -9.03 -17.40 -11.95
C ASP A 94 -9.12 -17.30 -10.43
N ASP A 95 -10.34 -17.10 -9.93
CA ASP A 95 -10.67 -17.17 -8.48
C ASP A 95 -9.60 -16.59 -7.52
N TRP A 96 -9.15 -15.39 -7.80
CA TRP A 96 -8.22 -14.68 -6.98
C TRP A 96 -8.96 -14.07 -5.80
N GLU A 97 -10.29 -14.01 -5.88
CA GLU A 97 -11.07 -13.38 -4.81
C GLU A 97 -10.97 -14.19 -3.53
N GLU A 98 -10.83 -15.51 -3.64
CA GLU A 98 -10.61 -16.35 -2.45
C GLU A 98 -9.24 -16.00 -1.83
N ILE A 99 -8.36 -15.41 -2.61
CA ILE A 99 -7.03 -15.05 -2.12
C ILE A 99 -7.14 -13.77 -1.30
N ALA A 100 -7.86 -12.79 -1.79
CA ALA A 100 -8.06 -11.53 -1.05
C ALA A 100 -8.86 -11.80 0.23
N LYS A 101 -9.63 -12.88 0.19
CA LYS A 101 -10.47 -13.29 1.30
C LYS A 101 -9.68 -13.97 2.42
N LYS A 102 -8.46 -14.40 2.13
CA LYS A 102 -7.66 -15.14 3.10
C LYS A 102 -6.42 -14.37 3.57
N THR A 103 -6.28 -14.23 4.88
CA THR A 103 -5.05 -13.68 5.45
C THR A 103 -4.03 -14.77 5.20
N PHE A 104 -2.93 -14.42 4.57
CA PHE A 104 -1.89 -15.40 4.34
C PHE A 104 -1.05 -15.49 5.60
N GLU A 105 -0.99 -16.66 6.20
CA GLU A 105 -0.19 -16.85 7.40
C GLU A 105 0.83 -17.94 7.18
N LYS A 106 2.08 -17.57 7.36
CA LYS A 106 3.22 -18.49 7.15
C LYS A 106 4.25 -18.16 8.19
N GLY A 107 4.72 -19.17 8.91
CA GLY A 107 5.67 -18.92 9.98
C GLY A 107 4.97 -18.12 11.05
N THR A 108 5.55 -16.99 11.43
CA THR A 108 4.97 -16.11 12.43
C THR A 108 4.37 -14.88 11.75
N VAL A 109 4.34 -14.88 10.43
CA VAL A 109 3.87 -13.74 9.66
C VAL A 109 2.43 -13.89 9.23
N SER A 110 1.75 -12.76 9.15
CA SER A 110 0.41 -12.66 8.59
C SER A 110 0.53 -11.59 7.50
N VAL A 111 -0.10 -11.78 6.36
CA VAL A 111 -0.07 -10.79 5.28
C VAL A 111 -1.45 -10.68 4.70
N GLU A 112 -1.93 -9.46 4.49
CA GLU A 112 -3.23 -9.28 3.89
C GLU A 112 -3.02 -8.98 2.40
N PRO A 113 -3.46 -9.87 1.49
CA PRO A 113 -3.27 -9.68 0.04
C PRO A 113 -4.31 -8.77 -0.62
N ALA A 114 -4.13 -7.47 -0.43
CA ALA A 114 -5.04 -6.47 -0.98
C ALA A 114 -4.59 -6.14 -2.42
N ILE A 115 -5.49 -5.66 -3.26
CA ILE A 115 -5.19 -5.39 -4.66
C ILE A 115 -6.03 -4.20 -5.16
N VAL A 116 -5.46 -3.40 -6.05
CA VAL A 116 -6.15 -2.28 -6.69
C VAL A 116 -6.29 -2.57 -8.18
N ARG A 117 -7.53 -2.67 -8.63
CA ARG A 117 -7.87 -2.85 -10.04
C ARG A 117 -7.62 -1.55 -10.81
N GLY A 118 -7.15 -1.65 -12.03
CA GLY A 118 -7.10 -0.47 -12.90
C GLY A 118 -8.45 -0.28 -13.57
N THR A 119 -9.02 -1.39 -14.00
CA THR A 119 -10.31 -1.42 -14.71
C THR A 119 -11.49 -0.80 -13.92
N MET A 120 -11.38 -0.76 -12.60
CA MET A 120 -12.43 -0.15 -11.78
C MET A 120 -11.79 0.63 -10.64
N LEU A 121 -10.71 1.33 -10.98
CA LEU A 121 -9.87 2.01 -10.00
C LEU A 121 -10.57 2.93 -9.02
N ARG A 122 -11.49 3.78 -9.46
CA ARG A 122 -12.15 4.72 -8.54
C ARG A 122 -12.85 3.99 -7.40
N ASP A 123 -13.65 3.01 -7.77
CA ASP A 123 -14.46 2.26 -6.81
C ASP A 123 -13.64 1.29 -5.98
N ASP A 124 -12.62 0.71 -6.59
CA ASP A 124 -11.77 -0.26 -5.91
C ASP A 124 -10.76 0.35 -4.94
N LEU A 125 -10.20 1.50 -5.32
CA LEU A 125 -9.18 2.15 -4.49
C LEU A 125 -9.76 2.57 -3.15
N GLN A 126 -10.97 3.11 -3.16
CA GLN A 126 -11.58 3.58 -1.93
C GLN A 126 -11.96 2.42 -1.01
N ALA A 127 -11.95 1.20 -1.54
CA ALA A 127 -12.24 0.03 -0.73
C ALA A 127 -11.03 -0.33 0.13
N VAL A 128 -9.82 -0.13 -0.40
CA VAL A 128 -8.59 -0.44 0.36
C VAL A 128 -8.09 0.80 1.11
N PHE A 129 -8.24 1.97 0.51
CA PHE A 129 -7.85 3.23 1.13
C PHE A 129 -8.98 4.25 1.10
N PRO A 130 -10.00 4.09 1.97
CA PRO A 130 -11.09 5.07 1.97
C PRO A 130 -10.66 6.45 2.47
N SER A 131 -9.50 6.50 3.10
CA SER A 131 -8.95 7.75 3.61
C SER A 131 -8.27 8.57 2.52
N PHE A 132 -8.13 8.01 1.32
CA PHE A 132 -7.48 8.72 0.24
C PHE A 132 -8.40 9.79 -0.33
N ARG A 133 -7.87 10.99 -0.51
CA ARG A 133 -8.63 12.06 -1.15
C ARG A 133 -8.62 11.78 -2.65
N THR A 134 -9.66 11.14 -3.15
CA THR A 134 -9.77 10.83 -4.57
C THR A 134 -9.83 12.11 -5.41
N GLU A 135 -10.27 13.19 -4.78
CA GLU A 135 -10.35 14.52 -5.40
C GLU A 135 -8.97 15.07 -5.79
N ASP A 136 -7.90 14.46 -5.28
CA ASP A 136 -6.53 14.87 -5.60
C ASP A 136 -6.18 14.51 -7.06
N CYS A 137 -7.07 13.79 -7.72
CA CYS A 137 -6.87 13.35 -9.09
C CYS A 137 -8.22 13.15 -9.79
N SER A 138 -8.18 12.74 -11.04
CA SER A 138 -9.39 12.37 -11.78
C SER A 138 -8.90 11.26 -12.70
N GLU A 139 -9.80 10.40 -13.15
CA GLU A 139 -9.40 9.24 -13.97
C GLU A 139 -8.91 9.71 -15.35
N GLU A 140 -9.49 10.79 -15.83
CA GLU A 140 -9.10 11.36 -17.12
C GLU A 140 -7.68 11.92 -17.04
N HIS A 141 -7.34 12.44 -15.87
CA HIS A 141 -6.03 13.05 -15.65
C HIS A 141 -4.96 12.00 -15.32
N ALA A 142 -5.36 10.74 -15.21
CA ALA A 142 -4.44 9.64 -14.90
C ALA A 142 -3.61 9.20 -16.12
N SER A 143 -3.22 10.17 -16.93
CA SER A 143 -2.45 9.91 -18.14
C SER A 143 -1.06 9.38 -17.79
N PHE A 144 -0.45 8.69 -18.75
CA PHE A 144 0.87 8.06 -18.55
C PHE A 144 1.95 9.05 -18.09
N GLU A 145 1.87 10.29 -18.56
CA GLU A 145 2.82 11.33 -18.19
C GLU A 145 2.61 11.78 -16.74
N ASN A 146 1.36 11.89 -16.34
CA ASN A 146 1.02 12.38 -15.01
C ASN A 146 1.50 11.41 -13.94
N ALA A 147 1.64 10.14 -14.30
CA ALA A 147 2.19 9.13 -13.39
C ALA A 147 3.61 9.52 -12.94
N GLN A 148 4.40 10.08 -13.86
CA GLN A 148 5.75 10.50 -13.53
C GLN A 148 5.69 11.73 -12.64
N MET A 149 4.80 12.66 -12.97
CA MET A 149 4.62 13.87 -12.17
C MET A 149 4.21 13.50 -10.74
N ALA A 150 3.44 12.42 -10.59
CA ALA A 150 3.02 11.95 -9.27
C ALA A 150 4.23 11.46 -8.48
N ARG A 151 5.16 10.78 -9.14
CA ARG A 151 6.38 10.29 -8.50
C ARG A 151 7.22 11.46 -8.06
N GLU A 152 7.35 12.44 -8.93
CA GLU A 152 8.16 13.61 -8.64
C GLU A 152 7.57 14.37 -7.45
N ARG A 153 6.25 14.50 -7.43
CA ARG A 153 5.57 15.15 -6.32
C ARG A 153 5.80 14.36 -5.04
N PHE A 154 5.72 13.04 -5.13
CA PHE A 154 5.97 12.18 -3.97
C PHE A 154 7.39 12.32 -3.45
N LEU A 155 8.37 12.39 -4.33
CA LEU A 155 9.76 12.52 -3.89
C LEU A 155 9.95 13.85 -3.14
N SER A 156 9.29 14.90 -3.61
CA SER A 156 9.33 16.19 -2.91
C SER A 156 8.58 16.11 -1.57
N LEU A 157 7.51 15.33 -1.57
CA LEU A 157 6.65 15.16 -0.40
C LEU A 157 7.37 14.41 0.72
N VAL A 158 8.03 13.30 0.40
CA VAL A 158 8.72 12.52 1.43
C VAL A 158 9.86 13.33 2.03
N LEU A 159 10.61 14.06 1.21
CA LEU A 159 11.72 14.85 1.74
C LEU A 159 11.21 15.89 2.74
N LYS A 160 10.07 16.49 2.44
CA LYS A 160 9.46 17.44 3.38
C LYS A 160 9.04 16.71 4.66
N GLN A 161 8.47 15.52 4.49
CA GLN A 161 8.01 14.73 5.61
C GLN A 161 9.15 14.41 6.57
N GLU A 162 10.37 14.33 6.06
CA GLU A 162 11.52 14.01 6.91
C GLU A 162 11.68 15.06 8.02
N GLU A 163 11.41 16.32 7.68
CA GLU A 163 11.50 17.39 8.67
C GLU A 163 10.39 17.22 9.71
N GLN A 164 9.23 16.73 9.28
CA GLN A 164 8.12 16.50 10.20
C GLN A 164 8.40 15.33 11.15
N ARG A 165 8.81 14.20 10.59
CA ARG A 165 9.00 12.97 11.37
C ARG A 165 10.19 12.97 12.32
N LYS A 166 11.15 13.88 12.13
CA LYS A 166 12.33 13.91 13.02
C LYS A 166 11.93 14.18 14.47
N THR A 167 10.72 14.68 14.67
CA THR A 167 10.21 14.95 16.00
C THR A 167 9.90 13.67 16.79
N GLU A 168 9.85 12.53 16.12
CA GLU A 168 9.57 11.26 16.81
C GLU A 168 10.67 10.92 17.83
N ALA A 169 11.86 11.45 17.62
CA ALA A 169 12.98 11.24 18.52
C ALA A 169 12.77 11.93 19.88
N ALA A 170 11.80 12.84 19.94
CA ALA A 170 11.54 13.63 21.14
C ALA A 170 10.23 13.24 21.85
N VAL A 171 9.64 12.10 21.50
CA VAL A 171 8.40 11.69 22.15
C VAL A 171 8.63 11.37 23.63
N PHE A 172 7.67 11.75 24.44
CA PHE A 172 7.70 11.54 25.88
C PHE A 172 6.54 10.59 26.23
N GLN A 173 6.14 9.80 25.25
CA GLN A 173 5.03 8.88 25.38
C GLN A 173 5.30 7.70 24.47
N ASN A 174 4.56 6.61 24.66
CA ASN A 174 4.70 5.42 23.83
C ASN A 174 3.34 4.72 23.83
N GLY A 175 2.98 4.12 22.70
CA GLY A 175 1.70 3.43 22.61
C GLY A 175 1.65 2.62 21.33
N LYS A 176 0.55 1.88 21.16
CA LYS A 176 0.37 1.02 19.98
C LYS A 176 -1.06 1.02 19.43
N LEU A 177 -2.01 1.48 20.25
CA LEU A 177 -3.44 1.41 19.93
C LEU A 177 -3.83 -0.04 19.59
N GLU A 178 -5.00 -0.24 19.02
CA GLU A 178 -5.47 -1.55 18.59
C GLU A 178 -6.67 -1.21 17.72
N ARG A 179 -7.11 -2.14 16.89
CA ARG A 179 -8.20 -1.86 15.95
C ARG A 179 -9.05 -3.10 15.66
N GLU A 180 -8.45 -4.11 15.05
CA GLU A 180 -9.16 -5.35 14.72
C GLU A 180 -8.17 -6.52 14.68
N ASN A 181 -8.68 -7.74 14.58
CA ASN A 181 -7.84 -8.90 14.39
C ASN A 181 -8.62 -9.96 13.61
N LEU A 182 -7.93 -10.66 12.73
CA LEU A 182 -8.52 -11.73 11.92
C LEU A 182 -7.33 -12.52 11.40
N TYR A 183 -7.55 -13.77 11.03
CA TYR A 183 -6.49 -14.64 10.55
C TYR A 183 -7.17 -15.80 9.83
N PHE A 184 -6.43 -16.53 9.02
CA PHE A 184 -6.94 -17.71 8.34
C PHE A 184 -5.83 -18.75 8.42
N GLN A 185 -6.19 -19.97 8.73
CA GLN A 185 -5.25 -21.09 8.90
C GLN A 185 -6.06 -22.31 8.52
N MET A 1 3.33 8.51 -16.53
CA MET A 1 2.10 9.08 -17.06
C MET A 1 1.04 8.01 -17.30
N PHE A 2 0.98 7.05 -16.38
CA PHE A 2 0.01 5.96 -16.49
C PHE A 2 -1.06 6.06 -15.42
N LEU A 3 -2.21 5.46 -15.68
CA LEU A 3 -3.33 5.49 -14.73
C LEU A 3 -3.01 4.63 -13.51
N LEU A 4 -2.33 3.52 -13.72
CA LEU A 4 -1.97 2.61 -12.64
C LEU A 4 -0.85 3.20 -11.79
N GLU A 5 0.26 3.55 -12.45
CA GLU A 5 1.41 4.12 -11.75
C GLU A 5 1.00 5.34 -10.94
N TYR A 6 0.05 6.10 -11.46
CA TYR A 6 -0.43 7.31 -10.79
C TYR A 6 -0.85 6.99 -9.36
N THR A 7 -1.60 5.90 -9.18
CA THR A 7 -2.06 5.49 -7.86
C THR A 7 -0.91 4.96 -7.02
N TYR A 8 -0.20 3.97 -7.56
CA TYR A 8 0.93 3.37 -6.86
C TYR A 8 1.89 4.44 -6.36
N TRP A 9 2.11 5.45 -7.17
CA TRP A 9 3.01 6.55 -6.82
C TRP A 9 2.36 7.47 -5.80
N LYS A 10 1.12 7.88 -6.06
CA LYS A 10 0.39 8.76 -5.17
C LYS A 10 0.33 8.18 -3.75
N ILE A 11 -0.04 6.90 -3.67
CA ILE A 11 -0.13 6.23 -2.38
C ILE A 11 1.20 6.29 -1.63
N ALA A 12 2.28 5.96 -2.32
CA ALA A 12 3.61 5.98 -1.72
C ALA A 12 3.88 7.32 -1.04
N ALA A 13 3.52 8.40 -1.71
CA ALA A 13 3.73 9.74 -1.16
C ALA A 13 2.76 10.03 -0.03
N HIS A 14 1.56 9.46 -0.12
CA HIS A 14 0.54 9.66 0.90
C HIS A 14 0.98 9.04 2.23
N LEU A 15 1.38 7.77 2.18
CA LEU A 15 1.82 7.06 3.38
C LEU A 15 2.97 7.80 4.05
N VAL A 16 4.04 8.04 3.30
CA VAL A 16 5.20 8.73 3.82
C VAL A 16 4.82 10.10 4.37
N ASN A 17 3.82 10.73 3.76
CA ASN A 17 3.36 12.04 4.19
C ASN A 17 2.65 11.95 5.54
N SER A 18 2.25 10.74 5.91
CA SER A 18 1.55 10.52 7.17
C SER A 18 2.54 10.17 8.28
N GLY A 19 3.74 10.75 8.20
CA GLY A 19 4.75 10.48 9.21
C GLY A 19 5.18 9.03 9.22
N TYR A 20 5.43 8.47 8.04
CA TYR A 20 5.84 7.08 7.92
C TYR A 20 7.34 6.98 7.64
N GLY A 21 8.11 6.62 8.67
CA GLY A 21 9.54 6.49 8.51
C GLY A 21 9.92 5.63 7.31
N VAL A 22 10.51 6.25 6.29
CA VAL A 22 10.92 5.54 5.10
C VAL A 22 12.10 4.63 5.38
N ILE A 23 11.85 3.33 5.43
CA ILE A 23 12.90 2.36 5.69
C ILE A 23 13.87 2.26 4.51
N GLN A 24 13.34 2.42 3.31
CA GLN A 24 14.17 2.37 2.11
C GLN A 24 13.38 2.84 0.88
N ALA A 25 13.83 3.94 0.29
CA ALA A 25 13.17 4.50 -0.89
C ALA A 25 14.01 4.29 -2.14
N GLY A 26 13.60 3.33 -2.97
CA GLY A 26 14.34 3.05 -4.19
C GLY A 26 13.73 1.91 -4.99
N GLU A 27 12.41 1.75 -4.87
CA GLU A 27 11.70 0.69 -5.58
C GLU A 27 12.36 -0.66 -5.32
N SER A 28 13.22 -1.09 -6.24
CA SER A 28 13.90 -2.36 -6.12
C SER A 28 12.93 -3.53 -6.28
N ASP A 29 12.06 -3.70 -5.28
CA ASP A 29 11.07 -4.77 -5.32
C ASP A 29 9.74 -4.30 -4.74
N GLU A 30 9.80 -3.61 -3.61
CA GLU A 30 8.61 -3.11 -2.96
C GLU A 30 8.92 -1.84 -2.14
N ILE A 31 7.88 -1.22 -1.62
CA ILE A 31 8.03 -0.01 -0.82
C ILE A 31 7.87 -0.30 0.67
N TRP A 32 8.82 0.16 1.47
CA TRP A 32 8.79 -0.04 2.91
C TRP A 32 8.50 1.25 3.64
N LEU A 33 7.62 1.19 4.63
CA LEU A 33 7.26 2.36 5.41
C LEU A 33 6.96 1.98 6.86
N GLU A 34 7.66 2.63 7.79
CA GLU A 34 7.46 2.36 9.21
C GLU A 34 6.16 2.98 9.71
N ALA A 35 5.39 2.18 10.46
CA ALA A 35 4.12 2.65 11.00
C ALA A 35 4.24 2.99 12.48
N PRO A 36 4.29 4.29 12.79
CA PRO A 36 4.41 4.78 14.17
C PRO A 36 3.14 4.53 14.98
N ASP A 37 2.00 4.58 14.31
CA ASP A 37 0.72 4.37 14.97
C ASP A 37 0.68 3.00 15.64
N LYS A 38 1.48 2.07 15.14
CA LYS A 38 1.54 0.73 15.70
C LYS A 38 0.22 -0.02 15.49
N SER A 39 -0.38 0.18 14.32
CA SER A 39 -1.64 -0.47 13.99
C SER A 39 -1.45 -1.96 13.75
N SER A 40 -2.53 -2.64 13.39
CA SER A 40 -2.48 -4.08 13.12
C SER A 40 -1.31 -4.42 12.21
N HIS A 41 -1.01 -3.52 11.27
CA HIS A 41 0.08 -3.73 10.33
C HIS A 41 1.27 -2.86 10.68
N ASP A 42 2.42 -3.50 10.90
CA ASP A 42 3.64 -2.77 11.24
C ASP A 42 4.21 -2.06 10.03
N LEU A 43 4.46 -2.81 8.96
CA LEU A 43 5.01 -2.25 7.74
C LEU A 43 4.06 -2.48 6.56
N VAL A 44 4.17 -1.61 5.54
CA VAL A 44 3.32 -1.72 4.37
C VAL A 44 4.15 -2.02 3.12
N ARG A 45 3.55 -2.75 2.18
CA ARG A 45 4.24 -3.10 0.94
C ARG A 45 3.35 -2.83 -0.27
N LEU A 46 3.95 -2.32 -1.33
CA LEU A 46 3.23 -2.00 -2.55
C LEU A 46 3.97 -2.51 -3.79
N TYR A 47 3.28 -3.29 -4.61
CA TYR A 47 3.88 -3.84 -5.82
C TYR A 47 3.03 -3.51 -7.05
N LYS A 48 3.69 -3.38 -8.19
CA LYS A 48 3.00 -3.08 -9.44
C LYS A 48 3.33 -4.10 -10.51
N HIS A 49 2.49 -5.12 -10.65
CA HIS A 49 2.69 -6.16 -11.64
C HIS A 49 1.37 -6.76 -12.09
N ASP A 50 1.31 -7.20 -13.33
CA ASP A 50 0.10 -7.80 -13.89
C ASP A 50 0.11 -9.32 -13.72
N LEU A 51 -1.04 -9.89 -13.38
CA LEU A 51 -1.15 -11.33 -13.19
C LEU A 51 -2.13 -11.94 -14.19
N ASP A 52 -1.91 -13.20 -14.53
CA ASP A 52 -2.77 -13.90 -15.47
C ASP A 52 -3.71 -14.85 -14.75
N PHE A 53 -3.22 -15.48 -13.69
CA PHE A 53 -4.01 -16.42 -12.92
C PHE A 53 -3.83 -16.19 -11.42
N ARG A 54 -4.43 -17.06 -10.61
CA ARG A 54 -4.34 -16.94 -9.16
C ARG A 54 -3.01 -17.52 -8.65
N GLN A 55 -2.50 -18.52 -9.36
CA GLN A 55 -1.24 -19.15 -8.98
C GLN A 55 -0.13 -18.11 -8.85
N GLU A 56 -0.18 -17.08 -9.69
CA GLU A 56 0.83 -16.03 -9.65
C GLU A 56 0.61 -15.09 -8.46
N MET A 57 -0.66 -14.87 -8.12
CA MET A 57 -1.01 -14.01 -7.01
C MET A 57 -0.69 -14.68 -5.68
N VAL A 58 -1.18 -15.91 -5.50
CA VAL A 58 -0.94 -16.65 -4.27
C VAL A 58 0.54 -16.85 -4.04
N ARG A 59 1.30 -17.01 -5.12
CA ARG A 59 2.74 -17.22 -5.02
C ARG A 59 3.43 -15.97 -4.48
N ASP A 60 2.95 -14.80 -4.90
CA ASP A 60 3.52 -13.53 -4.45
C ASP A 60 3.55 -13.46 -2.93
N ILE A 61 2.39 -13.67 -2.30
CA ILE A 61 2.30 -13.62 -0.84
C ILE A 61 3.19 -14.68 -0.20
N GLU A 62 3.26 -15.85 -0.83
CA GLU A 62 4.09 -16.94 -0.32
C GLU A 62 5.50 -16.47 -0.04
N GLU A 63 5.99 -15.55 -0.86
CA GLU A 63 7.34 -15.01 -0.71
C GLU A 63 7.39 -14.01 0.45
N GLN A 64 6.31 -13.24 0.60
CA GLN A 64 6.25 -12.24 1.66
C GLN A 64 6.51 -12.86 3.02
N ALA A 65 5.69 -13.84 3.40
CA ALA A 65 5.85 -14.51 4.67
C ALA A 65 7.27 -15.02 4.85
N GLU A 66 7.86 -15.52 3.77
CA GLU A 66 9.22 -16.05 3.81
C GLU A 66 10.21 -14.96 4.23
N ARG A 67 10.03 -13.76 3.68
CA ARG A 67 10.91 -12.64 3.99
C ARG A 67 10.59 -12.07 5.37
N VAL A 68 9.30 -12.04 5.71
CA VAL A 68 8.86 -11.52 7.00
C VAL A 68 9.61 -12.18 8.15
N GLU A 69 9.90 -13.47 7.98
CA GLU A 69 10.61 -14.23 9.01
C GLU A 69 11.92 -13.53 9.39
N ARG A 70 12.58 -12.94 8.40
CA ARG A 70 13.84 -12.24 8.62
C ARG A 70 13.61 -10.94 9.37
N VAL A 71 12.51 -10.26 9.05
CA VAL A 71 12.18 -9.00 9.70
C VAL A 71 11.76 -9.21 11.15
N ARG A 72 10.79 -10.10 11.36
CA ARG A 72 10.30 -10.40 12.69
C ARG A 72 11.43 -10.92 13.59
N HIS A 73 12.33 -11.69 12.99
CA HIS A 73 13.46 -12.26 13.73
C HIS A 73 14.30 -11.15 14.36
N GLN A 74 14.58 -10.11 13.59
CA GLN A 74 15.38 -8.99 14.07
C GLN A 74 14.57 -8.14 15.05
N LEU A 75 13.29 -7.98 14.78
CA LEU A 75 12.42 -7.18 15.63
C LEU A 75 12.15 -7.90 16.95
N GLY A 76 12.38 -9.21 16.96
CA GLY A 76 12.18 -10.00 18.18
C GLY A 76 10.77 -9.85 18.72
N ARG A 77 9.81 -9.68 17.83
CA ARG A 77 8.42 -9.51 18.24
C ARG A 77 7.66 -10.83 18.13
N ARG A 78 6.40 -10.83 18.56
CA ARG A 78 5.57 -12.03 18.51
C ARG A 78 5.19 -12.36 17.07
N ARG A 79 4.63 -11.38 16.37
CA ARG A 79 4.21 -11.57 14.99
C ARG A 79 4.33 -10.27 14.20
N MET A 80 4.30 -10.38 12.88
CA MET A 80 4.41 -9.21 12.01
C MET A 80 3.37 -9.26 10.89
N LYS A 81 2.66 -8.17 10.70
CA LYS A 81 1.63 -8.08 9.67
C LYS A 81 2.15 -7.34 8.45
N LEU A 82 2.17 -8.01 7.31
CA LEU A 82 2.63 -7.41 6.07
C LEU A 82 1.48 -7.21 5.08
N LEU A 83 1.39 -6.00 4.53
CA LEU A 83 0.33 -5.68 3.57
C LEU A 83 0.88 -5.65 2.14
N ASN A 84 0.69 -6.76 1.43
CA ASN A 84 1.17 -6.86 0.05
C ASN A 84 0.03 -6.63 -0.93
N VAL A 85 0.23 -5.70 -1.86
CA VAL A 85 -0.78 -5.38 -2.86
C VAL A 85 -0.19 -5.40 -4.27
N PHE A 86 -1.03 -5.64 -5.26
CA PHE A 86 -0.59 -5.68 -6.64
C PHE A 86 -1.36 -4.67 -7.49
N PHE A 87 -0.63 -3.83 -8.21
CA PHE A 87 -1.24 -2.81 -9.06
C PHE A 87 -1.30 -3.28 -10.52
N SER A 88 -2.51 -3.46 -11.02
CA SER A 88 -2.70 -3.92 -12.39
C SER A 88 -3.93 -3.26 -13.01
N THR A 89 -4.08 -3.43 -14.32
CA THR A 89 -5.21 -2.84 -15.04
C THR A 89 -6.39 -3.81 -15.08
N GLU A 90 -6.13 -5.05 -15.50
CA GLU A 90 -7.18 -6.06 -15.57
C GLU A 90 -6.83 -7.26 -14.69
N ALA A 91 -7.82 -7.73 -13.94
CA ALA A 91 -7.63 -8.88 -13.06
C ALA A 91 -7.42 -10.16 -13.86
N PRO A 92 -6.83 -11.17 -13.21
CA PRO A 92 -6.57 -12.47 -13.84
C PRO A 92 -7.85 -13.26 -14.12
N VAL A 93 -7.69 -14.52 -14.50
CA VAL A 93 -8.83 -15.38 -14.80
C VAL A 93 -8.55 -16.82 -14.41
N ASP A 94 -8.70 -17.12 -13.11
CA ASP A 94 -8.46 -18.46 -12.61
C ASP A 94 -8.86 -18.57 -11.14
N ASP A 95 -10.03 -18.03 -10.81
CA ASP A 95 -10.53 -18.07 -9.44
C ASP A 95 -9.62 -17.28 -8.51
N TRP A 96 -9.39 -16.01 -8.84
CA TRP A 96 -8.54 -15.15 -8.04
C TRP A 96 -9.31 -14.54 -6.87
N GLU A 97 -10.61 -14.34 -7.09
CA GLU A 97 -11.47 -13.75 -6.06
C GLU A 97 -11.30 -14.49 -4.74
N GLU A 98 -11.36 -15.81 -4.78
CA GLU A 98 -11.21 -16.62 -3.58
C GLU A 98 -9.95 -16.24 -2.81
N ILE A 99 -8.91 -15.85 -3.54
CA ILE A 99 -7.65 -15.45 -2.93
C ILE A 99 -7.85 -14.27 -1.99
N ALA A 100 -8.58 -13.26 -2.45
CA ALA A 100 -8.84 -12.07 -1.65
C ALA A 100 -9.62 -12.43 -0.39
N LYS A 101 -10.45 -13.45 -0.48
CA LYS A 101 -11.25 -13.90 0.66
C LYS A 101 -10.37 -14.59 1.70
N LYS A 102 -9.40 -15.37 1.22
CA LYS A 102 -8.50 -16.09 2.11
C LYS A 102 -7.29 -15.24 2.46
N THR A 103 -6.66 -15.55 3.59
CA THR A 103 -5.48 -14.81 4.04
C THR A 103 -4.29 -15.74 4.22
N PHE A 104 -3.10 -15.25 3.90
CA PHE A 104 -1.88 -16.04 4.04
C PHE A 104 -1.25 -15.84 5.41
N GLU A 105 -1.41 -16.83 6.28
CA GLU A 105 -0.86 -16.77 7.63
C GLU A 105 0.26 -17.79 7.81
N LYS A 106 1.50 -17.32 7.74
CA LYS A 106 2.66 -18.19 7.89
C LYS A 106 3.20 -18.12 9.32
N GLY A 107 2.90 -19.14 10.11
CA GLY A 107 3.38 -19.18 11.49
C GLY A 107 3.01 -17.92 12.25
N THR A 108 4.03 -17.14 12.61
CA THR A 108 3.81 -15.90 13.35
C THR A 108 3.73 -14.70 12.42
N VAL A 109 3.25 -14.94 11.20
CA VAL A 109 3.12 -13.88 10.21
C VAL A 109 1.68 -13.75 9.72
N SER A 110 1.30 -12.55 9.31
CA SER A 110 -0.04 -12.30 8.83
C SER A 110 -0.02 -11.40 7.59
N VAL A 111 -0.41 -11.96 6.45
CA VAL A 111 -0.42 -11.22 5.20
C VAL A 111 -1.64 -11.60 4.36
N GLU A 112 -2.26 -10.59 3.74
CA GLU A 112 -3.44 -10.82 2.91
C GLU A 112 -3.22 -10.27 1.51
N PRO A 113 -3.74 -11.00 0.50
CA PRO A 113 -3.61 -10.61 -0.91
C PRO A 113 -4.45 -9.37 -1.24
N ALA A 114 -3.86 -8.44 -1.99
CA ALA A 114 -4.55 -7.23 -2.37
C ALA A 114 -4.34 -6.92 -3.86
N ILE A 115 -5.42 -6.56 -4.54
CA ILE A 115 -5.34 -6.24 -5.96
C ILE A 115 -6.33 -5.14 -6.32
N VAL A 116 -5.89 -4.21 -7.16
CA VAL A 116 -6.72 -3.11 -7.59
C VAL A 116 -6.69 -2.94 -9.12
N ARG A 117 -7.73 -3.42 -9.78
CA ARG A 117 -7.82 -3.32 -11.23
C ARG A 117 -8.62 -2.09 -11.66
N GLY A 118 -8.34 -1.61 -12.86
CA GLY A 118 -9.04 -0.44 -13.36
C GLY A 118 -10.54 -0.56 -13.24
N THR A 119 -11.04 -1.80 -13.30
CA THR A 119 -12.47 -2.06 -13.20
C THR A 119 -13.03 -1.51 -11.89
N MET A 120 -12.33 -1.75 -10.79
CA MET A 120 -12.76 -1.29 -9.48
C MET A 120 -11.59 -0.68 -8.72
N LEU A 121 -10.83 0.18 -9.39
CA LEU A 121 -9.68 0.83 -8.78
C LEU A 121 -10.12 1.69 -7.58
N ARG A 122 -10.98 2.66 -7.85
CA ARG A 122 -11.48 3.55 -6.80
C ARG A 122 -12.26 2.77 -5.75
N ASP A 123 -12.98 1.74 -6.19
CA ASP A 123 -13.77 0.92 -5.29
C ASP A 123 -12.87 0.13 -4.35
N ASP A 124 -11.78 -0.39 -4.88
CA ASP A 124 -10.83 -1.17 -4.09
C ASP A 124 -9.95 -0.26 -3.24
N LEU A 125 -9.66 0.92 -3.77
CA LEU A 125 -8.82 1.89 -3.06
C LEU A 125 -9.36 2.15 -1.65
N GLN A 126 -10.69 2.11 -1.52
CA GLN A 126 -11.33 2.34 -0.24
C GLN A 126 -11.18 1.12 0.67
N ALA A 127 -11.10 -0.06 0.07
CA ALA A 127 -10.95 -1.29 0.82
C ALA A 127 -9.54 -1.43 1.39
N VAL A 128 -8.55 -1.00 0.60
CA VAL A 128 -7.16 -1.07 1.01
C VAL A 128 -6.73 0.20 1.73
N PHE A 129 -6.81 1.32 1.04
CA PHE A 129 -6.44 2.61 1.61
C PHE A 129 -7.66 3.51 1.79
N PRO A 130 -8.45 3.23 2.83
CA PRO A 130 -9.67 4.01 3.13
C PRO A 130 -9.35 5.41 3.61
N SER A 131 -8.21 5.57 4.26
CA SER A 131 -7.79 6.88 4.78
C SER A 131 -7.44 7.83 3.64
N PHE A 132 -7.24 7.27 2.44
CA PHE A 132 -6.90 8.06 1.28
C PHE A 132 -7.92 9.17 1.05
N ARG A 133 -7.45 10.31 0.56
CA ARG A 133 -8.31 11.45 0.30
C ARG A 133 -8.87 11.41 -1.12
N THR A 134 -10.18 11.41 -1.24
CA THR A 134 -10.84 11.38 -2.55
C THR A 134 -11.03 12.77 -3.11
N GLU A 135 -11.27 13.74 -2.22
CA GLU A 135 -11.47 15.12 -2.62
C GLU A 135 -10.35 15.58 -3.54
N ASP A 136 -9.15 15.06 -3.31
CA ASP A 136 -8.00 15.42 -4.12
C ASP A 136 -8.29 15.26 -5.61
N CYS A 137 -9.08 14.24 -5.94
CA CYS A 137 -9.44 13.97 -7.33
C CYS A 137 -10.23 15.13 -7.92
N SER A 138 -9.54 16.04 -8.58
CA SER A 138 -10.18 17.20 -9.20
C SER A 138 -9.36 17.72 -10.36
N GLU A 139 -9.77 18.86 -10.91
CA GLU A 139 -9.07 19.47 -12.04
C GLU A 139 -7.57 19.58 -11.75
N GLU A 140 -7.23 19.76 -10.49
CA GLU A 140 -5.83 19.88 -10.08
C GLU A 140 -5.01 18.71 -10.62
N HIS A 141 -5.63 17.54 -10.69
CA HIS A 141 -4.96 16.34 -11.18
C HIS A 141 -4.91 16.34 -12.70
N ALA A 142 -5.89 16.98 -13.32
CA ALA A 142 -5.96 17.05 -14.78
C ALA A 142 -6.28 15.69 -15.38
N SER A 143 -5.26 14.82 -15.45
CA SER A 143 -5.43 13.49 -16.01
C SER A 143 -4.25 12.60 -15.64
N PHE A 144 -4.18 11.42 -16.26
CA PHE A 144 -3.10 10.48 -16.01
C PHE A 144 -1.74 11.16 -16.15
N GLU A 145 -1.68 12.17 -17.01
CA GLU A 145 -0.44 12.89 -17.25
C GLU A 145 0.19 13.34 -15.93
N ASN A 146 -0.67 13.69 -14.97
CA ASN A 146 -0.20 14.14 -13.67
C ASN A 146 0.74 13.11 -13.04
N ALA A 147 0.48 11.84 -13.31
CA ALA A 147 1.30 10.76 -12.78
C ALA A 147 2.77 10.97 -13.10
N GLN A 148 3.04 11.53 -14.28
CA GLN A 148 4.40 11.78 -14.71
C GLN A 148 5.10 12.76 -13.77
N MET A 149 4.40 13.82 -13.39
CA MET A 149 4.95 14.82 -12.49
C MET A 149 4.93 14.32 -11.05
N ALA A 150 3.89 13.58 -10.70
CA ALA A 150 3.76 13.03 -9.35
C ALA A 150 4.99 12.22 -8.97
N ARG A 151 5.56 11.51 -9.93
CA ARG A 151 6.74 10.69 -9.69
C ARG A 151 7.94 11.56 -9.30
N GLU A 152 8.24 12.54 -10.14
CA GLU A 152 9.36 13.44 -9.89
C GLU A 152 9.21 14.13 -8.53
N ARG A 153 8.00 14.59 -8.25
CA ARG A 153 7.73 15.27 -6.99
C ARG A 153 7.89 14.32 -5.81
N PHE A 154 7.44 13.08 -5.99
CA PHE A 154 7.53 12.07 -4.94
C PHE A 154 8.97 11.95 -4.42
N LEU A 155 9.92 11.93 -5.35
CA LEU A 155 11.33 11.82 -5.00
C LEU A 155 11.71 12.86 -3.96
N SER A 156 11.30 14.11 -4.20
CA SER A 156 11.59 15.20 -3.28
C SER A 156 10.72 15.13 -2.04
N LEU A 157 9.47 14.71 -2.22
CA LEU A 157 8.53 14.59 -1.11
C LEU A 157 9.07 13.67 -0.02
N VAL A 158 9.80 12.64 -0.45
CA VAL A 158 10.38 11.68 0.48
C VAL A 158 11.19 12.39 1.56
N LEU A 159 12.15 13.21 1.13
CA LEU A 159 13.00 13.95 2.04
C LEU A 159 12.25 15.12 2.67
N LYS A 160 11.33 15.70 1.90
CA LYS A 160 10.55 16.84 2.38
C LYS A 160 9.71 16.44 3.59
N GLN A 161 9.22 15.20 3.58
CA GLN A 161 8.41 14.70 4.68
C GLN A 161 9.13 14.86 6.02
N GLU A 162 10.45 14.81 5.97
CA GLU A 162 11.26 14.94 7.18
C GLU A 162 10.97 16.27 7.88
N GLU A 163 10.88 17.33 7.08
CA GLU A 163 10.61 18.66 7.63
C GLU A 163 9.13 18.81 8.00
N GLN A 164 8.27 18.20 7.19
CA GLN A 164 6.82 18.26 7.43
C GLN A 164 6.45 17.53 8.72
N ARG A 165 7.16 16.45 9.00
CA ARG A 165 6.90 15.66 10.20
C ARG A 165 6.90 16.55 11.44
N LYS A 166 7.78 17.55 11.45
CA LYS A 166 7.88 18.47 12.57
C LYS A 166 6.51 19.04 12.93
N THR A 167 5.81 19.57 11.93
CA THR A 167 4.50 20.16 12.14
C THR A 167 3.45 19.08 12.39
N GLU A 168 3.61 17.94 11.72
CA GLU A 168 2.68 16.83 11.87
C GLU A 168 2.50 16.47 13.34
N ALA A 169 3.57 16.58 14.11
CA ALA A 169 3.52 16.27 15.53
C ALA A 169 2.38 17.01 16.22
N ALA A 170 2.11 18.23 15.77
CA ALA A 170 1.04 19.04 16.35
C ALA A 170 -0.28 18.26 16.38
N VAL A 171 -0.87 18.18 17.56
CA VAL A 171 -2.13 17.47 17.74
C VAL A 171 -3.17 17.94 16.73
N PHE A 172 -3.92 16.99 16.18
CA PHE A 172 -4.95 17.30 15.20
C PHE A 172 -6.11 16.32 15.29
N GLN A 173 -7.02 16.39 14.32
CA GLN A 173 -8.17 15.50 14.30
C GLN A 173 -9.01 15.73 13.03
N ASN A 174 -9.41 14.63 12.39
CA ASN A 174 -10.21 14.72 11.17
C ASN A 174 -10.58 13.33 10.67
N GLY A 175 -11.57 13.27 9.79
CA GLY A 175 -12.00 11.99 9.24
C GLY A 175 -13.38 11.60 9.70
N LYS A 176 -13.82 10.42 9.31
CA LYS A 176 -15.15 9.92 9.69
C LYS A 176 -15.10 8.42 9.98
N LEU A 177 -16.24 7.87 10.36
CA LEU A 177 -16.33 6.44 10.67
C LEU A 177 -17.67 5.87 10.20
N GLU A 178 -18.74 6.61 10.45
CA GLU A 178 -20.08 6.17 10.05
C GLU A 178 -20.12 5.84 8.55
N ARG A 179 -20.76 4.72 8.22
CA ARG A 179 -20.86 4.29 6.83
C ARG A 179 -21.74 3.04 6.72
N GLU A 180 -22.57 3.01 5.68
CA GLU A 180 -23.47 1.88 5.46
C GLU A 180 -23.56 1.55 3.97
N ASN A 181 -23.94 0.30 3.68
CA ASN A 181 -24.07 -0.14 2.29
C ASN A 181 -25.39 -0.88 2.08
N LEU A 182 -25.64 -1.29 0.84
CA LEU A 182 -26.86 -2.01 0.51
C LEU A 182 -26.55 -3.28 -0.27
N TYR A 183 -27.22 -4.37 0.09
CA TYR A 183 -27.02 -5.65 -0.58
C TYR A 183 -27.11 -5.50 -2.10
N PHE A 184 -26.55 -6.46 -2.82
CA PHE A 184 -26.57 -6.44 -4.28
C PHE A 184 -26.69 -7.85 -4.84
N GLN A 185 -27.59 -8.01 -5.82
CA GLN A 185 -27.79 -9.32 -6.44
C GLN A 185 -28.35 -9.16 -7.86
#